data_8T7R
#
_entry.id   8T7R
#
_cell.length_a   357.076
_cell.length_b   259.582
_cell.length_c   255.361
_cell.angle_alpha   90.00
_cell.angle_beta   133.13
_cell.angle_gamma   90.00
#
_symmetry.space_group_name_H-M   'C 1 2 1'
#
loop_
_entity.id
_entity.type
_entity.pdbx_description
1 polymer 'Light chain from antibody JTK191b E07'
2 polymer 'Fab heavy chain from antibody JTK191b E07'
3 polymer 'MHC class I antigen (Fragment)'
4 polymer peptide
5 polymer Beta-2-microglobulin
#
loop_
_entity_poly.entity_id
_entity_poly.type
_entity_poly.pdbx_seq_one_letter_code
_entity_poly.pdbx_strand_id
1 'polypeptide(L)'
;QSVSTQPPSVSVAPGQTARITCGGNNIGSKSVHWYRQKPGQAPVLVVYDNNARPSGIPERISGSNFANTATLTISRVEAG
DEADYYCHVWDSSSDHVVFGGGTKLTVLGQPKAAPSVTLFPPSSEELQANKATLVCLISDFYPGAVTVAWKADSSPVKAG
VETTTPSKQSNNKYAASSYLSLTPEQWKSHRSYSCQVTHEGSTVEKTVAPTECS
;
A,E,I,M,Q,U,Y,c,g,k,o,s
2 'polypeptide(L)'
;QVQLQESGGGVVQPGGSLRLSCAASGFNFSNYGMHWVRQTPGKGLEWVASIPYDGSHQWHADSVKGRFTISRDNSKNTLY
LQINSLRPEDTAMYYCSKARISYLSAPAWWFDPWGQGTLVTVSSASTKGPSVFPLAPSSKSTSGGTAALGCLVKDYFPEP
VTVSWNSGALTSGVHTFPAVLQSSGLYSLSSVVTVPSSSLGTQTYICNVNHKPSNTKVDKRVEPKSCDKTHTDYKDDDDK
;
B,F,J,N,R,V,Z,d,h,l,p,t
3 'polypeptide(L)'
;GSHSMRYFFTSVSRPGRGEPRFIAVGYVDDTQFVRFDSDAASQKMEPRAPWIEQEGPEYWDQETRNMKAHSQTDRANLGT
LRGYYNQSEDGSHTIQIMYGCDVGPDGRFLRGYRQDAYDGKDYIALNEDLRSWTAADMAAQITKRKWEAVHAAEQRRVYL
EGRCVDGLRRYLENGKETLQRTDPPKTHMTHHPISDHEATLRCWALGFYPAEITLTWQRDGEDQTQDTELVETRPAGDGT
FQKWAAVVVPSGEEQRYTCHVQHEGLPKPLTLRW
;
C,G,K,O,S,W,a,e,i
4 'polypeptide(L)' VTEHDTLLY 0,1,2,3,4,5,6,7,8
5 'polypeptide(L)'
;IQRTPKIQVYSRHPAENGKSNFLNCYVSGFHPSDIEVDLLKNGERIEKVEHSDLSFSKDWSFYLLYYTEFTPTEKDEYAC
RVNHVTLSQPKIVKWDRDM
;
D,H,L,P,T,X,b,f
#
# COMPACT_ATOMS: atom_id res chain seq x y z
N SER A 2 -6.15 -2.16 -70.89
CA SER A 2 -6.89 -2.79 -71.99
C SER A 2 -7.57 -1.73 -72.86
N VAL A 3 -7.32 -0.46 -72.57
CA VAL A 3 -7.95 0.66 -73.26
C VAL A 3 -6.92 1.34 -74.17
N SER A 4 -7.09 1.19 -75.48
CA SER A 4 -6.29 1.90 -76.46
C SER A 4 -7.21 2.67 -77.40
N THR A 5 -6.95 3.98 -77.54
CA THR A 5 -7.86 4.92 -78.20
C THR A 5 -7.22 5.54 -79.44
N GLN A 6 -7.95 5.51 -80.57
CA GLN A 6 -7.60 6.11 -81.84
C GLN A 6 -8.52 7.30 -82.14
N PRO A 7 -8.05 8.30 -82.89
CA PRO A 7 -8.94 9.34 -83.34
C PRO A 7 -9.99 8.76 -84.29
N PRO A 8 -11.17 9.37 -84.34
CA PRO A 8 -12.25 8.78 -85.16
C PRO A 8 -12.00 8.88 -86.65
N SER A 9 -11.53 10.04 -87.12
CA SER A 9 -11.25 10.22 -88.54
C SER A 9 -10.08 11.18 -88.68
N VAL A 10 -9.31 10.99 -89.75
CA VAL A 10 -8.19 11.88 -90.09
C VAL A 10 -8.31 12.24 -91.56
N SER A 11 -8.35 13.55 -91.85
CA SER A 11 -8.40 14.05 -93.21
C SER A 11 -7.06 14.68 -93.55
N VAL A 12 -6.55 14.36 -94.74
CA VAL A 12 -5.24 14.84 -95.16
C VAL A 12 -5.29 15.13 -96.65
N ALA A 13 -4.54 16.16 -97.06
CA ALA A 13 -4.48 16.50 -98.48
C ALA A 13 -3.65 15.46 -99.22
N PRO A 14 -3.97 15.19 -100.49
CA PRO A 14 -3.21 14.20 -101.24
C PRO A 14 -1.74 14.59 -101.31
N GLY A 15 -0.88 13.59 -101.18
CA GLY A 15 0.55 13.83 -101.17
C GLY A 15 1.11 14.38 -99.87
N GLN A 16 0.28 14.76 -98.91
CA GLN A 16 0.78 15.19 -97.60
C GLN A 16 1.22 13.95 -96.83
N THR A 17 1.54 14.12 -95.55
CA THR A 17 1.89 12.99 -94.69
C THR A 17 0.83 12.88 -93.60
N ALA A 18 0.09 11.78 -93.61
CA ALA A 18 -0.93 11.52 -92.60
C ALA A 18 -0.31 10.81 -91.40
N ARG A 19 -0.99 10.94 -90.25
CA ARG A 19 -0.44 10.43 -89.00
C ARG A 19 -1.58 10.03 -88.09
N ILE A 20 -1.68 8.75 -87.79
CA ILE A 20 -2.74 8.20 -86.94
C ILE A 20 -2.12 7.75 -85.63
N THR A 21 -2.66 8.22 -84.52
CA THR A 21 -2.15 7.88 -83.20
C THR A 21 -3.00 6.80 -82.57
N CYS A 22 -2.39 6.05 -81.64
CA CYS A 22 -3.06 5.00 -80.86
C CYS A 22 -2.54 5.13 -79.43
N GLY A 23 -3.15 6.05 -78.68
CA GLY A 23 -2.67 6.34 -77.34
C GLY A 23 -3.14 5.29 -76.34
N GLY A 24 -2.28 5.00 -75.38
CA GLY A 24 -2.57 4.01 -74.37
C GLY A 24 -1.54 3.99 -73.26
N ASN A 25 -1.95 3.60 -72.07
CA ASN A 25 -1.08 3.62 -70.90
C ASN A 25 0.07 2.62 -71.07
N ASN A 26 1.29 3.15 -71.15
CA ASN A 26 2.50 2.36 -71.33
C ASN A 26 2.42 1.49 -72.57
N ILE A 27 1.82 2.04 -73.63
CA ILE A 27 1.76 1.29 -74.88
C ILE A 27 3.12 1.21 -75.54
N GLY A 28 4.06 2.08 -75.17
CA GLY A 28 5.41 1.98 -75.69
C GLY A 28 6.11 0.70 -75.28
N SER A 29 5.68 0.09 -74.19
CA SER A 29 6.22 -1.17 -73.72
C SER A 29 5.44 -2.37 -74.22
N LYS A 30 4.35 -2.16 -74.95
CA LYS A 30 3.61 -3.23 -75.62
C LYS A 30 4.02 -3.30 -77.08
N SER A 31 3.76 -4.44 -77.70
CA SER A 31 4.06 -4.64 -79.12
C SER A 31 2.82 -4.28 -79.92
N VAL A 32 2.86 -3.15 -80.63
CA VAL A 32 1.72 -2.61 -81.36
C VAL A 32 1.78 -3.09 -82.81
N HIS A 33 0.62 -3.39 -83.37
CA HIS A 33 0.48 -3.72 -84.79
C HIS A 33 -0.58 -2.82 -85.42
N TRP A 34 -0.60 -2.80 -86.75
CA TRP A 34 -1.55 -1.97 -87.49
C TRP A 34 -2.12 -2.76 -88.66
N TYR A 35 -3.44 -2.65 -88.84
CA TYR A 35 -4.14 -3.28 -89.95
C TYR A 35 -4.92 -2.23 -90.73
N ARG A 36 -4.90 -2.36 -92.05
CA ARG A 36 -5.65 -1.46 -92.92
C ARG A 36 -6.79 -2.23 -93.55
N GLN A 37 -8.01 -1.73 -93.39
CA GLN A 37 -9.20 -2.40 -93.88
C GLN A 37 -9.91 -1.42 -94.80
N LYS A 38 -9.93 -1.73 -96.09
CA LYS A 38 -10.70 -0.95 -97.04
C LYS A 38 -12.14 -1.46 -97.07
N PRO A 39 -13.09 -0.62 -97.47
CA PRO A 39 -14.50 -0.99 -97.36
C PRO A 39 -14.81 -2.30 -98.08
N GLY A 40 -15.53 -3.17 -97.38
CA GLY A 40 -15.95 -4.44 -97.94
C GLY A 40 -14.94 -5.55 -97.87
N GLN A 41 -13.73 -5.28 -97.39
CA GLN A 41 -12.68 -6.29 -97.34
C GLN A 41 -12.28 -6.56 -95.90
N ALA A 42 -11.43 -7.57 -95.73
CA ALA A 42 -10.89 -7.95 -94.44
C ALA A 42 -9.71 -7.06 -94.08
N PRO A 43 -9.37 -6.97 -92.80
CA PRO A 43 -8.17 -6.22 -92.41
C PRO A 43 -6.91 -6.85 -93.01
N VAL A 44 -5.93 -5.99 -93.26
CA VAL A 44 -4.65 -6.41 -93.83
C VAL A 44 -3.53 -5.80 -93.00
N LEU A 45 -2.61 -6.65 -92.55
CA LEU A 45 -1.51 -6.20 -91.72
C LEU A 45 -0.56 -5.32 -92.54
N VAL A 46 -0.25 -4.14 -92.02
CA VAL A 46 0.62 -3.19 -92.71
C VAL A 46 1.83 -2.82 -91.86
N VAL A 47 1.71 -2.92 -90.53
CA VAL A 47 2.85 -2.68 -89.64
C VAL A 47 2.68 -3.55 -88.41
N TYR A 48 3.72 -4.33 -88.07
CA TYR A 48 3.73 -5.19 -86.91
C TYR A 48 4.97 -4.94 -86.08
N ASP A 49 4.86 -5.26 -84.79
CA ASP A 49 5.90 -4.99 -83.79
C ASP A 49 6.38 -3.55 -83.90
N ASN A 50 5.44 -2.63 -83.67
CA ASN A 50 5.72 -1.21 -83.55
C ASN A 50 6.16 -0.58 -84.87
N ASN A 51 7.23 -1.11 -85.49
CA ASN A 51 7.88 -0.44 -86.61
C ASN A 51 8.14 -1.32 -87.83
N ALA A 52 8.00 -2.63 -87.74
CA ALA A 52 8.35 -3.50 -88.87
C ALA A 52 7.29 -3.45 -89.97
N ARG A 53 7.76 -3.45 -91.24
CA ARG A 53 6.89 -3.50 -92.41
C ARG A 53 6.96 -4.88 -93.04
N PRO A 54 5.82 -5.42 -93.45
CA PRO A 54 5.84 -6.69 -94.19
C PRO A 54 6.46 -6.55 -95.57
N SER A 55 6.44 -7.64 -96.34
CA SER A 55 7.07 -7.65 -97.65
C SER A 55 6.38 -6.71 -98.62
N GLY A 56 5.07 -6.87 -98.79
CA GLY A 56 4.32 -6.14 -99.81
C GLY A 56 4.04 -4.68 -99.49
N ILE A 57 4.22 -4.26 -98.24
CA ILE A 57 3.84 -2.91 -97.84
C ILE A 57 4.88 -1.92 -98.34
N PRO A 58 4.49 -0.81 -98.97
CA PRO A 58 5.48 0.16 -99.42
C PRO A 58 6.09 0.89 -98.24
N GLU A 59 7.32 1.35 -98.43
CA GLU A 59 8.08 1.95 -97.34
C GLU A 59 7.55 3.32 -96.92
N ARG A 60 6.62 3.89 -97.69
CA ARG A 60 5.96 5.13 -97.28
C ARG A 60 5.25 4.94 -95.94
N ILE A 61 4.66 3.78 -95.73
CA ILE A 61 3.96 3.43 -94.49
C ILE A 61 4.99 3.02 -93.44
N SER A 62 5.01 3.72 -92.32
CA SER A 62 5.93 3.38 -91.23
C SER A 62 5.20 3.34 -89.91
N GLY A 63 5.74 2.55 -88.98
CA GLY A 63 5.18 2.41 -87.65
C GLY A 63 6.01 3.15 -86.61
N SER A 64 5.48 3.21 -85.40
CA SER A 64 6.11 3.92 -84.30
C SER A 64 5.39 3.58 -83.01
N ASN A 65 6.17 3.53 -81.92
CA ASN A 65 5.61 3.28 -80.59
C ASN A 65 6.62 3.61 -79.50
N PHE A 66 6.33 4.64 -78.71
CA PHE A 66 7.20 5.08 -77.63
C PHE A 66 6.36 5.77 -76.56
N ALA A 67 6.79 5.60 -75.30
CA ALA A 67 6.13 6.19 -74.14
C ALA A 67 4.68 5.73 -74.04
N ASN A 68 3.74 6.61 -74.42
CA ASN A 68 2.33 6.35 -74.21
C ASN A 68 1.49 6.57 -75.47
N THR A 69 2.12 6.47 -76.65
CA THR A 69 1.40 6.74 -77.89
C THR A 69 2.08 6.00 -79.03
N ALA A 70 1.39 5.03 -79.61
CA ALA A 70 1.83 4.43 -80.86
C ALA A 70 1.34 5.26 -82.03
N THR A 71 2.15 5.32 -83.09
CA THR A 71 1.87 6.23 -84.20
C THR A 71 2.13 5.55 -85.54
N LEU A 72 1.12 5.55 -86.41
CA LEU A 72 1.25 5.13 -87.79
C LEU A 72 1.42 6.36 -88.67
N THR A 73 2.47 6.39 -89.48
CA THR A 73 2.79 7.54 -90.32
C THR A 73 2.79 7.10 -91.78
N ILE A 74 1.99 7.78 -92.60
CA ILE A 74 1.90 7.49 -94.02
C ILE A 74 2.37 8.72 -94.78
N SER A 75 3.57 8.63 -95.36
CA SER A 75 4.12 9.71 -96.17
C SER A 75 3.67 9.59 -97.62
N ARG A 76 3.50 10.75 -98.27
CA ARG A 76 3.04 10.86 -99.65
C ARG A 76 1.76 10.04 -99.86
N VAL A 77 0.69 10.57 -99.29
CA VAL A 77 -0.60 9.88 -99.26
C VAL A 77 -1.14 9.76 -100.68
N GLU A 78 -1.55 8.55 -101.05
CA GLU A 78 -2.29 8.34 -102.29
C GLU A 78 -3.78 8.20 -101.98
N ALA A 79 -4.59 8.25 -103.03
CA ALA A 79 -6.02 8.10 -102.83
C ALA A 79 -6.34 6.71 -102.33
N GLY A 80 -5.59 5.71 -102.78
CA GLY A 80 -5.83 4.34 -102.35
C GLY A 80 -5.49 4.05 -100.92
N ASP A 81 -4.95 5.03 -100.20
CA ASP A 81 -4.69 4.87 -98.78
C ASP A 81 -5.90 5.22 -97.93
N GLU A 82 -7.00 5.61 -98.54
CA GLU A 82 -8.24 5.85 -97.80
C GLU A 82 -8.82 4.53 -97.32
N ALA A 83 -8.87 4.35 -96.00
CA ALA A 83 -9.42 3.15 -95.38
C ALA A 83 -9.49 3.39 -93.88
N ASP A 84 -10.00 2.39 -93.17
CA ASP A 84 -9.96 2.39 -91.71
C ASP A 84 -8.69 1.71 -91.23
N TYR A 85 -8.13 2.23 -90.15
CA TYR A 85 -6.87 1.75 -89.61
C TYR A 85 -7.06 1.37 -88.15
N TYR A 86 -6.73 0.13 -87.82
CA TYR A 86 -6.86 -0.38 -86.46
C TYR A 86 -5.49 -0.74 -85.91
N CYS A 87 -5.20 -0.30 -84.69
CA CYS A 87 -4.02 -0.75 -83.97
C CYS A 87 -4.34 -2.00 -83.13
N HIS A 88 -3.29 -2.75 -82.82
CA HIS A 88 -3.39 -4.10 -82.25
C HIS A 88 -2.33 -4.26 -81.19
N VAL A 89 -2.76 -4.53 -79.94
CA VAL A 89 -1.86 -4.90 -78.86
C VAL A 89 -2.39 -6.14 -78.18
N TRP A 90 -1.58 -6.68 -77.28
CA TRP A 90 -1.97 -7.78 -76.41
C TRP A 90 -1.77 -7.35 -74.97
N ASP A 91 -2.88 -7.24 -74.23
CA ASP A 91 -2.83 -6.87 -72.82
C ASP A 91 -2.44 -8.09 -72.00
N SER A 92 -1.17 -8.14 -71.60
CA SER A 92 -0.69 -9.29 -70.85
C SER A 92 -1.48 -9.48 -69.56
N SER A 93 -1.73 -8.38 -68.83
CA SER A 93 -2.39 -8.44 -67.54
C SER A 93 -3.91 -8.39 -67.66
N SER A 94 -4.46 -8.78 -68.80
CA SER A 94 -5.90 -8.83 -69.00
C SER A 94 -6.35 -10.07 -69.77
N ASP A 95 -5.43 -10.80 -70.41
CA ASP A 95 -5.76 -11.92 -71.31
C ASP A 95 -6.70 -11.48 -72.43
N HIS A 96 -6.43 -10.29 -72.99
CA HIS A 96 -7.27 -9.71 -74.03
C HIS A 96 -6.40 -9.06 -75.09
N VAL A 97 -6.63 -9.42 -76.35
CA VAL A 97 -6.05 -8.67 -77.46
C VAL A 97 -6.92 -7.45 -77.68
N VAL A 98 -6.28 -6.29 -77.81
CA VAL A 98 -6.98 -5.01 -77.73
C VAL A 98 -6.80 -4.27 -79.06
N PHE A 99 -7.89 -4.16 -79.82
CA PHE A 99 -7.98 -3.35 -81.03
C PHE A 99 -8.39 -1.92 -80.70
N GLY A 100 -7.89 -0.98 -81.50
CA GLY A 100 -8.31 0.40 -81.38
C GLY A 100 -9.70 0.66 -81.94
N GLY A 101 -10.19 1.87 -81.70
CA GLY A 101 -11.50 2.25 -82.18
C GLY A 101 -11.60 2.30 -83.69
N GLY A 102 -10.47 2.41 -84.37
CA GLY A 102 -10.47 2.55 -85.81
C GLY A 102 -10.36 4.00 -86.20
N THR A 103 -9.64 4.28 -87.28
CA THR A 103 -9.48 5.65 -87.76
C THR A 103 -9.83 5.68 -89.23
N LYS A 104 -10.81 6.51 -89.58
CA LYS A 104 -11.26 6.67 -90.95
C LYS A 104 -10.41 7.75 -91.61
N LEU A 105 -9.39 7.33 -92.35
CA LEU A 105 -8.51 8.25 -93.06
C LEU A 105 -9.16 8.73 -94.35
N THR A 106 -9.33 10.05 -94.47
CA THR A 106 -9.92 10.67 -95.65
C THR A 106 -8.84 11.46 -96.37
N VAL A 107 -8.62 11.18 -97.65
CA VAL A 107 -7.70 11.98 -98.45
C VAL A 107 -8.58 12.85 -99.34
N LEU A 108 -8.76 14.09 -98.93
CA LEU A 108 -9.73 14.97 -99.56
C LEU A 108 -9.39 15.29 -101.01
N GLY A 109 -10.41 15.25 -101.86
CA GLY A 109 -10.32 15.81 -103.19
C GLY A 109 -11.20 17.03 -103.32
N GLN A 110 -12.26 17.02 -102.53
CA GLN A 110 -13.14 18.16 -102.38
C GLN A 110 -12.57 19.11 -101.33
N PRO A 111 -13.11 20.33 -101.23
CA PRO A 111 -12.90 21.10 -99.99
C PRO A 111 -13.82 20.54 -98.91
N LYS A 112 -13.75 21.13 -97.73
CA LYS A 112 -14.46 20.60 -96.58
C LYS A 112 -15.73 21.40 -96.35
N ALA A 113 -16.87 20.72 -96.29
CA ALA A 113 -18.17 21.35 -96.16
C ALA A 113 -18.88 20.85 -94.90
N ALA A 114 -19.42 21.78 -94.12
CA ALA A 114 -20.22 21.45 -92.96
C ALA A 114 -21.57 20.86 -93.41
N PRO A 115 -22.21 20.08 -92.53
CA PRO A 115 -23.43 19.38 -92.96
C PRO A 115 -24.65 20.27 -92.97
N SER A 116 -25.58 19.93 -93.87
CA SER A 116 -26.90 20.56 -93.93
C SER A 116 -27.85 19.76 -93.07
N VAL A 117 -28.43 20.40 -92.05
CA VAL A 117 -29.32 19.73 -91.11
C VAL A 117 -30.74 20.17 -91.41
N THR A 118 -31.60 19.19 -91.69
CA THR A 118 -33.03 19.41 -91.91
C THR A 118 -33.78 18.50 -90.95
N LEU A 119 -34.51 19.09 -90.02
CA LEU A 119 -35.19 18.36 -88.96
C LEU A 119 -36.69 18.38 -89.21
N PHE A 120 -37.31 17.21 -89.15
CA PHE A 120 -38.74 17.10 -89.39
C PHE A 120 -39.46 16.72 -88.11
N PRO A 121 -40.56 17.40 -87.78
CA PRO A 121 -41.37 17.00 -86.63
C PRO A 121 -42.25 15.81 -86.99
N PRO A 122 -42.84 15.14 -86.01
CA PRO A 122 -43.72 14.01 -86.34
C PRO A 122 -44.94 14.48 -87.12
N SER A 123 -45.24 13.77 -88.20
CA SER A 123 -46.37 14.14 -89.04
C SER A 123 -47.68 13.87 -88.30
N SER A 124 -48.72 14.61 -88.68
CA SER A 124 -50.03 14.41 -88.08
C SER A 124 -50.53 12.99 -88.31
N GLU A 125 -50.22 12.41 -89.47
CA GLU A 125 -50.59 11.04 -89.75
C GLU A 125 -49.91 10.06 -88.81
N GLU A 126 -48.63 10.29 -88.51
CA GLU A 126 -47.92 9.41 -87.59
C GLU A 126 -48.37 9.65 -86.16
N LEU A 127 -48.68 10.91 -85.81
CA LEU A 127 -49.19 11.20 -84.47
C LEU A 127 -50.53 10.51 -84.25
N GLN A 128 -51.40 10.54 -85.26
CA GLN A 128 -52.67 9.83 -85.19
C GLN A 128 -52.51 8.33 -85.34
N ALA A 129 -51.29 7.85 -85.59
CA ALA A 129 -50.97 6.44 -85.51
C ALA A 129 -50.41 6.07 -84.15
N ASN A 130 -50.50 6.98 -83.17
CA ASN A 130 -50.03 6.79 -81.81
C ASN A 130 -48.51 6.65 -81.74
N LYS A 131 -47.78 7.27 -82.67
CA LYS A 131 -46.33 7.32 -82.62
C LYS A 131 -45.85 8.72 -82.98
N ALA A 132 -44.60 8.98 -82.61
CA ALA A 132 -43.95 10.25 -82.95
C ALA A 132 -42.48 9.97 -83.21
N THR A 133 -41.98 10.40 -84.37
CA THR A 133 -40.60 10.14 -84.76
C THR A 133 -40.05 11.39 -85.42
N LEU A 134 -39.00 11.96 -84.83
CA LEU A 134 -38.33 13.13 -85.38
C LEU A 134 -37.28 12.68 -86.38
N VAL A 135 -37.37 13.19 -87.61
CA VAL A 135 -36.49 12.78 -88.69
C VAL A 135 -35.47 13.89 -88.89
N CYS A 136 -34.20 13.61 -88.56
CA CYS A 136 -33.11 14.54 -88.75
C CYS A 136 -32.28 14.12 -89.95
N LEU A 137 -32.22 14.99 -90.95
CA LEU A 137 -31.52 14.73 -92.20
C LEU A 137 -30.23 15.53 -92.28
N ILE A 138 -29.13 14.82 -92.52
CA ILE A 138 -27.80 15.39 -92.57
C ILE A 138 -27.25 15.10 -93.95
N SER A 139 -26.85 16.14 -94.67
CA SER A 139 -26.42 15.97 -96.05
C SER A 139 -25.34 17.00 -96.39
N ASP A 140 -24.53 16.66 -97.40
CA ASP A 140 -23.56 17.57 -98.01
C ASP A 140 -22.43 17.95 -97.05
N PHE A 141 -21.85 16.95 -96.41
CA PHE A 141 -20.68 17.17 -95.58
C PHE A 141 -19.51 16.33 -96.09
N TYR A 142 -18.31 16.77 -95.72
CA TYR A 142 -17.06 16.11 -96.11
C TYR A 142 -15.94 16.57 -95.18
N PRO A 143 -15.16 15.66 -94.59
CA PRO A 143 -15.18 14.19 -94.74
C PRO A 143 -16.42 13.54 -94.13
N GLY A 144 -16.64 12.25 -94.40
CA GLY A 144 -17.82 11.58 -93.92
C GLY A 144 -17.72 11.08 -92.50
N ALA A 145 -17.78 12.01 -91.55
CA ALA A 145 -17.68 11.66 -90.13
C ALA A 145 -18.46 12.70 -89.34
N VAL A 146 -19.61 12.28 -88.79
CA VAL A 146 -20.47 13.15 -87.99
C VAL A 146 -20.94 12.40 -86.76
N THR A 147 -21.31 13.17 -85.74
CA THR A 147 -21.87 12.65 -84.51
C THR A 147 -23.13 13.43 -84.19
N VAL A 148 -24.18 12.73 -83.77
CA VAL A 148 -25.50 13.32 -83.60
C VAL A 148 -25.88 13.27 -82.12
N ALA A 149 -26.34 14.40 -81.59
CA ALA A 149 -26.86 14.51 -80.24
C ALA A 149 -28.25 15.13 -80.30
N TRP A 150 -29.16 14.62 -79.47
CA TRP A 150 -30.53 15.10 -79.40
C TRP A 150 -30.76 15.83 -78.09
N LYS A 151 -31.40 17.00 -78.17
CA LYS A 151 -31.67 17.80 -76.98
C LYS A 151 -33.16 18.10 -76.93
N ALA A 152 -33.84 17.56 -75.92
CA ALA A 152 -35.25 17.83 -75.65
C ALA A 152 -35.31 18.85 -74.51
N ASP A 153 -35.47 20.12 -74.86
CA ASP A 153 -35.49 21.21 -73.88
C ASP A 153 -34.18 21.25 -73.09
N SER A 154 -33.08 21.45 -73.84
CA SER A 154 -31.75 21.62 -73.26
C SER A 154 -31.32 20.43 -72.39
N SER A 155 -31.94 19.27 -72.58
CA SER A 155 -31.62 18.09 -71.80
C SER A 155 -31.20 16.94 -72.71
N PRO A 156 -30.17 16.19 -72.34
CA PRO A 156 -29.69 15.12 -73.23
C PRO A 156 -30.73 14.01 -73.38
N VAL A 157 -30.64 13.31 -74.51
CA VAL A 157 -31.53 12.20 -74.83
C VAL A 157 -30.68 10.97 -75.09
N LYS A 158 -30.92 9.90 -74.35
CA LYS A 158 -30.13 8.69 -74.49
C LYS A 158 -30.80 7.70 -75.44
N ALA A 159 -31.74 6.91 -74.93
CA ALA A 159 -32.39 5.87 -75.72
C ALA A 159 -33.41 6.49 -76.68
N GLY A 160 -33.94 5.64 -77.56
CA GLY A 160 -34.86 6.08 -78.59
C GLY A 160 -34.20 6.74 -79.78
N VAL A 161 -32.87 6.81 -79.80
CA VAL A 161 -32.12 7.45 -80.88
C VAL A 161 -31.45 6.37 -81.72
N GLU A 162 -31.61 6.47 -83.04
CA GLU A 162 -30.88 5.67 -84.01
C GLU A 162 -30.24 6.60 -85.02
N THR A 163 -29.06 6.23 -85.51
CA THR A 163 -28.29 7.05 -86.42
C THR A 163 -27.65 6.20 -87.50
N THR A 164 -27.68 6.69 -88.74
CA THR A 164 -27.11 5.99 -89.87
C THR A 164 -25.60 6.15 -89.90
N THR A 165 -24.95 5.28 -90.67
CA THR A 165 -23.56 5.45 -91.04
C THR A 165 -23.47 6.36 -92.27
N PRO A 166 -22.55 7.31 -92.28
CA PRO A 166 -22.42 8.19 -93.44
C PRO A 166 -22.14 7.40 -94.72
N SER A 167 -22.63 7.94 -95.84
CA SER A 167 -22.38 7.35 -97.15
C SER A 167 -22.26 8.47 -98.17
N LYS A 168 -21.55 8.19 -99.26
CA LYS A 168 -21.32 9.20 -100.28
C LYS A 168 -22.59 9.52 -101.05
N GLN A 169 -22.80 10.81 -101.31
CA GLN A 169 -23.89 11.25 -102.16
C GLN A 169 -23.50 11.12 -103.63
N SER A 170 -24.29 11.71 -104.51
CA SER A 170 -23.92 11.76 -105.93
C SER A 170 -22.65 12.60 -106.11
N ASN A 171 -22.60 13.78 -105.48
CA ASN A 171 -21.46 14.67 -105.57
C ASN A 171 -20.32 14.28 -104.62
N ASN A 172 -20.31 13.03 -104.16
CA ASN A 172 -19.24 12.47 -103.35
C ASN A 172 -19.08 13.16 -102.00
N LYS A 173 -19.95 14.11 -101.66
CA LYS A 173 -20.12 14.47 -100.26
C LYS A 173 -20.87 13.35 -99.54
N TYR A 174 -20.92 13.43 -98.23
CA TYR A 174 -21.53 12.37 -97.43
C TYR A 174 -22.86 12.83 -96.87
N ALA A 175 -23.68 11.86 -96.47
CA ALA A 175 -25.00 12.13 -95.94
C ALA A 175 -25.39 11.03 -94.97
N ALA A 176 -26.23 11.39 -93.99
CA ALA A 176 -26.71 10.44 -93.00
C ALA A 176 -27.98 10.98 -92.38
N SER A 177 -28.69 10.11 -91.68
CA SER A 177 -29.95 10.46 -91.04
C SER A 177 -29.98 9.95 -89.62
N SER A 178 -30.68 10.67 -88.75
CA SER A 178 -30.84 10.30 -87.34
C SER A 178 -32.29 10.45 -86.92
N TYR A 179 -32.87 9.38 -86.39
CA TYR A 179 -34.27 9.37 -86.00
C TYR A 179 -34.39 9.33 -84.48
N LEU A 180 -35.40 10.02 -83.96
CA LEU A 180 -35.70 10.03 -82.52
C LEU A 180 -37.12 9.53 -82.33
N SER A 181 -37.27 8.30 -81.85
CA SER A 181 -38.59 7.75 -81.57
C SER A 181 -39.10 8.27 -80.24
N LEU A 182 -40.27 8.90 -80.27
CA LEU A 182 -40.90 9.47 -79.09
C LEU A 182 -42.30 8.91 -78.91
N THR A 183 -42.86 9.08 -77.67
CA THR A 183 -44.31 8.89 -77.60
C THR A 183 -44.98 10.20 -77.98
N PRO A 184 -46.18 10.16 -78.57
CA PRO A 184 -46.86 11.41 -78.93
C PRO A 184 -47.08 12.34 -77.75
N GLU A 185 -47.13 11.82 -76.54
CA GLU A 185 -47.21 12.66 -75.35
C GLU A 185 -45.87 13.33 -75.06
N GLN A 186 -44.78 12.56 -75.13
CA GLN A 186 -43.45 13.14 -74.91
C GLN A 186 -43.13 14.20 -75.96
N TRP A 187 -43.64 14.04 -77.18
CA TRP A 187 -43.47 15.08 -78.20
C TRP A 187 -44.16 16.38 -77.81
N LYS A 188 -45.27 16.30 -77.09
CA LYS A 188 -45.93 17.50 -76.58
C LYS A 188 -45.50 17.86 -75.17
N SER A 189 -44.90 16.93 -74.42
CA SER A 189 -44.49 17.21 -73.05
C SER A 189 -43.49 18.35 -73.00
N HIS A 190 -42.43 18.27 -73.80
CA HIS A 190 -41.39 19.29 -73.78
C HIS A 190 -41.70 20.40 -74.78
N ARG A 191 -41.11 21.56 -74.54
CA ARG A 191 -41.39 22.76 -75.32
C ARG A 191 -40.56 22.86 -76.58
N SER A 192 -39.38 22.23 -76.63
CA SER A 192 -38.55 22.29 -77.81
C SER A 192 -37.68 21.04 -77.93
N TYR A 193 -37.45 20.61 -79.17
CA TYR A 193 -36.52 19.55 -79.49
C TYR A 193 -35.50 20.09 -80.48
N SER A 194 -34.27 19.58 -80.39
CA SER A 194 -33.18 20.04 -81.23
C SER A 194 -32.29 18.88 -81.63
N CYS A 195 -31.87 18.88 -82.90
CA CYS A 195 -30.96 17.86 -83.44
C CYS A 195 -29.59 18.50 -83.62
N GLN A 196 -28.58 17.95 -82.96
CA GLN A 196 -27.23 18.48 -82.96
C GLN A 196 -26.28 17.58 -83.75
N VAL A 197 -25.74 18.11 -84.85
CA VAL A 197 -24.74 17.42 -85.65
C VAL A 197 -23.40 18.15 -85.49
N THR A 198 -22.36 17.41 -85.15
CA THR A 198 -21.00 17.95 -85.01
C THR A 198 -20.14 17.34 -86.10
N HIS A 199 -19.36 18.19 -86.78
CA HIS A 199 -18.55 17.76 -87.92
C HIS A 199 -17.31 18.65 -88.03
N GLU A 200 -16.13 18.06 -87.81
CA GLU A 200 -14.87 18.80 -87.88
C GLU A 200 -14.83 19.93 -86.86
N GLY A 201 -15.14 19.59 -85.61
CA GLY A 201 -15.05 20.55 -84.53
C GLY A 201 -16.24 21.49 -84.40
N SER A 202 -16.84 21.84 -85.54
CA SER A 202 -17.99 22.73 -85.55
C SER A 202 -19.29 21.95 -85.42
N THR A 203 -20.28 22.58 -84.79
CA THR A 203 -21.57 21.97 -84.49
C THR A 203 -22.68 22.73 -85.18
N VAL A 204 -23.62 22.00 -85.80
CA VAL A 204 -24.79 22.57 -86.44
C VAL A 204 -26.02 21.98 -85.76
N GLU A 205 -27.07 22.80 -85.64
CA GLU A 205 -28.25 22.42 -84.86
C GLU A 205 -29.52 22.90 -85.55
N LYS A 206 -30.63 22.27 -85.16
CA LYS A 206 -31.96 22.67 -85.61
C LYS A 206 -32.95 22.62 -84.45
N GLN B 1 -0.04 -17.30 -100.56
CA GLN B 1 -0.59 -18.62 -100.78
C GLN B 1 -1.39 -19.10 -99.56
N VAL B 2 -1.04 -18.60 -98.38
CA VAL B 2 -1.84 -18.89 -97.21
C VAL B 2 -3.25 -18.37 -97.43
N GLN B 3 -4.23 -19.26 -97.30
CA GLN B 3 -5.62 -18.91 -97.57
C GLN B 3 -6.50 -19.38 -96.42
N LEU B 4 -7.43 -18.52 -96.01
CA LEU B 4 -8.38 -18.80 -94.95
C LEU B 4 -9.79 -18.54 -95.47
N GLN B 5 -10.71 -19.45 -95.16
CA GLN B 5 -12.06 -19.40 -95.70
C GLN B 5 -13.08 -19.57 -94.58
N GLU B 6 -13.77 -18.49 -94.22
CA GLU B 6 -14.84 -18.59 -93.25
C GLU B 6 -16.13 -18.99 -93.94
N SER B 7 -17.04 -19.54 -93.15
CA SER B 7 -18.32 -20.04 -93.64
C SER B 7 -19.25 -20.21 -92.44
N GLY B 8 -20.47 -20.65 -92.71
CA GLY B 8 -21.44 -20.94 -91.67
C GLY B 8 -22.27 -19.76 -91.21
N GLY B 9 -21.87 -18.54 -91.54
CA GLY B 9 -22.67 -17.40 -91.16
C GLY B 9 -23.93 -17.34 -92.00
N GLY B 10 -24.74 -16.35 -91.71
CA GLY B 10 -25.99 -16.18 -92.42
C GLY B 10 -26.99 -15.45 -91.55
N VAL B 11 -28.24 -15.87 -91.64
CA VAL B 11 -29.33 -15.28 -90.88
C VAL B 11 -29.81 -16.31 -89.86
N VAL B 12 -29.73 -15.95 -88.58
CA VAL B 12 -30.14 -16.83 -87.51
C VAL B 12 -31.16 -16.09 -86.65
N GLN B 13 -31.76 -16.84 -85.72
CA GLN B 13 -32.66 -16.22 -84.76
C GLN B 13 -32.12 -16.33 -83.35
N PRO B 14 -32.46 -15.37 -82.49
CA PRO B 14 -31.95 -15.40 -81.11
C PRO B 14 -32.31 -16.69 -80.38
N GLY B 15 -31.49 -17.03 -79.38
CA GLY B 15 -31.67 -18.24 -78.62
C GLY B 15 -31.05 -19.45 -79.27
N GLY B 16 -31.10 -19.51 -80.60
CA GLY B 16 -30.52 -20.61 -81.32
C GLY B 16 -29.00 -20.66 -81.20
N SER B 17 -28.43 -21.74 -81.71
CA SER B 17 -26.99 -21.92 -81.71
C SER B 17 -26.48 -21.98 -83.15
N LEU B 18 -25.25 -21.53 -83.34
CA LEU B 18 -24.66 -21.42 -84.67
C LEU B 18 -23.20 -21.80 -84.60
N ARG B 19 -22.71 -22.47 -85.64
CA ARG B 19 -21.34 -22.94 -85.70
C ARG B 19 -20.66 -22.37 -86.93
N LEU B 20 -19.63 -21.58 -86.71
CA LEU B 20 -18.81 -21.04 -87.78
C LEU B 20 -17.56 -21.90 -87.96
N SER B 21 -17.08 -21.98 -89.20
CA SER B 21 -15.90 -22.77 -89.50
C SER B 21 -14.98 -22.01 -90.45
N CYS B 22 -13.67 -22.16 -90.24
CA CYS B 22 -12.65 -21.51 -91.06
C CYS B 22 -11.76 -22.61 -91.60
N ALA B 23 -11.79 -22.83 -92.91
CA ALA B 23 -10.98 -23.86 -93.55
C ALA B 23 -9.66 -23.24 -93.99
N ALA B 24 -8.55 -23.90 -93.64
CA ALA B 24 -7.22 -23.35 -93.86
C ALA B 24 -6.44 -24.21 -94.86
N SER B 25 -5.59 -23.54 -95.64
CA SER B 25 -4.68 -24.20 -96.55
C SER B 25 -3.52 -23.26 -96.84
N GLY B 26 -2.35 -23.85 -97.08
CA GLY B 26 -1.15 -23.08 -97.39
C GLY B 26 -0.18 -22.85 -96.27
N PHE B 27 -0.18 -23.68 -95.24
CA PHE B 27 0.77 -23.66 -94.13
C PHE B 27 0.49 -24.87 -93.27
N ASN B 28 1.52 -25.33 -92.55
CA ASN B 28 1.34 -26.43 -91.62
C ASN B 28 0.43 -25.99 -90.48
N PHE B 29 -0.88 -26.16 -90.67
CA PHE B 29 -1.87 -25.68 -89.71
C PHE B 29 -1.65 -26.26 -88.31
N SER B 30 -1.05 -27.45 -88.22
CA SER B 30 -0.88 -28.08 -86.93
C SER B 30 0.13 -27.37 -86.04
N ASN B 31 0.82 -26.33 -86.55
CA ASN B 31 1.89 -25.69 -85.80
C ASN B 31 1.57 -24.26 -85.36
N TYR B 32 0.48 -23.67 -85.82
CA TYR B 32 0.22 -22.26 -85.52
C TYR B 32 -1.06 -22.09 -84.71
N GLY B 33 -1.11 -20.99 -83.94
CA GLY B 33 -2.35 -20.59 -83.29
C GLY B 33 -3.32 -19.90 -84.23
N MET B 34 -4.60 -19.93 -83.86
CA MET B 34 -5.67 -19.32 -84.66
C MET B 34 -6.57 -18.43 -83.80
N HIS B 35 -7.18 -17.42 -84.43
CA HIS B 35 -8.00 -16.45 -83.73
C HIS B 35 -9.29 -16.15 -84.50
N TRP B 36 -10.31 -15.73 -83.74
CA TRP B 36 -11.56 -15.19 -84.27
C TRP B 36 -11.68 -13.74 -83.86
N VAL B 37 -11.91 -12.85 -84.82
CA VAL B 37 -12.12 -11.44 -84.55
C VAL B 37 -13.35 -10.98 -85.34
N ARG B 38 -14.35 -10.45 -84.63
CA ARG B 38 -15.60 -10.03 -85.24
C ARG B 38 -15.69 -8.51 -85.33
N GLN B 39 -16.62 -8.04 -86.15
CA GLN B 39 -16.79 -6.60 -86.38
C GLN B 39 -18.27 -6.30 -86.58
N THR B 40 -18.89 -5.66 -85.61
CA THR B 40 -20.27 -5.18 -85.77
C THR B 40 -20.29 -4.11 -86.85
N PRO B 41 -21.22 -4.18 -87.81
CA PRO B 41 -21.19 -3.27 -88.97
C PRO B 41 -21.13 -1.80 -88.59
N GLY B 42 -20.21 -1.09 -89.25
CA GLY B 42 -19.97 0.31 -89.01
C GLY B 42 -19.17 0.62 -87.77
N LYS B 43 -18.60 -0.40 -87.12
CA LYS B 43 -17.87 -0.22 -85.88
C LYS B 43 -16.50 -0.86 -86.03
N GLY B 44 -15.71 -0.82 -84.96
CA GLY B 44 -14.36 -1.32 -85.02
C GLY B 44 -14.28 -2.82 -84.97
N LEU B 45 -13.04 -3.31 -85.00
CA LEU B 45 -12.76 -4.73 -84.85
C LEU B 45 -12.87 -5.12 -83.39
N GLU B 46 -13.26 -6.36 -83.14
CA GLU B 46 -13.42 -6.86 -81.78
C GLU B 46 -12.88 -8.29 -81.70
N TRP B 47 -11.97 -8.52 -80.77
CA TRP B 47 -11.44 -9.87 -80.58
C TRP B 47 -12.48 -10.73 -79.89
N VAL B 48 -12.70 -11.94 -80.41
CA VAL B 48 -13.71 -12.85 -79.87
C VAL B 48 -13.02 -13.92 -79.04
N ALA B 49 -12.30 -14.81 -79.69
CA ALA B 49 -11.61 -15.88 -78.98
C ALA B 49 -10.42 -16.34 -79.82
N SER B 50 -9.56 -17.12 -79.18
CA SER B 50 -8.38 -17.64 -79.86
C SER B 50 -7.91 -18.91 -79.14
N ILE B 51 -7.15 -19.71 -79.87
CA ILE B 51 -6.80 -21.06 -79.45
C ILE B 51 -5.37 -21.40 -79.86
N PRO B 52 -4.55 -22.02 -79.00
CA PRO B 52 -3.16 -22.32 -79.37
C PRO B 52 -3.04 -23.38 -80.46
N TYR B 53 -1.81 -23.76 -80.80
CA TYR B 53 -1.60 -24.66 -81.94
C TYR B 53 -2.18 -26.05 -81.71
N ASP B 54 -2.26 -26.50 -80.47
CA ASP B 54 -2.66 -27.87 -80.20
C ASP B 54 -4.10 -28.02 -79.72
N GLY B 55 -4.73 -26.93 -79.29
CA GLY B 55 -6.02 -27.01 -78.66
C GLY B 55 -5.96 -27.21 -77.16
N SER B 56 -4.78 -27.12 -76.57
CA SER B 56 -4.61 -27.28 -75.13
C SER B 56 -5.56 -26.38 -74.36
N HIS B 57 -5.41 -25.08 -74.52
CA HIS B 57 -6.21 -24.10 -73.82
C HIS B 57 -7.18 -23.42 -74.80
N GLN B 58 -7.86 -22.39 -74.31
CA GLN B 58 -8.89 -21.71 -75.09
C GLN B 58 -9.04 -20.30 -74.53
N TRP B 59 -8.59 -19.29 -75.28
CA TRP B 59 -8.65 -17.90 -74.84
C TRP B 59 -9.96 -17.25 -75.25
N HIS B 60 -10.61 -16.59 -74.30
CA HIS B 60 -11.93 -16.02 -74.47
C HIS B 60 -11.89 -14.53 -74.16
N ALA B 61 -12.53 -13.73 -75.02
CA ALA B 61 -12.89 -12.39 -74.61
C ALA B 61 -14.02 -12.47 -73.60
N ASP B 62 -14.10 -11.47 -72.74
CA ASP B 62 -15.09 -11.53 -71.65
C ASP B 62 -16.50 -11.34 -72.17
N SER B 63 -16.66 -10.66 -73.30
CA SER B 63 -17.98 -10.42 -73.85
C SER B 63 -18.63 -11.69 -74.39
N VAL B 64 -17.87 -12.74 -74.66
CA VAL B 64 -18.47 -13.96 -75.21
C VAL B 64 -18.05 -15.17 -74.39
N LYS B 65 -17.46 -14.94 -73.21
CA LYS B 65 -17.02 -16.06 -72.39
C LYS B 65 -18.23 -16.79 -71.84
N GLY B 66 -18.13 -18.12 -71.77
CA GLY B 66 -19.23 -18.93 -71.30
C GLY B 66 -20.23 -19.23 -72.39
N ARG B 67 -20.42 -18.29 -73.32
CA ARG B 67 -21.36 -18.46 -74.42
C ARG B 67 -20.70 -18.99 -75.68
N PHE B 68 -19.47 -18.57 -75.96
CA PHE B 68 -18.73 -19.03 -77.13
C PHE B 68 -17.72 -20.09 -76.74
N THR B 69 -17.41 -20.95 -77.70
CA THR B 69 -16.33 -21.93 -77.53
C THR B 69 -15.64 -22.10 -78.87
N ILE B 70 -14.32 -21.90 -78.87
CA ILE B 70 -13.51 -21.99 -80.07
C ILE B 70 -12.74 -23.31 -80.04
N SER B 71 -12.69 -23.99 -81.17
CA SER B 71 -12.02 -25.28 -81.24
C SER B 71 -11.32 -25.41 -82.57
N ARG B 72 -10.47 -26.43 -82.68
CA ARG B 72 -9.76 -26.69 -83.92
C ARG B 72 -9.63 -28.19 -84.12
N ASP B 73 -9.54 -28.58 -85.39
CA ASP B 73 -9.25 -29.97 -85.78
C ASP B 73 -8.00 -29.93 -86.63
N ASN B 74 -6.88 -30.34 -86.06
CA ASN B 74 -5.63 -30.26 -86.81
C ASN B 74 -5.59 -31.26 -87.95
N SER B 75 -6.33 -32.37 -87.82
CA SER B 75 -6.36 -33.36 -88.89
C SER B 75 -7.18 -32.87 -90.09
N LYS B 76 -8.06 -31.90 -89.89
CA LYS B 76 -8.89 -31.36 -90.95
C LYS B 76 -8.49 -29.96 -91.39
N ASN B 77 -7.53 -29.33 -90.72
CA ASN B 77 -7.14 -27.94 -90.99
C ASN B 77 -8.35 -27.01 -90.90
N THR B 78 -9.07 -27.10 -89.77
CA THR B 78 -10.30 -26.35 -89.60
C THR B 78 -10.40 -25.75 -88.21
N LEU B 79 -10.77 -24.47 -88.15
CA LEU B 79 -11.04 -23.75 -86.92
C LEU B 79 -12.54 -23.56 -86.74
N TYR B 80 -13.04 -23.79 -85.52
CA TYR B 80 -14.46 -23.73 -85.26
C TYR B 80 -14.78 -22.71 -84.17
N LEU B 81 -15.93 -22.04 -84.30
CA LEU B 81 -16.43 -21.12 -83.29
C LEU B 81 -17.90 -21.45 -83.02
N GLN B 82 -18.18 -21.92 -81.81
CA GLN B 82 -19.55 -22.25 -81.41
C GLN B 82 -20.19 -21.09 -80.67
N ILE B 83 -21.37 -20.68 -81.14
CA ILE B 83 -22.14 -19.61 -80.51
C ILE B 83 -23.38 -20.24 -79.89
N ASN B 84 -23.57 -20.02 -78.59
CA ASN B 84 -24.75 -20.53 -77.90
C ASN B 84 -25.60 -19.36 -77.43
N SER B 85 -26.93 -19.53 -77.50
CA SER B 85 -27.89 -18.48 -77.15
C SER B 85 -27.54 -17.18 -77.91
N LEU B 86 -27.71 -17.26 -79.22
CA LEU B 86 -27.47 -16.10 -80.08
C LEU B 86 -28.28 -14.91 -79.59
N ARG B 87 -27.70 -13.72 -79.70
CA ARG B 87 -28.33 -12.50 -79.25
C ARG B 87 -28.25 -11.49 -80.38
N PRO B 88 -29.09 -10.45 -80.33
CA PRO B 88 -28.97 -9.37 -81.33
C PRO B 88 -27.63 -8.69 -81.32
N GLU B 89 -26.92 -8.73 -80.19
CA GLU B 89 -25.60 -8.12 -80.10
C GLU B 89 -24.58 -8.85 -80.95
N ASP B 90 -24.79 -10.15 -81.19
CA ASP B 90 -23.87 -10.95 -81.98
C ASP B 90 -23.96 -10.69 -83.47
N THR B 91 -24.85 -9.81 -83.92
CA THR B 91 -24.94 -9.48 -85.34
C THR B 91 -23.66 -8.75 -85.75
N ALA B 92 -22.84 -9.43 -86.53
CA ALA B 92 -21.54 -8.88 -86.92
C ALA B 92 -20.90 -9.80 -87.95
N MET B 93 -19.86 -9.31 -88.60
CA MET B 93 -19.01 -10.13 -89.44
C MET B 93 -17.91 -10.78 -88.60
N TYR B 94 -17.62 -12.03 -88.90
CA TYR B 94 -16.68 -12.84 -88.13
C TYR B 94 -15.48 -13.19 -89.00
N TYR B 95 -14.37 -12.52 -88.75
CA TYR B 95 -13.12 -12.81 -89.45
C TYR B 95 -12.31 -13.86 -88.68
N CYS B 96 -11.60 -14.68 -89.43
CA CYS B 96 -10.66 -15.66 -88.90
C CYS B 96 -9.25 -15.30 -89.37
N SER B 97 -8.28 -15.34 -88.46
CA SER B 97 -6.91 -14.96 -88.79
C SER B 97 -5.92 -15.91 -88.15
N LYS B 98 -4.76 -16.05 -88.77
CA LYS B 98 -3.76 -17.06 -88.46
C LYS B 98 -2.56 -16.40 -87.79
N ALA B 99 -2.34 -16.75 -86.51
CA ALA B 99 -1.17 -16.25 -85.78
C ALA B 99 0.11 -16.44 -86.58
N ARG B 100 0.86 -15.34 -86.72
CA ARG B 100 2.09 -15.38 -87.51
C ARG B 100 3.10 -16.34 -86.90
N ILE B 101 3.36 -16.22 -85.61
CA ILE B 101 4.46 -16.97 -85.02
C ILE B 101 3.96 -18.36 -84.66
N SER B 102 4.88 -19.32 -84.62
CA SER B 102 4.52 -20.69 -84.35
C SER B 102 4.51 -20.94 -82.86
N TYR B 103 3.84 -22.03 -82.49
CA TYR B 103 3.96 -22.62 -81.15
C TYR B 103 3.70 -21.63 -80.03
N LEU B 104 3.01 -20.54 -80.35
CA LEU B 104 2.62 -19.58 -79.34
C LEU B 104 1.72 -20.25 -78.30
N SER B 105 2.14 -20.17 -77.04
CA SER B 105 1.38 -20.73 -75.93
C SER B 105 0.21 -19.84 -75.52
N ALA B 106 0.10 -18.64 -76.09
CA ALA B 106 -0.92 -17.65 -75.77
C ALA B 106 -1.02 -16.69 -76.94
N PRO B 107 -2.20 -16.09 -77.19
CA PRO B 107 -2.43 -15.29 -78.42
C PRO B 107 -1.93 -13.86 -78.27
N ALA B 108 -0.61 -13.67 -78.39
CA ALA B 108 -0.02 -12.36 -78.09
C ALA B 108 0.40 -11.58 -79.31
N TRP B 109 0.89 -12.23 -80.35
CA TRP B 109 1.55 -11.55 -81.45
C TRP B 109 0.60 -11.33 -82.61
N TRP B 110 1.08 -10.60 -83.62
CA TRP B 110 0.22 -10.10 -84.68
C TRP B 110 -0.43 -11.23 -85.49
N PHE B 111 -1.62 -10.93 -86.05
CA PHE B 111 -2.41 -11.90 -86.80
C PHE B 111 -2.29 -11.56 -88.28
N ASP B 112 -1.64 -12.43 -89.05
CA ASP B 112 -1.69 -12.30 -90.48
C ASP B 112 -1.70 -13.70 -91.07
N PRO B 113 -2.52 -13.98 -92.09
CA PRO B 113 -3.50 -13.13 -92.79
C PRO B 113 -4.91 -13.28 -92.22
N TRP B 114 -5.82 -12.40 -92.64
CA TRP B 114 -7.21 -12.45 -92.25
C TRP B 114 -8.04 -12.99 -93.41
N GLY B 115 -8.95 -13.92 -93.12
CA GLY B 115 -9.90 -14.35 -94.13
C GLY B 115 -10.94 -13.28 -94.40
N GLN B 116 -11.63 -13.42 -95.54
CA GLN B 116 -12.64 -12.42 -95.89
C GLN B 116 -13.82 -12.43 -94.92
N GLY B 117 -14.07 -13.57 -94.28
CA GLY B 117 -15.01 -13.62 -93.18
C GLY B 117 -16.40 -14.04 -93.63
N THR B 118 -17.24 -14.32 -92.63
CA THR B 118 -18.64 -14.66 -92.84
C THR B 118 -19.50 -13.72 -92.00
N LEU B 119 -20.74 -13.54 -92.44
CA LEU B 119 -21.66 -12.58 -91.84
C LEU B 119 -22.70 -13.32 -91.00
N VAL B 120 -22.79 -12.97 -89.72
CA VAL B 120 -23.80 -13.54 -88.84
C VAL B 120 -24.74 -12.41 -88.42
N THR B 121 -26.02 -12.55 -88.75
CA THR B 121 -27.04 -11.57 -88.41
C THR B 121 -28.21 -12.28 -87.76
N VAL B 122 -28.57 -11.86 -86.56
CA VAL B 122 -29.67 -12.47 -85.83
C VAL B 122 -30.77 -11.44 -85.62
N SER B 123 -32.02 -11.91 -85.72
CA SER B 123 -33.19 -11.08 -85.45
C SER B 123 -34.41 -12.00 -85.34
N SER B 124 -35.43 -11.51 -84.65
CA SER B 124 -36.75 -12.12 -84.57
C SER B 124 -37.68 -11.70 -85.70
N ALA B 125 -37.19 -10.95 -86.69
CA ALA B 125 -38.06 -10.27 -87.64
C ALA B 125 -38.74 -11.25 -88.58
N SER B 126 -39.52 -10.68 -89.49
CA SER B 126 -40.08 -11.38 -90.65
C SER B 126 -40.54 -10.29 -91.62
N THR B 127 -40.92 -10.71 -92.83
CA THR B 127 -41.20 -9.71 -93.85
C THR B 127 -42.37 -8.85 -93.43
N LYS B 128 -42.24 -7.54 -93.65
CA LYS B 128 -43.22 -6.57 -93.17
C LYS B 128 -43.33 -5.43 -94.17
N GLY B 129 -44.55 -4.95 -94.37
CA GLY B 129 -44.77 -3.79 -95.19
C GLY B 129 -44.35 -2.51 -94.50
N PRO B 130 -43.91 -1.54 -95.30
CA PRO B 130 -43.47 -0.26 -94.74
C PRO B 130 -44.57 0.78 -94.62
N SER B 131 -44.58 1.48 -93.48
CA SER B 131 -45.50 2.59 -93.25
C SER B 131 -44.90 3.87 -93.82
N VAL B 132 -45.68 4.58 -94.63
CA VAL B 132 -45.21 5.76 -95.33
C VAL B 132 -45.98 6.98 -94.80
N PHE B 133 -45.25 7.94 -94.24
CA PHE B 133 -45.81 9.17 -93.73
C PHE B 133 -45.24 10.36 -94.49
N PRO B 134 -46.06 11.37 -94.80
CA PRO B 134 -45.54 12.51 -95.56
C PRO B 134 -44.78 13.45 -94.64
N LEU B 135 -43.54 13.76 -95.02
CA LEU B 135 -42.72 14.73 -94.30
C LEU B 135 -42.98 16.07 -94.96
N ALA B 136 -44.01 16.76 -94.48
CA ALA B 136 -44.47 17.98 -95.15
C ALA B 136 -43.41 19.07 -95.06
N PRO B 137 -43.37 19.97 -96.05
CA PRO B 137 -42.37 21.04 -96.04
C PRO B 137 -42.72 22.14 -95.05
N SER B 138 -41.69 22.90 -94.69
CA SER B 138 -41.88 24.03 -93.79
C SER B 138 -42.66 25.12 -94.51
N SER B 139 -43.14 26.10 -93.74
CA SER B 139 -43.91 27.19 -94.33
C SER B 139 -43.06 28.02 -95.29
N LYS B 140 -41.83 28.34 -94.88
CA LYS B 140 -40.93 29.13 -95.72
C LYS B 140 -39.50 28.59 -95.64
N GLY B 145 -36.22 31.36 -101.10
CA GLY B 145 -35.43 30.41 -100.34
C GLY B 145 -35.60 28.96 -100.77
N THR B 146 -35.08 28.05 -99.97
CA THR B 146 -35.13 26.62 -100.23
C THR B 146 -36.11 25.97 -99.26
N ALA B 147 -37.03 25.19 -99.79
CA ALA B 147 -37.94 24.39 -98.98
C ALA B 147 -37.70 22.91 -99.26
N ALA B 148 -37.79 22.08 -98.21
CA ALA B 148 -37.54 20.66 -98.32
C ALA B 148 -38.72 19.86 -97.80
N LEU B 149 -38.91 18.66 -98.36
CA LEU B 149 -40.01 17.78 -98.00
C LEU B 149 -39.64 16.37 -98.42
N GLY B 150 -40.37 15.40 -97.88
CA GLY B 150 -40.08 14.03 -98.21
C GLY B 150 -41.05 13.03 -97.63
N CYS B 151 -40.60 11.77 -97.58
CA CYS B 151 -41.40 10.65 -97.13
C CYS B 151 -40.65 9.89 -96.04
N LEU B 152 -41.40 9.36 -95.07
CA LEU B 152 -40.82 8.55 -94.00
C LEU B 152 -41.29 7.11 -94.15
N VAL B 153 -40.35 6.20 -94.36
CA VAL B 153 -40.67 4.80 -94.62
C VAL B 153 -40.32 3.96 -93.39
N LYS B 154 -41.29 3.76 -92.51
CA LYS B 154 -41.06 3.21 -91.18
C LYS B 154 -41.26 1.70 -91.14
N ASP B 155 -40.40 1.02 -90.38
CA ASP B 155 -40.67 -0.31 -89.83
C ASP B 155 -41.00 -1.34 -90.92
N TYR B 156 -40.07 -1.53 -91.84
CA TYR B 156 -40.17 -2.60 -92.83
C TYR B 156 -39.06 -3.62 -92.63
N PHE B 157 -39.19 -4.72 -93.36
CA PHE B 157 -38.26 -5.85 -93.30
C PHE B 157 -38.65 -6.83 -94.40
N PRO B 158 -37.69 -7.40 -95.12
CA PRO B 158 -36.26 -7.09 -95.08
C PRO B 158 -35.93 -5.92 -96.00
N GLU B 159 -34.66 -5.72 -96.30
CA GLU B 159 -34.23 -4.71 -97.27
C GLU B 159 -34.46 -5.19 -98.69
N PRO B 160 -34.65 -4.26 -99.64
CA PRO B 160 -34.74 -2.81 -99.47
C PRO B 160 -36.07 -2.19 -99.92
N VAL B 161 -36.28 -0.91 -99.63
CA VAL B 161 -37.33 -0.12 -100.24
C VAL B 161 -36.68 0.80 -101.25
N THR B 162 -37.45 1.17 -102.27
CA THR B 162 -37.01 2.11 -103.29
C THR B 162 -38.04 3.21 -103.38
N VAL B 163 -37.57 4.46 -103.38
CA VAL B 163 -38.44 5.63 -103.39
C VAL B 163 -38.18 6.39 -104.68
N SER B 164 -39.25 6.77 -105.37
CA SER B 164 -39.17 7.62 -106.54
C SER B 164 -40.18 8.75 -106.36
N TRP B 165 -39.96 9.84 -107.06
CA TRP B 165 -40.78 11.04 -106.93
C TRP B 165 -41.42 11.39 -108.25
N ASN B 166 -42.74 11.62 -108.22
CA ASN B 166 -43.52 11.89 -109.43
C ASN B 166 -43.36 10.75 -110.43
N SER B 167 -43.36 9.51 -109.91
CA SER B 167 -43.20 8.30 -110.72
C SER B 167 -41.89 8.33 -111.50
N GLY B 168 -40.85 8.90 -110.88
CA GLY B 168 -39.54 8.99 -111.48
C GLY B 168 -39.30 10.22 -112.35
N ALA B 169 -40.31 11.06 -112.53
CA ALA B 169 -40.20 12.25 -113.35
C ALA B 169 -39.49 13.40 -112.65
N LEU B 170 -39.18 13.27 -111.36
CA LEU B 170 -38.46 14.29 -110.62
C LEU B 170 -37.18 13.68 -110.06
N THR B 171 -36.04 14.31 -110.36
CA THR B 171 -34.75 13.81 -109.90
C THR B 171 -33.90 14.91 -109.26
N SER B 172 -34.09 16.15 -109.70
CA SER B 172 -33.34 17.26 -109.13
C SER B 172 -33.80 17.55 -107.71
N GLY B 173 -32.84 17.62 -106.79
CA GLY B 173 -33.11 17.83 -105.37
C GLY B 173 -33.55 16.59 -104.62
N VAL B 174 -33.67 15.44 -105.29
CA VAL B 174 -34.16 14.21 -104.66
C VAL B 174 -32.99 13.48 -104.02
N HIS B 175 -33.18 13.03 -102.79
CA HIS B 175 -32.13 12.32 -102.06
C HIS B 175 -32.75 11.36 -101.06
N THR B 176 -32.50 10.07 -101.25
CA THR B 176 -32.95 9.04 -100.33
C THR B 176 -31.80 8.66 -99.41
N PHE B 177 -32.10 8.53 -98.13
CA PHE B 177 -31.11 8.26 -97.11
C PHE B 177 -31.09 6.78 -96.77
N PRO B 178 -30.00 6.27 -96.20
CA PRO B 178 -30.00 4.88 -95.78
C PRO B 178 -30.96 4.66 -94.62
N ALA B 179 -31.40 3.41 -94.48
CA ALA B 179 -32.33 3.05 -93.43
C ALA B 179 -31.61 2.68 -92.15
N VAL B 180 -32.16 3.09 -91.02
CA VAL B 180 -31.64 2.64 -89.74
C VAL B 180 -32.24 1.26 -89.44
N LEU B 181 -31.48 0.43 -88.75
CA LEU B 181 -32.00 -0.82 -88.20
C LEU B 181 -32.35 -0.55 -86.74
N GLN B 182 -33.62 -0.22 -86.51
CA GLN B 182 -34.11 0.05 -85.17
C GLN B 182 -33.95 -1.20 -84.30
N SER B 183 -34.03 -0.98 -82.99
CA SER B 183 -33.80 -2.06 -82.03
C SER B 183 -34.80 -3.21 -82.16
N SER B 184 -35.91 -3.00 -82.88
CA SER B 184 -36.92 -4.03 -83.11
C SER B 184 -36.53 -5.04 -84.19
N GLY B 185 -35.51 -4.73 -85.00
CA GLY B 185 -35.19 -5.55 -86.15
C GLY B 185 -35.83 -5.07 -87.44
N LEU B 186 -36.63 -4.01 -87.38
CA LEU B 186 -37.29 -3.44 -88.55
C LEU B 186 -36.51 -2.22 -89.02
N TYR B 187 -36.38 -2.09 -90.34
CA TYR B 187 -35.66 -0.98 -90.93
C TYR B 187 -36.56 0.25 -91.04
N SER B 188 -35.94 1.41 -91.14
CA SER B 188 -36.69 2.66 -91.24
C SER B 188 -35.87 3.64 -92.05
N LEU B 189 -36.45 4.16 -93.13
CA LEU B 189 -35.76 4.97 -94.11
C LEU B 189 -36.61 6.20 -94.44
N SER B 190 -35.95 7.31 -94.70
CA SER B 190 -36.63 8.48 -95.24
C SER B 190 -36.01 8.86 -96.59
N SER B 191 -36.74 9.67 -97.36
CA SER B 191 -36.35 10.03 -98.71
C SER B 191 -37.02 11.34 -99.07
N VAL B 192 -36.22 12.37 -99.36
CA VAL B 192 -36.72 13.73 -99.49
C VAL B 192 -36.36 14.31 -100.86
N VAL B 193 -36.90 15.51 -101.10
CA VAL B 193 -36.64 16.29 -102.30
C VAL B 193 -36.74 17.77 -101.95
N THR B 194 -35.67 18.52 -102.21
CA THR B 194 -35.68 19.95 -102.01
C THR B 194 -36.10 20.64 -103.30
N VAL B 195 -36.85 21.73 -103.15
CA VAL B 195 -37.31 22.54 -104.28
C VAL B 195 -37.37 23.99 -103.81
N PRO B 196 -37.48 24.91 -104.76
CA PRO B 196 -37.53 26.33 -104.45
C PRO B 196 -38.85 26.62 -103.79
N SER B 197 -38.94 27.72 -103.06
CA SER B 197 -40.17 28.03 -102.35
C SER B 197 -41.29 28.17 -103.36
N SER B 198 -40.99 28.79 -104.49
CA SER B 198 -41.99 29.13 -105.48
C SER B 198 -42.71 27.91 -106.04
N SER B 199 -41.96 26.85 -106.27
CA SER B 199 -42.46 25.70 -106.99
C SER B 199 -43.63 25.01 -106.31
N LEU B 200 -43.66 25.04 -104.99
CA LEU B 200 -44.58 24.21 -104.24
C LEU B 200 -46.01 24.49 -104.63
N GLY B 201 -46.34 25.75 -104.84
CA GLY B 201 -47.70 26.08 -105.20
C GLY B 201 -48.12 25.44 -106.50
N THR B 202 -47.20 25.40 -107.45
CA THR B 202 -47.53 25.01 -108.81
C THR B 202 -47.40 23.52 -109.12
N GLN B 203 -46.97 22.71 -108.15
CA GLN B 203 -46.59 21.35 -108.49
C GLN B 203 -47.18 20.37 -107.49
N THR B 204 -47.51 19.17 -107.98
CA THR B 204 -47.89 18.06 -107.10
C THR B 204 -46.63 17.32 -106.64
N TYR B 205 -46.80 16.47 -105.63
CA TYR B 205 -45.63 15.84 -105.00
C TYR B 205 -46.04 14.51 -104.38
N ILE B 206 -45.81 13.41 -105.09
CA ILE B 206 -46.16 12.07 -104.65
C ILE B 206 -44.92 11.20 -104.76
N CYS B 207 -44.42 10.72 -103.62
CA CYS B 207 -43.33 9.75 -103.60
C CYS B 207 -43.88 8.34 -103.75
N ASN B 208 -43.16 7.51 -104.50
CA ASN B 208 -43.59 6.15 -104.84
C ASN B 208 -42.61 5.16 -104.21
N VAL B 209 -42.95 4.70 -103.01
CA VAL B 209 -42.15 3.69 -102.31
C VAL B 209 -42.52 2.31 -102.84
N ASN B 210 -41.52 1.46 -103.05
CA ASN B 210 -41.73 0.10 -103.55
C ASN B 210 -40.88 -0.86 -102.73
N HIS B 211 -41.52 -1.80 -102.06
CA HIS B 211 -40.84 -2.80 -101.25
C HIS B 211 -41.14 -4.18 -101.84
N LYS B 212 -40.28 -4.63 -102.76
CA LYS B 212 -40.48 -5.92 -103.41
C LYS B 212 -40.51 -7.11 -102.46
N PRO B 213 -39.71 -7.18 -101.38
CA PRO B 213 -39.81 -8.35 -100.49
C PRO B 213 -41.20 -8.58 -99.90
N SER B 214 -41.93 -7.52 -99.59
CA SER B 214 -43.32 -7.66 -99.15
C SER B 214 -44.30 -7.35 -100.27
N ASN B 215 -43.81 -7.07 -101.47
CA ASN B 215 -44.62 -6.73 -102.63
C ASN B 215 -45.61 -5.60 -102.31
N THR B 216 -45.11 -4.55 -101.67
CA THR B 216 -45.89 -3.38 -101.33
C THR B 216 -45.46 -2.21 -102.19
N LYS B 217 -46.45 -1.44 -102.68
CA LYS B 217 -46.18 -0.20 -103.39
C LYS B 217 -47.06 0.89 -102.79
N VAL B 218 -46.47 2.01 -102.43
CA VAL B 218 -47.21 3.10 -101.79
C VAL B 218 -46.91 4.41 -102.53
N ASP B 219 -47.97 5.16 -102.84
CA ASP B 219 -47.85 6.48 -103.45
C ASP B 219 -48.46 7.49 -102.48
N LYS B 220 -47.63 8.34 -101.87
CA LYS B 220 -48.06 9.28 -100.86
C LYS B 220 -47.77 10.71 -101.31
N ARG B 221 -48.78 11.57 -101.27
CA ARG B 221 -48.63 12.95 -101.67
C ARG B 221 -48.24 13.81 -100.48
N VAL B 222 -47.24 14.67 -100.68
CA VAL B 222 -46.74 15.58 -99.66
C VAL B 222 -47.21 16.99 -100.00
N GLU B 223 -47.68 17.72 -98.99
CA GLU B 223 -48.25 19.05 -99.18
C GLU B 223 -48.09 19.85 -97.90
N PRO B 224 -47.97 21.18 -97.99
CA PRO B 224 -47.71 21.99 -96.80
C PRO B 224 -48.93 22.04 -95.88
N LYS B 225 -48.67 22.48 -94.64
CA LYS B 225 -49.70 22.68 -93.63
C LYS B 225 -50.61 21.47 -93.48
N GLY C 1 12.06 -24.38 -106.31
CA GLY C 1 12.33 -24.74 -104.93
C GLY C 1 12.35 -23.58 -103.95
N SER C 2 13.16 -23.71 -102.91
CA SER C 2 13.15 -22.80 -101.78
C SER C 2 14.18 -21.69 -101.95
N HIS C 3 14.29 -20.86 -100.92
CA HIS C 3 15.34 -19.85 -100.79
C HIS C 3 15.69 -19.74 -99.31
N SER C 4 16.80 -19.05 -99.02
CA SER C 4 17.33 -19.02 -97.66
C SER C 4 18.05 -17.70 -97.43
N MET C 5 18.13 -17.31 -96.16
CA MET C 5 18.94 -16.17 -95.74
C MET C 5 19.75 -16.58 -94.51
N ARG C 6 21.04 -16.21 -94.51
CA ARG C 6 21.93 -16.54 -93.41
C ARG C 6 22.86 -15.37 -93.10
N TYR C 7 23.04 -15.12 -91.81
CA TYR C 7 24.06 -14.20 -91.33
C TYR C 7 25.10 -15.00 -90.55
N PHE C 8 26.37 -14.64 -90.73
CA PHE C 8 27.49 -15.34 -90.09
C PHE C 8 28.30 -14.35 -89.28
N PHE C 9 28.40 -14.59 -87.97
CA PHE C 9 29.15 -13.71 -87.08
C PHE C 9 30.36 -14.46 -86.51
N THR C 10 31.53 -13.81 -86.58
CA THR C 10 32.74 -14.34 -85.96
C THR C 10 33.41 -13.23 -85.16
N SER C 11 33.75 -13.54 -83.92
CA SER C 11 34.47 -12.61 -83.04
C SER C 11 35.65 -13.36 -82.46
N VAL C 12 36.85 -12.84 -82.68
CA VAL C 12 38.08 -13.44 -82.18
C VAL C 12 38.75 -12.46 -81.23
N SER C 13 38.93 -12.88 -79.98
CA SER C 13 39.53 -12.01 -78.99
C SER C 13 41.02 -11.82 -79.29
N ARG C 14 41.48 -10.58 -79.32
CA ARG C 14 42.89 -10.34 -79.55
C ARG C 14 43.52 -10.12 -78.19
N PRO C 15 44.47 -10.96 -77.81
CA PRO C 15 45.07 -10.86 -76.48
C PRO C 15 45.87 -9.58 -76.33
N GLY C 16 45.66 -8.88 -75.22
CA GLY C 16 46.29 -7.61 -74.95
C GLY C 16 45.56 -6.40 -75.51
N ARG C 17 44.68 -6.62 -76.49
CA ARG C 17 43.89 -5.53 -77.06
C ARG C 17 42.47 -5.86 -76.66
N GLY C 18 41.75 -4.91 -76.06
CA GLY C 18 40.40 -5.26 -75.64
C GLY C 18 39.26 -5.42 -76.62
N GLU C 19 39.05 -4.46 -77.49
CA GLU C 19 38.00 -4.66 -78.49
C GLU C 19 38.37 -5.73 -79.51
N PRO C 20 37.76 -6.92 -79.44
CA PRO C 20 38.07 -7.98 -80.40
C PRO C 20 37.58 -7.66 -81.81
N ARG C 21 38.17 -8.35 -82.77
CA ARG C 21 37.77 -8.23 -84.17
C ARG C 21 36.51 -9.01 -84.46
N PHE C 22 35.57 -8.35 -85.15
CA PHE C 22 34.23 -8.85 -85.42
C PHE C 22 33.96 -8.79 -86.92
N ILE C 23 33.46 -9.89 -87.49
CA ILE C 23 33.20 -10.01 -88.92
C ILE C 23 31.81 -10.61 -89.11
N ALA C 24 30.91 -9.86 -89.74
CA ALA C 24 29.56 -10.33 -90.02
C ALA C 24 29.33 -10.28 -91.52
N VAL C 25 28.79 -11.37 -92.07
CA VAL C 25 28.55 -11.49 -93.51
C VAL C 25 27.16 -12.07 -93.69
N GLY C 26 26.39 -11.47 -94.59
CA GLY C 26 25.02 -11.92 -94.86
C GLY C 26 24.90 -12.47 -96.27
N TYR C 27 24.26 -13.64 -96.36
CA TYR C 27 24.01 -14.30 -97.63
C TYR C 27 22.52 -14.47 -97.85
N VAL C 28 22.13 -14.44 -99.13
CA VAL C 28 20.86 -14.98 -99.59
C VAL C 28 21.18 -16.12 -100.54
N ASP C 29 20.62 -17.30 -100.27
CA ASP C 29 21.01 -18.49 -100.98
C ASP C 29 22.53 -18.62 -100.95
N ASP C 30 23.19 -18.27 -102.06
CA ASP C 30 24.65 -18.32 -102.15
C ASP C 30 25.23 -17.01 -102.68
N THR C 31 24.50 -15.90 -102.55
CA THR C 31 24.96 -14.59 -102.99
C THR C 31 25.12 -13.71 -101.76
N GLN C 32 26.36 -13.34 -101.45
CA GLN C 32 26.61 -12.43 -100.34
C GLN C 32 26.05 -11.06 -100.69
N PHE C 33 25.48 -10.38 -99.69
CA PHE C 33 24.92 -9.08 -99.98
C PHE C 33 25.24 -8.01 -98.95
N VAL C 34 25.67 -8.36 -97.75
CA VAL C 34 26.09 -7.36 -96.77
C VAL C 34 27.33 -7.86 -96.05
N ARG C 35 28.17 -6.91 -95.66
CA ARG C 35 29.38 -7.24 -94.92
C ARG C 35 29.64 -6.14 -93.91
N PHE C 36 30.13 -6.54 -92.74
CA PHE C 36 30.49 -5.62 -91.67
C PHE C 36 31.80 -6.09 -91.05
N ASP C 37 32.79 -5.21 -91.02
CA ASP C 37 34.11 -5.53 -90.50
C ASP C 37 34.45 -4.57 -89.38
N SER C 38 34.87 -5.12 -88.24
CA SER C 38 35.33 -4.27 -87.15
C SER C 38 36.51 -3.42 -87.59
N ASP C 39 37.45 -4.00 -88.31
CA ASP C 39 38.66 -3.31 -88.75
C ASP C 39 38.44 -2.44 -89.99
N ALA C 40 37.24 -2.45 -90.58
CA ALA C 40 36.94 -1.56 -91.69
C ALA C 40 36.81 -0.12 -91.21
N ALA C 41 37.24 0.82 -92.04
CA ALA C 41 37.06 2.23 -91.72
C ALA C 41 35.60 2.66 -91.81
N SER C 42 34.75 1.85 -92.44
CA SER C 42 33.36 2.22 -92.62
C SER C 42 32.63 2.33 -91.28
N GLN C 43 32.77 1.31 -90.42
CA GLN C 43 32.04 1.22 -89.15
C GLN C 43 30.53 1.21 -89.35
N LYS C 44 30.09 0.76 -90.52
CA LYS C 44 28.68 0.71 -90.89
C LYS C 44 28.45 -0.53 -91.74
N MET C 45 27.25 -1.09 -91.63
CA MET C 45 26.89 -2.25 -92.42
C MET C 45 26.98 -1.91 -93.90
N GLU C 46 27.95 -2.48 -94.58
CA GLU C 46 28.23 -2.14 -95.96
C GLU C 46 27.44 -3.02 -96.93
N PRO C 47 27.07 -2.48 -98.08
CA PRO C 47 26.45 -3.30 -99.13
C PRO C 47 27.48 -4.11 -99.91
N ARG C 48 27.05 -5.31 -100.33
CA ARG C 48 27.90 -6.19 -101.10
C ARG C 48 27.14 -6.87 -102.23
N ALA C 49 25.92 -6.44 -102.51
CA ALA C 49 25.14 -6.86 -103.67
C ALA C 49 24.68 -5.63 -104.43
N PRO C 50 24.21 -5.80 -105.67
CA PRO C 50 23.71 -4.62 -106.41
C PRO C 50 22.31 -4.19 -106.01
N TRP C 51 21.50 -5.05 -105.42
CA TRP C 51 20.08 -4.78 -105.24
C TRP C 51 19.73 -4.40 -103.81
N ILE C 52 20.72 -4.17 -102.95
CA ILE C 52 20.42 -3.99 -101.53
C ILE C 52 20.46 -2.51 -101.17
N GLU C 53 21.24 -1.71 -101.90
CA GLU C 53 21.31 -0.30 -101.54
C GLU C 53 20.17 0.52 -102.13
N GLN C 54 19.23 -0.13 -102.81
CA GLN C 54 17.98 0.55 -103.07
C GLN C 54 17.15 0.72 -101.80
N GLU C 55 17.52 0.01 -100.73
CA GLU C 55 16.97 0.28 -99.41
C GLU C 55 17.53 1.59 -98.87
N GLY C 56 16.65 2.39 -98.26
CA GLY C 56 17.00 3.74 -97.86
C GLY C 56 17.90 3.79 -96.64
N PRO C 57 18.17 4.99 -96.13
CA PRO C 57 19.02 5.11 -94.94
C PRO C 57 18.36 4.58 -93.69
N GLU C 58 17.02 4.57 -93.62
CA GLU C 58 16.34 3.92 -92.51
C GLU C 58 16.77 2.46 -92.36
N TYR C 59 17.09 1.79 -93.48
CA TYR C 59 17.54 0.40 -93.44
C TYR C 59 18.99 0.30 -92.96
N TRP C 60 19.89 0.99 -93.65
CA TRP C 60 21.31 0.91 -93.30
C TRP C 60 21.57 1.42 -91.89
N ASP C 61 20.85 2.46 -91.47
CA ASP C 61 21.06 2.99 -90.13
C ASP C 61 20.71 1.94 -89.07
N GLN C 62 19.52 1.33 -89.19
CA GLN C 62 19.11 0.31 -88.24
C GLN C 62 20.03 -0.90 -88.29
N GLU C 63 20.43 -1.31 -89.50
CA GLU C 63 21.28 -2.48 -89.64
C GLU C 63 22.66 -2.27 -89.02
N THR C 64 23.19 -1.05 -89.11
CA THR C 64 24.47 -0.78 -88.47
C THR C 64 24.36 -0.95 -86.96
N ARG C 65 23.41 -0.23 -86.34
CA ARG C 65 23.12 -0.43 -84.92
C ARG C 65 22.93 -1.90 -84.60
N ASN C 66 22.25 -2.62 -85.51
CA ASN C 66 21.90 -4.01 -85.25
C ASN C 66 23.10 -4.87 -84.95
N MET C 67 24.25 -4.60 -85.58
CA MET C 67 25.40 -5.44 -85.35
C MET C 67 26.60 -4.73 -84.76
N LYS C 68 26.58 -3.40 -84.65
CA LYS C 68 27.34 -2.82 -83.55
C LYS C 68 26.95 -3.53 -82.27
N ALA C 69 25.64 -3.62 -82.03
CA ALA C 69 25.13 -4.26 -80.81
C ALA C 69 25.50 -5.73 -80.75
N HIS C 70 25.40 -6.45 -81.86
CA HIS C 70 25.75 -7.87 -81.82
C HIS C 70 27.21 -8.00 -81.49
N SER C 71 28.05 -7.15 -82.05
CA SER C 71 29.47 -7.26 -81.75
C SER C 71 29.73 -7.03 -80.26
N GLN C 72 29.17 -5.95 -79.72
CA GLN C 72 29.28 -5.66 -78.29
C GLN C 72 28.87 -6.85 -77.43
N THR C 73 27.75 -7.49 -77.76
CA THR C 73 27.31 -8.64 -76.98
C THR C 73 28.38 -9.72 -77.02
N ASP C 74 28.90 -10.01 -78.22
CA ASP C 74 29.93 -11.05 -78.35
C ASP C 74 31.18 -10.68 -77.56
N ARG C 75 31.48 -9.39 -77.50
CA ARG C 75 32.62 -8.90 -76.72
C ARG C 75 32.48 -9.19 -75.22
N ALA C 76 31.28 -8.97 -74.68
CA ALA C 76 30.98 -9.36 -73.31
C ALA C 76 30.88 -10.88 -73.18
N ASN C 77 30.40 -11.56 -74.21
CA ASN C 77 30.29 -13.00 -74.15
C ASN C 77 31.66 -13.68 -74.17
N LEU C 78 32.57 -13.17 -75.01
CA LEU C 78 33.91 -13.75 -75.07
C LEU C 78 34.55 -13.78 -73.70
N GLY C 79 34.28 -12.77 -72.89
CA GLY C 79 34.78 -12.70 -71.52
C GLY C 79 34.03 -13.63 -70.59
N THR C 80 32.71 -13.69 -70.76
CA THR C 80 31.91 -14.59 -69.94
C THR C 80 32.39 -16.02 -70.08
N LEU C 81 32.63 -16.45 -71.32
CA LEU C 81 33.12 -17.81 -71.57
C LEU C 81 34.54 -18.01 -71.07
N ARG C 82 35.36 -16.95 -71.07
CA ARG C 82 36.70 -17.04 -70.51
C ARG C 82 36.66 -17.48 -69.05
N GLY C 83 35.59 -17.14 -68.34
CA GLY C 83 35.41 -17.58 -66.98
C GLY C 83 34.83 -18.97 -66.89
N TYR C 84 33.88 -19.25 -67.79
CA TYR C 84 33.24 -20.57 -67.81
C TYR C 84 34.25 -21.68 -68.04
N TYR C 85 35.36 -21.38 -68.70
CA TYR C 85 36.32 -22.41 -69.09
C TYR C 85 37.66 -22.31 -68.38
N ASN C 86 37.80 -21.40 -67.40
CA ASN C 86 39.05 -21.27 -66.64
C ASN C 86 40.22 -20.94 -67.58
N GLN C 87 40.03 -19.89 -68.38
CA GLN C 87 40.98 -19.52 -69.42
C GLN C 87 41.58 -18.14 -69.16
N SER C 88 42.87 -18.00 -69.45
CA SER C 88 43.61 -16.77 -69.21
C SER C 88 43.45 -15.79 -70.37
N GLU C 89 43.81 -14.54 -70.10
CA GLU C 89 43.63 -13.46 -71.05
C GLU C 89 44.65 -13.47 -72.17
N ASP C 90 45.75 -14.22 -72.02
CA ASP C 90 46.77 -14.25 -73.06
C ASP C 90 46.40 -15.13 -74.25
N GLY C 91 45.23 -15.79 -74.21
CA GLY C 91 44.79 -16.60 -75.30
C GLY C 91 43.96 -15.82 -76.31
N SER C 92 43.65 -16.47 -77.42
CA SER C 92 42.74 -15.94 -78.43
C SER C 92 41.65 -16.97 -78.71
N HIS C 93 40.39 -16.57 -78.54
CA HIS C 93 39.27 -17.50 -78.67
C HIS C 93 38.22 -16.91 -79.61
N THR C 94 37.50 -17.81 -80.27
CA THR C 94 36.58 -17.44 -81.34
C THR C 94 35.15 -17.80 -80.94
N ILE C 95 34.21 -16.90 -81.21
CA ILE C 95 32.79 -17.18 -81.05
C ILE C 95 32.13 -17.05 -82.42
N GLN C 96 31.41 -18.09 -82.83
CA GLN C 96 30.77 -18.11 -84.15
C GLN C 96 29.28 -18.31 -83.93
N ILE C 97 28.48 -17.38 -84.45
CA ILE C 97 27.03 -17.47 -84.43
C ILE C 97 26.54 -17.45 -85.87
N MET C 98 25.51 -18.23 -86.14
CA MET C 98 24.86 -18.21 -87.44
C MET C 98 23.36 -18.40 -87.23
N TYR C 99 22.57 -17.42 -87.67
CA TYR C 99 21.12 -17.54 -87.64
C TYR C 99 20.55 -17.09 -88.98
N GLY C 100 19.37 -17.60 -89.31
CA GLY C 100 18.73 -17.26 -90.57
C GLY C 100 17.42 -18.00 -90.70
N CYS C 101 16.81 -17.84 -91.88
CA CYS C 101 15.49 -18.41 -92.14
C CYS C 101 15.43 -18.92 -93.57
N ASP C 102 14.51 -19.85 -93.80
CA ASP C 102 14.29 -20.46 -95.12
C ASP C 102 12.85 -20.22 -95.54
N VAL C 103 12.66 -19.69 -96.74
CA VAL C 103 11.31 -19.52 -97.29
C VAL C 103 11.12 -20.53 -98.41
N GLY C 104 9.84 -20.79 -98.72
CA GLY C 104 9.49 -21.70 -99.78
C GLY C 104 9.25 -20.96 -101.08
N PRO C 105 8.73 -21.66 -102.09
CA PRO C 105 8.45 -21.01 -103.37
C PRO C 105 7.34 -19.97 -103.30
N ASP C 106 6.40 -20.10 -102.37
CA ASP C 106 5.28 -19.16 -102.26
C ASP C 106 5.47 -18.15 -101.14
N GLY C 107 6.71 -17.82 -100.80
CA GLY C 107 6.98 -16.91 -99.70
C GLY C 107 6.73 -17.49 -98.32
N ARG C 108 6.30 -18.74 -98.25
CA ARG C 108 5.98 -19.41 -96.98
C ARG C 108 7.20 -19.44 -96.06
N PHE C 109 6.93 -19.53 -94.77
CA PHE C 109 7.98 -19.80 -93.80
C PHE C 109 8.20 -21.31 -93.73
N LEU C 110 9.46 -21.72 -93.76
CA LEU C 110 9.82 -23.14 -93.76
C LEU C 110 10.63 -23.54 -92.55
N ARG C 111 11.75 -22.86 -92.28
CA ARG C 111 12.63 -23.27 -91.22
C ARG C 111 13.41 -22.07 -90.69
N GLY C 112 13.64 -22.06 -89.39
CA GLY C 112 14.51 -21.08 -88.76
C GLY C 112 15.77 -21.73 -88.25
N TYR C 113 16.81 -20.95 -87.97
CA TYR C 113 18.09 -21.50 -87.51
C TYR C 113 18.76 -20.53 -86.54
N ARG C 114 19.39 -21.05 -85.50
CA ARG C 114 20.38 -20.29 -84.74
C ARG C 114 21.34 -21.24 -84.05
N GLN C 115 22.64 -21.12 -84.37
CA GLN C 115 23.68 -21.99 -83.83
C GLN C 115 24.87 -21.17 -83.37
N ASP C 116 25.39 -21.51 -82.19
CA ASP C 116 26.54 -20.83 -81.61
C ASP C 116 27.66 -21.82 -81.36
N ALA C 117 28.90 -21.39 -81.59
CA ALA C 117 30.04 -22.27 -81.41
C ALA C 117 31.22 -21.49 -80.83
N TYR C 118 31.85 -22.07 -79.82
CA TYR C 118 33.00 -21.47 -79.16
C TYR C 118 34.24 -22.29 -79.50
N ASP C 119 35.16 -21.67 -80.24
CA ASP C 119 36.42 -22.30 -80.64
C ASP C 119 36.16 -23.54 -81.50
N GLY C 120 35.37 -23.35 -82.55
CA GLY C 120 35.10 -24.39 -83.54
C GLY C 120 34.27 -25.56 -83.06
N LYS C 121 33.98 -25.67 -81.77
CA LYS C 121 33.13 -26.71 -81.24
C LYS C 121 31.73 -26.15 -81.00
N ASP C 122 30.71 -26.99 -81.22
CA ASP C 122 29.34 -26.60 -80.93
C ASP C 122 29.22 -26.12 -79.50
N TYR C 123 28.42 -25.08 -79.29
CA TYR C 123 28.18 -24.59 -77.94
C TYR C 123 26.70 -24.77 -77.62
N ILE C 124 25.87 -23.85 -78.10
CA ILE C 124 24.42 -24.00 -77.95
C ILE C 124 23.80 -23.80 -79.33
N ALA C 125 22.61 -24.40 -79.52
CA ALA C 125 21.92 -24.25 -80.79
C ALA C 125 20.42 -24.40 -80.56
N LEU C 126 19.65 -23.76 -81.43
CA LEU C 126 18.20 -23.80 -81.35
C LEU C 126 17.72 -24.97 -82.19
N ASN C 127 16.88 -25.81 -81.60
CA ASN C 127 16.39 -27.02 -82.23
C ASN C 127 15.43 -26.70 -83.38
N GLU C 128 15.13 -27.72 -84.18
CA GLU C 128 14.34 -27.54 -85.39
C GLU C 128 13.02 -26.82 -85.16
N ASP C 129 12.30 -27.32 -84.15
CA ASP C 129 10.97 -26.85 -83.81
C ASP C 129 11.07 -25.45 -83.30
N LEU C 130 12.22 -25.11 -82.78
CA LEU C 130 12.52 -23.76 -82.39
C LEU C 130 11.98 -23.42 -81.04
N ARG C 131 11.48 -24.42 -80.32
CA ARG C 131 11.16 -24.19 -78.92
C ARG C 131 12.19 -24.75 -77.94
N SER C 132 13.23 -25.41 -78.43
CA SER C 132 14.14 -26.06 -77.50
C SER C 132 15.56 -25.56 -77.75
N TRP C 133 16.35 -25.49 -76.68
CA TRP C 133 17.78 -25.29 -76.81
C TRP C 133 18.51 -26.59 -76.49
N THR C 134 19.66 -26.78 -77.10
CA THR C 134 20.50 -27.95 -76.85
C THR C 134 21.93 -27.51 -76.55
N ALA C 135 22.41 -27.87 -75.37
CA ALA C 135 23.75 -27.51 -74.93
C ALA C 135 24.72 -28.62 -75.28
N ALA C 136 25.84 -28.24 -75.91
CA ALA C 136 26.83 -29.25 -76.31
C ALA C 136 27.56 -29.81 -75.11
N ASP C 137 28.24 -28.93 -74.36
CA ASP C 137 29.09 -29.33 -73.27
C ASP C 137 28.47 -28.88 -71.94
N MET C 138 29.29 -28.89 -70.89
CA MET C 138 28.82 -28.41 -69.59
C MET C 138 28.44 -26.95 -69.66
N ALA C 139 29.40 -26.08 -69.95
CA ALA C 139 29.19 -24.64 -69.87
C ALA C 139 27.91 -24.23 -70.61
N ALA C 140 27.71 -24.74 -71.82
CA ALA C 140 26.53 -24.36 -72.59
C ALA C 140 25.23 -24.63 -71.83
N GLN C 141 25.25 -25.55 -70.87
CA GLN C 141 24.04 -25.77 -70.09
C GLN C 141 23.78 -24.60 -69.16
N ILE C 142 24.84 -24.05 -68.57
CA ILE C 142 24.66 -22.91 -67.68
C ILE C 142 24.17 -21.69 -68.46
N THR C 143 24.47 -21.62 -69.76
CA THR C 143 23.87 -20.61 -70.64
C THR C 143 22.47 -21.02 -71.07
N LYS C 144 22.27 -22.31 -71.39
CA LYS C 144 20.96 -22.78 -71.84
C LYS C 144 19.87 -22.40 -70.87
N ARG C 145 20.01 -22.81 -69.60
CA ARG C 145 19.00 -22.49 -68.61
C ARG C 145 18.87 -20.99 -68.39
N LYS C 146 19.92 -20.23 -68.67
CA LYS C 146 19.80 -18.77 -68.59
C LYS C 146 18.88 -18.23 -69.68
N TRP C 147 19.02 -18.73 -70.91
CA TRP C 147 18.16 -18.26 -72.00
C TRP C 147 16.74 -18.80 -71.83
N GLU C 148 16.60 -20.05 -71.37
CA GLU C 148 15.28 -20.58 -71.10
C GLU C 148 14.54 -19.72 -70.08
N ALA C 149 15.28 -19.07 -69.19
CA ALA C 149 14.67 -18.19 -68.20
C ALA C 149 14.06 -16.95 -68.87
N VAL C 150 14.70 -16.44 -69.92
CA VAL C 150 14.33 -15.17 -70.54
C VAL C 150 13.46 -15.37 -71.78
N HIS C 151 12.95 -16.58 -72.00
CA HIS C 151 12.12 -16.89 -73.17
C HIS C 151 12.85 -16.54 -74.47
N ALA C 152 14.12 -16.95 -74.56
CA ALA C 152 14.84 -16.82 -75.82
C ALA C 152 14.24 -17.71 -76.90
N ALA C 153 13.60 -18.82 -76.52
CA ALA C 153 12.89 -19.65 -77.49
C ALA C 153 11.90 -18.82 -78.29
N GLU C 154 10.91 -18.21 -77.61
CA GLU C 154 9.93 -17.36 -78.28
C GLU C 154 10.60 -16.23 -79.04
N GLN C 155 11.36 -15.40 -78.32
CA GLN C 155 11.82 -14.15 -78.91
C GLN C 155 12.81 -14.37 -80.04
N ARG C 156 13.51 -15.51 -80.07
CA ARG C 156 14.25 -15.86 -81.28
C ARG C 156 13.28 -16.19 -82.40
N ARG C 157 12.22 -16.92 -82.08
CA ARG C 157 11.26 -17.34 -83.08
C ARG C 157 10.54 -16.15 -83.72
N VAL C 158 10.38 -15.05 -82.97
CA VAL C 158 9.65 -13.91 -83.50
C VAL C 158 10.48 -13.14 -84.51
N TYR C 159 11.81 -13.27 -84.46
CA TYR C 159 12.64 -12.74 -85.54
C TYR C 159 12.57 -13.64 -86.77
N LEU C 160 12.73 -14.96 -86.59
CA LEU C 160 12.78 -15.86 -87.75
C LEU C 160 11.48 -15.82 -88.54
N GLU C 161 10.34 -15.83 -87.85
CA GLU C 161 9.05 -15.80 -88.52
C GLU C 161 8.52 -14.40 -88.75
N GLY C 162 9.27 -13.36 -88.35
CA GLY C 162 8.82 -12.00 -88.54
C GLY C 162 9.64 -11.21 -89.52
N ARG C 163 10.69 -10.57 -89.01
CA ARG C 163 11.48 -9.64 -89.81
C ARG C 163 12.48 -10.38 -90.70
N CYS C 164 12.96 -11.56 -90.27
CA CYS C 164 13.85 -12.35 -91.11
C CYS C 164 13.17 -12.73 -92.41
N VAL C 165 11.97 -13.30 -92.33
CA VAL C 165 11.29 -13.80 -93.52
C VAL C 165 10.82 -12.65 -94.39
N ASP C 166 10.26 -11.60 -93.77
CA ASP C 166 9.83 -10.44 -94.54
C ASP C 166 11.00 -9.74 -95.21
N GLY C 167 12.21 -9.84 -94.63
CA GLY C 167 13.38 -9.36 -95.33
C GLY C 167 13.72 -10.22 -96.53
N LEU C 168 13.83 -11.53 -96.31
CA LEU C 168 14.10 -12.45 -97.41
C LEU C 168 13.06 -12.31 -98.51
N ARG C 169 11.79 -12.11 -98.12
CA ARG C 169 10.75 -11.85 -99.11
C ARG C 169 11.06 -10.54 -99.83
N ARG C 170 11.31 -9.49 -99.06
CA ARG C 170 11.59 -8.18 -99.65
C ARG C 170 12.84 -8.22 -100.51
N TYR C 171 13.80 -9.08 -100.17
CA TYR C 171 15.02 -9.18 -100.96
C TYR C 171 14.79 -9.93 -102.27
N LEU C 172 14.11 -11.07 -102.19
CA LEU C 172 13.89 -11.89 -103.38
C LEU C 172 13.15 -11.15 -104.49
N GLU C 173 12.42 -10.09 -104.17
CA GLU C 173 11.77 -9.27 -105.20
C GLU C 173 12.61 -8.07 -105.59
N ASN C 174 13.33 -7.46 -104.65
CA ASN C 174 14.15 -6.31 -104.99
C ASN C 174 15.26 -6.71 -105.95
N GLY C 175 15.93 -7.83 -105.67
CA GLY C 175 16.89 -8.39 -106.59
C GLY C 175 16.34 -9.62 -107.30
N LYS C 176 15.11 -9.52 -107.81
CA LYS C 176 14.49 -10.67 -108.45
C LYS C 176 15.32 -11.19 -109.63
N GLU C 177 16.02 -10.29 -110.33
CA GLU C 177 16.81 -10.72 -111.48
C GLU C 177 18.00 -11.56 -111.05
N THR C 178 18.76 -11.08 -110.08
CA THR C 178 19.98 -11.79 -109.67
C THR C 178 19.65 -13.06 -108.90
N LEU C 179 18.62 -13.03 -108.08
CA LEU C 179 18.46 -14.04 -107.03
C LEU C 179 17.76 -15.30 -107.49
N GLN C 180 16.85 -15.21 -108.47
CA GLN C 180 16.11 -16.38 -108.93
C GLN C 180 16.71 -17.02 -110.17
N ARG C 181 17.91 -16.61 -110.57
CA ARG C 181 18.58 -17.26 -111.69
C ARG C 181 18.97 -18.70 -111.31
N THR C 182 19.15 -19.52 -112.33
CA THR C 182 19.85 -20.78 -112.21
C THR C 182 20.80 -20.90 -113.38
N ASP C 183 21.95 -21.51 -113.14
CA ASP C 183 23.02 -21.57 -114.13
C ASP C 183 23.47 -23.01 -114.21
N PRO C 184 23.13 -23.72 -115.28
CA PRO C 184 23.48 -25.13 -115.38
C PRO C 184 24.98 -25.31 -115.44
N PRO C 185 25.51 -26.37 -114.82
CA PRO C 185 26.96 -26.57 -114.81
C PRO C 185 27.48 -26.87 -116.20
N LYS C 186 28.56 -26.20 -116.58
CA LYS C 186 29.25 -26.43 -117.84
C LYS C 186 30.34 -27.47 -117.63
N THR C 187 30.18 -28.63 -118.26
CA THR C 187 30.96 -29.83 -117.94
C THR C 187 31.99 -30.12 -119.01
N HIS C 188 32.98 -30.93 -118.64
CA HIS C 188 33.99 -31.49 -119.54
C HIS C 188 34.78 -32.52 -118.78
N MET C 189 35.41 -33.45 -119.51
CA MET C 189 36.11 -34.57 -118.90
C MET C 189 37.59 -34.53 -119.25
N THR C 190 38.41 -35.09 -118.35
CA THR C 190 39.86 -35.00 -118.41
C THR C 190 40.49 -36.39 -118.26
N HIS C 191 41.53 -36.65 -119.06
CA HIS C 191 42.24 -37.93 -119.05
C HIS C 191 43.73 -37.68 -118.82
N HIS C 192 44.23 -38.13 -117.67
CA HIS C 192 45.65 -38.01 -117.34
C HIS C 192 46.24 -39.40 -117.07
N PRO C 193 47.01 -39.96 -118.02
CA PRO C 193 47.67 -41.25 -117.75
C PRO C 193 48.74 -41.09 -116.68
N ILE C 194 48.73 -42.00 -115.71
CA ILE C 194 49.68 -41.97 -114.60
C ILE C 194 50.80 -42.98 -114.77
N SER C 195 50.46 -44.24 -115.01
CA SER C 195 51.43 -45.30 -115.25
C SER C 195 51.24 -45.85 -116.67
N ASP C 196 51.99 -46.89 -116.98
CA ASP C 196 51.79 -47.58 -118.25
C ASP C 196 50.53 -48.44 -118.26
N HIS C 197 49.80 -48.50 -117.13
CA HIS C 197 48.65 -49.36 -117.03
C HIS C 197 47.39 -48.68 -116.51
N GLU C 198 47.49 -47.52 -115.86
CA GLU C 198 46.32 -46.83 -115.34
C GLU C 198 46.33 -45.38 -115.79
N ALA C 199 45.17 -44.75 -115.67
CA ALA C 199 45.02 -43.33 -115.93
C ALA C 199 44.10 -42.74 -114.86
N THR C 200 43.75 -41.47 -115.02
CA THR C 200 42.81 -40.79 -114.14
C THR C 200 41.81 -40.03 -114.99
N LEU C 201 40.54 -40.36 -114.85
CA LEU C 201 39.46 -39.65 -115.52
C LEU C 201 38.90 -38.61 -114.56
N ARG C 202 39.19 -37.33 -114.83
CA ARG C 202 38.67 -36.26 -114.00
C ARG C 202 37.47 -35.61 -114.68
N CYS C 203 36.42 -35.35 -113.89
CA CYS C 203 35.15 -34.86 -114.38
C CYS C 203 34.90 -33.47 -113.82
N TRP C 204 35.04 -32.44 -114.67
CA TRP C 204 34.91 -31.05 -114.27
C TRP C 204 33.47 -30.55 -114.44
N ALA C 205 33.10 -29.59 -113.61
CA ALA C 205 31.81 -28.90 -113.77
C ALA C 205 32.00 -27.48 -113.23
N LEU C 206 32.19 -26.54 -114.16
CA LEU C 206 32.43 -25.14 -113.83
C LEU C 206 31.19 -24.30 -114.12
N GLY C 207 31.19 -23.08 -113.56
CA GLY C 207 30.18 -22.07 -113.82
C GLY C 207 28.75 -22.50 -113.59
N PHE C 208 28.36 -22.68 -112.33
CA PHE C 208 26.98 -23.01 -111.99
C PHE C 208 26.52 -22.24 -110.76
N TYR C 209 25.22 -22.03 -110.66
CA TYR C 209 24.59 -21.38 -109.52
C TYR C 209 23.16 -21.86 -109.44
N PRO C 210 22.65 -22.20 -108.25
CA PRO C 210 23.31 -22.18 -106.93
C PRO C 210 24.37 -23.26 -106.79
N ALA C 211 25.04 -23.30 -105.62
CA ALA C 211 26.20 -24.15 -105.39
C ALA C 211 25.88 -25.63 -105.22
N GLU C 212 24.62 -26.01 -105.05
CA GLU C 212 24.30 -27.42 -104.93
C GLU C 212 24.65 -28.16 -106.22
N ILE C 213 25.44 -29.21 -106.08
CA ILE C 213 25.91 -29.98 -107.22
C ILE C 213 26.25 -31.37 -106.72
N THR C 214 26.00 -32.37 -107.56
CA THR C 214 26.22 -33.76 -107.18
C THR C 214 26.96 -34.45 -108.32
N LEU C 215 28.23 -34.79 -108.05
CA LEU C 215 29.06 -35.52 -109.00
C LEU C 215 29.14 -36.97 -108.55
N THR C 216 28.98 -37.89 -109.50
CA THR C 216 28.99 -39.32 -109.20
C THR C 216 29.70 -40.06 -110.32
N TRP C 217 30.77 -40.76 -109.98
CA TRP C 217 31.43 -41.67 -110.92
C TRP C 217 30.78 -43.04 -110.79
N GLN C 218 30.63 -43.71 -111.92
CA GLN C 218 29.97 -45.00 -111.94
C GLN C 218 30.65 -45.90 -112.96
N ARG C 219 31.02 -47.10 -112.53
CA ARG C 219 31.55 -48.12 -113.43
C ARG C 219 30.40 -49.00 -113.87
N ASP C 220 30.05 -48.94 -115.16
CA ASP C 220 29.00 -49.77 -115.74
C ASP C 220 27.67 -49.55 -115.03
N GLY C 221 27.43 -48.32 -114.55
CA GLY C 221 26.26 -48.00 -113.79
C GLY C 221 26.33 -48.35 -112.32
N GLU C 222 27.50 -48.75 -111.82
CA GLU C 222 27.68 -49.09 -110.42
C GLU C 222 28.46 -48.00 -109.71
N ASP C 223 27.95 -47.59 -108.54
CA ASP C 223 28.55 -46.51 -107.78
C ASP C 223 30.01 -46.82 -107.47
N GLN C 224 30.86 -45.80 -107.57
CA GLN C 224 32.31 -45.98 -107.41
C GLN C 224 32.77 -44.96 -106.35
N THR C 225 32.58 -45.31 -105.09
CA THR C 225 33.05 -44.49 -103.98
C THR C 225 34.46 -44.87 -103.53
N GLN C 226 35.14 -45.70 -104.31
CA GLN C 226 36.43 -46.27 -103.93
C GLN C 226 37.59 -45.40 -104.39
N ASP C 227 38.12 -45.68 -105.59
CA ASP C 227 39.21 -44.91 -106.17
C ASP C 227 38.75 -43.55 -106.73
N THR C 228 37.78 -42.93 -106.06
CA THR C 228 37.19 -41.67 -106.47
C THR C 228 37.72 -40.55 -105.59
N GLU C 229 37.92 -39.38 -106.19
CA GLU C 229 38.35 -38.20 -105.47
C GLU C 229 37.45 -37.03 -105.82
N LEU C 230 37.06 -36.28 -104.80
CA LEU C 230 36.07 -35.22 -104.95
C LEU C 230 36.56 -34.02 -104.16
N VAL C 231 37.01 -32.98 -104.85
CA VAL C 231 37.37 -31.74 -104.16
C VAL C 231 36.11 -31.00 -103.77
N GLU C 232 36.17 -30.30 -102.65
CA GLU C 232 35.02 -29.52 -102.24
C GLU C 232 34.82 -28.36 -103.19
N THR C 233 33.55 -27.94 -103.33
CA THR C 233 33.18 -26.94 -104.31
C THR C 233 33.86 -25.60 -104.03
N ARG C 234 34.51 -25.03 -105.06
CA ARG C 234 35.26 -23.77 -105.04
C ARG C 234 34.45 -22.66 -105.67
N PRO C 235 34.54 -21.45 -105.11
CA PRO C 235 33.90 -20.31 -105.76
C PRO C 235 34.80 -19.74 -106.84
N ALA C 236 34.22 -19.49 -108.03
CA ALA C 236 35.00 -18.95 -109.13
C ALA C 236 35.30 -17.47 -108.95
N GLY C 237 34.70 -16.84 -107.95
CA GLY C 237 34.90 -15.44 -107.70
C GLY C 237 33.96 -14.51 -108.42
N ASP C 238 33.04 -15.04 -109.21
CA ASP C 238 32.10 -14.23 -109.98
C ASP C 238 30.68 -14.66 -109.70
N GLY C 239 30.43 -15.18 -108.50
CA GLY C 239 29.12 -15.66 -108.13
C GLY C 239 28.80 -17.06 -108.59
N THR C 240 29.70 -17.72 -109.31
CA THR C 240 29.50 -19.09 -109.76
C THR C 240 30.54 -20.01 -109.13
N PHE C 241 30.34 -21.32 -109.28
CA PHE C 241 31.15 -22.31 -108.58
C PHE C 241 31.65 -23.38 -109.54
N GLN C 242 32.68 -24.09 -109.08
CA GLN C 242 33.34 -25.17 -109.80
C GLN C 242 33.53 -26.36 -108.88
N LYS C 243 33.57 -27.56 -109.45
CA LYS C 243 33.83 -28.76 -108.67
C LYS C 243 34.23 -29.88 -109.63
N TRP C 244 35.27 -30.64 -109.27
CA TRP C 244 35.69 -31.74 -110.12
C TRP C 244 35.83 -33.02 -109.31
N ALA C 245 35.45 -34.14 -109.92
CA ALA C 245 35.56 -35.46 -109.32
C ALA C 245 36.31 -36.36 -110.29
N ALA C 246 37.42 -36.94 -109.83
CA ALA C 246 38.23 -37.83 -110.64
C ALA C 246 38.13 -39.26 -110.13
N VAL C 247 38.52 -40.19 -110.98
CA VAL C 247 38.57 -41.61 -110.63
C VAL C 247 39.76 -42.22 -111.36
N VAL C 248 40.43 -43.15 -110.71
CA VAL C 248 41.57 -43.83 -111.33
C VAL C 248 41.05 -45.00 -112.14
N VAL C 249 41.54 -45.12 -113.38
CA VAL C 249 41.04 -46.12 -114.32
C VAL C 249 42.22 -46.93 -114.83
N PRO C 250 42.12 -48.25 -114.90
CA PRO C 250 43.16 -49.02 -115.59
C PRO C 250 43.03 -48.81 -117.09
N SER C 251 44.17 -48.59 -117.75
CA SER C 251 44.18 -48.22 -119.16
C SER C 251 43.33 -49.16 -119.99
N GLY C 252 42.63 -48.60 -120.97
CA GLY C 252 41.76 -49.39 -121.82
C GLY C 252 40.40 -49.69 -121.25
N GLU C 253 39.97 -48.98 -120.20
CA GLU C 253 38.67 -49.20 -119.59
C GLU C 253 37.88 -47.91 -119.40
N GLU C 254 38.29 -46.83 -120.05
CA GLU C 254 37.64 -45.54 -119.82
C GLU C 254 36.19 -45.53 -120.31
N GLN C 255 35.90 -46.24 -121.41
CA GLN C 255 34.54 -46.32 -121.94
C GLN C 255 33.60 -47.14 -121.07
N ARG C 256 34.06 -47.58 -119.90
CA ARG C 256 33.21 -48.24 -118.92
C ARG C 256 32.78 -47.32 -117.80
N TYR C 257 33.47 -46.19 -117.60
CA TYR C 257 33.21 -45.27 -116.50
C TYR C 257 32.31 -44.12 -116.96
N THR C 258 31.31 -43.80 -116.13
CA THR C 258 30.34 -42.75 -116.44
C THR C 258 30.28 -41.75 -115.28
N CYS C 259 30.37 -40.46 -115.60
CA CYS C 259 30.25 -39.38 -114.64
C CYS C 259 28.86 -38.77 -114.71
N HIS C 260 28.22 -38.58 -113.55
CA HIS C 260 26.85 -38.09 -113.48
C HIS C 260 26.77 -36.81 -112.66
N VAL C 261 26.05 -35.82 -113.21
CA VAL C 261 25.93 -34.48 -112.64
C VAL C 261 24.45 -34.17 -112.44
N GLN C 262 24.09 -33.73 -111.23
CA GLN C 262 22.72 -33.35 -110.89
C GLN C 262 22.74 -31.90 -110.40
N HIS C 263 21.91 -31.05 -111.01
CA HIS C 263 21.85 -29.64 -110.61
C HIS C 263 20.41 -29.15 -110.68
N GLU C 264 20.15 -28.09 -109.91
CA GLU C 264 18.81 -27.50 -109.90
C GLU C 264 18.47 -26.85 -111.23
N GLY C 265 19.37 -26.00 -111.74
CA GLY C 265 19.26 -25.35 -113.03
C GLY C 265 19.59 -26.21 -114.22
N LEU C 266 19.71 -27.50 -114.00
CA LEU C 266 19.98 -28.47 -115.04
C LEU C 266 18.72 -29.29 -115.24
N PRO C 267 18.22 -29.43 -116.48
CA PRO C 267 16.90 -30.06 -116.68
C PRO C 267 16.86 -31.51 -116.26
N LYS C 268 17.67 -32.34 -116.91
CA LYS C 268 17.84 -33.75 -116.60
C LYS C 268 19.30 -34.00 -116.22
N PRO C 269 19.58 -34.96 -115.34
CA PRO C 269 20.97 -35.21 -114.93
C PRO C 269 21.86 -35.53 -116.13
N LEU C 270 23.12 -35.14 -116.02
CA LEU C 270 24.09 -35.32 -117.09
C LEU C 270 24.72 -36.69 -117.03
N THR C 271 25.35 -37.07 -118.14
CA THR C 271 26.16 -38.27 -118.24
C THR C 271 27.35 -37.99 -119.14
N LEU C 272 28.56 -38.26 -118.66
CA LEU C 272 29.78 -37.97 -119.40
C LEU C 272 30.61 -39.23 -119.55
N ARG C 273 31.22 -39.39 -120.71
CA ARG C 273 32.00 -40.58 -121.01
C ARG C 273 33.12 -40.21 -121.98
N TRP C 274 34.16 -41.04 -122.00
CA TRP C 274 35.29 -40.80 -122.88
C TRP C 274 35.05 -41.40 -124.27
N VAL D 1 17.84 -8.71 -93.01
CA VAL D 1 17.63 -7.91 -91.82
C VAL D 1 18.09 -8.68 -90.59
N THR D 2 19.09 -8.14 -89.88
CA THR D 2 19.61 -8.77 -88.67
C THR D 2 18.71 -8.51 -87.47
N GLU D 3 18.86 -9.35 -86.46
CA GLU D 3 18.00 -9.30 -85.29
C GLU D 3 18.32 -8.05 -84.47
N HIS D 4 17.28 -7.36 -83.97
CA HIS D 4 17.54 -6.08 -83.30
C HIS D 4 18.42 -6.25 -82.07
N ASP D 5 18.13 -7.26 -81.24
CA ASP D 5 18.90 -7.44 -80.02
C ASP D 5 19.49 -8.84 -79.95
N THR D 6 20.40 -9.03 -78.98
CA THR D 6 21.17 -10.25 -78.84
C THR D 6 21.19 -10.68 -77.39
N LEU D 7 21.58 -11.94 -77.19
CA LEU D 7 21.61 -12.60 -75.88
C LEU D 7 23.03 -12.89 -75.44
N LEU D 8 23.24 -12.84 -74.13
CA LEU D 8 24.52 -13.14 -73.50
C LEU D 8 24.54 -14.57 -72.98
N TYR D 9 25.74 -15.16 -72.91
CA TYR D 9 25.91 -16.54 -72.46
C TYR D 9 25.95 -16.66 -70.94
N ILE E 1 40.44 -26.64 -79.98
CA ILE E 1 40.91 -27.58 -80.99
C ILE E 1 41.14 -26.88 -82.32
N GLN E 2 42.09 -27.39 -83.11
CA GLN E 2 42.54 -26.71 -84.31
C GLN E 2 42.45 -27.63 -85.53
N ARG E 3 42.20 -27.03 -86.69
CA ARG E 3 42.13 -27.74 -87.96
C ARG E 3 43.03 -27.09 -88.99
N THR E 4 43.65 -27.92 -89.84
CA THR E 4 44.64 -27.44 -90.81
C THR E 4 43.99 -27.21 -92.18
N PRO E 5 44.40 -26.16 -92.89
CA PRO E 5 43.63 -25.72 -94.06
C PRO E 5 43.76 -26.63 -95.26
N LYS E 6 42.63 -26.83 -95.95
CA LYS E 6 42.64 -27.37 -97.30
C LYS E 6 42.84 -26.22 -98.28
N ILE E 7 43.68 -26.45 -99.29
CA ILE E 7 44.09 -25.40 -100.22
C ILE E 7 43.88 -25.86 -101.65
N GLN E 8 43.18 -25.05 -102.44
CA GLN E 8 43.04 -25.24 -103.87
C GLN E 8 43.50 -23.96 -104.57
N VAL E 9 44.32 -24.13 -105.61
CA VAL E 9 44.81 -23.02 -106.41
C VAL E 9 44.30 -23.22 -107.83
N TYR E 10 43.61 -22.22 -108.36
CA TYR E 10 42.95 -22.39 -109.64
C TYR E 10 42.68 -21.03 -110.28
N SER E 11 42.36 -21.06 -111.56
CA SER E 11 41.96 -19.87 -112.29
C SER E 11 40.44 -19.81 -112.37
N ARG E 12 39.93 -18.58 -112.47
CA ARG E 12 38.49 -18.39 -112.51
C ARG E 12 37.88 -18.99 -113.77
N HIS E 13 38.48 -18.72 -114.93
CA HIS E 13 38.04 -19.29 -116.19
C HIS E 13 39.08 -20.27 -116.71
N PRO E 14 38.67 -21.21 -117.61
CA PRO E 14 39.65 -22.11 -118.23
C PRO E 14 40.82 -21.33 -118.79
N ALA E 15 42.03 -21.65 -118.34
CA ALA E 15 43.17 -20.79 -118.64
C ALA E 15 43.56 -20.86 -120.11
N GLU E 16 43.85 -19.70 -120.68
CA GLU E 16 44.39 -19.57 -122.02
C GLU E 16 45.44 -18.48 -122.02
N ASN E 17 46.60 -18.76 -122.61
CA ASN E 17 47.71 -17.82 -122.54
C ASN E 17 47.40 -16.53 -123.28
N GLY E 18 47.65 -15.40 -122.61
CA GLY E 18 47.48 -14.10 -123.22
C GLY E 18 46.14 -13.42 -122.98
N LYS E 19 45.18 -14.09 -122.37
CA LYS E 19 43.89 -13.50 -122.07
C LYS E 19 43.75 -13.25 -120.57
N SER E 20 43.24 -12.07 -120.21
CA SER E 20 43.10 -11.69 -118.81
C SER E 20 42.15 -12.64 -118.08
N ASN E 21 42.68 -13.34 -117.10
CA ASN E 21 41.93 -14.23 -116.21
C ASN E 21 42.13 -13.77 -114.76
N PHE E 22 41.74 -14.63 -113.81
CA PHE E 22 41.86 -14.31 -112.39
C PHE E 22 42.36 -15.54 -111.66
N LEU E 23 43.36 -15.36 -110.81
CA LEU E 23 43.99 -16.47 -110.09
C LEU E 23 43.39 -16.56 -108.70
N ASN E 24 42.75 -17.69 -108.41
CA ASN E 24 42.05 -17.91 -107.15
C ASN E 24 42.80 -18.91 -106.29
N CYS E 25 42.97 -18.57 -105.01
CA CYS E 25 43.41 -19.52 -104.00
C CYS E 25 42.33 -19.58 -102.92
N TYR E 26 41.76 -20.77 -102.73
CA TYR E 26 40.61 -20.96 -101.84
C TYR E 26 41.05 -21.83 -100.67
N VAL E 27 41.29 -21.19 -99.53
CA VAL E 27 41.68 -21.87 -98.30
C VAL E 27 40.43 -22.07 -97.46
N SER E 28 40.23 -23.31 -96.99
CA SER E 28 39.01 -23.68 -96.30
C SER E 28 39.31 -24.76 -95.27
N GLY E 29 38.34 -25.02 -94.41
CA GLY E 29 38.46 -26.10 -93.44
C GLY E 29 39.50 -25.89 -92.38
N PHE E 30 39.85 -24.63 -92.08
CA PHE E 30 40.89 -24.31 -91.11
C PHE E 30 40.29 -23.65 -89.87
N HIS E 31 41.06 -23.71 -88.77
CA HIS E 31 40.63 -23.15 -87.50
C HIS E 31 41.84 -23.05 -86.58
N PRO E 32 42.00 -21.94 -85.84
CA PRO E 32 41.15 -20.75 -85.78
C PRO E 32 41.28 -19.85 -87.00
N SER E 33 40.76 -18.63 -86.93
CA SER E 33 40.53 -17.83 -88.14
C SER E 33 41.83 -17.24 -88.68
N ASP E 34 42.83 -17.03 -87.82
CA ASP E 34 44.08 -16.42 -88.22
C ASP E 34 44.76 -17.24 -89.31
N ILE E 35 44.86 -16.71 -90.52
CA ILE E 35 45.52 -17.42 -91.61
C ILE E 35 46.31 -16.41 -92.44
N GLU E 36 47.42 -16.89 -92.98
CA GLU E 36 48.32 -16.10 -93.82
C GLU E 36 48.29 -16.68 -95.22
N VAL E 37 48.01 -15.84 -96.22
CA VAL E 37 47.90 -16.30 -97.61
C VAL E 37 48.60 -15.32 -98.54
N ASP E 38 49.48 -15.84 -99.41
CA ASP E 38 50.10 -15.05 -100.47
C ASP E 38 49.99 -15.77 -101.80
N LEU E 39 49.99 -14.99 -102.88
CA LEU E 39 50.08 -15.50 -104.24
C LEU E 39 51.47 -15.22 -104.80
N LEU E 40 51.99 -16.15 -105.60
CA LEU E 40 53.38 -16.11 -106.04
C LEU E 40 53.45 -16.21 -107.56
N LYS E 41 53.95 -15.16 -108.20
CA LYS E 41 54.27 -15.18 -109.64
C LYS E 41 55.74 -15.55 -109.78
N ASN E 42 56.00 -16.84 -109.99
CA ASN E 42 57.35 -17.35 -110.14
C ASN E 42 58.19 -16.99 -108.91
N GLY E 43 57.68 -17.38 -107.75
CA GLY E 43 58.37 -17.19 -106.49
C GLY E 43 58.35 -15.79 -105.90
N GLU E 44 57.78 -14.80 -106.58
CA GLU E 44 57.68 -13.46 -106.02
C GLU E 44 56.27 -13.22 -105.46
N ARG E 45 56.19 -12.40 -104.43
CA ARG E 45 54.94 -12.18 -103.73
C ARG E 45 54.08 -11.20 -104.52
N ILE E 46 52.89 -11.64 -104.95
CA ILE E 46 52.00 -10.78 -105.72
C ILE E 46 51.33 -9.80 -104.77
N GLU E 47 51.46 -8.51 -105.06
CA GLU E 47 51.03 -7.51 -104.11
C GLU E 47 49.55 -7.14 -104.25
N LYS E 48 49.10 -6.92 -105.48
CA LYS E 48 47.74 -6.46 -105.76
C LYS E 48 46.75 -7.63 -105.63
N VAL E 49 46.61 -8.14 -104.41
CA VAL E 49 45.74 -9.29 -104.14
C VAL E 49 44.73 -8.91 -103.07
N GLU E 50 43.44 -9.16 -103.36
CA GLU E 50 42.38 -9.03 -102.38
C GLU E 50 41.85 -10.40 -101.99
N HIS E 51 40.99 -10.41 -100.98
CA HIS E 51 40.41 -11.64 -100.47
C HIS E 51 38.94 -11.43 -100.15
N SER E 52 38.25 -12.54 -99.90
CA SER E 52 36.84 -12.56 -99.55
C SER E 52 36.64 -12.17 -98.09
N ASP E 53 35.38 -12.18 -97.66
CA ASP E 53 35.04 -11.86 -96.28
C ASP E 53 34.91 -13.15 -95.48
N LEU E 54 35.34 -13.10 -94.23
CA LEU E 54 35.48 -14.31 -93.40
C LEU E 54 34.11 -14.90 -93.10
N SER E 55 33.78 -16.01 -93.78
CA SER E 55 32.63 -16.81 -93.45
C SER E 55 33.09 -18.21 -93.05
N PHE E 56 32.17 -19.04 -92.58
CA PHE E 56 32.51 -20.38 -92.16
C PHE E 56 31.41 -21.36 -92.60
N SER E 57 31.73 -22.65 -92.55
CA SER E 57 30.85 -23.70 -93.03
C SER E 57 30.09 -24.31 -91.85
N LYS E 58 29.46 -25.47 -92.09
CA LYS E 58 28.70 -26.12 -91.04
C LYS E 58 29.61 -26.62 -89.92
N ASP E 59 30.80 -27.11 -90.26
CA ASP E 59 31.73 -27.58 -89.24
C ASP E 59 32.50 -26.46 -88.58
N TRP E 60 32.02 -25.22 -88.74
CA TRP E 60 32.59 -24.01 -88.15
C TRP E 60 33.99 -23.70 -88.67
N SER E 61 34.45 -24.43 -89.67
CA SER E 61 35.76 -24.16 -90.23
C SER E 61 35.65 -23.00 -91.23
N PHE E 62 36.53 -22.02 -91.09
CA PHE E 62 36.43 -20.81 -91.89
C PHE E 62 36.87 -21.09 -93.33
N TYR E 63 36.59 -20.13 -94.21
CA TYR E 63 37.03 -20.25 -95.60
C TYR E 63 37.20 -18.87 -96.24
N LEU E 64 38.27 -18.74 -97.01
CA LEU E 64 38.60 -17.47 -97.66
C LEU E 64 39.00 -17.74 -99.10
N LEU E 65 38.84 -16.71 -99.94
CA LEU E 65 39.26 -16.76 -101.33
C LEU E 65 40.11 -15.55 -101.60
N TYR E 66 41.37 -15.78 -101.95
CA TYR E 66 42.29 -14.73 -102.35
C TYR E 66 42.41 -14.75 -103.88
N TYR E 67 42.24 -13.59 -104.51
CA TYR E 67 42.20 -13.52 -105.96
C TYR E 67 42.97 -12.31 -106.48
N THR E 68 43.46 -12.43 -107.71
CA THR E 68 44.16 -11.36 -108.42
C THR E 68 43.91 -11.52 -109.90
N GLU E 69 43.79 -10.40 -110.63
CA GLU E 69 43.83 -10.50 -112.08
C GLU E 69 45.23 -10.89 -112.51
N PHE E 70 45.31 -11.83 -113.45
CA PHE E 70 46.58 -12.25 -114.00
C PHE E 70 46.36 -12.75 -115.42
N THR E 71 47.38 -12.58 -116.25
CA THR E 71 47.34 -13.07 -117.61
C THR E 71 48.27 -14.27 -117.67
N PRO E 72 47.75 -15.50 -117.66
CA PRO E 72 48.63 -16.66 -117.59
C PRO E 72 49.44 -16.79 -118.86
N THR E 73 50.71 -17.09 -118.69
CA THR E 73 51.55 -17.43 -119.81
C THR E 73 51.88 -18.92 -119.72
N GLU E 74 52.83 -19.35 -120.57
CA GLU E 74 53.33 -20.71 -120.52
C GLU E 74 54.58 -20.83 -119.67
N LYS E 75 55.35 -19.74 -119.57
CA LYS E 75 56.54 -19.71 -118.74
C LYS E 75 56.23 -19.24 -117.32
N ASP E 76 55.32 -18.28 -117.17
CA ASP E 76 54.84 -17.89 -115.85
C ASP E 76 54.14 -19.06 -115.19
N GLU E 77 54.66 -19.48 -114.04
CA GLU E 77 54.05 -20.53 -113.23
C GLU E 77 53.69 -19.92 -111.87
N TYR E 78 52.42 -20.05 -111.50
CA TYR E 78 51.92 -19.38 -110.30
C TYR E 78 51.69 -20.39 -109.18
N ALA E 79 51.69 -19.87 -107.95
CA ALA E 79 51.52 -20.72 -106.77
C ALA E 79 50.96 -19.88 -105.63
N CYS E 80 50.52 -20.58 -104.58
CA CYS E 80 49.89 -19.96 -103.42
C CYS E 80 50.54 -20.51 -102.15
N ARG E 81 51.04 -19.60 -101.30
CA ARG E 81 51.67 -19.97 -100.04
C ARG E 81 50.76 -19.59 -98.87
N VAL E 82 50.60 -20.54 -97.95
CA VAL E 82 49.66 -20.42 -96.83
C VAL E 82 50.40 -20.83 -95.57
N ASN E 83 50.61 -19.87 -94.67
CA ASN E 83 51.14 -20.18 -93.36
C ASN E 83 50.00 -20.16 -92.35
N HIS E 84 50.06 -21.06 -91.38
CA HIS E 84 49.00 -21.21 -90.40
C HIS E 84 49.64 -21.68 -89.09
N VAL E 85 48.82 -21.70 -88.02
CA VAL E 85 49.29 -22.24 -86.75
C VAL E 85 49.47 -23.75 -86.83
N THR E 86 48.63 -24.45 -87.60
CA THR E 86 48.79 -25.88 -87.80
C THR E 86 49.90 -26.22 -88.77
N LEU E 87 50.50 -25.22 -89.39
CA LEU E 87 51.59 -25.42 -90.35
C LEU E 87 52.88 -24.89 -89.74
N SER E 88 53.83 -25.79 -89.49
CA SER E 88 55.13 -25.37 -88.98
C SER E 88 55.87 -24.54 -90.01
N GLN E 89 55.89 -24.99 -91.26
CA GLN E 89 56.42 -24.20 -92.35
C GLN E 89 55.33 -23.92 -93.38
N PRO E 90 55.30 -22.74 -93.98
CA PRO E 90 54.24 -22.42 -94.94
C PRO E 90 54.20 -23.41 -96.09
N LYS E 91 53.02 -23.98 -96.32
CA LYS E 91 52.77 -24.79 -97.51
C LYS E 91 52.76 -23.93 -98.77
N ILE E 92 53.17 -24.53 -99.88
CA ILE E 92 53.05 -23.92 -101.20
C ILE E 92 52.36 -24.93 -102.11
N VAL E 93 51.30 -24.48 -102.79
CA VAL E 93 50.58 -25.31 -103.75
C VAL E 93 50.69 -24.59 -105.08
N LYS E 94 51.35 -25.23 -106.05
CA LYS E 94 51.56 -24.60 -107.34
C LYS E 94 50.33 -24.78 -108.22
N TRP E 95 50.05 -23.76 -109.03
CA TRP E 95 48.86 -23.76 -109.86
C TRP E 95 49.04 -24.72 -111.03
N ASP E 96 48.20 -25.75 -111.08
CA ASP E 96 48.19 -26.67 -112.19
C ASP E 96 47.15 -26.21 -113.20
N ARG E 97 47.46 -26.42 -114.49
CA ARG E 97 46.53 -26.05 -115.55
C ARG E 97 45.27 -26.91 -115.55
N ASP E 98 45.29 -28.06 -114.88
CA ASP E 98 44.14 -28.97 -114.84
C ASP E 98 43.84 -29.44 -113.40
N MET E 99 43.88 -28.52 -112.45
CA MET E 99 43.45 -28.81 -111.08
C MET E 99 42.81 -27.59 -110.42
N SER F 2 -4.30 -0.91 -54.78
CA SER F 2 -5.60 -0.27 -55.01
C SER F 2 -6.27 0.03 -53.67
N VAL F 3 -6.12 -0.88 -52.71
CA VAL F 3 -6.72 -0.74 -51.39
C VAL F 3 -5.59 -0.46 -50.42
N SER F 4 -5.48 0.78 -49.97
CA SER F 4 -4.54 1.16 -48.91
C SER F 4 -5.36 1.82 -47.81
N THR F 5 -5.23 1.28 -46.60
CA THR F 5 -6.14 1.62 -45.51
C THR F 5 -5.38 2.28 -44.36
N GLN F 6 -5.88 3.45 -43.93
CA GLN F 6 -5.35 4.19 -42.81
C GLN F 6 -6.34 4.16 -41.65
N PRO F 7 -5.86 4.22 -40.41
CA PRO F 7 -6.76 4.40 -39.28
C PRO F 7 -7.47 5.74 -39.39
N PRO F 8 -8.68 5.85 -38.83
CA PRO F 8 -9.44 7.10 -39.01
C PRO F 8 -8.85 8.26 -38.25
N SER F 9 -8.44 8.04 -36.99
CA SER F 9 -7.83 9.08 -36.18
C SER F 9 -6.84 8.43 -35.23
N VAL F 10 -5.82 9.20 -34.85
CA VAL F 10 -4.81 8.77 -33.89
C VAL F 10 -4.64 9.87 -32.85
N SER F 11 -4.80 9.50 -31.58
CA SER F 11 -4.61 10.40 -30.46
C SER F 11 -3.33 10.04 -29.71
N VAL F 12 -2.52 11.05 -29.40
CA VAL F 12 -1.24 10.84 -28.73
C VAL F 12 -0.99 12.03 -27.80
N ALA F 13 -0.33 11.75 -26.68
CA ALA F 13 0.01 12.81 -25.73
C ALA F 13 1.11 13.70 -26.32
N PRO F 14 1.12 14.99 -25.97
CA PRO F 14 2.16 15.87 -26.52
C PRO F 14 3.54 15.37 -26.15
N GLY F 15 4.46 15.48 -27.09
CA GLY F 15 5.82 15.01 -26.87
C GLY F 15 6.01 13.51 -26.93
N GLN F 16 4.93 12.72 -26.99
CA GLN F 16 5.07 11.28 -27.13
C GLN F 16 5.50 10.97 -28.56
N THR F 17 5.42 9.70 -28.93
CA THR F 17 5.71 9.27 -30.30
C THR F 17 4.41 8.77 -30.90
N ALA F 18 3.93 9.46 -31.92
CA ALA F 18 2.75 9.03 -32.67
C ALA F 18 3.20 8.13 -33.82
N ARG F 19 2.27 7.29 -34.28
CA ARG F 19 2.61 6.33 -35.31
C ARG F 19 1.36 6.06 -36.14
N ILE F 20 1.39 6.44 -37.41
CA ILE F 20 0.27 6.26 -38.33
C ILE F 20 0.69 5.26 -39.40
N THR F 21 -0.11 4.21 -39.58
CA THR F 21 0.15 3.14 -40.52
C THR F 21 -0.70 3.27 -41.78
N CYS F 22 -0.23 2.64 -42.86
CA CYS F 22 -0.92 2.64 -44.16
C CYS F 22 -0.80 1.21 -44.70
N GLY F 23 -1.70 0.34 -44.25
CA GLY F 23 -1.62 -1.08 -44.60
C GLY F 23 -2.18 -1.39 -45.98
N GLY F 24 -1.53 -2.34 -46.65
CA GLY F 24 -1.92 -2.73 -48.00
C GLY F 24 -1.20 -3.97 -48.51
N ASN F 25 -1.84 -4.72 -49.39
CA ASN F 25 -1.28 -5.96 -49.92
C ASN F 25 -0.02 -5.67 -50.72
N ASN F 26 1.12 -6.18 -50.24
CA ASN F 26 2.41 -5.98 -50.90
C ASN F 26 2.70 -4.49 -51.08
N ILE F 27 2.31 -3.70 -50.09
CA ILE F 27 2.64 -2.28 -50.13
C ILE F 27 4.12 -2.07 -49.87
N GLY F 28 4.80 -3.04 -49.27
CA GLY F 28 6.24 -2.96 -49.07
C GLY F 28 7.01 -2.88 -50.37
N SER F 29 6.44 -3.37 -51.46
CA SER F 29 7.07 -3.27 -52.76
C SER F 29 6.62 -2.04 -53.54
N LYS F 30 5.73 -1.23 -52.98
CA LYS F 30 5.38 0.06 -53.57
C LYS F 30 6.10 1.20 -52.87
N SER F 31 6.18 2.33 -53.58
CA SER F 31 6.82 3.54 -53.06
C SER F 31 5.78 4.38 -52.34
N VAL F 32 5.88 4.44 -51.03
CA VAL F 32 4.90 5.15 -50.21
C VAL F 32 5.36 6.58 -49.99
N HIS F 33 4.41 7.51 -50.04
CA HIS F 33 4.64 8.91 -49.70
C HIS F 33 3.61 9.34 -48.68
N TRP F 34 3.85 10.48 -48.04
CA TRP F 34 2.93 10.96 -47.02
C TRP F 34 2.74 12.46 -47.17
N TYR F 35 1.49 12.91 -47.03
CA TYR F 35 1.16 14.32 -47.08
C TYR F 35 0.42 14.72 -45.81
N ARG F 36 0.73 15.90 -45.31
CA ARG F 36 0.07 16.46 -44.13
C ARG F 36 -0.79 17.65 -44.54
N GLN F 37 -2.06 17.62 -44.16
CA GLN F 37 -2.99 18.68 -44.52
C GLN F 37 -3.61 19.25 -43.25
N LYS F 38 -3.28 20.53 -42.94
CA LYS F 38 -3.93 21.26 -41.86
C LYS F 38 -5.19 21.93 -42.39
N PRO F 39 -6.17 22.20 -41.52
CA PRO F 39 -7.47 22.70 -42.00
C PRO F 39 -7.34 23.97 -42.83
N GLY F 40 -8.03 23.97 -43.97
CA GLY F 40 -8.10 25.14 -44.83
C GLY F 40 -6.94 25.34 -45.78
N GLN F 41 -5.89 24.53 -45.70
CA GLN F 41 -4.73 24.68 -46.57
C GLN F 41 -4.55 23.44 -47.43
N ALA F 42 -3.59 23.51 -48.34
CA ALA F 42 -3.24 22.41 -49.23
C ALA F 42 -2.35 21.38 -48.53
N PRO F 43 -2.28 20.17 -49.07
CA PRO F 43 -1.36 19.16 -48.53
C PRO F 43 0.10 19.58 -48.68
N VAL F 44 0.92 19.05 -47.76
CA VAL F 44 2.34 19.34 -47.68
C VAL F 44 3.10 18.03 -47.63
N LEU F 45 4.08 17.86 -48.52
CA LEU F 45 4.87 16.64 -48.52
C LEU F 45 5.73 16.58 -47.25
N VAL F 46 5.66 15.46 -46.54
CA VAL F 46 6.39 15.32 -45.28
C VAL F 46 7.34 14.13 -45.31
N VAL F 47 7.02 13.10 -46.08
CA VAL F 47 7.88 11.94 -46.26
C VAL F 47 7.61 11.36 -47.64
N TYR F 48 8.67 11.16 -48.42
CA TYR F 48 8.55 10.57 -49.75
C TYR F 48 9.49 9.38 -49.87
N ASP F 49 9.13 8.46 -50.76
CA ASP F 49 9.82 7.20 -50.95
C ASP F 49 10.08 6.51 -49.61
N ASN F 50 8.98 6.14 -48.95
CA ASN F 50 9.00 5.32 -47.75
C ASN F 50 9.59 6.03 -46.54
N ASN F 51 10.82 6.55 -46.63
CA ASN F 51 11.50 7.09 -45.44
C ASN F 51 12.12 8.47 -45.60
N ALA F 52 12.25 9.00 -46.83
CA ALA F 52 12.97 10.26 -47.04
C ALA F 52 12.15 11.46 -46.59
N ARG F 53 12.83 12.46 -45.98
CA ARG F 53 12.27 13.73 -45.53
C ARG F 53 12.69 14.86 -46.45
N PRO F 54 11.80 15.79 -46.76
CA PRO F 54 12.22 16.97 -47.51
C PRO F 54 13.15 17.87 -46.73
N SER F 55 13.50 19.01 -47.32
CA SER F 55 14.42 19.95 -46.67
C SER F 55 13.80 20.51 -45.40
N GLY F 56 12.62 21.12 -45.53
CA GLY F 56 12.02 21.84 -44.41
C GLY F 56 11.45 20.94 -43.34
N ILE F 57 11.24 19.66 -43.62
CA ILE F 57 10.57 18.78 -42.67
C ILE F 57 11.56 18.39 -41.58
N PRO F 58 11.17 18.51 -40.30
CA PRO F 58 12.11 18.17 -39.23
C PRO F 58 12.36 16.68 -39.13
N GLU F 59 13.54 16.34 -38.58
CA GLU F 59 14.00 14.95 -38.50
C GLU F 59 13.20 14.12 -37.51
N ARG F 60 12.33 14.75 -36.73
CA ARG F 60 11.43 14.01 -35.85
C ARG F 60 10.56 13.04 -36.63
N ILE F 61 10.11 13.46 -37.81
CA ILE F 61 9.26 12.65 -38.68
C ILE F 61 10.13 11.67 -39.46
N SER F 62 9.83 10.39 -39.33
CA SER F 62 10.54 9.36 -40.08
C SER F 62 9.53 8.46 -40.75
N GLY F 63 9.95 7.85 -41.87
CA GLY F 63 9.11 6.96 -42.63
C GLY F 63 9.51 5.51 -42.43
N SER F 64 8.69 4.63 -42.98
CA SER F 64 8.88 3.19 -42.86
C SER F 64 7.93 2.51 -43.82
N ASN F 65 8.39 1.39 -44.39
CA ASN F 65 7.56 0.60 -45.31
C ASN F 65 8.21 -0.76 -45.50
N PHE F 66 7.55 -1.79 -45.02
CA PHE F 66 8.07 -3.16 -45.06
C PHE F 66 6.92 -4.14 -45.06
N ALA F 67 7.10 -5.25 -45.79
CA ALA F 67 6.09 -6.30 -45.86
C ALA F 67 4.76 -5.78 -46.37
N ASN F 68 3.80 -5.59 -45.46
CA ASN F 68 2.44 -5.25 -45.84
C ASN F 68 1.91 -4.02 -45.10
N THR F 69 2.80 -3.17 -44.59
CA THR F 69 2.35 -2.01 -43.83
C THR F 69 3.44 -0.95 -43.87
N ALA F 70 3.13 0.20 -44.48
CA ALA F 70 3.96 1.39 -44.39
C ALA F 70 3.58 2.17 -43.13
N THR F 71 4.58 2.83 -42.54
CA THR F 71 4.41 3.47 -41.24
C THR F 71 5.04 4.86 -41.23
N LEU F 72 4.24 5.86 -40.85
CA LEU F 72 4.72 7.21 -40.59
C LEU F 72 4.94 7.37 -39.09
N THR F 73 6.13 7.82 -38.70
CA THR F 73 6.50 7.91 -37.29
C THR F 73 6.84 9.36 -36.96
N ILE F 74 6.16 9.91 -35.96
CA ILE F 74 6.39 11.28 -35.51
C ILE F 74 6.94 11.22 -34.09
N SER F 75 8.22 11.46 -33.93
CA SER F 75 8.86 11.49 -32.62
C SER F 75 8.76 12.90 -32.04
N ARG F 76 8.64 12.97 -30.71
CA ARG F 76 8.53 14.24 -29.99
C ARG F 76 7.44 15.13 -30.61
N VAL F 77 6.19 14.69 -30.41
CA VAL F 77 5.05 15.33 -31.05
C VAL F 77 4.89 16.76 -30.55
N GLU F 78 4.72 17.69 -31.50
CA GLU F 78 4.37 19.05 -31.17
C GLU F 78 2.88 19.26 -31.35
N ALA F 79 2.37 20.36 -30.78
CA ALA F 79 0.96 20.67 -30.88
C ALA F 79 0.56 21.00 -32.32
N GLY F 80 1.44 21.62 -33.08
CA GLY F 80 1.12 22.00 -34.44
C GLY F 80 1.01 20.85 -35.42
N ASP F 81 1.20 19.62 -34.96
CA ASP F 81 1.07 18.45 -35.82
C ASP F 81 -0.37 17.97 -35.95
N GLU F 82 -1.32 18.66 -35.31
CA GLU F 82 -2.71 18.29 -35.50
C GLU F 82 -3.06 18.59 -36.94
N ALA F 83 -3.34 17.55 -37.70
CA ALA F 83 -3.73 17.66 -39.10
C ALA F 83 -4.18 16.29 -39.56
N ASP F 84 -4.65 16.23 -40.80
CA ASP F 84 -4.93 14.98 -41.46
C ASP F 84 -3.70 14.54 -42.24
N TYR F 85 -3.48 13.22 -42.28
CA TYR F 85 -2.30 12.65 -42.92
C TYR F 85 -2.75 11.60 -43.94
N TYR F 86 -2.32 11.77 -45.18
CA TYR F 86 -2.65 10.88 -46.27
C TYR F 86 -1.40 10.19 -46.80
N CYS F 87 -1.46 8.87 -46.99
CA CYS F 87 -0.40 8.15 -47.68
C CYS F 87 -0.67 8.08 -49.19
N HIS F 88 0.41 7.84 -49.94
CA HIS F 88 0.42 7.96 -51.39
C HIS F 88 1.23 6.82 -51.96
N VAL F 89 0.60 5.99 -52.80
CA VAL F 89 1.31 4.96 -53.58
C VAL F 89 0.86 5.10 -55.02
N TRP F 90 1.55 4.35 -55.89
CA TRP F 90 1.14 4.24 -57.27
C TRP F 90 0.96 2.75 -57.56
N ASP F 91 -0.27 2.35 -57.82
CA ASP F 91 -0.55 0.95 -58.11
C ASP F 91 -0.12 0.70 -59.55
N SER F 92 1.02 0.02 -59.71
CA SER F 92 1.57 -0.18 -61.04
C SER F 92 0.56 -0.85 -61.97
N SER F 93 -0.11 -1.88 -61.47
CA SER F 93 -1.06 -2.66 -62.25
C SER F 93 -2.47 -2.10 -62.17
N SER F 94 -2.62 -0.81 -61.90
CA SER F 94 -3.95 -0.19 -61.82
C SER F 94 -4.05 1.13 -62.56
N ASP F 95 -2.93 1.77 -62.92
CA ASP F 95 -2.93 3.11 -63.51
C ASP F 95 -3.71 4.08 -62.65
N HIS F 96 -3.52 3.95 -61.33
CA HIS F 96 -4.26 4.74 -60.36
C HIS F 96 -3.32 5.16 -59.24
N VAL F 97 -3.29 6.45 -58.95
CA VAL F 97 -2.64 6.89 -57.73
C VAL F 97 -3.64 6.72 -56.60
N VAL F 98 -3.18 6.13 -55.50
CA VAL F 98 -4.05 5.63 -54.45
C VAL F 98 -3.73 6.40 -53.17
N PHE F 99 -4.64 7.28 -52.78
CA PHE F 99 -4.55 7.96 -51.50
C PHE F 99 -5.23 7.13 -50.43
N GLY F 100 -4.71 7.20 -49.22
CA GLY F 100 -5.33 6.55 -48.09
C GLY F 100 -6.57 7.30 -47.63
N GLY F 101 -7.29 6.66 -46.71
CA GLY F 101 -8.49 7.28 -46.17
C GLY F 101 -8.23 8.55 -45.39
N GLY F 102 -7.01 8.74 -44.91
CA GLY F 102 -6.67 9.91 -44.12
C GLY F 102 -6.70 9.59 -42.64
N THR F 103 -5.80 10.19 -41.87
CA THR F 103 -5.75 9.99 -40.43
C THR F 103 -5.68 11.34 -39.74
N LYS F 104 -6.67 11.63 -38.90
CA LYS F 104 -6.68 12.88 -38.14
C LYS F 104 -5.89 12.66 -36.86
N LEU F 105 -4.66 13.13 -36.84
CA LEU F 105 -3.83 13.06 -35.65
C LEU F 105 -4.27 14.18 -34.70
N THR F 106 -4.71 13.80 -33.50
CA THR F 106 -5.14 14.75 -32.48
C THR F 106 -4.12 14.73 -31.35
N VAL F 107 -3.56 15.88 -31.04
CA VAL F 107 -2.63 16.03 -29.92
C VAL F 107 -3.41 16.68 -28.78
N LEU F 108 -3.77 15.89 -27.77
CA LEU F 108 -4.79 16.30 -26.81
C LEU F 108 -4.27 17.33 -25.81
N GLY F 109 -5.06 18.38 -25.60
CA GLY F 109 -4.83 19.32 -24.52
C GLY F 109 -5.84 19.11 -23.41
N GLN F 110 -7.03 18.68 -23.80
CA GLN F 110 -8.06 18.22 -22.88
C GLN F 110 -7.85 16.75 -22.57
N PRO F 111 -8.58 16.22 -21.60
CA PRO F 111 -8.77 14.77 -21.52
C PRO F 111 -9.77 14.37 -22.61
N LYS F 112 -10.09 13.09 -22.66
CA LYS F 112 -10.96 12.55 -23.70
C LYS F 112 -12.38 12.38 -23.16
N ALA F 113 -13.36 12.90 -23.90
CA ALA F 113 -14.76 12.86 -23.47
C ALA F 113 -15.59 12.11 -24.49
N ALA F 114 -16.40 11.16 -24.01
CA ALA F 114 -17.36 10.45 -24.84
C ALA F 114 -18.52 11.38 -25.21
N PRO F 115 -19.20 11.11 -26.31
CA PRO F 115 -20.19 12.07 -26.79
C PRO F 115 -21.53 12.00 -26.04
N SER F 116 -22.16 13.17 -25.95
CA SER F 116 -23.53 13.29 -25.44
C SER F 116 -24.51 13.25 -26.60
N VAL F 117 -25.42 12.27 -26.58
CA VAL F 117 -26.39 12.05 -27.65
C VAL F 117 -27.76 12.54 -27.18
N THR F 118 -28.36 13.44 -27.97
CA THR F 118 -29.71 13.93 -27.72
C THR F 118 -30.52 13.71 -28.98
N LEU F 119 -31.54 12.85 -28.90
CA LEU F 119 -32.34 12.43 -30.05
C LEU F 119 -33.76 12.98 -29.96
N PHE F 120 -34.24 13.56 -31.07
CA PHE F 120 -35.57 14.14 -31.19
C PHE F 120 -36.45 13.32 -32.13
N PRO F 121 -37.69 13.01 -31.74
CA PRO F 121 -38.63 12.37 -32.67
C PRO F 121 -39.22 13.39 -33.63
N PRO F 122 -39.87 12.94 -34.71
CA PRO F 122 -40.47 13.92 -35.65
C PRO F 122 -41.55 14.74 -34.97
N SER F 123 -41.50 16.06 -35.20
CA SER F 123 -42.46 16.97 -34.58
C SER F 123 -43.85 16.77 -35.18
N SER F 124 -44.87 17.13 -34.39
CA SER F 124 -46.24 17.05 -34.87
C SER F 124 -46.48 17.93 -36.10
N GLU F 125 -45.84 19.11 -36.15
CA GLU F 125 -45.99 19.98 -37.33
C GLU F 125 -45.41 19.33 -38.57
N GLU F 126 -44.26 18.67 -38.45
CA GLU F 126 -43.66 18.04 -39.61
C GLU F 126 -44.45 16.81 -40.05
N LEU F 127 -45.03 16.08 -39.09
CA LEU F 127 -45.87 14.95 -39.44
C LEU F 127 -47.09 15.39 -40.25
N GLN F 128 -47.69 16.53 -39.87
CA GLN F 128 -48.77 17.07 -40.69
C GLN F 128 -48.28 17.73 -41.97
N ALA F 129 -46.97 17.81 -42.18
CA ALA F 129 -46.43 18.20 -43.49
C ALA F 129 -46.08 17.00 -44.34
N ASN F 130 -46.51 15.81 -43.91
CA ASN F 130 -46.29 14.54 -44.61
C ASN F 130 -44.80 14.16 -44.66
N LYS F 131 -44.03 14.58 -43.66
CA LYS F 131 -42.64 14.16 -43.54
C LYS F 131 -42.34 13.83 -42.08
N ALA F 132 -41.26 13.09 -41.88
CA ALA F 132 -40.78 12.72 -40.55
C ALA F 132 -39.27 12.70 -40.58
N THR F 133 -38.64 13.39 -39.62
CA THR F 133 -37.19 13.54 -39.59
C THR F 133 -36.71 13.40 -38.16
N LEU F 134 -35.87 12.39 -37.92
CA LEU F 134 -35.28 12.12 -36.61
C LEU F 134 -34.00 12.93 -36.47
N VAL F 135 -33.92 13.73 -35.41
CA VAL F 135 -32.81 14.65 -35.18
C VAL F 135 -31.93 14.07 -34.08
N CYS F 136 -30.72 13.61 -34.45
CA CYS F 136 -29.73 13.11 -33.50
C CYS F 136 -28.62 14.15 -33.32
N LEU F 137 -28.49 14.66 -32.10
CA LEU F 137 -27.52 15.71 -31.77
C LEU F 137 -26.40 15.11 -30.95
N ILE F 138 -25.17 15.28 -31.42
CA ILE F 138 -23.98 14.71 -30.77
C ILE F 138 -23.07 15.86 -30.38
N SER F 139 -22.72 15.93 -29.10
CA SER F 139 -21.98 17.09 -28.61
C SER F 139 -21.02 16.69 -27.50
N ASP F 140 -19.97 17.51 -27.34
CA ASP F 140 -19.06 17.46 -26.19
C ASP F 140 -18.22 16.18 -26.17
N PHE F 141 -17.62 15.85 -27.31
CA PHE F 141 -16.70 14.74 -27.37
C PHE F 141 -15.31 15.20 -27.81
N TYR F 142 -14.30 14.40 -27.48
CA TYR F 142 -12.90 14.70 -27.79
C TYR F 142 -12.09 13.41 -27.71
N PRO F 143 -11.30 13.08 -28.73
CA PRO F 143 -11.05 13.84 -29.98
C PRO F 143 -12.28 13.90 -30.89
N GLY F 144 -12.26 14.72 -31.94
CA GLY F 144 -13.41 14.85 -32.82
C GLY F 144 -13.52 13.78 -33.87
N ALA F 145 -13.89 12.57 -33.46
CA ALA F 145 -14.01 11.45 -34.39
C ALA F 145 -15.10 10.54 -33.86
N VAL F 146 -16.24 10.53 -34.57
CA VAL F 146 -17.39 9.71 -34.21
C VAL F 146 -17.95 9.07 -35.47
N THR F 147 -18.67 7.97 -35.28
CA THR F 147 -19.36 7.26 -36.34
C THR F 147 -20.79 7.01 -35.91
N VAL F 148 -21.74 7.27 -36.80
CA VAL F 148 -23.16 7.24 -36.47
C VAL F 148 -23.81 6.10 -37.25
N ALA F 149 -24.58 5.28 -36.55
CA ALA F 149 -25.39 4.23 -37.15
C ALA F 149 -26.82 4.37 -36.65
N TRP F 150 -27.78 4.14 -37.53
CA TRP F 150 -29.19 4.21 -37.19
C TRP F 150 -29.79 2.82 -37.18
N LYS F 151 -30.55 2.50 -36.14
CA LYS F 151 -31.16 1.19 -35.96
C LYS F 151 -32.68 1.36 -35.82
N ALA F 152 -33.41 0.82 -36.78
CA ALA F 152 -34.87 0.77 -36.72
C ALA F 152 -35.28 -0.67 -36.37
N ASP F 153 -35.57 -0.91 -35.09
CA ASP F 153 -35.94 -2.24 -34.59
C ASP F 153 -34.83 -3.26 -34.82
N SER F 154 -33.66 -2.99 -34.22
CA SER F 154 -32.51 -3.89 -34.29
C SER F 154 -32.05 -4.16 -35.71
N SER F 155 -32.42 -3.31 -36.66
CA SER F 155 -32.03 -3.48 -38.04
C SER F 155 -31.32 -2.23 -38.55
N PRO F 156 -30.25 -2.38 -39.32
CA PRO F 156 -29.50 -1.21 -39.78
C PRO F 156 -30.32 -0.36 -40.75
N VAL F 157 -29.97 0.92 -40.82
CA VAL F 157 -30.61 1.87 -41.73
C VAL F 157 -29.51 2.47 -42.60
N LYS F 158 -29.65 2.32 -43.92
CA LYS F 158 -28.62 2.80 -44.84
C LYS F 158 -28.97 4.19 -45.38
N ALA F 159 -29.80 4.23 -46.42
CA ALA F 159 -30.11 5.51 -47.05
C ALA F 159 -31.06 6.31 -46.17
N GLY F 160 -31.28 7.57 -46.55
CA GLY F 160 -32.06 8.49 -45.73
C GLY F 160 -31.31 9.06 -44.55
N VAL F 161 -30.04 8.72 -44.37
CA VAL F 161 -29.23 9.16 -43.24
C VAL F 161 -28.27 10.24 -43.72
N GLU F 162 -28.23 11.36 -42.99
CA GLU F 162 -27.24 12.40 -43.20
C GLU F 162 -26.56 12.70 -41.88
N THR F 163 -25.26 12.99 -41.94
CA THR F 163 -24.47 13.25 -40.74
C THR F 163 -23.48 14.37 -41.01
N THR F 164 -23.36 15.30 -40.06
CA THR F 164 -22.45 16.43 -40.20
C THR F 164 -21.01 16.00 -39.96
N THR F 165 -20.09 16.87 -40.36
CA THR F 165 -18.69 16.78 -40.00
C THR F 165 -18.46 17.37 -38.62
N PRO F 166 -17.66 16.72 -37.78
CA PRO F 166 -17.38 17.29 -36.45
C PRO F 166 -16.80 18.68 -36.57
N SER F 167 -17.08 19.51 -35.57
CA SER F 167 -16.56 20.87 -35.54
C SER F 167 -16.29 21.26 -34.10
N LYS F 168 -15.37 22.20 -33.91
CA LYS F 168 -15.02 22.61 -32.56
C LYS F 168 -16.16 23.41 -31.93
N GLN F 169 -16.43 23.11 -30.66
CA GLN F 169 -17.38 23.88 -29.87
C GLN F 169 -16.66 25.10 -29.29
N SER F 170 -17.30 25.77 -28.34
CA SER F 170 -16.63 26.85 -27.62
C SER F 170 -15.47 26.30 -26.79
N ASN F 171 -15.73 25.26 -26.02
CA ASN F 171 -14.71 24.66 -25.15
C ASN F 171 -13.78 23.71 -25.89
N ASN F 172 -13.73 23.81 -27.21
CA ASN F 172 -12.81 23.05 -28.08
C ASN F 172 -13.06 21.56 -28.05
N LYS F 173 -14.10 21.10 -27.37
CA LYS F 173 -14.61 19.77 -27.68
C LYS F 173 -15.32 19.83 -29.03
N TYR F 174 -15.65 18.68 -29.58
CA TYR F 174 -16.26 18.65 -30.90
C TYR F 174 -17.74 18.27 -30.80
N ALA F 175 -18.48 18.57 -31.87
CA ALA F 175 -19.91 18.31 -31.91
C ALA F 175 -20.35 18.12 -33.37
N ALA F 176 -21.40 17.33 -33.56
CA ALA F 176 -21.96 17.08 -34.88
C ALA F 176 -23.39 16.59 -34.73
N SER F 177 -24.11 16.56 -35.86
CA SER F 177 -25.51 16.18 -35.88
C SER F 177 -25.75 15.15 -37.00
N SER F 178 -26.71 14.26 -36.77
CA SER F 178 -27.07 13.23 -37.75
C SER F 178 -28.58 13.16 -37.89
N TYR F 179 -29.08 13.31 -39.11
CA TYR F 179 -30.50 13.32 -39.41
C TYR F 179 -30.89 12.06 -40.20
N LEU F 180 -32.09 11.55 -39.92
CA LEU F 180 -32.66 10.43 -40.64
C LEU F 180 -34.00 10.88 -41.22
N SER F 181 -34.04 11.08 -42.54
CA SER F 181 -35.27 11.46 -43.22
C SER F 181 -36.14 10.22 -43.47
N LEU F 182 -37.37 10.24 -42.97
CA LEU F 182 -38.32 9.16 -43.13
C LEU F 182 -39.63 9.68 -43.73
N THR F 183 -40.44 8.74 -44.21
CA THR F 183 -41.84 9.02 -44.48
C THR F 183 -42.63 8.86 -43.19
N PRO F 184 -43.73 9.60 -43.01
CA PRO F 184 -44.50 9.47 -41.77
C PRO F 184 -44.95 8.04 -41.50
N GLU F 185 -45.04 7.23 -42.55
CA GLU F 185 -45.37 5.81 -42.38
C GLU F 185 -44.21 5.04 -41.77
N GLN F 186 -43.00 5.26 -42.29
CA GLN F 186 -41.83 4.54 -41.79
C GLN F 186 -41.55 4.85 -40.32
N TRP F 187 -41.83 6.08 -39.87
CA TRP F 187 -41.70 6.39 -38.46
C TRP F 187 -42.71 5.60 -37.61
N LYS F 188 -43.85 5.26 -38.19
CA LYS F 188 -44.85 4.48 -37.47
C LYS F 188 -44.71 2.99 -37.68
N SER F 189 -44.04 2.56 -38.76
CA SER F 189 -43.93 1.14 -39.05
C SER F 189 -43.24 0.38 -37.93
N HIS F 190 -42.06 0.84 -37.52
CA HIS F 190 -41.28 0.13 -36.52
C HIS F 190 -41.62 0.63 -35.12
N ARG F 191 -41.28 -0.21 -34.12
CA ARG F 191 -41.67 0.04 -32.74
C ARG F 191 -40.72 1.00 -32.03
N SER F 192 -39.45 1.04 -32.44
CA SER F 192 -38.48 1.91 -31.81
C SER F 192 -37.38 2.26 -32.80
N TYR F 193 -36.85 3.47 -32.66
CA TYR F 193 -35.71 3.92 -33.43
C TYR F 193 -34.58 4.31 -32.48
N SER F 194 -33.34 4.08 -32.92
CA SER F 194 -32.17 4.34 -32.10
C SER F 194 -31.03 4.92 -32.93
N CYS F 195 -30.36 5.92 -32.36
CA CYS F 195 -29.19 6.56 -32.96
C CYS F 195 -27.96 6.06 -32.21
N GLN F 196 -27.05 5.40 -32.93
CA GLN F 196 -25.85 4.82 -32.35
C GLN F 196 -24.64 5.64 -32.77
N VAL F 197 -23.98 6.26 -31.79
CA VAL F 197 -22.74 7.01 -32.00
C VAL F 197 -21.60 6.24 -31.34
N THR F 198 -20.55 5.98 -32.10
CA THR F 198 -19.37 5.28 -31.62
C THR F 198 -18.18 6.23 -31.61
N HIS F 199 -17.42 6.21 -30.52
CA HIS F 199 -16.33 7.17 -30.32
C HIS F 199 -15.22 6.54 -29.49
N GLU F 200 -14.07 6.31 -30.12
CA GLU F 200 -12.91 5.74 -29.45
C GLU F 200 -13.21 4.35 -28.88
N GLY F 201 -13.75 3.48 -29.74
CA GLY F 201 -14.02 2.11 -29.36
C GLY F 201 -15.31 1.88 -28.61
N SER F 202 -15.72 2.84 -27.78
CA SER F 202 -16.96 2.71 -27.03
C SER F 202 -18.12 3.30 -27.83
N THR F 203 -19.31 2.73 -27.64
CA THR F 203 -20.50 3.14 -28.38
C THR F 203 -21.55 3.67 -27.42
N VAL F 204 -22.16 4.80 -27.77
CA VAL F 204 -23.23 5.42 -27.01
C VAL F 204 -24.46 5.51 -27.91
N GLU F 205 -25.64 5.29 -27.33
CA GLU F 205 -26.85 5.16 -28.13
C GLU F 205 -28.04 5.74 -27.37
N LYS F 206 -29.05 6.15 -28.14
CA LYS F 206 -30.35 6.54 -27.61
C LYS F 206 -31.47 6.02 -28.51
N GLN G 1 9.11 29.71 -53.61
CA GLN G 1 9.27 30.28 -54.93
C GLN G 1 8.39 29.59 -56.00
N VAL G 2 8.16 28.28 -55.85
CA VAL G 2 7.23 27.58 -56.75
C VAL G 2 5.80 27.88 -56.32
N GLN G 3 5.00 28.39 -57.26
CA GLN G 3 3.65 28.84 -56.95
C GLN G 3 2.68 28.26 -57.96
N LEU G 4 1.54 27.76 -57.47
CA LEU G 4 0.46 27.24 -58.29
C LEU G 4 -0.83 27.91 -57.85
N GLN G 5 -1.65 28.34 -58.82
CA GLN G 5 -2.83 29.15 -58.54
C GLN G 5 -4.00 28.56 -59.30
N GLU G 6 -4.92 27.92 -58.58
CA GLU G 6 -6.12 27.40 -59.23
C GLU G 6 -7.19 28.47 -59.32
N SER G 7 -8.09 28.28 -60.28
CA SER G 7 -9.14 29.25 -60.56
C SER G 7 -10.23 28.57 -61.39
N GLY G 8 -11.27 29.33 -61.71
CA GLY G 8 -12.35 28.83 -62.53
C GLY G 8 -13.46 28.14 -61.78
N GLY G 9 -13.24 27.77 -60.52
CA GLY G 9 -14.28 27.15 -59.73
C GLY G 9 -15.33 28.15 -59.30
N GLY G 10 -16.32 27.65 -58.60
CA GLY G 10 -17.40 28.47 -58.13
C GLY G 10 -18.65 27.61 -57.92
N VAL G 11 -19.80 28.20 -58.23
CA VAL G 11 -21.09 27.52 -58.11
C VAL G 11 -21.63 27.29 -59.51
N VAL G 12 -21.86 26.02 -59.84
CA VAL G 12 -22.36 25.65 -61.15
C VAL G 12 -23.66 24.86 -60.95
N GLN G 13 -24.32 24.59 -62.06
CA GLN G 13 -25.49 23.74 -61.98
C GLN G 13 -25.25 22.45 -62.74
N PRO G 14 -25.88 21.35 -62.32
CA PRO G 14 -25.64 20.06 -62.99
C PRO G 14 -25.91 20.14 -64.49
N GLY G 15 -25.21 19.27 -65.23
CA GLY G 15 -25.29 19.24 -66.67
C GLY G 15 -24.36 20.20 -67.38
N GLY G 16 -24.12 21.38 -66.79
CA GLY G 16 -23.25 22.36 -67.38
C GLY G 16 -21.81 21.89 -67.48
N SER G 17 -21.00 22.71 -68.13
CA SER G 17 -19.58 22.47 -68.27
C SER G 17 -18.79 23.55 -67.54
N LEU G 18 -17.62 23.17 -67.03
CA LEU G 18 -16.79 24.05 -66.21
C LEU G 18 -15.33 23.81 -66.54
N ARG G 19 -14.53 24.87 -66.52
CA ARG G 19 -13.11 24.79 -66.85
C ARG G 19 -12.29 25.34 -65.70
N LEU G 20 -11.45 24.49 -65.13
CA LEU G 20 -10.49 24.89 -64.12
C LEU G 20 -9.13 25.11 -64.77
N SER G 21 -8.38 26.06 -64.24
CA SER G 21 -7.05 26.34 -64.76
C SER G 21 -6.11 26.55 -63.59
N CYS G 22 -4.88 26.06 -63.74
CA CYS G 22 -3.88 26.15 -62.68
C CYS G 22 -2.68 26.87 -63.29
N ALA G 23 -2.38 28.06 -62.79
CA ALA G 23 -1.29 28.88 -63.29
C ALA G 23 -0.02 28.56 -62.52
N ALA G 24 1.06 28.29 -63.25
CA ALA G 24 2.30 27.82 -62.65
C ALA G 24 3.40 28.87 -62.80
N SER G 25 4.27 28.92 -61.80
CA SER G 25 5.45 29.78 -61.82
C SER G 25 6.50 29.17 -60.90
N GLY G 26 7.76 29.35 -61.26
CA GLY G 26 8.85 28.89 -60.43
C GLY G 26 9.47 27.56 -60.81
N PHE G 27 9.35 27.12 -62.06
CA PHE G 27 10.03 25.95 -62.59
C PHE G 27 9.75 25.88 -64.09
N ASN G 28 10.65 25.24 -64.82
CA ASN G 28 10.44 25.03 -66.25
C ASN G 28 9.24 24.10 -66.44
N PHE G 29 8.05 24.70 -66.53
CA PHE G 29 6.80 23.94 -66.60
C PHE G 29 6.83 22.94 -67.76
N SER G 30 7.59 23.21 -68.81
CA SER G 30 7.59 22.29 -69.92
C SER G 30 8.27 20.96 -69.60
N ASN G 31 8.85 20.80 -68.39
CA ASN G 31 9.62 19.61 -68.03
C ASN G 31 8.99 18.73 -66.98
N TYR G 32 7.90 19.16 -66.35
CA TYR G 32 7.31 18.40 -65.26
C TYR G 32 5.90 17.93 -65.59
N GLY G 33 5.51 16.81 -64.98
CA GLY G 33 4.13 16.40 -65.03
C GLY G 33 3.27 17.18 -64.06
N MET G 34 1.96 17.23 -64.36
CA MET G 34 1.01 17.94 -63.52
C MET G 34 -0.17 17.03 -63.22
N HIS G 35 -0.79 17.25 -62.05
CA HIS G 35 -1.86 16.41 -61.56
C HIS G 35 -3.00 17.25 -61.00
N TRP G 36 -4.19 16.67 -61.04
CA TRP G 36 -5.36 17.20 -60.36
C TRP G 36 -5.78 16.20 -59.30
N VAL G 37 -5.95 16.67 -58.07
CA VAL G 37 -6.41 15.83 -56.96
C VAL G 37 -7.55 16.57 -56.29
N ARG G 38 -8.73 15.97 -56.26
CA ARG G 38 -9.87 16.65 -55.66
C ARG G 38 -10.18 16.10 -54.28
N GLN G 39 -10.96 16.86 -53.53
CA GLN G 39 -11.30 16.46 -52.17
C GLN G 39 -12.70 16.96 -51.86
N THR G 40 -13.66 16.05 -51.77
CA THR G 40 -15.00 16.40 -51.34
C THR G 40 -14.92 16.91 -49.91
N PRO G 41 -15.55 18.04 -49.59
CA PRO G 41 -15.40 18.61 -48.25
C PRO G 41 -15.76 17.59 -47.17
N GLY G 42 -14.87 17.48 -46.19
CA GLY G 42 -15.01 16.48 -45.14
C GLY G 42 -14.59 15.09 -45.53
N LYS G 43 -13.91 14.92 -46.67
CA LYS G 43 -13.53 13.60 -47.15
C LYS G 43 -12.02 13.56 -47.40
N GLY G 44 -11.55 12.40 -47.85
CA GLY G 44 -10.14 12.21 -48.11
C GLY G 44 -9.72 12.79 -49.44
N LEU G 45 -8.43 12.66 -49.74
CA LEU G 45 -7.93 13.08 -51.04
C LEU G 45 -8.28 12.02 -52.08
N GLU G 46 -8.57 12.48 -53.29
CA GLU G 46 -8.94 11.59 -54.39
C GLU G 46 -8.29 12.09 -55.67
N TRP G 47 -7.50 11.24 -56.31
CA TRP G 47 -6.85 11.63 -57.56
C TRP G 47 -7.87 11.66 -58.69
N VAL G 48 -7.79 12.71 -59.51
CA VAL G 48 -8.74 12.91 -60.58
C VAL G 48 -8.10 12.50 -61.90
N ALA G 49 -7.12 13.28 -62.34
CA ALA G 49 -6.44 13.01 -63.59
C ALA G 49 -5.04 13.60 -63.51
N SER G 50 -4.19 13.23 -64.47
CA SER G 50 -2.84 13.73 -64.51
C SER G 50 -2.34 13.68 -65.94
N ILE G 51 -1.29 14.44 -66.21
CA ILE G 51 -0.82 14.66 -67.57
C ILE G 51 0.70 14.73 -67.57
N PRO G 52 1.39 14.04 -68.50
CA PRO G 52 2.86 14.09 -68.51
C PRO G 52 3.41 15.45 -68.90
N TYR G 53 4.73 15.56 -69.03
CA TYR G 53 5.35 16.88 -69.18
C TYR G 53 4.92 17.58 -70.45
N ASP G 54 4.59 16.83 -71.49
CA ASP G 54 4.28 17.43 -72.79
C ASP G 54 2.79 17.44 -73.09
N GLY G 55 1.99 16.66 -72.38
CA GLY G 55 0.60 16.47 -72.75
C GLY G 55 0.39 15.32 -73.71
N SER G 56 1.42 14.52 -73.95
CA SER G 56 1.32 13.38 -74.85
C SER G 56 0.10 12.52 -74.52
N HIS G 57 0.09 11.96 -73.33
CA HIS G 57 -0.96 11.08 -72.86
C HIS G 57 -1.82 11.79 -71.83
N GLN G 58 -2.75 11.05 -71.24
CA GLN G 58 -3.72 11.62 -70.31
C GLN G 58 -4.18 10.54 -69.35
N TRP G 59 -3.73 10.60 -68.10
CA TRP G 59 -4.10 9.60 -67.10
C TRP G 59 -5.37 10.01 -66.37
N HIS G 60 -6.30 9.07 -66.28
CA HIS G 60 -7.61 9.30 -65.70
C HIS G 60 -7.87 8.31 -64.57
N ALA G 61 -8.40 8.81 -63.47
CA ALA G 61 -9.04 7.91 -62.52
C ALA G 61 -10.35 7.43 -63.14
N ASP G 62 -10.80 6.25 -62.71
CA ASP G 62 -11.95 5.65 -63.38
C ASP G 62 -13.24 6.40 -63.07
N SER G 63 -13.31 7.06 -61.92
CA SER G 63 -14.53 7.76 -61.58
C SER G 63 -14.81 8.97 -62.45
N VAL G 64 -13.82 9.46 -63.21
CA VAL G 64 -14.01 10.69 -63.98
C VAL G 64 -13.69 10.50 -65.46
N LYS G 65 -13.58 9.26 -65.93
CA LYS G 65 -13.28 9.04 -67.34
C LYS G 65 -14.47 9.41 -68.22
N GLY G 66 -14.17 9.94 -69.40
CA GLY G 66 -15.20 10.33 -70.35
C GLY G 66 -15.81 11.69 -70.10
N ARG G 67 -15.95 12.06 -68.84
CA ARG G 67 -16.51 13.36 -68.48
C ARG G 67 -15.44 14.42 -68.27
N PHE G 68 -14.31 14.03 -67.70
CA PHE G 68 -13.21 14.95 -67.44
C PHE G 68 -12.15 14.84 -68.52
N THR G 69 -11.45 15.96 -68.74
CA THR G 69 -10.30 15.98 -69.63
C THR G 69 -9.27 16.95 -69.06
N ILE G 70 -8.04 16.47 -68.87
CA ILE G 70 -6.97 17.28 -68.31
C ILE G 70 -6.04 17.68 -69.44
N SER G 71 -5.66 18.95 -69.47
CA SER G 71 -4.80 19.46 -70.52
C SER G 71 -3.86 20.50 -69.92
N ARG G 72 -2.85 20.86 -70.70
CA ARG G 72 -1.86 21.84 -70.29
C ARG G 72 -1.46 22.65 -71.52
N ASP G 73 -1.03 23.88 -71.27
CA ASP G 73 -0.46 24.74 -72.31
C ASP G 73 0.94 25.11 -71.88
N ASN G 74 1.95 24.49 -72.50
CA ASN G 74 3.33 24.76 -72.10
C ASN G 74 3.75 26.17 -72.46
N SER G 75 3.11 26.78 -73.47
CA SER G 75 3.42 28.14 -73.81
C SER G 75 2.86 29.13 -72.79
N LYS G 76 1.85 28.73 -72.01
CA LYS G 76 1.27 29.58 -70.98
C LYS G 76 1.59 29.18 -69.55
N ASN G 77 2.25 28.03 -69.34
CA ASN G 77 2.48 27.50 -67.99
C ASN G 77 1.17 27.34 -67.23
N THR G 78 0.21 26.64 -67.86
CA THR G 78 -1.13 26.49 -67.31
C THR G 78 -1.63 25.06 -67.44
N LEU G 79 -2.17 24.54 -66.34
CA LEU G 79 -2.81 23.23 -66.32
C LEU G 79 -4.31 23.43 -66.32
N TYR G 80 -5.01 22.65 -67.14
CA TYR G 80 -6.45 22.79 -67.32
C TYR G 80 -7.17 21.51 -66.95
N LEU G 81 -8.37 21.65 -66.39
CA LEU G 81 -9.24 20.52 -66.10
C LEU G 81 -10.63 20.85 -66.64
N GLN G 82 -11.05 20.12 -67.67
CA GLN G 82 -12.36 20.32 -68.27
C GLN G 82 -13.35 19.33 -67.67
N ILE G 83 -14.47 19.83 -67.15
CA ILE G 83 -15.53 19.01 -66.58
C ILE G 83 -16.78 19.13 -67.44
N ASN G 84 -17.29 17.99 -67.92
CA ASN G 84 -18.51 17.96 -68.71
C ASN G 84 -19.61 17.21 -67.96
N SER G 85 -20.85 17.67 -68.13
CA SER G 85 -22.00 17.11 -67.43
C SER G 85 -21.75 17.06 -65.93
N LEU G 86 -21.61 18.26 -65.35
CA LEU G 86 -21.39 18.38 -63.92
C LEU G 86 -22.47 17.63 -63.16
N ARG G 87 -22.08 17.01 -62.06
CA ARG G 87 -22.97 16.25 -61.21
C ARG G 87 -22.80 16.71 -59.78
N PRO G 88 -23.75 16.41 -58.91
CA PRO G 88 -23.56 16.71 -57.48
C PRO G 88 -22.35 16.00 -56.90
N GLU G 89 -21.95 14.87 -57.49
CA GLU G 89 -20.80 14.11 -56.99
C GLU G 89 -19.50 14.85 -57.22
N ASP G 90 -19.44 15.71 -58.23
CA ASP G 90 -18.24 16.48 -58.54
C ASP G 90 -18.01 17.65 -57.61
N THR G 91 -18.92 17.91 -56.67
CA THR G 91 -18.75 19.00 -55.72
C THR G 91 -17.57 18.68 -54.79
N ALA G 92 -16.48 19.41 -54.96
CA ALA G 92 -15.26 19.15 -54.21
C ALA G 92 -14.27 20.27 -54.52
N MET G 93 -13.24 20.36 -53.70
CA MET G 93 -12.12 21.23 -54.00
C MET G 93 -11.12 20.50 -54.87
N TYR G 94 -10.59 21.23 -55.85
CA TYR G 94 -9.74 20.67 -56.90
C TYR G 94 -8.35 21.25 -56.74
N TYR G 95 -7.44 20.43 -56.22
CA TYR G 95 -6.05 20.82 -56.07
C TYR G 95 -5.27 20.43 -57.33
N CYS G 96 -4.30 21.27 -57.66
CA CYS G 96 -3.37 21.01 -58.74
C CYS G 96 -1.97 20.90 -58.14
N SER G 97 -1.22 19.88 -58.56
CA SER G 97 0.08 19.60 -57.98
C SER G 97 1.08 19.21 -59.05
N LYS G 98 2.36 19.49 -58.78
CA LYS G 98 3.44 19.39 -59.75
C LYS G 98 4.31 18.19 -59.41
N ALA G 99 4.35 17.21 -60.32
CA ALA G 99 5.23 16.05 -60.17
C ALA G 99 6.65 16.46 -59.85
N ARG G 100 7.17 15.94 -58.74
CA ARG G 100 8.51 16.27 -58.27
C ARG G 100 9.65 15.86 -59.21
N ILE G 101 9.55 14.70 -59.84
CA ILE G 101 10.62 14.24 -60.72
C ILE G 101 10.30 14.69 -62.13
N SER G 102 11.33 14.89 -62.92
CA SER G 102 11.13 15.41 -64.27
C SER G 102 10.88 14.28 -65.23
N TYR G 103 10.33 14.64 -66.39
CA TYR G 103 10.25 13.77 -67.56
C TYR G 103 9.56 12.43 -67.27
N LEU G 104 8.71 12.38 -66.25
CA LEU G 104 8.01 11.13 -65.94
C LEU G 104 6.98 10.79 -67.03
N SER G 105 7.15 9.65 -67.69
CA SER G 105 6.22 9.24 -68.73
C SER G 105 4.89 8.77 -68.18
N ALA G 106 4.77 8.67 -66.85
CA ALA G 106 3.55 8.20 -66.18
C ALA G 106 3.56 8.73 -64.76
N PRO G 107 2.39 9.00 -64.19
CA PRO G 107 2.35 9.69 -62.89
C PRO G 107 2.53 8.76 -61.70
N ALA G 108 3.77 8.35 -61.46
CA ALA G 108 4.06 7.34 -60.44
C ALA G 108 4.61 7.91 -59.14
N TRP G 109 5.37 8.98 -59.19
CA TRP G 109 6.11 9.46 -58.05
C TRP G 109 5.37 10.61 -57.36
N TRP G 110 5.90 11.02 -56.20
CA TRP G 110 5.23 11.95 -55.30
C TRP G 110 5.05 13.34 -55.93
N PHE G 111 4.05 14.07 -55.40
CA PHE G 111 3.66 15.40 -55.85
C PHE G 111 4.20 16.43 -54.86
N ASP G 112 5.15 17.28 -55.31
CA ASP G 112 5.93 18.04 -54.34
C ASP G 112 5.25 19.33 -53.87
N PRO G 113 4.91 20.29 -54.74
CA PRO G 113 4.02 21.36 -54.27
C PRO G 113 2.57 21.09 -54.64
N TRP G 114 1.65 21.71 -53.90
CA TRP G 114 0.22 21.61 -54.17
C TRP G 114 -0.34 23.01 -54.13
N GLY G 115 -1.16 23.36 -55.11
CA GLY G 115 -1.84 24.63 -55.07
C GLY G 115 -2.89 24.67 -53.99
N GLN G 116 -3.29 25.88 -53.62
CA GLN G 116 -4.33 26.01 -52.60
C GLN G 116 -5.66 25.49 -53.11
N GLY G 117 -5.86 25.51 -54.42
CA GLY G 117 -6.99 24.86 -55.04
C GLY G 117 -8.16 25.81 -55.25
N THR G 118 -9.13 25.31 -56.01
CA THR G 118 -10.38 26.01 -56.24
C THR G 118 -11.52 25.07 -55.83
N LEU G 119 -12.65 25.67 -55.47
CA LEU G 119 -13.80 24.93 -54.97
C LEU G 119 -14.89 24.93 -56.03
N VAL G 120 -15.35 23.74 -56.41
CA VAL G 120 -16.42 23.57 -57.37
C VAL G 120 -17.62 22.98 -56.63
N THR G 121 -18.73 23.71 -56.64
CA THR G 121 -19.95 23.27 -55.96
C THR G 121 -21.10 23.38 -56.97
N VAL G 122 -21.81 22.27 -57.17
CA VAL G 122 -22.92 22.20 -58.10
C VAL G 122 -24.18 21.91 -57.30
N SER G 123 -25.30 22.49 -57.74
CA SER G 123 -26.58 22.24 -57.10
C SER G 123 -27.69 22.77 -58.01
N SER G 124 -28.92 22.33 -57.71
CA SER G 124 -30.13 22.87 -58.33
C SER G 124 -30.50 24.16 -57.59
N ALA G 125 -29.63 25.16 -57.71
CA ALA G 125 -29.69 26.32 -56.83
C ALA G 125 -30.92 27.17 -57.12
N SER G 126 -31.59 27.58 -56.05
CA SER G 126 -32.59 28.64 -56.04
C SER G 126 -32.86 29.00 -54.59
N THR G 127 -33.01 30.29 -54.30
CA THR G 127 -33.16 30.71 -52.92
C THR G 127 -34.49 30.24 -52.34
N LYS G 128 -34.46 29.79 -51.10
CA LYS G 128 -35.63 29.19 -50.45
C LYS G 128 -35.69 29.59 -48.99
N GLY G 129 -36.90 29.84 -48.51
CA GLY G 129 -37.13 30.09 -47.12
C GLY G 129 -37.06 28.80 -46.33
N PRO G 130 -36.58 28.89 -45.09
CA PRO G 130 -36.50 27.70 -44.25
C PRO G 130 -37.76 27.48 -43.44
N SER G 131 -38.19 26.22 -43.38
CA SER G 131 -39.32 25.80 -42.57
C SER G 131 -38.84 25.52 -41.15
N VAL G 132 -39.54 26.09 -40.17
CA VAL G 132 -39.11 26.03 -38.77
C VAL G 132 -40.12 25.18 -38.00
N PHE G 133 -39.64 24.08 -37.42
CA PHE G 133 -40.44 23.18 -36.62
C PHE G 133 -39.89 23.12 -35.20
N PRO G 134 -40.78 23.07 -34.20
CA PRO G 134 -40.31 23.07 -32.80
C PRO G 134 -39.83 21.69 -32.38
N LEU G 135 -38.61 21.64 -31.84
CA LEU G 135 -38.08 20.41 -31.26
C LEU G 135 -38.42 20.42 -29.78
N ALA G 136 -39.60 19.90 -29.44
CA ALA G 136 -40.09 19.96 -28.08
C ALA G 136 -39.24 19.10 -27.15
N PRO G 137 -39.16 19.46 -25.87
CA PRO G 137 -38.35 18.68 -24.94
C PRO G 137 -39.03 17.37 -24.60
N SER G 138 -38.22 16.42 -24.13
CA SER G 138 -38.76 15.11 -23.78
C SER G 138 -39.64 15.25 -22.54
N SER G 139 -40.88 14.78 -22.65
CA SER G 139 -41.80 14.83 -21.51
C SER G 139 -41.29 13.98 -20.35
N LYS G 140 -40.62 12.86 -20.65
CA LYS G 140 -40.01 12.03 -19.63
C LYS G 140 -38.83 12.72 -18.97
N GLY G 145 -31.86 16.05 -13.38
CA GLY G 145 -31.42 15.85 -14.75
C GLY G 145 -31.42 17.14 -15.55
N THR G 146 -31.00 17.05 -16.81
CA THR G 146 -30.96 18.21 -17.68
C THR G 146 -31.90 18.03 -18.88
N ALA G 147 -32.73 19.04 -19.14
CA ALA G 147 -33.67 19.00 -20.25
C ALA G 147 -33.14 19.80 -21.44
N ALA G 148 -33.47 19.33 -22.64
CA ALA G 148 -33.03 19.99 -23.86
C ALA G 148 -34.21 20.21 -24.78
N LEU G 149 -34.11 21.26 -25.60
CA LEU G 149 -35.14 21.62 -26.57
C LEU G 149 -34.50 22.50 -27.61
N GLY G 150 -35.17 22.66 -28.75
CA GLY G 150 -34.63 23.49 -29.79
C GLY G 150 -35.54 23.67 -30.97
N CYS G 151 -34.93 24.10 -32.08
CA CYS G 151 -35.62 24.41 -33.33
C CYS G 151 -34.98 23.65 -34.48
N LEU G 152 -35.81 23.26 -35.44
CA LEU G 152 -35.35 22.60 -36.65
C LEU G 152 -35.57 23.52 -37.84
N VAL G 153 -34.48 23.90 -38.50
CA VAL G 153 -34.53 24.84 -39.61
C VAL G 153 -34.27 24.07 -40.90
N LYS G 154 -35.34 23.63 -41.56
CA LYS G 154 -35.24 22.69 -42.67
C LYS G 154 -35.20 23.39 -44.02
N ASP G 155 -34.36 22.86 -44.92
CA ASP G 155 -34.48 23.02 -46.37
C ASP G 155 -34.50 24.48 -46.81
N TYR G 156 -33.41 25.17 -46.52
CA TYR G 156 -33.16 26.51 -47.04
C TYR G 156 -31.98 26.47 -48.00
N PHE G 157 -31.76 27.57 -48.69
CA PHE G 157 -30.70 27.69 -49.68
C PHE G 157 -30.65 29.14 -50.14
N PRO G 158 -29.46 29.73 -50.25
CA PRO G 158 -28.16 29.18 -49.85
C PRO G 158 -27.86 29.45 -48.38
N GLU G 159 -26.60 29.33 -47.98
CA GLU G 159 -26.20 29.67 -46.63
C GLU G 159 -26.23 31.18 -46.44
N PRO G 160 -26.38 31.66 -45.20
CA PRO G 160 -26.64 30.91 -43.97
C PRO G 160 -27.93 31.27 -43.26
N VAL G 161 -28.30 30.50 -42.23
CA VAL G 161 -29.31 30.91 -41.27
C VAL G 161 -28.60 31.26 -39.97
N THR G 162 -29.24 32.12 -39.19
CA THR G 162 -28.77 32.50 -37.87
C THR G 162 -29.90 32.28 -36.88
N VAL G 163 -29.60 31.61 -35.77
CA VAL G 163 -30.61 31.25 -34.78
C VAL G 163 -30.27 31.95 -33.47
N SER G 164 -31.26 32.61 -32.90
CA SER G 164 -31.15 33.24 -31.59
C SER G 164 -32.36 32.83 -30.77
N TRP G 165 -32.26 32.98 -29.45
CA TRP G 165 -33.34 32.58 -28.56
C TRP G 165 -33.85 33.78 -27.76
N ASN G 166 -35.16 34.00 -27.83
CA ASN G 166 -35.81 35.17 -27.20
C ASN G 166 -35.16 36.46 -27.70
N SER G 167 -34.91 36.52 -29.01
CA SER G 167 -34.25 37.65 -29.67
C SER G 167 -32.85 37.87 -29.10
N GLY G 168 -32.16 36.78 -28.78
CA GLY G 168 -30.82 36.85 -28.25
C GLY G 168 -30.73 36.96 -26.75
N ALA G 169 -31.86 36.94 -26.04
CA ALA G 169 -31.88 37.06 -24.59
C ALA G 169 -31.46 35.79 -23.86
N LEU G 170 -31.27 34.69 -24.57
CA LEU G 170 -30.78 33.44 -23.96
C LEU G 170 -29.50 33.02 -24.68
N THR G 171 -28.43 32.82 -23.91
CA THR G 171 -27.15 32.44 -24.46
C THR G 171 -26.57 31.25 -23.70
N SER G 172 -26.92 31.13 -22.42
CA SER G 172 -26.45 30.00 -21.63
C SER G 172 -27.14 28.72 -22.10
N GLY G 173 -26.34 27.70 -22.42
CA GLY G 173 -26.84 26.46 -22.97
C GLY G 173 -27.14 26.48 -24.46
N VAL G 174 -26.92 27.59 -25.15
CA VAL G 174 -27.30 27.71 -26.55
C VAL G 174 -26.21 27.10 -27.42
N HIS G 175 -26.62 26.27 -28.39
CA HIS G 175 -25.68 25.59 -29.27
C HIS G 175 -26.33 25.35 -30.62
N THR G 176 -25.82 25.98 -31.67
CA THR G 176 -26.29 25.75 -33.03
C THR G 176 -25.30 24.83 -33.74
N PHE G 177 -25.82 23.88 -34.50
CA PHE G 177 -25.02 22.85 -35.14
C PHE G 177 -24.77 23.21 -36.60
N PRO G 178 -23.77 22.60 -37.24
CA PRO G 178 -23.58 22.85 -38.66
C PRO G 178 -24.74 22.28 -39.45
N ALA G 179 -24.96 22.84 -40.64
CA ALA G 179 -26.06 22.41 -41.49
C ALA G 179 -25.63 21.24 -42.37
N VAL G 180 -26.54 20.27 -42.52
CA VAL G 180 -26.32 19.18 -43.47
C VAL G 180 -26.78 19.66 -44.84
N LEU G 181 -26.07 19.25 -45.89
CA LEU G 181 -26.54 19.46 -47.26
C LEU G 181 -27.15 18.14 -47.72
N GLN G 182 -28.46 18.02 -47.55
CA GLN G 182 -29.16 16.80 -47.95
C GLN G 182 -29.06 16.58 -49.46
N SER G 183 -29.36 15.36 -49.88
CA SER G 183 -29.23 14.96 -51.27
C SER G 183 -30.07 15.79 -52.22
N SER G 184 -31.03 16.56 -51.69
CA SER G 184 -31.87 17.45 -52.49
C SER G 184 -31.13 18.71 -52.94
N GLY G 185 -29.98 19.01 -52.32
CA GLY G 185 -29.28 20.25 -52.58
C GLY G 185 -29.63 21.38 -51.64
N LEU G 186 -30.57 21.17 -50.72
CA LEU G 186 -30.97 22.17 -49.75
C LEU G 186 -30.32 21.88 -48.40
N TYR G 187 -29.92 22.94 -47.71
CA TYR G 187 -29.28 22.79 -46.40
C TYR G 187 -30.33 22.61 -45.31
N SER G 188 -29.89 22.05 -44.19
CA SER G 188 -30.79 21.79 -43.08
C SER G 188 -30.00 21.87 -41.78
N LEU G 189 -30.48 22.70 -40.86
CA LEU G 189 -29.77 23.03 -39.63
C LEU G 189 -30.72 22.94 -38.45
N SER G 190 -30.22 22.48 -37.30
CA SER G 190 -30.95 22.57 -36.04
C SER G 190 -30.13 23.36 -35.03
N SER G 191 -30.81 23.82 -33.98
CA SER G 191 -30.17 24.66 -32.98
C SER G 191 -30.95 24.54 -31.68
N VAL G 192 -30.36 23.92 -30.67
CA VAL G 192 -31.06 23.72 -29.42
C VAL G 192 -30.30 24.30 -28.27
N VAL G 193 -31.02 24.61 -27.20
CA VAL G 193 -30.38 25.12 -26.02
C VAL G 193 -30.70 24.17 -24.90
N THR G 194 -29.67 23.59 -24.31
CA THR G 194 -29.89 22.69 -23.19
C THR G 194 -30.20 23.60 -22.03
N VAL G 195 -31.11 23.18 -21.16
CA VAL G 195 -31.43 24.01 -20.01
C VAL G 195 -31.53 23.14 -18.78
N PRO G 196 -31.98 23.73 -17.67
CA PRO G 196 -32.16 22.99 -16.44
C PRO G 196 -33.36 22.09 -16.65
N SER G 197 -33.31 20.87 -16.14
CA SER G 197 -34.41 19.92 -16.27
C SER G 197 -35.72 20.57 -15.83
N SER G 198 -35.76 20.99 -14.58
CA SER G 198 -36.90 21.72 -14.04
C SER G 198 -36.91 23.17 -14.53
N SER G 199 -38.05 23.82 -14.44
CA SER G 199 -38.12 25.26 -14.64
C SER G 199 -38.20 25.71 -16.09
N LEU G 200 -38.34 24.76 -16.99
CA LEU G 200 -38.48 25.12 -18.39
C LEU G 200 -39.74 25.93 -18.61
N GLY G 201 -40.82 25.54 -17.94
CA GLY G 201 -42.14 26.04 -18.26
C GLY G 201 -42.33 27.52 -18.06
N THR G 202 -41.76 28.07 -17.00
CA THR G 202 -41.98 29.48 -16.68
C THR G 202 -41.48 30.44 -17.77
N GLN G 203 -40.30 30.17 -18.31
CA GLN G 203 -39.70 31.03 -19.33
C GLN G 203 -40.37 30.95 -20.70
N THR G 204 -40.49 32.09 -21.36
CA THR G 204 -40.89 32.14 -22.77
C THR G 204 -39.82 31.77 -23.78
N TYR G 205 -40.02 30.68 -24.52
CA TYR G 205 -39.00 30.22 -25.46
C TYR G 205 -39.33 30.45 -26.94
N ILE G 206 -38.63 31.40 -27.55
CA ILE G 206 -38.84 31.72 -28.96
C ILE G 206 -37.47 31.74 -29.62
N CYS G 207 -37.24 30.82 -30.56
CA CYS G 207 -36.05 30.89 -31.39
C CYS G 207 -36.36 31.76 -32.60
N ASN G 208 -35.40 32.62 -32.96
CA ASN G 208 -35.58 33.55 -34.06
C ASN G 208 -34.56 33.21 -35.14
N VAL G 209 -34.97 32.40 -36.10
CA VAL G 209 -34.14 32.07 -37.24
C VAL G 209 -34.25 33.17 -38.27
N ASN G 210 -33.12 33.53 -38.88
CA ASN G 210 -33.06 34.61 -39.86
C ASN G 210 -32.27 34.09 -41.05
N HIS G 211 -32.92 34.06 -42.20
CA HIS G 211 -32.30 33.58 -43.44
C HIS G 211 -32.26 34.78 -44.39
N LYS G 212 -31.17 35.55 -44.32
CA LYS G 212 -31.05 36.73 -45.17
C LYS G 212 -31.05 36.43 -46.67
N PRO G 213 -30.47 35.34 -47.16
CA PRO G 213 -30.50 35.12 -48.63
C PRO G 213 -31.90 35.09 -49.22
N SER G 214 -32.89 34.58 -48.49
CA SER G 214 -34.27 34.61 -48.94
C SER G 214 -35.07 35.73 -48.29
N ASN G 215 -34.42 36.56 -47.48
CA ASN G 215 -35.09 37.65 -46.75
C ASN G 215 -36.27 37.12 -45.95
N THR G 216 -36.06 35.99 -45.28
CA THR G 216 -37.05 35.38 -44.41
C THR G 216 -36.59 35.51 -42.97
N LYS G 217 -37.54 35.84 -42.10
CA LYS G 217 -37.31 35.85 -40.66
C LYS G 217 -38.47 35.11 -40.02
N VAL G 218 -38.18 34.12 -39.20
CA VAL G 218 -39.20 33.29 -38.58
C VAL G 218 -38.96 33.26 -37.08
N ASP G 219 -40.02 33.49 -36.31
CA ASP G 219 -40.00 33.41 -34.86
C ASP G 219 -40.97 32.31 -34.46
N LYS G 220 -40.44 31.21 -33.91
CA LYS G 220 -41.23 30.05 -33.53
C LYS G 220 -41.05 29.84 -32.04
N ARG G 221 -42.16 29.80 -31.31
CA ARG G 221 -42.10 29.57 -29.87
C ARG G 221 -42.20 28.08 -29.61
N VAL G 222 -41.32 27.58 -28.73
CA VAL G 222 -41.22 26.17 -28.40
C VAL G 222 -41.83 25.95 -27.01
N GLU G 223 -42.58 24.85 -26.88
CA GLU G 223 -43.26 24.52 -25.64
C GLU G 223 -43.39 23.01 -25.55
N PRO G 224 -43.40 22.45 -24.35
CA PRO G 224 -43.38 20.99 -24.20
C PRO G 224 -44.71 20.35 -24.62
N LYS G 225 -44.64 19.03 -24.80
CA LYS G 225 -45.79 18.19 -25.11
C LYS G 225 -46.62 18.73 -26.29
N GLY H 1 23.56 33.59 -56.47
CA GLY H 1 23.65 32.53 -57.46
C GLY H 1 23.34 31.14 -56.95
N SER H 2 23.98 30.13 -57.55
CA SER H 2 23.64 28.73 -57.34
C SER H 2 24.49 28.09 -56.24
N HIS H 3 24.26 26.81 -56.02
CA HIS H 3 25.08 25.99 -55.14
C HIS H 3 25.11 24.58 -55.72
N SER H 4 26.00 23.74 -55.18
CA SER H 4 26.22 22.42 -55.77
C SER H 4 26.63 21.43 -54.70
N MET H 5 26.35 20.15 -54.97
CA MET H 5 26.83 19.04 -54.18
C MET H 5 27.38 17.98 -55.11
N ARG H 6 28.54 17.43 -54.78
CA ARG H 6 29.17 16.39 -55.59
C ARG H 6 29.82 15.37 -54.68
N TYR H 7 29.66 14.09 -55.02
CA TYR H 7 30.40 13.01 -54.37
C TYR H 7 31.39 12.42 -55.37
N PHE H 8 32.58 12.06 -54.90
CA PHE H 8 33.63 11.51 -55.74
C PHE H 8 34.07 10.15 -55.21
N PHE H 9 33.90 9.11 -56.03
CA PHE H 9 34.27 7.75 -55.67
C PHE H 9 35.41 7.27 -56.54
N THR H 10 36.45 6.71 -55.92
CA THR H 10 37.54 6.11 -56.67
C THR H 10 37.87 4.74 -56.07
N SER H 11 37.98 3.74 -56.94
CA SER H 11 38.34 2.38 -56.54
C SER H 11 39.48 1.91 -57.44
N VAL H 12 40.60 1.53 -56.85
CA VAL H 12 41.76 1.05 -57.57
C VAL H 12 42.01 -0.40 -57.17
N SER H 13 41.95 -1.30 -58.14
CA SER H 13 42.15 -2.72 -57.85
C SER H 13 43.60 -2.97 -57.47
N ARG H 14 43.81 -3.55 -56.30
CA ARG H 14 45.16 -3.88 -55.85
C ARG H 14 45.49 -5.30 -56.26
N PRO H 15 46.49 -5.51 -57.13
CA PRO H 15 46.80 -6.87 -57.57
C PRO H 15 47.31 -7.72 -56.42
N GLY H 16 46.82 -8.95 -56.37
CA GLY H 16 47.10 -9.87 -55.28
C GLY H 16 46.09 -9.86 -54.15
N ARG H 17 45.30 -8.81 -54.01
CA ARG H 17 44.25 -8.82 -53.01
C ARG H 17 42.88 -8.66 -53.65
N GLY H 18 41.87 -8.98 -52.85
CA GLY H 18 40.49 -8.78 -53.23
C GLY H 18 40.08 -7.33 -53.06
N GLU H 19 39.72 -6.95 -51.81
CA GLU H 19 39.14 -5.64 -51.47
C GLU H 19 40.09 -4.54 -51.93
N PRO H 20 39.75 -3.87 -53.02
CA PRO H 20 40.57 -2.77 -53.51
C PRO H 20 40.42 -1.56 -52.60
N ARG H 21 41.30 -0.60 -52.83
CA ARG H 21 41.21 0.66 -52.10
C ARG H 21 40.05 1.50 -52.62
N PHE H 22 39.23 1.99 -51.70
CA PHE H 22 38.03 2.75 -52.02
C PHE H 22 38.09 4.08 -51.28
N ILE H 23 37.86 5.19 -51.99
CA ILE H 23 37.97 6.51 -51.39
C ILE H 23 36.78 7.35 -51.83
N ALA H 24 36.00 7.83 -50.87
CA ALA H 24 34.82 8.63 -51.14
C ALA H 24 34.97 10.00 -50.48
N VAL H 25 34.66 11.05 -51.24
CA VAL H 25 34.79 12.42 -50.79
C VAL H 25 33.52 13.19 -51.16
N GLY H 26 32.97 13.93 -50.20
CA GLY H 26 31.77 14.72 -50.43
C GLY H 26 32.01 16.21 -50.28
N TYR H 27 31.54 17.00 -51.25
CA TYR H 27 31.67 18.44 -51.24
C TYR H 27 30.31 19.12 -51.34
N VAL H 28 30.23 20.31 -50.73
CA VAL H 28 29.22 21.31 -51.06
C VAL H 28 29.96 22.53 -51.58
N ASP H 29 29.60 22.99 -52.78
CA ASP H 29 30.37 24.03 -53.47
C ASP H 29 31.84 23.65 -53.49
N ASP H 30 32.63 24.24 -52.58
CA ASP H 30 34.06 23.98 -52.50
C ASP H 30 34.49 23.62 -51.08
N THR H 31 33.56 23.11 -50.26
CA THR H 31 33.84 22.72 -48.88
C THR H 31 33.65 21.21 -48.77
N GLN H 32 34.73 20.48 -48.54
CA GLN H 32 34.60 19.06 -48.29
C GLN H 32 33.95 18.85 -46.94
N PHE H 33 33.09 17.83 -46.84
CA PHE H 33 32.39 17.59 -45.57
C PHE H 33 32.29 16.13 -45.15
N VAL H 34 32.52 15.16 -46.03
CA VAL H 34 32.54 13.77 -45.63
C VAL H 34 33.65 13.05 -46.38
N ARG H 35 34.19 12.00 -45.76
CA ARG H 35 35.20 11.16 -46.38
C ARG H 35 34.98 9.73 -45.93
N PHE H 36 35.28 8.79 -46.82
CA PHE H 36 35.26 7.37 -46.50
C PHE H 36 36.48 6.73 -47.12
N ASP H 37 37.28 6.05 -46.29
CA ASP H 37 38.53 5.44 -46.73
C ASP H 37 38.48 3.95 -46.42
N SER H 38 38.77 3.14 -47.44
CA SER H 38 38.79 1.69 -47.28
C SER H 38 39.82 1.27 -46.22
N ASP H 39 41.02 1.82 -46.30
CA ASP H 39 42.09 1.44 -45.39
C ASP H 39 42.00 2.13 -44.04
N ALA H 40 41.03 3.01 -43.83
CA ALA H 40 40.87 3.63 -42.54
C ALA H 40 40.40 2.62 -41.50
N ALA H 41 40.88 2.77 -40.27
CA ALA H 41 40.39 1.92 -39.18
C ALA H 41 38.95 2.27 -38.82
N SER H 42 38.46 3.42 -39.27
CA SER H 42 37.10 3.83 -38.95
C SER H 42 36.08 2.88 -39.58
N GLN H 43 36.24 2.60 -40.88
CA GLN H 43 35.28 1.80 -41.66
C GLN H 43 33.89 2.40 -41.64
N LYS H 44 33.81 3.70 -41.41
CA LYS H 44 32.55 4.41 -41.27
C LYS H 44 32.72 5.78 -41.92
N MET H 45 31.64 6.25 -42.54
CA MET H 45 31.64 7.57 -43.18
C MET H 45 31.91 8.66 -42.16
N GLU H 46 33.11 9.31 -42.25
CA GLU H 46 33.58 10.32 -41.31
C GLU H 46 33.17 11.72 -41.75
N PRO H 47 32.91 12.61 -40.80
CA PRO H 47 32.69 14.03 -41.13
C PRO H 47 33.98 14.80 -41.33
N ARG H 48 33.93 15.80 -42.21
CA ARG H 48 35.09 16.64 -42.47
C ARG H 48 34.76 18.12 -42.58
N ALA H 49 33.55 18.53 -42.21
CA ALA H 49 33.15 19.92 -42.08
C ALA H 49 32.58 20.12 -40.68
N PRO H 50 32.38 21.36 -40.25
CA PRO H 50 31.81 21.58 -38.92
C PRO H 50 30.31 21.38 -38.84
N TRP H 51 29.59 21.45 -39.96
CA TRP H 51 28.14 21.53 -39.91
C TRP H 51 27.45 20.23 -40.27
N ILE H 52 28.20 19.14 -40.41
CA ILE H 52 27.60 17.91 -40.94
C ILE H 52 27.35 16.92 -39.81
N GLU H 53 28.14 17.00 -38.74
CA GLU H 53 27.99 16.00 -37.68
C GLU H 53 26.88 16.33 -36.69
N GLN H 54 26.14 17.42 -36.90
CA GLN H 54 24.88 17.58 -36.20
C GLN H 54 23.82 16.61 -36.70
N GLU H 55 24.05 15.96 -37.84
CA GLU H 55 23.20 14.85 -38.28
C GLU H 55 23.41 13.64 -37.38
N GLY H 56 22.31 12.99 -37.03
CA GLY H 56 22.34 11.95 -36.01
C GLY H 56 22.97 10.66 -36.50
N PRO H 57 22.94 9.61 -35.67
CA PRO H 57 23.54 8.34 -36.09
C PRO H 57 22.79 7.64 -37.20
N GLU H 58 21.48 7.84 -37.30
CA GLU H 58 20.73 7.27 -38.42
C GLU H 58 21.33 7.69 -39.76
N TYR H 59 21.88 8.90 -39.83
CA TYR H 59 22.50 9.38 -41.06
C TYR H 59 23.83 8.71 -41.29
N TRP H 60 24.73 8.79 -40.30
CA TRP H 60 26.05 8.21 -40.44
C TRP H 60 25.98 6.70 -40.64
N ASP H 61 25.04 6.05 -39.95
CA ASP H 61 24.89 4.62 -40.08
C ASP H 61 24.50 4.24 -41.50
N GLN H 62 23.44 4.87 -42.01
CA GLN H 62 23.00 4.62 -43.38
C GLN H 62 24.04 5.07 -44.40
N GLU H 63 24.70 6.21 -44.14
CA GLU H 63 25.67 6.71 -45.10
C GLU H 63 26.83 5.74 -45.26
N THR H 64 27.21 5.06 -44.19
CA THR H 64 28.24 4.04 -44.27
C THR H 64 27.81 2.89 -45.16
N ARG H 65 26.64 2.32 -44.87
CA ARG H 65 26.07 1.30 -45.74
C ARG H 65 26.06 1.75 -47.19
N ASN H 66 25.63 2.97 -47.44
CA ASN H 66 25.63 3.47 -48.81
C ASN H 66 27.05 3.51 -49.36
N MET H 67 27.99 3.97 -48.55
CA MET H 67 29.40 3.97 -48.92
C MET H 67 29.95 2.54 -49.08
N LYS H 68 29.61 1.67 -48.15
CA LYS H 68 30.06 0.27 -48.19
C LYS H 68 29.51 -0.46 -49.40
N ALA H 69 28.25 -0.19 -49.70
CA ALA H 69 27.56 -0.79 -50.84
C ALA H 69 28.16 -0.32 -52.16
N HIS H 70 28.42 0.98 -52.28
CA HIS H 70 29.08 1.47 -53.49
C HIS H 70 30.45 0.82 -53.65
N SER H 71 31.15 0.56 -52.54
CA SER H 71 32.41 -0.15 -52.60
C SER H 71 32.23 -1.59 -53.07
N GLN H 72 31.21 -2.28 -52.55
CA GLN H 72 30.90 -3.65 -52.97
C GLN H 72 30.78 -3.72 -54.49
N THR H 73 29.95 -2.83 -55.06
CA THR H 73 29.67 -2.88 -56.48
C THR H 73 30.93 -2.65 -57.30
N ASP H 74 31.73 -1.65 -56.93
CA ASP H 74 32.96 -1.39 -57.66
C ASP H 74 33.90 -2.59 -57.59
N ARG H 75 33.93 -3.29 -56.46
CA ARG H 75 34.67 -4.55 -56.39
C ARG H 75 34.20 -5.49 -57.50
N ALA H 76 32.91 -5.80 -57.52
CA ALA H 76 32.35 -6.64 -58.58
C ALA H 76 32.50 -5.98 -59.95
N ASN H 77 32.37 -4.66 -60.01
CA ASN H 77 32.48 -3.96 -61.29
C ASN H 77 33.92 -3.98 -61.80
N LEU H 78 34.89 -3.76 -60.91
CA LEU H 78 36.29 -3.83 -61.30
C LEU H 78 36.64 -5.17 -61.91
N GLY H 79 35.99 -6.25 -61.45
CA GLY H 79 36.20 -7.56 -62.01
C GLY H 79 35.52 -7.72 -63.36
N THR H 80 34.31 -7.19 -63.49
CA THR H 80 33.59 -7.25 -64.76
C THR H 80 34.38 -6.57 -65.87
N LEU H 81 34.92 -5.38 -65.58
CA LEU H 81 35.69 -4.65 -66.57
C LEU H 81 36.99 -5.39 -66.91
N ARG H 82 37.56 -6.13 -65.96
CA ARG H 82 38.69 -6.99 -66.30
C ARG H 82 38.30 -7.97 -67.39
N GLY H 83 37.03 -8.33 -67.47
CA GLY H 83 36.55 -9.17 -68.55
C GLY H 83 36.18 -8.37 -69.79
N TYR H 84 35.55 -7.21 -69.61
CA TYR H 84 35.15 -6.39 -70.75
C TYR H 84 36.35 -5.92 -71.58
N TYR H 85 37.52 -5.79 -70.96
CA TYR H 85 38.68 -5.25 -71.63
C TYR H 85 39.78 -6.28 -71.84
N ASN H 86 39.50 -7.55 -71.52
CA ASN H 86 40.45 -8.64 -71.75
C ASN H 86 41.76 -8.37 -71.03
N GLN H 87 41.65 -8.11 -69.72
CA GLN H 87 42.76 -7.68 -68.89
C GLN H 87 43.04 -8.72 -67.82
N SER H 88 44.32 -8.89 -67.50
CA SER H 88 44.71 -9.92 -66.56
C SER H 88 44.53 -9.44 -65.12
N GLU H 89 44.51 -10.41 -64.21
CA GLU H 89 44.16 -10.12 -62.83
C GLU H 89 45.31 -9.45 -62.07
N ASP H 90 46.52 -9.49 -62.62
CA ASP H 90 47.72 -8.91 -62.03
C ASP H 90 47.82 -7.40 -62.20
N GLY H 91 46.86 -6.76 -62.88
CA GLY H 91 46.91 -5.34 -63.09
C GLY H 91 46.29 -4.53 -61.97
N SER H 92 46.44 -3.21 -62.06
CA SER H 92 45.78 -2.28 -61.16
C SER H 92 45.03 -1.27 -62.00
N HIS H 93 43.70 -1.19 -61.81
CA HIS H 93 42.84 -0.33 -62.61
C HIS H 93 41.93 0.49 -61.72
N THR H 94 41.48 1.63 -62.22
CA THR H 94 40.74 2.60 -61.42
C THR H 94 39.33 2.77 -61.97
N ILE H 95 38.35 2.81 -61.07
CA ILE H 95 36.97 3.18 -61.42
C ILE H 95 36.61 4.45 -60.67
N GLN H 96 36.19 5.48 -61.40
CA GLN H 96 35.85 6.77 -60.81
C GLN H 96 34.42 7.16 -61.17
N ILE H 97 33.60 7.42 -60.15
CA ILE H 97 32.24 7.90 -60.32
C ILE H 97 32.11 9.24 -59.60
N MET H 98 31.33 10.15 -60.21
CA MET H 98 31.02 11.44 -59.62
C MET H 98 29.57 11.77 -59.93
N TYR H 99 28.74 11.95 -58.90
CA TYR H 99 27.37 12.38 -59.10
C TYR H 99 27.01 13.47 -58.10
N GLY H 100 26.01 14.25 -58.47
CA GLY H 100 25.56 15.34 -57.62
C GLY H 100 24.43 16.10 -58.29
N CYS H 101 24.00 17.18 -57.63
CA CYS H 101 22.87 17.98 -58.07
C CYS H 101 23.15 19.45 -57.78
N ASP H 102 22.50 20.33 -58.56
CA ASP H 102 22.67 21.78 -58.47
C ASP H 102 21.34 22.45 -58.18
N VAL H 103 21.32 23.29 -57.14
CA VAL H 103 20.13 24.08 -56.80
C VAL H 103 20.40 25.54 -57.14
N GLY H 104 19.31 26.28 -57.28
CA GLY H 104 19.39 27.69 -57.59
C GLY H 104 19.31 28.54 -56.36
N PRO H 105 19.18 29.86 -56.55
CA PRO H 105 19.10 30.75 -55.39
C PRO H 105 17.84 30.54 -54.57
N ASP H 106 16.77 30.05 -55.20
CA ASP H 106 15.48 29.86 -54.56
C ASP H 106 15.21 28.40 -54.20
N GLY H 107 16.27 27.60 -54.02
CA GLY H 107 16.13 26.19 -53.70
C GLY H 107 15.68 25.31 -54.85
N ARG H 108 15.45 25.89 -56.03
CA ARG H 108 14.99 25.18 -57.21
C ARG H 108 15.95 24.06 -57.60
N PHE H 109 15.42 23.05 -58.28
CA PHE H 109 16.29 22.06 -58.91
C PHE H 109 16.74 22.61 -60.25
N LEU H 110 18.05 22.49 -60.50
CA LEU H 110 18.65 23.04 -61.70
C LEU H 110 19.28 21.99 -62.59
N ARG H 111 20.19 21.20 -62.05
CA ARG H 111 20.91 20.25 -62.88
C ARG H 111 21.21 18.98 -62.11
N GLY H 112 21.32 17.87 -62.83
CA GLY H 112 21.82 16.63 -62.27
C GLY H 112 23.09 16.14 -62.94
N TYR H 113 23.82 15.24 -62.29
CA TYR H 113 25.07 14.71 -62.83
C TYR H 113 25.26 13.26 -62.40
N ARG H 114 25.74 12.43 -63.32
CA ARG H 114 26.40 11.17 -62.96
C ARG H 114 27.31 10.76 -64.11
N GLN H 115 28.61 10.62 -63.81
CA GLN H 115 29.62 10.24 -64.78
C GLN H 115 30.50 9.14 -64.19
N ASP H 116 30.79 8.13 -64.99
CA ASP H 116 31.62 7.01 -64.58
C ASP H 116 32.82 6.90 -65.52
N ALA H 117 33.97 6.54 -64.96
CA ALA H 117 35.18 6.49 -65.77
C ALA H 117 36.06 5.31 -65.34
N TYR H 118 36.57 4.58 -66.32
CA TYR H 118 37.47 3.47 -66.10
C TYR H 118 38.85 3.84 -66.59
N ASP H 119 39.82 3.92 -65.67
CA ASP H 119 41.21 4.22 -65.99
C ASP H 119 41.35 5.60 -66.64
N GLY H 120 40.77 6.62 -65.99
CA GLY H 120 40.90 8.00 -66.44
C GLY H 120 40.18 8.34 -67.72
N LYS H 121 39.63 7.36 -68.43
CA LYS H 121 38.86 7.59 -69.65
C LYS H 121 37.38 7.58 -69.32
N ASP H 122 36.61 8.42 -70.01
CA ASP H 122 35.18 8.38 -69.85
C ASP H 122 34.65 6.98 -70.17
N TYR H 123 33.66 6.55 -69.42
CA TYR H 123 33.06 5.24 -69.65
C TYR H 123 31.61 5.46 -70.05
N ILE H 124 30.75 5.69 -69.05
CA ILE H 124 29.35 6.04 -69.28
C ILE H 124 29.06 7.32 -68.53
N ALA H 125 28.08 8.07 -69.00
CA ALA H 125 27.69 9.32 -68.35
C ALA H 125 26.22 9.60 -68.62
N LEU H 126 25.59 10.31 -67.69
CA LEU H 126 24.18 10.66 -67.78
C LEU H 126 24.01 12.03 -68.42
N ASN H 127 23.17 12.10 -69.45
CA ASN H 127 22.93 13.34 -70.15
C ASN H 127 22.21 14.34 -69.26
N GLU H 128 22.05 15.54 -69.81
CA GLU H 128 21.43 16.64 -69.15
C GLU H 128 20.02 16.25 -68.84
N ASP H 129 19.40 15.55 -69.77
CA ASP H 129 17.99 15.22 -69.61
C ASP H 129 17.84 14.42 -68.35
N LEU H 130 18.83 13.57 -68.10
CA LEU H 130 18.72 12.57 -67.06
C LEU H 130 17.92 11.41 -67.62
N ARG H 131 17.60 11.46 -68.91
CA ARG H 131 16.85 10.38 -69.51
C ARG H 131 17.71 9.57 -70.43
N SER H 132 18.86 10.09 -70.81
CA SER H 132 19.64 9.44 -71.83
C SER H 132 21.06 9.19 -71.42
N TRP H 133 21.51 7.96 -71.61
CA TRP H 133 22.90 7.63 -71.31
C TRP H 133 23.75 7.75 -72.57
N THR H 134 25.01 8.10 -72.39
CA THR H 134 25.97 8.17 -73.50
C THR H 134 27.20 7.37 -73.12
N ALA H 135 27.49 6.34 -73.90
CA ALA H 135 28.61 5.45 -73.66
C ALA H 135 29.82 5.93 -74.46
N ALA H 136 30.98 5.99 -73.80
CA ALA H 136 32.18 6.45 -74.48
C ALA H 136 32.65 5.44 -75.52
N ASP H 137 32.99 4.22 -75.08
CA ASP H 137 33.58 3.24 -75.96
C ASP H 137 32.61 2.08 -76.20
N MET H 138 33.16 0.98 -76.73
CA MET H 138 32.36 -0.23 -76.95
C MET H 138 31.88 -0.81 -75.63
N ALA H 139 32.83 -1.16 -74.75
CA ALA H 139 32.46 -1.82 -73.49
C ALA H 139 31.36 -1.06 -72.77
N ALA H 140 31.49 0.27 -72.70
CA ALA H 140 30.48 1.07 -72.01
C ALA H 140 29.11 0.91 -72.63
N GLN H 141 29.02 0.50 -73.90
CA GLN H 141 27.71 0.31 -74.51
C GLN H 141 27.01 -0.92 -73.97
N ILE H 142 27.74 -2.02 -73.76
CA ILE H 142 27.09 -3.20 -73.20
C ILE H 142 26.61 -2.91 -71.80
N THR H 143 27.22 -1.94 -71.12
CA THR H 143 26.68 -1.45 -69.86
C THR H 143 25.48 -0.52 -70.10
N LYS H 144 25.56 0.33 -71.12
CA LYS H 144 24.47 1.25 -71.40
C LYS H 144 23.17 0.50 -71.61
N ARG H 145 23.15 -0.42 -72.59
CA ARG H 145 21.92 -1.16 -72.86
C ARG H 145 21.50 -2.03 -71.68
N LYS H 146 22.46 -2.45 -70.86
CA LYS H 146 22.09 -3.17 -69.64
C LYS H 146 21.35 -2.25 -68.68
N TRP H 147 21.79 -1.00 -68.57
CA TRP H 147 21.11 -0.05 -67.68
C TRP H 147 19.75 0.36 -68.24
N GLU H 148 19.66 0.52 -69.56
CA GLU H 148 18.36 0.86 -70.15
C GLU H 148 17.31 -0.20 -69.84
N ALA H 149 17.72 -1.45 -69.64
CA ALA H 149 16.75 -2.49 -69.30
C ALA H 149 16.14 -2.25 -67.92
N VAL H 150 16.92 -1.74 -66.97
CA VAL H 150 16.46 -1.62 -65.59
C VAL H 150 15.96 -0.20 -65.27
N HIS H 151 15.80 0.64 -66.29
CA HIS H 151 15.37 2.04 -66.11
C HIS H 151 16.32 2.79 -65.17
N ALA H 152 17.62 2.63 -65.41
CA ALA H 152 18.60 3.38 -64.64
C ALA H 152 18.50 4.87 -64.91
N ALA H 153 18.05 5.26 -66.11
CA ALA H 153 17.80 6.66 -66.42
C ALA H 153 16.89 7.29 -65.37
N GLU H 154 15.67 6.75 -65.24
CA GLU H 154 14.73 7.25 -64.24
C GLU H 154 15.33 7.19 -62.84
N GLN H 155 15.83 6.02 -62.44
CA GLN H 155 16.20 5.84 -61.04
C GLN H 155 17.33 6.78 -60.62
N ARG H 156 18.17 7.22 -61.57
CA ARG H 156 19.10 8.29 -61.25
C ARG H 156 18.36 9.60 -61.03
N ARG H 157 17.37 9.88 -61.88
CA ARG H 157 16.63 11.14 -61.80
C ARG H 157 15.89 11.26 -60.47
N VAL H 158 15.45 10.15 -59.90
CA VAL H 158 14.69 10.22 -58.66
C VAL H 158 15.59 10.47 -57.45
N TYR H 159 16.87 10.12 -57.54
CA TYR H 159 17.82 10.52 -56.51
C TYR H 159 18.21 11.98 -56.65
N LEU H 160 18.56 12.40 -57.88
CA LEU H 160 19.03 13.76 -58.09
C LEU H 160 17.95 14.78 -57.74
N GLU H 161 16.71 14.54 -58.18
CA GLU H 161 15.63 15.47 -57.93
C GLU H 161 14.89 15.18 -56.63
N GLY H 162 15.31 14.15 -55.89
CA GLY H 162 14.66 13.80 -54.65
C GLY H 162 15.54 13.99 -53.43
N ARG H 163 16.31 12.96 -53.08
CA ARG H 163 17.09 12.99 -51.84
C ARG H 163 18.36 13.81 -51.98
N CYS H 164 18.95 13.86 -53.19
CA CYS H 164 20.12 14.70 -53.42
C CYS H 164 19.81 16.15 -53.13
N VAL H 165 18.75 16.68 -53.74
CA VAL H 165 18.45 18.09 -53.65
C VAL H 165 18.02 18.45 -52.23
N ASP H 166 17.18 17.62 -51.61
CA ASP H 166 16.77 17.89 -50.24
C ASP H 166 17.95 17.78 -49.29
N GLY H 167 18.97 16.98 -49.62
CA GLY H 167 20.18 16.99 -48.82
C GLY H 167 20.93 18.30 -48.98
N LEU H 168 21.20 18.69 -50.23
CA LEU H 168 21.87 19.95 -50.51
C LEU H 168 21.12 21.13 -49.90
N ARG H 169 19.79 21.11 -49.97
CA ARG H 169 19.00 22.14 -49.32
C ARG H 169 19.20 22.07 -47.82
N ARG H 170 19.06 20.87 -47.24
CA ARG H 170 19.18 20.74 -45.79
C ARG H 170 20.58 21.11 -45.31
N TYR H 171 21.59 20.90 -46.15
CA TYR H 171 22.96 21.27 -45.77
C TYR H 171 23.17 22.77 -45.82
N LEU H 172 22.73 23.42 -46.91
CA LEU H 172 22.92 24.86 -47.07
C LEU H 172 22.29 25.65 -45.93
N GLU H 173 21.34 25.07 -45.22
CA GLU H 173 20.76 25.71 -44.05
C GLU H 173 21.47 25.29 -42.77
N ASN H 174 21.91 24.04 -42.69
CA ASN H 174 22.64 23.60 -41.51
C ASN H 174 23.97 24.33 -41.37
N GLY H 175 24.69 24.46 -42.48
CA GLY H 175 25.91 25.25 -42.50
C GLY H 175 25.67 26.59 -43.16
N LYS H 176 24.58 27.26 -42.75
CA LYS H 176 24.21 28.54 -43.34
C LYS H 176 25.32 29.56 -43.18
N GLU H 177 26.06 29.49 -42.07
CA GLU H 177 27.15 30.42 -41.83
C GLU H 177 28.30 30.18 -42.79
N THR H 178 28.75 28.92 -42.90
CA THR H 178 29.95 28.62 -43.67
C THR H 178 29.71 28.69 -45.17
N LEU H 179 28.56 28.20 -45.63
CA LEU H 179 28.40 27.88 -47.04
C LEU H 179 27.95 29.06 -47.88
N GLN H 180 27.23 30.02 -47.29
CA GLN H 180 26.74 31.16 -48.05
C GLN H 180 27.67 32.34 -48.00
N ARG H 181 28.87 32.15 -47.45
CA ARG H 181 29.88 33.20 -47.43
C ARG H 181 30.36 33.49 -48.85
N THR H 182 30.91 34.69 -49.00
CA THR H 182 31.73 35.04 -50.15
C THR H 182 32.97 35.75 -49.64
N ASP H 183 34.08 35.54 -50.33
CA ASP H 183 35.36 36.05 -49.87
C ASP H 183 36.08 36.72 -51.04
N PRO H 184 36.10 38.05 -51.08
CA PRO H 184 36.77 38.74 -52.19
C PRO H 184 38.27 38.51 -52.12
N PRO H 185 38.92 38.36 -53.27
CA PRO H 185 40.36 38.08 -53.26
C PRO H 185 41.17 39.27 -52.78
N LYS H 186 42.13 38.99 -51.91
CA LYS H 186 43.08 39.99 -51.45
C LYS H 186 44.28 39.96 -52.40
N THR H 187 44.44 41.01 -53.19
CA THR H 187 45.33 41.04 -54.34
C THR H 187 46.57 41.86 -54.04
N HIS H 188 47.59 41.66 -54.88
CA HIS H 188 48.81 42.45 -54.89
C HIS H 188 49.58 42.07 -56.14
N MET H 189 50.49 42.94 -56.57
CA MET H 189 51.19 42.76 -57.83
C MET H 189 52.69 42.60 -57.58
N THR H 190 53.35 41.91 -58.50
CA THR H 190 54.74 41.50 -58.31
C THR H 190 55.56 41.90 -59.53
N HIS H 191 56.78 42.39 -59.27
CA HIS H 191 57.69 42.83 -60.32
C HIS H 191 59.01 42.08 -60.15
N HIS H 192 59.34 41.24 -61.12
CA HIS H 192 60.60 40.49 -61.10
C HIS H 192 61.40 40.82 -62.36
N PRO H 193 62.46 41.62 -62.27
CA PRO H 193 63.29 41.87 -63.45
C PRO H 193 64.08 40.62 -63.82
N ILE H 194 64.01 40.25 -65.10
CA ILE H 194 64.70 39.07 -65.63
C ILE H 194 65.93 39.46 -66.45
N SER H 195 65.76 40.34 -67.43
CA SER H 195 66.84 40.85 -68.25
C SER H 195 67.00 42.35 -68.05
N ASP H 196 67.91 42.94 -68.82
CA ASP H 196 68.03 44.39 -68.87
C ASP H 196 66.95 45.04 -69.70
N HIS H 197 66.06 44.24 -70.32
CA HIS H 197 65.02 44.77 -71.18
C HIS H 197 63.61 44.30 -70.84
N GLU H 198 63.45 43.20 -70.11
CA GLU H 198 62.13 42.72 -69.74
C GLU H 198 62.06 42.42 -68.25
N ALA H 199 60.83 42.33 -67.75
CA ALA H 199 60.54 41.89 -66.39
C ALA H 199 59.32 40.99 -66.47
N THR H 200 58.80 40.60 -65.30
CA THR H 200 57.57 39.80 -65.23
C THR H 200 56.66 40.42 -64.18
N LEU H 201 55.47 40.84 -64.61
CA LEU H 201 54.46 41.37 -63.71
C LEU H 201 53.53 40.23 -63.34
N ARG H 202 53.65 39.77 -62.10
CA ARG H 202 52.80 38.70 -61.59
C ARG H 202 51.68 39.31 -60.76
N CYS H 203 50.47 38.79 -60.94
CA CYS H 203 49.26 39.34 -60.34
C CYS H 203 48.68 38.32 -59.38
N TRP H 204 48.84 38.54 -58.08
CA TRP H 204 48.39 37.61 -57.06
C TRP H 204 46.97 37.94 -56.62
N ALA H 205 46.25 36.91 -56.21
CA ALA H 205 44.94 37.06 -55.58
C ALA H 205 44.79 35.90 -54.61
N LEU H 206 45.02 36.16 -53.34
CA LEU H 206 44.94 35.14 -52.30
C LEU H 206 43.65 35.29 -51.50
N GLY H 207 43.31 34.23 -50.77
CA GLY H 207 42.18 34.24 -49.85
C GLY H 207 40.84 34.63 -50.43
N PHE H 208 40.27 33.76 -51.25
CA PHE H 208 38.94 33.99 -51.82
C PHE H 208 38.15 32.69 -51.78
N TYR H 209 36.82 32.85 -51.74
CA TYR H 209 35.89 31.73 -51.76
C TYR H 209 34.60 32.26 -52.36
N PRO H 210 33.97 31.53 -53.29
CA PRO H 210 34.35 30.19 -53.80
C PRO H 210 35.59 30.25 -54.69
N ALA H 211 36.04 29.10 -55.20
CA ALA H 211 37.30 29.04 -55.93
C ALA H 211 37.20 29.66 -57.31
N GLU H 212 36.00 29.98 -57.78
CA GLU H 212 35.86 30.64 -59.08
C GLU H 212 36.51 32.02 -59.06
N ILE H 213 37.40 32.27 -60.02
CA ILE H 213 38.17 33.50 -60.08
C ILE H 213 38.60 33.70 -61.52
N THR H 214 38.70 34.97 -61.93
CA THR H 214 39.05 35.30 -63.31
C THR H 214 40.12 36.38 -63.32
N LEU H 215 41.33 36.00 -63.73
CA LEU H 215 42.46 36.91 -63.89
C LEU H 215 42.64 37.20 -65.38
N THR H 216 42.81 38.49 -65.70
CA THR H 216 42.89 38.94 -67.09
C THR H 216 43.95 40.03 -67.17
N TRP H 217 44.98 39.81 -67.99
CA TRP H 217 45.98 40.84 -68.27
C TRP H 217 45.59 41.66 -69.49
N GLN H 218 45.86 42.96 -69.43
CA GLN H 218 45.47 43.86 -70.51
C GLN H 218 46.51 44.94 -70.76
N ARG H 219 46.91 45.07 -72.02
CA ARG H 219 47.79 46.14 -72.49
C ARG H 219 46.92 47.25 -73.08
N ASP H 220 46.94 48.43 -72.45
CA ASP H 220 46.21 49.59 -72.95
C ASP H 220 44.72 49.29 -73.11
N GLY H 221 44.19 48.41 -72.28
CA GLY H 221 42.81 48.00 -72.44
C GLY H 221 42.57 46.94 -73.49
N GLU H 222 43.63 46.37 -74.07
CA GLU H 222 43.51 45.32 -75.08
C GLU H 222 43.84 43.98 -74.46
N ASP H 223 42.98 42.99 -74.70
CA ASP H 223 43.14 41.67 -74.11
C ASP H 223 44.47 41.04 -74.52
N GLN H 224 45.14 40.39 -73.56
CA GLN H 224 46.50 39.86 -73.73
C GLN H 224 46.57 38.39 -73.36
N THR H 225 46.21 37.52 -74.31
CA THR H 225 46.36 36.07 -74.13
C THR H 225 47.72 35.56 -74.60
N GLN H 226 48.67 36.47 -74.83
CA GLN H 226 49.96 36.12 -75.44
C GLN H 226 50.99 35.72 -74.40
N ASP H 227 51.77 36.70 -73.90
CA ASP H 227 52.78 36.43 -72.89
C ASP H 227 52.20 36.21 -71.50
N THR H 228 51.04 35.56 -71.41
CA THR H 228 50.38 35.35 -70.14
C THR H 228 50.58 33.92 -69.68
N GLU H 229 50.76 33.74 -68.37
CA GLU H 229 50.91 32.44 -67.74
C GLU H 229 50.00 32.39 -66.53
N LEU H 230 49.29 31.28 -66.36
CA LEU H 230 48.22 31.20 -65.37
C LEU H 230 48.31 29.85 -64.65
N VAL H 231 48.72 29.86 -63.37
CA VAL H 231 48.69 28.64 -62.57
C VAL H 231 47.25 28.34 -62.16
N GLU H 232 46.94 27.05 -62.08
CA GLU H 232 45.60 26.67 -61.65
C GLU H 232 45.39 27.06 -60.19
N THR H 233 44.14 27.30 -59.83
CA THR H 233 43.82 27.73 -58.48
C THR H 233 44.26 26.68 -57.47
N ARG H 234 45.01 27.11 -56.45
CA ARG H 234 45.59 26.28 -55.39
C ARG H 234 44.80 26.47 -54.09
N PRO H 235 44.64 25.39 -53.32
CA PRO H 235 44.00 25.51 -52.00
C PRO H 235 45.01 25.95 -50.96
N ALA H 236 44.64 26.94 -50.15
CA ALA H 236 45.53 27.42 -49.10
C ALA H 236 45.56 26.49 -47.89
N GLY H 237 44.71 25.48 -47.85
CA GLY H 237 44.65 24.55 -46.74
C GLY H 237 43.72 24.94 -45.62
N ASP H 238 43.05 26.09 -45.73
CA ASP H 238 42.17 26.60 -44.69
C ASP H 238 40.81 26.93 -45.28
N GLY H 239 40.43 26.22 -46.34
CA GLY H 239 39.17 26.46 -47.00
C GLY H 239 39.15 27.62 -47.98
N THR H 240 40.26 28.32 -48.15
CA THR H 240 40.34 29.40 -49.12
C THR H 240 41.36 29.05 -50.20
N PHE H 241 41.36 29.84 -51.28
CA PHE H 241 42.14 29.51 -52.46
C PHE H 241 42.94 30.71 -52.95
N GLN H 242 43.98 30.40 -53.74
CA GLN H 242 44.89 31.39 -54.31
C GLN H 242 45.08 31.12 -55.79
N LYS H 243 45.38 32.17 -56.54
CA LYS H 243 45.67 32.04 -57.98
C LYS H 243 46.37 33.31 -58.45
N TRP H 244 47.42 33.14 -59.25
CA TRP H 244 48.16 34.27 -59.79
C TRP H 244 48.33 34.13 -61.29
N ALA H 245 48.29 35.26 -61.99
CA ALA H 245 48.50 35.33 -63.43
C ALA H 245 49.62 36.33 -63.70
N ALA H 246 50.69 35.85 -64.34
CA ALA H 246 51.85 36.68 -64.63
C ALA H 246 51.94 36.95 -66.12
N VAL H 247 52.72 37.97 -66.46
CA VAL H 247 52.95 38.36 -67.85
C VAL H 247 54.38 38.85 -67.96
N VAL H 248 55.01 38.57 -69.10
CA VAL H 248 56.35 39.08 -69.36
C VAL H 248 56.18 40.46 -69.98
N VAL H 249 56.93 41.43 -69.46
CA VAL H 249 56.71 42.84 -69.81
C VAL H 249 58.03 43.43 -70.29
N PRO H 250 58.04 44.19 -71.38
CA PRO H 250 59.24 44.96 -71.74
C PRO H 250 59.40 46.14 -70.79
N SER H 251 60.60 46.29 -70.25
CA SER H 251 60.85 47.31 -69.24
C SER H 251 60.39 48.68 -69.71
N GLY H 252 59.84 49.46 -68.77
CA GLY H 252 59.34 50.79 -69.10
C GLY H 252 57.97 50.84 -69.70
N GLU H 253 57.19 49.76 -69.61
CA GLU H 253 55.84 49.71 -70.14
C GLU H 253 54.84 49.18 -69.12
N GLU H 254 55.22 49.12 -67.84
CA GLU H 254 54.34 48.56 -66.82
C GLU H 254 53.09 49.40 -66.59
N GLN H 255 53.19 50.73 -66.70
CA GLN H 255 52.00 51.55 -66.58
C GLN H 255 51.06 51.42 -67.77
N ARG H 256 51.37 50.53 -68.72
CA ARG H 256 50.46 50.19 -69.80
C ARG H 256 49.72 48.88 -69.57
N TYR H 257 50.26 48.00 -68.70
CA TYR H 257 49.65 46.71 -68.44
C TYR H 257 48.75 46.80 -67.22
N THR H 258 47.54 46.26 -67.33
CA THR H 258 46.58 46.25 -66.24
C THR H 258 46.10 44.83 -66.00
N CYS H 259 46.10 44.40 -64.75
CA CYS H 259 45.57 43.09 -64.36
C CYS H 259 44.15 43.28 -63.81
N HIS H 260 43.22 42.45 -64.26
CA HIS H 260 41.80 42.60 -63.94
C HIS H 260 41.30 41.35 -63.24
N VAL H 261 40.58 41.54 -62.12
CA VAL H 261 40.12 40.44 -61.27
C VAL H 261 38.60 40.53 -61.15
N GLN H 262 37.92 39.40 -61.42
CA GLN H 262 36.47 39.27 -61.32
C GLN H 262 36.14 38.16 -60.35
N HIS H 263 35.30 38.45 -59.34
CA HIS H 263 34.90 37.44 -58.37
C HIS H 263 33.46 37.66 -57.93
N GLU H 264 32.84 36.58 -57.45
CA GLU H 264 31.46 36.68 -56.95
C GLU H 264 31.39 37.53 -55.69
N GLY H 265 32.30 37.29 -54.73
CA GLY H 265 32.37 38.09 -53.53
C GLY H 265 32.99 39.45 -53.71
N LEU H 266 33.16 39.87 -54.94
CA LEU H 266 33.67 41.17 -55.30
C LEU H 266 32.56 41.98 -55.94
N PRO H 267 32.24 43.19 -55.45
CA PRO H 267 31.07 43.92 -55.99
C PRO H 267 31.27 44.35 -57.43
N LYS H 268 32.30 45.16 -57.67
CA LYS H 268 32.69 45.55 -59.00
C LYS H 268 34.10 45.03 -59.30
N PRO H 269 34.39 44.67 -60.55
CA PRO H 269 35.70 44.11 -60.87
C PRO H 269 36.84 45.04 -60.48
N LEU H 270 37.96 44.43 -60.12
CA LEU H 270 39.17 45.11 -59.71
C LEU H 270 40.03 45.46 -60.92
N THR H 271 40.97 46.38 -60.71
CA THR H 271 41.98 46.71 -61.72
C THR H 271 43.28 47.02 -61.00
N LEU H 272 44.36 46.36 -61.43
CA LEU H 272 45.67 46.51 -60.82
C LEU H 272 46.69 46.92 -61.87
N ARG H 273 47.60 47.81 -61.48
CA ARG H 273 48.60 48.37 -62.39
C ARG H 273 49.86 48.67 -61.60
N TRP H 274 50.98 48.76 -62.31
CA TRP H 274 52.24 49.06 -61.66
C TRP H 274 52.46 50.58 -61.57
N VAL I 1 23.54 13.65 -49.23
CA VAL I 1 23.05 12.30 -48.98
C VAL I 1 23.43 11.40 -50.15
N THR I 2 24.17 10.34 -49.84
CA THR I 2 24.69 9.46 -50.86
C THR I 2 23.59 8.59 -51.46
N GLU I 3 23.86 8.05 -52.65
CA GLU I 3 22.84 7.34 -53.42
C GLU I 3 22.50 5.99 -52.78
N HIS I 4 21.22 5.63 -52.94
CA HIS I 4 20.63 4.47 -52.26
C HIS I 4 21.34 3.17 -52.60
N ASP I 5 21.39 2.83 -53.89
CA ASP I 5 21.93 1.58 -54.44
C ASP I 5 22.88 1.90 -55.58
N THR I 6 23.49 0.86 -56.17
CA THR I 6 24.49 1.09 -57.21
C THR I 6 24.21 0.22 -58.44
N LEU I 7 24.86 0.58 -59.54
CA LEU I 7 24.67 -0.08 -60.83
C LEU I 7 25.90 -0.90 -61.19
N LEU I 8 25.68 -2.06 -61.78
CA LEU I 8 26.79 -2.88 -62.25
C LEU I 8 27.00 -2.65 -63.74
N TYR I 9 28.25 -2.74 -64.17
CA TYR I 9 28.61 -2.46 -65.57
C TYR I 9 28.45 -3.68 -66.49
N ILE J 1 46.20 4.87 -70.18
CA ILE J 1 46.98 6.07 -70.41
C ILE J 1 47.29 6.74 -69.06
N GLN J 2 48.41 7.45 -68.99
CA GLN J 2 48.92 7.98 -67.73
C GLN J 2 49.13 9.48 -67.84
N ARG J 3 48.97 10.16 -66.70
CA ARG J 3 49.19 11.59 -66.60
C ARG J 3 50.19 11.87 -65.50
N THR J 4 51.06 12.85 -65.73
CA THR J 4 52.14 13.19 -64.82
C THR J 4 51.77 14.39 -63.95
N PRO J 5 52.15 14.37 -62.68
CA PRO J 5 51.60 15.34 -61.72
C PRO J 5 52.15 16.74 -61.91
N LYS J 6 51.26 17.73 -61.82
CA LYS J 6 51.68 19.12 -61.66
C LYS J 6 51.92 19.40 -60.19
N ILE J 7 52.99 20.15 -59.90
CA ILE J 7 53.38 20.39 -58.52
C ILE J 7 53.54 21.88 -58.27
N GLN J 8 52.88 22.37 -57.23
CA GLN J 8 53.06 23.74 -56.74
C GLN J 8 53.41 23.65 -55.27
N VAL J 9 54.45 24.38 -54.86
CA VAL J 9 54.85 24.47 -53.46
C VAL J 9 54.71 25.91 -53.03
N TYR J 10 53.97 26.14 -51.95
CA TYR J 10 53.64 27.50 -51.54
C TYR J 10 53.30 27.51 -50.06
N SER J 11 53.26 28.71 -49.50
CA SER J 11 52.85 28.90 -48.12
C SER J 11 51.38 29.29 -48.08
N ARG J 12 50.73 28.95 -46.96
CA ARG J 12 49.31 29.28 -46.83
C ARG J 12 49.12 30.79 -46.80
N HIS J 13 49.92 31.49 -46.00
CA HIS J 13 49.97 32.94 -45.99
C HIS J 13 51.31 33.42 -46.53
N PRO J 14 51.38 34.67 -47.04
CA PRO J 14 52.68 35.24 -47.42
C PRO J 14 53.68 35.07 -46.28
N ALA J 15 54.81 34.42 -46.56
CA ALA J 15 55.71 34.01 -45.50
C ALA J 15 56.45 35.18 -44.85
N GLU J 16 56.60 35.12 -43.54
CA GLU J 16 57.42 36.07 -42.79
C GLU J 16 58.24 35.30 -41.78
N ASN J 17 59.54 35.57 -41.75
CA ASN J 17 60.47 34.76 -40.99
C ASN J 17 60.20 34.87 -39.50
N GLY J 18 60.11 33.73 -38.83
CA GLY J 18 59.89 33.69 -37.41
C GLY J 18 58.45 33.59 -36.99
N LYS J 19 57.50 33.72 -37.91
CA LYS J 19 56.08 33.59 -37.59
C LYS J 19 55.55 32.31 -38.21
N SER J 20 54.74 31.57 -37.44
CA SER J 20 54.22 30.28 -37.88
C SER J 20 53.34 30.39 -39.13
N ASN J 21 53.76 29.70 -40.20
CA ASN J 21 53.01 29.56 -41.45
C ASN J 21 52.81 28.07 -41.75
N PHE J 22 52.40 27.76 -42.98
CA PHE J 22 52.13 26.39 -43.39
C PHE J 22 52.62 26.13 -44.81
N LEU J 23 53.33 25.02 -44.99
CA LEU J 23 53.93 24.65 -46.27
C LEU J 23 53.01 23.69 -46.99
N ASN J 24 52.53 24.11 -48.16
CA ASN J 24 51.61 23.32 -48.96
C ASN J 24 52.34 22.78 -50.17
N CYS J 25 52.16 21.50 -50.47
CA CYS J 25 52.54 20.93 -51.74
C CYS J 25 51.30 20.36 -52.38
N TYR J 26 50.91 20.92 -53.51
CA TYR J 26 49.64 20.60 -54.16
C TYR J 26 49.94 19.92 -55.49
N VAL J 27 49.83 18.60 -55.50
CA VAL J 27 50.02 17.80 -56.71
C VAL J 27 48.65 17.55 -57.31
N SER J 28 48.52 17.75 -58.62
CA SER J 28 47.24 17.63 -59.28
C SER J 28 47.45 17.13 -60.71
N GLY J 29 46.35 16.72 -61.33
CA GLY J 29 46.38 16.35 -62.73
C GLY J 29 47.14 15.08 -63.05
N PHE J 30 47.28 14.16 -62.08
CA PHE J 30 48.03 12.94 -62.30
C PHE J 30 47.10 11.74 -62.28
N HIS J 31 47.57 10.64 -62.89
CA HIS J 31 46.79 9.42 -62.98
C HIS J 31 47.72 8.28 -63.38
N PRO J 32 47.62 7.11 -62.75
CA PRO J 32 46.71 6.74 -61.66
C PRO J 32 47.10 7.34 -60.30
N SER J 33 46.44 6.86 -59.24
CA SER J 33 46.47 7.53 -57.96
C SER J 33 47.75 7.27 -57.16
N ASP J 34 48.43 6.14 -57.36
CA ASP J 34 49.60 5.84 -56.55
C ASP J 34 50.66 6.92 -56.73
N ILE J 35 50.90 7.70 -55.67
CA ILE J 35 51.88 8.80 -55.71
C ILE J 35 52.59 8.89 -54.37
N GLU J 36 53.86 9.30 -54.42
CA GLU J 36 54.68 9.52 -53.22
C GLU J 36 55.01 11.00 -53.14
N VAL J 37 54.71 11.62 -52.00
CA VAL J 37 54.96 13.04 -51.78
C VAL J 37 55.55 13.22 -50.38
N ASP J 38 56.67 13.94 -50.29
CA ASP J 38 57.28 14.32 -49.03
C ASP J 38 57.58 15.81 -49.03
N LEU J 39 57.63 16.39 -47.84
CA LEU J 39 58.10 17.76 -47.68
C LEU J 39 59.51 17.72 -47.09
N LEU J 40 60.36 18.65 -47.53
CA LEU J 40 61.80 18.59 -47.26
C LEU J 40 62.30 19.88 -46.63
N LYS J 41 62.85 19.79 -45.42
CA LYS J 41 63.56 20.90 -44.79
C LYS J 41 65.05 20.70 -45.05
N ASN J 42 65.55 21.37 -46.10
CA ASN J 42 66.96 21.29 -46.49
C ASN J 42 67.37 19.85 -46.74
N GLY J 43 66.64 19.20 -47.66
CA GLY J 43 66.97 17.85 -48.09
C GLY J 43 66.62 16.73 -47.14
N GLU J 44 66.12 17.03 -45.94
CA GLU J 44 65.72 16.01 -45.00
C GLU J 44 64.20 15.83 -45.04
N ARG J 45 63.76 14.60 -44.76
CA ARG J 45 62.35 14.24 -44.90
C ARG J 45 61.57 14.68 -43.68
N ILE J 46 60.58 15.56 -43.87
CA ILE J 46 59.75 16.06 -42.77
C ILE J 46 58.74 14.99 -42.39
N GLU J 47 58.68 14.66 -41.09
CA GLU J 47 57.89 13.52 -40.63
C GLU J 47 56.42 13.89 -40.38
N LYS J 48 56.19 15.01 -39.70
CA LYS J 48 54.86 15.44 -39.28
C LYS J 48 54.10 16.10 -40.43
N VAL J 49 53.79 15.30 -41.45
CA VAL J 49 53.09 15.78 -42.65
C VAL J 49 51.84 14.95 -42.87
N GLU J 50 50.69 15.62 -43.04
CA GLU J 50 49.44 14.99 -43.44
C GLU J 50 49.05 15.42 -44.84
N HIS J 51 47.99 14.79 -45.35
CA HIS J 51 47.49 15.08 -46.69
C HIS J 51 45.97 15.10 -46.69
N SER J 52 45.42 15.55 -47.82
CA SER J 52 43.98 15.61 -48.07
C SER J 52 43.44 14.26 -48.51
N ASP J 53 42.12 14.22 -48.78
CA ASP J 53 41.45 13.02 -49.27
C ASP J 53 41.36 13.06 -50.79
N LEU J 54 41.52 11.88 -51.40
CA LEU J 54 41.68 11.78 -52.84
C LEU J 54 40.41 12.20 -53.56
N SER J 55 40.44 13.36 -54.21
CA SER J 55 39.38 13.78 -55.10
C SER J 55 39.96 13.85 -56.50
N PHE J 56 39.10 14.08 -57.50
CA PHE J 56 39.57 14.18 -58.88
C PHE J 56 38.84 15.31 -59.58
N SER J 57 39.37 15.70 -60.72
CA SER J 57 38.90 16.86 -61.46
C SER J 57 37.95 16.44 -62.58
N LYS J 58 37.67 17.37 -63.50
CA LYS J 58 36.76 17.08 -64.59
C LYS J 58 37.34 16.03 -65.55
N ASP J 59 38.64 16.09 -65.81
CA ASP J 59 39.25 15.08 -66.67
C ASP J 59 39.60 13.80 -65.93
N TRP J 60 39.02 13.59 -64.75
CA TRP J 60 39.23 12.43 -63.89
C TRP J 60 40.64 12.36 -63.31
N SER J 61 41.44 13.39 -63.50
CA SER J 61 42.79 13.41 -62.96
C SER J 61 42.75 13.87 -61.50
N PHE J 62 43.44 13.13 -60.62
CA PHE J 62 43.38 13.34 -59.18
C PHE J 62 44.16 14.58 -58.74
N TYR J 63 43.96 14.96 -57.48
CA TYR J 63 44.70 16.06 -56.86
C TYR J 63 44.76 15.88 -55.36
N LEU J 64 45.91 16.20 -54.77
CA LEU J 64 46.14 16.06 -53.34
C LEU J 64 46.86 17.30 -52.81
N LEU J 65 46.74 17.52 -51.50
CA LEU J 65 47.46 18.58 -50.82
C LEU J 65 48.19 18.00 -49.63
N TYR J 66 49.52 18.07 -49.64
CA TYR J 66 50.32 17.69 -48.50
C TYR J 66 50.77 18.95 -47.79
N TYR J 67 50.57 19.01 -46.48
CA TYR J 67 50.81 20.25 -45.75
C TYR J 67 51.55 19.95 -44.45
N THR J 68 52.28 20.94 -43.95
CA THR J 68 52.98 20.86 -42.67
C THR J 68 53.02 22.24 -42.04
N GLU J 69 52.92 22.26 -40.72
CA GLU J 69 53.18 23.47 -39.95
C GLU J 69 54.68 23.75 -40.01
N PHE J 70 55.05 25.01 -40.30
CA PHE J 70 56.47 25.33 -40.33
C PHE J 70 56.65 26.83 -40.09
N THR J 71 57.79 27.17 -39.49
CA THR J 71 58.21 28.55 -39.29
C THR J 71 59.40 28.83 -40.19
N PRO J 72 59.21 29.49 -41.32
CA PRO J 72 60.32 29.69 -42.25
C PRO J 72 61.34 30.67 -41.69
N THR J 73 62.62 30.37 -41.91
CA THR J 73 63.66 31.35 -41.64
C THR J 73 64.20 31.84 -42.98
N GLU J 74 65.34 32.53 -42.94
CA GLU J 74 65.96 33.01 -44.17
C GLU J 74 66.96 32.02 -44.72
N LYS J 75 67.56 31.21 -43.85
CA LYS J 75 68.52 30.20 -44.26
C LYS J 75 67.84 28.87 -44.60
N ASP J 76 66.82 28.50 -43.82
CA ASP J 76 66.02 27.33 -44.11
C ASP J 76 65.29 27.48 -45.44
N GLU J 77 65.59 26.59 -46.38
CA GLU J 77 64.89 26.53 -47.66
C GLU J 77 64.24 25.15 -47.84
N TYR J 78 62.94 25.15 -48.09
CA TYR J 78 62.14 23.93 -48.12
C TYR J 78 61.79 23.55 -49.56
N ALA J 79 61.45 22.27 -49.74
CA ALA J 79 61.15 21.72 -51.05
C ALA J 79 60.23 20.51 -50.89
N CYS J 80 59.67 20.09 -52.02
CA CYS J 80 58.71 18.99 -52.08
C CYS J 80 59.14 17.98 -53.13
N ARG J 81 59.27 16.71 -52.73
CA ARG J 81 59.68 15.63 -53.63
C ARG J 81 58.50 14.72 -53.92
N VAL J 82 58.31 14.40 -55.19
CA VAL J 82 57.14 13.65 -55.66
C VAL J 82 57.62 12.56 -56.62
N ASN J 83 57.45 11.30 -56.23
CA ASN J 83 57.70 10.18 -57.13
C ASN J 83 56.39 9.66 -57.67
N HIS J 84 56.42 9.24 -58.93
CA HIS J 84 55.23 8.76 -59.62
C HIS J 84 55.64 7.69 -60.63
N VAL J 85 54.64 7.03 -61.22
CA VAL J 85 54.92 6.08 -62.30
C VAL J 85 55.37 6.81 -63.55
N THR J 86 54.86 8.02 -63.77
CA THR J 86 55.32 8.82 -64.90
C THR J 86 56.68 9.46 -64.66
N LEU J 87 57.22 9.35 -63.44
CA LEU J 87 58.51 9.94 -63.09
C LEU J 87 59.51 8.82 -62.83
N SER J 88 60.54 8.74 -63.66
CA SER J 88 61.59 7.75 -63.48
C SER J 88 62.37 8.01 -62.20
N GLN J 89 62.77 9.27 -61.99
CA GLN J 89 63.40 9.69 -60.75
C GLN J 89 62.53 10.75 -60.08
N PRO J 90 62.42 10.71 -58.75
CA PRO J 90 61.53 11.64 -58.06
C PRO J 90 61.86 13.09 -58.38
N LYS J 91 60.85 13.83 -58.82
CA LYS J 91 61.00 15.27 -58.97
C LYS J 91 61.11 15.91 -57.59
N ILE J 92 61.84 17.01 -57.54
CA ILE J 92 61.94 17.86 -56.35
C ILE J 92 61.65 19.28 -56.78
N VAL J 93 60.72 19.95 -56.09
CA VAL J 93 60.37 21.33 -56.37
C VAL J 93 60.61 22.16 -55.12
N LYS J 94 61.55 23.11 -55.21
CA LYS J 94 61.90 23.94 -54.09
C LYS J 94 60.91 25.09 -53.94
N TRP J 95 60.66 25.47 -52.68
CA TRP J 95 59.71 26.51 -52.37
C TRP J 95 60.31 27.89 -52.69
N ASP J 96 59.65 28.61 -53.59
CA ASP J 96 60.02 30.00 -53.88
C ASP J 96 59.19 30.94 -53.02
N ARG J 97 59.82 32.03 -52.58
CA ARG J 97 59.14 33.01 -51.74
C ARG J 97 58.05 33.76 -52.48
N ASP J 98 58.07 33.78 -53.82
CA ASP J 98 57.07 34.49 -54.61
C ASP J 98 56.57 33.64 -55.77
N MET J 99 56.30 32.35 -55.53
CA MET J 99 55.68 31.50 -56.56
C MET J 99 54.75 30.47 -55.95
N SER K 2 -7.32 -15.89 -62.35
CA SER K 2 -8.16 -16.41 -61.28
C SER K 2 -9.13 -17.46 -61.81
N VAL K 3 -9.01 -17.81 -63.09
CA VAL K 3 -9.90 -18.77 -63.72
C VAL K 3 -9.11 -20.06 -63.91
N SER K 4 -9.39 -21.05 -63.07
CA SER K 4 -8.84 -22.39 -63.26
C SER K 4 -10.01 -23.36 -63.29
N THR K 5 -10.11 -24.12 -64.37
CA THR K 5 -11.27 -24.94 -64.66
C THR K 5 -10.87 -26.40 -64.73
N GLN K 6 -11.58 -27.23 -63.99
CA GLN K 6 -11.41 -28.67 -63.99
C GLN K 6 -12.60 -29.35 -64.66
N PRO K 7 -12.39 -30.52 -65.25
CA PRO K 7 -13.54 -31.30 -65.71
C PRO K 7 -14.39 -31.69 -64.52
N PRO K 8 -15.70 -31.88 -64.73
CA PRO K 8 -16.57 -32.13 -63.58
C PRO K 8 -16.33 -33.48 -62.94
N SER K 9 -16.18 -34.52 -63.75
CA SER K 9 -15.90 -35.84 -63.24
C SER K 9 -15.04 -36.58 -64.25
N VAL K 10 -14.23 -37.51 -63.75
CA VAL K 10 -13.39 -38.38 -64.57
C VAL K 10 -13.61 -39.80 -64.10
N SER K 11 -13.99 -40.67 -65.04
CA SER K 11 -14.19 -42.09 -64.77
C SER K 11 -13.07 -42.90 -65.41
N VAL K 12 -12.57 -43.91 -64.68
CA VAL K 12 -11.46 -44.72 -65.15
C VAL K 12 -11.66 -46.18 -64.70
N ALA K 13 -11.22 -47.11 -65.55
CA ALA K 13 -11.30 -48.52 -65.22
C ALA K 13 -10.28 -48.86 -64.14
N PRO K 14 -10.59 -49.82 -63.26
CA PRO K 14 -9.63 -50.19 -62.21
C PRO K 14 -8.31 -50.66 -62.80
N GLY K 15 -7.22 -50.25 -62.17
CA GLY K 15 -5.88 -50.57 -62.63
C GLY K 15 -5.41 -49.78 -63.82
N GLN K 16 -6.28 -49.04 -64.50
CA GLN K 16 -5.84 -48.19 -65.62
C GLN K 16 -5.16 -46.94 -65.02
N THR K 17 -4.86 -45.96 -65.87
CA THR K 17 -4.24 -44.72 -65.42
C THR K 17 -5.19 -43.56 -65.63
N ALA K 18 -5.60 -42.91 -64.54
CA ALA K 18 -6.46 -41.74 -64.57
C ALA K 18 -5.63 -40.47 -64.72
N ARG K 19 -6.28 -39.42 -65.21
CA ARG K 19 -5.60 -38.17 -65.52
C ARG K 19 -6.58 -37.02 -65.35
N ILE K 20 -6.32 -36.13 -64.39
CA ILE K 20 -7.18 -34.99 -64.10
C ILE K 20 -6.46 -33.70 -64.47
N THR K 21 -7.12 -32.85 -65.25
CA THR K 21 -6.55 -31.58 -65.71
C THR K 21 -7.08 -30.40 -64.91
N CYS K 22 -6.30 -29.32 -64.89
CA CYS K 22 -6.63 -28.05 -64.22
C CYS K 22 -6.18 -26.93 -65.17
N GLY K 23 -7.03 -26.61 -66.14
CA GLY K 23 -6.66 -25.64 -67.15
C GLY K 23 -6.80 -24.21 -66.66
N GLY K 24 -5.90 -23.37 -67.14
CA GLY K 24 -5.88 -21.98 -66.75
C GLY K 24 -4.92 -21.15 -67.59
N ASN K 25 -5.18 -19.85 -67.71
CA ASN K 25 -4.33 -18.98 -68.51
C ASN K 25 -2.96 -18.88 -67.85
N ASN K 26 -1.95 -19.46 -68.49
CA ASN K 26 -0.56 -19.48 -68.00
C ASN K 26 -0.50 -20.07 -66.59
N ILE K 27 -1.24 -21.14 -66.34
CA ILE K 27 -1.11 -21.82 -65.07
C ILE K 27 0.23 -22.56 -64.98
N GLY K 28 0.87 -22.81 -66.13
CA GLY K 28 2.20 -23.40 -66.11
C GLY K 28 3.23 -22.52 -65.45
N SER K 29 3.00 -21.22 -65.42
CA SER K 29 3.87 -20.29 -64.74
C SER K 29 3.40 -20.03 -63.30
N LYS K 30 2.31 -20.65 -62.88
CA LYS K 30 1.92 -20.64 -61.48
C LYS K 30 2.34 -21.95 -60.82
N SER K 31 2.42 -21.94 -59.49
CA SER K 31 2.75 -23.14 -58.73
C SER K 31 1.45 -23.83 -58.32
N VAL K 32 1.17 -24.98 -58.93
CA VAL K 32 -0.09 -25.71 -58.74
C VAL K 32 0.08 -26.73 -57.62
N HIS K 33 -0.98 -26.90 -56.82
CA HIS K 33 -1.04 -27.94 -55.81
C HIS K 33 -2.34 -28.74 -56.01
N TRP K 34 -2.42 -29.90 -55.36
CA TRP K 34 -3.58 -30.76 -55.51
C TRP K 34 -4.00 -31.32 -54.16
N TYR K 35 -5.30 -31.31 -53.91
CA TYR K 35 -5.88 -31.86 -52.68
C TYR K 35 -6.91 -32.91 -53.06
N ARG K 36 -6.94 -33.99 -52.29
CA ARG K 36 -7.88 -35.09 -52.46
C ARG K 36 -8.84 -35.11 -51.27
N GLN K 37 -10.14 -35.03 -51.55
CA GLN K 37 -11.16 -34.93 -50.50
C GLN K 37 -12.14 -36.07 -50.66
N LYS K 38 -12.12 -36.99 -49.71
CA LYS K 38 -13.12 -38.05 -49.60
C LYS K 38 -14.29 -37.57 -48.77
N PRO K 39 -15.46 -38.18 -48.93
CA PRO K 39 -16.68 -37.66 -48.29
C PRO K 39 -16.54 -37.55 -46.77
N GLY K 40 -16.97 -36.41 -46.23
CA GLY K 40 -17.04 -36.20 -44.80
C GLY K 40 -15.73 -35.81 -44.16
N GLN K 41 -14.63 -35.82 -44.89
CA GLN K 41 -13.33 -35.49 -44.33
C GLN K 41 -12.75 -34.26 -45.04
N ALA K 42 -11.63 -33.78 -44.51
CA ALA K 42 -10.97 -32.60 -45.05
C ALA K 42 -10.12 -32.94 -46.26
N PRO K 43 -9.80 -31.94 -47.09
CA PRO K 43 -8.87 -32.16 -48.19
C PRO K 43 -7.50 -32.59 -47.68
N VAL K 44 -6.79 -33.37 -48.49
CA VAL K 44 -5.50 -33.92 -48.15
C VAL K 44 -4.53 -33.63 -49.29
N LEU K 45 -3.38 -33.06 -48.95
CA LEU K 45 -2.38 -32.72 -49.96
C LEU K 45 -1.81 -33.99 -50.57
N VAL K 46 -1.84 -34.08 -51.91
CA VAL K 46 -1.34 -35.27 -52.58
C VAL K 46 -0.22 -34.90 -53.54
N VAL K 47 -0.25 -33.67 -54.05
CA VAL K 47 0.81 -33.15 -54.91
C VAL K 47 0.90 -31.65 -54.70
N TYR K 48 2.11 -31.17 -54.41
CA TYR K 48 2.36 -29.75 -54.23
C TYR K 48 3.53 -29.31 -55.09
N ASP K 49 3.52 -28.02 -55.44
CA ASP K 49 4.49 -27.43 -56.36
C ASP K 49 4.65 -28.29 -57.60
N ASN K 50 3.55 -28.41 -58.34
CA ASN K 50 3.51 -29.05 -59.66
C ASN K 50 3.68 -30.56 -59.60
N ASN K 51 4.81 -31.06 -59.06
CA ASN K 51 5.16 -32.46 -59.18
C ASN K 51 5.57 -33.15 -57.87
N ALA K 52 5.82 -32.41 -56.79
CA ALA K 52 6.37 -33.04 -55.60
C ALA K 52 5.35 -33.89 -54.87
N ARG K 53 5.80 -35.05 -54.35
CA ARG K 53 4.89 -35.87 -53.57
C ARG K 53 5.24 -35.72 -52.10
N PRO K 54 4.26 -35.65 -51.21
CA PRO K 54 4.56 -35.69 -49.78
C PRO K 54 5.14 -37.03 -49.36
N SER K 55 5.37 -37.20 -48.06
CA SER K 55 5.99 -38.42 -47.57
C SER K 55 5.08 -39.63 -47.80
N GLY K 56 3.85 -39.56 -47.29
CA GLY K 56 2.94 -40.70 -47.30
C GLY K 56 2.34 -41.04 -48.64
N ILE K 57 2.43 -40.14 -49.62
CA ILE K 57 1.72 -40.32 -50.88
C ILE K 57 2.47 -41.35 -51.72
N PRO K 58 1.79 -42.34 -52.28
CA PRO K 58 2.47 -43.36 -53.09
C PRO K 58 2.92 -42.80 -54.43
N GLU K 59 3.94 -43.45 -54.99
CA GLU K 59 4.56 -42.97 -56.23
C GLU K 59 3.64 -43.11 -57.44
N ARG K 60 2.52 -43.85 -57.30
CA ARG K 60 1.53 -43.93 -58.37
C ARG K 60 0.99 -42.56 -58.71
N ILE K 61 0.76 -41.74 -57.69
CA ILE K 61 0.24 -40.38 -57.84
C ILE K 61 1.38 -39.44 -58.18
N SER K 62 1.31 -38.80 -59.34
CA SER K 62 2.32 -37.86 -59.80
C SER K 62 1.65 -36.59 -60.31
N GLY K 63 2.41 -35.49 -60.27
CA GLY K 63 1.94 -34.20 -60.74
C GLY K 63 2.56 -33.79 -62.07
N SER K 64 2.04 -32.68 -62.60
CA SER K 64 2.48 -32.12 -63.88
C SER K 64 1.86 -30.74 -64.05
N ASN K 65 2.59 -29.84 -64.70
CA ASN K 65 2.08 -28.50 -64.95
C ASN K 65 2.92 -27.80 -66.01
N PHE K 66 2.33 -27.50 -67.17
CA PHE K 66 3.10 -26.89 -68.24
C PHE K 66 2.17 -26.10 -69.15
N ALA K 67 2.68 -24.99 -69.68
CA ALA K 67 1.94 -24.11 -70.59
C ALA K 67 0.66 -23.61 -69.96
N ASN K 68 -0.49 -24.19 -70.33
CA ASN K 68 -1.79 -23.72 -69.86
C ASN K 68 -2.61 -24.84 -69.26
N THR K 69 -1.97 -25.92 -68.80
CA THR K 69 -2.72 -27.05 -68.26
C THR K 69 -1.84 -27.82 -67.29
N ALA K 70 -2.22 -27.81 -66.02
CA ALA K 70 -1.63 -28.70 -65.03
C ALA K 70 -2.36 -30.02 -65.07
N THR K 71 -1.63 -31.10 -64.80
CA THR K 71 -2.18 -32.45 -64.99
C THR K 71 -1.83 -33.33 -63.80
N LEU K 72 -2.84 -33.89 -63.17
CA LEU K 72 -2.67 -34.88 -62.10
C LEU K 72 -2.85 -36.29 -62.69
N THR K 73 -1.89 -37.17 -62.43
CA THR K 73 -1.88 -38.51 -62.98
C THR K 73 -1.84 -39.54 -61.85
N ILE K 74 -2.82 -40.45 -61.87
CA ILE K 74 -2.86 -41.54 -60.90
C ILE K 74 -2.68 -42.84 -61.68
N SER K 75 -1.51 -43.44 -61.55
CA SER K 75 -1.22 -44.70 -62.22
C SER K 75 -1.72 -45.86 -61.37
N ARG K 76 -2.16 -46.92 -62.06
CA ARG K 76 -2.67 -48.13 -61.41
C ARG K 76 -3.73 -47.77 -60.37
N VAL K 77 -4.89 -47.34 -60.90
CA VAL K 77 -5.96 -46.83 -60.07
C VAL K 77 -6.51 -47.95 -59.19
N GLU K 78 -6.61 -47.68 -57.90
CA GLU K 78 -7.26 -48.57 -56.95
C GLU K 78 -8.67 -48.08 -56.68
N ALA K 79 -9.45 -48.91 -56.00
CA ALA K 79 -10.80 -48.51 -55.63
C ALA K 79 -10.78 -47.36 -54.63
N GLY K 80 -9.77 -47.32 -53.74
CA GLY K 80 -9.64 -46.28 -52.74
C GLY K 80 -9.25 -44.91 -53.25
N ASP K 81 -9.02 -44.77 -54.55
CA ASP K 81 -8.71 -43.48 -55.15
C ASP K 81 -9.95 -42.69 -55.52
N GLU K 82 -11.14 -43.22 -55.26
CA GLU K 82 -12.36 -42.48 -55.53
C GLU K 82 -12.51 -41.34 -54.53
N ALA K 83 -12.49 -40.12 -55.05
CA ALA K 83 -12.65 -38.92 -54.24
C ALA K 83 -12.76 -37.73 -55.18
N ASP K 84 -12.92 -36.55 -54.59
CA ASP K 84 -12.86 -35.29 -55.31
C ASP K 84 -11.43 -34.76 -55.28
N TYR K 85 -11.02 -34.11 -56.37
CA TYR K 85 -9.68 -33.58 -56.49
C TYR K 85 -9.73 -32.10 -56.84
N TYR K 86 -9.08 -31.27 -56.03
CA TYR K 86 -9.04 -29.82 -56.21
C TYR K 86 -7.62 -29.37 -56.47
N CYS K 87 -7.44 -28.51 -57.49
CA CYS K 87 -6.17 -27.83 -57.69
C CYS K 87 -6.16 -26.48 -56.97
N HIS K 88 -4.95 -25.98 -56.73
CA HIS K 88 -4.70 -24.82 -55.87
C HIS K 88 -3.61 -23.99 -56.53
N VAL K 89 -3.92 -22.71 -56.82
CA VAL K 89 -2.91 -21.74 -57.25
C VAL K 89 -3.06 -20.50 -56.41
N TRP K 90 -2.11 -19.59 -56.60
CA TRP K 90 -2.13 -18.26 -56.03
C TRP K 90 -2.00 -17.28 -57.19
N ASP K 91 -3.06 -16.53 -57.44
CA ASP K 91 -3.03 -15.57 -58.53
C ASP K 91 -2.23 -14.38 -58.06
N SER K 92 -0.97 -14.30 -58.52
CA SER K 92 -0.10 -13.23 -58.04
C SER K 92 -0.72 -11.88 -58.30
N SER K 93 -1.30 -11.69 -59.48
CA SER K 93 -1.88 -10.42 -59.89
C SER K 93 -3.33 -10.27 -59.47
N SER K 94 -3.73 -10.96 -58.40
CA SER K 94 -5.08 -10.85 -57.89
C SER K 94 -5.15 -10.76 -56.39
N ASP K 95 -4.10 -11.12 -55.66
CA ASP K 95 -4.14 -11.25 -54.21
C ASP K 95 -5.27 -12.19 -53.79
N HIS K 96 -5.42 -13.29 -54.55
CA HIS K 96 -6.45 -14.31 -54.40
C HIS K 96 -5.87 -15.70 -54.60
N VAL K 97 -6.12 -16.59 -53.64
CA VAL K 97 -5.85 -18.01 -53.83
C VAL K 97 -7.00 -18.64 -54.58
N VAL K 98 -6.70 -19.42 -55.61
CA VAL K 98 -7.69 -19.87 -56.59
C VAL K 98 -7.74 -21.39 -56.59
N PHE K 99 -8.84 -21.95 -56.07
CA PHE K 99 -9.15 -23.36 -56.16
C PHE K 99 -9.91 -23.67 -57.44
N GLY K 100 -9.70 -24.87 -57.96
CA GLY K 100 -10.49 -25.34 -59.07
C GLY K 100 -11.88 -25.80 -58.66
N GLY K 101 -12.71 -26.06 -59.65
CA GLY K 101 -14.07 -26.53 -59.40
C GLY K 101 -14.14 -27.89 -58.73
N GLY K 102 -13.09 -28.70 -58.87
CA GLY K 102 -13.12 -30.04 -58.33
C GLY K 102 -13.49 -31.08 -59.35
N THR K 103 -12.89 -32.27 -59.25
CA THR K 103 -13.18 -33.38 -60.15
C THR K 103 -13.47 -34.61 -59.32
N LYS K 104 -14.65 -35.21 -59.51
CA LYS K 104 -15.02 -36.45 -58.82
C LYS K 104 -14.53 -37.63 -59.65
N LEU K 105 -13.41 -38.21 -59.23
CA LEU K 105 -12.84 -39.38 -59.91
C LEU K 105 -13.63 -40.61 -59.49
N THR K 106 -14.18 -41.32 -60.47
CA THR K 106 -14.95 -42.54 -60.28
C THR K 106 -14.17 -43.70 -60.88
N VAL K 107 -13.89 -44.72 -60.07
CA VAL K 107 -13.29 -45.96 -60.56
C VAL K 107 -14.40 -47.00 -60.60
N LEU K 108 -14.92 -47.25 -61.80
CA LEU K 108 -16.19 -47.94 -61.95
C LEU K 108 -16.10 -49.45 -61.66
N GLY K 109 -17.09 -49.95 -60.93
CA GLY K 109 -17.28 -51.38 -60.75
C GLY K 109 -18.45 -51.87 -61.59
N GLN K 110 -19.43 -51.02 -61.82
CA GLN K 110 -20.49 -51.27 -62.78
C GLN K 110 -20.07 -50.84 -64.17
N PRO K 111 -20.85 -51.18 -65.19
CA PRO K 111 -20.77 -50.47 -66.46
C PRO K 111 -21.50 -49.13 -66.32
N LYS K 112 -21.54 -48.37 -67.40
CA LYS K 112 -22.07 -47.02 -67.37
C LYS K 112 -23.52 -46.99 -67.87
N ALA K 113 -24.40 -46.39 -67.06
CA ALA K 113 -25.82 -46.33 -67.36
C ALA K 113 -26.29 -44.89 -67.47
N ALA K 114 -27.02 -44.59 -68.55
CA ALA K 114 -27.67 -43.29 -68.71
C ALA K 114 -28.86 -43.20 -67.75
N PRO K 115 -29.29 -41.98 -67.41
CA PRO K 115 -30.31 -41.84 -66.37
C PRO K 115 -31.73 -42.08 -66.86
N SER K 116 -32.57 -42.53 -65.94
CA SER K 116 -34.01 -42.64 -66.18
C SER K 116 -34.67 -41.35 -65.72
N VAL K 117 -35.32 -40.64 -66.66
CA VAL K 117 -35.92 -39.34 -66.39
C VAL K 117 -37.43 -39.50 -66.32
N THR K 118 -38.02 -39.10 -65.20
CA THR K 118 -39.46 -39.11 -65.00
C THR K 118 -39.91 -37.71 -64.61
N LEU K 119 -40.73 -37.09 -65.46
CA LEU K 119 -41.17 -35.72 -65.27
C LEU K 119 -42.65 -35.69 -64.92
N PHE K 120 -42.98 -34.95 -63.87
CA PHE K 120 -44.37 -34.82 -63.43
C PHE K 120 -44.85 -33.39 -63.65
N PRO K 121 -46.02 -33.19 -64.25
CA PRO K 121 -46.58 -31.84 -64.29
C PRO K 121 -47.19 -31.47 -62.95
N PRO K 122 -47.49 -30.20 -62.70
CA PRO K 122 -48.06 -29.82 -61.40
C PRO K 122 -49.42 -30.43 -61.17
N SER K 123 -49.61 -30.95 -59.95
CA SER K 123 -50.87 -31.60 -59.59
C SER K 123 -51.99 -30.57 -59.50
N SER K 124 -53.22 -31.05 -59.70
CA SER K 124 -54.38 -30.17 -59.60
C SER K 124 -54.53 -29.58 -58.20
N GLU K 125 -54.20 -30.37 -57.17
CA GLU K 125 -54.29 -29.87 -55.80
C GLU K 125 -53.35 -28.70 -55.56
N GLU K 126 -52.13 -28.77 -56.11
CA GLU K 126 -51.22 -27.66 -55.92
C GLU K 126 -51.65 -26.45 -56.76
N LEU K 127 -52.28 -26.68 -57.91
CA LEU K 127 -52.77 -25.57 -58.73
C LEU K 127 -53.83 -24.76 -57.98
N GLN K 128 -54.73 -25.44 -57.27
CA GLN K 128 -55.74 -24.74 -56.47
C GLN K 128 -55.16 -24.14 -55.19
N ALA K 129 -53.89 -24.38 -54.88
CA ALA K 129 -53.19 -23.68 -53.82
C ALA K 129 -52.39 -22.50 -54.34
N ASN K 130 -52.58 -22.13 -55.61
CA ASN K 130 -51.94 -20.99 -56.25
C ASN K 130 -50.42 -21.16 -56.38
N LYS K 131 -49.95 -22.41 -56.51
CA LYS K 131 -48.54 -22.67 -56.80
C LYS K 131 -48.45 -23.76 -57.86
N ALA K 132 -47.28 -23.85 -58.48
CA ALA K 132 -47.03 -24.86 -59.52
C ALA K 132 -45.57 -25.31 -59.43
N THR K 133 -45.36 -26.62 -59.37
CA THR K 133 -44.01 -27.18 -59.23
C THR K 133 -43.88 -28.41 -60.11
N LEU K 134 -42.93 -28.37 -61.05
CA LEU K 134 -42.60 -29.49 -61.92
C LEU K 134 -41.51 -30.34 -61.28
N VAL K 135 -41.77 -31.64 -61.12
CA VAL K 135 -40.84 -32.58 -60.47
C VAL K 135 -40.19 -33.43 -61.55
N CYS K 136 -38.89 -33.24 -61.73
CA CYS K 136 -38.08 -34.04 -62.64
C CYS K 136 -37.26 -35.03 -61.83
N LEU K 137 -37.49 -36.31 -62.07
CA LEU K 137 -36.87 -37.38 -61.29
C LEU K 137 -35.83 -38.09 -62.16
N ILE K 138 -34.59 -38.13 -61.69
CA ILE K 138 -33.45 -38.67 -62.43
C ILE K 138 -32.90 -39.85 -61.65
N SER K 139 -32.83 -41.01 -62.29
CA SER K 139 -32.45 -42.22 -61.58
C SER K 139 -31.68 -43.17 -62.49
N ASP K 140 -30.92 -44.07 -61.86
CA ASP K 140 -30.30 -45.23 -62.52
C ASP K 140 -29.20 -44.81 -63.49
N PHE K 141 -28.35 -43.89 -63.06
CA PHE K 141 -27.20 -43.51 -63.87
C PHE K 141 -25.88 -43.77 -63.14
N TYR K 142 -24.82 -43.89 -63.92
CA TYR K 142 -23.47 -44.18 -63.43
C TYR K 142 -22.45 -43.79 -64.49
N PRO K 143 -21.42 -42.99 -64.14
CA PRO K 143 -21.07 -42.42 -62.82
C PRO K 143 -22.06 -41.34 -62.36
N GLY K 144 -21.95 -40.88 -61.11
CA GLY K 144 -22.88 -39.90 -60.58
C GLY K 144 -22.60 -38.47 -60.98
N ALA K 145 -22.90 -38.13 -62.24
CA ALA K 145 -22.65 -36.78 -62.75
C ALA K 145 -23.71 -36.48 -63.80
N VAL K 146 -24.63 -35.57 -63.47
CA VAL K 146 -25.71 -35.17 -64.36
C VAL K 146 -25.89 -33.66 -64.29
N THR K 147 -26.45 -33.11 -65.37
CA THR K 147 -26.76 -31.68 -65.47
C THR K 147 -28.18 -31.53 -66.00
N VAL K 148 -28.94 -30.60 -65.42
CA VAL K 148 -30.36 -30.45 -65.69
C VAL K 148 -30.61 -29.12 -66.40
N ALA K 149 -31.35 -29.18 -67.51
CA ALA K 149 -31.77 -28.01 -68.25
C ALA K 149 -33.27 -28.02 -68.40
N TRP K 150 -33.89 -26.84 -68.27
CA TRP K 150 -35.33 -26.69 -68.38
C TRP K 150 -35.69 -25.90 -69.63
N LYS K 151 -36.70 -26.38 -70.35
CA LYS K 151 -37.17 -25.74 -71.58
C LYS K 151 -38.66 -25.45 -71.46
N ALA K 152 -39.03 -24.17 -71.49
CA ALA K 152 -40.43 -23.74 -71.53
C ALA K 152 -40.76 -23.35 -72.96
N ASP K 153 -41.40 -24.27 -73.70
CA ASP K 153 -41.74 -24.06 -75.11
C ASP K 153 -40.47 -23.83 -75.94
N SER K 154 -39.58 -24.83 -75.90
CA SER K 154 -38.33 -24.81 -76.66
C SER K 154 -37.46 -23.62 -76.31
N SER K 155 -37.73 -22.97 -75.17
CA SER K 155 -37.01 -21.81 -74.69
C SER K 155 -36.47 -22.07 -73.29
N PRO K 156 -35.25 -21.64 -72.99
CA PRO K 156 -34.65 -21.94 -71.69
C PRO K 156 -35.38 -21.25 -70.54
N VAL K 157 -35.23 -21.85 -69.36
CA VAL K 157 -35.81 -21.33 -68.12
C VAL K 157 -34.67 -21.11 -67.14
N LYS K 158 -34.57 -19.89 -66.61
CA LYS K 158 -33.44 -19.58 -65.74
C LYS K 158 -33.79 -19.80 -64.27
N ALA K 159 -34.41 -18.80 -63.64
CA ALA K 159 -34.68 -18.89 -62.21
C ALA K 159 -35.83 -19.86 -61.96
N GLY K 160 -36.06 -20.15 -60.68
CA GLY K 160 -37.04 -21.14 -60.30
C GLY K 160 -36.60 -22.59 -60.38
N VAL K 161 -35.32 -22.85 -60.68
CA VAL K 161 -34.80 -24.20 -60.85
C VAL K 161 -34.01 -24.59 -59.61
N GLU K 162 -34.33 -25.75 -59.03
CA GLU K 162 -33.56 -26.36 -57.97
C GLU K 162 -33.23 -27.79 -58.35
N THR K 163 -32.03 -28.25 -57.98
CA THR K 163 -31.57 -29.58 -58.35
C THR K 163 -30.76 -30.18 -57.20
N THR K 164 -30.99 -31.47 -56.93
CA THR K 164 -30.27 -32.15 -55.86
C THR K 164 -28.85 -32.53 -56.26
N THR K 165 -28.05 -32.88 -55.23
CA THR K 165 -26.76 -33.52 -55.38
C THR K 165 -26.96 -35.03 -55.55
N PRO K 166 -26.26 -35.65 -56.50
CA PRO K 166 -26.42 -37.10 -56.70
C PRO K 166 -26.17 -37.90 -55.44
N SER K 167 -26.83 -39.06 -55.34
CA SER K 167 -26.64 -39.98 -54.23
C SER K 167 -26.73 -41.42 -54.74
N LYS K 168 -26.09 -42.33 -54.01
CA LYS K 168 -26.06 -43.73 -54.40
C LYS K 168 -27.40 -44.40 -54.18
N GLN K 169 -27.83 -45.21 -55.15
CA GLN K 169 -29.05 -46.02 -54.98
C GLN K 169 -28.71 -47.31 -54.23
N SER K 170 -29.66 -48.25 -54.24
CA SER K 170 -29.39 -49.58 -53.68
C SER K 170 -28.34 -50.31 -54.52
N ASN K 171 -28.51 -50.32 -55.83
CA ASN K 171 -27.57 -51.00 -56.71
C ASN K 171 -26.34 -50.19 -56.99
N ASN K 172 -26.05 -49.21 -56.13
CA ASN K 172 -24.85 -48.37 -56.19
C ASN K 172 -24.79 -47.49 -57.43
N LYS K 173 -25.86 -47.45 -58.23
CA LYS K 173 -26.05 -46.36 -59.19
C LYS K 173 -26.46 -45.08 -58.45
N TYR K 174 -26.50 -43.98 -59.20
CA TYR K 174 -26.81 -42.68 -58.64
C TYR K 174 -28.19 -42.18 -59.06
N ALA K 175 -28.71 -41.21 -58.32
CA ALA K 175 -30.03 -40.66 -58.56
C ALA K 175 -30.10 -39.22 -58.05
N ALA K 176 -30.95 -38.42 -58.69
CA ALA K 176 -31.15 -37.03 -58.30
C ALA K 176 -32.49 -36.51 -58.82
N SER K 177 -32.93 -35.37 -58.28
CA SER K 177 -34.21 -34.77 -58.64
C SER K 177 -34.03 -33.27 -58.91
N SER K 178 -34.87 -32.74 -59.80
CA SER K 178 -34.84 -31.33 -60.20
C SER K 178 -36.24 -30.75 -60.22
N TYR K 179 -36.44 -29.65 -59.50
CA TYR K 179 -37.74 -29.00 -59.40
C TYR K 179 -37.74 -27.65 -60.11
N LEU K 180 -38.87 -27.31 -60.74
CA LEU K 180 -39.08 -26.01 -61.38
C LEU K 180 -40.31 -25.37 -60.75
N SER K 181 -40.09 -24.36 -59.91
CA SER K 181 -41.18 -23.64 -59.26
C SER K 181 -41.77 -22.63 -60.23
N LEU K 182 -43.07 -22.75 -60.47
CA LEU K 182 -43.82 -21.82 -61.31
C LEU K 182 -45.03 -21.31 -60.56
N THR K 183 -45.59 -20.20 -61.05
CA THR K 183 -46.93 -19.78 -60.68
C THR K 183 -47.95 -20.49 -61.57
N PRO K 184 -49.17 -20.74 -61.09
CA PRO K 184 -50.17 -21.41 -61.93
C PRO K 184 -50.43 -20.70 -63.25
N GLU K 185 -50.14 -19.40 -63.33
CA GLU K 185 -50.26 -18.68 -64.59
C GLU K 185 -49.15 -19.07 -65.55
N GLN K 186 -47.92 -19.14 -65.06
CA GLN K 186 -46.79 -19.49 -65.91
C GLN K 186 -46.93 -20.90 -66.47
N TRP K 187 -47.49 -21.82 -65.68
CA TRP K 187 -47.73 -23.19 -66.17
C TRP K 187 -48.78 -23.24 -67.26
N LYS K 188 -49.79 -22.36 -67.21
CA LYS K 188 -50.81 -22.37 -68.24
C LYS K 188 -50.47 -21.47 -69.42
N SER K 189 -49.54 -20.52 -69.24
CA SER K 189 -49.18 -19.64 -70.34
C SER K 189 -48.64 -20.43 -71.52
N HIS K 190 -47.67 -21.29 -71.28
CA HIS K 190 -47.04 -22.10 -72.31
C HIS K 190 -47.75 -23.43 -72.46
N ARG K 191 -47.57 -24.06 -73.63
CA ARG K 191 -48.30 -25.30 -73.92
C ARG K 191 -47.58 -26.53 -73.38
N SER K 192 -46.25 -26.49 -73.27
CA SER K 192 -45.50 -27.65 -72.80
C SER K 192 -44.20 -27.22 -72.13
N TYR K 193 -43.80 -28.00 -71.13
CA TYR K 193 -42.53 -27.87 -70.45
C TYR K 193 -41.78 -29.18 -70.57
N SER K 194 -40.44 -29.09 -70.58
CA SER K 194 -39.58 -30.26 -70.75
C SER K 194 -38.37 -30.18 -69.84
N CYS K 195 -38.00 -31.32 -69.26
CA CYS K 195 -36.83 -31.46 -68.40
C CYS K 195 -35.73 -32.21 -69.14
N GLN K 196 -34.58 -31.54 -69.30
CA GLN K 196 -33.43 -32.07 -70.03
C GLN K 196 -32.32 -32.45 -69.06
N VAL K 197 -31.99 -33.73 -69.00
CA VAL K 197 -30.88 -34.24 -68.21
C VAL K 197 -29.79 -34.72 -69.15
N THR K 198 -28.56 -34.25 -68.93
CA THR K 198 -27.40 -34.63 -69.74
C THR K 198 -26.44 -35.46 -68.90
N HIS K 199 -25.95 -36.56 -69.47
CA HIS K 199 -25.08 -37.49 -68.75
C HIS K 199 -24.13 -38.17 -69.72
N GLU K 200 -22.83 -37.87 -69.62
CA GLU K 200 -21.80 -38.48 -70.45
C GLU K 200 -22.03 -38.19 -71.94
N GLY K 201 -22.22 -36.91 -72.27
CA GLY K 201 -22.35 -36.49 -73.65
C GLY K 201 -23.74 -36.64 -74.23
N SER K 202 -24.46 -37.67 -73.82
CA SER K 202 -25.83 -37.89 -74.28
C SER K 202 -26.79 -37.18 -73.34
N THR K 203 -27.91 -36.70 -73.90
CA THR K 203 -28.92 -35.96 -73.17
C THR K 203 -30.24 -36.71 -73.23
N VAL K 204 -30.94 -36.78 -72.09
CA VAL K 204 -32.24 -37.44 -72.02
C VAL K 204 -33.27 -36.40 -71.59
N GLU K 205 -34.50 -36.56 -72.08
CA GLU K 205 -35.52 -35.53 -71.92
C GLU K 205 -36.90 -36.18 -71.77
N LYS K 206 -37.84 -35.38 -71.28
CA LYS K 206 -39.24 -35.77 -71.20
C LYS K 206 -40.14 -34.55 -71.37
N GLN L 1 2.76 -35.13 -35.72
CA GLN L 1 1.44 -35.09 -35.13
C GLN L 1 0.86 -33.67 -35.14
N VAL L 2 0.68 -33.13 -36.33
CA VAL L 2 0.11 -31.79 -36.50
C VAL L 2 -1.41 -31.90 -36.47
N GLN L 3 -2.05 -31.13 -35.59
CA GLN L 3 -3.50 -31.21 -35.44
C GLN L 3 -4.15 -29.83 -35.46
N LEU L 4 -5.25 -29.71 -36.20
CA LEU L 4 -6.04 -28.48 -36.28
C LEU L 4 -7.50 -28.83 -36.02
N GLN L 5 -8.17 -28.04 -35.17
CA GLN L 5 -9.54 -28.35 -34.78
C GLN L 5 -10.40 -27.08 -34.88
N GLU L 6 -11.29 -27.03 -35.86
CA GLU L 6 -12.19 -25.90 -36.01
C GLU L 6 -13.41 -26.06 -35.11
N SER L 7 -14.07 -24.94 -34.83
CA SER L 7 -15.21 -24.92 -33.94
C SER L 7 -16.00 -23.63 -34.15
N GLY L 8 -17.09 -23.48 -33.40
CA GLY L 8 -17.92 -22.30 -33.43
C GLY L 8 -19.04 -22.30 -34.45
N GLY L 9 -19.01 -23.20 -35.43
CA GLY L 9 -20.07 -23.27 -36.41
C GLY L 9 -21.34 -23.85 -35.82
N GLY L 10 -22.37 -23.89 -36.64
CA GLY L 10 -23.66 -24.38 -36.22
C GLY L 10 -24.77 -23.74 -37.06
N VAL L 11 -25.89 -23.45 -36.41
CA VAL L 11 -27.05 -22.84 -37.04
C VAL L 11 -27.27 -21.43 -36.48
N VAL L 12 -27.23 -20.44 -37.36
CA VAL L 12 -27.47 -19.05 -37.00
C VAL L 12 -28.55 -18.50 -37.94
N GLN L 13 -29.00 -17.27 -37.65
CA GLN L 13 -29.93 -16.65 -38.58
C GLN L 13 -29.31 -15.43 -39.24
N PRO L 14 -29.73 -15.09 -40.47
CA PRO L 14 -29.08 -14.01 -41.23
C PRO L 14 -29.06 -12.69 -40.47
N GLY L 15 -28.08 -11.87 -40.82
CA GLY L 15 -27.84 -10.60 -40.18
C GLY L 15 -26.94 -10.67 -38.95
N GLY L 16 -27.01 -11.76 -38.19
CA GLY L 16 -26.22 -11.91 -36.98
C GLY L 16 -24.73 -12.00 -37.22
N SER L 17 -23.98 -12.02 -36.12
CA SER L 17 -22.53 -12.16 -36.18
C SER L 17 -22.11 -13.47 -35.52
N LEU L 18 -21.02 -14.05 -36.03
CA LEU L 18 -20.53 -15.37 -35.64
C LEU L 18 -19.01 -15.38 -35.61
N ARG L 19 -18.44 -16.11 -34.65
CA ARG L 19 -16.98 -16.18 -34.48
C ARG L 19 -16.50 -17.63 -34.53
N LEU L 20 -15.71 -17.96 -35.55
CA LEU L 20 -15.11 -19.28 -35.69
C LEU L 20 -13.69 -19.27 -35.14
N SER L 21 -13.27 -20.40 -34.60
CA SER L 21 -11.92 -20.54 -34.05
C SER L 21 -11.31 -21.90 -34.42
N CYS L 22 -10.02 -21.88 -34.71
CA CYS L 22 -9.25 -23.07 -35.08
C CYS L 22 -8.07 -23.18 -34.13
N ALA L 23 -8.07 -24.20 -33.28
CA ALA L 23 -7.00 -24.41 -32.31
C ALA L 23 -5.93 -25.32 -32.91
N ALA L 24 -4.67 -24.91 -32.81
CA ALA L 24 -3.58 -25.60 -33.46
C ALA L 24 -2.63 -26.21 -32.43
N SER L 25 -2.02 -27.33 -32.80
CA SER L 25 -1.03 -27.97 -31.97
C SER L 25 -0.09 -28.79 -32.85
N GLY L 26 1.16 -28.91 -32.42
CA GLY L 26 2.14 -29.67 -33.14
C GLY L 26 3.09 -28.89 -34.02
N PHE L 27 3.31 -27.61 -33.74
CA PHE L 27 4.28 -26.75 -34.42
C PHE L 27 4.33 -25.40 -33.72
N ASN L 28 5.46 -24.71 -33.86
CA ASN L 28 5.56 -23.35 -33.35
C ASN L 28 4.56 -22.51 -34.15
N PHE L 29 3.32 -22.43 -33.65
CA PHE L 29 2.24 -21.75 -34.37
C PHE L 29 2.59 -20.31 -34.67
N SER L 30 3.43 -19.68 -33.84
CA SER L 30 3.76 -18.27 -34.04
C SER L 30 4.59 -18.01 -35.30
N ASN L 31 4.98 -19.05 -36.02
CA ASN L 31 5.91 -18.89 -37.13
C ASN L 31 5.31 -19.16 -38.49
N TYR L 32 4.09 -19.68 -38.57
CA TYR L 32 3.53 -20.09 -39.85
C TYR L 32 2.28 -19.28 -40.16
N GLY L 33 1.98 -19.15 -41.45
CA GLY L 33 0.71 -18.58 -41.84
C GLY L 33 -0.42 -19.55 -41.68
N MET L 34 -1.64 -19.01 -41.56
CA MET L 34 -2.85 -19.81 -41.42
C MET L 34 -3.90 -19.32 -42.41
N HIS L 35 -4.80 -20.22 -42.81
CA HIS L 35 -5.81 -19.91 -43.82
C HIS L 35 -7.18 -20.45 -43.42
N TRP L 36 -8.22 -19.80 -43.93
CA TRP L 36 -9.59 -20.28 -43.87
C TRP L 36 -10.07 -20.57 -45.28
N VAL L 37 -10.58 -21.76 -45.49
CA VAL L 37 -11.17 -22.15 -46.77
C VAL L 37 -12.50 -22.81 -46.49
N ARG L 38 -13.58 -22.26 -47.06
CA ARG L 38 -14.90 -22.79 -46.83
C ARG L 38 -15.39 -23.58 -48.04
N GLN L 39 -16.44 -24.37 -47.82
CA GLN L 39 -16.97 -25.25 -48.86
C GLN L 39 -18.48 -25.34 -48.69
N THR L 40 -19.20 -24.76 -49.65
CA THR L 40 -20.66 -24.91 -49.69
C THR L 40 -21.00 -26.37 -49.91
N PRO L 41 -21.91 -26.95 -49.12
CA PRO L 41 -22.17 -28.39 -49.23
C PRO L 41 -22.50 -28.82 -50.66
N GLY L 42 -21.83 -29.89 -51.09
CA GLY L 42 -21.98 -30.41 -52.44
C GLY L 42 -21.25 -29.63 -53.51
N LYS L 43 -20.40 -28.68 -53.12
CA LYS L 43 -19.73 -27.77 -54.06
C LYS L 43 -18.22 -27.80 -53.80
N GLY L 44 -17.49 -26.99 -54.57
CA GLY L 44 -16.05 -26.96 -54.48
C GLY L 44 -15.51 -26.18 -53.29
N LEU L 45 -14.19 -26.11 -53.22
CA LEU L 45 -13.52 -25.32 -52.21
C LEU L 45 -13.52 -23.85 -52.61
N GLU L 46 -13.59 -22.97 -51.62
CA GLU L 46 -13.56 -21.52 -51.84
C GLU L 46 -12.74 -20.88 -50.73
N TRP L 47 -11.73 -20.10 -51.12
CA TRP L 47 -10.91 -19.43 -50.12
C TRP L 47 -11.66 -18.25 -49.51
N VAL L 48 -11.56 -18.14 -48.18
CA VAL L 48 -12.25 -17.10 -47.42
C VAL L 48 -11.26 -16.00 -47.07
N ALA L 49 -10.33 -16.30 -46.17
CA ALA L 49 -9.32 -15.34 -45.76
C ALA L 49 -8.10 -16.09 -45.25
N SER L 50 -7.01 -15.36 -45.11
CA SER L 50 -5.78 -15.94 -44.58
C SER L 50 -4.98 -14.81 -43.96
N ILE L 51 -4.05 -15.18 -43.07
CA ILE L 51 -3.35 -14.20 -42.24
C ILE L 51 -1.91 -14.66 -42.07
N PRO L 52 -0.93 -13.76 -42.22
CA PRO L 52 0.48 -14.19 -42.11
C PRO L 52 0.90 -14.64 -40.73
N TYR L 53 2.19 -14.96 -40.58
CA TYR L 53 2.68 -15.63 -39.38
C TYR L 53 2.52 -14.78 -38.14
N ASP L 54 2.53 -13.47 -38.27
CA ASP L 54 2.50 -12.57 -37.13
C ASP L 54 1.14 -11.94 -36.89
N GLY L 55 0.25 -11.97 -37.88
CA GLY L 55 -0.99 -11.23 -37.79
C GLY L 55 -0.90 -9.82 -38.32
N SER L 56 0.23 -9.47 -38.95
CA SER L 56 0.46 -8.14 -39.50
C SER L 56 -0.67 -7.67 -40.41
N HIS L 57 -0.84 -8.36 -41.53
CA HIS L 57 -1.80 -8.01 -42.55
C HIS L 57 -2.98 -8.97 -42.51
N GLN L 58 -3.86 -8.86 -43.50
CA GLN L 58 -5.06 -9.68 -43.51
C GLN L 58 -5.55 -9.81 -44.95
N TRP L 59 -5.41 -11.01 -45.53
CA TRP L 59 -5.86 -11.26 -46.90
C TRP L 59 -7.30 -11.75 -46.92
N HIS L 60 -8.10 -11.11 -47.77
CA HIS L 60 -9.54 -11.33 -47.87
C HIS L 60 -9.89 -11.77 -49.28
N ALA L 61 -10.77 -12.76 -49.38
CA ALA L 61 -11.46 -12.96 -50.64
C ALA L 61 -12.48 -11.84 -50.80
N ASP L 62 -12.77 -11.48 -52.05
CA ASP L 62 -13.60 -10.31 -52.27
C ASP L 62 -15.06 -10.57 -51.89
N SER L 63 -15.50 -11.82 -51.94
CA SER L 63 -16.88 -12.11 -51.58
C SER L 63 -17.14 -11.89 -50.09
N VAL L 64 -16.09 -11.78 -49.28
CA VAL L 64 -16.25 -11.63 -47.84
C VAL L 64 -15.50 -10.42 -47.31
N LYS L 65 -15.06 -9.53 -48.19
CA LYS L 65 -14.36 -8.35 -47.75
C LYS L 65 -15.33 -7.41 -47.06
N GLY L 66 -14.86 -6.77 -45.99
CA GLY L 66 -15.70 -5.86 -45.22
C GLY L 66 -16.59 -6.56 -44.22
N ARG L 67 -17.07 -7.75 -44.58
CA ARG L 67 -17.96 -8.50 -43.69
C ARG L 67 -17.21 -9.47 -42.79
N PHE L 68 -16.15 -10.10 -43.30
CA PHE L 68 -15.35 -11.04 -42.54
C PHE L 68 -14.08 -10.36 -42.05
N THR L 69 -13.56 -10.86 -40.92
CA THR L 69 -12.26 -10.44 -40.42
C THR L 69 -11.56 -11.63 -39.78
N ILE L 70 -10.34 -11.92 -40.25
CA ILE L 70 -9.56 -13.06 -39.77
C ILE L 70 -8.45 -12.56 -38.85
N SER L 71 -8.27 -13.26 -37.73
CA SER L 71 -7.27 -12.88 -36.75
C SER L 71 -6.64 -14.14 -36.15
N ARG L 72 -5.58 -13.94 -35.39
CA ARG L 72 -4.89 -15.03 -34.71
C ARG L 72 -4.40 -14.54 -33.36
N ASP L 73 -4.29 -15.49 -32.43
CA ASP L 73 -3.71 -15.24 -31.11
C ASP L 73 -2.55 -16.22 -30.94
N ASN L 74 -1.33 -15.71 -31.07
CA ASN L 74 -0.17 -16.61 -31.02
C ASN L 74 0.07 -17.17 -29.63
N SER L 75 -0.33 -16.45 -28.58
CA SER L 75 -0.14 -16.97 -27.23
C SER L 75 -1.10 -18.11 -26.94
N LYS L 76 -2.21 -18.20 -27.69
CA LYS L 76 -3.19 -19.25 -27.51
C LYS L 76 -3.16 -20.29 -28.62
N ASN L 77 -2.35 -20.10 -29.66
CA ASN L 77 -2.30 -20.99 -30.81
C ASN L 77 -3.70 -21.18 -31.41
N THR L 78 -4.35 -20.06 -31.68
CA THR L 78 -5.74 -20.11 -32.14
C THR L 78 -5.95 -19.11 -33.26
N LEU L 79 -6.56 -19.59 -34.33
CA LEU L 79 -6.91 -18.78 -35.49
C LEU L 79 -8.40 -18.46 -35.45
N TYR L 80 -8.74 -17.21 -35.74
CA TYR L 80 -10.13 -16.75 -35.64
C TYR L 80 -10.63 -16.24 -36.99
N LEU L 81 -11.91 -16.45 -37.25
CA LEU L 81 -12.60 -15.88 -38.41
C LEU L 81 -13.90 -15.26 -37.92
N GLN L 82 -13.99 -13.93 -38.01
CA GLN L 82 -15.17 -13.18 -37.57
C GLN L 82 -16.10 -12.95 -38.76
N ILE L 83 -17.36 -13.35 -38.59
CA ILE L 83 -18.38 -13.21 -39.63
C ILE L 83 -19.38 -12.15 -39.18
N ASN L 84 -19.54 -11.10 -39.97
CA ASN L 84 -20.52 -10.05 -39.68
C ASN L 84 -21.56 -10.01 -40.77
N SER L 85 -22.80 -9.71 -40.38
CA SER L 85 -23.95 -9.70 -41.28
C SER L 85 -24.03 -11.01 -42.04
N LEU L 86 -24.28 -12.08 -41.28
CA LEU L 86 -24.45 -13.39 -41.90
C LEU L 86 -25.54 -13.35 -42.95
N ARG L 87 -25.31 -14.07 -44.04
CA ARG L 87 -26.24 -14.15 -45.15
C ARG L 87 -26.40 -15.61 -45.54
N PRO L 88 -27.44 -15.94 -46.31
CA PRO L 88 -27.56 -17.33 -46.78
C PRO L 88 -26.37 -17.81 -47.58
N GLU L 89 -25.62 -16.89 -48.19
CA GLU L 89 -24.46 -17.28 -48.99
C GLU L 89 -23.34 -17.86 -48.11
N ASP L 90 -23.29 -17.47 -46.84
CA ASP L 90 -22.25 -17.93 -45.93
C ASP L 90 -22.48 -19.34 -45.41
N THR L 91 -23.57 -20.00 -45.79
CA THR L 91 -23.82 -21.38 -45.37
C THR L 91 -22.83 -22.32 -46.06
N ALA L 92 -21.90 -22.88 -45.29
CA ALA L 92 -20.83 -23.73 -45.82
C ALA L 92 -20.04 -24.28 -44.66
N MET L 93 -19.21 -25.28 -44.95
CA MET L 93 -18.21 -25.75 -43.99
C MET L 93 -16.92 -24.97 -44.10
N TYR L 94 -16.32 -24.66 -42.95
CA TYR L 94 -15.17 -23.78 -42.86
C TYR L 94 -13.96 -24.58 -42.36
N TYR L 95 -13.05 -24.91 -43.27
CA TYR L 95 -11.81 -25.60 -42.92
C TYR L 95 -10.69 -24.59 -42.66
N CYS L 96 -9.81 -24.94 -41.73
CA CYS L 96 -8.62 -24.15 -41.43
C CYS L 96 -7.38 -24.97 -41.72
N SER L 97 -6.40 -24.38 -42.40
CA SER L 97 -5.19 -25.09 -42.80
C SER L 97 -3.96 -24.22 -42.60
N LYS L 98 -2.83 -24.88 -42.40
CA LYS L 98 -1.57 -24.26 -41.99
C LYS L 98 -0.61 -24.24 -43.16
N ALA L 99 -0.28 -23.05 -43.65
CA ALA L 99 0.73 -22.92 -44.70
C ALA L 99 1.97 -23.71 -44.35
N ARG L 100 2.43 -24.54 -45.26
CA ARG L 100 3.55 -25.41 -44.98
C ARG L 100 4.80 -24.65 -44.71
N ILE L 101 5.08 -23.64 -45.51
CA ILE L 101 6.35 -22.93 -45.40
C ILE L 101 6.23 -21.88 -44.30
N SER L 102 7.38 -21.53 -43.74
CA SER L 102 7.41 -20.62 -42.62
C SER L 102 7.48 -19.17 -43.08
N TYR L 103 7.10 -18.27 -42.16
CA TYR L 103 7.35 -16.84 -42.25
C TYR L 103 6.86 -16.23 -43.57
N LEU L 104 5.89 -16.87 -44.23
CA LEU L 104 5.37 -16.32 -45.47
C LEU L 104 4.58 -15.03 -45.21
N SER L 105 4.99 -13.93 -45.83
CA SER L 105 4.30 -12.66 -45.63
C SER L 105 2.98 -12.56 -46.39
N ALA L 106 2.67 -13.55 -47.23
CA ALA L 106 1.46 -13.53 -48.06
C ALA L 106 1.09 -14.97 -48.41
N PRO L 107 -0.18 -15.27 -48.60
CA PRO L 107 -0.58 -16.68 -48.73
C PRO L 107 -0.35 -17.27 -50.12
N ALA L 108 0.89 -17.61 -50.43
CA ALA L 108 1.22 -18.05 -51.78
C ALA L 108 1.37 -19.56 -51.93
N TRP L 109 1.87 -20.25 -50.92
CA TRP L 109 2.26 -21.63 -51.08
C TRP L 109 1.20 -22.59 -50.52
N TRP L 110 1.42 -23.88 -50.77
CA TRP L 110 0.41 -24.90 -50.48
C TRP L 110 0.10 -25.03 -48.99
N PHE L 111 -1.12 -25.46 -48.70
CA PHE L 111 -1.63 -25.56 -47.32
C PHE L 111 -1.70 -27.04 -46.93
N ASP L 112 -0.88 -27.46 -45.98
CA ASP L 112 -1.21 -28.71 -45.30
C ASP L 112 -0.81 -28.59 -43.84
N PRO L 113 -1.49 -29.30 -42.93
CA PRO L 113 -2.65 -30.16 -43.12
C PRO L 113 -3.94 -29.39 -42.88
N TRP L 114 -5.09 -29.93 -43.26
CA TRP L 114 -6.39 -29.28 -43.05
C TRP L 114 -7.11 -29.91 -41.88
N GLY L 115 -7.69 -29.05 -41.04
CA GLY L 115 -8.54 -29.55 -39.98
C GLY L 115 -9.85 -30.11 -40.51
N GLN L 116 -10.52 -30.90 -39.66
CA GLN L 116 -11.77 -31.51 -40.08
C GLN L 116 -12.87 -30.47 -40.31
N GLY L 117 -12.82 -29.35 -39.60
CA GLY L 117 -13.65 -28.21 -39.91
C GLY L 117 -14.94 -28.15 -39.09
N THR L 118 -15.60 -27.00 -39.22
CA THR L 118 -16.91 -26.76 -38.62
C THR L 118 -17.88 -26.29 -39.70
N LEU L 119 -19.17 -26.53 -39.45
CA LEU L 119 -20.24 -26.24 -40.40
C LEU L 119 -21.05 -25.03 -39.94
N VAL L 120 -21.18 -24.04 -40.81
CA VAL L 120 -21.96 -22.83 -40.56
C VAL L 120 -23.17 -22.82 -41.48
N THR L 121 -24.37 -22.80 -40.89
CA THR L 121 -25.62 -22.79 -41.65
C THR L 121 -26.56 -21.70 -41.13
N VAL L 122 -27.00 -20.83 -42.04
CA VAL L 122 -27.93 -19.76 -41.71
C VAL L 122 -29.22 -19.98 -42.49
N SER L 123 -30.35 -19.65 -41.85
CA SER L 123 -31.65 -19.80 -42.49
C SER L 123 -32.69 -19.05 -41.67
N SER L 124 -33.85 -18.83 -42.28
CA SER L 124 -35.05 -18.34 -41.59
C SER L 124 -35.72 -19.51 -40.88
N ALA L 125 -35.00 -20.07 -39.91
CA ALA L 125 -35.35 -21.36 -39.35
C ALA L 125 -36.61 -21.28 -38.51
N SER L 126 -37.52 -22.22 -38.72
CA SER L 126 -38.63 -22.54 -37.84
C SER L 126 -39.23 -23.85 -38.31
N THR L 127 -39.62 -24.71 -37.38
CA THR L 127 -40.10 -26.04 -37.75
C THR L 127 -41.42 -25.92 -38.51
N LYS L 128 -41.57 -26.74 -39.55
CA LYS L 128 -42.74 -26.65 -40.43
C LYS L 128 -43.20 -28.03 -40.89
N GLY L 129 -44.51 -28.20 -40.93
CA GLY L 129 -45.13 -29.38 -41.50
C GLY L 129 -45.10 -29.33 -43.01
N PRO L 130 -44.98 -30.50 -43.64
CA PRO L 130 -44.94 -30.56 -45.10
C PRO L 130 -46.30 -30.73 -45.77
N SER L 131 -46.51 -29.95 -46.83
CA SER L 131 -47.70 -30.09 -47.67
C SER L 131 -47.43 -31.18 -48.70
N VAL L 132 -48.35 -32.13 -48.79
CA VAL L 132 -48.17 -33.34 -49.60
C VAL L 132 -49.14 -33.33 -50.75
N PHE L 133 -48.62 -33.40 -51.98
CA PHE L 133 -49.44 -33.45 -53.18
C PHE L 133 -49.22 -34.77 -53.91
N PRO L 134 -50.28 -35.36 -54.48
CA PRO L 134 -50.13 -36.65 -55.17
C PRO L 134 -49.56 -36.50 -56.57
N LEU L 135 -48.51 -37.28 -56.86
CA LEU L 135 -47.90 -37.36 -58.19
C LEU L 135 -48.59 -38.49 -58.95
N ALA L 136 -49.67 -38.14 -59.66
CA ALA L 136 -50.51 -39.13 -60.32
C ALA L 136 -49.74 -39.85 -61.42
N PRO L 137 -50.10 -41.09 -61.73
CA PRO L 137 -49.36 -41.85 -62.75
C PRO L 137 -49.65 -41.35 -64.16
N SER L 138 -48.71 -41.68 -65.06
CA SER L 138 -48.83 -41.27 -66.45
C SER L 138 -49.95 -42.04 -67.13
N SER L 139 -50.56 -41.39 -68.12
CA SER L 139 -51.69 -41.97 -68.85
C SER L 139 -51.27 -43.13 -69.74
N GLY L 145 -43.63 -48.19 -72.16
CA GLY L 145 -43.39 -49.04 -71.01
C GLY L 145 -44.41 -48.83 -69.91
N THR L 146 -44.07 -49.25 -68.70
CA THR L 146 -44.97 -49.14 -67.57
C THR L 146 -44.78 -47.81 -66.83
N ALA L 147 -45.72 -47.50 -65.94
CA ALA L 147 -45.91 -46.17 -65.38
C ALA L 147 -45.62 -46.16 -63.88
N ALA L 148 -45.16 -45.00 -63.41
CA ALA L 148 -44.73 -44.79 -62.03
C ALA L 148 -45.51 -43.64 -61.38
N LEU L 149 -45.52 -43.64 -60.06
CA LEU L 149 -46.28 -42.66 -59.28
C LEU L 149 -45.62 -42.47 -57.92
N GLY L 150 -46.00 -41.39 -57.25
CA GLY L 150 -45.41 -41.08 -55.96
C GLY L 150 -46.06 -39.90 -55.29
N CYS L 151 -45.32 -39.31 -54.34
CA CYS L 151 -45.80 -38.21 -53.52
C CYS L 151 -44.82 -37.04 -53.60
N LEU L 152 -45.36 -35.83 -53.50
CA LEU L 152 -44.58 -34.60 -53.46
C LEU L 152 -44.69 -33.99 -52.07
N VAL L 153 -43.55 -33.88 -51.38
CA VAL L 153 -43.52 -33.39 -50.01
C VAL L 153 -42.89 -32.00 -50.00
N LYS L 154 -43.71 -30.96 -50.07
CA LYS L 154 -43.24 -29.60 -50.29
C LYS L 154 -43.07 -28.85 -48.97
N ASP L 155 -42.00 -28.04 -48.89
CA ASP L 155 -41.89 -26.91 -47.96
C ASP L 155 -42.02 -27.32 -46.49
N TYR L 156 -41.10 -28.18 -46.06
CA TYR L 156 -40.93 -28.53 -44.65
C TYR L 156 -39.57 -28.06 -44.14
N PHE L 157 -39.40 -28.17 -42.83
CA PHE L 157 -38.19 -27.77 -42.12
C PHE L 157 -38.38 -28.20 -40.67
N PRO L 158 -37.36 -28.77 -40.02
CA PRO L 158 -36.05 -29.18 -40.57
C PRO L 158 -36.06 -30.60 -41.11
N GLU L 159 -34.89 -31.15 -41.33
CA GLU L 159 -34.78 -32.54 -41.75
C GLU L 159 -35.03 -33.47 -40.57
N PRO L 160 -35.50 -34.71 -40.83
CA PRO L 160 -35.92 -35.26 -42.13
C PRO L 160 -37.39 -35.70 -42.18
N VAL L 161 -37.89 -36.04 -43.37
CA VAL L 161 -39.17 -36.72 -43.51
C VAL L 161 -38.90 -38.18 -43.87
N THR L 162 -39.86 -39.04 -43.55
CA THR L 162 -39.78 -40.46 -43.90
C THR L 162 -41.02 -40.84 -44.70
N VAL L 163 -40.82 -41.50 -45.83
CA VAL L 163 -41.89 -41.86 -46.76
C VAL L 163 -41.95 -43.37 -46.89
N SER L 164 -43.15 -43.93 -46.73
CA SER L 164 -43.42 -45.34 -46.98
C SER L 164 -44.73 -45.46 -47.74
N TRP L 165 -44.94 -46.61 -48.38
CA TRP L 165 -46.17 -46.87 -49.13
C TRP L 165 -46.92 -48.06 -48.57
N ASN L 166 -48.22 -47.87 -48.33
CA ASN L 166 -49.09 -48.87 -47.71
C ASN L 166 -48.52 -49.32 -46.36
N SER L 167 -48.02 -48.35 -45.59
CA SER L 167 -47.47 -48.59 -44.26
C SER L 167 -46.30 -49.59 -44.29
N GLY L 168 -45.49 -49.50 -45.34
CA GLY L 168 -44.35 -50.38 -45.49
C GLY L 168 -44.62 -51.67 -46.24
N ALA L 169 -45.84 -51.88 -46.72
CA ALA L 169 -46.17 -53.10 -47.45
C ALA L 169 -45.64 -53.10 -48.88
N LEU L 170 -45.08 -51.99 -49.35
CA LEU L 170 -44.47 -51.93 -50.67
C LEU L 170 -43.02 -51.48 -50.51
N THR L 171 -42.09 -52.27 -51.03
CA THR L 171 -40.67 -51.94 -50.97
C THR L 171 -40.05 -52.13 -52.35
N SER L 172 -40.58 -53.08 -53.11
CA SER L 172 -40.10 -53.30 -54.46
C SER L 172 -40.54 -52.14 -55.34
N GLY L 173 -39.58 -51.55 -56.07
CA GLY L 173 -39.89 -50.38 -56.87
C GLY L 173 -39.94 -49.08 -56.10
N VAL L 174 -39.70 -49.10 -54.79
CA VAL L 174 -39.79 -47.90 -53.97
C VAL L 174 -38.49 -47.13 -54.06
N HIS L 175 -38.57 -45.82 -54.24
CA HIS L 175 -37.39 -44.99 -54.44
C HIS L 175 -37.66 -43.61 -53.86
N THR L 176 -36.92 -43.25 -52.80
CA THR L 176 -37.02 -41.94 -52.20
C THR L 176 -35.85 -41.08 -52.66
N PHE L 177 -36.14 -39.83 -53.01
CA PHE L 177 -35.13 -38.93 -53.56
C PHE L 177 -34.59 -37.99 -52.49
N PRO L 178 -33.42 -37.40 -52.70
CA PRO L 178 -32.91 -36.42 -51.74
C PRO L 178 -33.76 -35.17 -51.73
N ALA L 179 -33.70 -34.45 -50.62
CA ALA L 179 -34.44 -33.20 -50.49
C ALA L 179 -33.59 -32.02 -50.97
N VAL L 180 -34.23 -31.11 -51.71
CA VAL L 180 -33.62 -29.84 -52.08
C VAL L 180 -33.88 -28.85 -50.95
N LEU L 181 -32.94 -27.94 -50.75
CA LEU L 181 -33.17 -26.78 -49.89
C LEU L 181 -33.53 -25.62 -50.82
N GLN L 182 -34.83 -25.40 -51.01
CA GLN L 182 -35.28 -24.34 -51.89
C GLN L 182 -34.82 -22.98 -51.39
N SER L 183 -34.85 -22.00 -52.29
CA SER L 183 -34.36 -20.66 -51.98
C SER L 183 -35.13 -19.98 -50.85
N SER L 184 -36.32 -20.49 -50.50
CA SER L 184 -37.11 -19.96 -49.39
C SER L 184 -36.58 -20.39 -48.02
N GLY L 185 -35.68 -21.38 -47.97
CA GLY L 185 -35.22 -21.95 -46.73
C GLY L 185 -35.97 -23.20 -46.29
N LEU L 186 -37.00 -23.61 -47.04
CA LEU L 186 -37.76 -24.81 -46.75
C LEU L 186 -37.34 -25.95 -47.67
N TYR L 187 -37.30 -27.16 -47.12
CA TYR L 187 -36.94 -28.32 -47.91
C TYR L 187 -38.13 -28.82 -48.72
N SER L 188 -37.84 -29.55 -49.77
CA SER L 188 -38.88 -30.09 -50.63
C SER L 188 -38.36 -31.40 -51.19
N LEU L 189 -39.14 -32.46 -50.99
CA LEU L 189 -38.72 -33.81 -51.30
C LEU L 189 -39.82 -34.51 -52.05
N SER L 190 -39.45 -35.33 -53.03
CA SER L 190 -40.39 -36.24 -53.66
C SER L 190 -39.90 -37.67 -53.45
N SER L 191 -40.82 -38.60 -53.58
CA SER L 191 -40.54 -40.00 -53.30
C SER L 191 -41.56 -40.82 -54.08
N VAL L 192 -41.10 -41.58 -55.05
CA VAL L 192 -42.00 -42.32 -55.89
C VAL L 192 -41.70 -43.78 -55.90
N VAL L 193 -42.72 -44.54 -56.24
CA VAL L 193 -42.59 -45.95 -56.33
C VAL L 193 -42.98 -46.34 -57.73
N THR L 194 -42.09 -47.03 -58.41
CA THR L 194 -42.39 -47.48 -59.76
C THR L 194 -43.31 -48.66 -59.64
N VAL L 195 -44.14 -48.87 -60.64
CA VAL L 195 -45.06 -49.99 -60.59
C VAL L 195 -45.32 -50.48 -61.99
N PRO L 196 -45.99 -51.62 -62.11
CA PRO L 196 -46.24 -52.23 -63.41
C PRO L 196 -47.37 -51.51 -64.16
N SER L 197 -47.49 -51.78 -65.46
CA SER L 197 -48.52 -51.17 -66.27
C SER L 197 -49.90 -51.73 -65.94
N SER L 198 -49.91 -52.93 -65.38
CA SER L 198 -51.14 -53.60 -65.02
C SER L 198 -51.41 -53.52 -63.54
N SER L 199 -52.68 -53.66 -63.18
CA SER L 199 -53.07 -53.96 -61.81
C SER L 199 -53.05 -52.76 -60.87
N LEU L 200 -52.91 -51.57 -61.42
CA LEU L 200 -52.87 -50.40 -60.56
C LEU L 200 -54.19 -50.33 -59.81
N GLY L 201 -55.28 -50.59 -60.53
CA GLY L 201 -56.60 -50.54 -59.93
C GLY L 201 -56.76 -51.56 -58.83
N THR L 202 -56.23 -52.75 -59.05
CA THR L 202 -56.38 -53.84 -58.10
C THR L 202 -55.69 -53.59 -56.76
N GLN L 203 -54.70 -52.69 -56.70
CA GLN L 203 -53.95 -52.45 -55.49
C GLN L 203 -54.19 -51.02 -55.00
N THR L 204 -54.14 -50.85 -53.67
CA THR L 204 -54.21 -49.54 -53.07
C THR L 204 -52.83 -48.86 -53.07
N TYR L 205 -52.83 -47.56 -52.83
CA TYR L 205 -51.60 -46.76 -52.95
C TYR L 205 -51.71 -45.54 -52.04
N ILE L 206 -51.17 -45.65 -50.83
CA ILE L 206 -51.20 -44.59 -49.83
C ILE L 206 -49.76 -44.41 -49.35
N CYS L 207 -49.16 -43.26 -49.64
CA CYS L 207 -47.85 -42.93 -49.09
C CYS L 207 -48.00 -42.30 -47.71
N ASN L 208 -47.11 -42.68 -46.80
CA ASN L 208 -47.16 -42.24 -45.40
C ASN L 208 -45.93 -41.37 -45.13
N VAL L 209 -46.11 -40.06 -45.28
CA VAL L 209 -45.06 -39.11 -44.96
C VAL L 209 -45.06 -38.86 -43.46
N ASN L 210 -43.87 -38.80 -42.87
CA ASN L 210 -43.72 -38.56 -41.43
C ASN L 210 -42.61 -37.55 -41.22
N HIS L 211 -42.95 -36.42 -40.60
CA HIS L 211 -41.98 -35.37 -40.30
C HIS L 211 -41.92 -35.21 -38.78
N LYS L 212 -41.02 -35.96 -38.15
CA LYS L 212 -40.90 -35.90 -36.69
C LYS L 212 -40.59 -34.51 -36.13
N PRO L 213 -39.76 -33.66 -36.77
CA PRO L 213 -39.52 -32.33 -36.17
C PRO L 213 -40.78 -31.50 -35.95
N SER L 214 -41.76 -31.57 -36.85
CA SER L 214 -43.03 -30.88 -36.66
C SER L 214 -44.13 -31.81 -36.18
N ASN L 215 -43.80 -33.09 -35.93
CA ASN L 215 -44.75 -34.11 -35.49
C ASN L 215 -45.98 -34.17 -36.41
N THR L 216 -45.71 -34.16 -37.71
CA THR L 216 -46.75 -34.23 -38.72
C THR L 216 -46.70 -35.61 -39.38
N LYS L 217 -47.88 -36.20 -39.59
CA LYS L 217 -48.01 -37.45 -40.32
C LYS L 217 -49.13 -37.29 -41.34
N VAL L 218 -48.84 -37.62 -42.59
CA VAL L 218 -49.78 -37.43 -43.69
C VAL L 218 -49.92 -38.74 -44.44
N ASP L 219 -51.17 -39.14 -44.72
CA ASP L 219 -51.47 -40.30 -45.55
C ASP L 219 -52.25 -39.84 -46.76
N LYS L 220 -51.63 -39.90 -47.94
CA LYS L 220 -52.23 -39.44 -49.18
C LYS L 220 -52.35 -40.59 -50.17
N ARG L 221 -53.56 -40.81 -50.67
CA ARG L 221 -53.82 -41.86 -51.65
C ARG L 221 -53.62 -41.28 -53.05
N VAL L 222 -52.86 -41.99 -53.88
CA VAL L 222 -52.58 -41.58 -55.25
C VAL L 222 -53.35 -42.50 -56.18
N GLU L 223 -53.94 -41.90 -57.22
CA GLU L 223 -54.82 -42.61 -58.13
C GLU L 223 -54.78 -41.94 -59.50
N PRO L 224 -55.06 -42.68 -60.58
CA PRO L 224 -54.96 -42.10 -61.92
C PRO L 224 -56.03 -41.04 -62.14
N LYS L 225 -55.86 -40.28 -63.23
CA LYS L 225 -56.82 -39.23 -63.60
C LYS L 225 -57.09 -38.26 -62.45
N GLY M 1 14.71 -39.83 -30.57
CA GLY M 1 15.13 -38.47 -30.89
C GLY M 1 14.87 -38.08 -32.34
N SER M 2 15.73 -37.21 -32.87
CA SER M 2 15.52 -36.60 -34.18
C SER M 2 16.23 -37.40 -35.27
N HIS M 3 16.18 -36.88 -36.49
CA HIS M 3 16.95 -37.41 -37.61
C HIS M 3 17.37 -36.25 -38.51
N SER M 4 18.27 -36.54 -39.44
CA SER M 4 18.85 -35.46 -40.24
C SER M 4 19.23 -35.99 -41.62
N MET M 5 19.23 -35.07 -42.59
CA MET M 5 19.71 -35.33 -43.93
C MET M 5 20.64 -34.19 -44.34
N ARG M 6 21.77 -34.55 -44.94
CA ARG M 6 22.73 -33.57 -45.40
C ARG M 6 23.32 -34.00 -46.74
N TYR M 7 23.44 -33.05 -47.65
CA TYR M 7 24.15 -33.23 -48.89
C TYR M 7 25.41 -32.37 -48.85
N PHE M 8 26.51 -32.90 -49.37
CA PHE M 8 27.79 -32.23 -49.35
C PHE M 8 28.31 -32.10 -50.77
N PHE M 9 28.52 -30.86 -51.20
CA PHE M 9 28.99 -30.57 -52.55
C PHE M 9 30.38 -29.96 -52.49
N THR M 10 31.29 -30.49 -53.31
CA THR M 10 32.64 -29.96 -53.43
C THR M 10 33.03 -29.85 -54.89
N SER M 11 33.54 -28.68 -55.28
CA SER M 11 34.01 -28.42 -56.64
C SER M 11 35.38 -27.79 -56.57
N VAL M 12 36.37 -28.41 -57.20
CA VAL M 12 37.74 -27.91 -57.22
C VAL M 12 38.10 -27.58 -58.66
N SER M 13 38.42 -26.31 -58.91
CA SER M 13 38.71 -25.88 -60.26
C SER M 13 40.02 -26.50 -60.73
N ARG M 14 39.96 -27.18 -61.88
CA ARG M 14 41.15 -27.77 -62.46
C ARG M 14 41.79 -26.72 -63.34
N PRO M 15 42.97 -26.19 -62.97
CA PRO M 15 43.61 -25.17 -63.81
C PRO M 15 44.06 -25.79 -65.12
N GLY M 16 43.74 -25.11 -66.23
CA GLY M 16 44.08 -25.59 -67.54
C GLY M 16 43.06 -26.54 -68.15
N ARG M 17 42.12 -27.05 -67.35
CA ARG M 17 41.23 -28.09 -67.81
C ARG M 17 39.76 -27.69 -67.89
N GLY M 18 39.33 -26.57 -67.28
CA GLY M 18 37.97 -26.13 -67.47
C GLY M 18 36.99 -26.81 -66.55
N GLU M 19 36.58 -28.05 -66.90
CA GLU M 19 35.61 -28.89 -66.19
C GLU M 19 36.13 -29.20 -64.79
N PRO M 20 35.60 -28.56 -63.75
CA PRO M 20 36.08 -28.85 -62.40
C PRO M 20 35.61 -30.21 -61.94
N ARG M 21 36.29 -30.73 -60.91
CA ARG M 21 35.86 -31.96 -60.27
C ARG M 21 34.71 -31.67 -59.31
N PHE M 22 33.64 -32.44 -59.40
CA PHE M 22 32.43 -32.23 -58.61
C PHE M 22 32.16 -33.52 -57.85
N ILE M 23 31.93 -33.41 -56.55
CA ILE M 23 31.73 -34.58 -55.70
C ILE M 23 30.53 -34.28 -54.81
N ALA M 24 29.48 -35.10 -54.94
CA ALA M 24 28.26 -34.92 -54.16
C ALA M 24 27.99 -36.18 -53.36
N VAL M 25 27.70 -36.01 -52.07
CA VAL M 25 27.51 -37.12 -51.15
C VAL M 25 26.29 -36.80 -50.29
N GLY M 26 25.41 -37.79 -50.12
CA GLY M 26 24.23 -37.64 -49.29
C GLY M 26 24.24 -38.55 -48.08
N TYR M 27 23.93 -38.01 -46.92
CA TYR M 27 23.83 -38.80 -45.70
C TYR M 27 22.45 -38.63 -45.10
N VAL M 28 21.99 -39.68 -44.44
CA VAL M 28 20.94 -39.61 -43.43
C VAL M 28 21.58 -40.03 -42.13
N ASP M 29 21.48 -39.18 -41.11
CA ASP M 29 22.20 -39.37 -39.86
C ASP M 29 23.67 -39.63 -40.15
N ASP M 30 24.10 -40.88 -40.10
CA ASP M 30 25.50 -41.21 -40.40
C ASP M 30 25.61 -42.33 -41.43
N THR M 31 24.59 -42.52 -42.28
CA THR M 31 24.60 -43.54 -43.32
C THR M 31 24.62 -42.84 -44.67
N GLN M 32 25.72 -42.97 -45.41
CA GLN M 32 25.76 -42.42 -46.75
C GLN M 32 24.83 -43.23 -47.64
N PHE M 33 24.13 -42.55 -48.56
CA PHE M 33 23.20 -43.26 -49.41
C PHE M 33 23.24 -42.86 -50.87
N VAL M 34 23.86 -41.75 -51.25
CA VAL M 34 24.00 -41.38 -52.65
C VAL M 34 25.40 -40.79 -52.85
N ARG M 35 25.92 -40.95 -54.06
CA ARG M 35 27.21 -40.35 -54.38
C ARG M 35 27.13 -39.90 -55.83
N PHE M 36 27.80 -38.79 -56.14
CA PHE M 36 27.93 -38.32 -57.50
C PHE M 36 29.34 -37.80 -57.68
N ASP M 37 30.05 -38.34 -58.67
CA ASP M 37 31.43 -37.98 -58.94
C ASP M 37 31.56 -37.50 -60.37
N SER M 38 32.16 -36.32 -60.56
CA SER M 38 32.43 -35.82 -61.89
C SER M 38 33.30 -36.79 -62.67
N ASP M 39 34.34 -37.31 -62.04
CA ASP M 39 35.28 -38.21 -62.70
C ASP M 39 34.76 -39.64 -62.77
N ALA M 40 33.60 -39.92 -62.21
CA ALA M 40 33.00 -41.25 -62.33
C ALA M 40 32.54 -41.49 -63.76
N ALA M 41 32.68 -42.73 -64.22
CA ALA M 41 32.13 -43.06 -65.52
C ALA M 41 30.61 -43.09 -65.51
N SER M 42 30.02 -43.13 -64.31
CA SER M 42 28.57 -43.22 -64.19
C SER M 42 27.89 -41.97 -64.74
N GLN M 43 28.34 -40.79 -64.31
CA GLN M 43 27.73 -39.51 -64.67
C GLN M 43 26.25 -39.45 -64.28
N LYS M 44 25.86 -40.24 -63.29
CA LYS M 44 24.49 -40.35 -62.84
C LYS M 44 24.55 -40.51 -61.33
N MET M 45 23.59 -39.93 -60.62
CA MET M 45 23.58 -40.03 -59.17
C MET M 45 23.47 -41.50 -58.75
N GLU M 46 24.59 -42.07 -58.17
CA GLU M 46 24.58 -43.49 -57.84
C GLU M 46 24.06 -43.73 -56.44
N PRO M 47 23.42 -44.89 -56.24
CA PRO M 47 23.07 -45.31 -54.88
C PRO M 47 24.28 -45.87 -54.16
N ARG M 48 24.31 -45.65 -52.85
CA ARG M 48 25.40 -46.17 -52.05
C ARG M 48 24.89 -46.69 -50.70
N ALA M 49 23.58 -46.88 -50.56
CA ALA M 49 22.96 -47.54 -49.42
C ALA M 49 22.11 -48.69 -49.94
N PRO M 50 21.68 -49.63 -49.10
CA PRO M 50 20.86 -50.73 -49.61
C PRO M 50 19.41 -50.35 -49.85
N TRP M 51 18.91 -49.31 -49.22
CA TRP M 51 17.48 -49.05 -49.16
C TRP M 51 17.02 -47.96 -50.11
N ILE M 52 17.89 -47.47 -50.98
CA ILE M 52 17.52 -46.28 -51.73
C ILE M 52 17.09 -46.64 -53.14
N GLU M 53 17.58 -47.75 -53.69
CA GLU M 53 17.22 -48.02 -55.07
C GLU M 53 15.83 -48.62 -55.23
N GLN M 54 15.07 -48.76 -54.14
CA GLN M 54 13.65 -48.98 -54.33
C GLN M 54 12.93 -47.73 -54.83
N GLU M 55 13.60 -46.57 -54.81
CA GLU M 55 13.09 -45.41 -55.52
C GLU M 55 13.24 -45.64 -57.02
N GLY M 56 12.20 -45.28 -57.77
CA GLY M 56 12.13 -45.63 -59.17
C GLY M 56 13.05 -44.84 -60.07
N PRO M 57 12.93 -45.06 -61.39
CA PRO M 57 13.79 -44.30 -62.32
C PRO M 57 13.43 -42.83 -62.38
N GLU M 58 12.16 -42.50 -62.08
CA GLU M 58 11.77 -41.10 -61.96
C GLU M 58 12.64 -40.37 -60.94
N TYR M 59 13.08 -41.07 -59.89
CA TYR M 59 13.90 -40.46 -58.85
C TYR M 59 15.33 -40.26 -59.33
N TRP M 60 15.98 -41.33 -59.77
CA TRP M 60 17.38 -41.23 -60.19
C TRP M 60 17.54 -40.26 -61.36
N ASP M 61 16.56 -40.23 -62.26
CA ASP M 61 16.67 -39.30 -63.39
C ASP M 61 16.66 -37.85 -62.91
N GLN M 62 15.66 -37.49 -62.11
CA GLN M 62 15.55 -36.12 -61.61
C GLN M 62 16.74 -35.75 -60.74
N GLU M 63 17.20 -36.71 -59.91
CA GLU M 63 18.31 -36.41 -59.00
C GLU M 63 19.58 -36.10 -59.76
N THR M 64 19.80 -36.77 -60.90
CA THR M 64 20.98 -36.46 -61.70
C THR M 64 20.90 -35.05 -62.27
N ARG M 65 19.80 -34.72 -62.97
CA ARG M 65 19.61 -33.35 -63.44
C ARG M 65 19.82 -32.35 -62.31
N ASN M 66 19.30 -32.65 -61.12
CA ASN M 66 19.38 -31.72 -60.01
C ASN M 66 20.82 -31.37 -59.68
N MET M 67 21.76 -32.28 -59.87
CA MET M 67 23.15 -31.98 -59.55
C MET M 67 24.08 -32.05 -60.74
N LYS M 68 23.65 -32.57 -61.88
CA LYS M 68 24.25 -32.08 -63.10
C LYS M 68 24.14 -30.56 -63.10
N ALA M 69 22.94 -30.05 -62.83
CA ALA M 69 22.69 -28.61 -62.82
C ALA M 69 23.45 -27.91 -61.70
N HIS M 70 23.46 -28.49 -60.51
CA HIS M 70 24.23 -27.89 -59.42
C HIS M 70 25.71 -27.81 -59.76
N SER M 71 26.24 -28.78 -60.49
CA SER M 71 27.63 -28.72 -60.95
C SER M 71 27.83 -27.58 -61.94
N GLN M 72 26.89 -27.43 -62.90
CA GLN M 72 26.93 -26.33 -63.86
C GLN M 72 27.13 -25.00 -63.15
N THR M 73 26.34 -24.77 -62.09
CA THR M 73 26.40 -23.51 -61.36
C THR M 73 27.78 -23.30 -60.75
N ASP M 74 28.33 -24.35 -60.12
CA ASP M 74 29.66 -24.22 -59.53
C ASP M 74 30.70 -23.89 -60.59
N ARG M 75 30.55 -24.46 -61.80
CA ARG M 75 31.41 -24.05 -62.91
C ARG M 75 31.35 -22.55 -63.10
N ALA M 76 30.14 -22.02 -63.31
CA ALA M 76 29.98 -20.57 -63.49
C ALA M 76 30.38 -19.80 -62.24
N ASN M 77 30.05 -20.31 -61.05
CA ASN M 77 30.34 -19.56 -59.83
C ASN M 77 31.84 -19.51 -59.53
N LEU M 78 32.54 -20.62 -59.75
CA LEU M 78 33.99 -20.62 -59.53
C LEU M 78 34.67 -19.51 -60.34
N GLY M 79 34.13 -19.17 -61.51
CA GLY M 79 34.67 -18.06 -62.28
C GLY M 79 34.26 -16.71 -61.71
N THR M 80 33.00 -16.58 -61.29
CA THR M 80 32.53 -15.33 -60.68
C THR M 80 33.33 -14.98 -59.45
N LEU M 81 33.61 -15.96 -58.60
CA LEU M 81 34.43 -15.68 -57.43
C LEU M 81 35.88 -15.39 -57.82
N ARG M 82 36.37 -16.02 -58.88
CA ARG M 82 37.70 -15.68 -59.39
C ARG M 82 37.78 -14.22 -59.80
N GLY M 83 36.67 -13.64 -60.22
CA GLY M 83 36.65 -12.22 -60.54
C GLY M 83 36.46 -11.37 -59.31
N TYR M 84 35.60 -11.82 -58.39
CA TYR M 84 35.35 -11.08 -57.15
C TYR M 84 36.60 -10.94 -56.31
N TYR M 85 37.56 -11.85 -56.45
CA TYR M 85 38.74 -11.88 -55.60
C TYR M 85 40.04 -11.55 -56.32
N ASN M 86 39.98 -11.15 -57.60
CA ASN M 86 41.18 -10.77 -58.35
C ASN M 86 42.16 -11.93 -58.38
N GLN M 87 41.67 -13.10 -58.82
CA GLN M 87 42.43 -14.34 -58.80
C GLN M 87 42.64 -14.85 -60.22
N SER M 88 43.83 -15.40 -60.47
CA SER M 88 44.19 -15.85 -61.80
C SER M 88 43.72 -17.27 -62.07
N GLU M 89 43.71 -17.62 -63.35
CA GLU M 89 43.19 -18.89 -63.83
C GLU M 89 44.13 -20.06 -63.55
N ASP M 90 45.39 -19.77 -63.22
CA ASP M 90 46.36 -20.81 -62.93
C ASP M 90 46.23 -21.40 -61.52
N GLY M 91 45.27 -20.91 -60.71
CA GLY M 91 45.06 -21.46 -59.39
C GLY M 91 44.06 -22.61 -59.37
N SER M 92 43.93 -23.25 -58.20
CA SER M 92 42.92 -24.26 -57.96
C SER M 92 42.13 -23.86 -56.72
N HIS M 93 40.81 -23.73 -56.87
CA HIS M 93 39.98 -23.22 -55.79
C HIS M 93 38.79 -24.14 -55.56
N THR M 94 38.31 -24.18 -54.32
CA THR M 94 37.26 -25.11 -53.92
C THR M 94 36.02 -24.33 -53.50
N ILE M 95 34.86 -24.81 -53.92
CA ILE M 95 33.57 -24.30 -53.45
C ILE M 95 32.87 -25.44 -52.74
N GLN M 96 32.48 -25.20 -51.48
CA GLN M 96 31.83 -26.23 -50.69
C GLN M 96 30.47 -25.73 -50.24
N ILE M 97 29.43 -26.47 -50.61
CA ILE M 97 28.07 -26.18 -50.18
C ILE M 97 27.56 -27.38 -49.41
N MET M 98 26.79 -27.11 -48.35
CA MET M 98 26.11 -28.17 -47.62
C MET M 98 24.73 -27.66 -47.21
N TYR M 99 23.69 -28.33 -47.68
CA TYR M 99 22.34 -28.03 -47.27
C TYR M 99 21.63 -29.31 -46.89
N GLY M 100 20.62 -29.15 -46.05
CA GLY M 100 19.85 -30.27 -45.57
C GLY M 100 18.80 -29.78 -44.62
N CYS M 101 18.09 -30.73 -44.04
CA CYS M 101 16.96 -30.43 -43.17
C CYS M 101 16.95 -31.45 -42.04
N ASP M 102 16.33 -31.06 -40.93
CA ASP M 102 16.23 -31.92 -39.76
C ASP M 102 14.77 -32.14 -39.42
N VAL M 103 14.37 -33.40 -39.28
CA VAL M 103 13.02 -33.73 -38.88
C VAL M 103 13.05 -34.26 -37.46
N GLY M 104 11.91 -34.21 -36.80
CA GLY M 104 11.80 -34.70 -35.46
C GLY M 104 11.31 -36.12 -35.41
N PRO M 105 11.06 -36.62 -34.19
CA PRO M 105 10.58 -38.01 -34.05
C PRO M 105 9.20 -38.21 -34.65
N ASP M 106 8.39 -37.17 -34.73
CA ASP M 106 7.05 -37.25 -35.29
C ASP M 106 7.00 -36.72 -36.71
N GLY M 107 8.13 -36.72 -37.42
CA GLY M 107 8.20 -36.20 -38.77
C GLY M 107 8.13 -34.69 -38.90
N ARG M 108 8.02 -33.98 -37.78
CA ARG M 108 7.93 -32.52 -37.76
C ARG M 108 9.16 -31.90 -38.42
N PHE M 109 8.97 -30.68 -38.91
CA PHE M 109 10.11 -29.91 -39.39
C PHE M 109 10.78 -29.23 -38.22
N LEU M 110 12.11 -29.29 -38.19
CA LEU M 110 12.86 -28.71 -37.09
C LEU M 110 13.78 -27.60 -37.55
N ARG M 111 14.65 -27.86 -38.53
CA ARG M 111 15.66 -26.89 -38.92
C ARG M 111 16.07 -27.10 -40.36
N GLY M 112 16.32 -25.99 -41.06
CA GLY M 112 16.88 -26.04 -42.39
C GLY M 112 18.31 -25.55 -42.38
N TYR M 113 19.09 -25.86 -43.42
CA TYR M 113 20.49 -25.47 -43.46
C TYR M 113 20.91 -25.18 -44.90
N ARG M 114 21.70 -24.12 -45.09
CA ARG M 114 22.48 -23.97 -46.31
C ARG M 114 23.66 -23.07 -46.03
N GLN M 115 24.87 -23.58 -46.22
CA GLN M 115 26.10 -22.85 -45.99
C GLN M 115 27.02 -23.05 -47.18
N ASP M 116 27.64 -21.95 -47.62
CA ASP M 116 28.55 -21.98 -48.74
C ASP M 116 29.92 -21.49 -48.29
N ALA M 117 30.97 -22.12 -48.79
CA ALA M 117 32.32 -21.76 -48.39
C ALA M 117 33.24 -21.82 -49.60
N TYR M 118 34.06 -20.80 -49.76
CA TYR M 118 35.02 -20.71 -50.84
C TYR M 118 36.43 -20.86 -50.28
N ASP M 119 37.11 -21.93 -50.67
CA ASP M 119 38.48 -22.22 -50.23
C ASP M 119 38.57 -22.36 -48.71
N GLY M 120 37.72 -23.21 -48.16
CA GLY M 120 37.75 -23.56 -46.75
C GLY M 120 37.31 -22.48 -45.78
N LYS M 121 37.14 -21.24 -46.23
CA LYS M 121 36.64 -20.16 -45.39
C LYS M 121 35.17 -19.93 -45.67
N ASP M 122 34.43 -19.57 -44.63
CA ASP M 122 33.01 -19.28 -44.77
C ASP M 122 32.78 -18.21 -45.82
N TYR M 123 31.71 -18.36 -46.60
CA TYR M 123 31.37 -17.36 -47.61
C TYR M 123 30.01 -16.72 -47.37
N ILE M 124 28.94 -17.42 -47.76
CA ILE M 124 27.58 -17.00 -47.47
C ILE M 124 26.85 -18.17 -46.84
N ALA M 125 25.86 -17.86 -46.01
CA ALA M 125 25.09 -18.92 -45.37
C ALA M 125 23.70 -18.39 -45.00
N LEU M 126 22.76 -19.31 -44.91
CA LEU M 126 21.38 -18.98 -44.56
C LEU M 126 21.24 -19.08 -43.05
N ASN M 127 20.71 -18.02 -42.45
CA ASN M 127 20.56 -17.93 -41.00
C ASN M 127 19.52 -18.93 -40.50
N GLU M 128 19.35 -18.95 -39.19
CA GLU M 128 18.37 -19.81 -38.58
C GLU M 128 16.98 -19.44 -39.03
N ASP M 129 16.71 -18.15 -39.21
CA ASP M 129 15.37 -17.74 -39.58
C ASP M 129 15.05 -18.41 -40.86
N LEU M 130 16.05 -18.52 -41.70
CA LEU M 130 15.83 -18.94 -43.06
C LEU M 130 15.15 -17.80 -43.79
N ARG M 131 15.25 -16.60 -43.25
CA ARG M 131 14.81 -15.42 -43.98
C ARG M 131 15.95 -14.47 -44.23
N SER M 132 17.06 -14.70 -43.57
CA SER M 132 18.18 -13.77 -43.58
C SER M 132 19.42 -14.47 -44.10
N TRP M 133 20.27 -13.74 -44.82
CA TRP M 133 21.57 -14.26 -45.20
C TRP M 133 22.66 -13.54 -44.41
N THR M 134 23.79 -14.22 -44.21
CA THR M 134 24.95 -13.61 -43.58
C THR M 134 26.17 -13.82 -44.47
N ALA M 135 26.77 -12.72 -44.90
CA ALA M 135 27.92 -12.75 -45.78
C ALA M 135 29.18 -12.69 -44.91
N ALA M 136 30.13 -13.58 -45.18
CA ALA M 136 31.34 -13.60 -44.38
C ALA M 136 32.20 -12.36 -44.66
N ASP M 137 32.59 -12.19 -45.93
CA ASP M 137 33.50 -11.11 -46.29
C ASP M 137 32.80 -10.06 -47.17
N MET M 138 33.61 -9.21 -47.82
CA MET M 138 33.09 -8.23 -48.76
C MET M 138 32.41 -8.92 -49.94
N ALA M 139 33.17 -9.72 -50.69
CA ALA M 139 32.66 -10.32 -51.92
C ALA M 139 31.30 -10.97 -51.67
N ALA M 140 31.18 -11.73 -50.58
CA ALA M 140 29.94 -12.41 -50.28
C ALA M 140 28.76 -11.45 -50.17
N GLN M 141 29.00 -10.18 -49.86
CA GLN M 141 27.91 -9.21 -49.78
C GLN M 141 27.37 -8.87 -51.17
N ILE M 142 28.26 -8.73 -52.16
CA ILE M 142 27.79 -8.45 -53.51
C ILE M 142 26.99 -9.62 -54.04
N THR M 143 27.23 -10.82 -53.51
CA THR M 143 26.35 -11.95 -53.79
C THR M 143 25.06 -11.86 -52.97
N LYS M 144 25.17 -11.49 -51.69
CA LYS M 144 24.00 -11.42 -50.82
C LYS M 144 22.93 -10.50 -51.39
N ARG M 145 23.28 -9.24 -51.69
CA ARG M 145 22.28 -8.31 -52.19
C ARG M 145 21.69 -8.79 -53.51
N LYS M 146 22.45 -9.60 -54.27
CA LYS M 146 21.90 -10.18 -55.49
C LYS M 146 20.82 -11.21 -55.17
N TRP M 147 21.03 -12.01 -54.12
CA TRP M 147 20.02 -13.00 -53.74
C TRP M 147 18.80 -12.33 -53.12
N GLU M 148 19.01 -11.25 -52.38
CA GLU M 148 17.88 -10.51 -51.82
C GLU M 148 16.92 -10.03 -52.91
N ALA M 149 17.43 -9.78 -54.12
CA ALA M 149 16.57 -9.35 -55.21
C ALA M 149 15.64 -10.46 -55.67
N VAL M 150 16.13 -11.71 -55.71
CA VAL M 150 15.36 -12.81 -56.26
C VAL M 150 14.67 -13.63 -55.17
N HIS M 151 14.68 -13.13 -53.93
CA HIS M 151 14.06 -13.83 -52.81
C HIS M 151 14.58 -15.26 -52.70
N ALA M 152 15.91 -15.41 -52.78
CA ALA M 152 16.49 -16.72 -52.53
C ALA M 152 16.24 -17.17 -51.10
N ALA M 153 16.08 -16.22 -50.18
CA ALA M 153 15.68 -16.53 -48.81
C ALA M 153 14.44 -17.41 -48.79
N GLU M 154 13.35 -16.94 -49.40
CA GLU M 154 12.13 -17.74 -49.50
C GLU M 154 12.41 -19.05 -50.20
N GLN M 155 12.90 -19.00 -51.44
CA GLN M 155 12.92 -20.21 -52.25
C GLN M 155 13.85 -21.29 -51.70
N ARG M 156 14.84 -20.93 -50.88
CA ARG M 156 15.52 -21.97 -50.11
C ARG M 156 14.57 -22.58 -49.09
N ARG M 157 13.77 -21.74 -48.44
CA ARG M 157 12.85 -22.19 -47.40
C ARG M 157 11.78 -23.12 -47.96
N VAL M 158 11.40 -22.93 -49.23
CA VAL M 158 10.36 -23.77 -49.80
C VAL M 158 10.91 -25.15 -50.16
N TYR M 159 12.23 -25.25 -50.39
CA TYR M 159 12.87 -26.55 -50.51
C TYR M 159 13.05 -27.21 -49.15
N LEU M 160 13.59 -26.47 -48.17
CA LEU M 160 13.88 -27.03 -46.85
C LEU M 160 12.61 -27.54 -46.16
N GLU M 161 11.53 -26.78 -46.23
CA GLU M 161 10.28 -27.18 -45.63
C GLU M 161 9.38 -27.94 -46.58
N GLY M 162 9.83 -28.20 -47.81
CA GLY M 162 9.03 -28.94 -48.77
C GLY M 162 9.59 -30.29 -49.14
N ARG M 163 10.41 -30.33 -50.19
CA ARG M 163 10.88 -31.58 -50.79
C ARG M 163 12.01 -32.22 -50.00
N CYS M 164 12.84 -31.40 -49.35
CA CYS M 164 13.89 -31.93 -48.49
C CYS M 164 13.30 -32.78 -47.37
N VAL M 165 12.35 -32.21 -46.62
CA VAL M 165 11.84 -32.92 -45.46
C VAL M 165 11.01 -34.13 -45.89
N ASP M 166 10.22 -33.98 -46.95
CA ASP M 166 9.46 -35.11 -47.46
C ASP M 166 10.38 -36.21 -47.99
N GLY M 167 11.58 -35.85 -48.45
CA GLY M 167 12.55 -36.88 -48.79
C GLY M 167 13.07 -37.60 -47.57
N LEU M 168 13.55 -36.84 -46.59
CA LEU M 168 14.05 -37.42 -45.34
C LEU M 168 12.97 -38.26 -44.65
N ARG M 169 11.71 -37.82 -44.72
CA ARG M 169 10.63 -38.61 -44.14
C ARG M 169 10.51 -39.95 -44.84
N ARG M 170 10.42 -39.93 -46.17
CA ARG M 170 10.25 -41.16 -46.94
C ARG M 170 11.45 -42.09 -46.80
N TYR M 171 12.65 -41.54 -46.58
CA TYR M 171 13.83 -42.38 -46.45
C TYR M 171 13.83 -43.11 -45.12
N LEU M 172 13.48 -42.42 -44.03
CA LEU M 172 13.45 -43.04 -42.72
C LEU M 172 12.47 -44.20 -42.64
N GLU M 173 11.48 -44.27 -43.53
CA GLU M 173 10.54 -45.39 -43.61
C GLU M 173 10.94 -46.44 -44.65
N ASN M 174 11.48 -46.01 -45.79
CA ASN M 174 11.90 -46.98 -46.80
C ASN M 174 13.02 -47.85 -46.28
N GLY M 175 14.02 -47.23 -45.66
CA GLY M 175 15.08 -47.97 -45.03
C GLY M 175 14.94 -48.00 -43.52
N LYS M 176 13.73 -48.28 -43.05
CA LYS M 176 13.47 -48.27 -41.62
C LYS M 176 14.39 -49.23 -40.87
N GLU M 177 14.83 -50.30 -41.53
CA GLU M 177 15.70 -51.28 -40.89
C GLU M 177 17.07 -50.70 -40.58
N THR M 178 17.72 -50.08 -41.57
CA THR M 178 19.09 -49.60 -41.41
C THR M 178 19.17 -48.32 -40.59
N LEU M 179 18.25 -47.38 -40.81
CA LEU M 179 18.45 -46.00 -40.36
C LEU M 179 18.03 -45.78 -38.93
N GLN M 180 17.07 -46.55 -38.42
CA GLN M 180 16.59 -46.37 -37.07
C GLN M 180 17.25 -47.33 -36.09
N ARG M 181 18.31 -48.02 -36.51
CA ARG M 181 19.07 -48.87 -35.60
C ARG M 181 19.83 -48.03 -34.57
N THR M 182 20.19 -48.68 -33.46
CA THR M 182 21.21 -48.19 -32.54
C THR M 182 22.10 -49.37 -32.21
N ASP M 183 23.39 -49.11 -32.06
CA ASP M 183 24.38 -50.16 -31.88
C ASP M 183 25.30 -49.81 -30.73
N PRO M 184 25.15 -50.44 -29.56
CA PRO M 184 25.97 -50.09 -28.39
C PRO M 184 27.43 -50.42 -28.65
N PRO M 185 28.35 -49.60 -28.15
CA PRO M 185 29.78 -49.81 -28.41
C PRO M 185 30.29 -51.07 -27.72
N LYS M 186 31.05 -51.88 -28.45
CA LYS M 186 31.67 -53.08 -27.92
C LYS M 186 33.06 -52.70 -27.41
N THR M 187 33.24 -52.73 -26.09
CA THR M 187 34.37 -52.09 -25.41
C THR M 187 35.37 -53.12 -24.88
N HIS M 188 36.58 -52.62 -24.61
CA HIS M 188 37.63 -53.37 -23.93
C HIS M 188 38.73 -52.40 -23.57
N MET M 189 39.53 -52.77 -22.56
CA MET M 189 40.55 -51.88 -22.03
C MET M 189 41.93 -52.49 -22.21
N THR M 190 42.94 -51.62 -22.33
CA THR M 190 44.29 -52.00 -22.67
C THR M 190 45.27 -51.38 -21.68
N HIS M 191 46.27 -52.16 -21.25
CA HIS M 191 47.29 -51.72 -20.31
C HIS M 191 48.65 -51.93 -20.97
N HIS M 192 49.33 -50.84 -21.29
CA HIS M 192 50.65 -50.90 -21.95
C HIS M 192 51.67 -50.17 -21.09
N PRO M 193 52.55 -50.88 -20.37
CA PRO M 193 53.59 -50.19 -19.62
C PRO M 193 54.59 -49.53 -20.56
N ILE M 194 54.92 -48.28 -20.27
CA ILE M 194 55.84 -47.49 -21.09
C ILE M 194 57.23 -47.44 -20.47
N SER M 195 57.30 -47.07 -19.19
CA SER M 195 58.53 -47.09 -18.40
C SER M 195 58.36 -48.11 -17.28
N ASP M 196 59.37 -48.18 -16.40
CA ASP M 196 59.24 -49.01 -15.21
C ASP M 196 58.37 -48.36 -14.14
N HIS M 197 57.83 -47.16 -14.40
CA HIS M 197 57.03 -46.45 -13.41
C HIS M 197 55.67 -45.98 -13.90
N GLU M 198 55.44 -45.89 -15.21
CA GLU M 198 54.14 -45.47 -15.74
C GLU M 198 53.67 -46.47 -16.81
N ALA M 199 52.38 -46.40 -17.11
CA ALA M 199 51.77 -47.16 -18.19
C ALA M 199 50.80 -46.26 -18.92
N THR M 200 50.03 -46.85 -19.84
CA THR M 200 48.96 -46.15 -20.55
C THR M 200 47.72 -47.03 -20.53
N LEU M 201 46.64 -46.51 -19.95
CA LEU M 201 45.35 -47.20 -19.91
C LEU M 201 44.53 -46.67 -21.08
N ARG M 202 44.38 -47.47 -22.12
CA ARG M 202 43.61 -47.09 -23.28
C ARG M 202 42.23 -47.74 -23.20
N CYS M 203 41.20 -46.98 -23.54
CA CYS M 203 39.81 -47.40 -23.38
C CYS M 203 39.18 -47.49 -24.76
N TRP M 204 38.95 -48.71 -25.25
CA TRP M 204 38.43 -48.94 -26.59
C TRP M 204 36.91 -49.04 -26.63
N ALA M 205 36.35 -48.66 -27.78
CA ALA M 205 34.92 -48.85 -28.06
C ALA M 205 34.78 -49.02 -29.56
N LEU M 206 34.58 -50.26 -30.00
CA LEU M 206 34.42 -50.55 -31.42
C LEU M 206 32.96 -50.80 -31.74
N GLY M 207 32.62 -50.72 -33.03
CA GLY M 207 31.32 -51.07 -33.55
C GLY M 207 30.09 -50.42 -32.94
N PHE M 208 29.91 -49.12 -33.17
CA PHE M 208 28.72 -48.42 -32.69
C PHE M 208 28.19 -47.48 -33.76
N TYR M 209 26.88 -47.22 -33.69
CA TYR M 209 26.16 -46.32 -34.58
C TYR M 209 24.95 -45.83 -33.80
N PRO M 210 24.62 -44.54 -33.85
CA PRO M 210 25.27 -43.46 -34.60
C PRO M 210 26.63 -43.10 -34.02
N ALA M 211 27.34 -42.16 -34.67
CA ALA M 211 28.71 -41.86 -34.32
C ALA M 211 28.86 -41.04 -33.04
N GLU M 212 27.78 -40.49 -32.50
CA GLU M 212 27.89 -39.71 -31.27
C GLU M 212 28.34 -40.62 -30.12
N ILE M 213 29.42 -40.24 -29.46
CA ILE M 213 30.01 -41.06 -28.42
C ILE M 213 30.80 -40.14 -27.50
N THR M 214 30.85 -40.48 -26.21
CA THR M 214 31.50 -39.65 -25.19
C THR M 214 32.37 -40.53 -24.30
N LEU M 215 33.69 -40.38 -24.43
CA LEU M 215 34.64 -41.10 -23.59
C LEU M 215 35.21 -40.16 -22.53
N THR M 216 35.26 -40.64 -21.29
CA THR M 216 35.72 -39.83 -20.16
C THR M 216 36.52 -40.70 -19.20
N TRP M 217 37.77 -40.32 -18.95
CA TRP M 217 38.59 -40.94 -17.92
C TRP M 217 38.39 -40.19 -16.60
N GLN M 218 38.41 -40.93 -15.49
CA GLN M 218 38.16 -40.32 -14.19
C GLN M 218 39.07 -40.91 -13.13
N ARG M 219 39.79 -40.05 -12.42
CA ARG M 219 40.62 -40.44 -11.29
C ARG M 219 39.83 -40.22 -10.01
N ASP M 220 39.53 -41.30 -9.30
CA ASP M 220 38.79 -41.27 -8.04
C ASP M 220 37.42 -40.62 -8.21
N GLY M 221 36.82 -40.79 -9.38
CA GLY M 221 35.57 -40.14 -9.70
C GLY M 221 35.70 -38.71 -10.14
N GLU M 222 36.91 -38.21 -10.32
CA GLU M 222 37.14 -36.84 -10.76
C GLU M 222 37.65 -36.85 -12.20
N ASP M 223 37.07 -35.96 -13.01
CA ASP M 223 37.38 -35.91 -14.44
C ASP M 223 38.87 -35.69 -14.68
N GLN M 224 39.41 -36.38 -15.68
CA GLN M 224 40.84 -36.39 -16.00
C GLN M 224 41.05 -36.00 -17.46
N THR M 225 41.02 -34.70 -17.74
CA THR M 225 41.34 -34.20 -19.06
C THR M 225 42.82 -33.86 -19.20
N GLN M 226 43.66 -34.34 -18.28
CA GLN M 226 45.06 -33.95 -18.24
C GLN M 226 45.89 -34.87 -19.12
N ASP M 227 46.40 -35.97 -18.55
CA ASP M 227 47.19 -36.93 -19.30
C ASP M 227 46.35 -37.81 -20.22
N THR M 228 45.30 -37.24 -20.81
CA THR M 228 44.40 -37.99 -21.65
C THR M 228 44.66 -37.68 -23.12
N GLU M 229 44.49 -38.70 -23.96
CA GLU M 229 44.60 -38.57 -25.40
C GLU M 229 43.35 -39.20 -26.03
N LEU M 230 42.79 -38.50 -27.00
CA LEU M 230 41.49 -38.85 -27.56
C LEU M 230 41.56 -38.76 -29.08
N VAL M 231 41.57 -39.91 -29.75
CA VAL M 231 41.53 -39.92 -31.21
C VAL M 231 40.10 -39.65 -31.66
N GLU M 232 39.98 -38.94 -32.78
CA GLU M 232 38.66 -38.66 -33.33
C GLU M 232 38.01 -39.94 -33.82
N THR M 233 36.68 -39.96 -33.78
CA THR M 233 35.95 -41.19 -34.10
C THR M 233 36.25 -41.67 -35.52
N ARG M 234 36.63 -42.94 -35.65
CA ARG M 234 37.00 -43.53 -36.94
C ARG M 234 35.90 -44.41 -37.48
N PRO M 235 35.66 -44.34 -38.78
CA PRO M 235 34.71 -45.28 -39.40
C PRO M 235 35.42 -46.60 -39.68
N ALA M 236 34.77 -47.70 -39.31
CA ALA M 236 35.37 -49.02 -39.50
C ALA M 236 35.31 -49.51 -40.93
N GLY M 237 34.65 -48.78 -41.82
CA GLY M 237 34.53 -49.19 -43.21
C GLY M 237 33.33 -50.04 -43.50
N ASP M 238 32.50 -50.32 -42.49
CA ASP M 238 31.31 -51.16 -42.60
C ASP M 238 30.08 -50.47 -42.03
N GLY M 239 30.05 -49.14 -42.09
CA GLY M 239 28.94 -48.38 -41.55
C GLY M 239 28.95 -48.15 -40.05
N THR M 240 29.95 -48.66 -39.35
CA THR M 240 30.08 -48.46 -37.91
C THR M 240 31.38 -47.70 -37.60
N PHE M 241 31.50 -47.25 -36.36
CA PHE M 241 32.58 -46.35 -35.95
C PHE M 241 33.28 -46.85 -34.70
N GLN M 242 34.51 -46.38 -34.51
CA GLN M 242 35.36 -46.72 -33.38
C GLN M 242 35.98 -45.44 -32.82
N LYS M 243 36.33 -45.48 -31.53
CA LYS M 243 37.00 -44.36 -30.88
C LYS M 243 37.63 -44.87 -29.60
N TRP M 244 38.86 -44.45 -29.35
CA TRP M 244 39.55 -44.85 -28.12
C TRP M 244 40.17 -43.63 -27.44
N ALA M 245 40.12 -43.64 -26.11
CA ALA M 245 40.69 -42.59 -25.28
C ALA M 245 41.65 -43.21 -24.28
N ALA M 246 42.90 -42.77 -24.29
CA ALA M 246 43.94 -43.29 -23.42
C ALA M 246 44.34 -42.26 -22.37
N VAL M 247 44.97 -42.75 -21.31
CA VAL M 247 45.48 -41.92 -20.22
C VAL M 247 46.76 -42.55 -19.71
N VAL M 248 47.73 -41.72 -19.32
CA VAL M 248 48.99 -42.21 -18.75
C VAL M 248 48.82 -42.35 -17.24
N VAL M 249 49.27 -43.48 -16.70
CA VAL M 249 48.99 -43.85 -15.31
C VAL M 249 50.28 -44.14 -14.56
N PRO M 250 50.43 -43.65 -13.32
CA PRO M 250 51.55 -44.10 -12.48
C PRO M 250 51.33 -45.52 -11.97
N SER M 251 52.39 -46.33 -12.03
CA SER M 251 52.30 -47.76 -11.71
C SER M 251 51.63 -47.99 -10.36
N GLY M 252 50.82 -49.04 -10.28
CA GLY M 252 50.16 -49.39 -9.04
C GLY M 252 48.96 -48.55 -8.70
N GLU M 253 48.43 -47.79 -9.66
CA GLU M 253 47.28 -46.93 -9.43
C GLU M 253 46.19 -47.11 -10.49
N GLU M 254 46.24 -48.21 -11.23
CA GLU M 254 45.25 -48.42 -12.29
C GLU M 254 43.85 -48.57 -11.71
N GLN M 255 43.73 -49.17 -10.53
CA GLN M 255 42.43 -49.32 -9.88
C GLN M 255 41.84 -48.01 -9.38
N ARG M 256 42.48 -46.88 -9.66
CA ARG M 256 41.93 -45.57 -9.35
C ARG M 256 41.31 -44.87 -10.56
N TYR M 257 41.65 -45.30 -11.78
CA TYR M 257 41.13 -44.68 -12.99
C TYR M 257 39.90 -45.42 -13.48
N THR M 258 38.87 -44.65 -13.84
CA THR M 258 37.61 -45.18 -14.34
C THR M 258 37.31 -44.54 -15.68
N CYS M 259 37.01 -45.37 -16.69
CA CYS M 259 36.64 -44.90 -18.01
C CYS M 259 35.13 -44.96 -18.17
N HIS M 260 34.54 -43.90 -18.71
CA HIS M 260 33.10 -43.77 -18.84
C HIS M 260 32.72 -43.59 -20.31
N VAL M 261 31.73 -44.37 -20.75
CA VAL M 261 31.28 -44.39 -22.14
C VAL M 261 29.78 -44.07 -22.16
N GLN M 262 29.40 -43.08 -22.97
CA GLN M 262 28.01 -42.69 -23.15
C GLN M 262 27.67 -42.81 -24.62
N HIS M 263 26.59 -43.52 -24.92
CA HIS M 263 26.14 -43.71 -26.29
C HIS M 263 24.62 -43.63 -26.35
N GLU M 264 24.12 -43.30 -27.54
CA GLU M 264 22.67 -43.20 -27.73
C GLU M 264 22.03 -44.57 -27.56
N GLY M 265 22.59 -45.59 -28.23
CA GLY M 265 22.17 -46.97 -28.13
C GLY M 265 22.62 -47.69 -26.88
N LEU M 266 23.11 -46.98 -25.89
CA LEU M 266 23.52 -47.59 -24.64
C LEU M 266 22.58 -47.16 -23.53
N PRO M 267 21.98 -48.11 -22.78
CA PRO M 267 20.94 -47.73 -21.80
C PRO M 267 21.44 -46.89 -20.63
N LYS M 268 22.41 -47.41 -19.89
CA LYS M 268 23.02 -46.65 -18.82
C LYS M 268 24.48 -46.42 -19.16
N PRO M 269 25.05 -45.27 -18.80
CA PRO M 269 26.44 -45.01 -19.16
C PRO M 269 27.33 -46.11 -18.58
N LEU M 270 28.37 -46.47 -19.32
CA LEU M 270 29.25 -47.54 -18.91
C LEU M 270 30.37 -47.01 -18.02
N THR M 271 30.99 -47.92 -17.27
CA THR M 271 32.15 -47.58 -16.47
C THR M 271 33.13 -48.74 -16.54
N LEU M 272 34.37 -48.45 -16.88
CA LEU M 272 35.40 -49.47 -17.04
C LEU M 272 36.59 -49.16 -16.15
N ARG M 273 37.21 -50.21 -15.61
CA ARG M 273 38.33 -50.08 -14.69
C ARG M 273 39.24 -51.29 -14.85
N TRP M 274 40.50 -51.13 -14.45
CA TRP M 274 41.46 -52.22 -14.56
C TRP M 274 41.44 -53.15 -13.35
N VAL N 1 16.44 -35.76 -51.22
CA VAL N 1 16.12 -35.07 -52.47
C VAL N 1 16.91 -33.77 -52.58
N THR N 2 17.71 -33.67 -53.64
CA THR N 2 18.55 -32.49 -53.82
C THR N 2 17.73 -31.30 -54.28
N GLU N 3 18.31 -30.11 -54.09
CA GLU N 3 17.59 -28.88 -54.34
C GLU N 3 17.31 -28.72 -55.83
N HIS N 4 16.16 -28.10 -56.11
CA HIS N 4 15.60 -27.98 -57.46
C HIS N 4 16.56 -27.27 -58.42
N ASP N 5 16.92 -26.03 -58.08
CA ASP N 5 17.76 -25.14 -58.87
C ASP N 5 18.86 -24.60 -57.97
N THR N 6 19.73 -23.77 -58.53
CA THR N 6 20.87 -23.29 -57.77
C THR N 6 20.94 -21.77 -57.87
N LEU N 7 21.76 -21.19 -57.01
CA LEU N 7 21.92 -19.74 -56.93
C LEU N 7 23.30 -19.38 -57.45
N LEU N 8 23.40 -18.25 -58.13
CA LEU N 8 24.69 -17.75 -58.59
C LEU N 8 25.19 -16.65 -57.66
N TYR N 9 26.51 -16.56 -57.54
CA TYR N 9 27.13 -15.59 -56.65
C TYR N 9 27.30 -14.21 -57.30
N ILE O 1 43.68 -20.73 -47.63
CA ILE O 1 44.37 -21.22 -46.44
C ILE O 1 44.35 -22.76 -46.40
N GLN O 2 45.36 -23.36 -45.75
CA GLN O 2 45.59 -24.79 -45.84
C GLN O 2 45.61 -25.46 -44.46
N ARG O 3 45.17 -26.72 -44.45
CA ARG O 3 45.22 -27.58 -43.27
C ARG O 3 45.85 -28.92 -43.63
N THR O 4 46.60 -29.49 -42.67
CA THR O 4 47.37 -30.73 -42.80
C THR O 4 46.61 -31.93 -42.24
N PRO O 5 46.72 -33.10 -42.86
CA PRO O 5 45.84 -34.23 -42.51
C PRO O 5 46.21 -34.91 -41.21
N LYS O 6 45.18 -35.26 -40.43
CA LYS O 6 45.33 -36.24 -39.36
C LYS O 6 45.14 -37.65 -39.93
N ILE O 7 45.96 -38.59 -39.48
CA ILE O 7 46.02 -39.93 -40.05
C ILE O 7 45.85 -40.97 -38.93
N GLN O 8 44.93 -41.90 -39.12
CA GLN O 8 44.79 -43.05 -38.24
C GLN O 8 44.85 -44.32 -39.07
N VAL O 9 45.66 -45.28 -38.64
CA VAL O 9 45.77 -46.58 -39.30
C VAL O 9 45.34 -47.65 -38.31
N TYR O 10 44.36 -48.46 -38.71
CA TYR O 10 43.75 -49.42 -37.82
C TYR O 10 43.11 -50.51 -38.65
N SER O 11 42.76 -51.61 -37.98
CA SER O 11 42.02 -52.70 -38.62
C SER O 11 40.54 -52.55 -38.32
N ARG O 12 39.71 -53.07 -39.22
CA ARG O 12 38.26 -52.94 -39.04
C ARG O 12 37.80 -53.72 -37.80
N HIS O 13 38.28 -54.95 -37.65
CA HIS O 13 38.03 -55.80 -36.49
C HIS O 13 39.31 -55.98 -35.69
N PRO O 14 39.20 -56.33 -34.39
CA PRO O 14 40.41 -56.68 -33.64
C PRO O 14 41.22 -57.73 -34.40
N ALA O 15 42.47 -57.43 -34.68
CA ALA O 15 43.24 -58.27 -35.59
C ALA O 15 43.60 -59.59 -34.93
N GLU O 16 43.53 -60.66 -35.70
CA GLU O 16 43.94 -61.99 -35.29
C GLU O 16 44.69 -62.65 -36.43
N ASN O 17 45.84 -63.25 -36.15
CA ASN O 17 46.65 -63.81 -37.21
C ASN O 17 45.92 -64.96 -37.87
N GLY O 18 45.83 -64.94 -39.21
CA GLY O 18 45.19 -66.00 -39.94
C GLY O 18 43.72 -65.78 -40.25
N LYS O 19 43.13 -64.71 -39.73
CA LYS O 19 41.73 -64.37 -39.95
C LYS O 19 41.62 -63.20 -40.90
N SER O 20 40.72 -63.31 -41.88
CA SER O 20 40.52 -62.25 -42.86
C SER O 20 40.00 -61.00 -42.16
N ASN O 21 40.79 -59.93 -42.17
CA ASN O 21 40.38 -58.66 -41.61
C ASN O 21 40.47 -57.59 -42.70
N PHE O 22 40.35 -56.32 -42.31
CA PHE O 22 40.38 -55.23 -43.28
C PHE O 22 41.19 -54.08 -42.73
N LEU O 23 42.09 -53.57 -43.56
CA LEU O 23 43.05 -52.54 -43.16
C LEU O 23 42.51 -51.18 -43.53
N ASN O 24 42.32 -50.32 -42.53
CA ASN O 24 41.77 -48.99 -42.73
C ASN O 24 42.84 -47.94 -42.50
N CYS O 25 42.91 -46.97 -43.42
CA CYS O 25 43.65 -45.73 -43.22
C CYS O 25 42.66 -44.58 -43.41
N TYR O 26 42.43 -43.81 -42.34
CA TYR O 26 41.40 -42.77 -42.32
C TYR O 26 42.07 -41.40 -42.15
N VAL O 27 42.20 -40.65 -43.25
CA VAL O 27 42.81 -39.32 -43.23
C VAL O 27 41.70 -38.28 -43.12
N SER O 28 41.89 -37.29 -42.24
CA SER O 28 40.83 -36.32 -41.98
C SER O 28 41.43 -34.96 -41.64
N GLY O 29 40.56 -33.94 -41.68
CA GLY O 29 40.95 -32.59 -41.30
C GLY O 29 41.91 -31.86 -42.21
N PHE O 30 41.96 -32.21 -43.50
CA PHE O 30 42.91 -31.59 -44.42
C PHE O 30 42.19 -30.73 -45.44
N HIS O 31 42.97 -29.84 -46.06
CA HIS O 31 42.49 -28.88 -47.05
C HIS O 31 43.67 -28.31 -47.82
N PRO O 32 43.60 -28.21 -49.14
CA PRO O 32 42.46 -28.58 -50.00
C PRO O 32 42.32 -30.09 -50.16
N SER O 33 41.47 -30.55 -51.10
CA SER O 33 41.04 -31.94 -51.11
C SER O 33 42.11 -32.87 -51.69
N ASP O 34 42.98 -32.36 -52.57
CA ASP O 34 43.96 -33.19 -53.25
C ASP O 34 44.91 -33.86 -52.26
N ILE O 35 44.80 -35.19 -52.13
CA ILE O 35 45.63 -35.95 -51.21
C ILE O 35 45.95 -37.30 -51.83
N GLU O 36 47.14 -37.83 -51.52
CA GLU O 36 47.57 -39.15 -51.97
C GLU O 36 47.73 -40.07 -50.77
N VAL O 37 47.14 -41.26 -50.85
CA VAL O 37 47.15 -42.25 -49.78
C VAL O 37 47.42 -43.62 -50.37
N ASP O 38 48.38 -44.34 -49.77
CA ASP O 38 48.67 -45.73 -50.14
C ASP O 38 48.71 -46.61 -48.89
N LEU O 39 48.43 -47.89 -49.11
CA LEU O 39 48.58 -48.91 -48.08
C LEU O 39 49.82 -49.74 -48.36
N LEU O 40 50.49 -50.17 -47.29
CA LEU O 40 51.83 -50.76 -47.41
C LEU O 40 51.90 -52.11 -46.72
N LYS O 41 52.17 -53.16 -47.51
CA LYS O 41 52.52 -54.48 -46.97
C LYS O 41 54.03 -54.57 -46.95
N ASN O 42 54.62 -54.27 -45.80
CA ASN O 42 56.07 -54.30 -45.60
C ASN O 42 56.78 -53.42 -46.63
N GLY O 43 56.38 -52.14 -46.64
CA GLY O 43 57.00 -51.14 -47.47
C GLY O 43 56.64 -51.17 -48.94
N GLU O 44 55.85 -52.14 -49.39
CA GLU O 44 55.43 -52.22 -50.78
C GLU O 44 54.01 -51.69 -50.92
N ARG O 45 53.70 -51.16 -52.10
CA ARG O 45 52.44 -50.48 -52.33
C ARG O 45 51.33 -51.50 -52.57
N ILE O 46 50.30 -51.49 -51.72
CA ILE O 46 49.17 -52.40 -51.87
C ILE O 46 48.27 -51.87 -52.98
N GLU O 47 47.97 -52.73 -53.95
CA GLU O 47 47.29 -52.27 -55.16
C GLU O 47 45.77 -52.27 -54.98
N LYS O 48 45.21 -53.34 -54.41
CA LYS O 48 43.76 -53.52 -54.28
C LYS O 48 43.18 -52.68 -53.14
N VAL O 49 43.25 -51.35 -53.31
CA VAL O 49 42.81 -50.43 -52.27
C VAL O 49 41.74 -49.52 -52.85
N GLU O 50 40.61 -49.41 -52.15
CA GLU O 50 39.52 -48.49 -52.47
C GLU O 50 39.44 -47.39 -51.42
N HIS O 51 38.62 -46.36 -51.71
CA HIS O 51 38.46 -45.23 -50.80
C HIS O 51 37.00 -44.78 -50.76
N SER O 52 36.70 -43.91 -49.80
CA SER O 52 35.38 -43.33 -49.63
C SER O 52 35.18 -42.15 -50.59
N ASP O 53 34.02 -41.52 -50.49
CA ASP O 53 33.69 -40.34 -51.28
C ASP O 53 34.00 -39.08 -50.48
N LEU O 54 34.46 -38.05 -51.18
CA LEU O 54 34.96 -36.85 -50.53
C LEU O 54 33.83 -36.12 -49.81
N SER O 55 33.81 -36.20 -48.49
CA SER O 55 32.93 -35.38 -47.68
C SER O 55 33.77 -34.47 -46.78
N PHE O 56 33.09 -33.54 -46.12
CA PHE O 56 33.78 -32.58 -45.25
C PHE O 56 32.95 -32.36 -43.98
N SER O 57 33.62 -31.77 -42.98
CA SER O 57 33.04 -31.57 -41.65
C SER O 57 32.58 -30.12 -41.52
N LYS O 58 32.29 -29.71 -40.28
CA LYS O 58 31.81 -28.35 -40.05
C LYS O 58 32.85 -27.32 -40.44
N ASP O 59 34.13 -27.58 -40.16
CA ASP O 59 35.18 -26.63 -40.52
C ASP O 59 35.62 -26.76 -41.97
N TRP O 60 34.82 -27.40 -42.82
CA TRP O 60 35.08 -27.57 -44.24
C TRP O 60 36.31 -28.43 -44.52
N SER O 61 36.86 -29.09 -43.51
CA SER O 61 38.01 -29.97 -43.69
C SER O 61 37.54 -31.34 -44.16
N PHE O 62 38.17 -31.85 -45.21
CA PHE O 62 37.76 -33.09 -45.87
C PHE O 62 38.20 -34.33 -45.07
N TYR O 63 37.64 -35.48 -45.44
CA TYR O 63 38.05 -36.73 -44.83
C TYR O 63 37.75 -37.89 -45.77
N LEU O 64 38.67 -38.85 -45.82
CA LEU O 64 38.60 -40.02 -46.69
C LEU O 64 38.99 -41.25 -45.89
N LEU O 65 38.53 -42.41 -46.35
CA LEU O 65 38.90 -43.69 -45.75
C LEU O 65 39.38 -44.61 -46.85
N TYR O 66 40.64 -45.02 -46.78
CA TYR O 66 41.19 -45.99 -47.73
C TYR O 66 41.30 -47.34 -47.04
N TYR O 67 40.78 -48.39 -47.69
CA TYR O 67 40.72 -49.69 -47.06
C TYR O 67 41.08 -50.81 -48.03
N THR O 68 41.56 -51.92 -47.48
CA THR O 68 41.90 -53.13 -48.22
C THR O 68 41.67 -54.34 -47.33
N GLU O 69 41.23 -55.44 -47.94
CA GLU O 69 41.20 -56.72 -47.26
C GLU O 69 42.64 -57.16 -46.99
N PHE O 70 42.88 -57.64 -45.78
CA PHE O 70 44.20 -58.15 -45.45
C PHE O 70 44.06 -59.21 -44.35
N THR O 71 44.97 -60.18 -44.38
CA THR O 71 45.03 -61.20 -43.35
C THR O 71 46.29 -60.95 -42.53
N PRO O 72 46.19 -60.35 -41.35
CA PRO O 72 47.41 -59.99 -40.62
C PRO O 72 48.12 -61.24 -40.15
N THR O 73 49.45 -61.21 -40.26
CA THR O 73 50.28 -62.24 -39.66
C THR O 73 51.05 -61.61 -38.50
N GLU O 74 52.06 -62.33 -38.01
CA GLU O 74 52.93 -61.79 -36.97
C GLU O 74 54.17 -61.13 -37.55
N LYS O 75 54.62 -61.60 -38.71
CA LYS O 75 55.78 -61.01 -39.39
C LYS O 75 55.38 -59.92 -40.37
N ASP O 76 54.26 -60.11 -41.08
CA ASP O 76 53.74 -59.04 -41.90
C ASP O 76 53.33 -57.87 -41.01
N GLU O 77 53.98 -56.72 -41.17
CA GLU O 77 53.57 -55.50 -40.49
C GLU O 77 53.28 -54.43 -41.53
N TYR O 78 52.08 -53.84 -41.45
CA TYR O 78 51.57 -52.95 -42.48
C TYR O 78 51.63 -51.50 -42.02
N ALA O 79 51.55 -50.59 -42.99
CA ALA O 79 51.64 -49.15 -42.72
C ALA O 79 50.90 -48.38 -43.81
N CYS O 80 50.68 -47.09 -43.55
CA CYS O 80 49.95 -46.20 -44.46
C CYS O 80 50.77 -44.94 -44.70
N ARG O 81 51.00 -44.62 -45.98
CA ARG O 81 51.77 -43.44 -46.38
C ARG O 81 50.82 -42.40 -46.96
N VAL O 82 51.00 -41.14 -46.54
CA VAL O 82 50.09 -40.04 -46.89
C VAL O 82 50.93 -38.86 -47.34
N ASN O 83 50.85 -38.52 -48.62
CA ASN O 83 51.50 -37.32 -49.15
C ASN O 83 50.46 -36.23 -49.36
N HIS O 84 50.86 -34.99 -49.11
CA HIS O 84 49.96 -33.85 -49.20
C HIS O 84 50.76 -32.61 -49.58
N VAL O 85 50.03 -31.52 -49.87
CA VAL O 85 50.67 -30.24 -50.12
C VAL O 85 51.27 -29.68 -48.83
N THR O 86 50.62 -29.93 -47.69
CA THR O 86 51.16 -29.49 -46.41
C THR O 86 52.31 -30.36 -45.92
N LEU O 87 52.59 -31.47 -46.60
CA LEU O 87 53.67 -32.36 -46.21
C LEU O 87 54.76 -32.33 -47.28
N SER O 88 55.95 -31.86 -46.88
CA SER O 88 57.08 -31.81 -47.80
C SER O 88 57.52 -33.22 -48.20
N GLN O 89 57.63 -34.13 -47.21
CA GLN O 89 57.89 -35.52 -47.52
C GLN O 89 56.74 -36.40 -47.02
N PRO O 90 56.37 -37.43 -47.77
CA PRO O 90 55.23 -38.26 -47.37
C PRO O 90 55.43 -38.88 -46.00
N LYS O 91 54.47 -38.64 -45.11
CA LYS O 91 54.43 -39.31 -43.82
C LYS O 91 54.08 -40.78 -43.98
N ILE O 92 54.60 -41.61 -43.08
CA ILE O 92 54.23 -43.02 -42.99
C ILE O 92 53.82 -43.30 -41.56
N VAL O 93 52.67 -43.96 -41.40
CA VAL O 93 52.14 -44.34 -40.08
C VAL O 93 52.07 -45.86 -40.05
N LYS O 94 52.82 -46.46 -39.13
CA LYS O 94 52.85 -47.92 -39.04
C LYS O 94 51.61 -48.38 -38.28
N TRP O 95 51.05 -49.51 -38.72
CA TRP O 95 49.84 -50.01 -38.09
C TRP O 95 50.21 -50.66 -36.75
N ASP O 96 49.66 -50.12 -35.66
CA ASP O 96 49.84 -50.71 -34.35
C ASP O 96 48.69 -51.66 -34.05
N ARG O 97 49.01 -52.75 -33.36
CA ARG O 97 47.98 -53.73 -33.01
C ARG O 97 46.96 -53.16 -32.04
N ASP O 98 47.30 -52.09 -31.32
CA ASP O 98 46.39 -51.51 -30.34
C ASP O 98 46.33 -49.99 -30.50
N MET O 99 46.23 -49.51 -31.72
CA MET O 99 46.00 -48.09 -31.98
C MET O 99 45.13 -47.93 -33.22
N SER P 2 49.52 57.03 -14.50
CA SER P 2 48.57 57.56 -15.47
C SER P 2 49.05 57.24 -16.89
N VAL P 3 50.13 56.48 -17.01
CA VAL P 3 50.72 56.14 -18.31
C VAL P 3 50.47 54.66 -18.58
N SER P 4 49.60 54.37 -19.54
CA SER P 4 49.37 53.02 -20.03
C SER P 4 49.69 53.01 -21.52
N THR P 5 50.57 52.09 -21.92
CA THR P 5 51.18 52.11 -23.24
C THR P 5 50.84 50.83 -24.01
N GLN P 6 50.38 51.01 -25.25
CA GLN P 6 50.08 49.96 -26.21
C GLN P 6 51.09 49.98 -27.34
N PRO P 7 51.34 48.84 -27.98
CA PRO P 7 52.12 48.87 -29.21
C PRO P 7 51.37 49.66 -30.28
N PRO P 8 52.10 50.26 -31.21
CA PRO P 8 51.42 51.12 -32.20
C PRO P 8 50.61 50.35 -33.22
N SER P 9 51.14 49.24 -33.73
CA SER P 9 50.43 48.42 -34.70
C SER P 9 50.83 46.97 -34.51
N VAL P 10 49.91 46.07 -34.83
CA VAL P 10 50.15 44.63 -34.80
C VAL P 10 49.64 44.04 -36.11
N SER P 11 50.51 43.30 -36.80
CA SER P 11 50.16 42.63 -38.05
C SER P 11 50.06 41.13 -37.80
N VAL P 12 49.02 40.51 -38.32
CA VAL P 12 48.77 39.09 -38.12
C VAL P 12 48.11 38.53 -39.38
N ALA P 13 48.45 37.27 -39.69
CA ALA P 13 47.84 36.61 -40.83
C ALA P 13 46.39 36.27 -40.53
N PRO P 14 45.51 36.26 -41.53
CA PRO P 14 44.10 35.93 -41.29
C PRO P 14 43.97 34.54 -40.68
N GLY P 15 43.02 34.42 -39.75
CA GLY P 15 42.81 33.18 -39.05
C GLY P 15 43.81 32.87 -37.96
N GLN P 16 44.92 33.61 -37.87
CA GLN P 16 45.87 33.41 -36.79
C GLN P 16 45.30 34.00 -35.51
N THR P 17 46.13 34.13 -34.47
CA THR P 17 45.70 34.71 -33.21
C THR P 17 46.45 36.02 -32.99
N ALA P 18 45.71 37.12 -32.95
CA ALA P 18 46.29 38.42 -32.69
C ALA P 18 46.36 38.68 -31.20
N ARG P 19 47.28 39.55 -30.80
CA ARG P 19 47.51 39.80 -29.38
C ARG P 19 48.01 41.22 -29.19
N ILE P 20 47.23 42.04 -28.49
CA ILE P 20 47.53 43.43 -28.21
C ILE P 20 47.78 43.59 -26.71
N THR P 21 48.89 44.21 -26.35
CA THR P 21 49.25 44.41 -24.96
C THR P 21 48.89 45.83 -24.53
N CYS P 22 48.72 46.00 -23.22
CA CYS P 22 48.46 47.31 -22.63
C CYS P 22 49.28 47.32 -21.35
N GLY P 23 50.57 47.63 -21.49
CA GLY P 23 51.48 47.58 -20.36
C GLY P 23 51.35 48.82 -19.49
N GLY P 24 51.49 48.61 -18.19
CA GLY P 24 51.35 49.73 -17.27
C GLY P 24 51.74 49.34 -15.86
N ASN P 25 52.20 50.30 -15.07
CA ASN P 25 52.64 49.99 -13.72
C ASN P 25 51.47 49.53 -12.88
N ASN P 26 51.51 48.25 -12.48
CA ASN P 26 50.46 47.65 -11.67
C ASN P 26 49.10 47.81 -12.35
N ILE P 27 49.07 47.67 -13.67
CA ILE P 27 47.78 47.63 -14.35
C ILE P 27 47.08 46.32 -14.05
N GLY P 28 47.83 45.30 -13.60
CA GLY P 28 47.21 44.06 -13.20
C GLY P 28 46.26 44.23 -12.03
N SER P 29 46.46 45.27 -11.24
CA SER P 29 45.56 45.58 -10.14
C SER P 29 44.49 46.60 -10.52
N LYS P 30 44.51 47.11 -11.75
CA LYS P 30 43.46 47.98 -12.24
C LYS P 30 42.48 47.22 -13.14
N SER P 31 41.29 47.81 -13.31
CA SER P 31 40.25 47.23 -14.15
C SER P 31 40.40 47.75 -15.56
N VAL P 32 40.82 46.90 -16.46
CA VAL P 32 41.13 47.27 -17.84
C VAL P 32 39.89 47.07 -18.70
N HIS P 33 39.68 47.96 -19.65
CA HIS P 33 38.66 47.78 -20.67
C HIS P 33 39.32 47.95 -22.03
N TRP P 34 38.61 47.53 -23.07
CA TRP P 34 39.13 47.63 -24.43
C TRP P 34 38.02 48.09 -25.36
N TYR P 35 38.36 48.99 -26.27
CA TYR P 35 37.43 49.49 -27.27
C TYR P 35 38.00 49.27 -28.66
N ARG P 36 37.12 48.94 -29.59
CA ARG P 36 37.49 48.76 -31.00
C ARG P 36 36.86 49.89 -31.81
N GLN P 37 37.68 50.62 -32.55
CA GLN P 37 37.21 51.76 -33.32
C GLN P 37 37.58 51.50 -34.77
N LYS P 38 36.57 51.26 -35.60
CA LYS P 38 36.81 51.17 -37.02
C LYS P 38 36.78 52.56 -37.64
N PRO P 39 37.43 52.75 -38.78
CA PRO P 39 37.57 54.11 -39.33
C PRO P 39 36.21 54.79 -39.53
N GLY P 40 36.11 56.02 -39.05
CA GLY P 40 34.94 56.85 -39.24
C GLY P 40 33.80 56.61 -38.26
N GLN P 41 33.91 55.63 -37.38
CA GLN P 41 32.85 55.33 -36.43
C GLN P 41 33.36 55.52 -35.01
N ALA P 42 32.44 55.42 -34.06
CA ALA P 42 32.74 55.57 -32.64
C ALA P 42 33.34 54.30 -32.09
N PRO P 43 34.02 54.38 -30.95
CA PRO P 43 34.53 53.16 -30.31
C PRO P 43 33.40 52.22 -29.90
N VAL P 44 33.74 50.93 -29.89
CA VAL P 44 32.80 49.86 -29.59
C VAL P 44 33.42 49.01 -28.50
N LEU P 45 32.67 48.77 -27.43
CA LEU P 45 33.18 47.97 -26.32
C LEU P 45 33.33 46.51 -26.71
N VAL P 46 34.52 45.95 -26.49
CA VAL P 46 34.79 44.56 -26.90
C VAL P 46 35.23 43.70 -25.72
N VAL P 47 35.84 44.30 -24.70
CA VAL P 47 36.21 43.60 -23.47
C VAL P 47 36.20 44.62 -22.34
N TYR P 48 35.52 44.29 -21.25
CA TYR P 48 35.50 45.14 -20.07
C TYR P 48 35.85 44.32 -18.84
N ASP P 49 36.38 45.01 -17.83
CA ASP P 49 36.86 44.42 -16.59
C ASP P 49 37.75 43.20 -16.85
N ASN P 50 38.89 43.47 -17.50
CA ASN P 50 39.95 42.50 -17.74
C ASN P 50 39.58 41.42 -18.75
N ASN P 51 38.52 40.64 -18.49
CA ASN P 51 38.24 39.44 -19.29
C ASN P 51 36.80 39.31 -19.78
N ALA P 52 35.86 40.11 -19.29
CA ALA P 52 34.46 39.91 -19.62
C ALA P 52 34.15 40.37 -21.04
N ARG P 53 33.28 39.60 -21.72
CA ARG P 53 32.79 39.96 -23.05
C ARG P 53 31.36 40.45 -22.93
N PRO P 54 31.00 41.50 -23.66
CA PRO P 54 29.60 41.92 -23.71
C PRO P 54 28.72 40.90 -24.41
N SER P 55 27.44 41.24 -24.59
CA SER P 55 26.51 40.32 -25.23
C SER P 55 26.93 40.04 -26.66
N GLY P 56 27.07 41.09 -27.48
CA GLY P 56 27.33 40.93 -28.90
C GLY P 56 28.73 40.49 -29.26
N ILE P 57 29.68 40.56 -28.33
CA ILE P 57 31.08 40.31 -28.66
C ILE P 57 31.31 38.81 -28.79
N PRO P 58 31.96 38.38 -29.87
CA PRO P 58 32.20 36.94 -30.08
C PRO P 58 33.24 36.36 -29.14
N GLU P 59 33.15 35.05 -28.95
CA GLU P 59 34.03 34.37 -28.01
C GLU P 59 35.48 34.33 -28.49
N ARG P 60 35.73 34.67 -29.77
CA ARG P 60 37.09 34.78 -30.26
C ARG P 60 37.88 35.83 -29.49
N ILE P 61 37.23 36.93 -29.15
CA ILE P 61 37.84 38.04 -28.42
C ILE P 61 37.89 37.67 -26.95
N SER P 62 39.09 37.66 -26.38
CA SER P 62 39.26 37.36 -24.97
C SER P 62 40.14 38.42 -24.34
N GLY P 63 39.92 38.64 -23.04
CA GLY P 63 40.68 39.61 -22.28
C GLY P 63 41.66 38.92 -21.35
N SER P 64 42.51 39.74 -20.74
CA SER P 64 43.56 39.27 -19.83
C SER P 64 44.13 40.48 -19.11
N ASN P 65 44.53 40.27 -17.86
CA ASN P 65 45.16 41.35 -17.09
C ASN P 65 45.84 40.77 -15.87
N PHE P 66 47.16 40.82 -15.83
CA PHE P 66 47.90 40.22 -14.72
C PHE P 66 49.22 40.93 -14.54
N ALA P 67 49.64 41.03 -13.28
CA ALA P 67 50.91 41.65 -12.93
C ALA P 67 50.97 43.06 -13.49
N ASN P 68 51.71 43.25 -14.59
CA ASN P 68 51.97 44.57 -15.13
C ASN P 68 51.60 44.67 -16.60
N THR P 69 50.72 43.79 -17.08
CA THR P 69 50.38 43.82 -18.51
C THR P 69 49.00 43.21 -18.70
N ALA P 70 48.05 44.03 -19.14
CA ALA P 70 46.79 43.54 -19.64
C ALA P 70 46.97 43.19 -21.11
N THR P 71 46.25 42.16 -21.56
CA THR P 71 46.43 41.66 -22.92
C THR P 71 45.08 41.34 -23.55
N LEU P 72 44.84 41.94 -24.71
CA LEU P 72 43.67 41.61 -25.53
C LEU P 72 44.10 40.60 -26.57
N THR P 73 43.38 39.47 -26.64
CA THR P 73 43.71 38.38 -27.54
C THR P 73 42.52 38.11 -28.46
N ILE P 74 42.77 38.11 -29.77
CA ILE P 74 41.74 37.82 -30.75
C ILE P 74 42.14 36.54 -31.47
N SER P 75 41.41 35.45 -31.17
CA SER P 75 41.63 34.16 -31.79
C SER P 75 40.86 34.08 -33.10
N ARG P 76 41.43 33.37 -34.06
CA ARG P 76 40.84 33.21 -35.39
C ARG P 76 40.43 34.57 -35.98
N VAL P 77 41.47 35.34 -36.32
CA VAL P 77 41.27 36.72 -36.76
C VAL P 77 40.55 36.73 -38.10
N GLU P 78 39.50 37.55 -38.18
CA GLU P 78 38.79 37.79 -39.43
C GLU P 78 39.30 39.06 -40.07
N ALA P 79 38.92 39.26 -41.33
CA ALA P 79 39.29 40.49 -42.01
C ALA P 79 38.61 41.70 -41.38
N GLY P 80 37.38 41.52 -40.90
CA GLY P 80 36.65 42.60 -40.28
C GLY P 80 37.17 43.05 -38.93
N ASP P 81 38.22 42.41 -38.42
CA ASP P 81 38.81 42.81 -37.15
C ASP P 81 39.84 43.92 -37.30
N GLU P 82 40.07 44.41 -38.52
CA GLU P 82 40.98 45.53 -38.72
C GLU P 82 40.36 46.79 -38.14
N ALA P 83 41.01 47.34 -37.11
CA ALA P 83 40.53 48.56 -36.46
C ALA P 83 41.60 49.02 -35.48
N ASP P 84 41.31 50.15 -34.82
CA ASP P 84 42.12 50.65 -33.72
C ASP P 84 41.57 50.09 -32.41
N TYR P 85 42.47 49.78 -31.48
CA TYR P 85 42.08 49.20 -30.19
C TYR P 85 42.67 50.06 -29.08
N TYR P 86 41.82 50.57 -28.19
CA TYR P 86 42.25 51.40 -27.08
C TYR P 86 41.92 50.70 -25.77
N CYS P 87 42.90 50.61 -24.86
CA CYS P 87 42.61 50.11 -23.52
C CYS P 87 42.24 51.27 -22.59
N HIS P 88 41.56 50.92 -21.52
CA HIS P 88 40.88 51.88 -20.66
C HIS P 88 41.08 51.44 -19.21
N VAL P 89 41.70 52.30 -18.41
CA VAL P 89 41.78 52.11 -16.97
C VAL P 89 41.32 53.39 -16.30
N TRP P 90 41.19 53.33 -14.98
CA TRP P 90 40.91 54.51 -14.18
C TRP P 90 42.02 54.61 -13.16
N ASP P 91 42.84 55.65 -13.29
CA ASP P 91 43.94 55.81 -12.36
C ASP P 91 43.33 56.36 -11.08
N SER P 92 43.19 55.47 -10.08
CA SER P 92 42.55 55.85 -8.83
C SER P 92 43.27 57.04 -8.20
N SER P 93 44.60 57.03 -8.21
CA SER P 93 45.41 58.07 -7.62
C SER P 93 45.70 59.21 -8.59
N SER P 94 44.85 59.41 -9.60
CA SER P 94 45.03 60.48 -10.57
C SER P 94 43.77 61.25 -10.92
N ASP P 95 42.58 60.74 -10.58
CA ASP P 95 41.32 61.35 -11.02
C ASP P 95 41.30 61.49 -12.53
N HIS P 96 41.82 60.46 -13.21
CA HIS P 96 41.98 60.48 -14.66
C HIS P 96 41.65 59.12 -15.25
N VAL P 97 40.76 59.10 -16.23
CA VAL P 97 40.57 57.90 -17.04
C VAL P 97 41.68 57.87 -18.08
N VAL P 98 42.32 56.72 -18.23
CA VAL P 98 43.57 56.63 -18.96
C VAL P 98 43.37 55.68 -20.13
N PHE P 99 43.29 56.24 -21.33
CA PHE P 99 43.25 55.45 -22.54
C PHE P 99 44.66 55.15 -23.02
N GLY P 100 44.83 53.99 -23.65
CA GLY P 100 46.09 53.66 -24.26
C GLY P 100 46.33 54.43 -25.54
N GLY P 101 47.55 54.27 -26.06
CA GLY P 101 47.90 54.95 -27.30
C GLY P 101 47.11 54.50 -28.50
N GLY P 102 46.55 53.30 -28.46
CA GLY P 102 45.84 52.78 -29.61
C GLY P 102 46.73 51.89 -30.44
N THR P 103 46.17 50.80 -30.97
CA THR P 103 46.90 49.85 -31.79
C THR P 103 46.09 49.58 -33.04
N LYS P 104 46.67 49.81 -34.22
CA LYS P 104 45.98 49.48 -35.46
C LYS P 104 46.30 48.04 -35.82
N LEU P 105 45.35 47.15 -35.58
CA LEU P 105 45.48 45.75 -35.94
C LEU P 105 45.27 45.61 -37.44
N THR P 106 46.27 45.07 -38.13
CA THR P 106 46.21 44.83 -39.57
C THR P 106 46.18 43.33 -39.77
N VAL P 107 45.14 42.84 -40.43
CA VAL P 107 45.07 41.44 -40.83
C VAL P 107 45.42 41.41 -42.31
N LEU P 108 46.67 41.04 -42.61
CA LEU P 108 47.22 41.32 -43.92
C LEU P 108 46.67 40.40 -45.00
N GLY P 109 46.31 41.01 -46.13
CA GLY P 109 45.96 40.28 -47.33
C GLY P 109 47.09 40.35 -48.33
N GLN P 110 47.83 41.45 -48.30
CA GLN P 110 49.07 41.56 -49.05
C GLN P 110 50.21 40.96 -48.25
N PRO P 111 51.38 40.78 -48.87
CA PRO P 111 52.61 40.64 -48.11
C PRO P 111 53.04 42.01 -47.60
N LYS P 112 54.18 42.04 -46.91
CA LYS P 112 54.65 43.26 -46.25
C LYS P 112 55.71 43.93 -47.12
N ALA P 113 55.50 45.22 -47.41
CA ALA P 113 56.39 45.98 -48.28
C ALA P 113 56.97 47.17 -47.54
N ALA P 114 58.30 47.33 -47.62
CA ALA P 114 58.98 48.48 -47.07
C ALA P 114 58.65 49.72 -47.90
N PRO P 115 58.75 50.91 -47.32
CA PRO P 115 58.27 52.10 -48.02
C PRO P 115 59.26 52.64 -49.05
N SER P 116 58.70 53.23 -50.10
CA SER P 116 59.47 53.96 -51.10
C SER P 116 59.52 55.43 -50.69
N VAL P 117 60.73 55.96 -50.47
CA VAL P 117 60.93 57.33 -50.01
C VAL P 117 61.47 58.17 -51.15
N THR P 118 60.79 59.27 -51.45
CA THR P 118 61.24 60.24 -52.45
C THR P 118 61.31 61.62 -51.81
N LEU P 119 62.52 62.18 -51.74
CA LEU P 119 62.78 63.44 -51.04
C LEU P 119 63.11 64.55 -52.04
N PHE P 120 62.44 65.71 -51.88
CA PHE P 120 62.63 66.87 -52.74
C PHE P 120 63.28 68.04 -52.00
N PRO P 121 64.30 68.67 -52.58
CA PRO P 121 64.85 69.90 -52.00
C PRO P 121 63.96 71.09 -52.33
N PRO P 122 64.15 72.22 -51.65
CA PRO P 122 63.33 73.41 -51.96
C PRO P 122 63.63 73.93 -53.37
N SER P 123 62.57 74.22 -54.12
CA SER P 123 62.72 74.69 -55.48
C SER P 123 63.31 76.11 -55.50
N SER P 124 63.97 76.45 -56.62
CA SER P 124 64.55 77.78 -56.77
C SER P 124 63.47 78.87 -56.72
N GLU P 125 62.29 78.59 -57.27
CA GLU P 125 61.20 79.57 -57.20
C GLU P 125 60.74 79.81 -55.77
N GLU P 126 60.72 78.76 -54.96
CA GLU P 126 60.31 78.92 -53.57
C GLU P 126 61.38 79.65 -52.77
N LEU P 127 62.65 79.43 -53.10
CA LEU P 127 63.74 80.10 -52.40
C LEU P 127 63.66 81.62 -52.57
N GLN P 128 63.35 82.09 -53.79
CA GLN P 128 63.19 83.51 -54.02
C GLN P 128 61.91 84.07 -53.43
N ALA P 129 61.06 83.23 -52.85
CA ALA P 129 59.96 83.70 -52.03
C ALA P 129 60.33 83.73 -50.55
N ASN P 130 61.62 83.55 -50.24
CA ASN P 130 62.18 83.59 -48.90
C ASN P 130 61.67 82.45 -48.01
N LYS P 131 61.36 81.29 -48.60
CA LYS P 131 60.99 80.12 -47.83
C LYS P 131 61.71 78.89 -48.37
N ALA P 132 61.78 77.85 -47.55
CA ALA P 132 62.40 76.59 -47.93
C ALA P 132 61.62 75.46 -47.29
N THR P 133 61.24 74.46 -48.09
CA THR P 133 60.45 73.33 -47.62
C THR P 133 60.96 72.06 -48.26
N LEU P 134 61.46 71.13 -47.45
CA LEU P 134 61.90 69.82 -47.92
C LEU P 134 60.71 68.86 -47.94
N VAL P 135 60.44 68.28 -49.10
CA VAL P 135 59.27 67.42 -49.31
C VAL P 135 59.73 65.96 -49.36
N CYS P 136 59.37 65.20 -48.33
CA CYS P 136 59.63 63.77 -48.25
C CYS P 136 58.36 62.99 -48.54
N LEU P 137 58.36 62.20 -49.61
CA LEU P 137 57.19 61.45 -50.04
C LEU P 137 57.40 59.97 -49.75
N ILE P 138 56.46 59.38 -49.00
CA ILE P 138 56.54 57.98 -48.57
C ILE P 138 55.32 57.26 -49.12
N SER P 139 55.56 56.19 -49.89
CA SER P 139 54.48 55.51 -50.57
C SER P 139 54.80 54.02 -50.69
N ASP P 140 53.74 53.22 -50.85
CA ASP P 140 53.83 51.80 -51.20
C ASP P 140 54.40 50.96 -50.05
N PHE P 141 53.88 51.16 -48.84
CA PHE P 141 54.22 50.34 -47.70
C PHE P 141 52.98 49.65 -47.16
N TYR P 142 53.21 48.55 -46.44
CA TYR P 142 52.16 47.72 -45.84
C TYR P 142 52.79 46.90 -44.73
N PRO P 143 52.22 46.88 -43.53
CA PRO P 143 50.97 47.51 -43.08
C PRO P 143 51.07 49.02 -43.02
N GLY P 144 49.97 49.74 -42.79
CA GLY P 144 50.02 51.18 -42.79
C GLY P 144 50.56 51.78 -41.50
N ALA P 145 51.87 51.66 -41.29
CA ALA P 145 52.50 52.18 -40.08
C ALA P 145 53.93 52.56 -40.41
N VAL P 146 54.22 53.86 -40.41
CA VAL P 146 55.56 54.38 -40.65
C VAL P 146 55.82 55.49 -39.65
N THR P 147 57.11 55.72 -39.39
CA THR P 147 57.57 56.78 -38.51
C THR P 147 58.68 57.55 -39.21
N VAL P 148 58.62 58.88 -39.14
CA VAL P 148 59.49 59.75 -39.89
C VAL P 148 60.38 60.52 -38.94
N ALA P 149 61.68 60.51 -39.18
CA ALA P 149 62.65 61.30 -38.45
C ALA P 149 63.49 62.10 -39.44
N TRP P 150 63.81 63.34 -39.09
CA TRP P 150 64.61 64.20 -39.94
C TRP P 150 66.00 64.41 -39.35
N LYS P 151 67.03 64.30 -40.17
CA LYS P 151 68.41 64.49 -39.72
C LYS P 151 69.09 65.55 -40.57
N ALA P 152 69.45 66.67 -39.94
CA ALA P 152 70.21 67.74 -40.59
C ALA P 152 71.66 67.66 -40.14
N ASP P 153 72.51 67.05 -40.98
CA ASP P 153 73.93 66.87 -40.67
C ASP P 153 74.11 66.06 -39.38
N SER P 154 73.61 64.83 -39.42
CA SER P 154 73.72 63.88 -38.32
C SER P 154 73.11 64.41 -37.03
N SER P 155 72.25 65.41 -37.13
CA SER P 155 71.61 65.96 -35.94
C SER P 155 70.10 65.93 -36.12
N PRO P 156 69.37 65.53 -35.08
CA PRO P 156 67.90 65.46 -35.20
C PRO P 156 67.29 66.84 -35.36
N VAL P 157 66.09 66.85 -35.93
CA VAL P 157 65.35 68.07 -36.22
C VAL P 157 64.02 68.04 -35.47
N LYS P 158 63.75 69.09 -34.70
CA LYS P 158 62.54 69.14 -33.90
C LYS P 158 61.42 69.84 -34.67
N ALA P 159 61.38 71.16 -34.60
CA ALA P 159 60.31 71.93 -35.20
C ALA P 159 60.47 72.00 -36.72
N GLY P 160 59.45 72.55 -37.36
CA GLY P 160 59.38 72.63 -38.80
C GLY P 160 58.97 71.35 -39.50
N VAL P 161 58.64 70.30 -38.76
CA VAL P 161 58.30 69.01 -39.34
C VAL P 161 56.80 68.82 -39.28
N GLU P 162 56.21 68.46 -40.42
CA GLU P 162 54.81 68.07 -40.52
C GLU P 162 54.73 66.72 -41.23
N THR P 163 53.80 65.88 -40.82
CA THR P 163 53.67 64.56 -41.44
C THR P 163 52.20 64.17 -41.52
N THR P 164 51.81 63.61 -42.68
CA THR P 164 50.45 63.19 -42.93
C THR P 164 50.13 61.89 -42.20
N THR P 165 48.84 61.59 -42.12
CA THR P 165 48.40 60.27 -41.73
C THR P 165 48.40 59.34 -42.94
N PRO P 166 48.92 58.12 -42.81
CA PRO P 166 48.91 57.19 -43.95
C PRO P 166 47.49 56.93 -44.44
N SER P 167 47.37 56.65 -45.73
CA SER P 167 46.08 56.33 -46.33
C SER P 167 46.26 55.30 -47.43
N LYS P 168 45.18 54.61 -47.76
CA LYS P 168 45.25 53.55 -48.77
C LYS P 168 45.53 54.13 -50.14
N GLN P 169 46.42 53.48 -50.87
CA GLN P 169 46.67 53.82 -52.27
C GLN P 169 45.62 53.12 -53.15
N SER P 170 45.82 53.16 -54.46
CA SER P 170 44.96 52.39 -55.36
C SER P 170 45.17 50.90 -55.14
N ASN P 171 46.44 50.47 -55.10
CA ASN P 171 46.78 49.07 -54.91
C ASN P 171 46.73 48.62 -53.46
N ASN P 172 46.03 49.36 -52.60
CA ASN P 172 45.77 49.04 -51.20
C ASN P 172 47.01 49.03 -50.31
N LYS P 173 48.19 49.38 -50.84
CA LYS P 173 49.29 49.77 -49.98
C LYS P 173 49.04 51.17 -49.43
N TYR P 174 49.85 51.58 -48.48
CA TYR P 174 49.64 52.88 -47.84
C TYR P 174 50.73 53.86 -48.25
N ALA P 175 50.45 55.15 -48.05
CA ALA P 175 51.34 56.24 -48.43
C ALA P 175 51.10 57.44 -47.55
N ALA P 176 52.16 58.24 -47.34
CA ALA P 176 52.06 59.45 -46.54
C ALA P 176 53.21 60.39 -46.91
N SER P 177 53.11 61.64 -46.48
CA SER P 177 54.10 62.65 -46.81
C SER P 177 54.54 63.37 -45.56
N SER P 178 55.80 63.80 -45.56
CA SER P 178 56.39 64.53 -44.43
C SER P 178 57.17 65.72 -44.98
N TYR P 179 56.83 66.92 -44.50
CA TYR P 179 57.45 68.17 -44.95
C TYR P 179 58.31 68.77 -43.84
N LEU P 180 59.41 69.39 -44.23
CA LEU P 180 60.28 70.12 -43.30
C LEU P 180 60.39 71.56 -43.78
N SER P 181 59.71 72.48 -43.08
CA SER P 181 59.80 73.91 -43.39
C SER P 181 61.05 74.49 -42.76
N LEU P 182 61.89 75.09 -43.59
CA LEU P 182 63.11 75.75 -43.16
C LEU P 182 63.10 77.20 -43.65
N THR P 183 63.94 78.00 -43.04
CA THR P 183 64.24 79.26 -43.70
C THR P 183 65.35 79.01 -44.71
N PRO P 184 65.38 79.76 -45.82
CA PRO P 184 66.42 79.54 -46.84
C PRO P 184 67.81 79.63 -46.26
N GLU P 185 67.96 80.27 -45.11
CA GLU P 185 69.25 80.34 -44.44
C GLU P 185 69.65 78.99 -43.86
N GLN P 186 68.71 78.33 -43.16
CA GLN P 186 69.00 77.03 -42.56
C GLN P 186 69.27 75.94 -43.61
N TRP P 187 68.60 76.01 -44.77
CA TRP P 187 68.85 75.05 -45.85
C TRP P 187 70.27 75.19 -46.39
N LYS P 188 70.83 76.40 -46.32
CA LYS P 188 72.22 76.62 -46.72
C LYS P 188 73.20 76.40 -45.58
N SER P 189 72.72 76.44 -44.34
CA SER P 189 73.59 76.25 -43.19
C SER P 189 74.25 74.88 -43.22
N HIS P 190 73.46 73.82 -43.38
CA HIS P 190 73.94 72.45 -43.37
C HIS P 190 74.28 71.97 -44.77
N ARG P 191 75.13 70.95 -44.82
CA ARG P 191 75.66 70.38 -46.05
C ARG P 191 74.75 69.31 -46.65
N SER P 192 73.97 68.63 -45.82
CA SER P 192 73.04 67.61 -46.28
C SER P 192 71.92 67.46 -45.26
N TYR P 193 70.72 67.17 -45.76
CA TYR P 193 69.56 66.87 -44.96
C TYR P 193 69.06 65.46 -45.28
N SER P 194 68.44 64.83 -44.30
CA SER P 194 68.02 63.45 -44.45
C SER P 194 66.64 63.21 -43.86
N CYS P 195 65.83 62.44 -44.59
CA CYS P 195 64.52 61.98 -44.17
C CYS P 195 64.64 60.50 -43.81
N GLN P 196 64.34 60.17 -42.56
CA GLN P 196 64.44 58.80 -42.04
C GLN P 196 63.03 58.25 -41.84
N VAL P 197 62.68 57.24 -42.61
CA VAL P 197 61.40 56.55 -42.51
C VAL P 197 61.64 55.16 -41.95
N THR P 198 60.94 54.81 -40.87
CA THR P 198 61.04 53.50 -40.25
C THR P 198 59.72 52.76 -40.42
N HIS P 199 59.81 51.49 -40.80
CA HIS P 199 58.62 50.69 -41.11
C HIS P 199 58.91 49.23 -40.75
N GLU P 200 58.23 48.73 -39.72
CA GLU P 200 58.37 47.34 -39.30
C GLU P 200 59.82 47.04 -38.94
N GLY P 201 60.41 47.86 -38.08
CA GLY P 201 61.76 47.61 -37.62
C GLY P 201 62.83 48.07 -38.59
N SER P 202 62.52 48.06 -39.88
CA SER P 202 63.45 48.50 -40.91
C SER P 202 63.29 49.99 -41.17
N THR P 203 64.40 50.65 -41.47
CA THR P 203 64.45 52.09 -41.72
C THR P 203 65.01 52.38 -43.09
N VAL P 204 64.38 53.29 -43.82
CA VAL P 204 64.83 53.75 -45.13
C VAL P 204 65.07 55.26 -45.06
N GLU P 205 66.17 55.71 -45.66
CA GLU P 205 66.66 57.08 -45.50
C GLU P 205 66.88 57.73 -46.87
N LYS P 206 66.98 59.06 -46.87
CA LYS P 206 67.26 59.82 -48.09
C LYS P 206 68.09 61.09 -47.84
N GLN Q 1 16.88 49.91 -27.18
CA GLN Q 1 18.21 50.36 -27.58
C GLN Q 1 18.59 51.62 -26.81
N VAL Q 2 19.78 52.16 -27.12
CA VAL Q 2 20.32 53.34 -26.46
C VAL Q 2 20.91 54.24 -27.53
N GLN Q 3 20.52 55.51 -27.53
CA GLN Q 3 20.99 56.44 -28.55
C GLN Q 3 21.55 57.70 -27.90
N LEU Q 4 22.70 58.14 -28.39
CA LEU Q 4 23.37 59.36 -27.96
C LEU Q 4 23.67 60.18 -29.21
N GLN Q 5 23.39 61.47 -29.14
CA GLN Q 5 23.47 62.32 -30.32
C GLN Q 5 24.24 63.59 -29.98
N GLU Q 6 25.44 63.70 -30.51
CA GLU Q 6 26.21 64.92 -30.32
C GLU Q 6 25.81 65.93 -31.38
N SER Q 7 26.05 67.21 -31.07
CA SER Q 7 25.70 68.30 -31.96
C SER Q 7 26.44 69.55 -31.49
N GLY Q 8 26.25 70.65 -32.24
CA GLY Q 8 26.82 71.93 -31.86
C GLY Q 8 28.23 72.18 -32.31
N GLY Q 9 28.97 71.15 -32.72
CA GLY Q 9 30.32 71.33 -33.19
C GLY Q 9 30.35 72.00 -34.56
N GLY Q 10 31.55 72.19 -35.06
CA GLY Q 10 31.69 72.80 -36.35
C GLY Q 10 33.04 73.50 -36.47
N VAL Q 11 33.01 74.67 -37.11
CA VAL Q 11 34.18 75.48 -37.35
C VAL Q 11 34.05 76.73 -36.50
N VAL Q 12 35.01 76.96 -35.62
CA VAL Q 12 35.04 78.14 -34.76
C VAL Q 12 36.38 78.84 -34.92
N GLN Q 13 36.48 80.03 -34.32
CA GLN Q 13 37.76 80.73 -34.33
C GLN Q 13 38.31 80.84 -32.91
N PRO Q 14 39.64 80.87 -32.76
CA PRO Q 14 40.23 80.91 -31.41
C PRO Q 14 39.71 82.08 -30.58
N GLY Q 15 39.73 81.88 -29.27
CA GLY Q 15 39.20 82.85 -28.34
C GLY Q 15 37.72 82.72 -28.09
N GLY Q 16 36.96 82.31 -29.11
CA GLY Q 16 35.53 82.18 -28.98
C GLY Q 16 35.11 81.08 -28.01
N SER Q 17 33.80 81.04 -27.75
CA SER Q 17 33.20 80.03 -26.90
C SER Q 17 32.20 79.20 -27.69
N LEU Q 18 32.05 77.95 -27.28
CA LEU Q 18 31.24 76.97 -27.99
C LEU Q 18 30.53 76.08 -26.98
N ARG Q 19 29.31 75.67 -27.33
CA ARG Q 19 28.49 74.83 -26.46
C ARG Q 19 28.09 73.56 -27.21
N LEU Q 20 28.55 72.42 -26.71
CA LEU Q 20 28.19 71.11 -27.24
C LEU Q 20 27.05 70.49 -26.45
N SER Q 21 26.24 69.69 -27.14
CA SER Q 21 25.12 69.02 -26.52
C SER Q 21 25.02 67.57 -27.01
N CYS Q 22 24.67 66.67 -26.09
CA CYS Q 22 24.52 65.24 -26.33
C CYS Q 22 23.10 64.88 -25.92
N ALA Q 23 22.28 64.48 -26.89
CA ALA Q 23 20.88 64.15 -26.64
C ALA Q 23 20.77 62.66 -26.36
N ALA Q 24 20.09 62.32 -25.27
CA ALA Q 24 20.06 60.94 -24.80
C ALA Q 24 18.64 60.38 -24.90
N SER Q 25 18.60 59.08 -25.16
CA SER Q 25 17.39 58.33 -25.40
C SER Q 25 17.53 56.93 -24.86
N GLY Q 26 16.42 56.33 -24.47
CA GLY Q 26 16.43 54.92 -24.17
C GLY Q 26 16.88 54.46 -22.80
N PHE Q 27 17.09 55.39 -21.89
CA PHE Q 27 17.34 55.00 -20.52
C PHE Q 27 16.99 56.08 -19.53
N ASN Q 28 16.90 55.73 -18.25
CA ASN Q 28 16.46 56.70 -17.27
C ASN Q 28 17.69 57.50 -16.98
N PHE Q 29 17.81 58.63 -17.66
CA PHE Q 29 19.06 59.32 -17.69
C PHE Q 29 19.39 59.63 -16.27
N SER Q 30 18.40 59.98 -15.51
CA SER Q 30 18.62 60.70 -14.29
C SER Q 30 19.48 59.84 -13.42
N ASN Q 31 19.72 58.61 -13.82
CA ASN Q 31 20.34 57.67 -12.90
C ASN Q 31 21.78 57.28 -13.26
N TYR Q 32 22.30 57.71 -14.41
CA TYR Q 32 23.63 57.28 -14.84
C TYR Q 32 24.60 58.45 -14.95
N GLY Q 33 25.89 58.13 -14.78
CA GLY Q 33 26.92 59.11 -15.06
C GLY Q 33 27.17 59.25 -16.55
N MET Q 34 27.70 60.39 -16.95
CA MET Q 34 27.98 60.68 -18.35
C MET Q 34 29.41 61.18 -18.51
N HIS Q 35 29.99 60.95 -19.68
CA HIS Q 35 31.37 61.31 -19.96
C HIS Q 35 31.49 61.95 -21.32
N TRP Q 36 32.49 62.81 -21.47
CA TRP Q 36 32.93 63.36 -22.75
C TRP Q 36 34.34 62.87 -23.01
N VAL Q 37 34.58 62.29 -24.18
CA VAL Q 37 35.90 61.86 -24.60
C VAL Q 37 36.12 62.36 -26.01
N ARG Q 38 37.18 63.14 -26.22
CA ARG Q 38 37.45 63.69 -27.53
C ARG Q 38 38.60 62.93 -28.18
N GLN Q 39 38.75 63.15 -29.48
CA GLN Q 39 39.77 62.44 -30.27
C GLN Q 39 40.31 63.43 -31.29
N THR Q 40 41.54 63.87 -31.11
CA THR Q 40 42.20 64.69 -32.10
C THR Q 40 42.37 63.89 -33.38
N PRO Q 41 41.95 64.41 -34.54
CA PRO Q 41 41.96 63.60 -35.76
C PRO Q 41 43.33 62.98 -36.04
N GLY Q 42 43.30 61.67 -36.32
CA GLY Q 42 44.51 60.91 -36.51
C GLY Q 42 45.22 60.51 -35.24
N LYS Q 43 44.61 60.72 -34.08
CA LYS Q 43 45.22 60.42 -32.79
C LYS Q 43 44.29 59.54 -31.97
N GLY Q 44 44.73 59.21 -30.76
CA GLY Q 44 43.98 58.34 -29.87
C GLY Q 44 42.84 59.04 -29.16
N LEU Q 45 42.16 58.28 -28.31
CA LEU Q 45 41.11 58.83 -27.46
C LEU Q 45 41.72 59.58 -26.28
N GLU Q 46 41.02 60.62 -25.84
CA GLU Q 46 41.45 61.43 -24.71
C GLU Q 46 40.22 61.77 -23.87
N TRP Q 47 40.28 61.46 -22.58
CA TRP Q 47 39.16 61.82 -21.72
C TRP Q 47 39.17 63.31 -21.47
N VAL Q 48 38.00 63.93 -21.59
CA VAL Q 48 37.84 65.38 -21.44
C VAL Q 48 37.24 65.67 -20.08
N ALA Q 49 35.97 65.31 -19.92
CA ALA Q 49 35.27 65.55 -18.67
C ALA Q 49 34.19 64.49 -18.52
N SER Q 50 33.66 64.40 -17.31
CA SER Q 50 32.60 63.46 -17.00
C SER Q 50 31.85 64.00 -15.78
N ILE Q 51 30.64 63.49 -15.59
CA ILE Q 51 29.74 64.05 -14.60
C ILE Q 51 28.94 62.92 -13.97
N PRO Q 52 28.74 62.91 -12.66
CA PRO Q 52 27.95 61.83 -12.03
C PRO Q 52 26.48 61.89 -12.43
N TYR Q 53 25.66 61.02 -11.84
CA TYR Q 53 24.27 60.94 -12.28
C TYR Q 53 23.50 62.23 -11.97
N ASP Q 54 23.91 62.95 -10.93
CA ASP Q 54 23.15 64.09 -10.46
C ASP Q 54 23.70 65.44 -10.88
N GLY Q 55 24.97 65.51 -11.28
CA GLY Q 55 25.59 66.79 -11.51
C GLY Q 55 26.21 67.40 -10.28
N SER Q 56 26.26 66.65 -9.18
CA SER Q 56 26.85 67.13 -7.93
C SER Q 56 28.25 67.70 -8.15
N HIS Q 57 29.15 66.86 -8.61
CA HIS Q 57 30.55 67.20 -8.84
C HIS Q 57 30.79 67.29 -10.35
N GLN Q 58 32.05 67.49 -10.72
CA GLN Q 58 32.38 67.72 -12.12
C GLN Q 58 33.83 67.28 -12.32
N TRP Q 59 34.01 66.15 -13.00
CA TRP Q 59 35.32 65.55 -13.15
C TRP Q 59 36.00 66.09 -14.40
N HIS Q 60 37.24 66.56 -14.25
CA HIS Q 60 37.96 67.23 -15.31
C HIS Q 60 39.30 66.54 -15.57
N ALA Q 61 39.62 66.35 -16.85
CA ALA Q 61 41.00 66.10 -17.19
C ALA Q 61 41.78 67.39 -17.03
N ASP Q 62 43.08 67.27 -16.76
CA ASP Q 62 43.85 68.45 -16.42
C ASP Q 62 44.08 69.37 -17.60
N SER Q 63 44.11 68.82 -18.82
CA SER Q 63 44.36 69.65 -20.00
C SER Q 63 43.22 70.60 -20.33
N VAL Q 64 42.02 70.41 -19.78
CA VAL Q 64 40.89 71.27 -20.12
C VAL Q 64 40.24 71.85 -18.88
N LYS Q 65 40.93 71.79 -17.73
CA LYS Q 65 40.35 72.31 -16.50
C LYS Q 65 40.30 73.83 -16.54
N GLY Q 66 39.20 74.38 -16.00
CA GLY Q 66 38.98 75.81 -15.99
C GLY Q 66 38.41 76.35 -17.28
N ARG Q 67 38.80 75.75 -18.40
CA ARG Q 67 38.33 76.19 -19.71
C ARG Q 67 37.08 75.44 -20.15
N PHE Q 68 37.01 74.15 -19.84
CA PHE Q 68 35.85 73.35 -20.16
C PHE Q 68 34.99 73.22 -18.91
N THR Q 69 33.69 73.10 -19.12
CA THR Q 69 32.76 72.80 -18.04
C THR Q 69 31.65 71.89 -18.56
N ILE Q 70 31.46 70.77 -17.88
CA ILE Q 70 30.47 69.78 -18.27
C ILE Q 70 29.27 69.88 -17.34
N SER Q 71 28.07 69.84 -17.92
CA SER Q 71 26.84 69.95 -17.15
C SER Q 71 25.79 69.04 -17.80
N ARG Q 72 24.68 68.90 -17.12
CA ARG Q 72 23.61 68.10 -17.66
C ARG Q 72 22.27 68.62 -17.27
N ASP Q 73 21.27 68.26 -18.07
CA ASP Q 73 19.87 68.57 -17.79
C ASP Q 73 19.10 67.26 -17.78
N ASN Q 74 18.77 66.76 -16.59
CA ASN Q 74 18.09 65.48 -16.48
C ASN Q 74 16.65 65.57 -16.96
N SER Q 75 16.03 66.74 -16.88
CA SER Q 75 14.67 66.89 -17.36
C SER Q 75 14.59 66.89 -18.88
N LYS Q 76 15.69 67.20 -19.56
CA LYS Q 76 15.74 67.20 -21.00
C LYS Q 76 16.51 66.03 -21.58
N ASN Q 77 17.13 65.21 -20.73
CA ASN Q 77 18.00 64.11 -21.18
C ASN Q 77 19.08 64.66 -22.12
N THR Q 78 19.78 65.69 -21.64
CA THR Q 78 20.77 66.35 -22.47
C THR Q 78 22.04 66.63 -21.67
N LEU Q 79 23.16 66.25 -22.24
CA LEU Q 79 24.48 66.49 -21.68
C LEU Q 79 25.14 67.64 -22.41
N TYR Q 80 25.76 68.55 -21.66
CA TYR Q 80 26.35 69.75 -22.23
C TYR Q 80 27.84 69.80 -21.93
N LEU Q 81 28.60 70.34 -22.90
CA LEU Q 81 30.02 70.61 -22.72
C LEU Q 81 30.29 72.04 -23.17
N GLN Q 82 30.66 72.91 -22.23
CA GLN Q 82 30.95 74.31 -22.50
C GLN Q 82 32.45 74.49 -22.68
N ILE Q 83 32.85 75.09 -23.81
CA ILE Q 83 34.24 75.36 -24.12
C ILE Q 83 34.46 76.88 -24.11
N ASN Q 84 35.40 77.34 -23.31
CA ASN Q 84 35.75 78.75 -23.27
C ASN Q 84 37.18 78.94 -23.72
N SER Q 85 37.44 80.04 -24.42
CA SER Q 85 38.76 80.34 -24.96
C SER Q 85 39.29 79.18 -25.81
N LEU Q 86 38.57 78.96 -26.91
CA LEU Q 86 38.94 77.92 -27.85
C LEU Q 86 40.38 78.11 -28.34
N ARG Q 87 41.06 76.98 -28.53
CA ARG Q 87 42.44 76.96 -28.98
C ARG Q 87 42.55 75.97 -30.12
N PRO Q 88 43.61 76.06 -30.92
CA PRO Q 88 43.83 75.03 -31.95
C PRO Q 88 44.00 73.64 -31.37
N GLU Q 89 44.39 73.55 -30.10
CA GLU Q 89 44.59 72.26 -29.45
C GLU Q 89 43.26 71.54 -29.26
N ASP Q 90 42.17 72.31 -29.13
CA ASP Q 90 40.85 71.73 -28.92
C ASP Q 90 40.23 71.18 -30.19
N THR Q 91 40.90 71.30 -31.33
CA THR Q 91 40.38 70.73 -32.57
C THR Q 91 40.37 69.21 -32.45
N ALA Q 92 39.18 68.64 -32.35
CA ALA Q 92 39.01 67.21 -32.14
C ALA Q 92 37.52 66.89 -32.26
N MET Q 93 37.24 65.59 -32.42
CA MET Q 93 35.87 65.11 -32.36
C MET Q 93 35.50 64.78 -30.92
N TYR Q 94 34.27 65.11 -30.55
CA TYR Q 94 33.82 65.01 -29.17
C TYR Q 94 32.72 63.95 -29.05
N TYR Q 95 33.08 62.79 -28.49
CA TYR Q 95 32.16 61.70 -28.22
C TYR Q 95 31.60 61.80 -26.80
N CYS Q 96 30.35 61.36 -26.62
CA CYS Q 96 29.73 61.20 -25.31
C CYS Q 96 29.39 59.75 -25.05
N SER Q 97 29.71 59.26 -23.85
CA SER Q 97 29.45 57.86 -23.51
C SER Q 97 28.65 57.68 -22.21
N LYS Q 98 27.64 56.81 -22.20
CA LYS Q 98 26.98 56.47 -20.94
C LYS Q 98 27.96 55.63 -20.15
N ALA Q 99 27.79 55.54 -18.85
CA ALA Q 99 28.65 54.71 -18.03
C ALA Q 99 27.88 53.47 -17.66
N ARG Q 100 28.48 52.30 -17.82
CA ARG Q 100 27.68 51.10 -17.80
C ARG Q 100 26.98 50.95 -16.49
N ILE Q 101 27.66 51.24 -15.41
CA ILE Q 101 27.07 51.09 -14.09
C ILE Q 101 26.44 52.40 -13.66
N SER Q 102 25.44 52.30 -12.80
CA SER Q 102 24.67 53.43 -12.31
C SER Q 102 25.30 53.98 -11.04
N TYR Q 103 24.87 55.19 -10.70
CA TYR Q 103 25.11 55.83 -9.40
C TYR Q 103 26.58 55.90 -9.05
N LEU Q 104 27.47 55.80 -10.03
CA LEU Q 104 28.88 55.96 -9.72
C LEU Q 104 29.17 57.39 -9.28
N SER Q 105 29.80 57.54 -8.11
CA SER Q 105 30.19 58.84 -7.57
C SER Q 105 31.47 59.37 -8.21
N ALA Q 106 32.11 58.58 -9.06
CA ALA Q 106 33.34 58.94 -9.74
C ALA Q 106 33.43 58.10 -11.01
N PRO Q 107 34.03 58.62 -12.07
CA PRO Q 107 33.95 57.91 -13.37
C PRO Q 107 34.99 56.80 -13.52
N ALA Q 108 34.74 55.68 -12.84
CA ALA Q 108 35.75 54.63 -12.73
C ALA Q 108 35.56 53.46 -13.67
N TRP Q 109 34.34 53.10 -13.98
CA TRP Q 109 34.08 51.87 -14.71
C TRP Q 109 33.89 52.18 -16.19
N TRP Q 110 33.80 51.11 -16.99
CA TRP Q 110 33.85 51.26 -18.44
C TRP Q 110 32.67 52.07 -18.98
N PHE Q 111 32.91 52.74 -20.12
CA PHE Q 111 31.95 53.65 -20.74
C PHE Q 111 31.33 52.93 -21.92
N ASP Q 112 30.04 52.63 -21.81
CA ASP Q 112 29.36 52.14 -22.98
C ASP Q 112 27.95 52.70 -22.96
N PRO Q 113 27.35 53.01 -24.12
CA PRO Q 113 27.88 52.99 -25.49
C PRO Q 113 28.40 54.38 -25.89
N TRP Q 114 29.12 54.50 -27.01
CA TRP Q 114 29.65 55.78 -27.45
C TRP Q 114 28.79 56.36 -28.56
N GLY Q 115 28.47 57.65 -28.46
CA GLY Q 115 27.78 58.31 -29.56
C GLY Q 115 28.67 58.50 -30.76
N GLN Q 116 28.06 58.78 -31.91
CA GLN Q 116 28.85 58.95 -33.14
C GLN Q 116 29.72 60.20 -33.11
N GLY Q 117 29.32 61.22 -32.35
CA GLY Q 117 30.16 62.36 -32.04
C GLY Q 117 29.93 63.55 -32.95
N THR Q 118 30.50 64.68 -32.51
CA THR Q 118 30.53 65.93 -33.27
C THR Q 118 31.97 66.39 -33.39
N LEU Q 119 32.26 67.15 -34.44
CA LEU Q 119 33.62 67.59 -34.77
C LEU Q 119 33.78 69.08 -34.50
N VAL Q 120 34.74 69.44 -33.65
CA VAL Q 120 35.05 70.82 -33.31
C VAL Q 120 36.42 71.14 -33.86
N THR Q 121 36.50 72.11 -34.77
CA THR Q 121 37.77 72.54 -35.37
C THR Q 121 37.86 74.05 -35.25
N VAL Q 122 38.93 74.53 -34.64
CA VAL Q 122 39.15 75.97 -34.46
C VAL Q 122 40.42 76.34 -35.21
N SER Q 123 40.38 77.51 -35.85
CA SER Q 123 41.52 78.04 -36.59
C SER Q 123 41.25 79.50 -36.91
N SER Q 124 42.32 80.21 -37.29
CA SER Q 124 42.24 81.57 -37.81
C SER Q 124 41.81 81.49 -39.28
N ALA Q 125 40.59 81.02 -39.47
CA ALA Q 125 40.14 80.60 -40.79
C ALA Q 125 40.00 81.79 -41.73
N SER Q 126 40.49 81.64 -42.95
CA SER Q 126 40.14 82.50 -44.08
C SER Q 126 40.64 81.83 -45.35
N THR Q 127 39.85 81.92 -46.42
CA THR Q 127 40.20 81.22 -47.65
C THR Q 127 41.44 81.82 -48.28
N LYS Q 128 42.29 80.96 -48.84
CA LYS Q 128 43.56 81.40 -49.40
C LYS Q 128 43.86 80.59 -50.65
N GLY Q 129 44.37 81.26 -51.67
CA GLY Q 129 44.82 80.58 -52.86
C GLY Q 129 46.12 79.85 -52.61
N PRO Q 130 46.35 78.74 -53.31
CA PRO Q 130 47.58 77.98 -53.12
C PRO Q 130 48.73 78.42 -54.02
N SER Q 131 49.90 78.53 -53.41
CA SER Q 131 51.13 78.82 -54.13
C SER Q 131 51.70 77.52 -54.68
N VAL Q 132 52.05 77.50 -55.96
CA VAL Q 132 52.48 76.28 -56.64
C VAL Q 132 53.94 76.42 -57.01
N PHE Q 133 54.78 75.53 -56.49
CA PHE Q 133 56.19 75.50 -56.82
C PHE Q 133 56.55 74.15 -57.45
N PRO Q 134 57.39 74.13 -58.48
CA PRO Q 134 57.69 72.87 -59.17
C PRO Q 134 58.73 72.04 -58.40
N LEU Q 135 58.41 70.77 -58.19
CA LEU Q 135 59.35 69.82 -57.59
C LEU Q 135 60.11 69.19 -58.75
N ALA Q 136 61.21 69.84 -59.15
CA ALA Q 136 61.93 69.43 -60.34
C ALA Q 136 62.54 68.04 -60.19
N PRO Q 137 62.68 67.29 -61.28
CA PRO Q 137 63.25 65.95 -61.20
C PRO Q 137 64.76 65.94 -61.04
N SER Q 138 65.26 64.83 -60.51
CA SER Q 138 66.68 64.65 -60.31
C SER Q 138 67.39 64.47 -61.65
N SER Q 139 68.47 65.21 -61.87
CA SER Q 139 69.22 65.16 -63.12
C SER Q 139 70.26 64.04 -63.10
N GLY Q 145 66.61 54.17 -65.57
CA GLY Q 145 65.61 53.62 -64.67
C GLY Q 145 64.31 54.40 -64.61
N THR Q 146 63.86 54.71 -63.39
CA THR Q 146 62.63 55.45 -63.19
C THR Q 146 62.93 56.95 -63.19
N ALA Q 147 61.89 57.76 -63.03
CA ALA Q 147 62.07 59.19 -62.76
C ALA Q 147 60.78 59.74 -62.17
N ALA Q 148 60.92 60.65 -61.19
CA ALA Q 148 59.78 61.24 -60.51
C ALA Q 148 59.90 62.76 -60.50
N LEU Q 149 58.75 63.43 -60.46
CA LEU Q 149 58.68 64.87 -60.42
C LEU Q 149 57.29 65.24 -59.92
N GLY Q 150 57.11 66.50 -59.53
CA GLY Q 150 55.80 66.90 -59.10
C GLY Q 150 55.65 68.39 -58.82
N CYS Q 151 54.57 68.69 -58.09
CA CYS Q 151 54.17 70.04 -57.76
C CYS Q 151 53.97 70.13 -56.26
N LEU Q 152 54.31 71.29 -55.70
CA LEU Q 152 54.11 71.57 -54.28
C LEU Q 152 53.01 72.62 -54.13
N VAL Q 153 51.91 72.25 -53.48
CA VAL Q 153 50.77 73.13 -53.36
C VAL Q 153 50.70 73.66 -51.94
N LYS Q 154 51.31 74.84 -51.73
CA LYS Q 154 51.55 75.37 -50.40
C LYS Q 154 50.44 76.31 -49.95
N ASP Q 155 50.12 76.23 -48.66
CA ASP Q 155 49.44 77.30 -47.91
C ASP Q 155 48.11 77.71 -48.54
N TYR Q 156 47.20 76.75 -48.66
CA TYR Q 156 45.82 77.02 -49.04
C TYR Q 156 44.87 76.69 -47.89
N PHE Q 157 43.62 77.08 -48.07
CA PHE Q 157 42.58 76.94 -47.06
C PHE Q 157 41.25 77.35 -47.71
N PRO Q 158 40.17 76.60 -47.51
CA PRO Q 158 40.08 75.29 -46.83
C PRO Q 158 40.33 74.15 -47.80
N GLU Q 159 39.98 72.92 -47.43
CA GLU Q 159 40.07 71.82 -48.37
C GLU Q 159 38.94 71.92 -49.40
N PRO Q 160 39.14 71.35 -50.60
CA PRO Q 160 40.36 70.70 -51.06
C PRO Q 160 41.01 71.33 -52.28
N VAL Q 161 42.23 70.90 -52.59
CA VAL Q 161 42.86 71.17 -53.87
C VAL Q 161 42.82 69.89 -54.68
N THR Q 162 42.76 70.04 -55.99
CA THR Q 162 42.80 68.91 -56.91
C THR Q 162 43.90 69.15 -57.93
N VAL Q 163 44.71 68.13 -58.15
CA VAL Q 163 45.86 68.21 -59.05
C VAL Q 163 45.63 67.27 -60.21
N SER Q 164 45.84 67.78 -61.42
CA SER Q 164 45.79 66.98 -62.63
C SER Q 164 47.06 67.27 -63.43
N TRP Q 165 47.40 66.35 -64.33
CA TRP Q 165 48.62 66.47 -65.11
C TRP Q 165 48.29 66.48 -66.59
N ASN Q 166 48.79 67.50 -67.31
CA ASN Q 166 48.51 67.71 -68.73
C ASN Q 166 47.02 67.80 -69.00
N SER Q 167 46.29 68.51 -68.14
CA SER Q 167 44.84 68.71 -68.26
C SER Q 167 44.10 67.37 -68.25
N GLY Q 168 44.59 66.43 -67.44
CA GLY Q 168 43.99 65.12 -67.33
C GLY Q 168 44.51 64.10 -68.32
N ALA Q 169 45.44 64.49 -69.20
CA ALA Q 169 45.99 63.56 -70.19
C ALA Q 169 47.05 62.62 -69.61
N LEU Q 170 47.48 62.83 -68.37
CA LEU Q 170 48.44 61.94 -67.71
C LEU Q 170 47.81 61.41 -66.44
N THR Q 171 47.74 60.09 -66.34
CA THR Q 171 47.18 59.42 -65.16
C THR Q 171 48.07 58.27 -64.68
N SER Q 172 48.77 57.62 -65.60
CA SER Q 172 49.67 56.54 -65.22
C SER Q 172 50.88 57.12 -64.49
N GLY Q 173 51.18 56.57 -63.31
CA GLY Q 173 52.24 57.08 -62.48
C GLY Q 173 51.87 58.27 -61.62
N VAL Q 174 50.64 58.75 -61.69
CA VAL Q 174 50.21 59.94 -60.97
C VAL Q 174 49.85 59.56 -59.54
N HIS Q 175 50.32 60.35 -58.58
CA HIS Q 175 50.08 60.05 -57.18
C HIS Q 175 49.99 61.35 -56.39
N THR Q 176 48.81 61.64 -55.87
CA THR Q 176 48.60 62.80 -55.00
C THR Q 176 48.55 62.33 -53.55
N PHE Q 177 49.20 63.09 -52.67
CA PHE Q 177 49.36 62.77 -51.26
C PHE Q 177 48.35 63.54 -50.42
N PRO Q 178 48.12 63.12 -49.18
CA PRO Q 178 47.24 63.89 -48.30
C PRO Q 178 47.86 65.25 -47.97
N ALA Q 179 47.00 66.18 -47.61
CA ALA Q 179 47.45 67.52 -47.25
C ALA Q 179 47.79 67.55 -45.76
N VAL Q 180 48.90 68.19 -45.43
CA VAL Q 180 49.21 68.47 -44.03
C VAL Q 180 48.50 69.74 -43.65
N LEU Q 181 48.09 69.83 -42.40
CA LEU Q 181 47.60 71.08 -41.83
C LEU Q 181 48.77 71.68 -41.05
N GLN Q 182 49.51 72.59 -41.69
CA GLN Q 182 50.67 73.20 -41.03
C GLN Q 182 50.23 73.97 -39.78
N SER Q 183 51.21 74.25 -38.91
CA SER Q 183 50.91 74.90 -37.63
C SER Q 183 50.31 76.28 -37.81
N SER Q 184 50.41 76.85 -39.01
CA SER Q 184 49.81 78.13 -39.33
C SER Q 184 48.30 78.05 -39.55
N GLY Q 185 47.75 76.85 -39.75
CA GLY Q 185 46.36 76.68 -40.10
C GLY Q 185 46.08 76.55 -41.57
N LEU Q 186 47.10 76.62 -42.43
CA LEU Q 186 46.93 76.47 -43.86
C LEU Q 186 47.36 75.08 -44.30
N TYR Q 187 46.63 74.52 -45.26
CA TYR Q 187 46.96 73.18 -45.75
C TYR Q 187 48.09 73.24 -46.76
N SER Q 188 48.76 72.10 -46.92
CA SER Q 188 49.89 72.01 -47.83
C SER Q 188 49.96 70.60 -48.37
N LEU Q 189 49.92 70.48 -49.69
CA LEU Q 189 49.79 69.20 -50.38
C LEU Q 189 50.81 69.13 -51.50
N SER Q 190 51.33 67.93 -51.74
CA SER Q 190 52.13 67.68 -52.93
C SER Q 190 51.46 66.58 -53.74
N SER Q 191 51.85 66.51 -55.01
CA SER Q 191 51.24 65.58 -55.96
C SER Q 191 52.27 65.33 -57.04
N VAL Q 192 52.73 64.09 -57.16
CA VAL Q 192 53.86 63.77 -58.00
C VAL Q 192 53.44 62.73 -59.04
N VAL Q 193 54.33 62.50 -59.98
CA VAL Q 193 54.10 61.51 -61.03
C VAL Q 193 55.44 60.95 -61.47
N THR Q 194 55.58 59.62 -61.39
CA THR Q 194 56.77 58.95 -61.87
C THR Q 194 56.58 58.61 -63.34
N VAL Q 195 57.67 58.68 -64.09
CA VAL Q 195 57.67 58.39 -65.52
C VAL Q 195 59.01 57.76 -65.86
N PRO Q 196 59.14 57.21 -67.05
CA PRO Q 196 60.36 56.52 -67.42
C PRO Q 196 61.46 57.53 -67.37
N SER Q 197 62.66 57.10 -67.01
CA SER Q 197 63.76 58.04 -66.88
C SER Q 197 63.93 58.68 -68.24
N SER Q 198 63.86 57.85 -69.26
CA SER Q 198 63.87 58.35 -70.61
C SER Q 198 62.52 58.99 -70.86
N SER Q 199 62.47 59.88 -71.84
CA SER Q 199 61.20 60.41 -72.32
C SER Q 199 60.72 61.53 -71.43
N LEU Q 200 61.51 61.87 -70.43
CA LEU Q 200 61.18 63.03 -69.62
C LEU Q 200 61.22 64.23 -70.55
N GLY Q 201 62.20 64.24 -71.44
CA GLY Q 201 62.33 65.30 -72.42
C GLY Q 201 61.17 65.34 -73.40
N THR Q 202 60.71 64.17 -73.81
CA THR Q 202 59.75 64.06 -74.91
C THR Q 202 58.41 64.74 -74.69
N GLN Q 203 57.83 64.58 -73.50
CA GLN Q 203 56.53 65.16 -73.21
C GLN Q 203 56.65 66.43 -72.39
N THR Q 204 55.59 67.22 -72.35
CA THR Q 204 55.63 68.46 -71.57
C THR Q 204 54.87 68.11 -70.30
N TYR Q 205 55.28 68.73 -69.18
CA TYR Q 205 54.74 68.34 -67.87
C TYR Q 205 54.19 69.53 -67.11
N ILE Q 206 52.87 69.64 -67.07
CA ILE Q 206 52.16 70.74 -66.43
C ILE Q 206 51.11 70.16 -65.50
N CYS Q 207 51.25 70.40 -64.20
CA CYS Q 207 50.18 70.08 -63.26
C CYS Q 207 49.22 71.26 -63.18
N ASN Q 208 47.93 70.96 -63.10
CA ASN Q 208 46.88 71.98 -63.08
C ASN Q 208 46.22 71.92 -61.71
N VAL Q 209 46.67 72.78 -60.81
CA VAL Q 209 46.09 72.85 -59.48
C VAL Q 209 44.79 73.64 -59.55
N ASN Q 210 43.78 73.16 -58.84
CA ASN Q 210 42.48 73.82 -58.79
C ASN Q 210 41.96 73.84 -57.36
N HIS Q 211 41.78 75.03 -56.82
CA HIS Q 211 41.29 75.23 -55.46
C HIS Q 211 39.97 75.98 -55.56
N LYS Q 212 38.88 75.24 -55.69
CA LYS Q 212 37.56 75.86 -55.83
C LYS Q 212 37.14 76.74 -54.66
N PRO Q 213 37.44 76.43 -53.38
CA PRO Q 213 36.99 77.32 -52.30
C PRO Q 213 37.46 78.76 -52.43
N SER Q 214 38.67 78.99 -52.93
CA SER Q 214 39.18 80.34 -53.14
C SER Q 214 39.06 80.80 -54.60
N ASN Q 215 38.44 80.00 -55.47
CA ASN Q 215 38.29 80.29 -56.89
C ASN Q 215 39.63 80.61 -57.54
N THR Q 216 40.65 79.84 -57.19
CA THR Q 216 41.98 80.00 -57.78
C THR Q 216 42.30 78.77 -58.63
N LYS Q 217 42.89 79.00 -59.79
CA LYS Q 217 43.42 77.92 -60.62
C LYS Q 217 44.81 78.30 -61.10
N VAL Q 218 45.76 77.40 -60.90
CA VAL Q 218 47.16 77.63 -61.24
C VAL Q 218 47.66 76.47 -62.09
N ASP Q 219 48.32 76.78 -63.20
CA ASP Q 219 48.96 75.80 -64.07
C ASP Q 219 50.45 76.11 -64.11
N LYS Q 220 51.25 75.22 -63.55
CA LYS Q 220 52.70 75.40 -63.41
C LYS Q 220 53.42 74.29 -64.16
N ARG Q 221 54.33 74.67 -65.06
CA ARG Q 221 55.10 73.69 -65.82
C ARG Q 221 56.39 73.34 -65.09
N VAL Q 222 56.69 72.05 -65.02
CA VAL Q 222 57.87 71.53 -64.35
C VAL Q 222 58.85 71.03 -65.41
N GLU Q 223 60.15 71.27 -65.18
CA GLU Q 223 61.19 70.85 -66.11
C GLU Q 223 62.45 70.62 -65.30
N PRO Q 224 63.33 69.72 -65.75
CA PRO Q 224 64.50 69.35 -64.94
C PRO Q 224 65.50 70.50 -64.83
N LYS Q 225 66.44 70.30 -63.91
CA LYS Q 225 67.56 71.23 -63.68
C LYS Q 225 67.09 72.68 -63.47
N GLY R 1 7.40 41.81 -23.55
CA GLY R 1 7.75 42.19 -22.19
C GLY R 1 9.20 41.94 -21.81
N SER R 2 9.42 41.66 -20.53
CA SER R 2 10.76 41.59 -19.97
C SER R 2 11.30 40.17 -20.01
N HIS R 3 12.50 40.00 -19.45
CA HIS R 3 13.11 38.70 -19.20
C HIS R 3 13.92 38.81 -17.92
N SER R 4 14.37 37.67 -17.42
CA SER R 4 14.99 37.66 -16.11
C SER R 4 15.97 36.52 -16.00
N MET R 5 16.94 36.67 -15.10
CA MET R 5 17.84 35.60 -14.73
C MET R 5 17.94 35.56 -13.21
N ARG R 6 17.88 34.36 -12.65
CA ARG R 6 18.01 34.15 -11.20
C ARG R 6 18.83 32.90 -10.93
N TYR R 7 19.75 33.02 -9.99
CA TYR R 7 20.50 31.91 -9.42
C TYR R 7 20.08 31.71 -7.96
N PHE R 8 19.98 30.45 -7.55
CA PHE R 8 19.56 30.10 -6.20
C PHE R 8 20.62 29.24 -5.54
N PHE R 9 21.17 29.72 -4.43
CA PHE R 9 22.19 29.01 -3.68
C PHE R 9 21.64 28.61 -2.31
N THR R 10 21.81 27.34 -1.95
CA THR R 10 21.42 26.85 -0.63
C THR R 10 22.56 26.01 -0.07
N SER R 11 22.93 26.28 1.17
CA SER R 11 23.96 25.51 1.88
C SER R 11 23.40 25.11 3.24
N VAL R 12 23.37 23.81 3.51
CA VAL R 12 22.83 23.28 4.76
C VAL R 12 23.97 22.63 5.52
N SER R 13 24.24 23.15 6.71
CA SER R 13 25.32 22.64 7.53
C SER R 13 24.99 21.25 8.02
N ARG R 14 25.87 20.29 7.73
CA ARG R 14 25.68 18.92 8.18
C ARG R 14 26.36 18.74 9.53
N PRO R 15 25.63 18.49 10.62
CA PRO R 15 26.29 18.34 11.92
C PRO R 15 27.16 17.09 11.93
N GLY R 16 28.38 17.23 12.44
CA GLY R 16 29.34 16.16 12.43
C GLY R 16 30.21 16.12 11.18
N ARG R 17 29.83 16.83 10.13
CA ARG R 17 30.55 16.82 8.87
C ARG R 17 31.15 18.21 8.60
N GLY R 18 32.26 18.21 7.86
CA GLY R 18 32.84 19.48 7.43
C GLY R 18 32.02 20.17 6.38
N GLU R 19 32.19 19.76 5.10
CA GLU R 19 31.54 20.37 3.94
C GLU R 19 30.03 20.25 4.01
N PRO R 20 29.31 21.36 4.19
CA PRO R 20 27.86 21.27 4.18
C PRO R 20 27.41 20.91 2.78
N ARG R 21 26.18 20.43 2.68
CA ARG R 21 25.62 20.09 1.38
C ARG R 21 25.21 21.38 0.66
N PHE R 22 25.64 21.52 -0.59
CA PHE R 22 25.48 22.74 -1.35
C PHE R 22 24.75 22.47 -2.67
N ILE R 23 23.74 23.27 -2.98
CA ILE R 23 22.94 23.12 -4.19
C ILE R 23 22.75 24.49 -4.83
N ALA R 24 23.22 24.64 -6.06
CA ALA R 24 23.08 25.88 -6.82
C ALA R 24 22.35 25.56 -8.11
N VAL R 25 21.35 26.38 -8.43
CA VAL R 25 20.49 26.18 -9.60
C VAL R 25 20.31 27.52 -10.28
N GLY R 26 20.48 27.54 -11.60
CA GLY R 26 20.32 28.76 -12.40
C GLY R 26 19.13 28.68 -13.35
N TYR R 27 18.32 29.73 -13.33
CA TYR R 27 17.13 29.84 -14.19
C TYR R 27 17.24 31.06 -15.09
N VAL R 28 16.66 30.94 -16.29
CA VAL R 28 16.30 32.09 -17.11
C VAL R 28 14.79 32.08 -17.25
N ASP R 29 14.16 33.19 -16.87
CA ASP R 29 12.70 33.23 -16.80
C ASP R 29 12.20 32.03 -16.00
N ASP R 30 11.75 30.97 -16.68
CA ASP R 30 11.28 29.77 -15.98
C ASP R 30 11.92 28.49 -16.51
N THR R 31 13.08 28.60 -17.15
CA THR R 31 13.79 27.46 -17.72
C THR R 31 15.11 27.30 -16.97
N GLN R 32 15.23 26.23 -16.19
CA GLN R 32 16.51 25.97 -15.52
C GLN R 32 17.57 25.62 -16.57
N PHE R 33 18.81 26.06 -16.33
CA PHE R 33 19.85 25.74 -17.30
C PHE R 33 21.18 25.29 -16.70
N VAL R 34 21.44 25.50 -15.41
CA VAL R 34 22.67 25.02 -14.78
C VAL R 34 22.37 24.46 -13.39
N ARG R 35 23.18 23.51 -12.97
CA ARG R 35 23.04 22.87 -11.67
C ARG R 35 24.42 22.59 -11.09
N PHE R 36 24.56 22.76 -9.78
CA PHE R 36 25.77 22.34 -9.07
C PHE R 36 25.36 21.74 -7.74
N ASP R 37 25.78 20.50 -7.51
CA ASP R 37 25.41 19.75 -6.31
C ASP R 37 26.67 19.33 -5.60
N SER R 38 26.76 19.64 -4.30
CA SER R 38 27.90 19.21 -3.51
C SER R 38 28.02 17.69 -3.51
N ASP R 39 26.91 16.98 -3.32
CA ASP R 39 26.94 15.54 -3.25
C ASP R 39 27.04 14.85 -4.60
N ALA R 40 26.99 15.60 -5.70
CA ALA R 40 27.19 14.97 -7.00
C ALA R 40 28.64 14.56 -7.15
N ALA R 41 28.85 13.43 -7.83
CA ALA R 41 30.21 13.03 -8.15
C ALA R 41 30.82 13.91 -9.24
N SER R 42 30.00 14.69 -9.93
CA SER R 42 30.48 15.54 -11.02
C SER R 42 31.47 16.58 -10.49
N GLN R 43 31.11 17.27 -9.41
CA GLN R 43 31.90 18.34 -8.80
C GLN R 43 32.18 19.47 -9.79
N LYS R 44 31.31 19.63 -10.78
CA LYS R 44 31.46 20.62 -11.82
C LYS R 44 30.08 21.16 -12.15
N MET R 45 29.99 22.43 -12.48
CA MET R 45 28.70 23.01 -12.85
C MET R 45 28.18 22.33 -14.12
N GLU R 46 27.11 21.55 -13.99
CA GLU R 46 26.57 20.76 -15.09
C GLU R 46 25.54 21.56 -15.89
N PRO R 47 25.39 21.24 -17.17
CA PRO R 47 24.31 21.82 -17.97
C PRO R 47 22.96 21.17 -17.68
N ARG R 48 21.92 22.01 -17.76
CA ARG R 48 20.55 21.59 -17.53
C ARG R 48 19.59 22.17 -18.56
N ALA R 49 20.10 22.80 -19.60
CA ALA R 49 19.31 23.27 -20.73
C ALA R 49 19.91 22.73 -22.01
N PRO R 50 19.18 22.81 -23.12
CA PRO R 50 19.75 22.35 -24.39
C PRO R 50 20.72 23.36 -24.98
N TRP R 51 20.60 24.63 -24.61
CA TRP R 51 21.31 25.69 -25.30
C TRP R 51 22.54 26.16 -24.53
N ILE R 52 22.92 25.47 -23.47
CA ILE R 52 23.95 26.01 -22.59
C ILE R 52 25.28 25.34 -22.83
N GLU R 53 25.30 24.08 -23.30
CA GLU R 53 26.60 23.46 -23.47
C GLU R 53 27.26 23.86 -24.79
N GLN R 54 26.64 24.75 -25.55
CA GLN R 54 27.37 25.40 -26.64
C GLN R 54 28.43 26.37 -26.11
N GLU R 55 28.36 26.76 -24.83
CA GLU R 55 29.46 27.47 -24.19
C GLU R 55 30.63 26.53 -23.94
N GLY R 56 31.84 27.00 -24.25
CA GLY R 56 33.03 26.19 -24.24
C GLY R 56 33.56 25.87 -22.86
N PRO R 57 34.74 25.24 -22.80
CA PRO R 57 35.31 24.91 -21.48
C PRO R 57 35.71 26.12 -20.69
N GLU R 58 36.04 27.23 -21.36
CA GLU R 58 36.29 28.50 -20.67
C GLU R 58 35.12 28.87 -19.76
N TYR R 59 33.89 28.55 -20.19
CA TYR R 59 32.70 28.89 -19.41
C TYR R 59 32.51 27.94 -18.24
N TRP R 60 32.43 26.63 -18.52
CA TRP R 60 32.17 25.67 -17.45
C TRP R 60 33.27 25.69 -16.41
N ASP R 61 34.53 25.86 -16.84
CA ASP R 61 35.61 25.90 -15.87
C ASP R 61 35.47 27.08 -14.94
N GLN R 62 35.26 28.27 -15.49
CA GLN R 62 35.09 29.45 -14.64
C GLN R 62 33.85 29.34 -13.78
N GLU R 63 32.75 28.81 -14.33
CA GLU R 63 31.52 28.68 -13.55
C GLU R 63 31.70 27.72 -12.39
N THR R 64 32.51 26.67 -12.57
CA THR R 64 32.77 25.75 -11.46
C THR R 64 33.52 26.46 -10.34
N ARG R 65 34.68 27.06 -10.68
CA ARG R 65 35.41 27.88 -9.71
C ARG R 65 34.50 28.90 -9.06
N ASN R 66 33.64 29.55 -9.87
CA ASN R 66 32.82 30.64 -9.37
C ASN R 66 31.93 30.20 -8.23
N MET R 67 31.52 28.93 -8.21
CA MET R 67 30.69 28.45 -7.11
C MET R 67 31.31 27.31 -6.31
N LYS R 68 32.40 26.71 -6.78
CA LYS R 68 33.29 26.12 -5.79
C LYS R 68 33.59 27.15 -4.73
N ALA R 69 33.98 28.35 -5.19
CA ALA R 69 34.30 29.47 -4.30
C ALA R 69 33.07 29.95 -3.54
N HIS R 70 31.94 30.09 -4.23
CA HIS R 70 30.74 30.52 -3.52
C HIS R 70 30.38 29.54 -2.42
N SER R 71 30.64 28.24 -2.63
CA SER R 71 30.45 27.25 -1.58
C SER R 71 31.45 27.43 -0.45
N GLN R 72 32.74 27.65 -0.78
CA GLN R 72 33.75 27.87 0.24
C GLN R 72 33.32 28.95 1.21
N THR R 73 32.87 30.09 0.68
CA THR R 73 32.50 31.22 1.53
C THR R 73 31.36 30.84 2.46
N ASP R 74 30.36 30.13 1.92
CA ASP R 74 29.22 29.71 2.73
C ASP R 74 29.65 28.79 3.87
N ARG R 75 30.66 27.94 3.62
CA ARG R 75 31.24 27.13 4.70
C ARG R 75 31.70 28.02 5.84
N ALA R 76 32.56 28.99 5.52
CA ALA R 76 33.03 29.92 6.54
C ALA R 76 31.89 30.74 7.11
N ASN R 77 30.93 31.12 6.26
CA ASN R 77 29.83 31.98 6.72
C ASN R 77 28.93 31.23 7.69
N LEU R 78 28.61 29.97 7.38
CA LEU R 78 27.81 29.18 8.29
C LEU R 78 28.42 29.13 9.67
N GLY R 79 29.75 29.15 9.76
CA GLY R 79 30.43 29.19 11.03
C GLY R 79 30.40 30.56 11.65
N THR R 80 30.60 31.60 10.83
CA THR R 80 30.55 32.98 11.34
C THR R 80 29.19 33.27 11.96
N LEU R 81 28.12 32.87 11.27
CA LEU R 81 26.77 33.08 11.80
C LEU R 81 26.52 32.24 13.05
N ARG R 82 27.16 31.06 13.15
CA ARG R 82 27.07 30.27 14.37
C ARG R 82 27.56 31.04 15.59
N GLY R 83 28.47 31.98 15.38
CA GLY R 83 28.94 32.83 16.46
C GLY R 83 28.03 34.02 16.69
N TYR R 84 27.52 34.60 15.59
CA TYR R 84 26.64 35.75 15.70
C TYR R 84 25.37 35.41 16.48
N TYR R 85 24.97 34.14 16.46
CA TYR R 85 23.70 33.72 17.04
C TYR R 85 23.86 32.81 18.26
N ASN R 86 25.08 32.56 18.72
CA ASN R 86 25.34 31.75 19.91
C ASN R 86 24.76 30.35 19.75
N GLN R 87 25.16 29.68 18.67
CA GLN R 87 24.62 28.38 18.27
C GLN R 87 25.69 27.29 18.33
N SER R 88 25.25 26.09 18.72
CA SER R 88 26.13 24.94 18.92
C SER R 88 26.37 24.20 17.60
N GLU R 89 27.42 23.37 17.61
CA GLU R 89 27.86 22.68 16.41
C GLU R 89 26.98 21.52 16.02
N ASP R 90 26.12 21.05 16.92
CA ASP R 90 25.24 19.91 16.65
C ASP R 90 24.04 20.25 15.81
N GLY R 91 23.85 21.53 15.44
CA GLY R 91 22.70 21.89 14.65
C GLY R 91 22.93 21.79 13.15
N SER R 92 21.84 21.95 12.41
CA SER R 92 21.88 22.06 10.95
C SER R 92 21.17 23.34 10.56
N HIS R 93 21.88 24.25 9.90
CA HIS R 93 21.36 25.55 9.54
C HIS R 93 21.61 25.80 8.06
N THR R 94 20.73 26.60 7.46
CA THR R 94 20.71 26.81 6.02
C THR R 94 21.03 28.26 5.71
N ILE R 95 21.83 28.49 4.67
CA ILE R 95 22.08 29.81 4.11
C ILE R 95 21.60 29.83 2.67
N GLN R 96 20.75 30.79 2.36
CA GLN R 96 20.18 30.89 1.02
C GLN R 96 20.48 32.25 0.42
N ILE R 97 21.12 32.27 -0.74
CA ILE R 97 21.37 33.49 -1.48
C ILE R 97 20.70 33.33 -2.85
N MET R 98 20.12 34.42 -3.33
CA MET R 98 19.57 34.45 -4.67
C MET R 98 19.90 35.80 -5.29
N TYR R 99 20.64 35.80 -6.40
CA TYR R 99 20.94 37.04 -7.10
C TYR R 99 20.70 36.86 -8.60
N GLY R 100 20.38 37.96 -9.25
CA GLY R 100 20.11 37.93 -10.67
C GLY R 100 19.75 39.30 -11.20
N CYS R 101 19.40 39.34 -12.48
CA CYS R 101 19.17 40.60 -13.18
C CYS R 101 18.00 40.44 -14.15
N ASP R 102 17.37 41.58 -14.46
CA ASP R 102 16.22 41.63 -15.36
C ASP R 102 16.52 42.55 -16.52
N VAL R 103 16.30 42.08 -17.74
CA VAL R 103 16.47 42.90 -18.92
C VAL R 103 15.09 43.25 -19.48
N GLY R 104 15.05 44.29 -20.29
CA GLY R 104 13.83 44.71 -20.90
C GLY R 104 13.69 44.12 -22.28
N PRO R 105 12.67 44.57 -23.04
CA PRO R 105 12.46 44.04 -24.38
C PRO R 105 13.57 44.38 -25.36
N ASP R 106 14.29 45.48 -25.16
CA ASP R 106 15.37 45.89 -26.05
C ASP R 106 16.75 45.58 -25.47
N GLY R 107 16.85 44.56 -24.61
CA GLY R 107 18.11 44.21 -23.98
C GLY R 107 18.56 45.16 -22.89
N ARG R 108 17.78 46.20 -22.62
CA ARG R 108 18.07 47.21 -21.62
C ARG R 108 18.19 46.59 -20.23
N PHE R 109 18.92 47.26 -19.35
CA PHE R 109 18.95 46.84 -17.96
C PHE R 109 17.75 47.42 -17.23
N LEU R 110 17.10 46.59 -16.42
CA LEU R 110 15.90 46.99 -15.68
C LEU R 110 16.08 46.92 -14.19
N ARG R 111 16.51 45.78 -13.65
CA ARG R 111 16.53 45.61 -12.21
C ARG R 111 17.58 44.59 -11.80
N GLY R 112 18.23 44.85 -10.68
CA GLY R 112 19.16 43.89 -10.08
C GLY R 112 18.65 43.32 -8.78
N TYR R 113 19.22 42.20 -8.33
CA TYR R 113 18.77 41.58 -7.11
C TYR R 113 19.92 40.87 -6.39
N ARG R 114 19.94 40.97 -5.06
CA ARG R 114 20.69 40.02 -4.24
C ARG R 114 20.10 39.98 -2.84
N GLN R 115 19.63 38.81 -2.42
CA GLN R 115 19.03 38.59 -1.11
C GLN R 115 19.63 37.36 -0.44
N ASP R 116 19.92 37.49 0.85
CA ASP R 116 20.51 36.43 1.65
C ASP R 116 19.58 36.11 2.81
N ALA R 117 19.47 34.83 3.15
CA ALA R 117 18.57 34.38 4.20
C ALA R 117 19.20 33.27 5.03
N TYR R 118 19.10 33.39 6.34
CA TYR R 118 19.62 32.41 7.29
C TYR R 118 18.45 31.70 7.95
N ASP R 119 18.32 30.40 7.71
CA ASP R 119 17.26 29.56 8.27
C ASP R 119 15.88 30.05 7.84
N GLY R 120 15.72 30.24 6.52
CA GLY R 120 14.43 30.63 5.98
C GLY R 120 13.96 32.02 6.32
N LYS R 121 14.66 32.72 7.21
CA LYS R 121 14.33 34.08 7.60
C LYS R 121 15.22 35.04 6.83
N ASP R 122 14.67 36.20 6.45
CA ASP R 122 15.50 37.21 5.81
C ASP R 122 16.68 37.58 6.69
N TYR R 123 17.82 37.81 6.06
CA TYR R 123 19.04 38.21 6.77
C TYR R 123 19.49 39.59 6.30
N ILE R 124 20.15 39.64 5.15
CA ILE R 124 20.53 40.90 4.52
C ILE R 124 20.02 40.89 3.09
N ALA R 125 19.79 42.08 2.54
CA ALA R 125 19.31 42.17 1.17
C ALA R 125 19.74 43.49 0.56
N LEU R 126 19.89 43.49 -0.76
CA LEU R 126 20.31 44.67 -1.51
C LEU R 126 19.08 45.43 -1.98
N ASN R 127 19.07 46.72 -1.74
CA ASN R 127 17.93 47.55 -1.99
C ASN R 127 17.75 47.79 -3.47
N GLU R 128 16.66 48.45 -3.81
CA GLU R 128 16.40 48.77 -5.18
C GLU R 128 17.52 49.63 -5.73
N ASP R 129 18.05 50.51 -4.90
CA ASP R 129 18.98 51.50 -5.39
C ASP R 129 20.12 50.76 -6.01
N LEU R 130 20.50 49.65 -5.41
CA LEU R 130 21.74 48.99 -5.73
C LEU R 130 22.87 49.80 -5.15
N ARG R 131 22.50 50.73 -4.26
CA ARG R 131 23.43 51.53 -3.51
C ARG R 131 23.32 51.29 -2.00
N SER R 132 22.36 50.46 -1.58
CA SER R 132 22.09 50.32 -0.16
C SER R 132 21.71 48.93 0.26
N TRP R 133 21.99 48.60 1.51
CA TRP R 133 21.61 47.31 2.06
C TRP R 133 20.57 47.52 3.14
N THR R 134 19.72 46.52 3.34
CA THR R 134 18.77 46.54 4.44
C THR R 134 18.89 45.24 5.22
N ALA R 135 19.23 45.36 6.50
CA ALA R 135 19.46 44.21 7.36
C ALA R 135 18.17 43.85 8.08
N ALA R 136 17.82 42.56 8.05
CA ALA R 136 16.58 42.13 8.67
C ALA R 136 16.66 42.24 10.19
N ASP R 137 17.64 41.54 10.80
CA ASP R 137 17.75 41.51 12.25
C ASP R 137 19.00 42.25 12.73
N MET R 138 19.37 42.03 13.99
CA MET R 138 20.58 42.62 14.55
C MET R 138 21.81 42.12 13.81
N ALA R 139 22.06 40.81 13.87
CA ALA R 139 23.30 40.25 13.36
C ALA R 139 23.63 40.75 11.97
N ALA R 140 22.64 40.76 11.08
CA ALA R 140 22.89 41.18 9.70
C ALA R 140 23.48 42.58 9.62
N GLN R 141 23.26 43.41 10.63
CA GLN R 141 23.82 44.75 10.61
C GLN R 141 25.33 44.71 10.82
N ILE R 142 25.80 43.83 11.71
CA ILE R 142 27.24 43.72 11.90
C ILE R 142 27.89 43.20 10.62
N THR R 143 27.13 42.49 9.81
CA THR R 143 27.57 42.17 8.45
C THR R 143 27.38 43.37 7.53
N LYS R 144 26.25 44.07 7.66
CA LYS R 144 25.96 45.21 6.79
C LYS R 144 27.07 46.25 6.87
N ARG R 145 27.37 46.76 8.05
CA ARG R 145 28.43 47.77 8.16
C ARG R 145 29.78 47.21 7.75
N LYS R 146 29.98 45.90 7.83
CA LYS R 146 31.20 45.31 7.28
C LYS R 146 31.21 45.43 5.76
N TRP R 147 30.06 45.22 5.12
CA TRP R 147 29.98 45.36 3.67
C TRP R 147 30.05 46.82 3.26
N GLU R 148 29.45 47.71 4.06
CA GLU R 148 29.56 49.14 3.77
C GLU R 148 31.00 49.59 3.76
N ALA R 149 31.86 48.95 4.54
CA ALA R 149 33.27 49.31 4.54
C ALA R 149 33.93 48.94 3.21
N VAL R 150 33.52 47.82 2.62
CA VAL R 150 34.18 47.30 1.43
C VAL R 150 33.47 47.66 0.14
N HIS R 151 32.45 48.53 0.22
CA HIS R 151 31.66 48.92 -0.94
C HIS R 151 31.08 47.70 -1.65
N ALA R 152 30.51 46.78 -0.87
CA ALA R 152 29.80 45.66 -1.48
C ALA R 152 28.58 46.14 -2.25
N ALA R 153 28.00 47.28 -1.82
CA ALA R 153 26.91 47.91 -2.56
C ALA R 153 27.29 48.12 -4.03
N GLU R 154 28.37 48.87 -4.27
CA GLU R 154 28.85 49.10 -5.63
C GLU R 154 29.15 47.79 -6.34
N GLN R 155 30.00 46.97 -5.73
CA GLN R 155 30.53 45.84 -6.49
C GLN R 155 29.46 44.83 -6.88
N ARG R 156 28.33 44.79 -6.18
CA ARG R 156 27.22 44.02 -6.74
C ARG R 156 26.73 44.68 -8.02
N ARG R 157 26.65 46.01 -8.02
CA ARG R 157 26.14 46.74 -9.17
C ARG R 157 26.97 46.51 -10.41
N VAL R 158 28.27 46.26 -10.25
CA VAL R 158 29.12 46.03 -11.41
C VAL R 158 28.93 44.61 -11.95
N TYR R 159 28.47 43.68 -11.12
CA TYR R 159 28.05 42.39 -11.63
C TYR R 159 26.68 42.45 -12.29
N LEU R 160 25.70 43.03 -11.60
CA LEU R 160 24.32 43.04 -12.07
C LEU R 160 24.20 43.78 -13.40
N GLU R 161 24.82 44.95 -13.51
CA GLU R 161 24.72 45.76 -14.72
C GLU R 161 25.82 45.45 -15.72
N GLY R 162 26.71 44.51 -15.42
CA GLY R 162 27.79 44.17 -16.32
C GLY R 162 27.67 42.76 -16.86
N ARG R 163 28.25 41.81 -16.11
CA ARG R 163 28.36 40.43 -16.60
C ARG R 163 27.06 39.65 -16.46
N CYS R 164 26.23 39.95 -15.45
CA CYS R 164 24.93 39.29 -15.35
C CYS R 164 24.08 39.58 -16.56
N VAL R 165 23.93 40.85 -16.92
CA VAL R 165 23.02 41.20 -18.01
C VAL R 165 23.57 40.72 -19.34
N ASP R 166 24.88 40.84 -19.55
CA ASP R 166 25.44 40.34 -20.79
C ASP R 166 25.26 38.83 -20.92
N GLY R 167 25.20 38.11 -19.79
CA GLY R 167 24.85 36.70 -19.85
C GLY R 167 23.41 36.47 -20.22
N LEU R 168 22.48 37.13 -19.50
CA LEU R 168 21.06 37.00 -19.80
C LEU R 168 20.78 37.37 -21.25
N ARG R 169 21.45 38.41 -21.76
CA ARG R 169 21.32 38.74 -23.18
C ARG R 169 21.90 37.62 -24.04
N ARG R 170 23.12 37.18 -23.73
CA ARG R 170 23.73 36.14 -24.55
C ARG R 170 22.95 34.83 -24.46
N TYR R 171 22.28 34.58 -23.33
CA TYR R 171 21.46 33.37 -23.20
C TYR R 171 20.17 33.51 -24.00
N LEU R 172 19.47 34.64 -23.87
CA LEU R 172 18.22 34.85 -24.57
C LEU R 172 18.38 34.79 -26.08
N GLU R 173 19.60 35.01 -26.59
CA GLU R 173 19.83 34.91 -28.02
C GLU R 173 20.35 33.54 -28.44
N ASN R 174 21.21 32.93 -27.64
CA ASN R 174 21.72 31.60 -27.97
C ASN R 174 20.63 30.55 -27.88
N GLY R 175 19.83 30.59 -26.83
CA GLY R 175 18.68 29.72 -26.73
C GLY R 175 17.41 30.47 -27.05
N LYS R 176 17.45 31.23 -28.13
CA LYS R 176 16.31 32.08 -28.51
C LYS R 176 15.05 31.25 -28.77
N GLU R 177 15.22 30.02 -29.26
CA GLU R 177 14.07 29.15 -29.53
C GLU R 177 13.35 28.75 -28.25
N THR R 178 14.11 28.28 -27.25
CA THR R 178 13.49 27.78 -26.03
C THR R 178 12.94 28.92 -25.18
N LEU R 179 13.69 30.02 -25.09
CA LEU R 179 13.44 31.01 -24.04
C LEU R 179 12.43 32.06 -24.45
N GLN R 180 12.34 32.39 -25.74
CA GLN R 180 11.46 33.45 -26.21
C GLN R 180 10.12 32.91 -26.70
N ARG R 181 9.84 31.63 -26.47
CA ARG R 181 8.55 31.05 -26.78
C ARG R 181 7.45 31.63 -25.87
N THR R 182 6.21 31.48 -26.32
CA THR R 182 5.05 31.60 -25.46
C THR R 182 4.18 30.41 -25.75
N ASP R 183 3.52 29.89 -24.71
CA ASP R 183 2.80 28.64 -24.82
C ASP R 183 1.40 28.80 -24.24
N PRO R 184 0.38 28.92 -25.09
CA PRO R 184 -0.98 29.16 -24.59
C PRO R 184 -1.50 27.98 -23.79
N PRO R 185 -2.24 28.22 -22.72
CA PRO R 185 -2.75 27.12 -21.90
C PRO R 185 -3.80 26.31 -22.64
N LYS R 186 -3.68 24.99 -22.53
CA LYS R 186 -4.68 24.08 -23.09
C LYS R 186 -5.72 23.84 -21.99
N THR R 187 -6.93 24.36 -22.18
CA THR R 187 -7.91 24.49 -21.12
C THR R 187 -9.04 23.48 -21.27
N HIS R 188 -9.72 23.23 -20.16
CA HIS R 188 -10.92 22.40 -20.12
C HIS R 188 -11.55 22.54 -18.75
N MET R 189 -12.83 22.22 -18.67
CA MET R 189 -13.59 22.39 -17.44
C MET R 189 -14.10 21.05 -16.92
N THR R 190 -14.29 20.99 -15.60
CA THR R 190 -14.63 19.76 -14.88
C THR R 190 -15.84 20.02 -14.00
N HIS R 191 -16.76 19.06 -13.94
CA HIS R 191 -17.96 19.18 -13.12
C HIS R 191 -18.04 17.98 -12.20
N HIS R 192 -17.91 18.22 -10.89
CA HIS R 192 -17.96 17.16 -9.88
C HIS R 192 -19.06 17.44 -8.87
N PRO R 193 -20.18 16.71 -8.92
CA PRO R 193 -21.21 16.90 -7.89
C PRO R 193 -20.73 16.38 -6.54
N ILE R 194 -20.91 17.20 -5.50
CA ILE R 194 -20.50 16.84 -4.14
C ILE R 194 -21.70 16.41 -3.30
N SER R 195 -22.75 17.22 -3.29
CA SER R 195 -24.00 16.90 -2.62
C SER R 195 -25.10 16.77 -3.67
N ASP R 196 -26.33 16.53 -3.20
CA ASP R 196 -27.48 16.60 -4.08
C ASP R 196 -27.89 18.03 -4.39
N HIS R 197 -27.21 19.00 -3.80
CA HIS R 197 -27.53 20.41 -3.98
C HIS R 197 -26.35 21.26 -4.42
N GLU R 198 -25.11 20.80 -4.23
CA GLU R 198 -23.94 21.54 -4.67
C GLU R 198 -23.04 20.65 -5.52
N ALA R 199 -22.18 21.29 -6.29
CA ALA R 199 -21.16 20.61 -7.09
C ALA R 199 -19.88 21.44 -7.00
N THR R 200 -18.89 21.07 -7.81
CA THR R 200 -17.67 21.84 -7.94
C THR R 200 -17.33 21.96 -9.42
N LEU R 201 -17.26 23.18 -9.91
CA LEU R 201 -16.85 23.48 -11.28
C LEU R 201 -15.35 23.79 -11.25
N ARG R 202 -14.54 22.87 -11.76
CA ARG R 202 -13.10 23.05 -11.78
C ARG R 202 -12.66 23.49 -13.16
N CYS R 203 -11.73 24.44 -13.20
CA CYS R 203 -11.26 25.08 -14.43
C CYS R 203 -9.79 24.74 -14.63
N TRP R 204 -9.50 23.88 -15.59
CA TRP R 204 -8.14 23.44 -15.82
C TRP R 204 -7.45 24.31 -16.87
N ALA R 205 -6.13 24.40 -16.75
CA ALA R 205 -5.31 25.06 -17.77
C ALA R 205 -3.95 24.37 -17.75
N LEU R 206 -3.72 23.47 -18.70
CA LEU R 206 -2.48 22.73 -18.77
C LEU R 206 -1.61 23.24 -19.91
N GLY R 207 -0.34 22.87 -19.85
CA GLY R 207 0.62 23.14 -20.89
C GLY R 207 0.74 24.59 -21.29
N PHE R 208 1.30 25.42 -20.40
CA PHE R 208 1.53 26.81 -20.73
C PHE R 208 2.90 27.24 -20.22
N TYR R 209 3.45 28.27 -20.87
CA TYR R 209 4.72 28.90 -20.53
C TYR R 209 4.67 30.33 -21.06
N PRO R 210 5.12 31.31 -20.28
CA PRO R 210 5.71 31.20 -18.94
C PRO R 210 4.67 30.86 -17.89
N ALA R 211 5.07 30.72 -16.63
CA ALA R 211 4.15 30.25 -15.59
C ALA R 211 3.12 31.31 -15.18
N GLU R 212 3.30 32.56 -15.60
CA GLU R 212 2.33 33.60 -15.29
C GLU R 212 0.98 33.24 -15.88
N ILE R 213 -0.05 33.22 -15.03
CA ILE R 213 -1.37 32.79 -15.45
C ILE R 213 -2.37 33.42 -14.48
N THR R 214 -3.56 33.75 -14.98
CA THR R 214 -4.57 34.41 -14.17
C THR R 214 -5.90 33.69 -14.38
N LEU R 215 -6.33 32.95 -13.36
CA LEU R 215 -7.61 32.24 -13.37
C LEU R 215 -8.61 33.00 -12.51
N THR R 216 -9.81 33.21 -13.03
CA THR R 216 -10.84 33.99 -12.35
C THR R 216 -12.20 33.35 -12.57
N TRP R 217 -12.88 32.99 -11.49
CA TRP R 217 -14.27 32.56 -11.54
C TRP R 217 -15.19 33.76 -11.40
N GLN R 218 -16.30 33.76 -12.13
CA GLN R 218 -17.23 34.89 -12.10
C GLN R 218 -18.67 34.40 -12.18
N ARG R 219 -19.49 34.84 -11.22
CA ARG R 219 -20.92 34.58 -11.21
C ARG R 219 -21.67 35.78 -11.77
N ASP R 220 -22.35 35.58 -12.91
CA ASP R 220 -23.15 36.62 -13.56
C ASP R 220 -22.31 37.83 -13.93
N GLY R 221 -21.03 37.60 -14.23
CA GLY R 221 -20.11 38.68 -14.50
C GLY R 221 -19.55 39.36 -13.28
N GLU R 222 -19.85 38.86 -12.08
CA GLU R 222 -19.36 39.41 -10.84
C GLU R 222 -18.28 38.51 -10.28
N ASP R 223 -17.16 39.10 -9.88
CA ASP R 223 -16.03 38.31 -9.39
C ASP R 223 -16.41 37.51 -8.15
N GLN R 224 -15.90 36.27 -8.07
CA GLN R 224 -16.26 35.29 -7.04
C GLN R 224 -14.99 34.81 -6.34
N THR R 225 -14.52 35.58 -5.37
CA THR R 225 -13.38 35.19 -4.56
C THR R 225 -13.80 34.38 -3.32
N GLN R 226 -15.05 33.93 -3.28
CA GLN R 226 -15.59 33.27 -2.09
C GLN R 226 -15.37 31.77 -2.16
N ASP R 227 -16.32 31.05 -2.76
CA ASP R 227 -16.24 29.59 -2.86
C ASP R 227 -15.23 29.14 -3.91
N THR R 228 -14.12 29.85 -4.04
CA THR R 228 -13.10 29.57 -5.04
C THR R 228 -11.89 28.90 -4.40
N GLU R 229 -11.28 27.97 -5.12
CA GLU R 229 -10.04 27.33 -4.69
C GLU R 229 -9.06 27.34 -5.85
N LEU R 230 -7.81 27.66 -5.52
CA LEU R 230 -6.77 27.92 -6.52
C LEU R 230 -5.49 27.23 -6.04
N VAL R 231 -5.10 26.14 -6.71
CA VAL R 231 -3.81 25.50 -6.40
C VAL R 231 -2.69 26.30 -7.02
N GLU R 232 -1.55 26.34 -6.34
CA GLU R 232 -0.41 27.05 -6.90
C GLU R 232 0.10 26.32 -8.13
N THR R 233 0.63 27.09 -9.07
CA THR R 233 1.01 26.52 -10.36
C THR R 233 2.05 25.44 -10.19
N ARG R 234 1.81 24.28 -10.80
CA ARG R 234 2.62 23.08 -10.73
C ARG R 234 3.41 22.92 -12.01
N PRO R 235 4.66 22.46 -11.92
CA PRO R 235 5.43 22.16 -13.12
C PRO R 235 5.07 20.79 -13.65
N ALA R 236 4.80 20.71 -14.95
CA ALA R 236 4.44 19.43 -15.54
C ALA R 236 5.64 18.51 -15.74
N GLY R 237 6.85 19.01 -15.49
CA GLY R 237 8.05 18.22 -15.66
C GLY R 237 8.67 18.26 -17.04
N ASP R 238 8.07 19.00 -17.98
CA ASP R 238 8.59 19.08 -19.34
C ASP R 238 8.75 20.52 -19.77
N GLY R 239 9.00 21.40 -18.80
CA GLY R 239 9.15 22.82 -19.05
C GLY R 239 7.87 23.60 -19.14
N THR R 240 6.72 22.95 -19.02
CA THR R 240 5.44 23.66 -19.05
C THR R 240 4.76 23.50 -17.71
N PHE R 241 3.70 24.28 -17.50
CA PHE R 241 3.07 24.38 -16.19
C PHE R 241 1.57 24.15 -16.30
N GLN R 242 0.96 23.79 -15.16
CA GLN R 242 -0.45 23.51 -15.04
C GLN R 242 -1.00 24.26 -13.82
N LYS R 243 -2.28 24.59 -13.89
CA LYS R 243 -2.94 25.25 -12.77
C LYS R 243 -4.44 25.13 -12.96
N TRP R 244 -5.15 24.83 -11.88
CA TRP R 244 -6.60 24.71 -11.94
C TRP R 244 -7.24 25.52 -10.82
N ALA R 245 -8.38 26.14 -11.14
CA ALA R 245 -9.16 26.92 -10.18
C ALA R 245 -10.59 26.40 -10.19
N ALA R 246 -11.08 25.99 -9.02
CA ALA R 246 -12.41 25.41 -8.87
C ALA R 246 -13.33 26.35 -8.09
N VAL R 247 -14.64 26.08 -8.20
CA VAL R 247 -15.66 26.82 -7.46
C VAL R 247 -16.78 25.86 -7.10
N VAL R 248 -17.36 26.05 -5.92
CA VAL R 248 -18.52 25.27 -5.48
C VAL R 248 -19.79 25.96 -5.97
N VAL R 249 -20.68 25.18 -6.58
CA VAL R 249 -21.84 25.73 -7.28
C VAL R 249 -23.12 25.06 -6.79
N PRO R 250 -24.20 25.81 -6.53
CA PRO R 250 -25.50 25.17 -6.30
C PRO R 250 -26.08 24.64 -7.60
N SER R 251 -26.57 23.40 -7.55
CA SER R 251 -27.04 22.69 -8.74
C SER R 251 -28.01 23.53 -9.55
N GLY R 252 -27.92 23.41 -10.88
CA GLY R 252 -28.79 24.15 -11.77
C GLY R 252 -28.37 25.57 -12.01
N GLU R 253 -27.15 25.94 -11.63
CA GLU R 253 -26.65 27.31 -11.81
C GLU R 253 -25.28 27.33 -12.46
N GLU R 254 -24.85 26.21 -13.06
CA GLU R 254 -23.52 26.16 -13.66
C GLU R 254 -23.42 27.09 -14.87
N GLN R 255 -24.52 27.28 -15.59
CA GLN R 255 -24.55 28.21 -16.72
C GLN R 255 -24.49 29.67 -16.25
N ARG R 256 -24.35 29.91 -14.95
CA ARG R 256 -24.14 31.24 -14.40
C ARG R 256 -22.69 31.51 -14.03
N TYR R 257 -21.88 30.47 -13.84
CA TYR R 257 -20.49 30.63 -13.46
C TYR R 257 -19.62 30.61 -14.70
N THR R 258 -18.69 31.55 -14.79
CA THR R 258 -17.77 31.67 -15.91
C THR R 258 -16.34 31.69 -15.40
N CYS R 259 -15.48 30.86 -15.97
CA CYS R 259 -14.06 30.84 -15.63
C CYS R 259 -13.30 31.64 -16.67
N HIS R 260 -12.39 32.50 -16.22
CA HIS R 260 -11.68 33.41 -17.10
C HIS R 260 -10.19 33.12 -16.98
N VAL R 261 -9.52 32.98 -18.13
CA VAL R 261 -8.12 32.61 -18.18
C VAL R 261 -7.38 33.71 -18.94
N GLN R 262 -6.31 34.22 -18.33
CA GLN R 262 -5.47 35.24 -18.93
C GLN R 262 -4.04 34.73 -18.98
N HIS R 263 -3.45 34.75 -20.17
CA HIS R 263 -2.06 34.34 -20.36
C HIS R 263 -1.40 35.26 -21.37
N GLU R 264 -0.07 35.36 -21.26
CA GLU R 264 0.68 36.21 -22.16
C GLU R 264 0.64 35.68 -23.59
N GLY R 265 0.86 34.37 -23.77
CA GLY R 265 0.77 33.69 -25.04
C GLY R 265 -0.64 33.42 -25.53
N LEU R 266 -1.62 34.05 -24.92
CA LEU R 266 -3.04 33.96 -25.27
C LEU R 266 -3.48 35.29 -25.85
N PRO R 267 -4.09 35.32 -27.04
CA PRO R 267 -4.43 36.60 -27.67
C PRO R 267 -5.48 37.41 -26.93
N LYS R 268 -6.66 36.82 -26.74
CA LYS R 268 -7.72 37.44 -25.97
C LYS R 268 -8.00 36.58 -24.75
N PRO R 269 -8.41 37.18 -23.64
CA PRO R 269 -8.69 36.37 -22.44
C PRO R 269 -9.75 35.32 -22.74
N LEU R 270 -9.63 34.18 -22.08
CA LEU R 270 -10.54 33.08 -22.31
C LEU R 270 -11.78 33.23 -21.44
N THR R 271 -12.83 32.52 -21.84
CA THR R 271 -14.04 32.41 -21.04
C THR R 271 -14.57 31.00 -21.21
N LEU R 272 -14.80 30.32 -20.09
CA LEU R 272 -15.23 28.94 -20.10
C LEU R 272 -16.51 28.81 -19.27
N ARG R 273 -17.43 27.95 -19.73
CA ARG R 273 -18.68 27.76 -19.03
C ARG R 273 -19.18 26.34 -19.27
N TRP R 274 -20.00 25.84 -18.35
CA TRP R 274 -20.59 24.51 -18.43
C TRP R 274 -21.92 24.52 -19.18
N VAL S 1 25.67 33.90 -15.90
CA VAL S 1 27.05 33.84 -15.43
C VAL S 1 27.05 34.21 -13.95
N THR S 2 27.55 33.31 -13.12
CA THR S 2 27.56 33.55 -11.68
C THR S 2 28.61 34.57 -11.29
N GLU S 3 28.42 35.12 -10.10
CA GLU S 3 29.22 36.25 -9.64
C GLU S 3 30.67 35.85 -9.38
N HIS S 4 31.56 36.82 -9.66
CA HIS S 4 33.00 36.60 -9.67
C HIS S 4 33.52 36.08 -8.33
N ASP S 5 33.28 36.85 -7.27
CA ASP S 5 33.72 36.55 -5.90
C ASP S 5 32.53 36.70 -4.96
N THR S 6 32.75 36.43 -3.67
CA THR S 6 31.66 36.39 -2.71
C THR S 6 31.96 37.22 -1.47
N LEU S 7 30.91 37.46 -0.67
CA LEU S 7 31.00 38.30 0.51
C LEU S 7 30.91 37.43 1.76
N LEU S 8 31.69 37.78 2.79
CA LEU S 8 31.60 37.11 4.07
C LEU S 8 30.83 37.97 5.06
N TYR S 9 30.13 37.30 5.98
CA TYR S 9 29.28 37.99 6.96
C TYR S 9 30.06 38.48 8.17
N ILE T 1 13.17 28.36 12.64
CA ILE T 1 11.75 28.20 12.33
C ILE T 1 11.49 27.25 11.14
N GLN T 2 10.33 26.56 11.14
CA GLN T 2 10.05 25.50 10.18
C GLN T 2 8.74 25.74 9.45
N ARG T 3 8.70 25.28 8.20
CA ARG T 3 7.53 25.31 7.33
C ARG T 3 7.24 23.90 6.83
N THR T 4 5.96 23.54 6.74
CA THR T 4 5.47 22.21 6.41
C THR T 4 5.06 22.09 4.94
N PRO T 5 5.34 20.96 4.31
CA PRO T 5 5.24 20.88 2.84
C PRO T 5 3.81 20.82 2.32
N LYS T 6 3.57 21.53 1.23
CA LYS T 6 2.39 21.32 0.40
C LYS T 6 2.72 20.25 -0.64
N ILE T 7 1.77 19.35 -0.89
CA ILE T 7 1.99 18.22 -1.79
C ILE T 7 0.86 18.15 -2.82
N GLN T 8 1.24 18.09 -4.10
CA GLN T 8 0.31 17.84 -5.19
C GLN T 8 0.83 16.64 -5.97
N VAL T 9 -0.06 15.69 -6.26
CA VAL T 9 0.26 14.52 -7.06
C VAL T 9 -0.61 14.53 -8.30
N TYR T 10 0.02 14.44 -9.46
CA TYR T 10 -0.68 14.59 -10.73
C TYR T 10 0.15 13.92 -11.82
N SER T 11 -0.48 13.72 -12.97
CA SER T 11 0.19 13.20 -14.15
C SER T 11 0.60 14.35 -15.06
N ARG T 12 1.67 14.13 -15.83
CA ARG T 12 2.16 15.17 -16.73
C ARG T 12 1.15 15.49 -17.81
N HIS T 13 0.56 14.46 -18.42
CA HIS T 13 -0.49 14.60 -19.42
C HIS T 13 -1.81 14.11 -18.86
N PRO T 14 -2.94 14.56 -19.43
CA PRO T 14 -4.23 13.99 -19.04
C PRO T 14 -4.16 12.48 -19.10
N ALA T 15 -4.47 11.81 -17.99
CA ALA T 15 -4.21 10.39 -17.90
C ALA T 15 -5.16 9.61 -18.81
N GLU T 16 -4.61 8.61 -19.50
CA GLU T 16 -5.40 7.69 -20.29
C GLU T 16 -4.82 6.29 -20.07
N ASN T 17 -5.71 5.35 -19.77
CA ASN T 17 -5.29 4.02 -19.35
C ASN T 17 -4.58 3.32 -20.50
N GLY T 18 -3.40 2.77 -20.20
CA GLY T 18 -2.66 2.01 -21.19
C GLY T 18 -1.67 2.83 -22.00
N LYS T 19 -1.67 4.15 -21.84
CA LYS T 19 -0.74 5.03 -22.55
C LYS T 19 0.31 5.54 -21.57
N SER T 20 1.58 5.52 -21.99
CA SER T 20 2.68 5.92 -21.12
C SER T 20 2.57 7.40 -20.77
N ASN T 21 2.45 7.67 -19.48
CA ASN T 21 2.41 9.00 -18.92
C ASN T 21 3.57 9.14 -17.92
N PHE T 22 3.53 10.18 -17.10
CA PHE T 22 4.55 10.43 -16.09
C PHE T 22 3.90 10.89 -14.80
N LEU T 23 4.31 10.29 -13.69
CA LEU T 23 3.71 10.55 -12.38
C LEU T 23 4.56 11.59 -11.65
N ASN T 24 3.94 12.72 -11.32
CA ASN T 24 4.61 13.81 -10.65
C ASN T 24 4.10 13.93 -9.23
N CYS T 25 5.03 14.08 -8.29
CA CYS T 25 4.71 14.52 -6.93
C CYS T 25 5.51 15.79 -6.67
N TYR T 26 4.80 16.89 -6.45
CA TYR T 26 5.40 18.21 -6.39
C TYR T 26 5.23 18.76 -4.97
N VAL T 27 6.30 18.67 -4.18
CA VAL T 27 6.32 19.18 -2.81
C VAL T 27 6.89 20.59 -2.82
N SER T 28 6.24 21.49 -2.11
CA SER T 28 6.59 22.90 -2.15
C SER T 28 6.32 23.53 -0.79
N GLY T 29 6.87 24.73 -0.59
CA GLY T 29 6.58 25.50 0.59
C GLY T 29 7.07 24.92 1.91
N PHE T 30 8.13 24.11 1.89
CA PHE T 30 8.62 23.45 3.08
C PHE T 30 10.00 24.00 3.48
N HIS T 31 10.33 23.78 4.76
CA HIS T 31 11.60 24.22 5.34
C HIS T 31 11.80 23.49 6.66
N PRO T 32 13.00 22.97 6.95
CA PRO T 32 14.24 22.97 6.16
C PRO T 32 14.24 22.00 4.99
N SER T 33 15.42 21.78 4.41
CA SER T 33 15.50 21.10 3.12
C SER T 33 15.34 19.59 3.24
N ASP T 34 15.70 18.99 4.38
CA ASP T 34 15.65 17.54 4.53
C ASP T 34 14.24 17.02 4.37
N ILE T 35 13.98 16.28 3.28
CA ILE T 35 12.66 15.73 3.00
C ILE T 35 12.81 14.36 2.37
N GLU T 36 11.86 13.48 2.68
CA GLU T 36 11.80 12.11 2.15
C GLU T 36 10.56 11.98 1.28
N VAL T 37 10.72 11.48 0.05
CA VAL T 37 9.60 11.33 -0.87
C VAL T 37 9.69 9.98 -1.58
N ASP T 38 8.59 9.24 -1.59
CA ASP T 38 8.48 8.01 -2.36
C ASP T 38 7.22 8.05 -3.20
N LEU T 39 7.23 7.33 -4.31
CA LEU T 39 6.03 7.10 -5.10
C LEU T 39 5.56 5.67 -4.90
N LEU T 40 4.24 5.48 -4.92
CA LEU T 40 3.64 4.22 -4.52
C LEU T 40 2.71 3.67 -5.60
N LYS T 41 3.07 2.49 -6.14
CA LYS T 41 2.21 1.71 -7.03
C LYS T 41 1.51 0.67 -6.17
N ASN T 42 0.27 0.98 -5.77
CA ASN T 42 -0.55 0.09 -4.93
C ASN T 42 0.18 -0.25 -3.64
N GLY T 43 0.55 0.79 -2.90
CA GLY T 43 1.17 0.58 -1.61
C GLY T 43 2.61 0.12 -1.66
N GLU T 44 3.15 -0.11 -2.86
CA GLU T 44 4.52 -0.54 -3.05
C GLU T 44 5.38 0.66 -3.42
N ARG T 45 6.64 0.64 -3.00
CA ARG T 45 7.51 1.80 -3.20
C ARG T 45 8.08 1.75 -4.62
N ILE T 46 7.79 2.77 -5.43
CA ILE T 46 8.27 2.80 -6.81
C ILE T 46 9.74 3.18 -6.82
N GLU T 47 10.57 2.38 -7.50
CA GLU T 47 12.01 2.56 -7.44
C GLU T 47 12.54 3.57 -8.46
N LYS T 48 12.07 3.49 -9.70
CA LYS T 48 12.58 4.35 -10.78
C LYS T 48 12.04 5.77 -10.64
N VAL T 49 12.40 6.44 -9.55
CA VAL T 49 11.89 7.77 -9.25
C VAL T 49 13.06 8.72 -9.08
N GLU T 50 13.03 9.82 -9.82
CA GLU T 50 13.97 10.92 -9.71
C GLU T 50 13.29 12.18 -9.17
N HIS T 51 14.10 13.19 -8.86
CA HIS T 51 13.59 14.45 -8.35
C HIS T 51 14.35 15.60 -8.99
N SER T 52 13.81 16.81 -8.79
CA SER T 52 14.40 18.04 -9.29
C SER T 52 15.54 18.47 -8.37
N ASP T 53 16.16 19.60 -8.71
CA ASP T 53 17.24 20.16 -7.93
C ASP T 53 16.69 21.20 -6.96
N LEU T 54 17.25 21.25 -5.75
CA LEU T 54 16.66 22.04 -4.68
C LEU T 54 16.71 23.52 -5.01
N SER T 55 15.57 24.09 -5.37
CA SER T 55 15.44 25.53 -5.52
C SER T 55 14.45 26.02 -4.47
N PHE T 56 14.29 27.34 -4.35
CA PHE T 56 13.39 27.88 -3.35
C PHE T 56 12.57 29.03 -3.93
N SER T 57 11.53 29.40 -3.20
CA SER T 57 10.59 30.41 -3.65
C SER T 57 10.93 31.75 -3.04
N LYS T 58 10.01 32.71 -3.15
CA LYS T 58 10.25 34.05 -2.65
C LYS T 58 10.35 34.06 -1.13
N ASP T 59 9.51 33.29 -0.45
CA ASP T 59 9.56 33.22 1.01
C ASP T 59 10.62 32.25 1.52
N TRP T 60 11.57 31.89 0.67
CA TRP T 60 12.69 30.99 0.96
C TRP T 60 12.26 29.55 1.23
N SER T 61 11.01 29.21 0.97
CA SER T 61 10.56 27.83 1.16
C SER T 61 10.94 27.02 -0.07
N PHE T 62 11.54 25.85 0.15
CA PHE T 62 12.07 25.06 -0.94
C PHE T 62 10.92 24.37 -1.70
N TYR T 63 11.28 23.81 -2.87
CA TYR T 63 10.32 23.03 -3.66
C TYR T 63 11.07 22.01 -4.50
N LEU T 64 10.50 20.82 -4.60
CA LEU T 64 11.06 19.71 -5.37
C LEU T 64 9.95 19.06 -6.16
N LEU T 65 10.33 18.39 -7.25
CA LEU T 65 9.37 17.62 -8.04
C LEU T 65 9.94 16.23 -8.24
N TYR T 66 9.24 15.22 -7.73
CA TYR T 66 9.62 13.83 -7.91
C TYR T 66 8.77 13.24 -9.02
N TYR T 67 9.40 12.57 -9.99
CA TYR T 67 8.67 12.08 -11.16
C TYR T 67 9.11 10.66 -11.49
N THR T 68 8.20 9.92 -12.14
CA THR T 68 8.44 8.57 -12.61
C THR T 68 7.62 8.36 -13.88
N GLU T 69 8.21 7.63 -14.84
CA GLU T 69 7.44 7.14 -15.97
C GLU T 69 6.49 6.06 -15.49
N PHE T 70 5.22 6.12 -15.90
CA PHE T 70 4.26 5.11 -15.47
C PHE T 70 3.15 4.99 -16.51
N THR T 71 2.59 3.78 -16.60
CA THR T 71 1.44 3.53 -17.47
C THR T 71 0.21 3.23 -16.63
N PRO T 72 -0.70 4.20 -16.47
CA PRO T 72 -1.84 4.00 -15.56
C PRO T 72 -2.87 3.03 -16.14
N THR T 73 -3.45 2.22 -15.25
CA THR T 73 -4.61 1.42 -15.56
C THR T 73 -5.82 2.03 -14.85
N GLU T 74 -6.92 1.29 -14.80
CA GLU T 74 -8.10 1.78 -14.09
C GLU T 74 -8.16 1.32 -12.66
N LYS T 75 -7.60 0.14 -12.37
CA LYS T 75 -7.57 -0.36 -11.00
C LYS T 75 -6.30 0.02 -10.26
N ASP T 76 -5.17 0.11 -10.96
CA ASP T 76 -3.94 0.60 -10.36
C ASP T 76 -4.15 2.01 -9.83
N GLU T 77 -3.97 2.18 -8.52
CA GLU T 77 -4.07 3.49 -7.87
C GLU T 77 -2.74 3.85 -7.24
N TYR T 78 -2.23 5.04 -7.59
CA TYR T 78 -0.92 5.50 -7.16
C TYR T 78 -1.05 6.58 -6.08
N ALA T 79 0.02 6.75 -5.32
CA ALA T 79 0.07 7.70 -4.21
C ALA T 79 1.50 8.11 -3.95
N CYS T 80 1.66 9.18 -3.16
CA CYS T 80 2.96 9.77 -2.85
C CYS T 80 3.09 9.94 -1.34
N ARG T 81 4.15 9.36 -0.75
CA ARG T 81 4.40 9.44 0.68
C ARG T 81 5.57 10.38 0.94
N VAL T 82 5.38 11.30 1.89
CA VAL T 82 6.31 12.39 2.18
C VAL T 82 6.51 12.47 3.69
N ASN T 83 7.72 12.16 4.16
CA ASN T 83 8.10 12.36 5.54
C ASN T 83 8.94 13.62 5.67
N HIS T 84 8.76 14.32 6.77
CA HIS T 84 9.44 15.59 7.01
C HIS T 84 9.66 15.74 8.51
N VAL T 85 10.44 16.76 8.88
CA VAL T 85 10.60 17.08 10.29
C VAL T 85 9.29 17.64 10.83
N THR T 86 8.53 18.36 9.99
CA THR T 86 7.22 18.85 10.40
C THR T 86 6.16 17.75 10.40
N LEU T 87 6.50 16.55 9.95
CA LEU T 87 5.55 15.44 9.89
C LEU T 87 5.97 14.35 10.87
N SER T 88 5.12 14.10 11.88
CA SER T 88 5.38 13.01 12.81
C SER T 88 5.27 11.66 12.12
N GLN T 89 4.20 11.47 11.34
CA GLN T 89 4.03 10.30 10.49
C GLN T 89 3.91 10.72 9.03
N PRO T 90 4.50 9.96 8.11
CA PRO T 90 4.47 10.36 6.70
C PRO T 90 3.06 10.56 6.17
N LYS T 91 2.81 11.73 5.59
CA LYS T 91 1.58 11.93 4.84
C LYS T 91 1.61 11.11 3.56
N ILE T 92 0.43 10.68 3.13
CA ILE T 92 0.27 10.01 1.84
C ILE T 92 -0.82 10.73 1.08
N VAL T 93 -0.52 11.12 -0.16
CA VAL T 93 -1.48 11.78 -1.04
C VAL T 93 -1.63 10.91 -2.26
N LYS T 94 -2.83 10.35 -2.44
CA LYS T 94 -3.10 9.46 -3.56
C LYS T 94 -3.51 10.26 -4.78
N TRP T 95 -3.10 9.77 -5.94
CA TRP T 95 -3.31 10.45 -7.20
C TRP T 95 -4.77 10.35 -7.65
N ASP T 96 -5.43 11.49 -7.77
CA ASP T 96 -6.76 11.55 -8.34
C ASP T 96 -6.66 11.84 -9.83
N ARG T 97 -7.56 11.25 -10.60
CA ARG T 97 -7.56 11.44 -12.04
C ARG T 97 -7.92 12.86 -12.44
N ASP T 98 -8.55 13.65 -11.57
CA ASP T 98 -8.94 15.02 -11.91
C ASP T 98 -8.57 15.99 -10.78
N MET T 99 -7.34 15.86 -10.27
CA MET T 99 -6.83 16.86 -9.32
C MET T 99 -5.32 17.09 -9.52
N SER U 2 58.74 60.59 -1.88
CA SER U 2 59.99 60.49 -2.64
C SER U 2 61.07 61.42 -2.08
N VAL U 3 60.80 62.10 -0.96
CA VAL U 3 61.77 63.02 -0.36
C VAL U 3 62.27 62.36 0.92
N SER U 4 63.50 61.82 0.88
CA SER U 4 64.15 61.28 2.07
C SER U 4 65.52 61.93 2.23
N THR U 5 65.76 62.52 3.40
CA THR U 5 66.90 63.41 3.61
C THR U 5 67.85 62.88 4.68
N GLN U 6 69.15 62.80 4.33
CA GLN U 6 70.21 62.41 5.25
C GLN U 6 71.11 63.61 5.54
N PRO U 7 71.71 63.68 6.73
CA PRO U 7 72.73 64.68 6.96
C PRO U 7 73.92 64.43 6.03
N PRO U 8 74.65 65.48 5.66
CA PRO U 8 75.72 65.29 4.67
C PRO U 8 76.90 64.50 5.21
N SER U 9 77.31 64.76 6.46
CA SER U 9 78.42 64.03 7.06
C SER U 9 78.17 63.91 8.55
N VAL U 10 78.71 62.84 9.13
CA VAL U 10 78.68 62.61 10.57
C VAL U 10 80.08 62.20 11.02
N SER U 11 80.61 62.92 12.02
CA SER U 11 81.90 62.63 12.62
C SER U 11 81.71 62.09 14.03
N VAL U 12 82.46 61.04 14.36
CA VAL U 12 82.34 60.37 15.66
C VAL U 12 83.72 59.92 16.12
N ALA U 13 83.93 59.93 17.44
CA ALA U 13 85.18 59.47 18.01
C ALA U 13 85.30 57.96 17.90
N PRO U 14 86.53 57.43 17.75
CA PRO U 14 86.68 55.97 17.61
C PRO U 14 86.16 55.22 18.83
N GLY U 15 85.53 54.09 18.58
CA GLY U 15 84.92 53.29 19.62
C GLY U 15 83.61 53.83 20.16
N GLN U 16 83.23 55.05 19.80
CA GLN U 16 81.97 55.62 20.23
C GLN U 16 80.83 55.01 19.41
N THR U 17 79.63 55.58 19.50
CA THR U 17 78.49 55.12 18.72
C THR U 17 78.04 56.19 17.74
N ALA U 18 78.15 55.90 16.44
CA ALA U 18 77.72 56.79 15.38
C ALA U 18 76.24 56.55 15.06
N ARG U 19 75.62 57.56 14.45
CA ARG U 19 74.17 57.49 14.22
C ARG U 19 73.81 58.32 12.99
N ILE U 20 73.33 57.65 11.94
CA ILE U 20 72.93 58.30 10.69
C ILE U 20 71.42 58.20 10.54
N THR U 21 70.77 59.33 10.31
CA THR U 21 69.32 59.38 10.16
C THR U 21 68.91 59.50 8.70
N CYS U 22 67.67 59.07 8.43
CA CYS U 22 67.07 59.10 7.10
C CYS U 22 65.62 59.54 7.27
N GLY U 23 65.41 60.85 7.38
CA GLY U 23 64.08 61.38 7.63
C GLY U 23 63.24 61.44 6.37
N GLY U 24 61.94 61.23 6.55
CA GLY U 24 61.02 61.25 5.43
C GLY U 24 59.58 61.20 5.90
N ASN U 25 58.66 61.76 5.11
CA ASN U 25 57.26 61.78 5.50
C ASN U 25 56.73 60.35 5.50
N ASN U 26 56.43 59.84 6.69
CA ASN U 26 55.96 58.47 6.87
C ASN U 26 56.95 57.47 6.28
N ILE U 27 58.24 57.75 6.45
CA ILE U 27 59.24 56.78 6.03
C ILE U 27 59.23 55.59 6.97
N GLY U 28 58.67 55.75 8.17
CA GLY U 28 58.50 54.64 9.07
C GLY U 28 57.58 53.57 8.55
N SER U 29 56.68 53.92 7.64
CA SER U 29 55.79 52.94 7.03
C SER U 29 56.35 52.38 5.73
N LYS U 30 57.51 52.83 5.29
CA LYS U 30 58.22 52.21 4.19
C LYS U 30 59.29 51.29 4.77
N SER U 31 59.77 50.36 3.94
CA SER U 31 60.84 49.45 4.35
C SER U 31 62.18 50.07 3.96
N VAL U 32 62.94 50.52 4.96
CA VAL U 32 64.21 51.23 4.75
C VAL U 32 65.36 50.23 4.74
N HIS U 33 66.30 50.44 3.82
CA HIS U 33 67.51 49.65 3.73
C HIS U 33 68.72 50.57 3.77
N TRP U 34 69.89 49.99 4.01
CA TRP U 34 71.10 50.78 4.12
C TRP U 34 72.24 50.11 3.37
N TYR U 35 72.97 50.89 2.59
CA TYR U 35 74.12 50.41 1.85
C TYR U 35 75.32 51.24 2.26
N ARG U 36 76.45 50.57 2.44
CA ARG U 36 77.70 51.22 2.80
C ARG U 36 78.67 51.13 1.63
N GLN U 37 79.17 52.26 1.18
CA GLN U 37 80.05 52.32 0.02
C GLN U 37 81.34 53.00 0.43
N LYS U 38 82.45 52.24 0.44
CA LYS U 38 83.76 52.86 0.62
C LYS U 38 84.29 53.32 -0.73
N PRO U 39 85.19 54.30 -0.74
CA PRO U 39 85.61 54.90 -2.01
C PRO U 39 86.12 53.87 -3.01
N GLY U 40 85.65 54.00 -4.25
CA GLY U 40 86.13 53.20 -5.36
C GLY U 40 85.50 51.84 -5.50
N GLN U 41 84.66 51.42 -4.57
CA GLN U 41 84.04 50.12 -4.63
C GLN U 41 82.52 50.27 -4.66
N ALA U 42 81.83 49.14 -4.83
CA ALA U 42 80.38 49.11 -4.89
C ALA U 42 79.76 49.18 -3.51
N PRO U 43 78.49 49.59 -3.43
CA PRO U 43 77.77 49.56 -2.15
C PRO U 43 77.62 48.14 -1.62
N VAL U 44 77.54 48.02 -0.29
CA VAL U 44 77.38 46.75 0.40
C VAL U 44 76.22 46.89 1.36
N LEU U 45 75.27 45.96 1.28
CA LEU U 45 74.12 46.02 2.17
C LEU U 45 74.54 45.70 3.61
N VAL U 46 74.15 46.58 4.55
CA VAL U 46 74.53 46.40 5.95
C VAL U 46 73.30 46.29 6.83
N VAL U 47 72.19 46.89 6.39
CA VAL U 47 70.91 46.76 7.09
C VAL U 47 69.81 46.84 6.05
N TYR U 48 68.92 45.84 6.05
CA TYR U 48 67.80 45.80 5.15
C TYR U 48 66.53 45.56 5.96
N ASP U 49 65.41 45.99 5.40
CA ASP U 49 64.12 45.93 6.06
C ASP U 49 64.22 46.44 7.50
N ASN U 50 64.57 47.72 7.60
CA ASN U 50 64.59 48.48 8.85
C ASN U 50 65.67 48.02 9.83
N ASN U 51 65.67 46.74 10.25
CA ASN U 51 66.52 46.33 11.37
C ASN U 51 67.36 45.09 11.13
N ALA U 52 67.10 44.31 10.07
CA ALA U 52 67.80 43.04 9.90
C ALA U 52 69.23 43.23 9.44
N ARG U 53 70.14 42.37 9.97
CA ARG U 53 71.53 42.37 9.52
C ARG U 53 71.79 41.16 8.64
N PRO U 54 72.54 41.32 7.56
CA PRO U 54 72.95 40.16 6.77
C PRO U 54 73.89 39.23 7.52
N SER U 55 74.39 38.21 6.82
CA SER U 55 75.25 37.21 7.44
C SER U 55 76.57 37.83 7.90
N GLY U 56 77.29 38.44 6.98
CA GLY U 56 78.64 38.93 7.26
C GLY U 56 78.71 40.20 8.09
N ILE U 57 77.61 40.91 8.23
CA ILE U 57 77.63 42.21 8.90
C ILE U 57 77.69 41.98 10.41
N PRO U 58 78.58 42.67 11.13
CA PRO U 58 78.66 42.47 12.58
C PRO U 58 77.49 43.11 13.33
N GLU U 59 77.22 42.57 14.52
CA GLU U 59 76.09 43.02 15.30
C GLU U 59 76.24 44.46 15.79
N ARG U 60 77.43 45.05 15.63
CA ARG U 60 77.62 46.45 15.99
C ARG U 60 76.69 47.36 15.20
N ILE U 61 76.53 47.08 13.91
CA ILE U 61 75.67 47.84 13.02
C ILE U 61 74.23 47.34 13.16
N SER U 62 73.33 48.22 13.58
CA SER U 62 71.92 47.88 13.68
C SER U 62 71.10 48.98 13.02
N GLY U 63 69.92 48.59 12.53
CA GLY U 63 69.02 49.52 11.86
C GLY U 63 67.83 49.87 12.73
N SER U 64 67.06 50.84 12.23
CA SER U 64 65.90 51.34 12.96
C SER U 64 65.08 52.20 12.00
N ASN U 65 63.76 52.15 12.16
CA ASN U 65 62.87 52.91 11.29
C ASN U 65 61.49 52.98 11.93
N PHE U 66 61.06 54.19 12.29
CA PHE U 66 59.79 54.39 12.95
C PHE U 66 59.31 55.80 12.69
N ALA U 67 57.98 55.96 12.57
CA ALA U 67 57.36 57.27 12.35
C ALA U 67 57.90 57.95 11.11
N ASN U 68 58.80 58.94 11.30
CA ASN U 68 59.30 59.74 10.20
C ASN U 68 60.82 59.76 10.17
N THR U 69 61.49 58.76 10.75
CA THR U 69 62.94 58.79 10.80
C THR U 69 63.49 57.37 10.90
N ALA U 70 64.15 56.93 9.84
CA ALA U 70 64.95 55.72 9.85
C ALA U 70 66.33 56.08 10.36
N THR U 71 66.95 55.16 11.13
CA THR U 71 68.20 55.45 11.81
C THR U 71 69.14 54.25 11.69
N LEU U 72 70.33 54.49 11.18
CA LEU U 72 71.40 53.51 11.19
C LEU U 72 72.33 53.82 12.36
N THR U 73 72.58 52.83 13.21
CA THR U 73 73.37 53.02 14.43
C THR U 73 74.54 52.06 14.42
N ILE U 74 75.75 52.60 14.56
CA ILE U 74 76.97 51.80 14.61
C ILE U 74 77.62 51.98 15.97
N SER U 75 77.57 50.93 16.80
CA SER U 75 78.20 50.94 18.11
C SER U 75 79.66 50.51 18.02
N ARG U 76 80.49 51.08 18.89
CA ARG U 76 81.92 50.80 18.94
C ARG U 76 82.55 50.95 17.54
N VAL U 77 82.60 52.21 17.11
CA VAL U 77 83.04 52.53 15.75
C VAL U 77 84.52 52.21 15.59
N GLU U 78 84.86 51.48 14.53
CA GLU U 78 86.24 51.27 14.15
C GLU U 78 86.60 52.23 13.02
N ALA U 79 87.90 52.33 12.74
CA ALA U 79 88.35 53.18 11.64
C ALA U 79 87.87 52.66 10.29
N GLY U 80 87.73 51.34 10.15
CA GLY U 80 87.24 50.81 8.90
C GLY U 80 85.79 51.08 8.60
N ASP U 81 85.06 51.73 9.50
CA ASP U 81 83.67 52.10 9.25
C ASP U 81 83.53 53.43 8.53
N GLU U 82 84.64 54.08 8.20
CA GLU U 82 84.59 55.30 7.42
C GLU U 82 84.14 54.95 6.01
N ALA U 83 82.98 55.46 5.61
CA ALA U 83 82.44 55.23 4.28
C ALA U 83 81.23 56.12 4.10
N ASP U 84 80.63 56.05 2.92
CA ASP U 84 79.36 56.71 2.66
C ASP U 84 78.23 55.75 2.95
N TYR U 85 77.14 56.28 3.49
CA TYR U 85 75.98 55.48 3.87
C TYR U 85 74.74 56.06 3.22
N TYR U 86 74.02 55.22 2.47
CA TYR U 86 72.80 55.61 1.80
C TYR U 86 71.63 54.79 2.35
N CYS U 87 70.53 55.45 2.67
CA CYS U 87 69.30 54.73 2.97
C CYS U 87 68.50 54.50 1.69
N HIS U 88 67.61 53.53 1.75
CA HIS U 88 66.91 53.02 0.57
C HIS U 88 65.45 52.74 0.92
N VAL U 89 64.53 53.40 0.22
CA VAL U 89 63.11 53.10 0.30
C VAL U 89 62.57 52.92 -1.11
N TRP U 90 61.34 52.46 -1.18
CA TRP U 90 60.58 52.35 -2.42
C TRP U 90 59.31 53.16 -2.23
N ASP U 91 59.19 54.27 -2.96
CA ASP U 91 58.02 55.12 -2.83
C ASP U 91 56.90 54.47 -3.60
N SER U 92 55.98 53.84 -2.85
CA SER U 92 54.86 53.14 -3.48
C SER U 92 54.04 54.09 -4.36
N SER U 93 53.80 55.30 -3.86
CA SER U 93 52.98 56.29 -4.56
C SER U 93 53.78 57.14 -5.54
N SER U 94 54.91 56.63 -6.02
CA SER U 94 55.75 57.33 -7.00
C SER U 94 56.26 56.43 -8.11
N ASP U 95 56.21 55.11 -7.93
CA ASP U 95 56.83 54.15 -8.85
C ASP U 95 58.32 54.47 -9.00
N HIS U 96 58.95 54.86 -7.89
CA HIS U 96 60.34 55.31 -7.86
C HIS U 96 61.01 54.75 -6.61
N VAL U 97 62.16 54.10 -6.81
CA VAL U 97 63.00 53.75 -5.67
C VAL U 97 63.83 54.97 -5.30
N VAL U 98 63.86 55.29 -4.00
CA VAL U 98 64.36 56.57 -3.50
C VAL U 98 65.55 56.31 -2.60
N PHE U 99 66.74 56.68 -3.08
CA PHE U 99 67.94 56.64 -2.25
C PHE U 99 68.05 57.93 -1.45
N GLY U 100 68.69 57.83 -0.29
CA GLY U 100 68.99 59.02 0.48
C GLY U 100 70.16 59.82 -0.09
N GLY U 101 70.34 61.01 0.46
CA GLY U 101 71.41 61.86 -0.02
C GLY U 101 72.80 61.31 0.25
N GLY U 102 72.94 60.43 1.24
CA GLY U 102 74.25 59.92 1.58
C GLY U 102 74.88 60.67 2.73
N THR U 103 75.59 59.94 3.59
CA THR U 103 76.27 60.53 4.74
C THR U 103 77.70 60.03 4.76
N LYS U 104 78.66 60.94 4.76
CA LYS U 104 80.07 60.58 4.88
C LYS U 104 80.41 60.46 6.35
N LEU U 105 80.47 59.22 6.86
CA LEU U 105 80.86 58.97 8.24
C LEU U 105 82.37 59.07 8.37
N THR U 106 82.82 60.02 9.21
CA THR U 106 84.24 60.24 9.46
C THR U 106 84.54 59.81 10.90
N VAL U 107 85.47 58.89 11.07
CA VAL U 107 85.97 58.51 12.39
C VAL U 107 87.33 59.17 12.53
N LEU U 108 87.36 60.28 13.28
CA LEU U 108 88.50 61.20 13.23
C LEU U 108 89.71 60.65 13.96
N GLY U 109 90.88 60.81 13.32
CA GLY U 109 92.17 60.54 13.94
C GLY U 109 92.91 61.82 14.30
N GLN U 110 92.67 62.86 13.51
CA GLN U 110 93.12 64.21 13.81
C GLN U 110 92.09 64.90 14.70
N PRO U 111 92.42 66.06 15.22
CA PRO U 111 91.38 66.98 15.71
C PRO U 111 90.72 67.62 14.49
N LYS U 112 89.78 68.51 14.76
CA LYS U 112 89.01 69.14 13.70
C LYS U 112 89.57 70.50 13.39
N ALA U 113 89.84 70.76 12.12
CA ALA U 113 90.45 72.01 11.70
C ALA U 113 89.52 72.72 10.73
N ALA U 114 89.25 74.00 10.99
CA ALA U 114 88.48 74.81 10.06
C ALA U 114 89.32 75.08 8.83
N PRO U 115 88.69 75.39 7.70
CA PRO U 115 89.45 75.50 6.45
C PRO U 115 90.18 76.82 6.29
N SER U 116 91.32 76.75 5.61
CA SER U 116 92.08 77.91 5.20
C SER U 116 91.63 78.33 3.80
N VAL U 117 91.08 79.54 3.68
CA VAL U 117 90.51 80.02 2.43
C VAL U 117 91.44 81.08 1.85
N THR U 118 91.88 80.88 0.61
CA THR U 118 92.70 81.85 -0.12
C THR U 118 92.01 82.17 -1.43
N LEU U 119 91.65 83.45 -1.60
CA LEU U 119 90.87 83.90 -2.75
C LEU U 119 91.72 84.77 -3.68
N PHE U 120 91.74 84.42 -4.96
CA PHE U 120 92.50 85.17 -5.95
C PHE U 120 91.57 85.86 -6.94
N PRO U 121 91.78 87.14 -7.22
CA PRO U 121 91.01 87.83 -8.26
C PRO U 121 91.54 87.48 -9.64
N PRO U 122 90.80 87.78 -10.72
CA PRO U 122 91.33 87.49 -12.05
C PRO U 122 92.57 88.31 -12.33
N SER U 123 93.60 87.65 -12.84
CA SER U 123 94.86 88.33 -13.13
C SER U 123 94.67 89.27 -14.32
N SER U 124 95.55 90.27 -14.40
CA SER U 124 95.50 91.18 -15.54
C SER U 124 95.65 90.43 -16.85
N GLU U 125 96.44 89.36 -16.85
CA GLU U 125 96.58 88.55 -18.05
C GLU U 125 95.26 87.90 -18.44
N GLU U 126 94.51 87.39 -17.45
CA GLU U 126 93.23 86.77 -17.77
C GLU U 126 92.18 87.81 -18.14
N LEU U 127 92.18 88.97 -17.47
CA LEU U 127 91.26 90.03 -17.83
C LEU U 127 91.49 90.52 -19.25
N GLN U 128 92.75 90.64 -19.64
CA GLN U 128 93.08 91.05 -21.00
C GLN U 128 92.78 89.98 -22.02
N ALA U 129 92.37 88.79 -21.58
CA ALA U 129 91.83 87.77 -22.47
C ALA U 129 90.32 87.81 -22.55
N ASN U 130 89.70 88.88 -22.02
CA ASN U 130 88.25 89.06 -22.02
C ASN U 130 87.54 88.01 -21.16
N LYS U 131 88.22 87.52 -20.13
CA LYS U 131 87.60 86.63 -19.16
C LYS U 131 87.97 87.06 -17.75
N ALA U 132 87.19 86.58 -16.79
CA ALA U 132 87.42 86.85 -15.38
C ALA U 132 87.05 85.61 -14.60
N THR U 133 87.96 85.14 -13.75
CA THR U 133 87.76 83.92 -13.00
C THR U 133 88.30 84.12 -11.59
N LEU U 134 87.40 84.04 -10.60
CA LEU U 134 87.80 84.15 -9.21
C LEU U 134 88.16 82.76 -8.69
N VAL U 135 89.38 82.61 -8.17
CA VAL U 135 89.89 81.32 -7.73
C VAL U 135 89.87 81.30 -6.20
N CYS U 136 88.97 80.51 -5.64
CA CYS U 136 88.88 80.32 -4.19
C CYS U 136 89.46 78.95 -3.84
N LEU U 137 90.56 78.94 -3.11
CA LEU U 137 91.27 77.71 -2.75
C LEU U 137 91.05 77.42 -1.28
N ILE U 138 90.54 76.23 -0.98
CA ILE U 138 90.14 75.82 0.36
C ILE U 138 91.00 74.63 0.76
N SER U 139 91.70 74.75 1.88
CA SER U 139 92.67 73.74 2.26
C SER U 139 92.75 73.59 3.77
N ASP U 140 93.21 72.42 4.19
CA ASP U 140 93.58 72.12 5.58
C ASP U 140 92.36 72.09 6.50
N PHE U 141 91.32 71.37 6.08
CA PHE U 141 90.17 71.15 6.94
C PHE U 141 89.95 69.66 7.16
N TYR U 142 89.24 69.36 8.26
CA TYR U 142 88.90 68.02 8.72
C TYR U 142 87.74 68.09 9.69
N PRO U 143 86.68 67.29 9.48
CA PRO U 143 86.47 66.28 8.42
C PRO U 143 86.27 66.91 7.04
N GLY U 144 86.26 66.11 5.98
CA GLY U 144 86.16 66.63 4.63
C GLY U 144 84.76 66.97 4.17
N ALA U 145 84.22 68.08 4.67
CA ALA U 145 82.86 68.49 4.31
C ALA U 145 82.77 70.01 4.32
N VAL U 146 82.65 70.62 3.14
CA VAL U 146 82.54 72.07 3.02
C VAL U 146 81.47 72.41 1.99
N THR U 147 80.90 73.60 2.14
CA THR U 147 79.93 74.18 1.22
C THR U 147 80.33 75.62 0.93
N VAL U 148 80.29 76.01 -0.35
CA VAL U 148 80.80 77.30 -0.80
C VAL U 148 79.66 78.14 -1.36
N ALA U 149 79.59 79.40 -0.93
CA ALA U 149 78.65 80.38 -1.46
C ALA U 149 79.40 81.62 -1.92
N TRP U 150 78.97 82.18 -3.04
CA TRP U 150 79.58 83.37 -3.63
C TRP U 150 78.65 84.56 -3.51
N LYS U 151 79.21 85.71 -3.12
CA LYS U 151 78.44 86.93 -2.92
C LYS U 151 79.01 88.04 -3.80
N ALA U 152 78.20 88.50 -4.77
CA ALA U 152 78.54 89.63 -5.63
C ALA U 152 77.79 90.84 -5.10
N ASP U 153 78.48 91.66 -4.31
CA ASP U 153 77.87 92.83 -3.67
C ASP U 153 76.69 92.41 -2.78
N SER U 154 77.00 91.58 -1.78
CA SER U 154 76.03 91.14 -0.78
C SER U 154 74.80 90.50 -1.41
N SER U 155 74.92 90.02 -2.65
CA SER U 155 73.87 89.39 -3.41
C SER U 155 74.32 88.00 -3.85
N PRO U 156 73.44 87.00 -3.79
CA PRO U 156 73.87 85.64 -4.13
C PRO U 156 74.28 85.52 -5.58
N VAL U 157 75.15 84.55 -5.85
CA VAL U 157 75.66 84.29 -7.19
C VAL U 157 75.34 82.85 -7.55
N LYS U 158 74.64 82.66 -8.68
CA LYS U 158 74.25 81.30 -9.06
C LYS U 158 75.23 80.69 -10.06
N ALA U 159 75.07 80.99 -11.34
CA ALA U 159 75.86 80.34 -12.38
C ALA U 159 77.29 80.88 -12.39
N GLY U 160 78.12 80.21 -13.19
CA GLY U 160 79.54 80.51 -13.27
C GLY U 160 80.37 79.96 -12.12
N VAL U 161 79.78 79.23 -11.19
CA VAL U 161 80.49 78.70 -10.03
C VAL U 161 80.72 77.21 -10.22
N GLU U 162 81.96 76.78 -10.04
CA GLU U 162 82.34 75.38 -10.01
C GLU U 162 83.10 75.12 -8.72
N THR U 163 82.91 73.92 -8.16
CA THR U 163 83.56 73.57 -6.90
C THR U 163 84.00 72.11 -6.96
N THR U 164 85.22 71.86 -6.50
CA THR U 164 85.78 70.51 -6.49
C THR U 164 85.20 69.70 -5.35
N THR U 165 85.36 68.41 -5.45
CA THR U 165 85.10 67.51 -4.33
C THR U 165 86.30 67.47 -3.40
N PRO U 166 86.10 67.53 -2.08
CA PRO U 166 87.24 67.45 -1.17
C PRO U 166 88.05 66.19 -1.40
N SER U 167 89.35 66.29 -1.12
CA SER U 167 90.25 65.14 -1.23
C SER U 167 91.29 65.23 -0.12
N LYS U 168 91.88 64.10 0.23
CA LYS U 168 92.85 64.07 1.31
C LYS U 168 94.13 64.77 0.88
N GLN U 169 94.66 65.61 1.77
CA GLN U 169 95.93 66.29 1.53
C GLN U 169 97.07 65.34 1.90
N SER U 170 98.29 65.88 1.97
CA SER U 170 99.40 65.09 2.49
C SER U 170 99.19 64.75 3.97
N ASN U 171 98.84 65.75 4.77
CA ASN U 171 98.62 65.60 6.21
C ASN U 171 97.25 65.05 6.55
N ASN U 172 96.55 64.42 5.61
CA ASN U 172 95.25 63.80 5.83
C ASN U 172 94.14 64.76 6.19
N LYS U 173 94.40 66.07 6.18
CA LYS U 173 93.32 67.03 6.09
C LYS U 173 92.78 67.06 4.67
N TYR U 174 91.66 67.74 4.48
CA TYR U 174 91.01 67.79 3.18
C TYR U 174 91.15 69.19 2.55
N ALA U 175 90.95 69.24 1.25
CA ALA U 175 91.08 70.46 0.48
C ALA U 175 90.19 70.41 -0.75
N ALA U 176 89.75 71.59 -1.20
CA ALA U 176 88.93 71.71 -2.40
C ALA U 176 89.03 73.14 -2.92
N SER U 177 88.58 73.35 -4.16
CA SER U 177 88.70 74.62 -4.85
C SER U 177 87.36 75.05 -5.44
N SER U 178 87.14 76.36 -5.51
CA SER U 178 85.91 76.93 -6.06
C SER U 178 86.24 78.08 -6.99
N TYR U 179 85.74 77.99 -8.24
CA TYR U 179 85.97 78.98 -9.28
C TYR U 179 84.67 79.71 -9.62
N LEU U 180 84.77 81.01 -9.91
CA LEU U 180 83.63 81.82 -10.35
C LEU U 180 83.97 82.48 -11.67
N SER U 181 83.35 82.02 -12.77
CA SER U 181 83.56 82.61 -14.08
C SER U 181 82.72 83.88 -14.22
N LEU U 182 83.37 85.00 -14.50
CA LEU U 182 82.73 86.29 -14.71
C LEU U 182 83.18 86.88 -16.04
N THR U 183 82.40 87.83 -16.54
CA THR U 183 82.91 88.67 -17.60
C THR U 183 83.69 89.83 -17.01
N PRO U 184 84.70 90.36 -17.71
CA PRO U 184 85.44 91.51 -17.17
C PRO U 184 84.52 92.67 -16.89
N GLU U 185 83.36 92.72 -17.55
CA GLU U 185 82.36 93.74 -17.25
C GLU U 185 81.69 93.47 -15.91
N GLN U 186 81.26 92.22 -15.69
CA GLN U 186 80.66 91.87 -14.41
C GLN U 186 81.67 92.00 -13.28
N TRP U 187 82.95 91.72 -13.56
CA TRP U 187 83.98 91.87 -12.54
C TRP U 187 84.13 93.32 -12.11
N LYS U 188 83.93 94.26 -13.04
CA LYS U 188 83.98 95.67 -12.69
C LYS U 188 82.62 96.24 -12.33
N SER U 189 81.54 95.58 -12.76
CA SER U 189 80.19 96.08 -12.48
C SER U 189 79.96 96.20 -10.98
N HIS U 190 80.22 95.13 -10.25
CA HIS U 190 80.05 95.13 -8.81
C HIS U 190 81.34 95.57 -8.14
N ARG U 191 81.23 96.06 -6.90
CA ARG U 191 82.39 96.65 -6.25
C ARG U 191 83.25 95.61 -5.54
N SER U 192 82.68 94.49 -5.13
CA SER U 192 83.44 93.45 -4.45
C SER U 192 82.77 92.10 -4.67
N TYR U 193 83.58 91.05 -4.70
CA TYR U 193 83.12 89.68 -4.75
C TYR U 193 83.65 88.94 -3.53
N SER U 194 82.87 87.95 -3.06
CA SER U 194 83.21 87.24 -1.83
C SER U 194 82.92 85.75 -1.94
N CYS U 195 83.85 84.96 -1.38
CA CYS U 195 83.78 83.51 -1.31
C CYS U 195 83.48 83.11 0.14
N GLN U 196 82.35 82.44 0.35
CA GLN U 196 81.89 81.99 1.68
C GLN U 196 82.01 80.48 1.77
N VAL U 197 82.90 79.99 2.64
CA VAL U 197 83.08 78.55 2.85
C VAL U 197 82.54 78.18 4.23
N THR U 198 81.67 77.17 4.27
CA THR U 198 81.05 76.69 5.49
C THR U 198 81.57 75.31 5.83
N HIS U 199 81.94 75.11 7.10
CA HIS U 199 82.52 73.86 7.57
C HIS U 199 82.18 73.66 9.04
N GLU U 200 81.37 72.64 9.33
CA GLU U 200 80.96 72.31 10.70
C GLU U 200 80.22 73.46 11.38
N GLY U 201 79.20 73.99 10.69
CA GLY U 201 78.39 75.03 11.29
C GLY U 201 79.01 76.41 11.21
N SER U 202 80.34 76.49 11.25
CA SER U 202 81.06 77.74 11.16
C SER U 202 81.39 78.06 9.70
N THR U 203 81.42 79.35 9.39
CA THR U 203 81.68 79.83 8.03
C THR U 203 82.89 80.76 8.01
N VAL U 204 83.75 80.60 6.99
CA VAL U 204 84.91 81.43 6.76
C VAL U 204 84.79 82.07 5.38
N GLU U 205 85.14 83.36 5.27
CA GLU U 205 84.85 84.17 4.10
C GLU U 205 86.09 84.95 3.65
N LYS U 206 86.04 85.44 2.41
CA LYS U 206 87.10 86.29 1.85
C LYS U 206 86.53 87.29 0.85
N GLN V 1 79.32 32.99 -3.93
CA GLN V 1 79.98 33.22 -5.22
C GLN V 1 79.10 33.99 -6.21
N VAL V 2 78.18 34.82 -5.71
CA VAL V 2 77.34 35.63 -6.59
C VAL V 2 78.18 36.78 -7.15
N GLN V 3 78.25 36.88 -8.47
CA GLN V 3 79.10 37.86 -9.14
C GLN V 3 78.34 38.58 -10.25
N LEU V 4 78.52 39.91 -10.33
CA LEU V 4 77.91 40.75 -11.35
C LEU V 4 78.98 41.57 -12.05
N GLN V 5 78.88 41.66 -13.38
CA GLN V 5 79.93 42.22 -14.20
C GLN V 5 79.37 43.25 -15.17
N GLU V 6 79.65 44.53 -14.92
CA GLU V 6 79.25 45.60 -15.83
C GLU V 6 80.32 45.79 -16.89
N SER V 7 79.90 46.36 -18.02
CA SER V 7 80.79 46.62 -19.14
C SER V 7 80.10 47.58 -20.08
N GLY V 8 80.80 47.95 -21.15
CA GLY V 8 80.24 48.80 -22.19
C GLY V 8 80.36 50.29 -21.95
N GLY V 9 80.65 50.71 -20.72
CA GLY V 9 80.83 52.12 -20.44
C GLY V 9 82.13 52.63 -21.00
N GLY V 10 82.35 53.92 -20.82
CA GLY V 10 83.56 54.57 -21.29
C GLY V 10 83.29 56.05 -21.54
N VAL V 11 83.92 56.57 -22.60
CA VAL V 11 83.79 57.97 -22.99
C VAL V 11 83.09 58.03 -24.34
N VAL V 12 81.95 58.72 -24.37
CA VAL V 12 81.16 58.90 -25.58
C VAL V 12 80.93 60.39 -25.81
N GLN V 13 80.30 60.70 -26.95
CA GLN V 13 79.95 62.09 -27.19
C GLN V 13 78.44 62.28 -27.13
N PRO V 14 77.97 63.46 -26.72
CA PRO V 14 76.52 63.69 -26.63
C PRO V 14 75.82 63.41 -27.94
N GLY V 15 74.53 63.06 -27.83
CA GLY V 15 73.73 62.67 -28.96
C GLY V 15 73.87 61.21 -29.33
N GLY V 16 75.06 60.64 -29.13
CA GLY V 16 75.28 59.25 -29.43
C GLY V 16 74.47 58.32 -28.55
N SER V 17 74.56 57.03 -28.87
CA SER V 17 73.90 55.98 -28.11
C SER V 17 74.92 55.02 -27.51
N LEU V 18 74.57 54.47 -26.35
CA LEU V 18 75.49 53.61 -25.61
C LEU V 18 74.71 52.47 -24.97
N ARG V 19 75.31 51.29 -24.93
CA ARG V 19 74.65 50.10 -24.39
C ARG V 19 75.53 49.49 -23.31
N LEU V 20 75.02 49.45 -22.08
CA LEU V 20 75.69 48.83 -20.96
C LEU V 20 75.20 47.40 -20.80
N SER V 21 76.08 46.54 -20.28
CA SER V 21 75.72 45.14 -20.07
C SER V 21 76.22 44.67 -18.71
N CYS V 22 75.42 43.82 -18.06
CA CYS V 22 75.69 43.30 -16.73
C CYS V 22 75.72 41.78 -16.84
N ALA V 23 76.89 41.19 -16.65
CA ALA V 23 77.02 39.74 -16.74
C ALA V 23 76.81 39.14 -15.36
N ALA V 24 75.93 38.15 -15.27
CA ALA V 24 75.55 37.60 -13.98
C ALA V 24 76.01 36.15 -13.87
N SER V 25 76.39 35.76 -12.67
CA SER V 25 76.76 34.38 -12.39
C SER V 25 76.56 34.12 -10.91
N GLY V 26 76.19 32.89 -10.59
CA GLY V 26 76.05 32.48 -9.21
C GLY V 26 74.64 32.49 -8.66
N PHE V 27 73.63 32.41 -9.51
CA PHE V 27 72.24 32.28 -9.08
C PHE V 27 71.39 32.05 -10.33
N ASN V 28 70.22 31.43 -10.12
CA ASN V 28 69.28 31.30 -11.22
C ASN V 28 68.80 32.69 -11.62
N PHE V 29 69.55 33.31 -12.54
CA PHE V 29 69.26 34.68 -12.99
C PHE V 29 67.85 34.82 -13.51
N SER V 30 67.27 33.74 -14.05
CA SER V 30 65.94 33.82 -14.61
C SER V 30 64.85 34.02 -13.56
N ASN V 31 65.19 34.04 -12.27
CA ASN V 31 64.21 34.10 -11.19
C ASN V 31 64.21 35.40 -10.41
N TYR V 32 65.17 36.29 -10.63
CA TYR V 32 65.27 37.48 -9.82
C TYR V 32 65.08 38.74 -10.68
N GLY V 33 64.63 39.81 -10.03
CA GLY V 33 64.65 41.11 -10.67
C GLY V 33 66.03 41.71 -10.68
N MET V 34 66.25 42.62 -11.62
CA MET V 34 67.54 43.29 -11.77
C MET V 34 67.34 44.80 -11.83
N HIS V 35 68.36 45.54 -11.39
CA HIS V 35 68.28 47.00 -11.31
C HIS V 35 69.55 47.64 -11.84
N TRP V 36 69.40 48.87 -12.34
CA TRP V 36 70.50 49.76 -12.66
C TRP V 36 70.40 50.98 -11.75
N VAL V 37 71.48 51.31 -11.07
CA VAL V 37 71.57 52.49 -10.22
C VAL V 37 72.84 53.22 -10.55
N ARG V 38 72.72 54.49 -10.96
CA ARG V 38 73.89 55.26 -11.36
C ARG V 38 74.27 56.27 -10.29
N GLN V 39 75.51 56.76 -10.41
CA GLN V 39 76.08 57.67 -9.42
C GLN V 39 76.99 58.66 -10.13
N THR V 40 76.53 59.90 -10.24
CA THR V 40 77.37 60.96 -10.77
C THR V 40 78.56 61.18 -9.83
N PRO V 41 79.79 61.22 -10.34
CA PRO V 41 80.96 61.30 -9.46
C PRO V 41 80.87 62.44 -8.47
N GLY V 42 81.14 62.13 -7.21
CA GLY V 42 81.03 63.08 -6.13
C GLY V 42 79.61 63.33 -5.65
N LYS V 43 78.64 62.53 -6.10
CA LYS V 43 77.24 62.72 -5.76
C LYS V 43 76.66 61.40 -5.25
N GLY V 44 75.38 61.45 -4.87
CA GLY V 44 74.71 60.31 -4.29
C GLY V 44 74.31 59.26 -5.30
N LEU V 45 73.67 58.21 -4.78
CA LEU V 45 73.10 57.18 -5.62
C LEU V 45 71.78 57.67 -6.21
N GLU V 46 71.49 57.23 -7.44
CA GLU V 46 70.27 57.57 -8.16
C GLU V 46 69.77 56.34 -8.89
N TRP V 47 68.51 55.98 -8.66
CA TRP V 47 67.94 54.84 -9.36
C TRP V 47 67.68 55.21 -10.82
N VAL V 48 68.06 54.31 -11.73
CA VAL V 48 67.92 54.56 -13.16
C VAL V 48 66.69 53.82 -13.68
N ALA V 49 66.79 52.50 -13.75
CA ALA V 49 65.70 51.67 -14.22
C ALA V 49 65.85 50.28 -13.61
N SER V 50 64.78 49.50 -13.72
CA SER V 50 64.81 48.13 -13.23
C SER V 50 63.75 47.33 -13.97
N ILE V 51 63.93 46.01 -13.93
CA ILE V 51 63.16 45.09 -14.76
C ILE V 51 62.85 43.84 -13.95
N PRO V 52 61.60 43.34 -13.95
CA PRO V 52 61.30 42.13 -13.16
C PRO V 52 61.97 40.90 -13.75
N TYR V 53 61.71 39.73 -13.17
CA TYR V 53 62.45 38.52 -13.53
C TYR V 53 62.26 38.12 -14.98
N ASP V 54 61.13 38.45 -15.59
CA ASP V 54 60.81 37.92 -16.90
C ASP V 54 61.02 38.92 -18.04
N GLY V 55 61.10 40.21 -17.73
CA GLY V 55 61.12 41.23 -18.77
C GLY V 55 59.75 41.74 -19.16
N SER V 56 58.71 41.34 -18.42
CA SER V 56 57.33 41.75 -18.67
C SER V 56 57.22 43.27 -18.79
N HIS V 57 57.50 43.97 -17.70
CA HIS V 57 57.39 45.41 -17.60
C HIS V 57 58.78 46.04 -17.61
N GLN V 58 58.82 47.36 -17.38
CA GLN V 58 60.08 48.09 -17.44
C GLN V 58 59.90 49.36 -16.61
N TRP V 59 60.55 49.41 -15.44
CA TRP V 59 60.43 50.57 -14.56
C TRP V 59 61.49 51.61 -14.86
N HIS V 60 61.06 52.86 -15.00
CA HIS V 60 61.90 53.97 -15.39
C HIS V 60 61.87 55.06 -14.34
N ALA V 61 63.04 55.58 -14.01
CA ALA V 61 63.09 56.87 -13.34
C ALA V 61 62.73 57.96 -14.34
N ASP V 62 62.19 59.06 -13.84
CA ASP V 62 61.69 60.07 -14.76
C ASP V 62 62.82 60.80 -15.46
N SER V 63 63.99 60.86 -14.82
CA SER V 63 65.11 61.57 -15.42
C SER V 63 65.65 60.87 -16.66
N VAL V 64 65.32 59.60 -16.88
CA VAL V 64 65.85 58.88 -18.04
C VAL V 64 64.71 58.26 -18.83
N LYS V 65 63.47 58.68 -18.55
CA LYS V 65 62.34 58.11 -19.26
C LYS V 65 62.32 58.62 -20.69
N GLY V 66 61.93 57.75 -21.62
CA GLY V 66 61.93 58.11 -23.01
C GLY V 66 63.31 57.96 -23.64
N ARG V 67 64.36 58.22 -22.85
CA ARG V 67 65.73 58.15 -23.34
C ARG V 67 66.40 56.80 -23.08
N PHE V 68 66.12 56.18 -21.92
CA PHE V 68 66.71 54.89 -21.54
C PHE V 68 65.73 53.75 -21.76
N THR V 69 66.28 52.55 -22.01
CA THR V 69 65.48 51.32 -22.04
C THR V 69 66.30 50.17 -21.45
N ILE V 70 65.71 49.48 -20.48
CA ILE V 70 66.36 48.37 -19.77
C ILE V 70 65.75 47.05 -20.23
N SER V 71 66.62 46.06 -20.47
CA SER V 71 66.20 44.73 -20.92
C SER V 71 67.08 43.67 -20.29
N ARG V 72 66.69 42.41 -20.46
CA ARG V 72 67.46 41.29 -19.96
C ARG V 72 67.36 40.12 -20.94
N ASP V 73 68.39 39.29 -20.93
CA ASP V 73 68.43 38.05 -21.72
C ASP V 73 68.64 36.90 -20.74
N ASN V 74 67.57 36.16 -20.46
CA ASN V 74 67.67 35.10 -19.47
C ASN V 74 68.50 33.92 -19.98
N SER V 75 68.55 33.72 -21.29
CA SER V 75 69.37 32.63 -21.82
C SER V 75 70.86 32.95 -21.73
N LYS V 76 71.21 34.23 -21.63
CA LYS V 76 72.60 34.64 -21.53
C LYS V 76 73.01 35.13 -20.15
N ASN V 77 72.07 35.26 -19.21
CA ASN V 77 72.34 35.81 -17.88
C ASN V 77 72.96 37.21 -17.97
N THR V 78 72.29 38.09 -18.72
CA THR V 78 72.81 39.43 -18.98
C THR V 78 71.71 40.48 -18.85
N LEU V 79 72.00 41.54 -18.10
CA LEU V 79 71.13 42.70 -17.96
C LEU V 79 71.69 43.85 -18.78
N TYR V 80 70.81 44.55 -19.50
CA TYR V 80 71.24 45.59 -20.43
C TYR V 80 70.67 46.95 -20.05
N LEU V 81 71.43 48.00 -20.31
CA LEU V 81 70.94 49.36 -20.16
C LEU V 81 71.29 50.13 -21.43
N GLN V 82 70.27 50.48 -22.22
CA GLN V 82 70.46 51.21 -23.47
C GLN V 82 70.27 52.69 -23.20
N ILE V 83 71.26 53.49 -23.55
CA ILE V 83 71.19 54.93 -23.38
C ILE V 83 71.12 55.57 -24.76
N ASN V 84 70.04 56.28 -25.02
CA ASN V 84 69.84 57.00 -26.27
C ASN V 84 69.75 58.49 -25.99
N SER V 85 70.24 59.28 -26.95
CA SER V 85 70.35 60.73 -26.79
C SER V 85 71.15 61.06 -25.53
N LEU V 86 72.42 60.63 -25.55
CA LEU V 86 73.33 60.90 -24.45
C LEU V 86 73.43 62.40 -24.21
N ARG V 87 73.51 62.78 -22.94
CA ARG V 87 73.62 64.16 -22.50
C ARG V 87 74.74 64.24 -21.47
N PRO V 88 75.23 65.44 -21.17
CA PRO V 88 76.23 65.58 -20.10
C PRO V 88 75.74 65.06 -18.76
N GLU V 89 74.42 65.03 -18.55
CA GLU V 89 73.85 64.55 -17.31
C GLU V 89 74.07 63.06 -17.12
N ASP V 90 74.24 62.30 -18.20
CA ASP V 90 74.48 60.87 -18.12
C ASP V 90 75.88 60.53 -17.66
N THR V 91 76.73 61.53 -17.44
CA THR V 91 78.06 61.29 -16.91
C THR V 91 77.94 60.79 -15.47
N ALA V 92 78.22 59.50 -15.26
CA ALA V 92 78.06 58.89 -13.95
C ALA V 92 78.58 57.46 -14.03
N MET V 93 78.75 56.84 -12.88
CA MET V 93 79.00 55.41 -12.80
C MET V 93 77.69 54.64 -12.70
N TYR V 94 77.60 53.51 -13.41
CA TYR V 94 76.38 52.75 -13.55
C TYR V 94 76.57 51.38 -12.92
N TYR V 95 75.96 51.17 -11.75
CA TYR V 95 75.96 49.87 -11.08
C TYR V 95 74.73 49.06 -11.45
N CYS V 96 74.89 47.74 -11.46
CA CYS V 96 73.75 46.83 -11.57
C CYS V 96 73.68 46.00 -10.30
N SER V 97 72.47 45.79 -9.78
CA SER V 97 72.28 45.07 -8.55
C SER V 97 71.10 44.13 -8.73
N LYS V 98 71.14 43.03 -7.98
CA LYS V 98 70.25 41.88 -8.15
C LYS V 98 69.25 41.89 -7.00
N ALA V 99 67.96 42.08 -7.33
CA ALA V 99 66.92 42.02 -6.32
C ALA V 99 67.07 40.76 -5.49
N ARG V 100 67.20 40.94 -4.18
CA ARG V 100 67.40 39.81 -3.25
C ARG V 100 66.28 38.77 -3.23
N ILE V 101 65.03 39.22 -3.34
CA ILE V 101 63.90 38.32 -3.30
C ILE V 101 63.54 37.92 -4.73
N SER V 102 62.94 36.75 -4.86
CA SER V 102 62.62 36.23 -6.17
C SER V 102 61.27 36.74 -6.63
N TYR V 103 61.05 36.63 -7.95
CA TYR V 103 59.72 36.74 -8.55
C TYR V 103 59.00 38.04 -8.17
N LEU V 104 59.73 39.06 -7.77
CA LEU V 104 59.08 40.33 -7.40
C LEU V 104 58.42 40.94 -8.64
N SER V 105 57.13 41.22 -8.56
CA SER V 105 56.43 41.80 -9.71
C SER V 105 56.71 43.28 -9.88
N ALA V 106 57.47 43.89 -8.95
CA ALA V 106 57.80 45.31 -8.98
C ALA V 106 59.06 45.51 -8.17
N PRO V 107 59.87 46.51 -8.50
CA PRO V 107 61.19 46.61 -7.82
C PRO V 107 61.07 47.29 -6.48
N ALA V 108 60.53 46.55 -5.50
CA ALA V 108 60.22 47.14 -4.21
C ALA V 108 61.21 46.80 -3.11
N TRP V 109 61.82 45.62 -3.14
CA TRP V 109 62.63 45.20 -2.01
C TRP V 109 64.11 45.45 -2.30
N TRP V 110 64.93 45.31 -1.26
CA TRP V 110 66.32 45.74 -1.32
C TRP V 110 67.13 44.94 -2.35
N PHE V 111 68.15 45.58 -2.92
CA PHE V 111 69.00 44.95 -3.93
C PHE V 111 70.38 44.64 -3.37
N ASP V 112 70.71 43.36 -3.27
CA ASP V 112 72.11 43.01 -3.06
C ASP V 112 72.43 41.77 -3.87
N PRO V 113 73.68 41.59 -4.28
CA PRO V 113 74.84 42.46 -4.09
C PRO V 113 74.99 43.40 -5.28
N TRP V 114 75.82 44.44 -5.16
CA TRP V 114 76.02 45.41 -6.23
C TRP V 114 77.31 45.08 -6.95
N GLY V 115 77.27 45.10 -8.28
CA GLY V 115 78.49 44.94 -9.04
C GLY V 115 79.41 46.13 -8.89
N GLN V 116 80.67 45.95 -9.26
CA GLN V 116 81.64 47.03 -9.09
C GLN V 116 81.32 48.23 -9.97
N GLY V 117 80.64 47.99 -11.10
CA GLY V 117 80.08 49.05 -11.91
C GLY V 117 80.97 49.47 -13.07
N THR V 118 80.36 50.27 -13.96
CA THR V 118 81.03 50.86 -15.10
C THR V 118 80.81 52.37 -15.11
N LEU V 119 81.77 53.11 -15.69
CA LEU V 119 81.74 54.56 -15.72
C LEU V 119 81.45 55.05 -17.13
N VAL V 120 80.40 55.86 -17.29
CA VAL V 120 80.00 56.46 -18.55
C VAL V 120 80.21 57.96 -18.45
N THR V 121 81.07 58.52 -19.33
CA THR V 121 81.36 59.95 -19.35
C THR V 121 81.22 60.46 -20.78
N VAL V 122 80.42 61.51 -20.97
CA VAL V 122 80.19 62.10 -22.28
C VAL V 122 80.73 63.52 -22.30
N SER V 123 81.30 63.92 -23.44
CA SER V 123 81.80 65.28 -23.60
C SER V 123 82.08 65.52 -25.07
N SER V 124 82.18 66.81 -25.42
CA SER V 124 82.65 67.25 -26.73
C SER V 124 84.19 67.26 -26.72
N ALA V 125 84.73 66.06 -26.60
CA ALA V 125 86.14 65.86 -26.28
C ALA V 125 87.06 66.28 -27.44
N SER V 126 88.17 66.92 -27.09
CA SER V 126 89.33 67.09 -27.96
C SER V 126 90.50 67.54 -27.11
N THR V 127 91.69 67.03 -27.43
CA THR V 127 92.85 67.34 -26.59
C THR V 127 93.16 68.83 -26.71
N LYS V 128 93.49 69.45 -25.57
CA LYS V 128 93.65 70.89 -25.52
C LYS V 128 94.77 71.29 -24.58
N GLY V 129 95.55 72.28 -24.99
CA GLY V 129 96.53 72.86 -24.13
C GLY V 129 95.88 73.78 -23.12
N PRO V 130 96.42 73.83 -21.90
CA PRO V 130 95.88 74.71 -20.87
C PRO V 130 96.53 76.09 -20.82
N SER V 131 95.69 77.11 -20.62
CA SER V 131 96.18 78.46 -20.45
C SER V 131 96.62 78.67 -19.01
N VAL V 132 97.83 79.20 -18.83
CA VAL V 132 98.44 79.34 -17.52
C VAL V 132 98.49 80.82 -17.17
N PHE V 133 97.83 81.19 -16.09
CA PHE V 133 97.77 82.56 -15.59
C PHE V 133 98.43 82.64 -14.22
N PRO V 134 99.17 83.71 -13.96
CA PRO V 134 99.85 83.82 -12.67
C PRO V 134 98.87 84.26 -11.58
N LEU V 135 98.84 83.52 -10.48
CA LEU V 135 98.05 83.89 -9.32
C LEU V 135 98.95 84.73 -8.43
N ALA V 136 98.97 86.04 -8.71
CA ALA V 136 99.90 86.93 -8.03
C ALA V 136 99.54 87.07 -6.56
N PRO V 137 100.53 87.30 -5.69
CA PRO V 137 100.24 87.49 -4.27
C PRO V 137 99.65 88.87 -4.00
N SER V 138 98.98 88.97 -2.85
CA SER V 138 98.32 90.21 -2.46
C SER V 138 99.32 91.32 -2.10
N SER V 143 105.40 92.44 5.21
CA SER V 143 106.36 91.34 5.34
C SER V 143 106.44 90.87 6.80
N GLY V 144 107.02 89.69 7.01
CA GLY V 144 107.14 89.07 8.32
C GLY V 144 106.30 87.83 8.50
N GLY V 145 105.16 87.74 7.82
CA GLY V 145 104.24 86.63 7.99
C GLY V 145 104.25 85.61 6.87
N THR V 146 103.08 85.40 6.25
CA THR V 146 102.93 84.39 5.21
C THR V 146 102.26 85.00 3.99
N ALA V 147 102.72 84.60 2.81
CA ALA V 147 102.13 85.02 1.55
C ALA V 147 101.98 83.81 0.64
N ALA V 148 100.92 83.82 -0.16
CA ALA V 148 100.64 82.71 -1.06
C ALA V 148 100.53 83.19 -2.49
N LEU V 149 100.90 82.30 -3.41
CA LEU V 149 100.89 82.59 -4.84
C LEU V 149 100.89 81.27 -5.58
N GLY V 150 100.53 81.32 -6.85
CA GLY V 150 100.47 80.10 -7.62
C GLY V 150 100.15 80.33 -9.07
N CYS V 151 99.68 79.27 -9.71
CA CYS V 151 99.39 79.28 -11.13
C CYS V 151 97.96 78.81 -11.34
N LEU V 152 97.31 79.37 -12.34
CA LEU V 152 95.96 78.97 -12.72
C LEU V 152 96.04 78.28 -14.08
N VAL V 153 95.68 77.00 -14.11
CA VAL V 153 95.80 76.20 -15.32
C VAL V 153 94.42 75.95 -15.88
N LYS V 154 94.01 76.80 -16.82
CA LYS V 154 92.63 76.89 -17.28
C LYS V 154 92.39 76.04 -18.53
N ASP V 155 91.21 75.40 -18.57
CA ASP V 155 90.58 74.95 -19.81
C ASP V 155 91.46 74.01 -20.63
N TYR V 156 91.82 72.87 -20.03
CA TYR V 156 92.46 71.78 -20.73
C TYR V 156 91.57 70.54 -20.76
N PHE V 157 92.00 69.58 -21.55
CA PHE V 157 91.30 68.32 -21.76
C PHE V 157 92.24 67.46 -22.59
N PRO V 158 92.42 66.18 -22.26
CA PRO V 158 91.90 65.52 -21.05
C PRO V 158 92.81 65.65 -19.84
N GLU V 159 92.56 64.83 -18.83
CA GLU V 159 93.40 64.74 -17.65
C GLU V 159 94.68 63.99 -17.99
N PRO V 160 95.77 64.23 -17.25
CA PRO V 160 95.93 65.21 -16.18
C PRO V 160 97.04 66.20 -16.46
N VAL V 161 97.13 67.25 -15.65
CA VAL V 161 98.28 68.14 -15.65
C VAL V 161 99.11 67.85 -14.42
N THR V 162 100.40 68.15 -14.51
CA THR V 162 101.32 68.04 -13.39
C THR V 162 101.99 69.40 -13.21
N VAL V 163 102.01 69.90 -11.98
CA VAL V 163 102.52 71.22 -11.69
C VAL V 163 103.70 71.08 -10.73
N SER V 164 104.81 71.71 -11.07
CA SER V 164 105.97 71.79 -10.20
C SER V 164 106.50 73.22 -10.18
N TRP V 165 107.27 73.54 -9.14
CA TRP V 165 107.86 74.86 -9.00
C TRP V 165 109.38 74.75 -9.01
N ASN V 166 110.01 75.56 -9.87
CA ASN V 166 111.45 75.54 -10.08
C ASN V 166 111.93 74.14 -10.46
N SER V 167 111.13 73.47 -11.31
CA SER V 167 111.43 72.12 -11.79
C SER V 167 111.60 71.13 -10.63
N GLY V 168 110.79 71.30 -9.59
CA GLY V 168 110.86 70.42 -8.45
C GLY V 168 111.82 70.85 -7.37
N ALA V 169 112.51 71.99 -7.54
CA ALA V 169 113.43 72.47 -6.52
C ALA V 169 112.71 73.12 -5.36
N LEU V 170 111.39 73.28 -5.46
CA LEU V 170 110.54 73.81 -4.40
C LEU V 170 109.48 72.76 -4.11
N THR V 171 109.39 72.33 -2.85
CA THR V 171 108.39 71.33 -2.47
C THR V 171 107.68 71.76 -1.20
N SER V 172 108.38 72.50 -0.33
CA SER V 172 107.78 72.99 0.89
C SER V 172 106.76 74.08 0.60
N GLY V 173 105.54 73.92 1.13
CA GLY V 173 104.45 74.83 0.86
C GLY V 173 103.73 74.63 -0.46
N VAL V 174 104.14 73.64 -1.26
CA VAL V 174 103.56 73.41 -2.58
C VAL V 174 102.30 72.56 -2.44
N HIS V 175 101.24 72.95 -3.14
CA HIS V 175 99.96 72.28 -3.03
C HIS V 175 99.22 72.40 -4.36
N THR V 176 98.97 71.26 -5.01
CA THR V 176 98.19 71.24 -6.24
C THR V 176 96.78 70.77 -5.91
N PHE V 177 95.79 71.45 -6.48
CA PHE V 177 94.40 71.18 -6.17
C PHE V 177 93.78 70.34 -7.28
N PRO V 178 92.67 69.66 -7.00
CA PRO V 178 91.98 68.90 -8.07
C PRO V 178 91.38 69.84 -9.11
N ALA V 179 91.19 69.30 -10.31
CA ALA V 179 90.62 70.05 -11.42
C ALA V 179 89.10 69.96 -11.44
N VAL V 180 88.45 71.10 -11.74
CA VAL V 180 87.01 71.16 -11.97
C VAL V 180 86.74 70.81 -13.43
N LEU V 181 85.60 70.16 -13.68
CA LEU V 181 85.11 69.96 -15.04
C LEU V 181 84.07 71.05 -15.29
N GLN V 182 84.52 72.16 -15.90
CA GLN V 182 83.67 73.30 -16.18
C GLN V 182 82.52 72.94 -17.12
N SER V 183 81.53 73.83 -17.18
CA SER V 183 80.34 73.59 -18.01
C SER V 183 80.70 73.45 -19.48
N SER V 184 81.90 73.88 -19.87
CA SER V 184 82.35 73.73 -21.25
C SER V 184 82.82 72.31 -21.54
N GLY V 185 83.05 71.50 -20.51
CA GLY V 185 83.63 70.20 -20.70
C GLY V 185 85.14 70.14 -20.59
N LEU V 186 85.80 71.27 -20.37
CA LEU V 186 87.24 71.34 -20.24
C LEU V 186 87.62 71.43 -18.77
N TYR V 187 88.72 70.76 -18.39
CA TYR V 187 89.14 70.77 -17.00
C TYR V 187 89.90 72.05 -16.68
N SER V 188 89.94 72.40 -15.39
CA SER V 188 90.58 73.62 -14.95
C SER V 188 91.10 73.42 -13.53
N LEU V 189 92.39 73.69 -13.35
CA LEU V 189 93.09 73.38 -12.11
C LEU V 189 93.92 74.59 -11.71
N SER V 190 93.99 74.85 -10.41
CA SER V 190 94.95 75.82 -9.88
C SER V 190 95.86 75.09 -8.90
N SER V 191 97.01 75.70 -8.65
CA SER V 191 98.03 75.08 -7.81
C SER V 191 98.92 76.17 -7.27
N VAL V 192 98.99 76.30 -5.94
CA VAL V 192 99.65 77.43 -5.31
C VAL V 192 100.77 76.94 -4.41
N VAL V 193 101.54 77.89 -3.90
CA VAL V 193 102.62 77.62 -2.98
C VAL V 193 102.77 78.79 -2.01
N THR V 194 102.66 78.49 -0.72
CA THR V 194 102.88 79.50 0.30
C THR V 194 104.36 79.51 0.66
N VAL V 195 104.86 80.69 0.95
CA VAL V 195 106.26 80.88 1.34
C VAL V 195 106.26 82.02 2.35
N PRO V 196 107.36 82.22 3.04
CA PRO V 196 107.42 83.26 4.06
C PRO V 196 107.25 84.59 3.37
N SER V 197 106.71 85.58 4.07
CA SER V 197 106.37 86.83 3.42
C SER V 197 107.65 87.37 2.84
N SER V 198 108.73 87.23 3.58
CA SER V 198 110.01 87.66 3.09
C SER V 198 110.44 86.76 1.96
N SER V 199 111.34 87.27 1.12
CA SER V 199 112.02 86.47 0.11
C SER V 199 111.22 86.35 -1.18
N LEU V 200 110.05 86.97 -1.19
CA LEU V 200 109.29 87.05 -2.42
C LEU V 200 110.12 87.87 -3.39
N GLY V 201 110.72 88.94 -2.90
CA GLY V 201 111.63 89.72 -3.71
C GLY V 201 112.80 88.87 -4.08
N THR V 202 113.25 88.08 -3.11
CA THR V 202 114.48 87.29 -3.23
C THR V 202 114.45 86.23 -4.32
N GLN V 203 113.33 85.55 -4.44
CA GLN V 203 113.28 84.25 -5.06
C GLN V 203 112.54 84.14 -6.38
N THR V 204 113.12 83.40 -7.32
CA THR V 204 112.51 83.19 -8.63
C THR V 204 111.51 82.03 -8.61
N TYR V 205 110.27 82.31 -8.99
CA TYR V 205 109.21 81.32 -9.02
C TYR V 205 108.83 81.03 -10.46
N ILE V 206 108.94 79.77 -10.83
CA ILE V 206 108.54 79.31 -12.15
C ILE V 206 107.77 78.02 -11.90
N CYS V 207 106.47 78.05 -12.15
CA CYS V 207 105.70 76.83 -12.11
C CYS V 207 105.78 76.16 -13.48
N ASN V 208 105.93 74.85 -13.48
CA ASN V 208 106.13 74.09 -14.71
C ASN V 208 104.92 73.18 -14.92
N VAL V 209 103.96 73.66 -15.69
CA VAL V 209 102.81 72.84 -16.04
C VAL V 209 103.21 71.94 -17.19
N ASN V 210 102.82 70.67 -17.10
CA ASN V 210 103.14 69.70 -18.14
C ASN V 210 101.90 68.85 -18.40
N HIS V 211 101.38 68.95 -19.62
CA HIS V 211 100.16 68.29 -20.05
C HIS V 211 100.52 67.30 -21.16
N LYS V 212 100.84 66.07 -20.77
CA LYS V 212 101.24 65.06 -21.75
C LYS V 212 100.18 64.78 -22.83
N PRO V 213 98.87 64.78 -22.55
CA PRO V 213 97.91 64.52 -23.64
C PRO V 213 98.02 65.45 -24.83
N SER V 214 98.34 66.72 -24.63
CA SER V 214 98.56 67.64 -25.74
C SER V 214 100.04 67.89 -26.03
N ASN V 215 100.94 67.20 -25.32
CA ASN V 215 102.39 67.40 -25.45
C ASN V 215 102.76 68.87 -25.29
N THR V 216 102.14 69.53 -24.30
CA THR V 216 102.38 70.93 -24.00
C THR V 216 103.11 71.07 -22.67
N LYS V 217 104.10 71.97 -22.63
CA LYS V 217 104.80 72.33 -21.40
C LYS V 217 104.86 73.84 -21.30
N VAL V 218 104.47 74.36 -20.13
CA VAL V 218 104.44 75.79 -19.89
C VAL V 218 105.21 76.08 -18.61
N ASP V 219 106.11 77.06 -18.68
CA ASP V 219 106.83 77.55 -17.51
C ASP V 219 106.45 79.03 -17.36
N LYS V 220 105.70 79.34 -16.31
CA LYS V 220 105.21 80.69 -16.08
C LYS V 220 105.77 81.20 -14.77
N ARG V 221 106.42 82.36 -14.81
CA ARG V 221 106.96 82.97 -13.62
C ARG V 221 105.93 83.92 -13.00
N VAL V 222 105.72 83.79 -11.71
CA VAL V 222 104.78 84.63 -10.97
C VAL V 222 105.59 85.57 -10.09
N GLU V 223 105.16 86.84 -10.05
CA GLU V 223 105.84 87.89 -9.31
C GLU V 223 104.80 88.94 -8.91
N PRO V 224 105.05 89.67 -7.81
CA PRO V 224 104.01 90.59 -7.30
C PRO V 224 103.78 91.77 -8.25
N LYS V 225 102.69 92.49 -7.97
CA LYS V 225 102.29 93.69 -8.72
C LYS V 225 102.22 93.44 -10.23
N GLY W 1 77.93 18.96 0.16
CA GLY W 1 76.57 19.33 -0.19
C GLY W 1 75.99 20.58 0.45
N SER W 2 74.68 20.55 0.68
CA SER W 2 73.90 21.70 1.11
C SER W 2 73.78 21.74 2.63
N HIS W 3 72.99 22.68 3.12
CA HIS W 3 72.60 22.76 4.52
C HIS W 3 71.17 23.26 4.59
N SER W 4 70.57 23.16 5.78
CA SER W 4 69.16 23.47 5.91
C SER W 4 68.84 23.93 7.31
N MET W 5 67.78 24.72 7.41
CA MET W 5 67.21 25.14 8.69
C MET W 5 65.70 24.93 8.64
N ARG W 6 65.16 24.38 9.73
CA ARG W 6 63.74 24.15 9.86
C ARG W 6 63.30 24.46 11.28
N TYR W 7 62.15 25.10 11.40
CA TYR W 7 61.45 25.26 12.66
C TYR W 7 60.17 24.44 12.62
N PHE W 8 59.82 23.82 13.74
CA PHE W 8 58.61 23.00 13.84
C PHE W 8 57.75 23.55 14.97
N PHE W 9 56.54 23.96 14.63
CA PHE W 9 55.59 24.51 15.61
C PHE W 9 54.40 23.56 15.72
N THR W 10 54.04 23.23 16.97
CA THR W 10 52.87 22.39 17.23
C THR W 10 52.04 23.04 18.32
N SER W 11 50.73 23.15 18.07
CA SER W 11 49.77 23.69 19.03
C SER W 11 48.62 22.70 19.15
N VAL W 12 48.37 22.21 20.36
CA VAL W 12 47.31 21.25 20.61
C VAL W 12 46.30 21.90 21.52
N SER W 13 45.07 22.05 21.03
CA SER W 13 44.06 22.72 21.83
C SER W 13 43.78 21.86 23.05
N ARG W 14 43.95 22.43 24.24
CA ARG W 14 43.66 21.72 25.46
C ARG W 14 42.20 22.01 25.80
N PRO W 15 41.32 21.03 25.74
CA PRO W 15 39.89 21.32 25.98
C PRO W 15 39.68 21.76 27.42
N GLY W 16 38.92 22.83 27.61
CA GLY W 16 38.69 23.39 28.92
C GLY W 16 39.83 24.31 29.32
N ARG W 17 40.77 24.53 28.40
CA ARG W 17 41.90 25.39 28.65
C ARG W 17 41.94 26.58 27.68
N GLY W 18 42.11 27.77 28.23
CA GLY W 18 42.14 28.99 27.42
C GLY W 18 43.29 29.02 26.43
N GLU W 19 44.46 28.55 26.86
CA GLU W 19 45.64 28.54 26.01
C GLU W 19 46.12 27.12 25.78
N PRO W 20 46.36 26.77 24.51
CA PRO W 20 46.79 25.42 24.17
C PRO W 20 48.28 25.27 24.42
N ARG W 21 48.74 24.03 24.49
CA ARG W 21 50.16 23.80 24.62
C ARG W 21 50.86 23.99 23.27
N PHE W 22 51.94 24.77 23.29
CA PHE W 22 52.70 25.19 22.11
C PHE W 22 54.14 24.79 22.28
N ILE W 23 54.70 24.14 21.27
CA ILE W 23 56.08 23.64 21.29
C ILE W 23 56.75 24.00 19.97
N ALA W 24 57.81 24.78 20.05
CA ALA W 24 58.58 25.21 18.89
C ALA W 24 60.01 24.72 19.05
N VAL W 25 60.54 24.11 17.98
CA VAL W 25 61.88 23.54 17.98
C VAL W 25 62.56 23.95 16.68
N GLY W 26 63.82 24.37 16.79
CA GLY W 26 64.62 24.77 15.65
C GLY W 26 65.80 23.82 15.47
N TYR W 27 65.98 23.39 14.23
CA TYR W 27 67.10 22.54 13.84
C TYR W 27 67.92 23.24 12.77
N VAL W 28 69.23 22.95 12.77
CA VAL W 28 70.09 23.18 11.62
C VAL W 28 70.58 21.81 11.19
N ASP W 29 70.37 21.48 9.92
CA ASP W 29 70.61 20.12 9.44
C ASP W 29 69.91 19.12 10.35
N ASP W 30 70.67 18.46 11.24
CA ASP W 30 70.13 17.49 12.18
C ASP W 30 70.54 17.81 13.62
N THR W 31 70.89 19.06 13.90
CA THR W 31 71.30 19.48 15.24
C THR W 31 70.29 20.51 15.72
N GLN W 32 69.54 20.16 16.77
CA GLN W 32 68.61 21.12 17.36
C GLN W 32 69.39 22.22 18.07
N PHE W 33 68.86 23.44 18.02
CA PHE W 33 69.54 24.57 18.65
C PHE W 33 68.65 25.52 19.46
N VAL W 34 67.33 25.50 19.29
CA VAL W 34 66.44 26.31 20.11
C VAL W 34 65.18 25.52 20.43
N ARG W 35 64.58 25.83 21.58
CA ARG W 35 63.33 25.19 21.97
C ARG W 35 62.47 26.22 22.71
N PHE W 36 61.15 26.13 22.51
CA PHE W 36 60.20 26.97 23.23
C PHE W 36 59.03 26.10 23.62
N ASP W 37 58.72 26.08 24.92
CA ASP W 37 57.64 25.27 25.47
C ASP W 37 56.65 26.18 26.15
N SER W 38 55.37 26.06 25.75
CA SER W 38 54.32 26.83 26.40
C SER W 38 54.27 26.51 27.90
N ASP W 39 54.35 25.23 28.24
CA ASP W 39 54.28 24.78 29.62
C ASP W 39 55.60 24.94 30.37
N ALA W 40 56.65 25.41 29.70
CA ALA W 40 57.90 25.67 30.38
C ALA W 40 57.77 26.90 31.27
N ALA W 41 58.47 26.87 32.41
CA ALA W 41 58.52 28.05 33.27
C ALA W 41 59.37 29.16 32.66
N SER W 42 60.20 28.84 31.65
CA SER W 42 61.08 29.83 31.05
C SER W 42 60.28 30.93 30.37
N GLN W 43 59.30 30.54 29.54
CA GLN W 43 58.48 31.47 28.74
C GLN W 43 59.34 32.30 27.77
N LYS W 44 60.49 31.76 27.39
CA LYS W 44 61.44 32.45 26.52
C LYS W 44 62.08 31.43 25.60
N MET W 45 62.38 31.86 24.38
CA MET W 45 63.06 31.00 23.43
C MET W 45 64.41 30.59 24.00
N GLU W 46 64.55 29.29 24.39
CA GLU W 46 65.76 28.82 25.09
C GLU W 46 66.81 28.31 24.11
N PRO W 47 68.09 28.43 24.46
CA PRO W 47 69.14 27.79 23.67
C PRO W 47 69.24 26.31 23.99
N ARG W 48 69.51 25.51 22.96
CA ARG W 48 69.64 24.08 23.16
C ARG W 48 70.76 23.47 22.31
N ALA W 49 71.64 24.29 21.74
CA ALA W 49 72.87 23.86 21.12
C ALA W 49 74.01 24.63 21.79
N PRO W 50 75.27 24.24 21.59
CA PRO W 50 76.36 24.99 22.21
C PRO W 50 76.70 26.30 21.54
N TRP W 51 76.32 26.49 20.27
CA TRP W 51 76.84 27.60 19.48
C TRP W 51 75.84 28.74 19.28
N ILE W 52 74.69 28.72 19.97
CA ILE W 52 73.63 29.68 19.67
C ILE W 52 73.60 30.81 20.70
N GLU W 53 74.07 30.55 21.93
CA GLU W 53 73.99 31.58 22.95
C GLU W 53 75.10 32.61 22.87
N GLN W 54 75.97 32.54 21.88
CA GLN W 54 76.83 33.67 21.60
C GLN W 54 76.06 34.85 21.01
N GLU W 55 74.83 34.62 20.53
CA GLU W 55 73.95 35.71 20.14
C GLU W 55 73.43 36.45 21.36
N GLY W 56 73.41 37.78 21.26
CA GLY W 56 73.12 38.64 22.39
C GLY W 56 71.65 38.68 22.76
N PRO W 57 71.29 39.54 23.72
CA PRO W 57 69.88 39.60 24.14
C PRO W 57 68.97 40.17 23.07
N GLU W 58 69.47 41.03 22.17
CA GLU W 58 68.65 41.46 21.05
C GLU W 58 68.10 40.27 20.28
N TYR W 59 68.86 39.17 20.22
CA TYR W 59 68.41 37.98 19.51
C TYR W 59 67.36 37.23 20.30
N TRP W 60 67.69 36.85 21.54
CA TRP W 60 66.75 36.05 22.33
C TRP W 60 65.45 36.82 22.57
N ASP W 61 65.55 38.12 22.83
CA ASP W 61 64.35 38.89 23.13
C ASP W 61 63.40 38.91 21.95
N GLN W 62 63.90 39.30 20.77
CA GLN W 62 63.05 39.34 19.58
C GLN W 62 62.54 37.94 19.24
N GLU W 63 63.40 36.93 19.39
CA GLU W 63 62.98 35.57 19.05
C GLU W 63 61.86 35.10 19.96
N THR W 64 61.90 35.48 21.23
CA THR W 64 60.80 35.12 22.12
C THR W 64 59.50 35.77 21.70
N ARG W 65 59.51 37.10 21.54
CA ARG W 65 58.34 37.79 21.01
C ARG W 65 57.89 37.12 19.71
N ASN W 66 58.80 36.73 18.86
CA ASN W 66 58.33 36.20 17.61
C ASN W 66 57.49 34.97 17.86
N MET W 67 57.94 34.09 18.73
CA MET W 67 57.16 32.91 19.04
C MET W 67 55.86 33.25 19.72
N LYS W 68 55.95 34.14 20.69
CA LYS W 68 54.82 34.42 21.57
C LYS W 68 53.76 34.92 20.65
N ALA W 69 54.26 35.56 19.61
CA ALA W 69 53.36 36.03 18.55
C ALA W 69 52.89 34.89 17.68
N HIS W 70 53.80 34.00 17.27
CA HIS W 70 53.35 32.82 16.51
C HIS W 70 52.37 31.97 17.31
N SER W 71 52.55 31.91 18.63
CA SER W 71 51.61 31.20 19.49
C SER W 71 50.24 31.87 19.52
N GLN W 72 50.21 33.20 19.64
CA GLN W 72 48.96 33.95 19.61
C GLN W 72 48.11 33.55 18.41
N THR W 73 48.74 33.50 17.23
CA THR W 73 48.02 33.19 16.00
C THR W 73 47.40 31.80 16.05
N ASP W 74 48.18 30.81 16.50
CA ASP W 74 47.66 29.45 16.58
C ASP W 74 46.46 29.37 17.52
N ARG W 75 46.47 30.19 18.57
CA ARG W 75 45.33 30.30 19.48
C ARG W 75 44.08 30.85 18.78
N ALA W 76 44.26 31.87 17.95
CA ALA W 76 43.19 32.36 17.08
C ALA W 76 42.91 31.41 15.93
N ASN W 77 43.94 30.75 15.40
CA ASN W 77 43.70 29.85 14.28
C ASN W 77 42.93 28.61 14.70
N LEU W 78 43.29 28.03 15.85
CA LEU W 78 42.57 26.85 16.31
C LEU W 78 41.08 27.12 16.46
N GLY W 79 40.71 28.35 16.83
CA GLY W 79 39.33 28.74 16.93
C GLY W 79 38.69 28.98 15.56
N THR W 80 39.45 29.60 14.65
CA THR W 80 38.95 29.81 13.31
C THR W 80 38.61 28.49 12.65
N LEU W 81 39.51 27.50 12.78
CA LEU W 81 39.29 26.17 12.23
C LEU W 81 38.19 25.41 12.96
N ARG W 82 38.02 25.68 14.26
CA ARG W 82 36.91 25.09 15.02
C ARG W 82 35.57 25.45 14.38
N GLY W 83 35.49 26.60 13.72
CA GLY W 83 34.31 26.99 12.97
C GLY W 83 34.30 26.46 11.56
N TYR W 84 35.48 26.44 10.92
CA TYR W 84 35.58 25.96 9.55
C TYR W 84 35.16 24.50 9.44
N TYR W 85 35.32 23.72 10.50
CA TYR W 85 35.07 22.29 10.44
C TYR W 85 33.87 21.85 11.26
N ASN W 86 33.11 22.79 11.84
CA ASN W 86 31.91 22.46 12.61
C ASN W 86 32.26 21.53 13.77
N GLN W 87 33.23 21.94 14.57
CA GLN W 87 33.80 21.13 15.64
C GLN W 87 33.51 21.76 17.00
N SER W 88 33.26 20.92 17.98
CA SER W 88 32.93 21.39 19.32
C SER W 88 34.19 21.67 20.12
N GLU W 89 34.03 22.43 21.20
CA GLU W 89 35.14 22.86 22.03
C GLU W 89 35.70 21.76 22.91
N ASP W 90 34.98 20.65 23.06
CA ASP W 90 35.40 19.54 23.89
C ASP W 90 36.48 18.68 23.25
N GLY W 91 36.89 18.98 22.03
CA GLY W 91 37.93 18.21 21.37
C GLY W 91 39.32 18.73 21.67
N SER W 92 40.31 17.96 21.21
CA SER W 92 41.71 18.37 21.25
C SER W 92 42.29 18.23 19.85
N HIS W 93 42.73 19.35 19.27
CA HIS W 93 43.20 19.37 17.90
C HIS W 93 44.56 20.04 17.80
N THR W 94 45.33 19.64 16.81
CA THR W 94 46.71 20.05 16.67
C THR W 94 46.88 20.87 15.41
N ILE W 95 47.64 21.95 15.51
CA ILE W 95 48.07 22.70 14.34
C ILE W 95 49.59 22.58 14.29
N GLN W 96 50.12 22.12 13.17
CA GLN W 96 51.55 21.92 13.00
C GLN W 96 52.00 22.76 11.82
N ILE W 97 52.96 23.64 12.06
CA ILE W 97 53.55 24.47 11.01
C ILE W 97 55.04 24.14 10.94
N MET W 98 55.58 24.15 9.73
CA MET W 98 57.02 23.99 9.57
C MET W 98 57.48 24.89 8.43
N TYR W 99 58.38 25.82 8.72
CA TYR W 99 58.97 26.64 7.68
C TYR W 99 60.48 26.69 7.85
N GLY W 100 61.17 26.91 6.74
CA GLY W 100 62.61 26.95 6.75
C GLY W 100 63.15 27.22 5.36
N CYS W 101 64.48 27.22 5.26
CA CYS W 101 65.17 27.58 4.03
C CYS W 101 66.39 26.70 3.85
N ASP W 102 66.83 26.58 2.60
CA ASP W 102 67.95 25.73 2.22
C ASP W 102 69.03 26.58 1.56
N VAL W 103 70.26 26.46 2.05
CA VAL W 103 71.39 27.14 1.45
C VAL W 103 72.28 26.10 0.76
N GLY W 104 73.10 26.58 -0.17
CA GLY W 104 74.05 25.73 -0.84
C GLY W 104 75.42 25.85 -0.21
N PRO W 105 76.41 25.22 -0.84
CA PRO W 105 77.78 25.29 -0.31
C PRO W 105 78.39 26.68 -0.36
N ASP W 106 77.93 27.55 -1.28
CA ASP W 106 78.46 28.89 -1.41
C ASP W 106 77.55 29.93 -0.76
N GLY W 107 76.77 29.52 0.24
CA GLY W 107 75.83 30.42 0.89
C GLY W 107 74.62 30.76 0.07
N ARG W 108 74.51 30.22 -1.15
CA ARG W 108 73.41 30.49 -2.05
C ARG W 108 72.06 30.10 -1.45
N PHE W 109 71.01 30.75 -1.92
CA PHE W 109 69.65 30.37 -1.58
C PHE W 109 69.20 29.25 -2.50
N LEU W 110 68.57 28.22 -1.92
CA LEU W 110 68.14 27.07 -2.70
C LEU W 110 66.63 26.90 -2.68
N ARG W 111 66.00 26.80 -1.52
CA ARG W 111 64.58 26.49 -1.45
C ARG W 111 63.98 27.07 -0.18
N GLY W 112 62.74 27.52 -0.28
CA GLY W 112 62.01 27.94 0.88
C GLY W 112 60.89 26.96 1.21
N TYR W 113 60.39 27.00 2.44
CA TYR W 113 59.34 26.07 2.85
C TYR W 113 58.40 26.75 3.84
N ARG W 114 57.10 26.45 3.70
CA ARG W 114 56.12 26.65 4.77
C ARG W 114 54.95 25.73 4.52
N GLN W 115 54.68 24.82 5.46
CA GLN W 115 53.60 23.86 5.37
C GLN W 115 52.83 23.85 6.69
N ASP W 116 51.51 23.87 6.60
CA ASP W 116 50.63 23.87 7.75
C ASP W 116 49.76 22.63 7.69
N ALA W 117 49.53 22.02 8.84
CA ALA W 117 48.77 20.77 8.88
C ALA W 117 47.84 20.82 10.08
N TYR W 118 46.60 20.42 9.86
CA TYR W 118 45.59 20.38 10.91
C TYR W 118 45.30 18.93 11.21
N ASP W 119 45.67 18.50 12.43
CA ASP W 119 45.41 17.13 12.87
C ASP W 119 46.03 16.10 11.94
N GLY W 120 47.32 16.25 11.68
CA GLY W 120 48.05 15.31 10.85
C GLY W 120 47.66 15.32 9.39
N LYS W 121 46.63 16.04 9.00
CA LYS W 121 46.24 16.17 7.60
C LYS W 121 46.84 17.45 7.07
N ASP W 122 47.29 17.43 5.82
CA ASP W 122 47.74 18.66 5.18
C ASP W 122 46.61 19.69 5.17
N TYR W 123 46.97 20.94 5.36
CA TYR W 123 45.98 22.01 5.33
C TYR W 123 46.27 22.95 4.16
N ILE W 124 47.23 23.84 4.37
CA ILE W 124 47.72 24.70 3.31
C ILE W 124 49.22 24.56 3.25
N ALA W 125 49.78 24.80 2.07
CA ALA W 125 51.23 24.71 1.94
C ALA W 125 51.68 25.63 0.82
N LEU W 126 52.93 26.09 0.94
CA LEU W 126 53.55 26.98 -0.02
C LEU W 126 54.32 26.17 -1.04
N ASN W 127 54.05 26.41 -2.32
CA ASN W 127 54.67 25.66 -3.41
C ASN W 127 56.15 26.01 -3.54
N GLU W 128 56.82 25.31 -4.46
CA GLU W 128 58.25 25.47 -4.68
C GLU W 128 58.59 26.88 -5.15
N ASP W 129 57.72 27.45 -5.98
CA ASP W 129 57.92 28.79 -6.50
C ASP W 129 57.92 29.79 -5.34
N LEU W 130 57.06 29.52 -4.35
CA LEU W 130 56.90 30.38 -3.18
C LEU W 130 55.93 31.53 -3.47
N ARG W 131 55.35 31.49 -4.66
CA ARG W 131 54.29 32.42 -5.03
C ARG W 131 52.90 31.81 -5.01
N SER W 132 52.78 30.48 -5.06
CA SER W 132 51.50 29.81 -5.10
C SER W 132 51.25 29.06 -3.79
N TRP W 133 50.00 29.04 -3.36
CA TRP W 133 49.58 28.19 -2.25
C TRP W 133 48.73 27.04 -2.80
N THR W 134 48.78 25.90 -2.12
CA THR W 134 47.94 24.76 -2.45
C THR W 134 47.20 24.31 -1.21
N ALA W 135 45.88 24.33 -1.30
CA ALA W 135 45.02 23.96 -0.19
C ALA W 135 44.64 22.49 -0.31
N ALA W 136 44.77 21.75 0.79
CA ALA W 136 44.44 20.32 0.76
C ALA W 136 42.93 20.12 0.62
N ASP W 137 42.16 20.68 1.55
CA ASP W 137 40.72 20.45 1.60
C ASP W 137 39.94 21.72 1.24
N MET W 138 38.63 21.70 1.53
CA MET W 138 37.78 22.86 1.31
C MET W 138 38.21 24.02 2.18
N ALA W 139 38.15 23.83 3.50
CA ALA W 139 38.38 24.91 4.46
C ALA W 139 39.65 25.69 4.12
N ALA W 140 40.74 24.97 3.81
CA ALA W 140 42.00 25.64 3.53
C ALA W 140 41.89 26.64 2.38
N GLN W 141 40.89 26.51 1.51
CA GLN W 141 40.73 27.46 0.42
C GLN W 141 40.22 28.82 0.91
N ILE W 142 39.28 28.83 1.87
CA ILE W 142 38.85 30.12 2.39
C ILE W 142 40.00 30.82 3.10
N THR W 143 40.99 30.04 3.57
CA THR W 143 42.24 30.62 4.04
C THR W 143 43.12 31.01 2.87
N LYS W 144 43.21 30.15 1.84
CA LYS W 144 44.03 30.46 0.67
C LYS W 144 43.63 31.78 0.05
N ARG W 145 42.35 31.94 -0.31
CA ARG W 145 41.93 33.19 -0.92
C ARG W 145 42.11 34.37 0.01
N LYS W 146 42.10 34.13 1.33
CA LYS W 146 42.41 35.21 2.27
C LYS W 146 43.88 35.57 2.22
N TRP W 147 44.76 34.57 2.10
CA TRP W 147 46.19 34.84 1.98
C TRP W 147 46.53 35.42 0.61
N GLU W 148 45.88 34.93 -0.44
CA GLU W 148 46.10 35.53 -1.76
C GLU W 148 45.71 37.00 -1.77
N ALA W 149 44.75 37.37 -0.92
CA ALA W 149 44.31 38.76 -0.85
C ALA W 149 45.40 39.66 -0.26
N VAL W 150 46.16 39.16 0.71
CA VAL W 150 47.09 39.98 1.46
C VAL W 150 48.54 39.83 0.98
N HIS W 151 48.77 39.18 -0.16
CA HIS W 151 50.12 38.92 -0.68
C HIS W 151 51.00 38.20 0.35
N ALA W 152 50.43 37.16 0.95
CA ALA W 152 51.22 36.28 1.82
C ALA W 152 52.26 35.51 1.01
N ALA W 153 52.02 35.30 -0.29
CA ALA W 153 53.03 34.71 -1.16
C ALA W 153 54.34 35.50 -1.08
N GLU W 154 54.28 36.80 -1.43
CA GLU W 154 55.46 37.66 -1.31
C GLU W 154 55.98 37.69 0.11
N GLN W 155 55.13 38.11 1.06
CA GLN W 155 55.65 38.42 2.39
C GLN W 155 56.19 37.19 3.12
N ARG W 156 55.75 35.99 2.77
CA ARG W 156 56.48 34.81 3.26
C ARG W 156 57.82 34.69 2.56
N ARG W 157 57.86 34.98 1.26
CA ARG W 157 59.09 34.89 0.49
C ARG W 157 60.16 35.85 1.00
N VAL W 158 59.74 36.99 1.57
CA VAL W 158 60.72 37.96 2.01
C VAL W 158 61.39 37.49 3.30
N TYR W 159 60.73 36.61 4.06
CA TYR W 159 61.40 35.94 5.17
C TYR W 159 62.34 34.85 4.66
N LEU W 160 61.85 34.01 3.74
CA LEU W 160 62.63 32.85 3.30
C LEU W 160 63.94 33.28 2.62
N GLU W 161 63.87 34.27 1.74
CA GLU W 161 65.05 34.71 1.02
C GLU W 161 65.80 35.82 1.72
N GLY W 162 65.32 36.28 2.86
CA GLY W 162 65.96 37.36 3.58
C GLY W 162 66.55 36.94 4.91
N ARG W 163 65.74 37.01 5.97
CA ARG W 163 66.23 36.80 7.33
C ARG W 163 66.43 35.33 7.66
N CYS W 164 65.64 34.44 7.05
CA CYS W 164 65.86 33.01 7.24
C CYS W 164 67.25 32.62 6.78
N VAL W 165 67.61 32.99 5.55
CA VAL W 165 68.86 32.52 4.99
C VAL W 165 70.03 33.17 5.72
N ASP W 166 69.92 34.47 6.02
CA ASP W 166 70.99 35.12 6.75
C ASP W 166 71.15 34.55 8.15
N GLY W 167 70.07 34.00 8.72
CA GLY W 167 70.19 33.29 9.99
C GLY W 167 70.94 31.98 9.84
N LEU W 168 70.51 31.15 8.89
CA LEU W 168 71.18 29.89 8.62
C LEU W 168 72.66 30.08 8.28
N ARG W 169 72.96 31.14 7.51
CA ARG W 169 74.34 31.44 7.17
C ARG W 169 75.16 31.78 8.42
N ARG W 170 74.64 32.70 9.24
CA ARG W 170 75.35 33.12 10.45
C ARG W 170 75.52 31.96 11.42
N TYR W 171 74.60 30.99 11.40
CA TYR W 171 74.71 29.84 12.29
C TYR W 171 75.82 28.90 11.84
N LEU W 172 75.86 28.58 10.54
CA LEU W 172 76.87 27.66 10.03
C LEU W 172 78.29 28.17 10.28
N GLU W 173 78.45 29.46 10.50
CA GLU W 173 79.74 30.02 10.87
C GLU W 173 79.91 30.11 12.37
N ASN W 174 78.85 30.41 13.11
CA ASN W 174 78.96 30.51 14.56
C ASN W 174 79.30 29.15 15.16
N GLY W 175 78.61 28.11 14.73
CA GLY W 175 78.95 26.77 15.15
C GLY W 175 79.67 25.99 14.08
N LYS W 176 80.71 26.58 13.50
CA LYS W 176 81.40 25.94 12.38
C LYS W 176 81.97 24.57 12.76
N GLU W 177 82.41 24.40 14.00
CA GLU W 177 82.96 23.11 14.44
C GLU W 177 81.88 22.04 14.51
N THR W 178 80.77 22.34 15.17
CA THR W 178 79.74 21.32 15.38
C THR W 178 78.99 21.02 14.09
N LEU W 179 78.70 22.05 13.29
CA LEU W 179 77.70 21.93 12.24
C LEU W 179 78.26 21.41 10.91
N GLN W 180 79.54 21.63 10.62
CA GLN W 180 80.10 21.20 9.36
C GLN W 180 80.83 19.86 9.44
N ARG W 181 80.67 19.13 10.55
CA ARG W 181 81.23 17.79 10.66
C ARG W 181 80.54 16.82 9.71
N THR W 182 81.25 15.73 9.41
CA THR W 182 80.66 14.53 8.85
C THR W 182 81.26 13.34 9.59
N ASP W 183 80.46 12.32 9.82
CA ASP W 183 80.86 11.20 10.65
C ASP W 183 80.53 9.89 9.95
N PRO W 184 81.53 9.19 9.42
CA PRO W 184 81.26 7.94 8.70
C PRO W 184 80.72 6.86 9.63
N PRO W 185 79.81 6.03 9.14
CA PRO W 185 79.22 4.99 10.00
C PRO W 185 80.24 3.92 10.36
N LYS W 186 80.25 3.53 11.64
CA LYS W 186 81.08 2.43 12.12
C LYS W 186 80.26 1.14 12.03
N THR W 187 80.66 0.24 11.13
CA THR W 187 79.84 -0.88 10.70
C THR W 187 80.35 -2.21 11.26
N HIS W 188 79.44 -3.18 11.28
CA HIS W 188 79.73 -4.56 11.66
C HIS W 188 78.49 -5.41 11.36
N MET W 189 78.68 -6.71 11.23
CA MET W 189 77.64 -7.63 10.81
C MET W 189 77.30 -8.62 11.91
N THR W 190 76.05 -9.11 11.89
CA THR W 190 75.50 -9.93 12.96
C THR W 190 74.86 -11.18 12.38
N HIS W 191 75.07 -12.32 13.05
CA HIS W 191 74.54 -13.61 12.62
C HIS W 191 73.74 -14.24 13.77
N HIS W 192 72.44 -14.39 13.57
CA HIS W 192 71.58 -15.04 14.55
C HIS W 192 70.87 -16.22 13.91
N PRO W 193 71.28 -17.45 14.20
CA PRO W 193 70.58 -18.62 13.65
C PRO W 193 69.20 -18.79 14.27
N ILE W 194 68.21 -19.03 13.42
CA ILE W 194 66.83 -19.25 13.86
C ILE W 194 66.46 -20.74 13.81
N SER W 195 66.67 -21.37 12.66
CA SER W 195 66.45 -22.80 12.48
C SER W 195 67.78 -23.45 12.15
N ASP W 196 67.74 -24.75 11.85
CA ASP W 196 68.91 -25.45 11.36
C ASP W 196 69.23 -25.13 9.91
N HIS W 197 68.41 -24.31 9.25
CA HIS W 197 68.62 -23.97 7.85
C HIS W 197 68.60 -22.48 7.55
N GLU W 198 68.10 -21.63 8.44
CA GLU W 198 68.11 -20.20 8.19
C GLU W 198 68.73 -19.46 9.36
N ALA W 199 69.16 -18.23 9.08
CA ALA W 199 69.63 -17.29 10.07
C ALA W 199 69.15 -15.90 9.67
N THR W 200 69.65 -14.88 10.37
CA THR W 200 69.39 -13.48 10.00
C THR W 200 70.72 -12.75 10.04
N LEU W 201 71.10 -12.19 8.90
CA LEU W 201 72.32 -11.38 8.80
C LEU W 201 71.93 -9.93 9.01
N ARG W 202 72.27 -9.38 10.17
CA ARG W 202 71.97 -7.99 10.50
C ARG W 202 73.21 -7.13 10.27
N CYS W 203 72.99 -5.97 9.67
CA CYS W 203 74.08 -5.08 9.27
C CYS W 203 73.95 -3.77 10.03
N TRP W 204 74.83 -3.55 11.00
CA TRP W 204 74.75 -2.37 11.85
C TRP W 204 75.57 -1.22 11.27
N ALA W 205 75.16 -0.01 11.61
CA ALA W 205 75.92 1.19 11.29
C ALA W 205 75.63 2.19 12.40
N LEU W 206 76.58 2.32 13.32
CA LEU W 206 76.46 3.22 14.46
C LEU W 206 77.34 4.44 14.26
N GLY W 207 77.06 5.47 15.06
CA GLY W 207 77.84 6.69 15.11
C GLY W 207 78.09 7.40 13.79
N PHE W 208 77.05 7.99 13.22
CA PHE W 208 77.19 8.77 12.00
C PHE W 208 76.37 10.04 12.08
N TYR W 209 76.80 11.06 11.33
CA TYR W 209 76.15 12.35 11.20
C TYR W 209 76.58 12.92 9.85
N PRO W 210 75.66 13.51 9.07
CA PRO W 210 74.23 13.74 9.34
C PRO W 210 73.43 12.44 9.29
N ALA W 211 72.12 12.49 9.54
CA ALA W 211 71.32 11.28 9.67
C ALA W 211 71.07 10.57 8.34
N GLU W 212 71.41 11.19 7.22
CA GLU W 212 71.25 10.56 5.92
C GLU W 212 72.14 9.32 5.82
N ILE W 213 71.53 8.18 5.48
CA ILE W 213 72.24 6.91 5.40
C ILE W 213 71.44 5.99 4.49
N THR W 214 72.15 5.12 3.76
CA THR W 214 71.51 4.22 2.80
C THR W 214 72.06 2.81 2.98
N LEU W 215 71.22 1.91 3.51
CA LEU W 215 71.58 0.50 3.67
C LEU W 215 70.90 -0.33 2.59
N THR W 216 71.66 -1.23 1.96
CA THR W 216 71.16 -2.06 0.87
C THR W 216 71.74 -3.46 1.02
N TRP W 217 70.87 -4.46 1.12
CA TRP W 217 71.29 -5.85 1.10
C TRP W 217 71.35 -6.35 -0.34
N GLN W 218 72.32 -7.21 -0.63
CA GLN W 218 72.52 -7.73 -1.97
C GLN W 218 72.92 -9.18 -1.93
N ARG W 219 72.21 -10.00 -2.70
CA ARG W 219 72.56 -11.40 -2.92
C ARG W 219 73.35 -11.49 -4.21
N ASP W 220 74.63 -11.86 -4.11
CA ASP W 220 75.50 -12.02 -5.27
C ASP W 220 75.58 -10.75 -6.10
N GLY W 221 75.50 -9.60 -5.44
CA GLY W 221 75.49 -8.32 -6.13
C GLY W 221 74.15 -7.89 -6.67
N GLU W 222 73.07 -8.59 -6.35
CA GLU W 222 71.74 -8.25 -6.83
C GLU W 222 70.92 -7.63 -5.70
N ASP W 223 70.25 -6.51 -6.00
CA ASP W 223 69.52 -5.77 -4.99
C ASP W 223 68.46 -6.66 -4.34
N GLN W 224 68.34 -6.54 -3.01
CA GLN W 224 67.52 -7.44 -2.19
C GLN W 224 66.54 -6.64 -1.31
N THR W 225 65.43 -6.24 -1.90
CA THR W 225 64.36 -5.60 -1.15
C THR W 225 63.33 -6.61 -0.62
N GLN W 226 63.66 -7.90 -0.62
CA GLN W 226 62.70 -8.95 -0.32
C GLN W 226 62.63 -9.27 1.17
N ASP W 227 63.42 -10.26 1.60
CA ASP W 227 63.48 -10.67 3.02
C ASP W 227 64.30 -9.71 3.88
N THR W 228 64.23 -8.41 3.60
CA THR W 228 65.02 -7.42 4.30
C THR W 228 64.14 -6.65 5.29
N GLU W 229 64.73 -6.29 6.42
CA GLU W 229 64.08 -5.47 7.43
C GLU W 229 65.00 -4.31 7.80
N LEU W 230 64.42 -3.12 7.90
CA LEU W 230 65.18 -1.89 8.04
C LEU W 230 64.52 -1.01 9.09
N VAL W 231 65.15 -0.87 10.26
CA VAL W 231 64.65 0.04 11.29
C VAL W 231 64.96 1.47 10.88
N GLU W 232 64.05 2.39 11.24
CA GLU W 232 64.30 3.79 10.97
C GLU W 232 65.46 4.29 11.82
N THR W 233 66.16 5.29 11.30
CA THR W 233 67.38 5.79 11.93
C THR W 233 67.10 6.29 13.35
N ARG W 234 67.88 5.81 14.32
CA ARG W 234 67.75 6.18 15.72
C ARG W 234 68.84 7.15 16.13
N PRO W 235 68.50 8.15 16.92
CA PRO W 235 69.52 9.04 17.49
C PRO W 235 70.12 8.42 18.75
N ALA W 236 71.44 8.41 18.84
CA ALA W 236 72.10 7.81 19.99
C ALA W 236 72.03 8.69 21.23
N GLY W 237 71.49 9.89 21.11
CA GLY W 237 71.40 10.81 22.23
C GLY W 237 72.59 11.71 22.39
N ASP W 238 73.60 11.61 21.50
CA ASP W 238 74.81 12.41 21.59
C ASP W 238 75.09 13.10 20.25
N GLY W 239 74.05 13.40 19.49
CA GLY W 239 74.24 14.02 18.20
C GLY W 239 74.56 13.08 17.07
N THR W 240 74.66 11.78 17.32
CA THR W 240 74.89 10.84 16.24
C THR W 240 73.71 9.90 16.10
N PHE W 241 73.71 9.14 15.00
CA PHE W 241 72.56 8.33 14.64
C PHE W 241 72.99 6.90 14.31
N GLN W 242 72.02 5.98 14.39
CA GLN W 242 72.23 4.56 14.14
C GLN W 242 71.12 4.01 13.26
N LYS W 243 71.41 2.95 12.52
CA LYS W 243 70.43 2.26 11.69
C LYS W 243 70.96 0.89 11.34
N TRP W 244 70.10 -0.13 11.44
CA TRP W 244 70.51 -1.49 11.09
C TRP W 244 69.51 -2.11 10.14
N ALA W 245 70.02 -2.91 9.20
CA ALA W 245 69.20 -3.63 8.23
C ALA W 245 69.53 -5.11 8.30
N ALA W 246 68.51 -5.94 8.51
CA ALA W 246 68.70 -7.38 8.63
C ALA W 246 68.11 -8.08 7.40
N VAL W 247 68.56 -9.31 7.19
CA VAL W 247 68.10 -10.13 6.07
C VAL W 247 68.08 -11.57 6.53
N VAL W 248 67.10 -12.33 6.05
CA VAL W 248 67.00 -13.75 6.34
C VAL W 248 67.81 -14.52 5.31
N VAL W 249 68.61 -15.47 5.79
CA VAL W 249 69.59 -16.14 4.95
C VAL W 249 69.43 -17.65 5.05
N PRO W 250 69.47 -18.40 3.95
CA PRO W 250 69.55 -19.86 4.04
C PRO W 250 70.95 -20.28 4.48
N SER W 251 71.00 -21.19 5.47
CA SER W 251 72.27 -21.59 6.08
C SER W 251 73.29 -22.01 5.03
N GLY W 252 74.55 -21.69 5.29
CA GLY W 252 75.62 -22.04 4.39
C GLY W 252 75.76 -21.16 3.17
N GLU W 253 75.11 -19.99 3.16
CA GLU W 253 75.20 -19.07 2.04
C GLU W 253 75.48 -17.64 2.48
N GLU W 254 75.92 -17.44 3.71
CA GLU W 254 76.18 -16.08 4.18
C GLU W 254 77.28 -15.43 3.37
N GLN W 255 78.23 -16.23 2.88
CA GLN W 255 79.28 -15.69 2.02
C GLN W 255 78.76 -15.27 0.64
N ARG W 256 77.44 -15.35 0.42
CA ARG W 256 76.81 -14.84 -0.79
C ARG W 256 76.12 -13.49 -0.61
N TYR W 257 75.81 -13.11 0.63
CA TYR W 257 75.12 -11.86 0.93
C TYR W 257 76.11 -10.74 1.25
N THR W 258 75.87 -9.56 0.65
CA THR W 258 76.73 -8.39 0.84
C THR W 258 75.88 -7.22 1.28
N CYS W 259 76.31 -6.54 2.35
CA CYS W 259 75.65 -5.33 2.85
C CYS W 259 76.39 -4.10 2.36
N HIS W 260 75.65 -3.12 1.87
CA HIS W 260 76.23 -1.92 1.24
C HIS W 260 75.79 -0.68 2.00
N VAL W 261 76.75 0.19 2.32
CA VAL W 261 76.51 1.38 3.12
C VAL W 261 76.98 2.61 2.34
N GLN W 262 76.10 3.62 2.23
CA GLN W 262 76.40 4.89 1.59
C GLN W 262 76.18 6.01 2.60
N HIS W 263 77.18 6.86 2.78
CA HIS W 263 77.06 8.01 3.67
C HIS W 263 77.80 9.20 3.09
N GLU W 264 77.38 10.41 3.50
CA GLU W 264 78.05 11.62 3.04
C GLU W 264 79.49 11.68 3.53
N GLY W 265 79.69 11.45 4.83
CA GLY W 265 81.02 11.39 5.40
C GLY W 265 81.76 10.11 5.14
N LEU W 266 81.26 9.29 4.21
CA LEU W 266 81.94 8.07 3.84
C LEU W 266 82.47 8.23 2.42
N PRO W 267 83.78 8.02 2.19
CA PRO W 267 84.34 8.30 0.86
C PRO W 267 83.84 7.36 -0.21
N LYS W 268 84.07 6.07 -0.02
CA LYS W 268 83.58 5.06 -0.94
C LYS W 268 82.58 4.17 -0.21
N PRO W 269 81.56 3.68 -0.91
CA PRO W 269 80.56 2.84 -0.24
C PRO W 269 81.19 1.62 0.41
N LEU W 270 80.63 1.22 1.54
CA LEU W 270 81.15 0.07 2.28
C LEU W 270 80.54 -1.22 1.76
N THR W 271 81.21 -2.33 2.06
CA THR W 271 80.65 -3.65 1.77
C THR W 271 81.09 -4.61 2.87
N LEU W 272 80.13 -5.33 3.44
CA LEU W 272 80.38 -6.29 4.51
C LEU W 272 79.85 -7.65 4.11
N ARG W 273 80.57 -8.70 4.48
CA ARG W 273 80.25 -10.07 4.11
C ARG W 273 80.70 -10.97 5.24
N TRP W 274 80.15 -12.17 5.29
CA TRP W 274 80.53 -13.09 6.35
C TRP W 274 81.79 -13.86 5.96
N VAL X 1 66.12 31.68 12.65
CA VAL X 1 65.40 32.89 13.01
C VAL X 1 63.95 32.79 12.58
N THR X 2 63.05 32.88 13.55
CA THR X 2 61.62 32.78 13.28
C THR X 2 61.08 34.07 12.68
N GLU X 3 59.94 33.94 12.00
CA GLU X 3 59.38 35.05 11.24
C GLU X 3 58.84 36.14 12.17
N HIS X 4 58.99 37.40 11.79
CA HIS X 4 58.55 38.48 12.68
C HIS X 4 57.06 38.45 12.95
N ASP X 5 56.25 38.32 11.92
CA ASP X 5 54.81 38.28 12.10
C ASP X 5 54.26 37.01 11.47
N THR X 6 52.95 36.77 11.68
CA THR X 6 52.32 35.53 11.30
C THR X 6 51.01 35.73 10.55
N LEU X 7 50.55 34.66 9.91
CA LEU X 7 49.32 34.62 9.13
C LEU X 7 48.30 33.78 9.88
N LEU X 8 47.07 34.28 9.98
CA LEU X 8 45.99 33.50 10.56
C LEU X 8 45.08 33.01 9.44
N TYR X 9 44.40 31.89 9.70
CA TYR X 9 43.63 31.20 8.65
C TYR X 9 42.26 31.82 8.38
N ILE Y 1 42.33 11.53 12.64
CA ILE Y 1 43.09 10.31 12.37
C ILE Y 1 44.21 10.10 13.37
N GLN Y 2 44.51 8.84 13.66
CA GLN Y 2 45.49 8.50 14.68
C GLN Y 2 46.53 7.55 14.12
N ARG Y 3 47.75 7.67 14.62
CA ARG Y 3 48.84 6.76 14.29
C ARG Y 3 49.44 6.24 15.58
N THR Y 4 49.81 4.96 15.57
CA THR Y 4 50.30 4.33 16.79
C THR Y 4 51.83 4.28 16.81
N PRO Y 5 52.45 4.47 17.96
CA PRO Y 5 53.90 4.72 18.00
C PRO Y 5 54.74 3.50 17.69
N LYS Y 6 55.80 3.71 16.91
CA LYS Y 6 56.87 2.75 16.79
C LYS Y 6 57.86 2.95 17.94
N ILE Y 7 58.37 1.85 18.49
CA ILE Y 7 59.21 1.89 19.69
C ILE Y 7 60.51 1.14 19.44
N GLN Y 8 61.64 1.79 19.73
CA GLN Y 8 62.95 1.16 19.70
C GLN Y 8 63.62 1.40 21.06
N VAL Y 9 64.15 0.35 21.67
CA VAL Y 9 64.87 0.45 22.95
C VAL Y 9 66.30 -0.03 22.70
N TYR Y 10 67.28 0.82 23.03
CA TYR Y 10 68.65 0.52 22.66
C TYR Y 10 69.62 1.31 23.54
N SER Y 11 70.89 0.90 23.50
CA SER Y 11 71.95 1.58 24.20
C SER Y 11 72.70 2.53 23.27
N ARG Y 12 73.27 3.58 23.86
CA ARG Y 12 73.98 4.60 23.08
C ARG Y 12 75.23 4.03 22.43
N HIS Y 13 76.05 3.32 23.20
CA HIS Y 13 77.21 2.58 22.72
C HIS Y 13 76.97 1.08 22.86
N PRO Y 14 77.68 0.24 22.07
CA PRO Y 14 77.59 -1.21 22.27
C PRO Y 14 77.82 -1.58 23.72
N ALA Y 15 76.85 -2.24 24.33
CA ALA Y 15 76.87 -2.46 25.77
C ALA Y 15 77.91 -3.49 26.17
N GLU Y 16 78.59 -3.22 27.28
CA GLU Y 16 79.51 -4.16 27.91
C GLU Y 16 79.28 -4.08 29.41
N ASN Y 17 79.16 -5.24 30.07
CA ASN Y 17 78.73 -5.25 31.46
C ASN Y 17 79.72 -4.52 32.35
N GLY Y 18 79.20 -3.63 33.18
CA GLY Y 18 80.03 -2.91 34.13
C GLY Y 18 80.53 -1.56 33.67
N LYS Y 19 80.30 -1.18 32.42
CA LYS Y 19 80.74 0.12 31.92
C LYS Y 19 79.54 1.04 31.73
N SER Y 20 79.70 2.30 32.13
CA SER Y 20 78.63 3.29 32.04
C SER Y 20 78.21 3.51 30.59
N ASN Y 21 76.95 3.20 30.30
CA ASN Y 21 76.33 3.46 29.01
C ASN Y 21 75.08 4.32 29.23
N PHE Y 22 74.26 4.46 28.18
CA PHE Y 22 73.03 5.25 28.26
C PHE Y 22 71.93 4.51 27.51
N LEU Y 23 70.77 4.40 28.15
CA LEU Y 23 69.65 3.64 27.63
C LEU Y 23 68.68 4.58 26.93
N ASN Y 24 68.45 4.35 25.65
CA ASN Y 24 67.58 5.19 24.82
C ASN Y 24 66.30 4.44 24.49
N CYS Y 25 65.16 5.12 24.63
CA CYS Y 25 63.88 4.65 24.11
C CYS Y 25 63.36 5.70 23.14
N TYR Y 26 63.23 5.31 21.87
CA TYR Y 26 62.92 6.24 20.80
C TYR Y 26 61.56 5.89 20.20
N VAL Y 27 60.53 6.64 20.57
CA VAL Y 27 59.18 6.46 20.05
C VAL Y 27 58.95 7.43 18.89
N SER Y 28 58.39 6.94 17.80
CA SER Y 28 58.26 7.73 16.58
C SER Y 28 57.00 7.35 15.84
N GLY Y 29 56.63 8.16 14.85
CA GLY Y 29 55.54 7.82 13.97
C GLY Y 29 54.15 7.78 14.60
N PHE Y 30 53.93 8.52 15.68
CA PHE Y 30 52.66 8.51 16.39
C PHE Y 30 51.93 9.83 16.27
N HIS Y 31 50.62 9.77 16.49
CA HIS Y 31 49.71 10.91 16.43
C HIS Y 31 48.40 10.54 17.09
N PRO Y 32 47.81 11.41 17.92
CA PRO Y 32 48.26 12.76 18.30
C PRO Y 32 49.46 12.77 19.25
N SER Y 33 49.77 13.92 19.85
CA SER Y 33 51.05 14.10 20.52
C SER Y 33 51.10 13.50 21.92
N ASP Y 34 49.99 13.45 22.64
CA ASP Y 34 50.02 12.98 24.02
C ASP Y 34 50.49 11.54 24.14
N ILE Y 35 51.67 11.34 24.75
CA ILE Y 35 52.26 10.03 24.91
C ILE Y 35 52.91 9.94 26.29
N GLU Y 36 52.87 8.74 26.87
CA GLU Y 36 53.56 8.45 28.13
C GLU Y 36 54.64 7.41 27.87
N VAL Y 37 55.87 7.69 28.30
CA VAL Y 37 57.00 6.80 28.07
C VAL Y 37 57.79 6.67 29.36
N ASP Y 38 58.09 5.43 29.75
CA ASP Y 38 58.92 5.14 30.93
C ASP Y 38 60.02 4.17 30.58
N LEU Y 39 61.11 4.24 31.35
CA LEU Y 39 62.17 3.23 31.31
C LEU Y 39 62.11 2.39 32.57
N LEU Y 40 62.36 1.09 32.42
CA LEU Y 40 62.13 0.12 33.50
C LEU Y 40 63.38 -0.73 33.71
N LYS Y 41 63.97 -0.64 34.90
CA LYS Y 41 65.06 -1.52 35.35
C LYS Y 41 64.45 -2.66 36.16
N ASN Y 42 64.22 -3.79 35.50
CA ASN Y 42 63.63 -4.97 36.14
C ASN Y 42 62.29 -4.60 36.78
N GLY Y 43 61.40 -4.09 35.93
CA GLY Y 43 60.03 -3.78 36.26
C GLY Y 43 59.80 -2.53 37.09
N GLU Y 44 60.83 -1.87 37.59
CA GLU Y 44 60.62 -0.62 38.31
C GLU Y 44 60.97 0.55 37.40
N ARG Y 45 60.26 1.66 37.63
CA ARG Y 45 60.34 2.83 36.76
C ARG Y 45 61.56 3.66 37.14
N ILE Y 46 62.50 3.83 36.20
CA ILE Y 46 63.70 4.60 36.46
C ILE Y 46 63.34 6.07 36.41
N GLU Y 47 63.71 6.81 37.46
CA GLU Y 47 63.24 8.18 37.61
C GLU Y 47 64.11 9.18 36.87
N LYS Y 48 65.43 9.05 36.94
CA LYS Y 48 66.33 10.06 36.37
C LYS Y 48 66.36 9.95 34.85
N VAL Y 49 65.22 10.25 34.21
CA VAL Y 49 65.06 10.13 32.76
C VAL Y 49 64.62 11.48 32.20
N GLU Y 50 65.29 11.92 31.14
CA GLU Y 50 64.88 13.09 30.36
C GLU Y 50 64.41 12.65 28.98
N HIS Y 51 63.84 13.59 28.23
CA HIS Y 51 63.38 13.32 26.88
C HIS Y 51 63.70 14.51 25.98
N SER Y 52 63.54 14.29 24.67
CA SER Y 52 63.76 15.34 23.68
C SER Y 52 62.51 16.23 23.59
N ASP Y 53 62.57 17.21 22.70
CA ASP Y 53 61.48 18.16 22.48
C ASP Y 53 60.59 17.73 21.32
N LEU Y 54 59.30 18.04 21.43
CA LEU Y 54 58.33 17.49 20.49
C LEU Y 54 58.60 17.99 19.07
N SER Y 55 59.17 17.14 18.23
CA SER Y 55 59.33 17.41 16.82
C SER Y 55 58.49 16.42 16.01
N PHE Y 56 58.38 16.69 14.71
CA PHE Y 56 57.64 15.81 13.84
C PHE Y 56 58.37 15.69 12.51
N SER Y 57 57.99 14.66 11.74
CA SER Y 57 58.63 14.32 10.48
C SER Y 57 57.79 14.83 9.30
N LYS Y 58 58.08 14.33 8.11
CA LYS Y 58 57.36 14.78 6.92
C LYS Y 58 55.89 14.38 6.98
N ASP Y 59 55.59 13.20 7.50
CA ASP Y 59 54.21 12.75 7.62
C ASP Y 59 53.50 13.31 8.85
N TRP Y 60 54.08 14.35 9.46
CA TRP Y 60 53.54 15.06 10.62
C TRP Y 60 53.45 14.19 11.87
N SER Y 61 53.98 12.98 11.82
CA SER Y 61 53.97 12.10 12.99
C SER Y 61 55.13 12.44 13.90
N PHE Y 62 54.85 12.58 15.19
CA PHE Y 62 55.82 13.06 16.15
C PHE Y 62 56.88 12.01 16.49
N TYR Y 63 57.94 12.44 17.18
CA TYR Y 63 58.98 11.53 17.65
C TYR Y 63 59.69 12.10 18.87
N LEU Y 64 59.96 11.24 19.84
CA LEU Y 64 60.60 11.63 21.10
C LEU Y 64 61.69 10.62 21.45
N LEU Y 65 62.66 11.07 22.24
CA LEU Y 65 63.75 10.20 22.70
C LEU Y 65 63.86 10.32 24.21
N TYR Y 66 63.64 9.21 24.92
CA TYR Y 66 63.81 9.14 26.36
C TYR Y 66 65.09 8.38 26.69
N TYR Y 67 65.92 8.96 27.55
CA TYR Y 67 67.24 8.40 27.85
C TYR Y 67 67.59 8.51 29.32
N THR Y 68 68.46 7.60 29.79
CA THR Y 68 68.96 7.56 31.16
C THR Y 68 70.36 6.95 31.16
N GLU Y 69 71.20 7.41 32.10
CA GLU Y 69 72.46 6.71 32.35
C GLU Y 69 72.17 5.36 32.98
N PHE Y 70 72.86 4.33 32.52
CA PHE Y 70 72.70 3.01 33.12
C PHE Y 70 73.97 2.20 32.92
N THR Y 71 74.26 1.33 33.88
CA THR Y 71 75.38 0.41 33.80
C THR Y 71 74.84 -1.00 33.65
N PRO Y 72 74.85 -1.58 32.46
CA PRO Y 72 74.24 -2.91 32.28
C PRO Y 72 75.06 -4.00 32.94
N THR Y 73 74.36 -4.94 33.57
CA THR Y 73 74.93 -6.17 34.07
C THR Y 73 74.41 -7.32 33.21
N GLU Y 74 74.58 -8.55 33.68
CA GLU Y 74 74.06 -9.70 32.94
C GLU Y 74 72.67 -10.12 33.38
N LYS Y 75 72.31 -9.89 34.64
CA LYS Y 75 70.99 -10.21 35.15
C LYS Y 75 69.99 -9.05 35.02
N ASP Y 76 70.46 -7.82 35.19
CA ASP Y 76 69.62 -6.65 34.95
C ASP Y 76 69.16 -6.63 33.50
N GLU Y 77 67.84 -6.68 33.31
CA GLU Y 77 67.21 -6.56 32.01
C GLU Y 77 66.28 -5.35 32.05
N TYR Y 78 66.50 -4.42 31.12
CA TYR Y 78 65.80 -3.14 31.11
C TYR Y 78 64.73 -3.13 30.03
N ALA Y 79 63.75 -2.25 30.21
CA ALA Y 79 62.64 -2.19 29.28
C ALA Y 79 62.03 -0.79 29.30
N CYS Y 80 61.23 -0.53 28.27
CA CYS Y 80 60.57 0.76 28.06
C CYS Y 80 59.09 0.51 27.79
N ARG Y 81 58.21 1.10 28.60
CA ARG Y 81 56.78 0.95 28.40
C ARG Y 81 56.17 2.27 27.92
N VAL Y 82 55.28 2.16 26.94
CA VAL Y 82 54.72 3.30 26.22
C VAL Y 82 53.21 3.16 26.22
N ASN Y 83 52.52 4.07 26.90
CA ASN Y 83 51.07 4.14 26.85
C ASN Y 83 50.68 5.25 25.88
N HIS Y 84 49.59 5.01 25.15
CA HIS Y 84 49.13 5.95 24.14
C HIS Y 84 47.61 5.86 24.04
N VAL Y 85 47.02 6.80 23.31
CA VAL Y 85 45.60 6.74 23.04
C VAL Y 85 45.30 5.58 22.08
N THR Y 86 46.20 5.32 21.13
CA THR Y 86 46.05 4.19 20.21
C THR Y 86 46.42 2.84 20.83
N LEU Y 87 46.95 2.81 22.06
CA LEU Y 87 47.31 1.57 22.75
C LEU Y 87 46.36 1.39 23.93
N SER Y 88 45.58 0.31 23.89
CA SER Y 88 44.63 0.00 24.96
C SER Y 88 45.36 -0.31 26.26
N GLN Y 89 46.38 -1.15 26.17
CA GLN Y 89 47.24 -1.42 27.31
C GLN Y 89 48.67 -0.99 26.97
N PRO Y 90 49.39 -0.44 27.93
CA PRO Y 90 50.75 0.03 27.63
C PRO Y 90 51.59 -1.12 27.08
N LYS Y 91 52.21 -0.89 25.93
CA LYS Y 91 53.22 -1.83 25.44
C LYS Y 91 54.42 -1.82 26.37
N ILE Y 92 55.11 -2.94 26.41
CA ILE Y 92 56.39 -3.06 27.09
C ILE Y 92 57.36 -3.64 26.08
N VAL Y 93 58.48 -2.97 25.85
CA VAL Y 93 59.49 -3.45 24.93
C VAL Y 93 60.78 -3.58 25.74
N LYS Y 94 61.26 -4.81 25.88
CA LYS Y 94 62.45 -5.07 26.68
C LYS Y 94 63.70 -4.81 25.87
N TRP Y 95 64.74 -4.31 26.55
CA TRP Y 95 65.98 -3.98 25.86
C TRP Y 95 66.69 -5.26 25.47
N ASP Y 96 66.85 -5.46 24.16
CA ASP Y 96 67.63 -6.59 23.67
C ASP Y 96 69.06 -6.13 23.43
N ARG Y 97 70.01 -7.02 23.70
CA ARG Y 97 71.42 -6.68 23.52
C ARG Y 97 71.79 -6.49 22.05
N ASP Y 98 70.99 -7.02 21.11
CA ASP Y 98 71.31 -6.96 19.69
C ASP Y 98 70.12 -6.48 18.87
N MET Y 99 69.45 -5.42 19.33
CA MET Y 99 68.42 -4.78 18.53
C MET Y 99 68.45 -3.26 18.79
N SER Z 2 44.11 67.50 -4.14
CA SER Z 2 44.48 68.73 -3.44
C SER Z 2 43.60 69.90 -3.90
N VAL Z 3 42.57 69.64 -4.70
CA VAL Z 3 41.73 70.70 -5.26
C VAL Z 3 40.40 70.68 -4.54
N SER Z 4 40.17 71.68 -3.68
CA SER Z 4 38.87 71.88 -3.03
C SER Z 4 38.39 73.30 -3.28
N THR Z 5 37.19 73.45 -3.84
CA THR Z 5 36.70 74.73 -4.34
C THR Z 5 35.43 75.15 -3.61
N GLN Z 6 35.40 76.38 -3.13
CA GLN Z 6 34.23 76.99 -2.51
C GLN Z 6 33.66 78.07 -3.41
N PRO Z 7 32.35 78.34 -3.33
CA PRO Z 7 31.81 79.48 -4.04
C PRO Z 7 32.43 80.76 -3.48
N PRO Z 8 32.54 81.80 -4.31
CA PRO Z 8 33.22 83.02 -3.84
C PRO Z 8 32.43 83.79 -2.81
N SER Z 9 31.11 83.93 -3.01
CA SER Z 9 30.28 84.63 -2.07
C SER Z 9 28.88 84.02 -2.08
N VAL Z 10 28.19 84.11 -0.94
CA VAL Z 10 26.81 83.69 -0.82
C VAL Z 10 26.04 84.79 -0.11
N SER Z 11 24.95 85.25 -0.73
CA SER Z 11 24.07 86.24 -0.13
C SER Z 11 22.77 85.56 0.26
N VAL Z 12 22.28 85.87 1.46
CA VAL Z 12 21.08 85.25 1.99
C VAL Z 12 20.31 86.29 2.81
N ALA Z 13 18.98 86.19 2.78
CA ALA Z 13 18.15 87.09 3.56
C ALA Z 13 18.23 86.75 5.05
N PRO Z 14 18.11 87.74 5.93
CA PRO Z 14 18.18 87.46 7.37
C PRO Z 14 17.09 86.47 7.77
N GLY Z 15 17.45 85.57 8.67
CA GLY Z 15 16.55 84.52 9.10
C GLY Z 15 16.38 83.36 8.15
N GLN Z 16 16.90 83.45 6.93
CA GLN Z 16 16.83 82.34 5.98
C GLN Z 16 17.83 81.27 6.39
N THR Z 17 18.08 80.30 5.50
CA THR Z 17 19.07 79.26 5.70
C THR Z 17 20.16 79.41 4.65
N ALA Z 18 21.39 79.67 5.10
CA ALA Z 18 22.52 79.79 4.20
C ALA Z 18 23.17 78.42 3.96
N ARG Z 19 23.87 78.29 2.83
CA ARG Z 19 24.43 77.01 2.45
C ARG Z 19 25.70 77.27 1.64
N ILE Z 20 26.84 76.86 2.20
CA ILE Z 20 28.16 77.04 1.59
C ILE Z 20 28.70 75.67 1.22
N THR Z 21 29.13 75.50 -0.02
CA THR Z 21 29.63 74.23 -0.50
C THR Z 21 31.17 74.21 -0.54
N CYS Z 22 31.73 72.99 -0.47
CA CYS Z 22 33.18 72.78 -0.54
C CYS Z 22 33.39 71.51 -1.36
N GLY Z 23 33.36 71.66 -2.68
CA GLY Z 23 33.46 70.51 -3.58
C GLY Z 23 34.88 70.04 -3.79
N GLY Z 24 35.02 68.72 -3.97
CA GLY Z 24 36.33 68.15 -4.20
C GLY Z 24 36.25 66.68 -4.58
N ASN Z 25 37.23 66.21 -5.36
CA ASN Z 25 37.22 64.84 -5.85
C ASN Z 25 37.38 63.90 -4.65
N ASN Z 26 36.35 63.12 -4.36
CA ASN Z 26 36.33 62.21 -3.21
C ASN Z 26 36.62 62.97 -1.92
N ILE Z 27 36.06 64.18 -1.81
CA ILE Z 27 36.25 64.93 -0.58
C ILE Z 27 35.43 64.31 0.55
N GLY Z 28 34.41 63.51 0.22
CA GLY Z 28 33.66 62.80 1.23
C GLY Z 28 34.46 61.77 1.99
N SER Z 29 35.53 61.26 1.39
CA SER Z 29 36.39 60.29 2.05
C SER Z 29 37.53 60.96 2.79
N LYS Z 30 37.62 62.28 2.73
CA LYS Z 30 38.54 63.06 3.55
C LYS Z 30 37.76 63.62 4.73
N SER Z 31 38.46 64.01 5.79
CA SER Z 31 37.81 64.61 6.95
C SER Z 31 37.81 66.12 6.77
N VAL Z 32 36.64 66.69 6.53
CA VAL Z 32 36.50 68.12 6.23
C VAL Z 32 36.25 68.87 7.52
N HIS Z 33 36.85 70.04 7.65
CA HIS Z 33 36.60 70.93 8.77
C HIS Z 33 36.20 72.30 8.23
N TRP Z 34 35.63 73.14 9.09
CA TRP Z 34 35.18 74.46 8.69
C TRP Z 34 35.60 75.50 9.72
N TYR Z 35 36.13 76.62 9.23
CA TYR Z 35 36.55 77.74 10.06
C TYR Z 35 35.85 79.01 9.62
N ARG Z 36 35.42 79.81 10.59
CA ARG Z 36 34.78 81.10 10.35
C ARG Z 36 35.69 82.23 10.80
N GLN Z 37 35.96 83.15 9.88
CA GLN Z 37 36.87 84.27 10.13
C GLN Z 37 36.13 85.57 9.86
N LYS Z 38 35.88 86.36 10.93
CA LYS Z 38 35.35 87.71 10.77
C LYS Z 38 36.50 88.67 10.54
N PRO Z 39 36.26 89.81 9.88
CA PRO Z 39 37.37 90.68 9.47
C PRO Z 39 38.24 91.10 10.64
N GLY Z 40 39.55 90.99 10.44
CA GLY Z 40 40.53 91.46 11.41
C GLY Z 40 40.82 90.51 12.55
N GLN Z 41 40.11 89.41 12.68
CA GLN Z 41 40.31 88.47 13.77
C GLN Z 41 40.77 87.13 13.19
N ALA Z 42 41.10 86.20 14.09
CA ALA Z 42 41.61 84.90 13.68
C ALA Z 42 40.49 83.97 13.23
N PRO Z 43 40.82 82.94 12.45
CA PRO Z 43 39.83 81.91 12.12
C PRO Z 43 39.37 81.19 13.37
N VAL Z 44 38.14 80.73 13.34
CA VAL Z 44 37.52 80.03 14.47
C VAL Z 44 36.93 78.74 13.95
N LEU Z 45 37.27 77.64 14.62
CA LEU Z 45 36.71 76.35 14.27
C LEU Z 45 35.22 76.32 14.62
N VAL Z 46 34.38 75.97 13.65
CA VAL Z 46 32.95 75.94 13.83
C VAL Z 46 32.41 74.56 13.51
N VAL Z 47 33.11 73.82 12.66
CA VAL Z 47 32.73 72.44 12.33
C VAL Z 47 33.99 71.66 12.03
N TYR Z 48 34.16 70.53 12.71
CA TYR Z 48 35.28 69.64 12.47
C TYR Z 48 34.79 68.23 12.28
N ASP Z 49 35.56 67.46 11.54
CA ASP Z 49 35.20 66.10 11.14
C ASP Z 49 33.78 66.04 10.59
N ASN Z 50 33.59 66.76 9.49
CA ASN Z 50 32.37 66.73 8.69
C ASN Z 50 31.15 67.35 9.38
N ASN Z 51 30.77 66.86 10.57
CA ASN Z 51 29.51 67.27 11.17
C ASN Z 51 29.60 67.70 12.62
N ALA Z 52 30.72 67.49 13.31
CA ALA Z 52 30.78 67.78 14.73
C ALA Z 52 30.87 69.28 14.99
N ARG Z 53 30.14 69.75 16.04
CA ARG Z 53 30.23 71.15 16.42
C ARG Z 53 31.08 71.25 17.66
N PRO Z 54 31.93 72.24 17.77
CA PRO Z 54 32.63 72.45 19.05
C PRO Z 54 31.65 72.84 20.14
N SER Z 55 32.17 73.12 21.34
CA SER Z 55 31.29 73.43 22.47
C SER Z 55 30.53 74.73 22.23
N GLY Z 56 31.27 75.81 21.94
CA GLY Z 56 30.69 77.15 21.85
C GLY Z 56 29.84 77.42 20.62
N ILE Z 57 29.91 76.56 19.60
CA ILE Z 57 29.21 76.85 18.35
C ILE Z 57 27.72 76.58 18.53
N PRO Z 58 26.84 77.48 18.11
CA PRO Z 58 25.41 77.24 18.25
C PRO Z 58 24.92 76.18 17.27
N GLU Z 59 23.82 75.53 17.64
CA GLU Z 59 23.31 74.40 16.87
C GLU Z 59 22.76 74.80 15.50
N ARG Z 60 22.57 76.10 15.26
CA ARG Z 60 22.17 76.56 13.93
C ARG Z 60 23.19 76.14 12.88
N ILE Z 61 24.47 76.24 13.22
CA ILE Z 61 25.57 75.88 12.32
C ILE Z 61 25.75 74.37 12.35
N SER Z 62 25.60 73.73 11.20
CA SER Z 62 25.78 72.29 11.12
C SER Z 62 26.66 71.94 9.93
N GLY Z 63 27.34 70.80 10.04
CA GLY Z 63 28.22 70.33 9.00
C GLY Z 63 27.61 69.18 8.23
N SER Z 64 28.30 68.82 7.14
CA SER Z 64 27.87 67.77 6.23
C SER Z 64 29.03 67.46 5.29
N ASN Z 65 29.13 66.19 4.90
CA ASN Z 65 30.14 65.77 3.94
C ASN Z 65 29.86 64.38 3.39
N PHE Z 66 29.53 64.32 2.09
CA PHE Z 66 29.16 63.06 1.46
C PHE Z 66 29.49 63.13 -0.02
N ALA Z 67 29.88 61.98 -0.58
CA ALA Z 67 30.22 61.87 -2.00
C ALA Z 67 31.35 62.82 -2.39
N ASN Z 68 31.03 63.90 -3.10
CA ASN Z 68 32.08 64.81 -3.59
C ASN Z 68 31.81 66.25 -3.21
N THR Z 69 31.08 66.48 -2.11
CA THR Z 69 30.76 67.85 -1.72
C THR Z 69 30.49 67.90 -0.22
N ALA Z 70 31.36 68.57 0.51
CA ALA Z 70 31.08 68.93 1.90
C ALA Z 70 30.27 70.22 1.91
N THR Z 71 29.36 70.33 2.90
CA THR Z 71 28.42 71.44 2.93
C THR Z 71 28.26 71.98 4.34
N LEU Z 72 28.49 73.28 4.50
CA LEU Z 72 28.25 74.02 5.73
C LEU Z 72 26.90 74.71 5.64
N THR Z 73 26.05 74.48 6.63
CA THR Z 73 24.68 74.98 6.62
C THR Z 73 24.44 75.84 7.85
N ILE Z 74 23.96 77.06 7.63
CA ILE Z 74 23.63 77.98 8.72
C ILE Z 74 22.14 78.24 8.67
N SER Z 75 21.41 77.68 9.64
CA SER Z 75 19.98 77.92 9.74
C SER Z 75 19.71 79.19 10.55
N ARG Z 76 18.64 79.88 10.19
CA ARG Z 76 18.23 81.12 10.86
C ARG Z 76 19.41 82.09 10.96
N VAL Z 77 19.76 82.64 9.79
CA VAL Z 77 20.94 83.49 9.67
C VAL Z 77 20.74 84.76 10.48
N GLU Z 78 21.75 85.09 11.31
CA GLU Z 78 21.80 86.36 12.00
C GLU Z 78 22.71 87.31 11.24
N ALA Z 79 22.67 88.59 11.61
CA ALA Z 79 23.58 89.54 11.00
C ALA Z 79 25.02 89.23 11.39
N GLY Z 80 25.23 88.73 12.61
CA GLY Z 80 26.55 88.39 13.10
C GLY Z 80 27.18 87.18 12.44
N ASP Z 81 26.46 86.55 11.51
CA ASP Z 81 27.01 85.45 10.74
C ASP Z 81 27.75 85.93 9.49
N GLU Z 82 27.82 87.24 9.28
CA GLU Z 82 28.60 87.77 8.16
C GLU Z 82 30.09 87.60 8.43
N ALA Z 83 30.74 86.79 7.61
CA ALA Z 83 32.17 86.54 7.70
C ALA Z 83 32.59 85.70 6.50
N ASP Z 84 33.89 85.41 6.41
CA ASP Z 84 34.42 84.47 5.43
C ASP Z 84 34.47 83.09 6.05
N TYR Z 85 34.21 82.06 5.23
CA TYR Z 85 34.16 80.69 5.70
C TYR Z 85 35.09 79.81 4.86
N TYR Z 86 36.01 79.12 5.53
CA TYR Z 86 36.99 78.25 4.87
C TYR Z 86 36.82 76.80 5.34
N CYS Z 87 36.80 75.85 4.38
CA CYS Z 87 36.87 74.43 4.68
C CYS Z 87 38.32 73.94 4.69
N HIS Z 88 38.52 72.79 5.33
CA HIS Z 88 39.85 72.26 5.67
C HIS Z 88 39.85 70.74 5.47
N VAL Z 89 40.75 70.24 4.60
CA VAL Z 89 40.97 68.80 4.45
C VAL Z 89 42.45 68.52 4.58
N TRP Z 90 42.78 67.23 4.65
CA TRP Z 90 44.16 66.76 4.62
C TRP Z 90 44.31 65.76 3.50
N ASP Z 91 45.08 66.11 2.48
CA ASP Z 91 45.31 65.23 1.33
C ASP Z 91 46.38 64.23 1.72
N SER Z 92 45.97 62.97 1.97
CA SER Z 92 46.92 61.94 2.34
C SER Z 92 47.99 61.77 1.28
N SER Z 93 47.59 61.79 0.00
CA SER Z 93 48.50 61.56 -1.11
C SER Z 93 49.19 62.84 -1.58
N SER Z 94 49.31 63.84 -0.70
CA SER Z 94 49.98 65.09 -1.07
C SER Z 94 50.90 65.64 0.00
N ASP Z 95 50.79 65.20 1.26
CA ASP Z 95 51.49 65.80 2.39
C ASP Z 95 51.16 67.29 2.50
N HIS Z 96 49.90 67.64 2.25
CA HIS Z 96 49.44 69.01 2.18
C HIS Z 96 48.08 69.12 2.85
N VAL Z 97 47.94 70.05 3.79
CA VAL Z 97 46.61 70.42 4.26
C VAL Z 97 46.03 71.43 3.27
N VAL Z 98 44.79 71.22 2.86
CA VAL Z 98 44.22 71.92 1.71
C VAL Z 98 43.04 72.75 2.18
N PHE Z 99 43.20 74.06 2.16
CA PHE Z 99 42.10 74.97 2.46
C PHE Z 99 41.29 75.26 1.20
N GLY Z 100 40.00 75.50 1.39
CA GLY Z 100 39.17 75.96 0.30
C GLY Z 100 39.40 77.43 -0.01
N GLY Z 101 38.81 77.86 -1.12
CA GLY Z 101 38.95 79.25 -1.54
C GLY Z 101 38.33 80.26 -0.60
N GLY Z 102 37.39 79.84 0.23
CA GLY Z 102 36.74 80.78 1.12
C GLY Z 102 35.45 81.30 0.55
N THR Z 103 34.44 81.52 1.39
CA THR Z 103 33.15 82.05 0.95
C THR Z 103 32.79 83.24 1.82
N LYS Z 104 32.59 84.39 1.18
CA LYS Z 104 32.16 85.64 1.82
C LYS Z 104 30.65 85.65 1.88
N LEU Z 105 30.10 85.27 3.04
CA LEU Z 105 28.66 85.26 3.27
C LEU Z 105 28.17 86.66 3.63
N THR Z 106 27.22 87.19 2.85
CA THR Z 106 26.60 88.47 3.13
C THR Z 106 25.14 88.23 3.49
N VAL Z 107 24.72 88.75 4.64
CA VAL Z 107 23.33 88.72 5.05
C VAL Z 107 22.78 90.12 4.81
N LEU Z 108 22.03 90.29 3.71
CA LEU Z 108 21.77 91.62 3.19
C LEU Z 108 20.81 92.41 4.06
N GLY Z 109 21.15 93.67 4.31
CA GLY Z 109 20.25 94.62 4.94
C GLY Z 109 19.67 95.61 3.95
N GLN Z 110 20.45 95.96 2.93
CA GLN Z 110 19.95 96.74 1.81
C GLN Z 110 19.33 95.82 0.77
N PRO Z 111 18.68 96.38 -0.26
CA PRO Z 111 18.44 95.60 -1.47
C PRO Z 111 19.74 95.48 -2.25
N LYS Z 112 19.71 94.80 -3.38
CA LYS Z 112 20.94 94.55 -4.12
C LYS Z 112 21.07 95.54 -5.26
N ALA Z 113 22.22 96.22 -5.31
CA ALA Z 113 22.46 97.28 -6.28
C ALA Z 113 23.67 96.92 -7.14
N ALA Z 114 23.51 97.06 -8.45
CA ALA Z 114 24.61 96.87 -9.39
C ALA Z 114 25.60 98.03 -9.26
N PRO Z 115 26.86 97.82 -9.65
CA PRO Z 115 27.88 98.82 -9.40
C PRO Z 115 27.86 99.97 -10.40
N SER Z 116 28.28 101.15 -9.94
CA SER Z 116 28.50 102.29 -10.80
C SER Z 116 29.96 102.24 -11.28
N VAL Z 117 30.14 102.11 -12.59
CA VAL Z 117 31.46 101.94 -13.19
C VAL Z 117 31.86 103.24 -13.86
N THR Z 118 33.00 103.79 -13.46
CA THR Z 118 33.54 105.02 -14.03
C THR Z 118 34.96 104.75 -14.53
N LEU Z 119 35.17 104.90 -15.84
CA LEU Z 119 36.44 104.62 -16.48
C LEU Z 119 37.08 105.92 -16.95
N PHE Z 120 38.34 106.12 -16.57
CA PHE Z 120 39.08 107.32 -16.94
C PHE Z 120 40.21 106.98 -17.90
N PRO Z 121 40.38 107.73 -18.99
CA PRO Z 121 41.52 107.48 -19.88
C PRO Z 121 42.81 108.03 -19.29
N PRO Z 122 43.97 107.63 -19.81
CA PRO Z 122 45.23 108.16 -19.27
C PRO Z 122 45.33 109.66 -19.54
N SER Z 123 45.69 110.42 -18.51
CA SER Z 123 45.77 111.86 -18.66
C SER Z 123 46.97 112.24 -19.53
N SER Z 124 46.85 113.40 -20.19
CA SER Z 124 47.96 113.92 -20.99
C SER Z 124 49.18 114.18 -20.13
N GLU Z 125 48.98 114.60 -18.88
CA GLU Z 125 50.10 114.83 -17.97
C GLU Z 125 50.88 113.54 -17.72
N GLU Z 126 50.16 112.43 -17.52
CA GLU Z 126 50.85 111.15 -17.34
C GLU Z 126 51.41 110.64 -18.66
N LEU Z 127 50.73 110.92 -19.77
CA LEU Z 127 51.26 110.52 -21.07
C LEU Z 127 52.61 111.17 -21.33
N GLN Z 128 52.74 112.46 -21.02
CA GLN Z 128 54.02 113.14 -21.10
C GLN Z 128 54.95 112.77 -19.97
N ALA Z 129 54.49 111.96 -19.01
CA ALA Z 129 55.34 111.36 -17.99
C ALA Z 129 55.78 109.94 -18.37
N ASN Z 130 55.53 109.52 -19.61
CA ASN Z 130 55.93 108.21 -20.14
C ASN Z 130 55.22 107.06 -19.44
N LYS Z 131 54.00 107.30 -18.95
CA LYS Z 131 53.18 106.24 -18.41
C LYS Z 131 51.74 106.40 -18.89
N ALA Z 132 50.97 105.34 -18.76
CA ALA Z 132 49.55 105.34 -19.11
C ALA Z 132 48.83 104.48 -18.09
N THR Z 133 47.79 105.03 -17.48
CA THR Z 133 47.05 104.35 -16.42
C THR Z 133 45.56 104.58 -16.64
N LEU Z 134 44.83 103.50 -16.91
CA LEU Z 134 43.38 103.54 -17.03
C LEU Z 134 42.78 103.34 -15.65
N VAL Z 135 41.95 104.28 -15.21
CA VAL Z 135 41.37 104.25 -13.88
C VAL Z 135 39.91 103.82 -14.01
N CYS Z 136 39.60 102.61 -13.55
CA CYS Z 136 38.24 102.10 -13.49
C CYS Z 136 37.73 102.15 -12.05
N LEU Z 137 36.71 102.95 -11.81
CA LEU Z 137 36.17 103.19 -10.48
C LEU Z 137 34.83 102.49 -10.34
N ILE Z 138 34.71 101.63 -9.33
CA ILE Z 138 33.52 100.82 -9.09
C ILE Z 138 32.96 101.20 -7.73
N SER Z 139 31.71 101.64 -7.70
CA SER Z 139 31.11 102.16 -6.49
C SER Z 139 29.62 101.84 -6.49
N ASP Z 140 29.05 101.82 -5.29
CA ASP Z 140 27.59 101.72 -5.08
C ASP Z 140 27.04 100.36 -5.51
N PHE Z 141 27.71 99.29 -5.11
CA PHE Z 141 27.22 97.94 -5.34
C PHE Z 141 27.03 97.21 -4.01
N TYR Z 142 26.21 96.16 -4.05
CA TYR Z 142 25.88 95.36 -2.87
C TYR Z 142 25.32 94.01 -3.30
N PRO Z 143 25.83 92.89 -2.77
CA PRO Z 143 26.88 92.73 -1.75
C PRO Z 143 28.28 93.02 -2.30
N GLY Z 144 29.28 93.08 -1.43
CA GLY Z 144 30.63 93.44 -1.84
C GLY Z 144 31.47 92.36 -2.48
N ALA Z 145 31.17 92.02 -3.73
CA ALA Z 145 31.94 91.01 -4.45
C ALA Z 145 31.85 91.34 -5.94
N VAL Z 146 32.97 91.78 -6.53
CA VAL Z 146 33.03 92.12 -7.94
C VAL Z 146 34.30 91.56 -8.55
N THR Z 147 34.25 91.36 -9.87
CA THR Z 147 35.40 90.87 -10.64
C THR Z 147 35.61 91.75 -11.86
N VAL Z 148 36.87 92.09 -12.13
CA VAL Z 148 37.22 93.04 -13.18
C VAL Z 148 38.03 92.31 -14.25
N ALA Z 149 37.61 92.49 -15.51
CA ALA Z 149 38.31 91.97 -16.68
C ALA Z 149 38.58 93.13 -17.63
N TRP Z 150 39.76 93.14 -18.24
CA TRP Z 150 40.15 94.20 -19.15
C TRP Z 150 40.20 93.72 -20.59
N LYS Z 151 39.60 94.52 -21.49
CA LYS Z 151 39.51 94.21 -22.91
C LYS Z 151 40.15 95.33 -23.72
N ALA Z 152 41.25 95.01 -24.40
CA ALA Z 152 41.90 95.93 -25.35
C ALA Z 152 41.50 95.45 -26.74
N ASP Z 153 40.48 96.09 -27.31
CA ASP Z 153 39.93 95.71 -28.61
C ASP Z 153 39.40 94.28 -28.59
N SER Z 154 38.44 94.05 -27.70
CA SER Z 154 37.74 92.77 -27.58
C SER Z 154 38.69 91.61 -27.29
N SER Z 155 39.89 91.89 -26.81
CA SER Z 155 40.86 90.88 -26.49
C SER Z 155 41.29 91.03 -25.04
N PRO Z 156 41.47 89.93 -24.31
CA PRO Z 156 41.77 90.03 -22.87
C PRO Z 156 43.12 90.67 -22.61
N VAL Z 157 43.23 91.29 -21.43
CA VAL Z 157 44.46 91.94 -20.97
C VAL Z 157 44.83 91.31 -19.63
N LYS Z 158 46.03 90.75 -19.53
CA LYS Z 158 46.41 90.07 -18.31
C LYS Z 158 47.20 90.95 -17.36
N ALA Z 159 48.51 91.06 -17.59
CA ALA Z 159 49.38 91.77 -16.66
C ALA Z 159 49.16 93.28 -16.75
N GLY Z 160 49.79 93.99 -15.81
CA GLY Z 160 49.60 95.42 -15.69
C GLY Z 160 48.32 95.85 -15.00
N VAL Z 161 47.52 94.90 -14.51
CA VAL Z 161 46.23 95.19 -13.90
C VAL Z 161 46.36 95.08 -12.39
N GLU Z 162 45.87 96.10 -11.69
CA GLU Z 162 45.76 96.05 -10.24
C GLU Z 162 44.32 96.38 -9.86
N THR Z 163 43.82 95.73 -8.81
CA THR Z 163 42.45 95.93 -8.36
C THR Z 163 42.39 95.86 -6.83
N THR Z 164 41.62 96.76 -6.23
CA THR Z 164 41.51 96.79 -4.78
C THR Z 164 40.58 95.68 -4.29
N THR Z 165 40.67 95.43 -2.98
CA THR Z 165 39.68 94.63 -2.29
C THR Z 165 38.47 95.51 -1.95
N PRO Z 166 37.25 95.01 -2.14
CA PRO Z 166 36.07 95.84 -1.83
C PRO Z 166 36.08 96.33 -0.39
N SER Z 167 35.47 97.50 -0.19
CA SER Z 167 35.33 98.10 1.14
C SER Z 167 34.00 98.82 1.21
N LYS Z 168 33.50 98.99 2.44
CA LYS Z 168 32.19 99.57 2.67
C LYS Z 168 32.19 101.06 2.36
N GLN Z 169 31.15 101.53 1.66
CA GLN Z 169 31.01 102.96 1.42
C GLN Z 169 30.36 103.62 2.64
N SER Z 170 29.94 104.87 2.48
CA SER Z 170 29.15 105.53 3.52
C SER Z 170 27.79 104.87 3.67
N ASN Z 171 27.08 104.68 2.56
CA ASN Z 171 25.75 104.07 2.56
C ASN Z 171 25.78 102.57 2.65
N ASN Z 172 26.90 102.01 3.11
CA ASN Z 172 27.08 100.58 3.35
C ASN Z 172 27.02 99.74 2.10
N LYS Z 173 26.91 100.36 0.92
CA LYS Z 173 27.28 99.66 -0.29
C LYS Z 173 28.80 99.54 -0.35
N TYR Z 174 29.31 98.73 -1.27
CA TYR Z 174 30.75 98.54 -1.35
C TYR Z 174 31.32 99.21 -2.59
N ALA Z 175 32.63 99.40 -2.58
CA ALA Z 175 33.29 100.05 -3.70
C ALA Z 175 34.74 99.57 -3.81
N ALA Z 176 35.27 99.58 -5.03
CA ALA Z 176 36.65 99.20 -5.29
C ALA Z 176 37.06 99.80 -6.63
N SER Z 177 38.37 99.78 -6.88
CA SER Z 177 38.96 100.39 -8.06
C SER Z 177 39.91 99.42 -8.74
N SER Z 178 40.04 99.55 -10.06
CA SER Z 178 40.92 98.71 -10.85
C SER Z 178 41.76 99.56 -11.80
N TYR Z 179 43.09 99.40 -11.71
CA TYR Z 179 44.04 100.17 -12.51
C TYR Z 179 44.71 99.26 -13.53
N LEU Z 180 44.94 99.80 -14.74
CA LEU Z 180 45.65 99.11 -15.81
C LEU Z 180 46.83 99.96 -16.26
N SER Z 181 48.04 99.56 -15.87
CA SER Z 181 49.23 100.28 -16.29
C SER Z 181 49.61 99.86 -17.71
N LEU Z 182 49.68 100.82 -18.61
CA LEU Z 182 50.07 100.60 -19.99
C LEU Z 182 51.22 101.54 -20.35
N THR Z 183 51.88 101.23 -21.46
CA THR Z 183 52.74 102.23 -22.07
C THR Z 183 51.88 103.12 -22.97
N PRO Z 184 52.28 104.38 -23.17
CA PRO Z 184 51.47 105.27 -24.02
C PRO Z 184 51.23 104.73 -25.41
N GLU Z 185 52.06 103.78 -25.87
CA GLU Z 185 51.84 103.15 -27.16
C GLU Z 185 50.64 102.22 -27.13
N GLN Z 186 50.54 101.36 -26.10
CA GLN Z 186 49.41 100.43 -26.02
C GLN Z 186 48.08 101.16 -25.89
N TRP Z 187 48.06 102.32 -25.22
CA TRP Z 187 46.83 103.10 -25.19
C TRP Z 187 46.46 103.60 -26.59
N LYS Z 188 47.47 103.83 -27.43
CA LYS Z 188 47.25 104.25 -28.82
C LYS Z 188 47.18 103.08 -29.79
N SER Z 189 47.74 101.92 -29.42
CA SER Z 189 47.75 100.78 -30.32
C SER Z 189 46.34 100.36 -30.70
N HIS Z 190 45.49 100.14 -29.70
CA HIS Z 190 44.13 99.66 -29.91
C HIS Z 190 43.15 100.82 -30.06
N ARG Z 191 42.02 100.50 -30.69
CA ARG Z 191 41.03 101.51 -31.05
C ARG Z 191 40.07 101.83 -29.90
N SER Z 192 39.87 100.90 -28.97
CA SER Z 192 39.00 101.15 -27.84
C SER Z 192 39.42 100.26 -26.67
N TYR Z 193 39.23 100.78 -25.47
CA TYR Z 193 39.43 100.02 -24.24
C TYR Z 193 38.13 99.96 -23.44
N SER Z 194 37.95 98.85 -22.73
CA SER Z 194 36.74 98.63 -21.96
C SER Z 194 37.06 97.96 -20.64
N CYS Z 195 36.42 98.43 -19.57
CA CYS Z 195 36.53 97.87 -18.24
C CYS Z 195 35.24 97.12 -17.96
N GLN Z 196 35.35 95.82 -17.70
CA GLN Z 196 34.21 94.93 -17.48
C GLN Z 196 34.16 94.52 -16.02
N VAL Z 197 33.11 94.95 -15.31
CA VAL Z 197 32.89 94.60 -13.91
C VAL Z 197 31.71 93.65 -13.83
N THR Z 198 31.90 92.52 -13.16
CA THR Z 198 30.87 91.51 -12.99
C THR Z 198 30.44 91.48 -11.52
N HIS Z 199 29.12 91.46 -11.30
CA HIS Z 199 28.58 91.49 -9.93
C HIS Z 199 27.25 90.75 -9.96
N GLU Z 200 27.18 89.61 -9.26
CA GLU Z 200 25.97 88.78 -9.22
C GLU Z 200 25.58 88.30 -10.62
N GLY Z 201 26.55 87.72 -11.32
CA GLY Z 201 26.32 87.10 -12.61
C GLY Z 201 26.27 88.04 -13.80
N SER Z 202 25.76 89.25 -13.61
CA SER Z 202 25.68 90.23 -14.69
C SER Z 202 26.95 91.07 -14.72
N THR Z 203 27.30 91.54 -15.92
CA THR Z 203 28.53 92.29 -16.15
C THR Z 203 28.20 93.70 -16.64
N VAL Z 204 28.94 94.68 -16.12
CA VAL Z 204 28.78 96.08 -16.50
C VAL Z 204 30.08 96.53 -17.16
N GLU Z 205 29.95 97.20 -18.30
CA GLU Z 205 31.08 97.51 -19.16
C GLU Z 205 31.12 99.00 -19.47
N LYS Z 206 32.33 99.51 -19.69
CA LYS Z 206 32.52 100.90 -20.08
C LYS Z 206 33.61 101.02 -21.16
N GLN AA 1 41.11 79.59 27.16
CA GLN AA 1 42.25 79.58 28.06
C GLN AA 1 43.52 79.10 27.37
N VAL AA 2 43.38 78.28 26.33
CA VAL AA 2 44.49 78.04 25.44
C VAL AA 2 44.77 79.31 24.66
N GLN AA 3 46.02 79.78 24.73
CA GLN AA 3 46.39 81.06 24.13
C GLN AA 3 47.62 80.90 23.26
N LEU AA 4 47.59 81.53 22.09
CA LEU AA 4 48.70 81.54 21.16
C LEU AA 4 49.02 82.98 20.80
N GLN AA 5 50.32 83.31 20.80
CA GLN AA 5 50.78 84.69 20.65
C GLN AA 5 51.87 84.73 19.59
N GLU AA 6 51.55 85.24 18.41
CA GLU AA 6 52.53 85.39 17.36
C GLU AA 6 53.30 86.69 17.54
N SER AA 7 54.50 86.72 16.98
CA SER AA 7 55.37 87.87 17.08
C SER AA 7 56.47 87.75 16.04
N GLY AA 8 57.34 88.74 15.99
CA GLY AA 8 58.47 88.71 15.09
C GLY AA 8 58.19 89.22 13.69
N GLY AA 9 56.92 89.36 13.32
CA GLY AA 9 56.57 89.91 12.03
C GLY AA 9 56.81 91.39 11.98
N GLY AA 10 56.55 91.96 10.81
CA GLY AA 10 56.76 93.37 10.60
C GLY AA 10 57.02 93.63 9.13
N VAL AA 11 57.93 94.57 8.86
CA VAL AA 11 58.28 94.95 7.51
C VAL AA 11 59.72 94.52 7.26
N VAL AA 12 59.92 93.70 6.22
CA VAL AA 12 61.24 93.20 5.87
C VAL AA 12 61.54 93.58 4.42
N GLN AA 13 62.78 93.32 4.01
CA GLN AA 13 63.18 93.53 2.63
C GLN AA 13 63.51 92.22 1.94
N PRO AA 14 63.28 92.12 0.63
CA PRO AA 14 63.50 90.84 -0.07
C PRO AA 14 64.94 90.33 0.09
N GLY AA 15 65.09 89.02 0.00
CA GLY AA 15 66.37 88.38 0.19
C GLY AA 15 66.73 88.12 1.63
N GLY AA 16 66.29 89.00 2.51
CA GLY AA 16 66.58 88.87 3.93
C GLY AA 16 65.96 87.63 4.56
N SER AA 17 66.30 87.44 5.82
CA SER AA 17 65.80 86.36 6.64
C SER AA 17 64.96 86.93 7.79
N LEU AA 18 63.96 86.16 8.21
CA LEU AA 18 63.02 86.60 9.24
C LEU AA 18 62.62 85.40 10.10
N ARG AA 19 62.43 85.63 11.39
CA ARG AA 19 62.10 84.57 12.33
C ARG AA 19 60.82 84.93 13.09
N LEU AA 20 59.79 84.10 12.92
CA LEU AA 20 58.54 84.23 13.65
C LEU AA 20 58.52 83.30 14.86
N SER AA 21 57.84 83.73 15.91
CA SER AA 21 57.73 82.90 17.10
C SER AA 21 56.31 82.99 17.64
N CYS AA 22 55.82 81.87 18.16
CA CYS AA 22 54.47 81.75 18.71
C CYS AA 22 54.57 81.29 20.15
N ALA AA 23 54.17 82.14 21.09
CA ALA AA 23 54.25 81.78 22.49
C ALA AA 23 52.94 81.13 22.91
N ALA AA 24 53.05 79.98 23.56
CA ALA AA 24 51.89 79.14 23.86
C ALA AA 24 51.65 79.04 25.35
N SER AA 25 50.37 78.96 25.71
CA SER AA 25 49.97 78.78 27.10
C SER AA 25 48.62 78.10 27.14
N GLY AA 26 48.42 77.29 28.17
CA GLY AA 26 47.16 76.62 28.38
C GLY AA 26 47.07 75.20 27.89
N PHE AA 27 48.21 74.51 27.74
CA PHE AA 27 48.22 73.08 27.41
C PHE AA 27 49.65 72.58 27.47
N ASN AA 28 49.78 71.27 27.70
CA ASN AA 28 51.08 70.62 27.64
C ASN AA 28 51.58 70.71 26.20
N PHE AA 29 52.28 71.80 25.91
CA PHE AA 29 52.77 72.06 24.56
C PHE AA 29 53.64 70.92 24.06
N SER AA 30 54.29 70.19 24.97
CA SER AA 30 55.20 69.12 24.59
C SER AA 30 54.49 67.91 23.98
N ASN AA 31 53.15 67.90 23.95
CA ASN AA 31 52.40 66.74 23.48
C ASN AA 31 51.63 66.97 22.20
N TYR AA 32 51.54 68.19 21.71
CA TYR AA 32 50.70 68.48 20.55
C TYR AA 32 51.51 68.96 19.37
N GLY AA 33 50.98 68.73 18.17
CA GLY AA 33 51.54 69.34 16.98
C GLY AA 33 51.13 70.79 16.84
N MET AA 34 51.93 71.55 16.10
CA MET AA 34 51.68 72.97 15.86
C MET AA 34 51.78 73.25 14.37
N HIS AA 35 51.06 74.27 13.90
CA HIS AA 35 51.01 74.58 12.47
C HIS AA 35 51.15 76.06 12.24
N TRP AA 36 51.65 76.40 11.05
CA TRP AA 36 51.67 77.77 10.55
C TRP AA 36 50.78 77.82 9.32
N VAL AA 37 49.83 78.76 9.29
CA VAL AA 37 48.95 78.97 8.16
C VAL AA 37 48.95 80.46 7.84
N ARG AA 38 49.35 80.81 6.62
CA ARG AA 38 49.46 82.21 6.23
C ARG AA 38 48.31 82.63 5.33
N GLN AA 39 48.15 83.95 5.21
CA GLN AA 39 47.05 84.53 4.45
C GLN AA 39 47.51 85.84 3.82
N THR AA 40 47.67 85.85 2.51
CA THR AA 40 47.94 87.11 1.82
C THR AA 40 46.74 88.02 1.98
N PRO AA 41 46.92 89.29 2.36
CA PRO AA 41 45.77 90.17 2.62
C PRO AA 41 44.79 90.22 1.45
N GLY AA 42 43.50 90.04 1.78
CA GLY AA 42 42.45 89.97 0.78
C GLY AA 42 42.32 88.64 0.08
N LYS AA 43 43.00 87.60 0.55
CA LYS AA 43 43.03 86.29 -0.10
C LYS AA 43 42.65 85.23 0.93
N GLY AA 44 42.67 83.96 0.49
CA GLY AA 44 42.30 82.85 1.34
C GLY AA 44 43.41 82.43 2.29
N LEU AA 45 43.10 81.42 3.10
CA LEU AA 45 44.10 80.84 3.99
C LEU AA 45 45.00 79.88 3.21
N GLU AA 46 46.27 79.80 3.63
CA GLU AA 46 47.24 78.93 2.97
C GLU AA 46 48.11 78.24 4.01
N TRP AA 47 48.19 76.91 3.94
CA TRP AA 47 49.02 76.17 4.88
C TRP AA 47 50.49 76.38 4.52
N VAL AA 48 51.31 76.63 5.56
CA VAL AA 48 52.73 76.91 5.39
C VAL AA 48 53.57 75.69 5.76
N ALA AA 49 53.64 75.40 7.05
CA ALA AA 49 54.40 74.26 7.56
C ALA AA 49 53.81 73.86 8.90
N SER AA 50 54.20 72.68 9.37
CA SER AA 50 53.75 72.17 10.64
C SER AA 50 54.77 71.15 11.16
N ILE AA 51 54.70 70.89 12.47
CA ILE AA 51 55.72 70.10 13.14
C ILE AA 51 55.08 69.23 14.23
N PRO AA 52 55.44 67.94 14.34
CA PRO AA 52 54.82 67.09 15.36
C PRO AA 52 55.22 67.45 16.79
N TYR AA 53 54.77 66.64 17.75
CA TYR AA 53 54.90 67.01 19.15
C TYR AA 53 56.34 67.13 19.61
N ASP AA 54 57.25 66.35 19.03
CA ASP AA 54 58.62 66.32 19.50
C ASP AA 54 59.59 67.08 18.59
N GLY AA 55 59.19 67.40 17.37
CA GLY AA 55 60.11 67.96 16.42
C GLY AA 55 60.85 66.94 15.58
N SER AA 56 60.44 65.67 15.65
CA SER AA 56 61.08 64.60 14.88
C SER AA 56 61.19 64.98 13.41
N HIS AA 57 60.06 65.16 12.75
CA HIS AA 57 60.01 65.52 11.34
C HIS AA 57 59.56 66.97 11.20
N GLN AA 58 59.31 67.36 9.95
CA GLN AA 58 58.99 68.74 9.64
C GLN AA 58 58.18 68.73 8.34
N TRP AA 59 56.88 69.02 8.43
CA TRP AA 59 56.02 69.01 7.24
C TRP AA 59 56.01 70.38 6.57
N HIS AA 60 56.25 70.37 5.26
CA HIS AA 60 56.42 71.57 4.46
C HIS AA 60 55.41 71.56 3.31
N ALA AA 61 54.77 72.70 3.08
CA ALA AA 61 54.11 72.91 1.81
C ALA AA 61 55.17 73.12 0.73
N ASP AA 62 54.83 72.77 -0.50
CA ASP AA 62 55.85 72.79 -1.55
C ASP AA 62 56.20 74.21 -1.99
N SER AA 63 55.27 75.15 -1.87
CA SER AA 63 55.55 76.51 -2.32
C SER AA 63 56.59 77.19 -1.44
N VAL AA 64 56.83 76.68 -0.23
CA VAL AA 64 57.76 77.32 0.69
C VAL AA 64 58.80 76.31 1.15
N LYS AA 65 58.85 75.17 0.46
CA LYS AA 65 59.80 74.13 0.84
C LYS AA 65 61.22 74.59 0.51
N GLY AA 66 62.15 74.23 1.37
CA GLY AA 66 63.54 74.62 1.20
C GLY AA 66 63.86 75.99 1.74
N ARG AA 67 62.92 76.92 1.63
CA ARG AA 67 63.14 78.29 2.10
C ARG AA 67 62.70 78.47 3.55
N PHE AA 68 61.63 77.80 3.95
CA PHE AA 68 61.16 77.88 5.32
C PHE AA 68 61.65 76.67 6.11
N THR AA 69 61.81 76.85 7.41
CA THR AA 69 62.09 75.76 8.33
C THR AA 69 61.37 76.04 9.65
N ILE AA 70 60.53 75.10 10.07
CA ILE AA 70 59.72 75.24 11.27
C ILE AA 70 60.33 74.39 12.38
N SER AA 71 60.37 74.95 13.58
CA SER AA 71 60.93 74.25 14.74
C SER AA 71 60.11 74.60 15.97
N ARG AA 72 60.38 73.88 17.05
CA ARG AA 72 59.71 74.12 18.32
C ARG AA 72 60.71 73.93 19.44
N ASP AA 73 60.47 74.64 20.54
CA ASP AA 73 61.26 74.52 21.76
C ASP AA 73 60.30 74.14 22.87
N ASN AA 74 60.29 72.87 23.25
CA ASN AA 74 59.33 72.41 24.25
C ASN AA 74 59.67 72.96 25.63
N SER AA 75 60.94 73.25 25.89
CA SER AA 75 61.28 73.82 27.18
C SER AA 75 60.83 75.27 27.30
N LYS AA 76 60.60 75.95 26.16
CA LYS AA 76 60.11 77.32 26.16
C LYS AA 76 58.65 77.45 25.71
N ASN AA 77 58.02 76.36 25.27
CA ASN AA 77 56.63 76.40 24.76
C ASN AA 77 56.50 77.44 23.66
N THR AA 78 57.37 77.34 22.66
CA THR AA 78 57.42 78.32 21.59
C THR AA 78 57.57 77.63 20.25
N LEU AA 79 56.77 78.04 19.27
CA LEU AA 79 56.85 77.55 17.91
C LEU AA 79 57.52 78.62 17.04
N TYR AA 80 58.45 78.19 16.20
CA TYR AA 80 59.25 79.10 15.39
C TYR AA 80 59.02 78.83 13.91
N LEU AA 81 59.07 79.89 13.11
CA LEU AA 81 59.04 79.79 11.66
C LEU AA 81 60.18 80.63 11.10
N GLN AA 82 61.16 79.96 10.50
CA GLN AA 82 62.31 80.62 9.89
C GLN AA 82 62.05 80.81 8.41
N ILE AA 83 62.15 82.05 7.94
CA ILE AA 83 61.97 82.38 6.53
C ILE AA 83 63.32 82.82 6.00
N ASN AA 84 63.82 82.13 4.97
CA ASN AA 84 65.08 82.49 4.35
C ASN AA 84 64.84 82.92 2.91
N SER AA 85 65.62 83.89 2.45
CA SER AA 85 65.45 84.48 1.12
C SER AA 85 64.02 84.97 0.94
N LEU AA 86 63.65 85.94 1.77
CA LEU AA 86 62.32 86.53 1.71
C LEU AA 86 62.05 87.05 0.31
N ARG AA 87 60.80 86.92 -0.11
CA ARG AA 87 60.35 87.34 -1.43
C ARG AA 87 59.13 88.22 -1.27
N PRO AA 88 58.75 88.96 -2.31
CA PRO AA 88 57.48 89.67 -2.26
C PRO AA 88 56.29 88.75 -2.07
N GLU AA 89 56.42 87.47 -2.44
CA GLU AA 89 55.30 86.55 -2.29
C GLU AA 89 54.99 86.24 -0.83
N ASP AA 90 55.99 86.33 0.04
CA ASP AA 90 55.77 86.03 1.45
C ASP AA 90 55.03 87.13 2.20
N THR AA 91 54.66 88.21 1.52
CA THR AA 91 53.88 89.27 2.16
C THR AA 91 52.50 88.73 2.48
N ALA AA 92 52.22 88.53 3.77
CA ALA AA 92 50.98 87.91 4.24
C ALA AA 92 50.98 87.94 5.76
N MET AA 93 49.81 87.68 6.33
CA MET AA 93 49.71 87.43 7.77
C MET AA 93 49.91 85.95 8.08
N TYR AA 94 50.62 85.69 9.18
CA TYR AA 94 51.05 84.35 9.54
C TYR AA 94 50.37 83.93 10.84
N TYR AA 95 49.40 83.03 10.74
CA TYR AA 95 48.74 82.50 11.92
C TYR AA 95 49.44 81.23 12.43
N CYS AA 96 49.44 81.08 13.75
CA CYS AA 96 49.96 79.89 14.42
C CYS AA 96 48.80 79.19 15.10
N SER AA 97 48.69 77.89 14.88
CA SER AA 97 47.56 77.11 15.38
C SER AA 97 48.03 75.76 15.88
N LYS AA 98 47.28 75.22 16.83
CA LYS AA 98 47.62 74.03 17.60
C LYS AA 98 46.75 72.87 17.17
N ALA AA 99 47.36 71.83 16.60
CA ALA AA 99 46.62 70.60 16.30
C ALA AA 99 45.84 70.15 17.54
N ARG AA 100 44.54 69.92 17.36
CA ARG AA 100 43.68 69.57 18.48
C ARG AA 100 44.07 68.25 19.12
N ILE AA 101 44.31 67.21 18.31
CA ILE AA 101 44.53 65.86 18.83
C ILE AA 101 45.99 65.69 19.24
N SER AA 102 46.22 64.79 20.20
CA SER AA 102 47.54 64.64 20.76
C SER AA 102 48.40 63.66 19.97
N TYR AA 103 49.71 63.76 20.20
CA TYR AA 103 50.69 62.75 19.79
C TYR AA 103 50.57 62.39 18.32
N LEU AA 104 49.97 63.25 17.51
CA LEU AA 104 49.85 62.98 16.09
C LEU AA 104 51.24 63.00 15.43
N SER AA 105 51.55 61.92 14.71
CA SER AA 105 52.83 61.85 14.03
C SER AA 105 52.85 62.63 12.72
N ALA AA 106 51.71 63.19 12.31
CA ALA AA 106 51.60 63.92 11.05
C ALA AA 106 50.42 64.88 11.16
N PRO AA 107 50.46 66.02 10.47
CA PRO AA 107 49.42 67.06 10.69
C PRO AA 107 48.16 66.83 9.88
N ALA AA 108 47.34 65.87 10.32
CA ALA AA 108 46.19 65.47 9.53
C ALA AA 108 44.86 65.99 10.05
N TRP AA 109 44.68 66.17 11.36
CA TRP AA 109 43.39 66.59 11.90
C TRP AA 109 43.34 68.10 12.10
N TRP AA 110 42.14 68.59 12.42
CA TRP AA 110 41.83 70.02 12.39
C TRP AA 110 42.65 70.82 13.39
N PHE AA 111 42.83 72.11 13.09
CA PHE AA 111 43.68 73.01 13.87
C PHE AA 111 42.78 73.88 14.72
N ASP AA 112 42.77 73.66 16.02
CA ASP AA 112 42.09 74.60 16.88
C ASP AA 112 42.89 74.70 18.17
N PRO AA 113 43.06 75.90 18.74
CA PRO AA 113 42.64 77.23 18.30
C PRO AA 113 43.71 77.97 17.50
N TRP AA 114 43.33 79.08 16.87
CA TRP AA 114 44.23 79.91 16.08
C TRP AA 114 44.62 81.17 16.85
N GLY AA 115 45.90 81.51 16.80
CA GLY AA 115 46.34 82.78 17.33
C GLY AA 115 45.93 83.93 16.43
N GLN AA 116 45.98 85.16 16.98
CA GLN AA 116 45.57 86.32 16.21
C GLN AA 116 46.52 86.57 15.03
N GLY AA 117 47.76 86.14 15.14
CA GLY AA 117 48.70 86.13 14.04
C GLY AA 117 49.61 87.34 14.01
N THR AA 118 50.62 87.26 13.14
CA THR AA 118 51.56 88.36 12.88
C THR AA 118 51.58 88.65 11.38
N LEU AA 119 51.93 89.88 11.03
CA LEU AA 119 51.92 90.35 9.65
C LEU AA 119 53.34 90.49 9.11
N VAL AA 120 53.62 89.82 7.99
CA VAL AA 120 54.89 89.89 7.31
C VAL AA 120 54.66 90.58 5.97
N THR AA 121 55.31 91.72 5.78
CA THR AA 121 55.24 92.47 4.53
C THR AA 121 56.65 92.81 4.10
N VAL AA 122 57.01 92.41 2.88
CA VAL AA 122 58.34 92.66 2.34
C VAL AA 122 58.21 93.59 1.13
N SER AA 123 59.17 94.49 0.98
CA SER AA 123 59.18 95.42 -0.14
C SER AA 123 60.56 96.08 -0.21
N SER AA 124 60.82 96.68 -1.38
CA SER AA 124 61.98 97.55 -1.59
C SER AA 124 61.63 98.92 -1.03
N ALA AA 125 61.45 98.96 0.30
CA ALA AA 125 60.81 100.09 0.94
C ALA AA 125 61.71 101.34 0.90
N SER AA 126 61.10 102.47 0.56
CA SER AA 126 61.65 103.80 0.75
C SER AA 126 60.54 104.81 0.51
N THR AA 127 60.49 105.84 1.35
CA THR AA 127 59.38 106.79 1.30
C THR AA 127 59.41 107.58 0.01
N LYS AA 128 58.22 107.86 -0.54
CA LYS AA 128 58.10 108.56 -1.81
C LYS AA 128 56.90 109.49 -1.82
N GLY AA 129 57.08 110.66 -2.40
CA GLY AA 129 55.99 111.58 -2.61
C GLY AA 129 55.14 111.10 -3.76
N PRO AA 130 53.84 111.39 -3.71
CA PRO AA 130 52.93 110.95 -4.78
C PRO AA 130 52.77 111.96 -5.92
N SER AA 131 52.78 111.43 -7.14
CA SER AA 131 52.51 112.24 -8.32
C SER AA 131 51.01 112.33 -8.53
N VAL AA 132 50.48 113.55 -8.67
CA VAL AA 132 49.05 113.78 -8.72
C VAL AA 132 48.67 114.28 -10.10
N PHE AA 133 47.80 113.53 -10.77
CA PHE AA 133 47.32 113.87 -12.10
C PHE AA 133 45.82 114.09 -12.07
N PRO AA 134 45.32 115.06 -12.82
CA PRO AA 134 43.87 115.36 -12.79
C PRO AA 134 43.08 114.37 -13.66
N LEU AA 135 42.03 113.80 -13.06
CA LEU AA 135 41.09 112.95 -13.79
C LEU AA 135 40.00 113.87 -14.33
N ALA AA 136 40.23 114.43 -15.52
CA ALA AA 136 39.35 115.45 -16.05
C ALA AA 136 37.97 114.88 -16.37
N PRO AA 137 36.92 115.69 -16.27
CA PRO AA 137 35.57 115.22 -16.60
C PRO AA 137 35.36 115.10 -18.09
N SER AA 138 34.34 114.31 -18.45
CA SER AA 138 34.02 114.10 -19.85
C SER AA 138 33.42 115.34 -20.48
N SER AA 139 33.75 115.55 -21.76
CA SER AA 139 33.22 116.68 -22.51
C SER AA 139 31.97 116.27 -23.29
N GLY AA 145 22.76 115.69 -17.02
CA GLY AA 145 22.90 114.50 -16.22
C GLY AA 145 23.96 114.60 -15.13
N THR AA 146 24.59 113.47 -14.83
CA THR AA 146 25.63 113.42 -13.80
C THR AA 146 26.99 113.71 -14.41
N ALA AA 147 27.81 114.48 -13.69
CA ALA AA 147 29.19 114.68 -14.09
C ALA AA 147 30.13 114.39 -12.92
N ALA AA 148 31.22 113.69 -13.22
CA ALA AA 148 32.21 113.29 -12.23
C ALA AA 148 33.62 113.67 -12.68
N LEU AA 149 34.49 113.87 -11.71
CA LEU AA 149 35.89 114.24 -11.93
C LEU AA 149 36.66 113.90 -10.67
N GLY AA 150 37.98 113.87 -10.79
CA GLY AA 150 38.78 113.54 -9.62
C GLY AA 150 40.27 113.70 -9.82
N CYS AA 151 41.01 113.06 -8.90
CA CYS AA 151 42.46 113.14 -8.85
C CYS AA 151 43.05 111.73 -8.82
N LEU AA 152 44.20 111.55 -9.45
CA LEU AA 152 44.92 110.28 -9.42
C LEU AA 152 46.22 110.45 -8.64
N VAL AA 153 46.34 109.74 -7.53
CA VAL AA 153 47.50 109.91 -6.65
C VAL AA 153 48.40 108.69 -6.78
N LYS AA 154 49.39 108.76 -7.67
CA LYS AA 154 50.18 107.61 -8.10
C LYS AA 154 51.46 107.43 -7.29
N ASP AA 155 51.80 106.17 -7.01
CA ASP AA 155 53.17 105.72 -6.72
C ASP AA 155 53.79 106.45 -5.54
N TYR AA 156 53.14 106.34 -4.38
CA TYR AA 156 53.67 106.80 -3.11
C TYR AA 156 53.92 105.62 -2.18
N PHE AA 157 54.59 105.91 -1.07
CA PHE AA 157 54.98 104.92 -0.09
C PHE AA 157 55.54 105.64 1.12
N PRO AA 158 55.15 105.26 2.34
CA PRO AA 158 54.10 104.27 2.65
C PRO AA 158 52.72 104.91 2.69
N GLU AA 159 51.76 104.20 3.29
CA GLU AA 159 50.43 104.74 3.49
C GLU AA 159 50.45 105.79 4.60
N PRO AA 160 49.49 106.73 4.59
CA PRO AA 160 48.45 106.97 3.58
C PRO AA 160 48.49 108.35 2.95
N VAL AA 161 47.71 108.57 1.90
CA VAL AA 161 47.43 109.92 1.43
C VAL AA 161 46.03 110.27 1.88
N THR AA 162 45.79 111.56 2.08
CA THR AA 162 44.47 112.07 2.42
C THR AA 162 44.12 113.17 1.42
N VAL AA 163 42.93 113.08 0.84
CA VAL AA 163 42.49 113.97 -0.21
C VAL AA 163 41.29 114.76 0.27
N SER AA 164 41.32 116.07 0.06
CA SER AA 164 40.20 116.95 0.33
C SER AA 164 39.97 117.81 -0.90
N TRP AA 165 38.79 118.38 -1.02
CA TRP AA 165 38.42 119.18 -2.18
C TRP AA 165 38.08 120.59 -1.75
N ASN AA 166 38.74 121.58 -2.38
CA ASN AA 166 38.62 122.98 -1.98
C ASN AA 166 38.97 123.17 -0.50
N SER AA 167 40.06 122.50 -0.09
CA SER AA 167 40.58 122.54 1.28
C SER AA 167 39.55 122.01 2.29
N GLY AA 168 38.77 121.01 1.88
CA GLY AA 168 37.78 120.43 2.75
C GLY AA 168 36.42 121.12 2.71
N ALA AA 169 36.27 122.17 1.90
CA ALA AA 169 35.02 122.90 1.81
C ALA AA 169 33.97 122.19 0.96
N LEU AA 170 34.32 121.09 0.30
CA LEU AA 170 33.36 120.30 -0.47
C LEU AA 170 33.36 118.89 0.06
N THR AA 171 32.16 118.40 0.41
CA THR AA 171 31.97 117.07 0.98
C THR AA 171 30.88 116.34 0.21
N SER AA 172 29.95 117.10 -0.36
CA SER AA 172 28.89 116.49 -1.16
C SER AA 172 29.48 115.93 -2.44
N GLY AA 173 29.21 114.65 -2.72
CA GLY AA 173 29.77 113.99 -3.86
C GLY AA 173 31.19 113.50 -3.71
N VAL AA 174 31.82 113.70 -2.55
CA VAL AA 174 33.23 113.36 -2.36
C VAL AA 174 33.35 111.87 -2.05
N HIS AA 175 34.30 111.19 -2.71
CA HIS AA 175 34.47 109.76 -2.54
C HIS AA 175 35.94 109.39 -2.76
N THR AA 176 36.58 108.88 -1.72
CA THR AA 176 37.95 108.39 -1.79
C THR AA 176 37.97 106.87 -1.86
N PHE AA 177 38.81 106.33 -2.75
CA PHE AA 177 38.91 104.88 -2.96
C PHE AA 177 40.12 104.33 -2.24
N PRO AA 178 40.14 103.02 -1.99
CA PRO AA 178 41.32 102.41 -1.36
C PRO AA 178 42.53 102.42 -2.30
N ALA AA 179 43.71 102.36 -1.70
CA ALA AA 179 44.95 102.34 -2.46
C ALA AA 179 45.35 100.91 -2.82
N VAL AA 180 45.79 100.71 -4.09
CA VAL AA 180 46.34 99.44 -4.55
C VAL AA 180 47.81 99.40 -4.16
N LEU AA 181 48.32 98.20 -3.90
CA LEU AA 181 49.76 98.00 -3.79
C LEU AA 181 50.24 97.42 -5.11
N GLN AA 182 50.69 98.31 -6.01
CA GLN AA 182 51.17 97.86 -7.31
C GLN AA 182 52.38 96.95 -7.18
N SER AA 183 52.68 96.24 -8.27
CA SER AA 183 53.76 95.26 -8.27
C SER AA 183 55.13 95.87 -8.01
N SER AA 184 55.26 97.19 -8.16
CA SER AA 184 56.52 97.89 -7.89
C SER AA 184 56.79 98.12 -6.41
N GLY AA 185 55.79 97.93 -5.55
CA GLY AA 185 55.90 98.28 -4.15
C GLY AA 185 55.38 99.65 -3.80
N LEU AA 186 54.92 100.42 -4.77
CA LEU AA 186 54.36 101.75 -4.53
C LEU AA 186 52.83 101.71 -4.61
N TYR AA 187 52.17 102.44 -3.71
CA TYR AA 187 50.73 102.49 -3.63
C TYR AA 187 50.17 103.49 -4.65
N SER AA 188 48.89 103.32 -4.97
CA SER AA 188 48.24 104.19 -5.95
C SER AA 188 46.76 104.30 -5.62
N LEU AA 189 46.27 105.53 -5.46
CA LEU AA 189 44.93 105.80 -5.00
C LEU AA 189 44.30 106.86 -5.89
N SER AA 190 43.00 106.74 -6.14
CA SER AA 190 42.27 107.81 -6.78
C SER AA 190 41.13 108.27 -5.86
N SER AA 191 40.62 109.46 -6.13
CA SER AA 191 39.59 110.07 -5.28
C SER AA 191 38.84 111.10 -6.10
N VAL AA 192 37.53 110.91 -6.27
CA VAL AA 192 36.75 111.70 -7.20
C VAL AA 192 35.63 112.41 -6.45
N VAL AA 193 34.94 113.27 -7.18
CA VAL AA 193 33.80 114.03 -6.64
C VAL AA 193 32.81 114.29 -7.77
N THR AA 194 31.56 113.88 -7.57
CA THR AA 194 30.51 114.14 -8.52
C THR AA 194 29.82 115.46 -8.21
N VAL AA 195 29.42 116.15 -9.26
CA VAL AA 195 28.69 117.42 -9.15
C VAL AA 195 27.72 117.45 -10.34
N PRO AA 196 26.80 118.39 -10.32
CA PRO AA 196 25.74 118.45 -11.31
C PRO AA 196 26.38 118.64 -12.66
N SER AA 197 25.76 118.10 -13.70
CA SER AA 197 26.37 118.12 -15.00
C SER AA 197 26.58 119.57 -15.38
N SER AA 198 25.59 120.40 -15.08
CA SER AA 198 25.73 121.83 -15.23
C SER AA 198 26.55 122.36 -14.07
N SER AA 199 27.08 123.56 -14.21
CA SER AA 199 27.81 124.21 -13.12
C SER AA 199 29.23 123.72 -12.98
N LEU AA 200 29.67 122.96 -13.96
CA LEU AA 200 31.06 122.55 -14.03
C LEU AA 200 31.91 123.80 -14.17
N GLY AA 201 31.43 124.76 -14.94
CA GLY AA 201 32.12 126.02 -15.16
C GLY AA 201 32.27 126.86 -13.91
N THR AA 202 31.36 126.66 -12.97
CA THR AA 202 31.15 127.57 -11.86
C THR AA 202 32.27 127.82 -10.84
N GLN AA 203 32.96 126.77 -10.39
CA GLN AA 203 33.76 126.90 -9.17
C GLN AA 203 35.15 126.34 -9.28
N THR AA 204 36.06 126.74 -8.39
CA THR AA 204 37.36 126.10 -8.54
C THR AA 204 37.35 124.68 -7.96
N TYR AA 205 38.06 123.77 -8.62
CA TYR AA 205 38.06 122.38 -8.22
C TYR AA 205 39.50 121.99 -7.94
N ILE AA 206 39.89 122.03 -6.67
CA ILE AA 206 41.26 121.78 -6.26
C ILE AA 206 41.23 120.68 -5.21
N CYS AA 207 41.78 119.53 -5.54
CA CYS AA 207 41.96 118.47 -4.56
C CYS AA 207 43.30 118.68 -3.85
N ASN AA 208 43.29 118.48 -2.54
CA ASN AA 208 44.44 118.76 -1.70
C ASN AA 208 44.94 117.43 -1.12
N VAL AA 209 45.89 116.84 -1.81
CA VAL AA 209 46.49 115.60 -1.35
C VAL AA 209 47.53 115.91 -0.28
N ASN AA 210 47.57 115.10 0.77
CA ASN AA 210 48.54 115.28 1.83
C ASN AA 210 49.13 113.93 2.21
N HIS AA 211 50.43 113.78 2.01
CA HIS AA 211 51.18 112.55 2.28
C HIS AA 211 52.22 112.86 3.35
N LYS AA 212 51.85 112.66 4.62
CA LYS AA 212 52.78 112.94 5.70
C LYS AA 212 54.10 112.16 5.63
N PRO AA 213 54.15 110.90 5.16
CA PRO AA 213 55.44 110.19 5.15
C PRO AA 213 56.55 110.89 4.37
N SER AA 214 56.24 111.52 3.25
CA SER AA 214 57.20 112.31 2.49
C SER AA 214 57.03 113.81 2.74
N ASN AA 215 56.11 114.20 3.62
CA ASN AA 215 55.81 115.60 3.91
C ASN AA 215 55.52 116.38 2.64
N THR AA 216 54.71 115.77 1.77
CA THR AA 216 54.33 116.36 0.49
C THR AA 216 52.87 116.79 0.54
N LYS AA 217 52.59 117.97 -0.02
CA LYS AA 217 51.23 118.43 -0.23
C LYS AA 217 51.09 118.93 -1.65
N VAL AA 218 50.05 118.47 -2.34
CA VAL AA 218 49.81 118.82 -3.73
C VAL AA 218 48.38 119.32 -3.85
N ASP AA 219 48.21 120.47 -4.51
CA ASP AA 219 46.89 121.02 -4.78
C ASP AA 219 46.74 121.15 -6.30
N LYS AA 220 45.87 120.33 -6.88
CA LYS AA 220 45.72 120.26 -8.33
C LYS AA 220 44.30 120.63 -8.74
N ARG AA 221 44.19 121.61 -9.65
CA ARG AA 221 42.90 122.03 -10.17
C ARG AA 221 42.58 121.24 -11.42
N VAL AA 222 41.35 120.74 -11.50
CA VAL AA 222 40.88 119.93 -12.62
C VAL AA 222 39.91 120.75 -13.47
N GLU AA 223 40.00 120.59 -14.79
CA GLU AA 223 39.14 121.32 -15.71
C GLU AA 223 38.96 120.50 -16.98
N PRO AA 224 37.82 120.64 -17.66
CA PRO AA 224 37.50 119.75 -18.79
C PRO AA 224 38.36 120.01 -20.02
N LYS AA 225 38.29 119.05 -20.94
CA LYS AA 225 38.95 119.12 -22.26
C LYS AA 225 40.42 119.48 -22.18
N GLY BA 1 37.75 71.97 41.04
CA GLY BA 1 38.47 70.90 40.36
C GLY BA 1 37.98 70.59 38.94
N SER BA 2 38.10 69.32 38.55
CA SER BA 2 37.86 68.89 37.18
C SER BA 2 36.43 68.45 37.00
N HIS BA 3 36.13 67.89 35.83
CA HIS BA 3 34.87 67.23 35.54
C HIS BA 3 35.14 66.01 34.68
N SER BA 4 34.12 65.16 34.54
CA SER BA 4 34.35 63.90 33.87
C SER BA 4 33.07 63.44 33.18
N MET BA 5 33.25 62.67 32.13
CA MET BA 5 32.16 62.00 31.44
C MET BA 5 32.55 60.55 31.26
N ARG BA 6 31.62 59.65 31.55
CA ARG BA 6 31.84 58.22 31.40
C ARG BA 6 30.59 57.56 30.84
N TYR BA 7 30.82 56.66 29.89
CA TYR BA 7 29.80 55.75 29.44
C TYR BA 7 30.21 54.34 29.85
N PHE BA 8 29.24 53.55 30.28
CA PHE BA 8 29.50 52.19 30.73
C PHE BA 8 28.67 51.24 29.88
N PHE BA 9 29.35 50.33 29.19
CA PHE BA 9 28.69 49.35 28.33
C PHE BA 9 28.87 47.97 28.92
N THR BA 10 27.77 47.23 29.02
CA THR BA 10 27.80 45.84 29.47
C THR BA 10 26.93 45.01 28.53
N SER BA 11 27.48 43.90 28.02
CA SER BA 11 26.75 42.95 27.19
C SER BA 11 26.97 41.57 27.77
N VAL BA 12 25.88 40.88 28.10
CA VAL BA 12 25.94 39.55 28.69
C VAL BA 12 25.30 38.59 27.71
N SER BA 13 26.08 37.61 27.24
CA SER BA 13 25.58 36.66 26.25
C SER BA 13 24.53 35.77 26.89
N ARG BA 14 23.34 35.75 26.30
CA ARG BA 14 22.26 34.90 26.78
C ARG BA 14 22.30 33.56 26.05
N PRO BA 15 22.54 32.45 26.75
CA PRO BA 15 22.66 31.16 26.05
C PRO BA 15 21.34 30.73 25.45
N GLY BA 16 21.39 30.28 24.19
CA GLY BA 16 20.21 29.89 23.46
C GLY BA 16 19.50 31.04 22.77
N ARG BA 17 19.84 32.27 23.14
CA ARG BA 17 19.25 33.46 22.54
C ARG BA 17 20.29 34.18 21.68
N GLY BA 18 19.91 34.53 20.46
CA GLY BA 18 20.82 35.12 19.50
C GLY BA 18 21.40 36.46 19.92
N GLU BA 19 20.59 37.31 20.53
CA GLU BA 19 21.03 38.64 20.94
C GLU BA 19 21.12 38.76 22.46
N PRO BA 20 22.27 39.23 22.94
CA PRO BA 20 22.49 39.37 24.37
C PRO BA 20 21.89 40.66 24.88
N ARG BA 21 21.70 40.74 26.20
CA ARG BA 21 21.20 41.97 26.80
C ARG BA 21 22.32 43.00 26.89
N PHE BA 22 22.00 44.23 26.47
CA PHE BA 22 22.95 45.33 26.35
C PHE BA 22 22.47 46.51 27.17
N ILE BA 23 23.36 47.07 27.99
CA ILE BA 23 23.03 48.17 28.88
C ILE BA 23 24.12 49.22 28.77
N ALA BA 24 23.74 50.41 28.35
CA ALA BA 24 24.67 51.54 28.24
C ALA BA 24 24.14 52.66 29.12
N VAL BA 25 25.04 53.24 29.91
CA VAL BA 25 24.69 54.28 30.88
C VAL BA 25 25.70 55.41 30.73
N GLY BA 26 25.20 56.64 30.70
CA GLY BA 26 26.05 57.81 30.58
C GLY BA 26 25.98 58.66 31.84
N TYR BA 27 27.15 59.02 32.35
CA TYR BA 27 27.29 59.88 33.51
C TYR BA 27 28.10 61.10 33.15
N VAL BA 28 27.81 62.21 33.83
CA VAL BA 28 28.73 63.34 33.97
C VAL BA 28 29.03 63.48 35.45
N ASP BA 29 30.33 63.52 35.79
CA ASP BA 29 30.75 63.48 37.19
C ASP BA 29 30.07 62.31 37.89
N ASP BA 30 29.03 62.60 38.66
CA ASP BA 30 28.27 61.57 39.36
C ASP BA 30 26.78 61.70 39.06
N THR BA 31 26.42 62.33 37.96
CA THR BA 31 25.02 62.50 37.57
C THR BA 31 24.79 61.74 36.28
N GLN BA 32 23.99 60.69 36.34
CA GLN BA 32 23.64 59.96 35.13
C GLN BA 32 22.77 60.84 34.24
N PHE BA 33 22.95 60.72 32.93
CA PHE BA 33 22.16 61.55 32.02
C PHE BA 33 21.59 60.82 30.81
N VAL BA 34 22.06 59.64 30.46
CA VAL BA 34 21.47 58.84 29.39
C VAL BA 34 21.48 57.37 29.79
N ARG BA 35 20.53 56.61 29.26
CA ARG BA 35 20.47 55.16 29.47
C ARG BA 35 19.99 54.52 28.17
N PHE BA 36 20.50 53.33 27.87
CA PHE BA 36 20.00 52.55 26.74
C PHE BA 36 19.95 51.09 27.18
N ASP BA 37 18.76 50.49 27.10
CA ASP BA 37 18.54 49.12 27.55
C ASP BA 37 18.02 48.30 26.38
N SER BA 38 18.69 47.17 26.13
CA SER BA 38 18.26 46.28 25.04
C SER BA 38 16.82 45.81 25.24
N ASP BA 39 16.49 45.37 26.44
CA ASP BA 39 15.15 44.87 26.72
C ASP BA 39 14.13 45.98 26.91
N ALA BA 40 14.56 47.24 26.86
CA ALA BA 40 13.61 48.33 26.93
C ALA BA 40 12.80 48.38 25.64
N ALA BA 41 11.52 48.72 25.77
CA ALA BA 41 10.68 48.87 24.59
C ALA BA 41 11.05 50.10 23.77
N SER BA 42 11.84 51.01 24.34
CA SER BA 42 12.19 52.23 23.61
C SER BA 42 13.03 51.92 22.37
N GLN BA 43 14.08 51.10 22.54
CA GLN BA 43 15.06 50.81 21.48
C GLN BA 43 15.70 52.09 20.96
N LYS BA 44 15.70 53.10 21.82
CA LYS BA 44 16.14 54.44 21.51
C LYS BA 44 16.86 54.97 22.75
N MET BA 45 17.87 55.78 22.53
CA MET BA 45 18.63 56.38 23.63
C MET BA 45 17.72 57.24 24.50
N GLU BA 46 17.44 56.81 25.71
CA GLU BA 46 16.51 57.63 26.47
C GLU BA 46 17.26 58.68 27.29
N PRO BA 47 16.63 59.84 27.53
CA PRO BA 47 17.21 60.82 28.46
C PRO BA 47 16.96 60.42 29.90
N ARG BA 48 17.91 60.75 30.77
CA ARG BA 48 17.70 60.45 32.17
C ARG BA 48 18.20 61.58 33.07
N ALA BA 49 18.52 62.75 32.51
CA ALA BA 49 18.81 63.95 33.29
C ALA BA 49 17.86 65.02 32.79
N PRO BA 50 17.69 66.13 33.52
CA PRO BA 50 16.76 67.17 33.05
C PRO BA 50 17.28 68.03 31.93
N TRP BA 51 18.60 68.11 31.75
CA TRP BA 51 19.20 69.11 30.88
C TRP BA 51 19.63 68.58 29.54
N ILE BA 52 19.26 67.35 29.20
CA ILE BA 52 19.81 66.72 28.01
C ILE BA 52 18.81 66.79 26.86
N GLU BA 53 17.50 66.84 27.14
CA GLU BA 53 16.59 66.84 26.00
C GLU BA 53 16.40 68.22 25.39
N GLN BA 54 17.11 69.24 25.87
CA GLN BA 54 17.17 70.45 25.05
C GLN BA 54 18.03 70.24 23.81
N GLU BA 55 18.81 69.16 23.76
CA GLU BA 55 19.44 68.74 22.52
C GLU BA 55 18.37 68.21 21.60
N GLY BA 56 18.44 68.59 20.31
CA GLY BA 56 17.35 68.32 19.41
C GLY BA 56 17.23 66.85 19.01
N PRO BA 57 16.30 66.56 18.10
CA PRO BA 57 16.13 65.16 17.70
C PRO BA 57 17.29 64.65 16.88
N GLU BA 58 17.98 65.53 16.18
CA GLU BA 58 19.20 65.14 15.48
C GLU BA 58 20.21 64.50 16.43
N TYR BA 59 20.22 64.93 17.70
CA TYR BA 59 21.12 64.34 18.68
C TYR BA 59 20.66 62.95 19.10
N TRP BA 60 19.42 62.83 19.57
CA TRP BA 60 18.91 61.54 20.03
C TRP BA 60 18.95 60.51 18.91
N ASP BA 61 18.70 60.96 17.68
CA ASP BA 61 18.69 60.04 16.54
C ASP BA 61 20.07 59.42 16.35
N GLN BA 62 21.11 60.26 16.25
CA GLN BA 62 22.47 59.75 16.07
C GLN BA 62 22.96 59.00 17.30
N GLU BA 63 22.62 59.48 18.50
CA GLU BA 63 23.09 58.81 19.70
C GLU BA 63 22.54 57.40 19.81
N THR BA 64 21.31 57.17 19.35
CA THR BA 64 20.79 55.80 19.34
C THR BA 64 21.59 54.92 18.39
N ARG BA 65 21.72 55.36 17.12
CA ARG BA 65 22.56 54.63 16.16
C ARG BA 65 23.93 54.32 16.74
N ASN BA 66 24.53 55.28 17.45
CA ASN BA 66 25.89 55.10 17.94
C ASN BA 66 26.02 53.89 18.85
N MET BA 67 24.97 53.54 19.59
CA MET BA 67 25.10 52.41 20.48
C MET BA 67 24.18 51.26 20.15
N LYS BA 68 23.24 51.42 19.23
CA LYS BA 68 22.84 50.26 18.47
C LYS BA 68 24.08 49.61 17.87
N ALA BA 69 24.92 50.42 17.20
CA ALA BA 69 26.13 49.94 16.55
C ALA BA 69 27.13 49.38 17.57
N HIS BA 70 27.32 50.06 18.68
CA HIS BA 70 28.19 49.51 19.71
C HIS BA 70 27.67 48.16 20.21
N SER BA 71 26.34 48.01 20.28
CA SER BA 71 25.74 46.75 20.67
C SER BA 71 25.99 45.66 19.65
N GLN BA 72 25.81 45.98 18.36
CA GLN BA 72 26.06 45.03 17.28
C GLN BA 72 27.43 44.39 17.44
N THR BA 73 28.45 45.23 17.69
CA THR BA 73 29.82 44.77 17.81
C THR BA 73 30.00 43.81 18.98
N ASP BA 74 29.42 44.13 20.14
CA ASP BA 74 29.57 43.26 21.30
C ASP BA 74 28.96 41.88 21.02
N ARG BA 75 27.92 41.87 20.20
CA ARG BA 75 27.28 40.62 19.79
C ARG BA 75 28.34 39.85 19.00
N ALA BA 76 28.90 40.49 17.98
CA ALA BA 76 29.96 39.87 17.17
C ALA BA 76 31.19 39.58 18.02
N ASN BA 77 31.50 40.45 18.98
CA ASN BA 77 32.66 40.22 19.83
C ASN BA 77 32.44 39.08 20.82
N LEU BA 78 31.24 38.99 21.39
CA LEU BA 78 30.96 37.89 22.31
C LEU BA 78 31.23 36.54 21.67
N GLY BA 79 31.01 36.41 20.37
CA GLY BA 79 31.33 35.19 19.65
C GLY BA 79 32.81 35.05 19.40
N THR BA 80 33.48 36.15 19.02
CA THR BA 80 34.91 36.09 18.77
C THR BA 80 35.67 35.60 19.99
N LEU BA 81 35.35 36.15 21.16
CA LEU BA 81 36.01 35.72 22.41
C LEU BA 81 35.62 34.31 22.82
N ARG BA 82 34.40 33.88 22.50
CA ARG BA 82 34.03 32.49 22.76
C ARG BA 82 35.00 31.55 22.06
N GLY BA 83 35.57 31.98 20.94
CA GLY BA 83 36.54 31.18 20.22
C GLY BA 83 37.94 31.32 20.77
N TYR BA 84 38.30 32.53 21.20
CA TYR BA 84 39.63 32.75 21.75
C TYR BA 84 39.84 31.94 23.03
N TYR BA 85 38.76 31.58 23.73
CA TYR BA 85 38.87 30.92 25.03
C TYR BA 85 38.36 29.48 25.05
N ASN BA 86 38.00 28.93 23.91
CA ASN BA 86 37.56 27.53 23.82
C ASN BA 86 36.35 27.28 24.73
N GLN BA 87 35.32 28.08 24.54
CA GLN BA 87 34.15 28.09 25.41
C GLN BA 87 32.90 27.69 24.63
N SER BA 88 32.01 26.95 25.30
CA SER BA 88 30.82 26.43 24.65
C SER BA 88 29.71 27.47 24.62
N GLU BA 89 28.73 27.23 23.76
CA GLU BA 89 27.65 28.19 23.56
C GLU BA 89 26.63 28.18 24.69
N ASP BA 90 26.62 27.15 25.51
CA ASP BA 90 25.67 27.07 26.62
C ASP BA 90 26.06 27.92 27.81
N GLY BA 91 27.19 28.64 27.74
CA GLY BA 91 27.60 29.51 28.83
C GLY BA 91 27.02 30.92 28.69
N SER BA 92 27.22 31.72 29.74
CA SER BA 92 26.84 33.12 29.72
C SER BA 92 28.06 33.97 30.09
N HIS BA 93 28.45 34.88 29.19
CA HIS BA 93 29.68 35.65 29.35
C HIS BA 93 29.39 37.13 29.17
N THR BA 94 30.19 37.97 29.83
CA THR BA 94 29.95 39.40 29.89
C THR BA 94 31.10 40.16 29.24
N ILE BA 95 30.76 41.18 28.46
CA ILE BA 95 31.73 42.13 27.93
C ILE BA 95 31.40 43.49 28.52
N GLN BA 96 32.37 44.11 29.19
CA GLN BA 96 32.18 45.42 29.83
C GLN BA 96 33.19 46.41 29.26
N ILE BA 97 32.68 47.49 28.69
CA ILE BA 97 33.52 48.57 28.15
C ILE BA 97 33.16 49.84 28.88
N MET BA 98 34.18 50.66 29.13
CA MET BA 98 33.98 51.99 29.71
C MET BA 98 34.94 52.95 29.04
N TYR BA 99 34.40 53.97 28.37
CA TYR BA 99 35.23 55.03 27.83
C TYR BA 99 34.63 56.37 28.17
N GLY BA 100 35.50 57.37 28.27
CA GLY BA 100 35.09 58.72 28.62
C GLY BA 100 36.30 59.61 28.67
N CYS BA 101 36.06 60.86 29.07
CA CYS BA 101 37.11 61.86 29.05
C CYS BA 101 36.95 62.77 30.25
N ASP BA 102 38.06 63.42 30.61
CA ASP BA 102 38.13 64.34 31.75
C ASP BA 102 38.56 65.72 31.26
N VAL BA 103 37.80 66.74 31.65
CA VAL BA 103 38.18 68.11 31.38
C VAL BA 103 38.57 68.76 32.70
N GLY BA 104 39.33 69.85 32.57
CA GLY BA 104 39.77 70.58 33.74
C GLY BA 104 38.83 71.71 34.06
N PRO BA 105 39.23 72.58 34.99
CA PRO BA 105 38.36 73.72 35.34
C PRO BA 105 38.17 74.69 34.20
N ASP BA 106 39.10 74.77 33.24
CA ASP BA 106 38.99 75.70 32.13
C ASP BA 106 38.56 75.02 30.83
N GLY BA 107 37.85 73.89 30.93
CA GLY BA 107 37.45 73.14 29.75
C GLY BA 107 38.56 72.39 29.06
N ARG BA 108 39.79 72.47 29.58
CA ARG BA 108 40.96 71.81 29.01
C ARG BA 108 40.77 70.31 28.90
N PHE BA 109 41.51 69.70 27.97
CA PHE BA 109 41.54 68.24 27.93
C PHE BA 109 42.56 67.75 28.93
N LEU BA 110 42.19 66.73 29.71
CA LEU BA 110 43.07 66.20 30.73
C LEU BA 110 43.42 64.74 30.50
N ARG BA 111 42.42 63.88 30.31
CA ARG BA 111 42.65 62.44 30.27
C ARG BA 111 41.61 61.78 29.38
N GLY BA 112 42.05 60.75 28.66
CA GLY BA 112 41.13 59.92 27.92
C GLY BA 112 41.08 58.55 28.55
N TYR BA 113 40.04 57.78 28.28
CA TYR BA 113 39.92 56.44 28.86
C TYR BA 113 39.24 55.50 27.89
N ARG BA 114 39.72 54.26 27.83
CA ARG BA 114 38.93 53.16 27.28
C ARG BA 114 39.46 51.86 27.83
N GLN BA 115 38.61 51.10 28.52
CA GLN BA 115 38.98 49.83 29.12
C GLN BA 115 37.93 48.78 28.77
N ASP BA 116 38.40 47.59 28.41
CA ASP BA 116 37.53 46.47 28.06
C ASP BA 116 37.80 45.30 28.99
N ALA BA 117 36.74 44.60 29.39
CA ALA BA 117 36.88 43.47 30.31
C ALA BA 117 35.92 42.36 29.94
N TYR BA 118 36.44 41.14 29.92
CA TYR BA 118 35.67 39.94 29.58
C TYR BA 118 35.47 39.11 30.84
N ASP BA 119 34.21 38.97 31.25
CA ASP BA 119 33.85 38.18 32.43
C ASP BA 119 34.50 38.72 33.70
N GLY BA 120 34.34 40.02 33.93
CA GLY BA 120 34.84 40.66 35.13
C GLY BA 120 36.34 40.75 35.22
N LYS BA 121 37.08 40.09 34.34
CA LYS BA 121 38.54 40.13 34.30
C LYS BA 121 38.99 41.12 33.24
N ASP BA 122 40.11 41.80 33.52
CA ASP BA 122 40.70 42.72 32.56
C ASP BA 122 41.01 42.01 31.24
N TYR BA 123 40.74 42.69 30.13
CA TYR BA 123 41.05 42.15 28.81
C TYR BA 123 42.05 43.04 28.09
N ILE BA 124 41.56 44.10 27.48
CA ILE BA 124 42.45 45.08 26.85
C ILE BA 124 42.06 46.46 27.36
N ALA BA 125 43.04 47.37 27.36
CA ALA BA 125 42.81 48.72 27.82
C ALA BA 125 43.78 49.66 27.14
N LEU BA 126 43.38 50.91 27.06
CA LEU BA 126 44.18 51.98 26.46
C LEU BA 126 45.00 52.67 27.56
N ASN BA 127 46.31 52.78 27.34
CA ASN BA 127 47.18 53.37 28.34
C ASN BA 127 46.89 54.87 28.48
N GLU BA 128 47.60 55.51 29.40
CA GLU BA 128 47.40 56.92 29.59
C GLU BA 128 47.75 57.67 28.33
N ASP BA 129 48.78 57.22 27.65
CA ASP BA 129 49.31 57.98 26.54
C ASP BA 129 48.23 58.18 25.54
N LEU BA 130 47.40 57.17 25.40
CA LEU BA 130 46.41 57.09 24.33
C LEU BA 130 47.10 56.60 23.08
N ARG BA 131 48.39 56.33 23.15
CA ARG BA 131 49.06 55.72 22.02
C ARG BA 131 49.31 54.24 22.20
N SER BA 132 49.12 53.71 23.41
CA SER BA 132 49.53 52.34 23.64
C SER BA 132 48.35 51.53 24.16
N TRP BA 133 48.32 50.25 23.79
CA TRP BA 133 47.40 49.28 24.37
C TRP BA 133 48.18 48.31 25.26
N THR BA 134 47.54 47.78 26.30
CA THR BA 134 48.13 46.74 27.13
C THR BA 134 47.14 45.60 27.26
N ALA BA 135 47.56 44.41 26.80
CA ALA BA 135 46.71 43.23 26.79
C ALA BA 135 46.91 42.44 28.07
N ALA BA 136 45.82 42.07 28.73
CA ALA BA 136 45.93 41.38 30.02
C ALA BA 136 46.48 39.98 29.84
N ASP BA 137 45.81 39.14 29.06
CA ASP BA 137 46.18 37.76 28.94
C ASP BA 137 46.76 37.45 27.56
N MET BA 138 46.81 36.17 27.21
CA MET BA 138 47.22 35.77 25.86
C MET BA 138 46.23 36.30 24.85
N ALA BA 139 44.97 35.87 24.96
CA ALA BA 139 43.97 36.17 23.95
C ALA BA 139 43.96 37.64 23.58
N ALA BA 140 43.98 38.52 24.58
CA ALA BA 140 43.95 39.95 24.32
C ALA BA 140 45.09 40.40 23.41
N GLN BA 141 46.19 39.63 23.35
CA GLN BA 141 47.29 40.00 22.47
C GLN BA 141 46.91 39.82 21.02
N ILE BA 142 46.19 38.73 20.70
CA ILE BA 142 45.77 38.53 19.32
C ILE BA 142 44.79 39.62 18.89
N THR BA 143 44.08 40.23 19.83
CA THR BA 143 43.30 41.43 19.56
C THR BA 143 44.17 42.69 19.53
N LYS BA 144 45.11 42.80 20.47
CA LYS BA 144 45.96 43.99 20.56
C LYS BA 144 46.65 44.29 19.23
N ARG BA 145 47.40 43.33 18.71
CA ARG BA 145 48.08 43.55 17.43
C ARG BA 145 47.09 43.74 16.29
N LYS BA 146 45.86 43.23 16.42
CA LYS BA 146 44.85 43.51 15.41
C LYS BA 146 44.47 44.99 15.41
N TRP BA 147 44.32 45.57 16.61
CA TRP BA 147 43.99 46.99 16.70
C TRP BA 147 45.17 47.86 16.28
N GLU BA 148 46.38 47.46 16.65
CA GLU BA 148 47.59 48.18 16.26
C GLU BA 148 47.70 48.27 14.74
N ALA BA 149 47.14 47.30 14.03
CA ALA BA 149 47.20 47.32 12.57
C ALA BA 149 46.38 48.48 12.00
N VAL BA 150 45.23 48.80 12.60
CA VAL BA 150 44.31 49.78 12.03
C VAL BA 150 44.44 51.16 12.66
N HIS BA 151 45.49 51.40 13.44
CA HIS BA 151 45.65 52.66 14.17
C HIS BA 151 44.43 52.93 15.06
N ALA BA 152 43.98 51.89 15.77
CA ALA BA 152 42.93 52.11 16.76
C ALA BA 152 43.45 53.01 17.88
N ALA BA 153 44.77 53.00 18.10
CA ALA BA 153 45.39 53.94 19.02
C ALA BA 153 44.98 55.37 18.69
N GLU BA 154 45.28 55.82 17.47
CA GLU BA 154 44.94 57.18 17.05
C GLU BA 154 43.44 57.45 17.20
N GLN BA 155 42.62 56.65 16.53
CA GLN BA 155 41.23 57.04 16.38
C GLN BA 155 40.45 57.03 17.68
N ARG BA 156 40.86 56.27 18.68
CA ARG BA 156 40.25 56.46 19.98
C ARG BA 156 40.58 57.85 20.51
N ARG BA 157 41.83 58.28 20.32
CA ARG BA 157 42.27 59.58 20.78
C ARG BA 157 41.50 60.70 20.10
N VAL BA 158 41.08 60.49 18.84
CA VAL BA 158 40.38 61.57 18.16
C VAL BA 158 38.93 61.66 18.60
N TYR BA 159 38.36 60.59 19.14
CA TYR BA 159 37.07 60.73 19.83
C TYR BA 159 37.24 61.38 21.18
N LEU BA 160 38.23 60.89 21.96
CA LEU BA 160 38.42 61.37 23.32
C LEU BA 160 38.74 62.85 23.35
N GLU BA 161 39.62 63.31 22.46
CA GLU BA 161 40.02 64.72 22.45
C GLU BA 161 39.17 65.59 21.56
N GLY BA 162 38.18 65.03 20.88
CA GLY BA 162 37.34 65.83 20.00
C GLY BA 162 35.90 65.95 20.48
N ARG BA 163 35.06 65.01 20.06
CA ARG BA 163 33.63 65.12 20.33
C ARG BA 163 33.32 64.78 21.77
N CYS BA 164 34.10 63.88 22.38
CA CYS BA 164 33.93 63.56 23.79
C CYS BA 164 34.08 64.82 24.62
N VAL BA 165 35.18 65.54 24.42
CA VAL BA 165 35.45 66.71 25.23
C VAL BA 165 34.47 67.83 24.88
N ASP BA 166 34.19 68.00 23.59
CA ASP BA 166 33.22 69.02 23.17
C ASP BA 166 31.83 68.70 23.72
N GLY BA 167 31.52 67.43 23.90
CA GLY BA 167 30.28 67.08 24.55
C GLY BA 167 30.29 67.43 26.02
N LEU BA 168 31.32 66.98 26.74
CA LEU BA 168 31.39 67.26 28.18
C LEU BA 168 31.34 68.76 28.45
N ARG BA 169 31.98 69.57 27.60
CA ARG BA 169 31.90 71.01 27.77
C ARG BA 169 30.47 71.51 27.56
N ARG BA 170 29.85 71.12 26.45
CA ARG BA 170 28.51 71.60 26.15
C ARG BA 170 27.50 71.13 27.19
N TYR BA 171 27.74 69.99 27.83
CA TYR BA 171 26.81 69.53 28.87
C TYR BA 171 26.98 70.37 30.14
N LEU BA 172 28.23 70.61 30.54
CA LEU BA 172 28.48 71.39 31.75
C LEU BA 172 27.93 72.81 31.68
N GLU BA 173 27.71 73.36 30.48
CA GLU BA 173 27.13 74.68 30.33
C GLU BA 173 25.62 74.64 30.15
N ASN BA 174 25.11 73.65 29.43
CA ASN BA 174 23.66 73.54 29.27
C ASN BA 174 22.99 73.23 30.60
N GLY BA 175 23.55 72.29 31.36
CA GLY BA 175 23.03 72.02 32.68
C GLY BA 175 23.92 72.65 33.73
N LYS BA 176 24.27 73.93 33.52
CA LYS BA 176 25.17 74.62 34.42
C LYS BA 176 24.63 74.65 35.85
N GLU BA 177 23.31 74.72 36.02
CA GLU BA 177 22.74 74.73 37.35
C GLU BA 177 22.97 73.41 38.07
N THR BA 178 22.66 72.29 37.41
CA THR BA 178 22.71 71.00 38.06
C THR BA 178 24.16 70.53 38.27
N LEU BA 179 25.01 70.75 37.27
CA LEU BA 179 26.27 70.02 37.21
C LEU BA 179 27.36 70.65 38.04
N GLN BA 180 27.35 71.96 38.22
CA GLN BA 180 28.38 72.65 38.98
C GLN BA 180 27.97 72.85 40.43
N ARG BA 181 26.89 72.22 40.87
CA ARG BA 181 26.52 72.31 42.27
C ARG BA 181 27.55 71.58 43.13
N THR BA 182 27.59 71.94 44.40
CA THR BA 182 28.21 71.14 45.44
C THR BA 182 27.31 71.17 46.66
N ASP BA 183 27.26 70.06 47.39
CA ASP BA 183 26.33 69.90 48.49
C ASP BA 183 27.10 69.38 49.69
N PRO BA 184 27.32 70.21 50.71
CA PRO BA 184 28.07 69.76 51.88
C PRO BA 184 27.32 68.68 52.61
N PRO BA 185 28.02 67.68 53.13
CA PRO BA 185 27.34 66.57 53.81
C PRO BA 185 26.62 67.03 55.07
N LYS BA 186 25.40 66.56 55.25
CA LYS BA 186 24.61 66.85 56.44
C LYS BA 186 24.93 65.76 57.45
N THR BA 187 25.64 66.12 58.52
CA THR BA 187 26.29 65.15 59.39
C THR BA 187 25.57 64.99 60.73
N HIS BA 188 25.82 63.85 61.37
CA HIS BA 188 25.36 63.59 62.72
C HIS BA 188 26.01 62.31 63.22
N MET BA 189 26.05 62.16 64.54
CA MET BA 189 26.74 61.07 65.20
C MET BA 189 25.76 60.20 65.99
N THR BA 190 26.14 58.92 66.16
CA THR BA 190 25.28 57.89 66.73
C THR BA 190 25.99 57.15 67.85
N HIS BA 191 25.24 56.83 68.91
CA HIS BA 191 25.75 56.10 70.06
C HIS BA 191 24.90 54.86 70.29
N HIS BA 192 25.49 53.69 70.07
CA HIS BA 192 24.84 52.41 70.31
C HIS BA 192 25.66 51.63 71.32
N PRO BA 193 25.24 51.53 72.58
CA PRO BA 193 25.97 50.70 73.55
C PRO BA 193 25.81 49.23 73.18
N ILE BA 194 26.94 48.52 73.12
CA ILE BA 194 26.95 47.10 72.79
C ILE BA 194 27.18 46.24 74.03
N SER BA 195 28.22 46.54 74.79
CA SER BA 195 28.51 45.83 76.04
C SER BA 195 28.39 46.78 77.22
N ASP BA 196 28.67 46.26 78.41
CA ASP BA 196 28.76 47.09 79.59
C ASP BA 196 30.07 47.87 79.65
N HIS BA 197 30.95 47.66 78.68
CA HIS BA 197 32.24 48.34 78.62
C HIS BA 197 32.52 49.00 77.27
N GLU BA 198 31.79 48.64 76.22
CA GLU BA 198 31.99 49.25 74.92
C GLU BA 198 30.66 49.74 74.35
N ALA BA 199 30.77 50.63 73.37
CA ALA BA 199 29.65 51.13 72.58
C ALA BA 199 30.13 51.23 71.14
N THR BA 200 29.32 51.84 70.28
CA THR BA 200 29.71 52.10 68.89
C THR BA 200 29.36 53.54 68.53
N LEU BA 201 30.38 54.32 68.16
CA LEU BA 201 30.18 55.69 67.70
C LEU BA 201 30.14 55.67 66.17
N ARG BA 202 28.95 55.88 65.62
CA ARG BA 202 28.75 55.89 64.17
C ARG BA 202 28.67 57.32 63.66
N CYS BA 203 29.37 57.61 62.56
CA CYS BA 203 29.53 58.96 62.04
C CYS BA 203 28.86 59.05 60.67
N TRP BA 204 27.71 59.71 60.61
CA TRP BA 204 26.88 59.78 59.42
C TRP BA 204 27.23 61.00 58.56
N ALA BA 205 26.95 60.88 57.26
CA ALA BA 205 27.06 62.03 56.35
C ALA BA 205 26.03 61.82 55.24
N LEU BA 206 24.90 62.52 55.34
CA LEU BA 206 23.84 62.41 54.35
C LEU BA 206 23.84 63.61 53.42
N GLY BA 207 23.18 63.45 52.28
CA GLY BA 207 22.93 64.52 51.33
C GLY BA 207 24.14 65.31 50.86
N PHE BA 208 25.04 64.70 50.08
CA PHE BA 208 26.18 65.42 49.54
C PHE BA 208 26.41 65.05 48.08
N TYR BA 209 27.05 65.97 47.35
CA TYR BA 209 27.40 65.76 45.96
C TYR BA 209 28.61 66.63 45.68
N PRO BA 210 29.62 66.13 44.97
CA PRO BA 210 29.77 64.80 44.36
C PRO BA 210 30.00 63.68 45.38
N ALA BA 211 30.13 62.46 44.91
CA ALA BA 211 30.20 61.33 45.82
C ALA BA 211 31.53 61.24 46.56
N GLU BA 212 32.54 62.02 46.17
CA GLU BA 212 33.82 61.98 46.86
C GLU BA 212 33.66 62.47 48.30
N ILE BA 213 34.08 61.64 49.26
CA ILE BA 213 33.90 61.93 50.67
C ILE BA 213 34.94 61.12 51.44
N THR BA 214 35.40 61.67 52.57
CA THR BA 214 36.44 61.02 53.38
C THR BA 214 36.05 61.05 54.85
N LEU BA 215 35.70 59.89 55.40
CA LEU BA 215 35.40 59.73 56.82
C LEU BA 215 36.58 59.05 57.51
N THR BA 216 37.02 59.61 58.63
CA THR BA 216 38.16 59.08 59.39
C THR BA 216 37.90 59.26 60.88
N TRP BA 217 37.95 58.16 61.63
CA TRP BA 217 37.90 58.18 63.08
C TRP BA 217 39.28 58.36 63.67
N GLN BA 218 39.36 59.09 64.78
CA GLN BA 218 40.66 59.39 65.40
C GLN BA 218 40.55 59.32 66.92
N ARG BA 219 41.44 58.54 67.53
CA ARG BA 219 41.55 58.45 68.97
C ARG BA 219 42.66 59.37 69.44
N ASP BA 220 42.28 60.38 70.24
CA ASP BA 220 43.24 61.32 70.83
C ASP BA 220 44.08 62.04 69.78
N GLY BA 221 43.51 62.26 68.61
CA GLY BA 221 44.24 62.88 67.52
C GLY BA 221 45.14 61.95 66.75
N GLU BA 222 45.07 60.65 67.03
CA GLU BA 222 45.87 59.65 66.32
C GLU BA 222 44.95 58.86 65.40
N ASP BA 223 45.41 58.67 64.15
CA ASP BA 223 44.59 57.99 63.16
C ASP BA 223 44.22 56.59 63.62
N GLN BA 224 42.99 56.19 63.34
CA GLN BA 224 42.41 54.93 63.82
C GLN BA 224 41.90 54.12 62.64
N THR BA 225 42.82 53.42 61.97
CA THR BA 225 42.45 52.53 60.89
C THR BA 225 42.16 51.11 61.39
N GLN BA 226 42.07 50.93 62.70
CA GLN BA 226 41.93 49.61 63.31
C GLN BA 226 40.47 49.23 63.49
N ASP BA 227 39.88 49.59 64.63
CA ASP BA 227 38.47 49.29 64.91
C ASP BA 227 37.52 50.20 64.13
N THR BA 228 37.88 50.54 62.90
CA THR BA 228 37.06 51.42 62.08
C THR BA 228 36.31 50.58 61.06
N GLU BA 229 35.07 50.97 60.79
CA GLU BA 229 34.24 50.32 59.79
C GLU BA 229 33.64 51.37 58.88
N LEU BA 230 33.70 51.13 57.56
CA LEU BA 230 33.34 52.15 56.58
C LEU BA 230 32.55 51.48 55.47
N VAL BA 231 31.24 51.74 55.40
CA VAL BA 231 30.43 51.25 54.28
C VAL BA 231 30.68 52.11 53.05
N GLU BA 232 30.62 51.49 51.88
CA GLU BA 232 30.81 52.24 50.65
C GLU BA 232 29.66 53.23 50.44
N THR BA 233 29.96 54.34 49.76
CA THR BA 233 29.02 55.44 49.63
C THR BA 233 27.71 55.01 48.95
N ARG BA 234 26.59 55.32 49.59
CA ARG BA 234 25.28 54.90 49.06
C ARG BA 234 24.58 56.06 48.40
N PRO BA 235 23.93 55.82 47.26
CA PRO BA 235 23.12 56.88 46.63
C PRO BA 235 21.75 56.96 47.27
N ALA BA 236 21.32 58.17 47.60
CA ALA BA 236 20.01 58.36 48.21
C ALA BA 236 18.87 58.28 47.21
N GLY BA 237 19.17 58.21 45.92
CA GLY BA 237 18.16 58.14 44.89
C GLY BA 237 17.70 59.47 44.33
N ASP BA 238 18.27 60.59 44.81
CA ASP BA 238 17.87 61.92 44.37
C ASP BA 238 19.10 62.73 43.93
N GLY BA 239 20.12 62.05 43.44
CA GLY BA 239 21.34 62.71 43.02
C GLY BA 239 22.30 63.04 44.14
N THR BA 240 21.98 62.71 45.38
CA THR BA 240 22.87 62.95 46.50
C THR BA 240 23.27 61.60 47.09
N PHE BA 241 24.30 61.58 47.94
CA PHE BA 241 24.88 60.35 48.44
C PHE BA 241 25.06 60.38 49.95
N GLN BA 242 25.21 59.19 50.53
CA GLN BA 242 25.39 59.01 51.96
C GLN BA 242 26.53 58.04 52.24
N LYS BA 243 27.16 58.21 53.40
CA LYS BA 243 28.23 57.32 53.83
C LYS BA 243 28.41 57.50 55.33
N TRP BA 244 28.55 56.41 56.05
CA TRP BA 244 28.73 56.46 57.50
C TRP BA 244 29.90 55.58 57.90
N ALA BA 245 30.64 56.04 58.92
CA ALA BA 245 31.79 55.33 59.47
C ALA BA 245 31.59 55.13 60.97
N ALA BA 246 31.63 53.88 61.41
CA ALA BA 246 31.44 53.52 62.81
C ALA BA 246 32.74 53.05 63.43
N VAL BA 247 32.78 53.09 64.76
CA VAL BA 247 33.95 52.65 65.51
C VAL BA 247 33.46 52.06 66.84
N VAL BA 248 34.18 51.05 67.32
CA VAL BA 248 33.92 50.48 68.64
C VAL BA 248 34.72 51.27 69.67
N VAL BA 249 34.05 51.65 70.76
CA VAL BA 249 34.59 52.59 71.73
C VAL BA 249 34.53 51.98 73.14
N PRO BA 250 35.60 52.11 73.94
CA PRO BA 250 35.49 51.75 75.36
C PRO BA 250 34.69 52.80 76.14
N SER BA 251 33.74 52.32 76.95
CA SER BA 251 32.82 53.20 77.65
C SER BA 251 33.56 54.28 78.41
N GLY BA 252 32.99 55.48 78.43
CA GLY BA 252 33.62 56.57 79.13
C GLY BA 252 34.77 57.22 78.39
N GLU BA 253 34.92 56.92 77.09
CA GLU BA 253 35.99 57.49 76.28
C GLU BA 253 35.47 58.10 74.99
N GLU BA 254 34.17 58.36 74.91
CA GLU BA 254 33.64 58.93 73.67
C GLU BA 254 34.23 60.30 73.42
N GLN BA 255 34.53 61.05 74.48
CA GLN BA 255 35.18 62.35 74.35
C GLN BA 255 36.63 62.26 73.93
N ARG BA 256 37.15 61.05 73.67
CA ARG BA 256 38.48 60.84 73.13
C ARG BA 256 38.48 60.55 71.63
N TYR BA 257 37.35 60.10 71.08
CA TYR BA 257 37.25 59.76 69.66
C TYR BA 257 36.70 60.96 68.89
N THR BA 258 37.35 61.28 67.77
CA THR BA 258 36.96 62.41 66.93
C THR BA 258 36.76 61.93 65.50
N CYS BA 259 35.60 62.26 64.92
CA CYS BA 259 35.30 61.93 63.54
C CYS BA 259 35.56 63.16 62.68
N HIS BA 260 36.25 62.96 61.56
CA HIS BA 260 36.66 64.05 60.67
C HIS BA 260 36.09 63.78 59.29
N VAL BA 261 35.47 64.80 58.69
CA VAL BA 261 34.78 64.68 57.41
C VAL BA 261 35.38 65.66 56.42
N GLN BA 262 35.74 65.15 55.23
CA GLN BA 262 36.29 65.96 54.14
C GLN BA 262 35.41 65.82 52.92
N HIS BA 263 34.99 66.95 52.36
CA HIS BA 263 34.18 66.96 51.16
C HIS BA 263 34.61 68.11 50.27
N GLU BA 264 34.37 67.98 48.96
CA GLU BA 264 34.73 69.04 48.03
C GLU BA 264 33.90 70.29 48.27
N GLY BA 265 32.60 70.12 48.49
CA GLY BA 265 31.72 71.25 48.72
C GLY BA 265 32.05 72.08 49.94
N LEU BA 266 32.40 71.42 51.04
CA LEU BA 266 32.70 72.13 52.29
C LEU BA 266 33.98 72.96 52.22
N PRO BA 267 33.93 74.19 52.73
CA PRO BA 267 35.12 75.06 52.75
C PRO BA 267 36.27 74.52 53.61
N LYS BA 268 35.93 73.97 54.77
CA LYS BA 268 36.90 73.44 55.72
C LYS BA 268 36.37 72.15 56.32
N PRO BA 269 37.27 71.28 56.80
CA PRO BA 269 36.83 69.96 57.25
C PRO BA 269 36.06 70.01 58.57
N LEU BA 270 35.14 69.07 58.72
CA LEU BA 270 34.28 68.95 59.89
C LEU BA 270 34.97 68.10 60.95
N THR BA 271 34.48 68.22 62.18
CA THR BA 271 34.90 67.34 63.26
C THR BA 271 33.72 67.09 64.18
N LEU BA 272 33.46 65.82 64.50
CA LEU BA 272 32.33 65.45 65.34
C LEU BA 272 32.82 64.65 66.54
N ARG BA 273 32.20 64.91 67.70
CA ARG BA 273 32.59 64.29 68.96
C ARG BA 273 31.36 64.18 69.83
N TRP BA 274 31.40 63.26 70.79
CA TRP BA 274 30.27 63.05 71.68
C TRP BA 274 30.32 63.98 72.90
N VAL CA 1 28.47 62.27 24.56
CA VAL CA 1 28.44 61.86 23.16
C VAL CA 1 29.14 60.53 22.96
N THR CA 2 28.40 59.55 22.44
CA THR CA 2 28.90 58.19 22.27
C THR CA 2 29.87 58.12 21.09
N GLU CA 3 30.72 57.09 21.13
CA GLU CA 3 31.77 56.97 20.12
C GLU CA 3 31.15 56.62 18.78
N HIS CA 4 31.79 57.14 17.73
CA HIS CA 4 31.26 57.05 16.37
C HIS CA 4 30.99 55.60 15.96
N ASP CA 5 32.04 54.80 15.96
CA ASP CA 5 32.06 53.39 15.59
C ASP CA 5 32.84 52.61 16.66
N THR CA 6 32.92 51.30 16.51
CA THR CA 6 33.53 50.47 17.54
C THR CA 6 34.55 49.51 16.94
N LEU CA 7 35.29 48.85 17.83
CA LEU CA 7 36.34 47.92 17.46
C LEU CA 7 35.90 46.49 17.74
N LEU CA 8 36.28 45.58 16.85
CA LEU CA 8 36.03 44.16 17.03
C LEU CA 8 37.31 43.48 17.54
N TYR CA 9 37.14 42.46 18.38
CA TYR CA 9 38.30 41.78 18.98
C TYR CA 9 38.88 40.72 18.06
N ILE DA 1 35.39 33.50 37.17
CA ILE DA 1 35.39 33.94 38.56
C ILE DA 1 34.12 34.73 38.89
N GLN DA 2 33.68 34.64 40.15
CA GLN DA 2 32.43 35.23 40.59
C GLN DA 2 32.67 36.07 41.84
N ARG DA 3 31.86 37.11 41.99
CA ARG DA 3 31.87 37.96 43.19
C ARG DA 3 30.45 38.06 43.74
N THR DA 4 30.35 38.06 45.07
CA THR DA 4 29.07 38.03 45.77
C THR DA 4 28.66 39.43 46.23
N PRO DA 5 27.36 39.75 46.17
CA PRO DA 5 26.94 41.15 46.35
C PRO DA 5 27.03 41.63 47.79
N LYS DA 6 27.45 42.88 47.96
CA LYS DA 6 27.24 43.61 49.20
C LYS DA 6 25.87 44.27 49.15
N ILE DA 7 25.16 44.24 50.27
CA ILE DA 7 23.77 44.70 50.33
C ILE DA 7 23.63 45.72 51.47
N GLN DA 8 23.08 46.89 51.14
CA GLN DA 8 22.72 47.91 52.12
C GLN DA 8 21.24 48.27 51.94
N VAL DA 9 20.51 48.35 53.05
CA VAL DA 9 19.09 48.75 53.05
C VAL DA 9 18.97 50.03 53.86
N TYR DA 10 18.39 51.06 53.24
CA TYR DA 10 18.35 52.36 53.90
C TYR DA 10 17.23 53.21 53.30
N SER DA 11 16.88 54.27 54.01
CA SER DA 11 15.91 55.25 53.55
C SER DA 11 16.62 56.45 52.95
N ARG DA 12 15.93 57.10 52.01
CA ARG DA 12 16.51 58.26 51.32
C ARG DA 12 16.74 59.43 52.27
N HIS DA 13 15.74 59.76 53.08
CA HIS DA 13 15.86 60.77 54.12
C HIS DA 13 15.84 60.11 55.48
N PRO DA 14 16.40 60.76 56.52
CA PRO DA 14 16.25 60.23 57.88
C PRO DA 14 14.78 59.98 58.18
N ALA DA 15 14.46 58.74 58.52
CA ALA DA 15 13.07 58.31 58.58
C ALA DA 15 12.34 58.90 59.78
N GLU DA 16 11.10 59.31 59.54
CA GLU DA 16 10.18 59.74 60.58
C GLU DA 16 8.83 59.12 60.29
N ASN DA 17 8.22 58.52 61.31
CA ASN DA 17 7.02 57.73 61.10
C ASN DA 17 5.87 58.59 60.61
N GLY DA 18 5.20 58.15 59.55
CA GLY DA 18 4.04 58.83 59.04
C GLY DA 18 4.30 59.83 57.93
N LYS DA 19 5.55 60.15 57.63
CA LYS DA 19 5.86 61.07 56.55
C LYS DA 19 6.47 60.29 55.40
N SER DA 20 6.04 60.62 54.18
CA SER DA 20 6.47 59.88 52.99
C SER DA 20 7.98 59.96 52.82
N ASN DA 21 8.61 58.80 52.86
CA ASN DA 21 10.04 58.63 52.63
C ASN DA 21 10.22 57.68 51.44
N PHE DA 22 11.45 57.20 51.23
CA PHE DA 22 11.73 56.29 50.12
C PHE DA 22 12.70 55.21 50.58
N LEU DA 23 12.38 53.96 50.27
CA LEU DA 23 13.16 52.81 50.74
C LEU DA 23 14.14 52.37 49.65
N ASN DA 24 15.41 52.38 49.99
CA ASN DA 24 16.49 52.01 49.06
C ASN DA 24 17.12 50.69 49.48
N CYS DA 25 17.32 49.81 48.51
CA CYS DA 25 18.20 48.65 48.65
C CYS DA 25 19.27 48.77 47.57
N TYR DA 26 20.52 48.89 48.00
CA TYR DA 26 21.63 49.16 47.09
C TYR DA 26 22.58 47.97 47.12
N VAL DA 27 22.49 47.11 46.11
CA VAL DA 27 23.36 45.94 45.98
C VAL DA 27 24.52 46.28 45.04
N SER DA 28 25.73 45.93 45.45
CA SER DA 28 26.93 46.33 44.72
C SER DA 28 28.00 45.25 44.86
N GLY DA 29 29.03 45.37 44.03
CA GLY DA 29 30.19 44.51 44.12
C GLY DA 29 29.96 43.06 43.74
N PHE DA 30 28.97 42.79 42.90
CA PHE DA 30 28.64 41.42 42.54
C PHE DA 30 29.00 41.16 41.09
N HIS DA 31 29.11 39.88 40.76
CA HIS DA 31 29.42 39.42 39.42
C HIS DA 31 29.14 37.93 39.30
N PRO DA 32 28.50 37.47 38.23
CA PRO DA 32 28.02 38.22 37.06
C PRO DA 32 26.76 39.05 37.34
N SER DA 33 26.14 39.55 36.27
CA SER DA 33 25.14 40.60 36.39
C SER DA 33 23.77 40.07 36.82
N ASP DA 34 23.46 38.79 36.53
CA ASP DA 34 22.15 38.26 36.86
C ASP DA 34 21.92 38.36 38.37
N ILE DA 35 21.01 39.23 38.80
CA ILE DA 35 20.71 39.38 40.22
C ILE DA 35 19.21 39.66 40.38
N GLU DA 36 18.66 39.13 41.48
CA GLU DA 36 17.27 39.35 41.87
C GLU DA 36 17.22 40.11 43.19
N VAL DA 37 16.45 41.19 43.23
CA VAL DA 37 16.32 42.05 44.40
C VAL DA 37 14.85 42.36 44.63
N ASP DA 38 14.38 42.18 45.87
CA ASP DA 38 13.03 42.55 46.27
C ASP DA 38 13.07 43.36 47.56
N LEU DA 39 12.04 44.20 47.73
CA LEU DA 39 11.80 44.91 48.97
C LEU DA 39 10.63 44.26 49.71
N LEU DA 40 10.71 44.22 51.03
CA LEU DA 40 9.80 43.44 51.85
C LEU DA 40 9.14 44.32 52.90
N LYS DA 41 7.82 44.45 52.82
CA LYS DA 41 7.02 45.08 53.88
C LYS DA 41 6.51 43.95 54.76
N ASN DA 42 7.26 43.68 55.83
CA ASN DA 42 6.98 42.60 56.77
C ASN DA 42 6.94 41.27 56.02
N GLY DA 43 8.03 40.98 55.32
CA GLY DA 43 8.14 39.72 54.61
C GLY DA 43 7.33 39.64 53.33
N GLU DA 44 6.56 40.68 53.01
CA GLU DA 44 5.71 40.70 51.82
C GLU DA 44 6.37 41.49 50.68
N ARG DA 45 6.07 41.08 49.45
CA ARG DA 45 6.72 41.65 48.27
C ARG DA 45 6.10 42.98 47.88
N ILE DA 46 6.89 44.05 47.93
CA ILE DA 46 6.41 45.36 47.51
C ILE DA 46 6.44 45.45 45.99
N GLU DA 47 5.31 45.85 45.39
CA GLU DA 47 5.17 45.76 43.95
C GLU DA 47 5.74 46.96 43.20
N LYS DA 48 5.42 48.17 43.65
CA LYS DA 48 5.79 49.41 42.96
C LYS DA 48 7.26 49.73 43.18
N VAL DA 49 8.13 48.88 42.65
CA VAL DA 49 9.57 49.01 42.85
C VAL DA 49 10.25 49.20 41.51
N GLU DA 50 11.07 50.24 41.41
CA GLU DA 50 11.94 50.49 40.27
C GLU DA 50 13.39 50.31 40.68
N HIS DA 51 14.28 50.33 39.68
CA HIS DA 51 15.70 50.17 39.92
C HIS DA 51 16.49 51.12 39.02
N SER DA 52 17.77 51.24 39.35
CA SER DA 52 18.70 52.02 38.56
C SER DA 52 19.15 51.20 37.34
N ASP DA 53 19.99 51.79 36.51
CA ASP DA 53 20.51 51.10 35.34
C ASP DA 53 21.86 50.45 35.65
N LEU DA 54 22.10 49.30 35.03
CA LEU DA 54 23.25 48.49 35.39
C LEU DA 54 24.54 49.24 35.08
N SER DA 55 25.20 49.76 36.10
CA SER DA 55 26.51 50.32 35.94
C SER DA 55 27.48 49.45 36.74
N PHE DA 56 28.78 49.69 36.56
CA PHE DA 56 29.79 48.91 37.25
C PHE DA 56 30.88 49.83 37.77
N SER DA 57 31.70 49.29 38.67
CA SER DA 57 32.70 50.04 39.39
C SER DA 57 34.05 49.88 38.72
N LYS DA 58 35.12 50.27 39.42
CA LYS DA 58 36.44 50.19 38.81
C LYS DA 58 36.86 48.74 38.58
N ASP DA 59 36.54 47.84 39.52
CA ASP DA 59 36.87 46.43 39.40
C ASP DA 59 35.82 45.63 38.62
N TRP DA 60 34.99 46.31 37.82
CA TRP DA 60 33.97 45.74 36.95
C TRP DA 60 32.81 45.07 37.69
N SER DA 61 32.75 45.19 39.01
CA SER DA 61 31.64 44.61 39.75
C SER DA 61 30.43 45.54 39.67
N PHE DA 62 29.28 44.98 39.31
CA PHE DA 62 28.09 45.78 39.04
C PHE DA 62 27.49 46.33 40.34
N TYR DA 63 26.55 47.28 40.19
CA TYR DA 63 25.81 47.82 41.33
C TYR DA 63 24.45 48.33 40.86
N LEU DA 64 23.43 48.10 41.69
CA LEU DA 64 22.06 48.50 41.39
C LEU DA 64 21.42 49.13 42.61
N LEU DA 65 20.40 49.97 42.38
CA LEU DA 65 19.62 50.60 43.44
C LEU DA 65 18.15 50.38 43.16
N TYR DA 66 17.45 49.68 44.05
CA TYR DA 66 16.01 49.51 43.97
C TYR DA 66 15.34 50.41 45.00
N TYR DA 67 14.32 51.17 44.58
CA TYR DA 67 13.69 52.16 45.44
C TYR DA 67 12.18 52.14 45.29
N THR DA 68 11.48 52.54 46.36
CA THR DA 68 10.03 52.67 46.39
C THR DA 68 9.66 53.76 47.40
N GLU DA 69 8.59 54.50 47.10
CA GLU DA 69 8.03 55.37 48.13
C GLU DA 69 7.44 54.52 49.24
N PHE DA 70 7.70 54.90 50.48
CA PHE DA 70 7.12 54.17 51.59
C PHE DA 70 6.97 55.12 52.78
N THR DA 71 5.94 54.87 53.57
CA THR DA 71 5.68 55.63 54.78
C THR DA 71 5.98 54.75 55.99
N PRO DA 72 7.14 54.89 56.61
CA PRO DA 72 7.50 53.97 57.69
C PRO DA 72 6.66 54.20 58.92
N THR DA 73 6.26 53.11 59.57
CA THR DA 73 5.68 53.18 60.89
C THR DA 73 6.69 52.57 61.86
N GLU DA 74 6.25 52.34 63.09
CA GLU DA 74 7.10 51.69 64.09
C GLU DA 74 6.88 50.19 64.13
N LYS DA 75 5.70 49.72 63.72
CA LYS DA 75 5.42 48.30 63.64
C LYS DA 75 5.81 47.73 62.28
N ASP DA 76 5.57 48.48 61.21
CA ASP DA 76 6.06 48.08 59.91
C ASP DA 76 7.58 48.08 59.93
N GLU DA 77 8.20 46.91 59.77
CA GLU DA 77 9.65 46.79 59.68
C GLU DA 77 9.99 46.11 58.35
N TYR DA 78 10.85 46.75 57.58
CA TYR DA 78 11.15 46.34 56.21
C TYR DA 78 12.49 45.64 56.09
N ALA DA 79 12.66 44.91 54.98
CA ALA DA 79 13.86 44.16 54.70
C ALA DA 79 13.99 44.02 53.18
N CYS DA 80 15.16 43.57 52.74
CA CYS DA 80 15.47 43.44 51.32
C CYS DA 80 16.02 42.05 51.05
N ARG DA 81 15.40 41.33 50.11
CA ARG DA 81 15.78 39.97 49.76
C ARG DA 81 16.50 39.94 48.41
N VAL DA 82 17.66 39.29 48.39
CA VAL DA 82 18.57 39.29 47.24
C VAL DA 82 19.02 37.86 46.98
N ASN DA 83 18.59 37.29 45.86
CA ASN DA 83 19.09 36.00 45.41
C ASN DA 83 20.10 36.25 44.29
N HIS DA 84 21.15 35.42 44.27
CA HIS DA 84 22.22 35.57 43.30
C HIS DA 84 22.79 34.19 42.99
N VAL DA 85 23.63 34.13 41.95
CA VAL DA 85 24.34 32.89 41.63
C VAL DA 85 25.38 32.59 42.70
N THR DA 86 26.00 33.61 43.28
CA THR DA 86 26.93 33.43 44.37
C THR DA 86 26.22 33.17 45.69
N LEU DA 87 24.89 33.24 45.73
CA LEU DA 87 24.11 33.02 46.93
C LEU DA 87 23.32 31.72 46.81
N SER DA 88 23.65 30.77 47.70
CA SER DA 88 22.93 29.50 47.72
C SER DA 88 21.47 29.70 48.13
N GLN DA 89 21.25 30.48 49.19
CA GLN DA 89 19.91 30.86 49.63
C GLN DA 89 19.75 32.38 49.57
N PRO DA 90 18.58 32.88 49.18
CA PRO DA 90 18.41 34.34 49.10
C PRO DA 90 18.69 34.99 50.44
N LYS DA 91 19.64 35.93 50.46
CA LYS DA 91 19.89 36.74 51.64
C LYS DA 91 18.77 37.75 51.87
N ILE DA 92 18.54 38.05 53.15
CA ILE DA 92 17.65 39.13 53.55
C ILE DA 92 18.41 40.02 54.53
N VAL DA 93 18.41 41.32 54.26
CA VAL DA 93 19.01 42.32 55.15
C VAL DA 93 17.89 43.25 55.56
N LYS DA 94 17.61 43.28 56.86
CA LYS DA 94 16.51 44.07 57.38
C LYS DA 94 16.90 45.53 57.54
N TRP DA 95 15.95 46.41 57.29
CA TRP DA 95 16.20 47.84 57.37
C TRP DA 95 16.26 48.26 58.83
N ASP DA 96 17.42 48.77 59.26
CA ASP DA 96 17.57 49.34 60.59
C ASP DA 96 17.33 50.83 60.53
N ARG DA 97 16.73 51.37 61.60
CA ARG DA 97 16.48 52.81 61.64
C ARG DA 97 17.76 53.63 61.75
N ASP DA 98 18.87 53.04 62.20
CA ASP DA 98 20.10 53.79 62.38
C ASP DA 98 21.30 53.06 61.79
N MET DA 99 21.14 52.54 60.57
CA MET DA 99 22.27 51.96 59.84
C MET DA 99 22.16 52.19 58.32
N SER EA 2 -0.86 -46.09 61.90
CA SER EA 2 -0.10 -46.58 63.04
C SER EA 2 0.37 -48.01 62.80
N VAL EA 3 0.14 -48.52 61.59
CA VAL EA 3 0.47 -49.90 61.25
C VAL EA 3 1.64 -49.91 60.28
N SER EA 4 2.81 -50.35 60.76
CA SER EA 4 3.97 -50.60 59.91
C SER EA 4 4.38 -52.06 60.11
N THR EA 5 4.46 -52.80 59.01
CA THR EA 5 4.57 -54.25 59.05
C THR EA 5 5.89 -54.70 58.43
N GLN EA 6 6.63 -55.55 59.17
CA GLN EA 6 7.88 -56.09 58.68
C GLN EA 6 7.75 -57.59 58.42
N PRO EA 7 8.53 -58.13 57.49
CA PRO EA 7 8.56 -59.58 57.32
C PRO EA 7 9.12 -60.26 58.56
N PRO EA 8 8.73 -61.51 58.81
CA PRO EA 8 9.16 -62.16 60.06
C PRO EA 8 10.64 -62.49 60.06
N SER EA 9 11.18 -63.02 58.96
CA SER EA 9 12.59 -63.38 58.91
C SER EA 9 13.11 -63.22 57.49
N VAL EA 10 14.41 -62.93 57.38
CA VAL EA 10 15.11 -62.85 56.10
C VAL EA 10 16.38 -63.67 56.22
N SER EA 11 16.56 -64.61 55.32
CA SER EA 11 17.76 -65.45 55.25
C SER EA 11 18.59 -65.04 54.04
N VAL EA 12 19.89 -64.92 54.24
CA VAL EA 12 20.79 -64.47 53.17
C VAL EA 12 22.11 -65.23 53.27
N ALA EA 13 22.68 -65.54 52.10
CA ALA EA 13 23.98 -66.17 52.07
C ALA EA 13 25.05 -65.13 52.41
N PRO EA 14 26.15 -65.54 53.05
CA PRO EA 14 27.21 -64.58 53.34
C PRO EA 14 27.73 -63.95 52.04
N GLY EA 15 28.02 -62.65 52.11
CA GLY EA 15 28.46 -61.92 50.94
C GLY EA 15 27.38 -61.52 49.96
N GLN EA 16 26.16 -62.03 50.09
CA GLN EA 16 25.04 -61.59 49.25
C GLN EA 16 24.53 -60.25 49.77
N THR EA 17 23.40 -59.80 49.24
CA THR EA 17 22.77 -58.55 49.67
C THR EA 17 21.41 -58.85 50.27
N ALA EA 18 21.25 -58.52 51.55
CA ALA EA 18 19.98 -58.71 52.23
C ALA EA 18 19.09 -57.49 52.04
N ARG EA 19 17.78 -57.71 52.20
CA ARG EA 19 16.80 -56.66 51.91
C ARG EA 19 15.60 -56.87 52.82
N ILE EA 20 15.39 -55.93 53.74
CA ILE EA 20 14.30 -55.97 54.72
C ILE EA 20 13.33 -54.84 54.41
N THR EA 21 12.05 -55.18 54.29
CA THR EA 21 11.00 -54.22 53.97
C THR EA 21 10.21 -53.81 55.22
N CYS EA 22 9.58 -52.63 55.14
CA CYS EA 22 8.76 -52.08 56.23
C CYS EA 22 7.54 -51.41 55.57
N GLY EA 23 6.51 -52.21 55.26
CA GLY EA 23 5.37 -51.69 54.53
C GLY EA 23 4.42 -50.89 55.41
N GLY EA 24 3.84 -49.85 54.80
CA GLY EA 24 2.90 -48.99 55.50
C GLY EA 24 2.23 -48.01 54.57
N ASN EA 25 0.99 -47.63 54.90
CA ASN EA 25 0.20 -46.74 54.06
C ASN EA 25 0.82 -45.35 54.02
N ASN EA 26 1.32 -44.95 52.85
CA ASN EA 26 1.98 -43.66 52.67
C ASN EA 26 3.13 -43.51 53.67
N ILE EA 27 3.87 -44.60 53.88
CA ILE EA 27 5.04 -44.54 54.72
C ILE EA 27 6.16 -43.77 54.03
N GLY EA 28 6.08 -43.61 52.70
CA GLY EA 28 7.04 -42.78 51.99
C GLY EA 28 7.01 -41.32 52.42
N SER EA 29 5.91 -40.88 53.00
CA SER EA 29 5.77 -39.53 53.52
C SER EA 29 6.10 -39.41 55.01
N LYS EA 30 6.40 -40.51 55.67
CA LYS EA 30 6.90 -40.46 57.05
C LYS EA 30 8.42 -40.60 57.05
N SER EA 31 9.02 -40.20 58.17
CA SER EA 31 10.46 -40.29 58.35
C SER EA 31 10.79 -41.63 59.01
N VAL EA 32 11.35 -42.54 58.23
CA VAL EA 32 11.62 -43.91 58.67
C VAL EA 32 13.00 -43.99 59.28
N HIS EA 33 13.12 -44.74 60.38
CA HIS EA 33 14.41 -45.01 61.00
C HIS EA 33 14.56 -46.52 61.16
N TRP EA 34 15.79 -46.96 61.42
CA TRP EA 34 16.09 -48.38 61.57
C TRP EA 34 17.04 -48.60 62.73
N TYR EA 35 16.77 -49.63 63.52
CA TYR EA 35 17.59 -50.00 64.65
C TYR EA 35 18.01 -51.46 64.51
N ARG EA 36 19.25 -51.76 64.89
CA ARG EA 36 19.77 -53.11 64.87
C ARG EA 36 20.00 -53.54 66.32
N GLN EA 37 19.42 -54.67 66.69
CA GLN EA 37 19.54 -55.19 68.05
C GLN EA 37 20.12 -56.60 67.94
N LYS EA 38 21.36 -56.76 68.38
CA LYS EA 38 21.93 -58.10 68.45
C LYS EA 38 21.53 -58.73 69.77
N PRO EA 39 21.49 -60.07 69.84
CA PRO EA 39 20.99 -60.72 71.05
C PRO EA 39 21.76 -60.28 72.28
N GLY EA 40 21.00 -59.94 73.33
CA GLY EA 40 21.58 -59.55 74.61
C GLY EA 40 22.03 -58.12 74.72
N GLN EA 41 21.95 -57.34 73.64
CA GLN EA 41 22.39 -55.95 73.63
C GLN EA 41 21.22 -55.03 73.32
N ALA EA 42 21.48 -53.73 73.45
CA ALA EA 42 20.48 -52.71 73.15
C ALA EA 42 20.42 -52.43 71.65
N PRO EA 43 19.31 -51.84 71.17
CA PRO EA 43 19.25 -51.43 69.77
C PRO EA 43 20.25 -50.34 69.43
N VAL EA 44 20.67 -50.33 68.16
CA VAL EA 44 21.67 -49.38 67.65
C VAL EA 44 21.11 -48.74 66.37
N LEU EA 45 21.15 -47.41 66.32
CA LEU EA 45 20.66 -46.69 65.16
C LEU EA 45 21.54 -46.97 63.94
N VAL EA 46 20.92 -47.38 62.83
CA VAL EA 46 21.67 -47.76 61.63
C VAL EA 46 21.25 -46.96 60.41
N VAL EA 47 20.01 -46.48 60.38
CA VAL EA 47 19.52 -45.63 59.30
C VAL EA 47 18.48 -44.68 59.89
N TYR EA 48 18.64 -43.38 59.67
CA TYR EA 48 17.69 -42.40 60.13
C TYR EA 48 17.26 -41.51 58.98
N ASP EA 49 16.06 -40.97 59.10
CA ASP EA 49 15.44 -40.15 58.07
C ASP EA 49 15.59 -40.79 56.69
N ASN EA 50 14.94 -41.95 56.55
CA ASN EA 50 14.80 -42.69 55.29
C ASN EA 50 16.09 -43.31 54.79
N ASN EA 51 17.14 -42.51 54.57
CA ASN EA 51 18.33 -42.99 53.86
C ASN EA 51 19.67 -42.65 54.52
N ALA EA 52 19.71 -41.73 55.48
CA ALA EA 52 20.98 -41.26 55.99
C ALA EA 52 21.63 -42.30 56.91
N ARG EA 53 22.95 -42.43 56.78
CA ARG EA 53 23.67 -43.35 57.65
C ARG EA 53 24.41 -42.57 58.72
N PRO EA 54 24.44 -43.07 59.93
CA PRO EA 54 25.28 -42.44 60.95
C PRO EA 54 26.77 -42.58 60.65
N SER EA 55 27.59 -42.09 61.57
CA SER EA 55 29.03 -42.07 61.37
C SER EA 55 29.60 -43.49 61.29
N GLY EA 56 29.33 -44.31 62.30
CA GLY EA 56 29.94 -45.62 62.41
C GLY EA 56 29.40 -46.66 61.45
N ILE EA 57 28.27 -46.39 60.81
CA ILE EA 57 27.62 -47.41 59.97
C ILE EA 57 28.35 -47.47 58.63
N PRO EA 58 28.72 -48.67 58.16
CA PRO EA 58 29.40 -48.78 56.86
C PRO EA 58 28.44 -48.54 55.70
N GLU EA 59 29.02 -48.14 54.56
CA GLU EA 59 28.19 -47.82 53.40
C GLU EA 59 27.49 -49.03 52.81
N ARG EA 60 27.83 -50.24 53.27
CA ARG EA 60 27.10 -51.42 52.82
C ARG EA 60 25.62 -51.28 53.18
N ILE EA 61 25.33 -50.73 54.36
CA ILE EA 61 23.97 -50.51 54.83
C ILE EA 61 23.42 -49.25 54.20
N SER EA 62 22.29 -49.37 53.50
CA SER EA 62 21.65 -48.21 52.90
C SER EA 62 20.17 -48.20 53.27
N GLY EA 63 19.61 -47.00 53.33
CA GLY EA 63 18.22 -46.79 53.64
C GLY EA 63 17.42 -46.42 52.40
N SER EA 64 16.11 -46.38 52.58
CA SER EA 64 15.19 -46.07 51.49
C SER EA 64 13.80 -45.90 52.05
N ASN EA 65 13.03 -45.03 51.40
CA ASN EA 65 11.62 -44.86 51.78
C ASN EA 65 10.93 -44.13 50.65
N PHE EA 66 10.05 -44.83 49.95
CA PHE EA 66 9.35 -44.25 48.82
C PHE EA 66 8.02 -44.97 48.66
N ALA EA 67 7.02 -44.22 48.22
CA ALA EA 67 5.66 -44.73 48.04
C ALA EA 67 5.11 -45.29 49.35
N ASN EA 68 5.01 -46.62 49.45
CA ASN EA 68 4.38 -47.25 50.61
C ASN EA 68 5.25 -48.37 51.18
N THR EA 69 6.56 -48.32 50.97
CA THR EA 69 7.44 -49.39 51.43
C THR EA 69 8.83 -48.81 51.67
N ALA EA 70 9.24 -48.74 52.93
CA ALA EA 70 10.63 -48.46 53.26
C ALA EA 70 11.41 -49.77 53.28
N THR EA 71 12.67 -49.71 52.83
CA THR EA 71 13.46 -50.92 52.62
C THR EA 71 14.88 -50.70 53.10
N LEU EA 72 15.36 -51.58 53.97
CA LEU EA 72 16.75 -51.57 54.43
C LEU EA 72 17.56 -52.56 53.62
N THR EA 73 18.71 -52.11 53.13
CA THR EA 73 19.58 -52.91 52.28
C THR EA 73 20.94 -53.07 52.92
N ILE EA 74 21.39 -54.31 53.06
CA ILE EA 74 22.72 -54.64 53.58
C ILE EA 74 23.50 -55.29 52.44
N SER EA 75 24.49 -54.59 51.91
CA SER EA 75 25.34 -55.12 50.84
C SER EA 75 26.47 -55.93 51.45
N ARG EA 76 26.86 -57.00 50.77
CA ARG EA 76 27.94 -57.89 51.22
C ARG EA 76 27.75 -58.29 52.68
N VAL EA 77 26.74 -59.13 52.88
CA VAL EA 77 26.33 -59.48 54.24
C VAL EA 77 27.48 -60.21 54.92
N GLU EA 78 27.81 -59.75 56.12
CA GLU EA 78 28.79 -60.39 56.99
C GLU EA 78 28.08 -61.23 58.05
N ALA EA 79 28.86 -62.05 58.74
CA ALA EA 79 28.27 -62.88 59.79
C ALA EA 79 27.73 -62.02 60.93
N GLY EA 80 28.38 -60.91 61.22
CA GLY EA 80 27.92 -60.04 62.28
C GLY EA 80 26.66 -59.26 61.95
N ASP EA 81 26.12 -59.41 60.75
CA ASP EA 81 24.88 -58.74 60.40
C ASP EA 81 23.66 -59.51 60.87
N GLU EA 82 23.84 -60.67 61.49
CA GLU EA 82 22.72 -61.40 62.07
C GLU EA 82 22.22 -60.64 63.30
N ALA EA 83 20.99 -60.14 63.24
CA ALA EA 83 20.39 -59.43 64.36
C ALA EA 83 18.93 -59.17 64.01
N ASP EA 84 18.22 -58.54 64.95
CA ASP EA 84 16.86 -58.07 64.71
C ASP EA 84 16.88 -56.63 64.22
N TYR EA 85 15.99 -56.32 63.27
CA TYR EA 85 15.93 -55.00 62.65
C TYR EA 85 14.51 -54.47 62.76
N TYR EA 86 14.37 -53.29 63.38
CA TYR EA 86 13.09 -52.64 63.58
C TYR EA 86 13.06 -51.31 62.85
N CYS EA 87 11.98 -51.04 62.11
CA CYS EA 87 11.76 -49.72 61.55
C CYS EA 87 10.96 -48.85 62.51
N HIS EA 88 11.07 -47.52 62.31
CA HIS EA 88 10.58 -46.53 63.26
C HIS EA 88 9.97 -45.39 62.46
N VAL EA 89 8.69 -45.08 62.72
CA VAL EA 89 8.03 -43.92 62.17
C VAL EA 89 7.37 -43.14 63.29
N TRP EA 90 6.83 -41.97 62.95
CA TRP EA 90 6.02 -41.18 63.87
C TRP EA 90 4.69 -40.89 63.21
N ASP EA 91 3.62 -41.45 63.75
CA ASP EA 91 2.27 -41.24 63.23
C ASP EA 91 1.75 -39.90 63.77
N SER EA 92 1.78 -38.88 62.92
CA SER EA 92 1.31 -37.55 63.34
C SER EA 92 -0.15 -37.61 63.78
N SER EA 93 -0.99 -38.33 63.03
CA SER EA 93 -2.42 -38.41 63.30
C SER EA 93 -2.76 -39.53 64.29
N SER EA 94 -1.79 -39.94 65.11
CA SER EA 94 -2.01 -40.94 66.14
C SER EA 94 -1.32 -40.59 67.46
N ASP EA 95 -0.35 -39.69 67.47
CA ASP EA 95 0.45 -39.36 68.64
C ASP EA 95 1.12 -40.60 69.24
N HIS EA 96 1.56 -41.50 68.36
CA HIS EA 96 2.16 -42.78 68.73
C HIS EA 96 3.35 -43.05 67.82
N VAL EA 97 4.51 -43.30 68.41
CA VAL EA 97 5.64 -43.76 67.62
C VAL EA 97 5.50 -45.26 67.40
N VAL EA 98 5.68 -45.68 66.15
CA VAL EA 98 5.29 -47.01 65.69
C VAL EA 98 6.52 -47.77 65.25
N PHE EA 99 6.92 -48.76 66.03
CA PHE EA 99 7.95 -49.68 65.58
C PHE EA 99 7.32 -50.80 64.75
N GLY EA 100 8.11 -51.33 63.81
CA GLY EA 100 7.67 -52.50 63.09
C GLY EA 100 7.81 -53.74 63.95
N GLY EA 101 7.25 -54.85 63.46
CA GLY EA 101 7.32 -56.07 64.23
C GLY EA 101 8.73 -56.61 64.39
N GLY EA 102 9.63 -56.24 63.49
CA GLY EA 102 10.98 -56.76 63.53
C GLY EA 102 11.20 -57.91 62.56
N THR EA 103 12.38 -57.94 61.96
CA THR EA 103 12.76 -58.98 61.01
C THR EA 103 14.11 -59.53 61.44
N LYS EA 104 14.16 -60.84 61.68
CA LYS EA 104 15.40 -61.52 62.08
C LYS EA 104 16.17 -61.94 60.84
N LEU EA 105 17.24 -61.19 60.55
CA LEU EA 105 18.13 -61.47 59.43
C LEU EA 105 19.10 -62.59 59.81
N THR EA 106 19.07 -63.68 59.02
CA THR EA 106 19.95 -64.83 59.22
C THR EA 106 20.96 -64.87 58.09
N VAL EA 107 22.24 -64.81 58.44
CA VAL EA 107 23.31 -65.01 57.46
C VAL EA 107 23.83 -66.43 57.73
N LEU EA 108 23.30 -67.38 56.96
CA LEU EA 108 23.58 -68.79 57.17
C LEU EA 108 24.99 -69.34 56.95
N GLY EA 109 25.54 -69.96 57.99
CA GLY EA 109 26.83 -70.61 57.86
C GLY EA 109 26.64 -72.08 57.58
N GLN EA 110 25.56 -72.66 58.10
CA GLN EA 110 25.15 -74.01 57.75
C GLN EA 110 24.30 -74.01 56.50
N PRO EA 111 24.01 -75.17 55.94
CA PRO EA 111 22.88 -75.30 55.02
C PRO EA 111 21.59 -75.33 55.84
N LYS EA 112 20.46 -75.44 55.14
CA LYS EA 112 19.15 -75.36 55.76
C LYS EA 112 18.59 -76.76 55.99
N ALA EA 113 18.20 -77.05 57.23
CA ALA EA 113 17.66 -78.34 57.61
C ALA EA 113 16.26 -78.14 58.17
N ALA EA 114 15.31 -78.91 57.66
CA ALA EA 114 13.96 -78.87 58.18
C ALA EA 114 13.91 -79.50 59.58
N PRO EA 115 12.91 -79.16 60.38
CA PRO EA 115 12.89 -79.63 61.76
C PRO EA 115 12.38 -81.05 61.90
N SER EA 116 12.88 -81.74 62.92
CA SER EA 116 12.38 -83.05 63.31
C SER EA 116 11.27 -82.87 64.33
N VAL EA 117 10.07 -83.34 63.99
CA VAL EA 117 8.89 -83.17 64.84
C VAL EA 117 8.58 -84.52 65.48
N THR EA 118 8.53 -84.53 66.82
CA THR EA 118 8.16 -85.71 67.60
C THR EA 118 7.03 -85.32 68.54
N LEU EA 119 5.88 -85.98 68.40
CA LEU EA 119 4.68 -85.63 69.16
C LEU EA 119 4.36 -86.70 70.20
N PHE EA 120 4.14 -86.25 71.43
CA PHE EA 120 3.80 -87.12 72.54
C PHE EA 120 2.37 -86.88 73.00
N PRO EA 121 1.57 -87.93 73.16
CA PRO EA 121 0.24 -87.78 73.76
C PRO EA 121 0.34 -87.68 75.27
N PRO EA 122 -0.73 -87.27 75.97
CA PRO EA 122 -0.65 -87.20 77.42
C PRO EA 122 -0.44 -88.59 78.02
N SER EA 123 0.48 -88.68 78.97
CA SER EA 123 0.77 -89.97 79.59
C SER EA 123 -0.43 -90.43 80.43
N SER EA 124 -0.51 -91.75 80.62
CA SER EA 124 -1.58 -92.29 81.47
C SER EA 124 -1.50 -91.71 82.87
N GLU EA 125 -0.28 -91.48 83.36
CA GLU EA 125 -0.10 -90.88 84.67
C GLU EA 125 -0.67 -89.46 84.71
N GLU EA 126 -0.46 -88.69 83.64
CA GLU EA 126 -0.98 -87.33 83.60
C GLU EA 126 -2.49 -87.32 83.46
N LEU EA 127 -3.05 -88.28 82.72
CA LEU EA 127 -4.50 -88.36 82.59
C LEU EA 127 -5.15 -88.59 83.94
N GLN EA 128 -4.57 -89.46 84.77
CA GLN EA 128 -5.08 -89.66 86.11
C GLN EA 128 -4.77 -88.50 87.04
N ALA EA 129 -4.06 -87.49 86.57
CA ALA EA 129 -3.92 -86.24 87.30
C ALA EA 129 -4.94 -85.21 86.84
N ASN EA 130 -5.93 -85.62 86.04
CA ASN EA 130 -6.97 -84.71 85.53
C ASN EA 130 -6.40 -83.65 84.62
N LYS EA 131 -5.29 -83.95 83.94
CA LYS EA 131 -4.71 -83.02 83.00
C LYS EA 131 -4.33 -83.77 81.72
N ALA EA 132 -4.20 -83.02 80.63
CA ALA EA 132 -3.79 -83.58 79.36
C ALA EA 132 -2.94 -82.54 78.66
N THR EA 133 -1.74 -82.93 78.25
CA THR EA 133 -0.82 -82.00 77.61
C THR EA 133 -0.14 -82.71 76.45
N LEU EA 134 -0.37 -82.20 75.24
CA LEU EA 134 0.27 -82.74 74.05
C LEU EA 134 1.62 -82.05 73.89
N VAL EA 135 2.68 -82.83 73.85
CA VAL EA 135 4.03 -82.31 73.81
C VAL EA 135 4.54 -82.51 72.39
N CYS EA 136 4.68 -81.39 71.65
CA CYS EA 136 5.24 -81.40 70.31
C CYS EA 136 6.65 -80.84 70.35
N LEU EA 137 7.64 -81.67 70.01
CA LEU EA 137 9.05 -81.31 70.10
C LEU EA 137 9.62 -81.08 68.70
N ILE EA 138 10.17 -79.88 68.49
CA ILE EA 138 10.68 -79.43 67.20
C ILE EA 138 12.16 -79.15 67.37
N SER EA 139 13.00 -79.84 66.59
CA SER EA 139 14.44 -79.75 66.83
C SER EA 139 15.20 -79.89 65.52
N ASP EA 140 16.43 -79.35 65.53
CA ASP EA 140 17.41 -79.55 64.45
C ASP EA 140 16.95 -78.90 63.15
N PHE EA 141 16.52 -77.64 63.24
CA PHE EA 141 16.17 -76.87 62.06
C PHE EA 141 17.06 -75.63 61.93
N TYR EA 142 17.12 -75.12 60.70
CA TYR EA 142 17.93 -73.95 60.36
C TYR EA 142 17.42 -73.35 59.05
N PRO EA 143 17.14 -72.04 59.01
CA PRO EA 143 17.34 -71.05 60.09
C PRO EA 143 16.35 -71.25 61.23
N GLY EA 144 16.54 -70.57 62.35
CA GLY EA 144 15.67 -70.77 63.49
C GLY EA 144 14.36 -70.01 63.41
N ALA EA 145 13.45 -70.46 62.55
CA ALA EA 145 12.18 -69.77 62.39
C ALA EA 145 11.13 -70.81 62.00
N VAL EA 146 10.20 -71.08 62.93
CA VAL EA 146 9.14 -72.04 62.72
C VAL EA 146 7.83 -71.44 63.23
N THR EA 147 6.73 -71.92 62.67
CA THR EA 147 5.40 -71.54 63.12
C THR EA 147 4.58 -72.80 63.32
N VAL EA 148 3.87 -72.88 64.45
CA VAL EA 148 3.19 -74.09 64.87
C VAL EA 148 1.70 -73.83 64.90
N ALA EA 149 0.92 -74.72 64.29
CA ALA EA 149 -0.53 -74.70 64.37
C ALA EA 149 -1.01 -76.06 64.85
N TRP EA 150 -2.03 -76.07 65.69
CA TRP EA 150 -2.59 -77.30 66.25
C TRP EA 150 -3.96 -77.56 65.63
N LYS EA 151 -4.18 -78.81 65.22
CA LYS EA 151 -5.41 -79.22 64.55
C LYS EA 151 -6.06 -80.35 65.35
N ALA EA 152 -7.24 -80.08 65.89
CA ALA EA 152 -8.05 -81.10 66.56
C ALA EA 152 -9.13 -81.50 65.57
N ASP EA 153 -8.89 -82.60 64.85
CA ASP EA 153 -9.80 -83.10 63.81
C ASP EA 153 -9.99 -82.07 62.70
N SER EA 154 -8.88 -81.73 62.04
CA SER EA 154 -8.86 -80.82 60.89
C SER EA 154 -9.45 -79.45 61.20
N SER EA 155 -9.53 -79.08 62.48
CA SER EA 155 -10.05 -77.80 62.90
C SER EA 155 -9.00 -77.05 63.73
N PRO EA 156 -8.84 -75.75 63.52
CA PRO EA 156 -7.78 -75.03 64.23
C PRO EA 156 -8.02 -75.01 65.74
N VAL EA 157 -6.94 -74.89 66.48
CA VAL EA 157 -6.97 -74.86 67.93
C VAL EA 157 -6.30 -73.57 68.40
N LYS EA 158 -7.03 -72.79 69.20
CA LYS EA 158 -6.52 -71.52 69.68
C LYS EA 158 -5.88 -71.67 71.05
N ALA EA 159 -6.70 -71.65 72.11
CA ALA EA 159 -6.17 -71.64 73.46
C ALA EA 159 -5.59 -73.00 73.84
N GLY EA 160 -4.91 -73.02 74.98
CA GLY EA 160 -4.19 -74.18 75.46
C GLY EA 160 -2.85 -74.42 74.79
N VAL EA 161 -2.44 -73.52 73.88
CA VAL EA 161 -1.20 -73.69 73.13
C VAL EA 161 -0.15 -72.74 73.69
N GLU EA 162 1.02 -73.29 73.97
CA GLU EA 162 2.22 -72.53 74.31
C GLU EA 162 3.33 -72.98 73.37
N THR EA 163 4.19 -72.05 72.96
CA THR EA 163 5.28 -72.40 72.05
C THR EA 163 6.51 -71.60 72.46
N THR EA 164 7.67 -72.26 72.51
CA THR EA 164 8.90 -71.61 72.89
C THR EA 164 9.48 -70.77 71.75
N THR EA 165 10.38 -69.89 72.12
CA THR EA 165 11.22 -69.24 71.13
C THR EA 165 12.41 -70.15 70.83
N PRO EA 166 12.76 -70.36 69.56
CA PRO EA 166 13.90 -71.22 69.24
C PRO EA 166 15.19 -70.72 69.90
N SER EA 167 16.08 -71.66 70.18
CA SER EA 167 17.38 -71.35 70.79
C SER EA 167 18.42 -72.29 70.21
N LYS EA 168 19.68 -71.88 70.31
CA LYS EA 168 20.77 -72.67 69.73
C LYS EA 168 20.95 -73.98 70.47
N GLN EA 169 21.11 -75.06 69.72
CA GLN EA 169 21.42 -76.38 70.26
C GLN EA 169 22.93 -76.50 70.48
N SER EA 170 23.39 -77.73 70.73
CA SER EA 170 24.83 -77.98 70.78
C SER EA 170 25.46 -77.75 69.41
N ASN EA 171 24.85 -78.31 68.36
CA ASN EA 171 25.32 -78.18 66.99
C ASN EA 171 24.90 -76.87 66.31
N ASN EA 172 24.49 -75.87 67.09
CA ASN EA 172 24.17 -74.53 66.59
C ASN EA 172 22.98 -74.50 65.64
N LYS EA 173 22.30 -75.63 65.45
CA LYS EA 173 20.95 -75.60 64.92
C LYS EA 173 19.99 -75.14 66.02
N TYR EA 174 18.75 -74.85 65.63
CA TYR EA 174 17.79 -74.32 66.58
C TYR EA 174 16.75 -75.36 66.94
N ALA EA 175 16.08 -75.14 68.06
CA ALA EA 175 15.06 -76.07 68.55
C ALA EA 175 14.06 -75.32 69.41
N ALA EA 176 12.82 -75.82 69.41
CA ALA EA 176 11.77 -75.24 70.23
C ALA EA 176 10.68 -76.29 70.42
N SER EA 177 9.81 -76.03 71.38
CA SER EA 177 8.76 -76.97 71.74
C SER EA 177 7.43 -76.24 71.82
N SER EA 178 6.34 -76.96 71.50
CA SER EA 178 5.00 -76.40 71.55
C SER EA 178 4.09 -77.41 72.24
N TYR EA 179 3.41 -76.97 73.30
CA TYR EA 179 2.53 -77.80 74.09
C TYR EA 179 1.09 -77.37 73.88
N LEU EA 180 0.17 -78.34 73.88
CA LEU EA 180 -1.25 -78.07 73.77
C LEU EA 180 -1.92 -78.61 75.03
N SER EA 181 -2.32 -77.69 75.92
CA SER EA 181 -3.00 -78.07 77.15
C SER EA 181 -4.47 -78.36 76.85
N LEU EA 182 -4.92 -79.56 77.18
CA LEU EA 182 -6.30 -79.96 77.01
C LEU EA 182 -6.84 -80.47 78.33
N THR EA 183 -8.17 -80.53 78.41
CA THR EA 183 -8.72 -81.33 79.49
C THR EA 183 -8.83 -82.78 79.05
N PRO EA 184 -8.74 -83.74 79.99
CA PRO EA 184 -8.81 -85.15 79.58
C PRO EA 184 -10.09 -85.51 78.83
N GLU EA 185 -11.18 -84.76 79.00
CA GLU EA 185 -12.37 -85.01 78.21
C GLU EA 185 -12.17 -84.56 76.77
N GLN EA 186 -11.60 -83.36 76.57
CA GLN EA 186 -11.36 -82.87 75.21
C GLN EA 186 -10.41 -83.78 74.45
N TRP EA 187 -9.47 -84.42 75.15
CA TRP EA 187 -8.57 -85.36 74.50
C TRP EA 187 -9.30 -86.58 73.96
N LYS EA 188 -10.38 -87.01 74.60
CA LYS EA 188 -11.16 -88.13 74.07
C LYS EA 188 -12.31 -87.70 73.16
N SER EA 189 -12.78 -86.46 73.29
CA SER EA 189 -13.89 -85.98 72.47
C SER EA 189 -13.54 -86.04 70.98
N HIS EA 190 -12.38 -85.51 70.61
CA HIS EA 190 -11.98 -85.52 69.22
C HIS EA 190 -11.26 -86.82 68.90
N ARG EA 191 -11.26 -87.18 67.63
CA ARG EA 191 -10.73 -88.47 67.20
C ARG EA 191 -9.23 -88.44 66.94
N SER EA 192 -8.66 -87.28 66.60
CA SER EA 192 -7.24 -87.19 66.34
C SER EA 192 -6.77 -85.76 66.62
N TYR EA 193 -5.53 -85.64 67.05
CA TYR EA 193 -4.87 -84.35 67.21
C TYR EA 193 -3.64 -84.31 66.30
N SER EA 194 -3.30 -83.12 65.83
CA SER EA 194 -2.21 -82.94 64.88
C SER EA 194 -1.40 -81.70 65.21
N CYS EA 195 -0.08 -81.85 65.13
CA CYS EA 195 0.85 -80.76 65.32
C CYS EA 195 1.43 -80.38 63.97
N GLN EA 196 1.18 -79.14 63.52
CA GLN EA 196 1.65 -78.66 62.23
C GLN EA 196 2.78 -77.67 62.48
N VAL EA 197 3.99 -78.05 62.06
CA VAL EA 197 5.16 -77.20 62.16
C VAL EA 197 5.55 -76.77 60.76
N THR EA 198 5.69 -75.48 60.55
CA THR EA 198 6.07 -74.89 59.27
C THR EA 198 7.45 -74.26 59.39
N HIS EA 199 8.32 -74.52 58.42
CA HIS EA 199 9.70 -74.03 58.43
C HIS EA 199 10.12 -73.78 56.99
N GLU EA 200 10.30 -72.50 56.66
CA GLU EA 200 10.73 -72.06 55.32
C GLU EA 200 9.74 -72.54 54.25
N GLY EA 201 8.47 -72.23 54.46
CA GLY EA 201 7.44 -72.52 53.49
C GLY EA 201 6.91 -73.93 53.51
N SER EA 202 7.78 -74.90 53.84
CA SER EA 202 7.36 -76.29 53.91
C SER EA 202 6.82 -76.59 55.31
N THR EA 203 5.87 -77.51 55.37
CA THR EA 203 5.20 -77.84 56.63
C THR EA 203 5.42 -79.31 56.96
N VAL EA 204 5.74 -79.57 58.23
CA VAL EA 204 5.94 -80.91 58.77
C VAL EA 204 4.90 -81.12 59.86
N GLU EA 205 4.29 -82.30 59.88
CA GLU EA 205 3.08 -82.56 60.66
C GLU EA 205 3.22 -83.83 61.47
N LYS EA 206 2.66 -83.82 62.67
CA LYS EA 206 2.57 -85.02 63.51
C LYS EA 206 1.22 -85.08 64.23
N GLN FA 1 30.91 -39.95 74.17
CA GLN FA 1 30.64 -40.85 75.27
C GLN FA 1 29.29 -40.56 75.94
N VAL FA 2 28.22 -40.77 75.19
CA VAL FA 2 26.86 -40.65 75.74
C VAL FA 2 26.42 -42.02 76.20
N GLN FA 3 26.09 -42.14 77.48
CA GLN FA 3 25.71 -43.42 78.06
C GLN FA 3 24.46 -43.24 78.90
N LEU FA 4 23.56 -44.21 78.80
CA LEU FA 4 22.31 -44.23 79.56
C LEU FA 4 22.23 -45.55 80.31
N GLN FA 5 21.82 -45.46 81.59
CA GLN FA 5 21.83 -46.63 82.48
C GLN FA 5 20.49 -46.72 83.19
N GLU FA 6 19.71 -47.74 82.85
CA GLU FA 6 18.44 -48.02 83.49
C GLU FA 6 18.64 -48.86 84.75
N SER FA 7 17.67 -48.77 85.65
CA SER FA 7 17.71 -49.46 86.94
C SER FA 7 16.30 -49.49 87.53
N GLY FA 8 16.19 -50.08 88.70
CA GLY FA 8 14.92 -50.17 89.40
C GLY FA 8 14.08 -51.39 89.06
N GLY FA 9 14.40 -52.11 87.99
CA GLY FA 9 13.67 -53.29 87.63
C GLY FA 9 13.97 -54.46 88.57
N GLY FA 10 13.30 -55.58 88.29
CA GLY FA 10 13.45 -56.79 89.10
C GLY FA 10 12.22 -57.69 89.06
N VAL FA 11 11.87 -58.31 90.19
CA VAL FA 11 10.72 -59.20 90.25
C VAL FA 11 9.66 -58.52 91.12
N VAL FA 12 8.47 -58.31 90.56
CA VAL FA 12 7.38 -57.67 91.26
C VAL FA 12 6.16 -58.60 91.22
N GLN FA 13 5.13 -58.22 91.97
CA GLN FA 13 3.87 -58.93 91.97
C GLN FA 13 2.81 -58.06 91.33
N PRO FA 14 1.81 -58.65 90.68
CA PRO FA 14 0.78 -57.83 90.04
C PRO FA 14 0.13 -56.89 91.03
N GLY FA 15 -0.37 -55.77 90.51
CA GLY FA 15 -0.98 -54.75 91.34
C GLY FA 15 -0.01 -53.76 91.94
N GLY FA 16 1.21 -54.19 92.27
CA GLY FA 16 2.18 -53.30 92.87
C GLY FA 16 2.59 -52.17 91.94
N SER FA 17 3.39 -51.27 92.50
CA SER FA 17 3.94 -50.14 91.77
C SER FA 17 5.46 -50.26 91.68
N LEU FA 18 6.01 -49.72 90.60
CA LEU FA 18 7.43 -49.86 90.30
C LEU FA 18 7.96 -48.56 89.74
N ARG FA 19 9.22 -48.25 90.07
CA ARG FA 19 9.86 -47.01 89.64
C ARG FA 19 11.14 -47.34 88.88
N LEU FA 20 11.15 -47.02 87.59
CA LEU FA 20 12.35 -47.15 86.77
C LEU FA 20 13.05 -45.81 86.64
N SER FA 21 14.38 -45.85 86.57
CA SER FA 21 15.18 -44.64 86.47
C SER FA 21 16.30 -44.87 85.47
N CYS FA 22 16.59 -43.83 84.68
CA CYS FA 22 17.61 -43.88 83.64
C CYS FA 22 18.60 -42.75 83.92
N ALA FA 23 19.85 -43.11 84.25
CA ALA FA 23 20.86 -42.11 84.56
C ALA FA 23 21.57 -41.72 83.28
N ALA FA 24 21.65 -40.42 83.03
CA ALA FA 24 22.16 -39.90 81.77
C ALA FA 24 23.47 -39.14 81.99
N SER FA 25 24.37 -39.28 81.02
CA SER FA 25 25.64 -38.56 81.04
C SER FA 25 26.16 -38.47 79.61
N GLY FA 26 26.88 -37.39 79.34
CA GLY FA 26 27.46 -37.16 78.04
C GLY FA 26 26.67 -36.26 77.13
N PHE FA 27 25.83 -35.39 77.68
CA PHE FA 27 25.09 -34.41 76.90
C PHE FA 27 24.35 -33.48 77.85
N ASN FA 28 24.07 -32.28 77.34
CA ASN FA 28 23.24 -31.33 78.07
C ASN FA 28 21.84 -31.91 78.17
N PHE FA 29 21.60 -32.70 79.21
CA PHE FA 29 20.32 -33.40 79.36
C PHE FA 29 19.14 -32.45 79.37
N SER FA 30 19.33 -31.22 79.85
CA SER FA 30 18.23 -30.29 79.95
C SER FA 30 17.71 -29.83 78.59
N ASN FA 31 18.35 -30.23 77.49
CA ASN FA 31 18.01 -29.73 76.17
C ASN FA 31 17.40 -30.77 75.25
N TYR FA 32 17.37 -32.04 75.65
CA TYR FA 32 16.95 -33.12 74.78
C TYR FA 32 15.71 -33.83 75.32
N GLY FA 33 14.93 -34.40 74.39
CA GLY FA 33 13.85 -35.29 74.78
C GLY FA 33 14.34 -36.68 75.12
N MET FA 34 13.54 -37.38 75.91
CA MET FA 34 13.85 -38.74 76.33
C MET FA 34 12.67 -39.67 76.07
N HIS FA 35 12.97 -40.95 75.85
CA HIS FA 35 11.94 -41.93 75.53
C HIS FA 35 12.19 -43.21 76.31
N TRP FA 36 11.11 -43.95 76.55
CA TRP FA 36 11.15 -45.31 77.07
C TRP FA 36 10.59 -46.23 76.00
N VAL FA 37 11.34 -47.27 75.66
CA VAL FA 37 10.86 -48.27 74.71
C VAL FA 37 11.14 -49.63 75.33
N ARG FA 38 10.08 -50.42 75.52
CA ARG FA 38 10.16 -51.72 76.16
C ARG FA 38 10.03 -52.83 75.13
N GLN FA 39 10.43 -54.04 75.56
CA GLN FA 39 10.47 -55.19 74.68
C GLN FA 39 10.10 -56.43 75.48
N THR FA 40 8.90 -56.96 75.24
CA THR FA 40 8.53 -58.24 75.82
C THR FA 40 9.40 -59.34 75.25
N PRO FA 41 10.00 -60.19 76.08
CA PRO FA 41 10.96 -61.19 75.59
C PRO FA 41 10.38 -62.03 74.45
N GLY FA 42 11.19 -62.19 73.40
CA GLY FA 42 10.77 -62.91 72.22
C GLY FA 42 9.87 -62.14 71.29
N LYS FA 43 9.67 -60.85 71.52
CA LYS FA 43 8.79 -60.01 70.72
C LYS FA 43 9.53 -58.76 70.28
N GLY FA 44 8.82 -57.89 69.56
CA GLY FA 44 9.40 -56.67 69.03
C GLY FA 44 9.52 -55.57 70.06
N LEU FA 45 9.99 -54.42 69.57
CA LEU FA 45 10.04 -53.21 70.39
C LEU FA 45 8.65 -52.58 70.46
N GLU FA 46 8.36 -51.92 71.58
CA GLU FA 46 7.08 -51.26 71.78
C GLU FA 46 7.32 -49.93 72.45
N TRP FA 47 6.81 -48.86 71.86
CA TRP FA 47 6.99 -47.53 72.45
C TRP FA 47 6.09 -47.37 73.66
N VAL FA 48 6.67 -46.86 74.75
CA VAL FA 48 5.96 -46.72 76.02
C VAL FA 48 5.56 -45.26 76.24
N ALA FA 49 6.53 -44.39 76.51
CA ALA FA 49 6.25 -42.99 76.80
C ALA FA 49 7.45 -42.12 76.47
N SER FA 50 7.22 -40.81 76.48
CA SER FA 50 8.26 -39.84 76.19
C SER FA 50 7.92 -38.50 76.84
N ILE FA 51 8.94 -37.67 77.03
CA ILE FA 51 8.82 -36.40 77.75
C ILE FA 51 9.77 -35.39 77.13
N PRO FA 52 9.32 -34.14 76.85
CA PRO FA 52 10.22 -33.17 76.22
C PRO FA 52 11.36 -32.69 77.10
N TYR FA 53 12.13 -31.71 76.61
CA TYR FA 53 13.33 -31.24 77.31
C TYR FA 53 12.99 -30.61 78.65
N ASP FA 54 11.82 -30.00 78.77
CA ASP FA 54 11.45 -29.25 79.96
C ASP FA 54 10.48 -29.99 80.87
N GLY FA 55 9.80 -31.02 80.38
CA GLY FA 55 8.73 -31.64 81.13
C GLY FA 55 7.37 -31.04 80.89
N SER FA 56 7.22 -30.20 79.86
CA SER FA 56 5.96 -29.55 79.55
C SER FA 56 4.80 -30.55 79.45
N HIS FA 57 4.87 -31.46 78.48
CA HIS FA 57 3.79 -32.41 78.22
C HIS FA 57 4.23 -33.81 78.66
N GLN FA 58 3.40 -34.80 78.33
CA GLN FA 58 3.65 -36.18 78.74
C GLN FA 58 2.94 -37.08 77.74
N TRP FA 59 3.71 -37.75 76.89
CA TRP FA 59 3.14 -38.61 75.85
C TRP FA 59 2.98 -40.04 76.35
N HIS FA 60 1.81 -40.60 76.12
CA HIS FA 60 1.44 -41.92 76.61
C HIS FA 60 1.06 -42.81 75.43
N ALA FA 61 1.57 -44.03 75.43
CA ALA FA 61 1.00 -45.08 74.59
C ALA FA 61 -0.30 -45.58 75.18
N ASP FA 62 -1.18 -46.11 74.32
CA ASP FA 62 -2.50 -46.50 74.78
C ASP FA 62 -2.47 -47.75 75.66
N SER FA 63 -1.50 -48.63 75.45
CA SER FA 63 -1.44 -49.85 76.24
C SER FA 63 -1.05 -49.59 77.69
N VAL FA 64 -0.46 -48.43 77.99
CA VAL FA 64 0.01 -48.13 79.35
C VAL FA 64 -0.52 -46.79 79.83
N LYS FA 65 -1.52 -46.25 79.13
CA LYS FA 65 -2.06 -44.94 79.49
C LYS FA 65 -2.82 -45.01 80.81
N GLY FA 66 -2.67 -43.98 81.63
CA GLY FA 66 -3.31 -43.92 82.93
C GLY FA 66 -2.57 -44.69 84.00
N ARG FA 67 -1.94 -45.80 83.61
CA ARG FA 67 -1.21 -46.62 84.57
C ARG FA 67 0.24 -46.19 84.68
N PHE FA 68 0.84 -45.77 83.57
CA PHE FA 68 2.21 -45.28 83.56
C PHE FA 68 2.23 -43.76 83.57
N THR FA 69 3.28 -43.21 84.17
CA THR FA 69 3.54 -41.78 84.13
C THR FA 69 5.04 -41.58 84.05
N ILE FA 70 5.48 -40.84 83.04
CA ILE FA 70 6.89 -40.62 82.78
C ILE FA 70 7.26 -39.21 83.21
N SER FA 71 8.40 -39.08 83.88
CA SER FA 71 8.88 -37.79 84.35
C SER FA 71 10.39 -37.76 84.19
N ARG FA 72 10.95 -36.58 84.35
CA ARG FA 72 12.38 -36.37 84.28
C ARG FA 72 12.76 -35.34 85.33
N ASP FA 73 14.00 -35.43 85.79
CA ASP FA 73 14.55 -34.46 86.72
C ASP FA 73 15.78 -33.88 86.01
N ASN FA 74 15.65 -32.66 85.47
CA ASN FA 74 16.73 -32.07 84.71
C ASN FA 74 17.93 -31.71 85.59
N SER FA 75 17.69 -31.45 86.87
CA SER FA 75 18.79 -31.16 87.78
C SER FA 75 19.60 -32.40 88.11
N LYS FA 76 19.03 -33.59 87.91
CA LYS FA 76 19.74 -34.84 88.17
C LYS FA 76 20.18 -35.56 86.90
N ASN FA 77 19.76 -35.09 85.73
CA ASN FA 77 20.02 -35.76 84.45
C ASN FA 77 19.59 -37.21 84.52
N THR FA 78 18.36 -37.43 84.95
CA THR FA 78 17.80 -38.76 85.16
C THR FA 78 16.38 -38.79 84.61
N LEU FA 79 16.08 -39.84 83.87
CA LEU FA 79 14.75 -40.05 83.33
C LEU FA 79 14.04 -41.13 84.15
N TYR FA 80 12.78 -40.88 84.49
CA TYR FA 80 12.02 -41.77 85.35
C TYR FA 80 10.81 -42.31 84.61
N LEU FA 81 10.46 -43.57 84.90
CA LEU FA 81 9.26 -44.21 84.40
C LEU FA 81 8.54 -44.85 85.58
N GLN FA 82 7.36 -44.35 85.91
CA GLN FA 82 6.58 -44.85 87.02
C GLN FA 82 5.57 -45.89 86.50
N ILE FA 83 5.59 -47.07 87.10
CA ILE FA 83 4.69 -48.15 86.73
C ILE FA 83 3.70 -48.35 87.87
N ASN FA 84 2.42 -48.17 87.56
CA ASN FA 84 1.34 -48.35 88.53
C ASN FA 84 0.42 -49.47 88.06
N SER FA 85 -0.09 -50.22 89.02
CA SER FA 85 -0.93 -51.39 88.75
C SER FA 85 -0.21 -52.35 87.81
N LEU FA 86 0.91 -52.89 88.31
CA LEU FA 86 1.66 -53.85 87.52
C LEU FA 86 0.77 -55.01 87.09
N ARG FA 87 0.96 -55.47 85.87
CA ARG FA 87 0.21 -56.57 85.29
C ARG FA 87 1.16 -57.56 84.64
N PRO FA 88 0.69 -58.77 84.34
CA PRO FA 88 1.56 -59.71 83.60
C PRO FA 88 2.01 -59.18 82.26
N GLU FA 89 1.24 -58.29 81.64
CA GLU FA 89 1.62 -57.71 80.35
C GLU FA 89 2.82 -56.77 80.48
N ASP FA 90 3.05 -56.18 81.66
CA ASP FA 90 4.19 -55.29 81.84
C ASP FA 90 5.51 -56.05 81.91
N THR FA 91 5.47 -57.37 81.86
CA THR FA 91 6.69 -58.18 81.85
C THR FA 91 7.43 -57.94 80.55
N ALA FA 92 8.56 -57.25 80.64
CA ALA FA 92 9.35 -56.88 79.47
C ALA FA 92 10.62 -56.19 79.97
N MET FA 93 11.58 -56.05 79.08
CA MET FA 93 12.74 -55.20 79.32
C MET FA 93 12.44 -53.79 78.89
N TYR FA 94 12.90 -52.82 79.68
CA TYR FA 94 12.60 -51.41 79.46
C TYR FA 94 13.89 -50.69 79.10
N TYR FA 95 14.02 -50.32 77.83
CA TYR FA 95 15.15 -49.53 77.36
C TYR FA 95 14.80 -48.05 77.44
N CYS FA 96 15.82 -47.24 77.71
CA CYS FA 96 15.72 -45.79 77.72
C CYS FA 96 16.63 -45.24 76.63
N SER FA 97 16.12 -44.29 75.85
CA SER FA 97 16.85 -43.75 74.73
C SER FA 97 16.65 -42.24 74.64
N LYS FA 98 17.65 -41.57 74.06
CA LYS FA 98 17.75 -40.12 74.03
C LYS FA 98 17.55 -39.63 72.60
N ALA FA 99 16.43 -38.92 72.37
CA ALA FA 99 16.16 -38.29 71.08
C ALA FA 99 17.37 -37.52 70.56
N ARG FA 100 17.74 -37.78 69.31
CA ARG FA 100 18.90 -37.16 68.68
C ARG FA 100 18.81 -35.64 68.49
N ILE FA 101 17.62 -35.14 68.21
CA ILE FA 101 17.47 -33.70 67.97
C ILE FA 101 17.06 -33.00 69.26
N SER FA 102 17.43 -31.73 69.34
CA SER FA 102 17.25 -30.91 70.54
C SER FA 102 15.89 -30.24 70.52
N TYR FA 103 15.48 -29.81 71.72
CA TYR FA 103 14.34 -28.91 71.91
C TYR FA 103 13.08 -29.40 71.21
N LEU FA 104 13.00 -30.69 70.91
CA LEU FA 104 11.80 -31.23 70.25
C LEU FA 104 10.60 -31.15 71.18
N SER FA 105 9.56 -30.42 70.77
CA SER FA 105 8.38 -30.28 71.58
C SER FA 105 7.52 -31.54 71.57
N ALA FA 106 7.87 -32.52 70.75
CA ALA FA 106 7.13 -33.78 70.61
C ALA FA 106 8.09 -34.84 70.09
N PRO FA 107 7.87 -36.10 70.43
CA PRO FA 107 8.86 -37.15 70.09
C PRO FA 107 8.70 -37.68 68.66
N ALA FA 108 9.17 -36.91 67.68
CA ALA FA 108 8.95 -37.25 66.29
C ALA FA 108 10.17 -37.85 65.60
N TRP FA 109 11.37 -37.46 65.99
CA TRP FA 109 12.55 -37.87 65.25
C TRP FA 109 13.24 -39.05 65.93
N TRP FA 110 14.24 -39.59 65.24
CA TRP FA 110 14.87 -40.86 65.56
C TRP FA 110 15.58 -40.85 66.90
N PHE FA 111 15.64 -42.01 67.53
CA PHE FA 111 16.13 -42.12 68.88
C PHE FA 111 17.45 -42.87 68.89
N ASP FA 112 18.47 -42.21 69.44
CA ASP FA 112 19.81 -42.78 69.55
C ASP FA 112 20.62 -41.95 70.53
N PRO FA 113 21.34 -42.62 71.46
CA PRO FA 113 21.36 -44.07 71.55
C PRO FA 113 20.63 -44.60 72.78
N TRP FA 114 20.33 -45.89 72.77
CA TRP FA 114 19.65 -46.57 73.86
C TRP FA 114 20.54 -47.14 74.96
N GLY FA 115 20.00 -47.19 76.16
CA GLY FA 115 20.62 -47.84 77.29
C GLY FA 115 20.50 -49.35 77.23
N GLN FA 116 21.31 -50.03 78.05
CA GLN FA 116 21.25 -51.49 78.09
C GLN FA 116 19.93 -51.95 78.67
N GLY FA 117 19.29 -51.14 79.50
CA GLY FA 117 17.93 -51.38 79.93
C GLY FA 117 17.85 -52.10 81.27
N THR FA 118 16.62 -52.18 81.76
CA THR FA 118 16.29 -52.91 82.96
C THR FA 118 15.19 -53.93 82.63
N LEU FA 119 15.13 -55.00 83.41
CA LEU FA 119 14.20 -56.10 83.19
C LEU FA 119 13.09 -56.05 84.23
N VAL FA 120 11.86 -55.96 83.77
CA VAL FA 120 10.68 -55.93 84.64
C VAL FA 120 9.89 -57.21 84.38
N THR FA 121 9.75 -58.03 85.41
CA THR FA 121 9.00 -59.28 85.33
C THR FA 121 8.05 -59.34 86.52
N VAL FA 122 6.76 -59.50 86.24
CA VAL FA 122 5.74 -59.63 87.27
C VAL FA 122 5.10 -61.00 87.14
N SER FA 123 4.79 -61.62 88.28
CA SER FA 123 4.15 -62.93 88.31
C SER FA 123 3.64 -63.20 89.71
N SER FA 124 2.76 -64.21 89.82
CA SER FA 124 2.31 -64.74 91.10
C SER FA 124 3.35 -65.72 91.64
N ALA FA 125 4.54 -65.18 91.91
CA ALA FA 125 5.72 -66.00 92.13
C ALA FA 125 5.66 -66.73 93.46
N SER FA 126 6.04 -68.00 93.44
CA SER FA 126 6.43 -68.79 94.60
C SER FA 126 7.06 -70.07 94.09
N THR FA 127 8.10 -70.53 94.76
CA THR FA 127 8.83 -71.69 94.28
C THR FA 127 7.96 -72.93 94.34
N LYS FA 128 8.07 -73.78 93.31
CA LYS FA 128 7.20 -74.93 93.16
C LYS FA 128 7.99 -76.11 92.61
N GLY FA 129 7.68 -77.29 93.13
CA GLY FA 129 8.27 -78.51 92.63
C GLY FA 129 7.71 -78.91 91.29
N PRO FA 130 8.52 -79.58 90.48
CA PRO FA 130 8.08 -80.01 89.15
C PRO FA 130 7.43 -81.39 89.14
N SER FA 131 6.32 -81.48 88.40
CA SER FA 131 5.65 -82.76 88.18
C SER FA 131 6.28 -83.43 86.97
N VAL FA 132 6.65 -84.71 87.13
CA VAL FA 132 7.37 -85.45 86.09
C VAL FA 132 6.49 -86.60 85.59
N PHE FA 133 6.19 -86.59 84.29
CA PHE FA 133 5.40 -87.62 83.68
C PHE FA 133 6.23 -88.34 82.63
N PRO FA 134 6.12 -89.67 82.51
CA PRO FA 134 6.93 -90.39 81.53
C PRO FA 134 6.34 -90.22 80.14
N LEU FA 135 7.17 -89.77 79.20
CA LEU FA 135 6.79 -89.66 77.79
C LEU FA 135 7.16 -90.98 77.13
N ALA FA 136 6.23 -91.92 77.18
CA ALA FA 136 6.51 -93.27 76.71
C ALA FA 136 6.73 -93.25 75.21
N PRO FA 137 7.52 -94.19 74.67
CA PRO FA 137 7.78 -94.20 73.23
C PRO FA 137 6.54 -94.60 72.44
N SER FA 138 6.57 -94.23 71.15
CA SER FA 138 5.44 -94.48 70.28
C SER FA 138 5.25 -95.98 70.06
N SER FA 139 3.98 -96.39 70.01
CA SER FA 139 3.64 -97.80 69.92
C SER FA 139 4.10 -98.41 68.60
N LYS FA 140 3.88 -97.70 67.49
CA LYS FA 140 4.25 -98.21 66.18
C LYS FA 140 5.64 -97.74 65.76
N THR FA 146 13.88 -97.11 64.74
CA THR FA 146 14.35 -96.23 65.81
C THR FA 146 13.16 -95.66 66.57
N ALA FA 147 13.40 -95.27 67.83
CA ALA FA 147 12.33 -94.87 68.72
C ALA FA 147 12.85 -93.85 69.73
N ALA FA 148 11.97 -92.94 70.14
CA ALA FA 148 12.30 -91.88 71.07
C ALA FA 148 11.36 -91.92 72.26
N LEU FA 149 11.86 -91.42 73.40
CA LEU FA 149 11.12 -91.38 74.65
C LEU FA 149 11.73 -90.30 75.52
N GLY FA 150 10.99 -89.88 76.53
CA GLY FA 150 11.50 -88.83 77.39
C GLY FA 150 10.61 -88.57 78.58
N CYS FA 151 10.78 -87.38 79.16
CA CYS FA 151 10.09 -86.95 80.37
C CYS FA 151 9.42 -85.62 80.14
N LEU FA 152 8.26 -85.43 80.77
CA LEU FA 152 7.53 -84.17 80.73
C LEU FA 152 7.61 -83.56 82.13
N VAL FA 153 8.25 -82.40 82.22
CA VAL FA 153 8.46 -81.76 83.52
C VAL FA 153 7.55 -80.53 83.60
N LYS FA 154 6.37 -80.71 84.17
CA LYS FA 154 5.33 -79.69 84.09
C LYS FA 154 5.36 -78.79 85.32
N ASP FA 155 5.10 -77.51 85.09
CA ASP FA 155 4.61 -76.59 86.11
C ASP FA 155 5.55 -76.49 87.31
N TYR FA 156 6.77 -76.04 87.05
CA TYR FA 156 7.72 -75.68 88.09
C TYR FA 156 8.00 -74.18 88.06
N PHE FA 157 8.71 -73.73 89.08
CA PHE FA 157 9.05 -72.32 89.24
C PHE FA 157 10.04 -72.15 90.39
N PRO FA 158 11.07 -71.31 90.22
CA PRO FA 158 11.47 -70.58 89.01
C PRO FA 158 12.39 -71.41 88.14
N GLU FA 159 13.09 -70.78 87.20
CA GLU FA 159 14.08 -71.48 86.41
C GLU FA 159 15.32 -71.78 87.26
N PRO FA 160 16.08 -72.83 86.93
CA PRO FA 160 15.83 -73.86 85.90
C PRO FA 160 15.76 -75.27 86.47
N VAL FA 161 15.37 -76.26 85.65
CA VAL FA 161 15.54 -77.67 86.00
C VAL FA 161 16.68 -78.25 85.19
N THR FA 162 17.27 -79.32 85.71
CA THR FA 162 18.33 -80.04 85.02
C THR FA 162 17.95 -81.52 84.92
N VAL FA 163 18.06 -82.09 83.73
CA VAL FA 163 17.62 -83.46 83.45
C VAL FA 163 18.82 -84.29 83.01
N SER FA 164 18.96 -85.48 83.61
CA SER FA 164 19.96 -86.45 83.18
C SER FA 164 19.31 -87.82 83.09
N TRP FA 165 19.95 -88.74 82.36
CA TRP FA 165 19.44 -90.09 82.19
C TRP FA 165 20.40 -91.12 82.76
N ASN FA 166 19.86 -92.00 83.61
CA ASN FA 166 20.63 -93.01 84.32
C ASN FA 166 21.75 -92.37 85.13
N SER FA 167 21.43 -91.24 85.78
CA SER FA 167 22.37 -90.48 86.60
C SER FA 167 23.56 -89.99 85.78
N GLY FA 168 23.31 -89.61 84.53
CA GLY FA 168 24.36 -89.10 83.67
C GLY FA 168 25.09 -90.14 82.83
N ALA FA 169 24.71 -91.41 82.93
CA ALA FA 169 25.36 -92.46 82.16
C ALA FA 169 24.94 -92.49 80.70
N LEU FA 170 23.95 -91.68 80.31
CA LEU FA 170 23.50 -91.59 78.93
C LEU FA 170 23.64 -90.15 78.44
N THR FA 171 24.32 -89.95 77.31
CA THR FA 171 24.53 -88.62 76.76
C THR FA 171 24.21 -88.57 75.26
N SER FA 172 24.41 -89.67 74.55
CA SER FA 172 24.08 -89.71 73.13
C SER FA 172 22.57 -89.72 72.93
N GLY FA 173 22.09 -88.84 72.06
CA GLY FA 173 20.67 -88.71 71.80
C GLY FA 173 19.88 -87.91 72.81
N VAL FA 174 20.53 -87.37 73.83
CA VAL FA 174 19.82 -86.65 74.89
C VAL FA 174 19.62 -85.20 74.43
N HIS FA 175 18.41 -84.68 74.61
CA HIS FA 175 18.11 -83.31 74.18
C HIS FA 175 17.04 -82.72 75.07
N THR FA 176 17.40 -81.66 75.79
CA THR FA 176 16.47 -80.91 76.64
C THR FA 176 16.03 -79.64 75.91
N PHE FA 177 14.74 -79.34 75.97
CA PHE FA 177 14.15 -78.23 75.26
C PHE FA 177 13.98 -77.04 76.19
N PRO FA 178 13.83 -75.83 75.63
CA PRO FA 178 13.57 -74.67 76.48
C PRO FA 178 12.20 -74.80 77.14
N ALA FA 179 12.06 -74.11 78.27
CA ALA FA 179 10.81 -74.17 79.01
C ALA FA 179 9.81 -73.15 78.50
N VAL FA 180 8.55 -73.55 78.39
CA VAL FA 180 7.49 -72.61 78.10
C VAL FA 180 7.06 -71.99 79.42
N LEU FA 181 6.70 -70.71 79.38
CA LEU FA 181 6.07 -70.07 80.52
C LEU FA 181 4.58 -70.07 80.24
N GLN FA 182 3.88 -71.09 80.77
CA GLN FA 182 2.44 -71.14 80.56
C GLN FA 182 1.78 -69.92 81.20
N SER FA 183 0.55 -69.64 80.77
CA SER FA 183 -0.16 -68.44 81.23
C SER FA 183 -0.37 -68.45 82.74
N SER FA 184 -0.18 -69.58 83.41
CA SER FA 184 -0.30 -69.66 84.86
C SER FA 184 0.91 -69.08 85.58
N GLY FA 185 2.02 -68.84 84.88
CA GLY FA 185 3.25 -68.40 85.50
C GLY FA 185 4.23 -69.50 85.87
N LEU FA 186 3.88 -70.76 85.64
CA LEU FA 186 4.76 -71.87 85.93
C LEU FA 186 5.43 -72.36 84.66
N TYR FA 187 6.71 -72.72 84.76
CA TYR FA 187 7.46 -73.18 83.60
C TYR FA 187 7.15 -74.65 83.32
N SER FA 188 7.38 -75.06 82.09
CA SER FA 188 7.07 -76.43 81.69
C SER FA 188 8.05 -76.85 80.61
N LEU FA 189 8.75 -77.95 80.86
CA LEU FA 189 9.85 -78.40 80.04
C LEU FA 189 9.74 -79.89 79.77
N SER FA 190 10.11 -80.31 78.57
CA SER FA 190 10.28 -81.72 78.28
C SER FA 190 11.71 -81.96 77.83
N SER FA 191 12.13 -83.23 77.89
CA SER FA 191 13.51 -83.58 77.57
C SER FA 191 13.53 -85.06 77.22
N VAL FA 192 13.96 -85.40 76.01
CA VAL FA 192 13.81 -86.75 75.48
C VAL FA 192 15.18 -87.33 75.14
N VAL FA 193 15.17 -88.62 74.79
CA VAL FA 193 16.36 -89.36 74.40
C VAL FA 193 15.98 -90.43 73.38
N THR FA 194 16.63 -90.41 72.23
CA THR FA 194 16.40 -91.41 71.19
C THR FA 194 17.35 -92.59 71.37
N VAL FA 195 16.85 -93.78 71.05
CA VAL FA 195 17.63 -95.02 71.10
C VAL FA 195 17.12 -95.92 69.98
N PRO FA 196 17.84 -97.01 69.77
CA PRO FA 196 17.50 -97.99 68.75
C PRO FA 196 16.18 -98.60 69.12
N SER FA 197 15.41 -98.99 68.13
CA SER FA 197 14.06 -99.45 68.37
C SER FA 197 14.17 -100.61 69.30
N SER FA 198 15.19 -101.42 69.09
CA SER FA 198 15.46 -102.55 69.95
C SER FA 198 16.01 -102.10 71.29
N SER FA 199 15.97 -103.01 72.26
CA SER FA 199 16.63 -102.83 73.53
C SER FA 199 15.83 -102.06 74.53
N LEU FA 200 14.64 -101.64 74.14
CA LEU FA 200 13.78 -100.96 75.08
C LEU FA 200 13.47 -101.94 76.19
N GLY FA 201 13.20 -103.17 75.82
CA GLY FA 201 13.04 -104.24 76.80
C GLY FA 201 14.33 -104.50 77.53
N THR FA 202 15.43 -104.45 76.78
CA THR FA 202 16.70 -104.87 77.31
C THR FA 202 17.17 -104.04 78.49
N GLN FA 203 16.97 -102.72 78.40
CA GLN FA 203 17.60 -101.81 79.36
C GLN FA 203 16.65 -100.81 79.97
N THR FA 204 17.07 -100.19 81.07
CA THR FA 204 16.24 -99.21 81.76
C THR FA 204 16.58 -97.77 81.34
N TYR FA 205 15.54 -96.96 81.23
CA TYR FA 205 15.70 -95.56 80.86
C TYR FA 205 15.01 -94.66 81.88
N ILE FA 206 15.80 -94.07 82.78
CA ILE FA 206 15.25 -93.22 83.82
C ILE FA 206 15.85 -91.81 83.81
N CYS FA 207 15.00 -90.82 83.55
CA CYS FA 207 15.42 -89.43 83.54
C CYS FA 207 15.46 -88.91 84.96
N ASN FA 208 16.47 -88.09 85.27
CA ASN FA 208 16.69 -87.58 86.61
C ASN FA 208 16.47 -86.08 86.60
N VAL FA 209 15.27 -85.66 86.96
CA VAL FA 209 14.97 -84.24 87.07
C VAL FA 209 15.49 -83.73 88.42
N ASN FA 210 16.10 -82.56 88.40
CA ASN FA 210 16.61 -81.92 89.61
C ASN FA 210 16.25 -80.44 89.54
N HIS FA 211 15.46 -79.99 90.51
CA HIS FA 211 14.99 -78.61 90.61
C HIS FA 211 15.54 -78.02 91.90
N LYS FA 212 16.75 -77.46 91.82
CA LYS FA 212 17.41 -76.91 93.01
C LYS FA 212 16.64 -75.79 93.70
N PRO FA 213 15.92 -74.88 93.01
CA PRO FA 213 15.18 -73.83 93.75
C PRO FA 213 14.19 -74.36 94.77
N SER FA 214 13.53 -75.49 94.50
CA SER FA 214 12.62 -76.11 95.45
C SER FA 214 13.25 -77.29 96.19
N ASN FA 215 14.54 -77.55 95.94
CA ASN FA 215 15.23 -78.69 96.54
C ASN FA 215 14.46 -79.98 96.30
N THR FA 216 13.97 -80.15 95.07
CA THR FA 216 13.24 -81.33 94.66
C THR FA 216 14.12 -82.13 93.71
N LYS FA 217 14.12 -83.45 93.88
CA LYS FA 217 14.82 -84.34 92.98
C LYS FA 217 13.87 -85.47 92.63
N VAL FA 218 13.68 -85.71 91.34
CA VAL FA 218 12.72 -86.70 90.88
C VAL FA 218 13.44 -87.64 89.91
N ASP FA 219 13.27 -88.95 90.11
CA ASP FA 219 13.81 -89.96 89.22
C ASP FA 219 12.63 -90.76 88.68
N LYS FA 220 12.37 -90.63 87.38
CA LYS FA 220 11.23 -91.27 86.74
C LYS FA 220 11.71 -92.20 85.65
N ARG FA 221 11.28 -93.45 85.72
CA ARG FA 221 11.61 -94.44 84.71
C ARG FA 221 10.56 -94.41 83.61
N VAL FA 222 11.01 -94.41 82.36
CA VAL FA 222 10.13 -94.39 81.20
C VAL FA 222 10.14 -95.78 80.58
N GLU FA 223 8.95 -96.24 80.18
CA GLU FA 223 8.79 -97.59 79.65
C GLU FA 223 7.60 -97.62 78.70
N PRO FA 224 7.60 -98.53 77.74
CA PRO FA 224 6.55 -98.54 76.71
C PRO FA 224 5.19 -98.93 77.29
N LYS FA 225 4.15 -98.75 76.46
CA LYS FA 225 2.78 -99.12 76.80
C LYS FA 225 2.31 -98.52 78.12
N GLY GA 1 40.56 -29.79 71.73
CA GLY GA 1 39.34 -29.02 71.76
C GLY GA 1 38.25 -29.51 70.82
N SER GA 2 37.58 -28.58 70.15
CA SER GA 2 36.41 -28.88 69.34
C SER GA 2 36.82 -29.20 67.91
N HIS GA 3 35.83 -29.36 67.04
CA HIS GA 3 36.03 -29.47 65.60
C HIS GA 3 34.90 -28.68 64.95
N SER GA 4 34.74 -28.82 63.64
CA SER GA 4 33.75 -28.03 62.93
C SER GA 4 33.65 -28.47 61.48
N MET GA 5 32.53 -28.11 60.87
CA MET GA 5 32.35 -28.18 59.43
C MET GA 5 31.56 -26.95 59.03
N ARG GA 6 31.99 -26.28 57.95
CA ARG GA 6 31.32 -25.09 57.45
C ARG GA 6 31.23 -25.15 55.94
N TYR GA 7 30.04 -24.85 55.42
CA TYR GA 7 29.83 -24.66 54.00
C TYR GA 7 29.56 -23.18 53.75
N PHE GA 8 30.19 -22.64 52.71
CA PHE GA 8 30.12 -21.22 52.38
C PHE GA 8 29.53 -21.05 50.98
N PHE GA 9 28.35 -20.44 50.91
CA PHE GA 9 27.64 -20.23 49.66
C PHE GA 9 27.61 -18.73 49.31
N THR GA 10 27.69 -18.43 48.02
CA THR GA 10 27.67 -17.04 47.55
C THR GA 10 26.98 -16.96 46.20
N SER GA 11 25.90 -16.18 46.14
CA SER GA 11 25.10 -16.01 44.93
C SER GA 11 25.01 -14.52 44.62
N VAL GA 12 25.57 -14.13 43.47
CA VAL GA 12 25.57 -12.74 43.01
C VAL GA 12 24.79 -12.67 41.70
N SER GA 13 23.88 -11.71 41.60
CA SER GA 13 23.04 -11.61 40.40
C SER GA 13 23.80 -10.86 39.31
N ARG GA 14 23.96 -11.50 38.16
CA ARG GA 14 24.62 -10.88 37.02
C ARG GA 14 23.57 -10.21 36.13
N PRO GA 15 23.46 -8.88 36.22
CA PRO GA 15 22.52 -8.07 35.46
C PRO GA 15 22.64 -8.32 33.96
N GLY GA 16 21.52 -8.60 33.32
CA GLY GA 16 21.51 -8.88 31.89
C GLY GA 16 21.79 -10.34 31.61
N ARG GA 17 21.68 -11.16 32.65
CA ARG GA 17 21.92 -12.59 32.53
C ARG GA 17 20.91 -13.25 33.45
N GLY GA 18 20.26 -14.30 32.95
CA GLY GA 18 19.25 -15.02 33.72
C GLY GA 18 19.77 -15.56 35.04
N GLU GA 19 20.67 -16.53 34.97
CA GLU GA 19 21.24 -17.15 36.17
C GLU GA 19 22.51 -16.44 36.62
N PRO GA 20 22.59 -16.12 37.92
CA PRO GA 20 23.75 -15.44 38.52
C PRO GA 20 24.85 -16.45 38.85
N ARG GA 21 25.99 -15.94 39.28
CA ARG GA 21 27.13 -16.79 39.62
C ARG GA 21 27.00 -17.40 41.02
N PHE GA 22 27.29 -18.69 41.11
CA PHE GA 22 27.23 -19.43 42.37
C PHE GA 22 28.56 -20.13 42.63
N ILE GA 23 29.09 -19.98 43.85
CA ILE GA 23 30.30 -20.67 44.28
C ILE GA 23 30.07 -21.24 45.67
N ALA GA 24 30.31 -22.55 45.82
CA ALA GA 24 30.08 -23.25 47.08
C ALA GA 24 31.39 -23.87 47.55
N VAL GA 25 31.77 -23.57 48.79
CA VAL GA 25 33.06 -23.96 49.35
C VAL GA 25 32.83 -24.62 50.70
N GLY GA 26 33.25 -25.88 50.84
CA GLY GA 26 33.09 -26.62 52.09
C GLY GA 26 34.42 -26.83 52.78
N TYR GA 27 34.44 -26.61 54.10
CA TYR GA 27 35.63 -26.78 54.94
C TYR GA 27 35.31 -27.69 56.12
N VAL GA 28 36.27 -28.53 56.49
CA VAL GA 28 36.26 -29.25 57.76
C VAL GA 28 37.40 -28.67 58.58
N ASP GA 29 37.07 -28.07 59.73
CA ASP GA 29 38.01 -27.24 60.46
C ASP GA 29 38.54 -26.13 59.55
N ASP GA 30 39.77 -26.27 59.08
CA ASP GA 30 40.38 -25.35 58.14
C ASP GA 30 41.04 -26.10 56.99
N THR GA 31 40.36 -27.10 56.46
CA THR GA 31 40.87 -27.90 55.34
C THR GA 31 39.75 -28.00 54.31
N GLN GA 32 39.88 -27.28 53.20
CA GLN GA 32 38.85 -27.36 52.17
C GLN GA 32 38.80 -28.78 51.58
N PHE GA 33 37.59 -29.24 51.28
CA PHE GA 33 37.42 -30.59 50.75
C PHE GA 33 36.43 -30.69 49.61
N VAL GA 34 35.54 -29.73 49.40
CA VAL GA 34 34.59 -29.77 48.29
C VAL GA 34 34.47 -28.37 47.70
N ARG GA 35 34.10 -28.33 46.43
CA ARG GA 35 33.98 -27.09 45.67
C ARG GA 35 32.90 -27.27 44.63
N PHE GA 36 32.01 -26.28 44.51
CA PHE GA 36 31.05 -26.27 43.41
C PHE GA 36 30.98 -24.85 42.87
N ASP GA 37 31.49 -24.66 41.66
CA ASP GA 37 31.45 -23.37 40.98
C ASP GA 37 30.39 -23.45 39.89
N SER GA 38 29.50 -22.46 39.85
CA SER GA 38 28.50 -22.41 38.80
C SER GA 38 29.15 -22.35 37.43
N ASP GA 39 30.18 -21.52 37.29
CA ASP GA 39 30.91 -21.36 36.04
C ASP GA 39 31.84 -22.53 35.71
N ALA GA 40 31.98 -23.49 36.62
CA ALA GA 40 32.84 -24.64 36.34
C ALA GA 40 32.29 -25.46 35.19
N ALA GA 41 33.21 -26.09 34.43
CA ALA GA 41 32.81 -26.97 33.35
C ALA GA 41 32.22 -28.27 33.85
N SER GA 42 32.39 -28.58 35.14
CA SER GA 42 31.95 -29.85 35.69
C SER GA 42 30.43 -29.86 35.86
N GLN GA 43 29.88 -28.78 36.41
CA GLN GA 43 28.48 -28.71 36.85
C GLN GA 43 28.18 -29.79 37.88
N LYS GA 44 29.17 -30.09 38.71
CA LYS GA 44 29.04 -31.09 39.76
C LYS GA 44 30.09 -30.88 40.83
N MET GA 45 29.72 -31.18 42.09
CA MET GA 45 30.63 -31.02 43.21
C MET GA 45 31.87 -31.89 43.08
N GLU GA 46 33.02 -31.26 42.87
CA GLU GA 46 34.28 -31.97 42.71
C GLU GA 46 35.04 -31.99 44.04
N PRO GA 47 35.85 -33.04 44.27
CA PRO GA 47 36.62 -33.17 45.50
C PRO GA 47 37.78 -32.20 45.54
N ARG GA 48 38.18 -31.85 46.77
CA ARG GA 48 39.27 -30.90 46.98
C ARG GA 48 40.23 -31.33 48.07
N ALA GA 49 39.99 -32.44 48.75
CA ALA GA 49 40.88 -32.97 49.78
C ALA GA 49 41.28 -34.40 49.41
N PRO GA 50 42.25 -35.01 50.09
CA PRO GA 50 42.64 -36.38 49.72
C PRO GA 50 41.74 -37.46 50.29
N TRP GA 51 40.81 -37.13 51.19
CA TRP GA 51 40.01 -38.13 51.88
C TRP GA 51 38.53 -38.06 51.55
N ILE GA 52 38.08 -37.08 50.75
CA ILE GA 52 36.66 -36.95 50.50
C ILE GA 52 36.21 -37.71 49.26
N GLU GA 53 37.13 -38.03 48.35
CA GLU GA 53 36.74 -38.73 47.13
C GLU GA 53 36.63 -40.24 47.31
N GLN GA 54 36.95 -40.78 48.48
CA GLN GA 54 36.63 -42.17 48.77
C GLN GA 54 35.15 -42.37 49.10
N GLU GA 55 34.41 -41.30 49.35
CA GLU GA 55 32.95 -41.37 49.40
C GLU GA 55 32.44 -41.56 47.98
N GLY GA 56 31.73 -42.66 47.74
CA GLY GA 56 31.44 -43.11 46.39
C GLY GA 56 30.44 -42.27 45.61
N PRO GA 57 29.90 -42.85 44.54
CA PRO GA 57 28.98 -42.09 43.67
C PRO GA 57 27.68 -41.71 44.36
N GLU GA 58 27.24 -42.48 45.35
CA GLU GA 58 26.05 -42.10 46.11
C GLU GA 58 26.25 -40.76 46.80
N TYR GA 59 27.50 -40.32 46.97
CA TYR GA 59 27.81 -39.08 47.67
C TYR GA 59 27.91 -37.89 46.71
N TRP GA 60 28.64 -38.05 45.61
CA TRP GA 60 28.78 -36.93 44.69
C TRP GA 60 27.47 -36.62 43.99
N ASP GA 61 26.71 -37.65 43.61
CA ASP GA 61 25.42 -37.41 42.99
C ASP GA 61 24.45 -36.76 43.95
N GLN GA 62 24.53 -37.10 45.24
CA GLN GA 62 23.71 -36.45 46.25
C GLN GA 62 24.10 -34.98 46.41
N GLU GA 63 25.37 -34.71 46.75
CA GLU GA 63 25.79 -33.36 47.08
C GLU GA 63 25.66 -32.41 45.89
N THR GA 64 25.75 -32.93 44.67
CA THR GA 64 25.53 -32.08 43.50
C THR GA 64 24.13 -31.47 43.55
N ARG GA 65 23.12 -32.31 43.67
CA ARG GA 65 21.74 -31.83 43.77
C ARG GA 65 21.52 -30.94 44.99
N ASN GA 66 22.24 -31.17 46.09
CA ASN GA 66 21.98 -30.40 47.31
C ASN GA 66 22.30 -28.94 47.16
N MET GA 67 23.24 -28.59 46.26
CA MET GA 67 23.52 -27.20 45.97
C MET GA 67 23.18 -26.80 44.54
N LYS GA 68 22.94 -27.77 43.65
CA LYS GA 68 22.15 -27.45 42.47
C LYS GA 68 20.84 -26.82 42.90
N ALA GA 69 20.18 -27.43 43.90
CA ALA GA 69 18.96 -26.85 44.43
C ALA GA 69 19.23 -25.61 45.28
N HIS GA 70 20.37 -25.57 45.97
CA HIS GA 70 20.69 -24.35 46.70
C HIS GA 70 20.93 -23.18 45.75
N SER GA 71 21.46 -23.46 44.55
CA SER GA 71 21.57 -22.43 43.54
C SER GA 71 20.21 -22.07 42.97
N GLN GA 72 19.34 -23.06 42.81
CA GLN GA 72 17.97 -22.80 42.36
C GLN GA 72 17.28 -21.80 43.28
N THR GA 73 17.28 -22.09 44.59
CA THR GA 73 16.59 -21.25 45.56
C THR GA 73 17.06 -19.81 45.51
N ASP GA 74 18.38 -19.61 45.52
CA ASP GA 74 18.92 -18.26 45.56
C ASP GA 74 18.67 -17.49 44.27
N ARG GA 75 18.43 -18.22 43.17
CA ARG GA 75 18.01 -17.60 41.91
C ARG GA 75 16.64 -16.94 42.07
N ALA GA 76 15.73 -17.62 42.75
CA ALA GA 76 14.44 -17.07 43.12
C ALA GA 76 14.52 -16.12 44.32
N ASN GA 77 15.56 -16.27 45.15
CA ASN GA 77 15.70 -15.41 46.33
C ASN GA 77 16.19 -14.01 45.98
N LEU GA 78 17.07 -13.90 44.99
CA LEU GA 78 17.57 -12.59 44.58
C LEU GA 78 16.46 -11.72 44.01
N GLY GA 79 15.49 -12.32 43.32
CA GLY GA 79 14.35 -11.57 42.82
C GLY GA 79 13.37 -11.18 43.91
N THR GA 80 13.27 -11.98 44.97
CA THR GA 80 12.37 -11.66 46.08
C THR GA 80 12.91 -10.50 46.89
N LEU GA 81 14.20 -10.55 47.24
CA LEU GA 81 14.80 -9.45 47.98
C LEU GA 81 14.88 -8.17 47.14
N ARG GA 82 14.95 -8.33 45.81
CA ARG GA 82 14.90 -7.17 44.92
C ARG GA 82 13.55 -6.47 44.97
N GLY GA 83 12.50 -7.22 45.27
CA GLY GA 83 11.17 -6.65 45.38
C GLY GA 83 10.86 -6.12 46.76
N TYR GA 84 11.56 -6.64 47.77
CA TYR GA 84 11.35 -6.18 49.12
C TYR GA 84 11.90 -4.78 49.32
N TYR GA 85 13.00 -4.43 48.66
CA TYR GA 85 13.69 -3.17 48.87
C TYR GA 85 13.39 -2.15 47.78
N ASN GA 86 12.45 -2.45 46.88
CA ASN GA 86 12.09 -1.54 45.78
C ASN GA 86 13.30 -1.25 44.89
N GLN GA 87 14.10 -2.28 44.63
CA GLN GA 87 15.35 -2.17 43.91
C GLN GA 87 15.16 -2.61 42.46
N SER GA 88 16.11 -2.21 41.62
CA SER GA 88 15.98 -2.35 40.16
C SER GA 88 16.78 -3.53 39.65
N GLU GA 89 16.40 -3.96 38.44
CA GLU GA 89 16.98 -5.14 37.79
C GLU GA 89 18.34 -4.88 37.15
N ASP GA 90 18.75 -3.62 37.04
CA ASP GA 90 20.12 -3.32 36.64
C ASP GA 90 21.12 -3.57 37.76
N GLY GA 91 20.66 -3.52 39.01
CA GLY GA 91 21.57 -3.68 40.12
C GLY GA 91 22.04 -5.12 40.28
N SER GA 92 23.27 -5.26 40.77
CA SER GA 92 23.91 -6.55 40.98
C SER GA 92 24.05 -6.75 42.48
N HIS GA 93 23.32 -7.73 43.03
CA HIS GA 93 23.23 -7.92 44.46
C HIS GA 93 23.80 -9.29 44.83
N THR GA 94 24.11 -9.46 46.11
CA THR GA 94 24.79 -10.65 46.61
C THR GA 94 23.99 -11.31 47.73
N ILE GA 95 24.02 -12.64 47.76
CA ILE GA 95 23.44 -13.45 48.84
C ILE GA 95 24.53 -14.38 49.35
N GLN GA 96 24.70 -14.42 50.67
CA GLN GA 96 25.73 -15.25 51.29
C GLN GA 96 25.11 -16.09 52.40
N ILE GA 97 25.29 -17.41 52.30
CA ILE GA 97 24.80 -18.34 53.31
C ILE GA 97 25.98 -19.11 53.89
N MET GA 98 26.01 -19.24 55.22
CA MET GA 98 26.99 -20.07 55.90
C MET GA 98 26.28 -20.85 56.99
N TYR GA 99 26.26 -22.18 56.86
CA TYR GA 99 25.70 -23.06 57.87
C TYR GA 99 26.66 -24.19 58.19
N GLY GA 100 26.64 -24.63 59.44
CA GLY GA 100 27.56 -25.67 59.86
C GLY GA 100 27.27 -26.15 61.26
N CYS GA 101 28.11 -27.08 61.72
CA CYS GA 101 27.95 -27.75 63.01
C CYS GA 101 29.32 -27.99 63.62
N ASP GA 102 29.35 -28.02 64.95
CA ASP GA 102 30.58 -28.22 65.73
C ASP GA 102 30.46 -29.49 66.55
N VAL GA 103 31.39 -30.41 66.37
CA VAL GA 103 31.48 -31.60 67.23
C VAL GA 103 32.54 -31.35 68.29
N GLY GA 104 32.49 -32.15 69.35
CA GLY GA 104 33.42 -32.02 70.45
C GLY GA 104 34.55 -33.01 70.34
N PRO GA 105 35.33 -33.14 71.42
CA PRO GA 105 36.44 -34.10 71.42
C PRO GA 105 36.01 -35.56 71.40
N ASP GA 106 34.76 -35.87 71.78
CA ASP GA 106 34.26 -37.24 71.85
C ASP GA 106 33.16 -37.49 70.83
N GLY GA 107 33.22 -36.83 69.67
CA GLY GA 107 32.20 -37.02 68.66
C GLY GA 107 30.88 -36.38 68.98
N ARG GA 108 30.84 -35.50 69.99
CA ARG GA 108 29.60 -34.95 70.51
C ARG GA 108 28.97 -33.97 69.52
N PHE GA 109 27.93 -33.29 69.97
CA PHE GA 109 27.36 -32.14 69.28
C PHE GA 109 27.53 -30.94 70.19
N LEU GA 110 28.08 -29.85 69.66
CA LEU GA 110 28.36 -28.67 70.47
C LEU GA 110 27.55 -27.45 70.05
N ARG GA 111 27.44 -27.18 68.75
CA ARG GA 111 26.71 -26.00 68.30
C ARG GA 111 26.45 -26.10 66.79
N GLY GA 112 25.28 -25.62 66.38
CA GLY GA 112 24.93 -25.54 64.98
C GLY GA 112 24.87 -24.10 64.51
N TYR GA 113 24.94 -23.87 63.20
CA TYR GA 113 24.99 -22.52 62.64
C TYR GA 113 24.24 -22.44 61.32
N ARG GA 114 23.58 -21.29 61.09
CA ARG GA 114 23.09 -20.91 59.78
C ARG GA 114 22.87 -19.41 59.75
N GLN GA 115 23.53 -18.72 58.82
CA GLN GA 115 23.42 -17.27 58.65
C GLN GA 115 23.25 -16.93 57.18
N ASP GA 116 22.40 -15.93 56.93
CA ASP GA 116 22.12 -15.43 55.59
C ASP GA 116 22.34 -13.93 55.58
N ALA GA 117 22.96 -13.42 54.50
CA ALA GA 117 23.25 -12.00 54.38
C ALA GA 117 23.01 -11.55 52.95
N TYR GA 118 22.24 -10.47 52.79
CA TYR GA 118 21.94 -9.88 51.50
C TYR GA 118 22.76 -8.60 51.33
N ASP GA 119 23.71 -8.63 50.39
CA ASP GA 119 24.58 -7.50 50.10
C ASP GA 119 25.43 -7.11 51.31
N GLY GA 120 26.15 -8.09 51.86
CA GLY GA 120 27.09 -7.85 52.94
C GLY GA 120 26.49 -7.48 54.28
N LYS GA 121 25.22 -7.08 54.33
CA LYS GA 121 24.54 -6.77 55.58
C LYS GA 121 23.89 -8.04 56.15
N ASP GA 122 23.98 -8.20 57.47
CA ASP GA 122 23.29 -9.30 58.12
C ASP GA 122 21.80 -9.25 57.75
N TYR GA 123 21.23 -10.41 57.45
CA TYR GA 123 19.84 -10.45 57.03
C TYR GA 123 19.03 -11.22 58.07
N ILE GA 124 18.95 -12.53 57.94
CA ILE GA 124 18.31 -13.38 58.93
C ILE GA 124 19.33 -14.40 59.40
N ALA GA 125 19.23 -14.80 60.67
CA ALA GA 125 20.19 -15.72 61.26
C ALA GA 125 19.50 -16.66 62.22
N LEU GA 126 20.07 -17.84 62.43
CA LEU GA 126 19.51 -18.72 63.40
C LEU GA 126 20.24 -18.54 64.71
N ASN GA 127 19.47 -18.36 65.76
CA ASN GA 127 20.03 -18.07 67.06
C ASN GA 127 20.69 -19.33 67.52
N GLU GA 128 21.47 -19.25 68.59
CA GLU GA 128 22.23 -20.40 69.01
C GLU GA 128 21.27 -21.53 69.33
N ASP GA 129 20.15 -21.22 69.97
CA ASP GA 129 19.22 -22.28 70.35
C ASP GA 129 18.73 -22.97 69.12
N LEU GA 130 18.51 -22.17 68.09
CA LEU GA 130 17.99 -22.65 66.83
C LEU GA 130 16.49 -22.79 66.91
N ARG GA 131 15.92 -22.48 68.07
CA ARG GA 131 14.49 -22.34 68.14
C ARG GA 131 14.08 -21.15 67.32
N SER GA 132 14.89 -20.10 67.36
CA SER GA 132 14.43 -18.81 66.88
C SER GA 132 15.32 -18.06 65.90
N TRP GA 133 14.66 -17.28 65.06
CA TRP GA 133 15.30 -16.47 64.03
C TRP GA 133 15.40 -15.02 64.50
N THR GA 134 16.42 -14.31 64.00
CA THR GA 134 16.65 -12.90 64.28
C THR GA 134 16.67 -12.13 62.97
N ALA GA 135 15.84 -11.11 62.86
CA ALA GA 135 15.69 -10.31 61.65
C ALA GA 135 16.42 -8.98 61.83
N ALA GA 136 17.44 -8.75 61.02
CA ALA GA 136 18.24 -7.54 61.15
C ALA GA 136 17.46 -6.29 60.76
N ASP GA 137 16.90 -6.26 59.54
CA ASP GA 137 16.14 -5.11 59.08
C ASP GA 137 14.67 -5.46 58.97
N MET GA 138 13.92 -4.67 58.20
CA MET GA 138 12.50 -4.94 58.01
C MET GA 138 12.29 -6.11 57.06
N ALA GA 139 12.99 -6.12 55.93
CA ALA GA 139 12.83 -7.18 54.95
C ALA GA 139 13.16 -8.56 55.50
N ALA GA 140 13.98 -8.63 56.56
CA ALA GA 140 14.25 -9.90 57.21
C ALA GA 140 13.14 -10.33 58.16
N GLN GA 141 12.17 -9.45 58.45
CA GLN GA 141 11.03 -9.83 59.28
C GLN GA 141 9.90 -10.44 58.46
N ILE GA 142 9.72 -10.02 57.21
CA ILE GA 142 8.75 -10.69 56.35
C ILE GA 142 9.24 -12.02 55.85
N THR GA 143 10.55 -12.26 55.90
CA THR GA 143 11.08 -13.59 55.67
C THR GA 143 11.19 -14.40 56.95
N LYS GA 144 11.29 -13.71 58.10
CA LYS GA 144 11.27 -14.42 59.38
C LYS GA 144 9.92 -15.07 59.64
N ARG GA 145 8.83 -14.30 59.51
CA ARG GA 145 7.52 -14.88 59.75
C ARG GA 145 7.10 -15.85 58.66
N LYS GA 146 7.73 -15.79 57.50
CA LYS GA 146 7.45 -16.75 56.44
C LYS GA 146 8.08 -18.12 56.71
N TRP GA 147 9.18 -18.15 57.45
CA TRP GA 147 9.90 -19.39 57.74
C TRP GA 147 9.40 -20.10 58.99
N GLU GA 148 8.98 -19.34 60.01
CA GLU GA 148 8.36 -19.97 61.16
C GLU GA 148 7.04 -20.64 60.79
N ALA GA 149 6.49 -20.31 59.62
CA ALA GA 149 5.29 -20.98 59.16
C ALA GA 149 5.57 -22.40 58.70
N VAL GA 150 6.75 -22.66 58.15
CA VAL GA 150 7.11 -24.01 57.69
C VAL GA 150 8.04 -24.71 58.67
N HIS GA 151 8.21 -24.16 59.88
CA HIS GA 151 9.04 -24.76 60.92
C HIS GA 151 10.47 -25.00 60.43
N ALA GA 152 11.02 -24.01 59.71
CA ALA GA 152 12.39 -24.13 59.24
C ALA GA 152 13.41 -24.07 60.37
N ALA GA 153 13.05 -23.52 61.53
CA ALA GA 153 13.94 -23.58 62.69
C ALA GA 153 14.24 -25.03 63.08
N GLU GA 154 13.24 -25.91 62.99
CA GLU GA 154 13.44 -27.31 63.29
C GLU GA 154 14.15 -28.03 62.15
N GLN GA 155 13.62 -27.90 60.93
CA GLN GA 155 14.18 -28.65 59.81
C GLN GA 155 15.63 -28.25 59.53
N ARG GA 156 16.07 -27.09 60.03
CA ARG GA 156 17.50 -26.79 60.07
C ARG GA 156 18.16 -27.45 61.27
N ARG GA 157 17.48 -27.46 62.42
CA ARG GA 157 17.99 -28.15 63.61
C ARG GA 157 18.16 -29.65 63.36
N VAL GA 158 17.31 -30.24 62.50
CA VAL GA 158 17.40 -31.68 62.25
C VAL GA 158 18.55 -31.99 61.29
N TYR GA 159 18.82 -31.09 60.33
CA TYR GA 159 19.99 -31.27 59.49
C TYR GA 159 21.28 -31.13 60.28
N LEU GA 160 21.32 -30.16 61.21
CA LEU GA 160 22.56 -29.88 61.93
C LEU GA 160 22.96 -31.06 62.82
N GLU GA 161 22.02 -31.65 63.55
CA GLU GA 161 22.34 -32.77 64.44
C GLU GA 161 22.26 -34.13 63.76
N GLY GA 162 21.80 -34.19 62.51
CA GLY GA 162 21.63 -35.43 61.79
C GLY GA 162 22.75 -35.63 60.79
N ARG GA 163 22.60 -35.11 59.57
CA ARG GA 163 23.56 -35.38 58.51
C ARG GA 163 24.83 -34.54 58.65
N CYS GA 164 24.76 -33.41 59.34
CA CYS GA 164 25.92 -32.54 59.47
C CYS GA 164 26.93 -33.13 60.44
N VAL GA 165 26.48 -33.51 61.64
CA VAL GA 165 27.40 -34.05 62.63
C VAL GA 165 27.87 -35.44 62.25
N ASP GA 166 27.03 -36.24 61.60
CA ASP GA 166 27.51 -37.55 61.14
C ASP GA 166 28.39 -37.43 59.91
N GLY GA 167 28.25 -36.36 59.14
CA GLY GA 167 29.22 -36.09 58.11
C GLY GA 167 30.55 -35.65 58.70
N LEU GA 168 30.51 -34.68 59.60
CA LEU GA 168 31.73 -34.22 60.25
C LEU GA 168 32.40 -35.34 61.03
N ARG GA 169 31.61 -36.19 61.71
CA ARG GA 169 32.17 -37.33 62.42
C ARG GA 169 32.82 -38.32 61.45
N ARG GA 170 32.15 -38.59 60.33
CA ARG GA 170 32.66 -39.58 59.39
C ARG GA 170 33.91 -39.07 58.68
N TYR GA 171 34.00 -37.76 58.45
CA TYR GA 171 35.16 -37.22 57.74
C TYR GA 171 36.39 -37.17 58.63
N LEU GA 172 36.22 -36.85 59.93
CA LEU GA 172 37.37 -36.78 60.83
C LEU GA 172 38.07 -38.13 60.97
N GLU GA 173 37.39 -39.22 60.65
CA GLU GA 173 38.02 -40.54 60.61
C GLU GA 173 38.50 -40.93 59.22
N ASN GA 174 37.87 -40.40 58.18
CA ASN GA 174 38.35 -40.69 56.82
C ASN GA 174 39.71 -40.05 56.57
N GLY GA 175 39.90 -38.83 57.05
CA GLY GA 175 41.20 -38.20 56.99
C GLY GA 175 41.82 -38.09 58.36
N LYS GA 176 41.99 -39.25 59.02
CA LYS GA 176 42.53 -39.26 60.37
C LYS GA 176 43.94 -38.69 60.40
N GLU GA 177 44.73 -38.96 59.36
CA GLU GA 177 46.06 -38.38 59.26
C GLU GA 177 45.99 -36.88 58.99
N THR GA 178 45.13 -36.49 58.03
CA THR GA 178 45.13 -35.11 57.57
C THR GA 178 44.59 -34.15 58.62
N LEU GA 179 43.62 -34.60 59.43
CA LEU GA 179 42.80 -33.68 60.22
C LEU GA 179 43.19 -33.62 61.70
N GLN GA 180 44.15 -34.45 62.16
CA GLN GA 180 44.64 -34.37 63.54
C GLN GA 180 46.13 -34.05 63.60
N ARG GA 181 46.72 -33.53 62.53
CA ARG GA 181 48.13 -33.18 62.53
C ARG GA 181 48.39 -31.96 63.41
N THR GA 182 49.66 -31.58 63.50
CA THR GA 182 50.07 -30.36 64.19
C THR GA 182 51.32 -29.73 63.57
N VAL HA 1 28.40 -32.91 54.59
CA VAL HA 1 27.11 -33.25 54.00
C VAL HA 1 26.22 -32.02 53.93
N THR HA 2 25.85 -31.64 52.71
CA THR HA 2 24.97 -30.51 52.46
C THR HA 2 23.51 -30.86 52.77
N GLU HA 3 22.70 -29.82 52.96
CA GLU HA 3 21.31 -30.01 53.36
C GLU HA 3 20.46 -30.52 52.21
N HIS HA 4 19.50 -31.39 52.54
CA HIS HA 4 18.70 -32.05 51.51
C HIS HA 4 17.96 -31.04 50.65
N ASP HA 5 17.20 -30.14 51.27
CA ASP HA 5 16.43 -29.12 50.57
C ASP HA 5 16.72 -27.75 51.19
N THR HA 6 16.19 -26.70 50.57
CA THR HA 6 16.48 -25.34 50.99
C THR HA 6 15.19 -24.52 51.12
N LEU HA 7 15.29 -23.37 51.77
CA LEU HA 7 14.16 -22.49 52.05
C LEU HA 7 14.28 -21.19 51.25
N LEU HA 8 13.14 -20.68 50.81
CA LEU HA 8 13.02 -19.43 50.08
C LEU HA 8 12.64 -18.29 51.01
N TYR HA 9 13.04 -17.08 50.64
CA TYR HA 9 12.78 -15.89 51.46
C TYR HA 9 11.37 -15.36 51.23
N ILE IA 1 26.26 -1.47 50.10
CA ILE IA 1 27.46 -0.90 50.74
C ILE IA 1 28.67 -1.76 50.38
N GLN IA 2 29.86 -1.14 50.36
CA GLN IA 2 31.07 -1.77 49.82
C GLN IA 2 32.24 -1.72 50.81
N ARG IA 3 33.13 -2.71 50.68
CA ARG IA 3 34.39 -2.80 51.41
C ARG IA 3 35.54 -2.95 50.43
N THR IA 4 36.69 -2.34 50.75
CA THR IA 4 37.87 -2.27 49.90
C THR IA 4 38.89 -3.34 50.28
N PRO IA 5 39.57 -3.96 49.32
CA PRO IA 5 40.38 -5.14 49.62
C PRO IA 5 41.68 -4.82 50.35
N LYS IA 6 42.00 -5.63 51.34
CA LYS IA 6 43.35 -5.69 51.90
C LYS IA 6 44.16 -6.69 51.06
N ILE IA 7 45.41 -6.36 50.80
CA ILE IA 7 46.26 -7.14 49.91
C ILE IA 7 47.55 -7.50 50.64
N GLN IA 8 47.90 -8.79 50.63
CA GLN IA 8 49.16 -9.28 51.15
C GLN IA 8 49.85 -10.10 50.08
N VAL IA 9 51.15 -9.85 49.89
CA VAL IA 9 51.99 -10.59 48.95
C VAL IA 9 53.11 -11.28 49.73
N TYR IA 10 53.22 -12.59 49.56
CA TYR IA 10 54.18 -13.37 50.33
C TYR IA 10 54.50 -14.63 49.54
N SER IA 11 55.59 -15.29 49.93
CA SER IA 11 55.99 -16.55 49.34
C SER IA 11 55.54 -17.71 50.20
N ARG IA 12 55.29 -18.85 49.56
CA ARG IA 12 54.83 -20.03 50.30
C ARG IA 12 55.92 -20.56 51.23
N HIS IA 13 57.13 -20.70 50.71
CA HIS IA 13 58.30 -21.06 51.52
C HIS IA 13 59.24 -19.87 51.61
N PRO IA 14 60.08 -19.81 52.64
CA PRO IA 14 61.11 -18.76 52.69
C PRO IA 14 61.92 -18.72 51.42
N ALA IA 15 61.97 -17.57 50.76
CA ALA IA 15 62.54 -17.51 49.43
C ALA IA 15 64.05 -17.66 49.49
N GLU IA 16 64.60 -18.48 48.59
CA GLU IA 16 66.04 -18.60 48.40
C GLU IA 16 66.27 -18.78 46.91
N ASN IA 17 67.26 -18.05 46.37
CA ASN IA 17 67.42 -17.95 44.92
C ASN IA 17 67.68 -19.31 44.30
N GLY IA 18 66.95 -19.61 43.23
CA GLY IA 18 67.13 -20.84 42.51
C GLY IA 18 66.21 -21.98 42.91
N LYS IA 19 65.37 -21.79 43.93
CA LYS IA 19 64.48 -22.83 44.41
C LYS IA 19 63.04 -22.55 44.00
N SER IA 20 62.37 -23.60 43.51
CA SER IA 20 60.98 -23.49 43.10
C SER IA 20 60.12 -23.19 44.32
N ASN IA 21 59.46 -22.04 44.32
CA ASN IA 21 58.53 -21.63 45.37
C ASN IA 21 57.17 -21.34 44.73
N PHE IA 22 56.30 -20.68 45.49
CA PHE IA 22 54.99 -20.25 45.01
C PHE IA 22 54.71 -18.84 45.52
N LEU IA 23 54.29 -17.97 44.60
CA LEU IA 23 54.03 -16.58 44.90
C LEU IA 23 52.55 -16.41 45.16
N ASN IA 24 52.20 -15.95 46.36
CA ASN IA 24 50.82 -15.83 46.79
C ASN IA 24 50.44 -14.36 46.82
N CYS IA 25 49.27 -14.03 46.29
CA CYS IA 25 48.63 -12.76 46.52
C CYS IA 25 47.28 -13.04 47.16
N TYR IA 26 47.11 -12.56 48.38
CA TYR IA 26 45.96 -12.88 49.22
C TYR IA 26 45.16 -11.60 49.45
N VAL IA 27 44.05 -11.47 48.73
CA VAL IA 27 43.15 -10.34 48.87
C VAL IA 27 42.05 -10.75 49.84
N SER IA 28 41.75 -9.88 50.80
CA SER IA 28 40.79 -10.22 51.84
C SER IA 28 40.06 -8.95 52.25
N GLY IA 29 38.96 -9.13 52.97
CA GLY IA 29 38.23 -8.00 53.53
C GLY IA 29 37.55 -7.10 52.51
N PHE IA 30 37.20 -7.61 51.34
CA PHE IA 30 36.58 -6.81 50.29
C PHE IA 30 35.14 -7.25 50.03
N HIS IA 31 34.36 -6.33 49.44
CA HIS IA 31 32.97 -6.53 49.08
C HIS IA 31 32.58 -5.40 48.12
N PRO IA 32 31.88 -5.67 47.02
CA PRO IA 32 31.35 -6.96 46.55
C PRO IA 32 32.42 -7.88 45.99
N SER IA 33 31.98 -8.92 45.27
CA SER IA 33 32.86 -10.03 44.95
C SER IA 33 33.83 -9.71 43.82
N ASP IA 34 33.45 -8.79 42.92
CA ASP IA 34 34.29 -8.46 41.76
C ASP IA 34 35.64 -7.86 42.13
N ILE IA 35 36.71 -8.63 41.91
CA ILE IA 35 38.07 -8.19 42.14
C ILE IA 35 38.93 -8.80 41.04
N GLU IA 36 39.93 -8.04 40.60
CA GLU IA 36 40.90 -8.52 39.62
C GLU IA 36 42.28 -8.53 40.26
N VAL IA 37 42.97 -9.65 40.13
CA VAL IA 37 44.29 -9.83 40.72
C VAL IA 37 45.19 -10.45 39.67
N ASP IA 38 46.36 -9.86 39.46
CA ASP IA 38 47.38 -10.39 38.58
C ASP IA 38 48.70 -10.46 39.32
N LEU IA 39 49.55 -11.35 38.87
CA LEU IA 39 50.92 -11.42 39.36
C LEU IA 39 51.83 -10.87 38.28
N LEU IA 40 52.90 -10.18 38.69
CA LEU IA 40 53.74 -9.39 37.79
C LEU IA 40 55.20 -9.82 37.95
N LYS IA 41 55.77 -10.38 36.88
CA LYS IA 41 57.21 -10.66 36.81
C LYS IA 41 57.88 -9.51 36.06
N ASN IA 42 58.39 -8.54 36.83
CA ASN IA 42 59.04 -7.33 36.32
C ASN IA 42 58.12 -6.53 35.39
N GLY IA 43 56.96 -6.17 35.92
CA GLY IA 43 56.02 -5.33 35.20
C GLY IA 43 55.19 -6.02 34.12
N GLU IA 44 55.45 -7.29 33.81
CA GLU IA 44 54.62 -8.04 32.86
C GLU IA 44 53.65 -8.92 33.63
N ARG IA 45 52.49 -9.16 33.04
CA ARG IA 45 51.44 -9.89 33.73
C ARG IA 45 51.74 -11.38 33.62
N ILE IA 46 51.89 -12.05 34.78
CA ILE IA 46 52.20 -13.48 34.77
C ILE IA 46 50.97 -14.27 34.38
N GLU IA 47 51.14 -15.17 33.41
CA GLU IA 47 50.00 -15.82 32.79
C GLU IA 47 49.53 -17.03 33.60
N LYS IA 48 50.47 -17.86 34.04
CA LYS IA 48 50.16 -19.11 34.75
C LYS IA 48 49.80 -18.85 36.21
N VAL IA 49 48.70 -18.13 36.44
CA VAL IA 49 48.27 -17.79 37.79
C VAL IA 49 46.85 -18.29 38.00
N GLU IA 50 46.66 -19.08 39.05
CA GLU IA 50 45.36 -19.51 39.51
C GLU IA 50 45.02 -18.87 40.85
N HIS IA 51 43.80 -19.11 41.30
CA HIS IA 51 43.28 -18.55 42.54
C HIS IA 51 42.47 -19.58 43.30
N SER IA 52 42.14 -19.24 44.53
CA SER IA 52 41.32 -20.06 45.41
C SER IA 52 39.84 -19.93 45.02
N ASP IA 53 38.98 -20.60 45.78
CA ASP IA 53 37.55 -20.53 45.56
C ASP IA 53 36.93 -19.48 46.47
N LEU IA 54 35.92 -18.77 45.95
CA LEU IA 54 35.39 -17.61 46.66
C LEU IA 54 34.72 -18.04 47.97
N SER IA 55 35.38 -17.74 49.08
CA SER IA 55 34.81 -17.88 50.41
C SER IA 55 34.72 -16.48 51.01
N PHE IA 56 34.11 -16.38 52.19
CA PHE IA 56 33.98 -15.08 52.86
C PHE IA 56 34.25 -15.24 54.34
N SER IA 57 34.46 -14.10 55.00
CA SER IA 57 34.89 -14.07 56.39
C SER IA 57 33.70 -13.81 57.31
N LYS IA 58 33.99 -13.48 58.57
CA LYS IA 58 32.94 -13.25 59.56
C LYS IA 58 32.12 -12.01 59.23
N ASP IA 59 32.78 -10.93 58.77
CA ASP IA 59 32.07 -9.73 58.37
C ASP IA 59 31.54 -9.80 56.95
N TRP IA 60 31.40 -11.03 56.42
CA TRP IA 60 30.91 -11.33 55.07
C TRP IA 60 31.85 -10.84 53.99
N SER IA 61 33.04 -10.37 54.36
CA SER IA 61 34.01 -9.90 53.39
C SER IA 61 34.79 -11.08 52.81
N PHE IA 62 34.86 -11.12 51.49
CA PHE IA 62 35.44 -12.26 50.79
C PHE IA 62 36.95 -12.30 50.95
N TYR IA 63 37.54 -13.41 50.51
CA TYR IA 63 38.99 -13.54 50.48
C TYR IA 63 39.39 -14.54 49.39
N LEU IA 64 40.48 -14.22 48.70
CA LEU IA 64 41.00 -15.05 47.62
C LEU IA 64 42.51 -15.15 47.75
N LEU IA 65 43.07 -16.22 47.21
CA LEU IA 65 44.52 -16.44 47.17
C LEU IA 65 44.91 -16.78 45.75
N TYR IA 66 45.73 -15.91 45.15
CA TYR IA 66 46.26 -16.15 43.81
C TYR IA 66 47.71 -16.61 43.91
N TYR IA 67 48.05 -17.69 43.21
CA TYR IA 67 49.35 -18.31 43.40
C TYR IA 67 49.96 -18.66 42.05
N THR IA 68 51.29 -18.72 42.01
CA THR IA 68 52.02 -19.12 40.81
C THR IA 68 53.32 -19.80 41.23
N GLU IA 69 53.71 -20.84 40.49
CA GLU IA 69 55.04 -21.40 40.60
C GLU IA 69 56.06 -20.43 40.01
N PHE IA 70 57.15 -20.18 40.74
CA PHE IA 70 58.19 -19.30 40.23
C PHE IA 70 59.52 -19.63 40.92
N THR IA 71 60.62 -19.38 40.20
CA THR IA 71 61.96 -19.54 40.76
C THR IA 71 62.60 -18.16 40.93
N PRO IA 72 62.63 -17.63 42.15
CA PRO IA 72 63.10 -16.26 42.35
C PRO IA 72 64.60 -16.10 42.18
N THR IA 73 65.01 -14.98 41.59
CA THR IA 73 66.40 -14.54 41.58
C THR IA 73 66.52 -13.31 42.49
N GLU IA 74 67.66 -12.62 42.41
CA GLU IA 74 67.86 -11.43 43.22
C GLU IA 74 67.47 -10.13 42.51
N LYS IA 75 67.59 -10.08 41.18
CA LYS IA 75 67.23 -8.90 40.43
C LYS IA 75 65.77 -8.88 39.99
N ASP IA 76 65.20 -10.05 39.69
CA ASP IA 76 63.77 -10.16 39.38
C ASP IA 76 62.93 -9.65 40.55
N GLU IA 77 62.06 -8.68 40.26
CA GLU IA 77 61.14 -8.09 41.21
C GLU IA 77 59.71 -8.45 40.85
N TYR IA 78 58.99 -9.05 41.80
CA TYR IA 78 57.61 -9.47 41.60
C TYR IA 78 56.66 -8.56 42.38
N ALA IA 79 55.41 -8.50 41.91
CA ALA IA 79 54.40 -7.63 42.49
C ALA IA 79 53.02 -8.18 42.17
N CYS IA 80 52.01 -7.63 42.86
CA CYS IA 80 50.62 -8.03 42.69
C CYS IA 80 49.76 -6.80 42.47
N ARG IA 81 49.01 -6.78 41.38
CA ARG IA 81 48.13 -5.66 41.06
C ARG IA 81 46.67 -6.07 41.27
N VAL IA 82 45.92 -5.20 41.94
CA VAL IA 82 44.55 -5.50 42.35
C VAL IA 82 43.68 -4.31 42.00
N ASN IA 83 42.79 -4.48 41.03
CA ASN IA 83 41.80 -3.48 40.72
C ASN IA 83 40.46 -3.89 41.31
N HIS IA 84 39.70 -2.90 41.77
CA HIS IA 84 38.43 -3.16 42.44
C HIS IA 84 37.48 -2.03 42.07
N VAL IA 85 36.19 -2.21 42.41
CA VAL IA 85 35.26 -1.11 42.21
C VAL IA 85 35.54 -0.01 43.22
N THR IA 86 35.97 -0.37 44.42
CA THR IA 86 36.36 0.57 45.46
C THR IA 86 37.74 1.18 45.24
N LEU IA 87 38.47 0.74 44.21
CA LEU IA 87 39.79 1.27 43.89
C LEU IA 87 39.71 2.05 42.60
N SER IA 88 39.97 3.36 42.69
CA SER IA 88 39.95 4.22 41.51
C SER IA 88 41.06 3.84 40.54
N GLN IA 89 42.27 3.64 41.06
CA GLN IA 89 43.37 3.10 40.26
C GLN IA 89 43.82 1.80 40.87
N PRO IA 90 44.19 0.82 40.04
CA PRO IA 90 44.63 -0.48 40.58
C PRO IA 90 45.79 -0.30 41.54
N LYS IA 91 45.63 -0.81 42.76
CA LYS IA 91 46.73 -0.85 43.71
C LYS IA 91 47.76 -1.88 43.24
N ILE IA 92 49.03 -1.59 43.52
CA ILE IA 92 50.12 -2.51 43.25
C ILE IA 92 50.96 -2.63 44.51
N VAL IA 93 51.17 -3.87 44.96
CA VAL IA 93 52.00 -4.17 46.12
C VAL IA 93 53.08 -5.16 45.69
N LYS IA 94 54.34 -4.74 45.77
CA LYS IA 94 55.44 -5.60 45.34
C LYS IA 94 55.89 -6.55 46.45
N TRP IA 95 56.32 -7.73 46.02
CA TRP IA 95 56.77 -8.77 46.96
C TRP IA 95 58.14 -8.41 47.51
N ASP IA 96 58.19 -8.19 48.83
CA ASP IA 96 59.42 -7.95 49.56
C ASP IA 96 59.92 -9.25 50.18
N ARG IA 97 61.25 -9.38 50.30
CA ARG IA 97 61.82 -10.58 50.89
C ARG IA 97 61.49 -10.73 52.37
N ASP IA 98 61.16 -9.65 53.07
CA ASP IA 98 60.87 -9.72 54.50
C ASP IA 98 59.63 -8.90 54.86
N MET IA 99 58.56 -9.01 54.07
CA MET IA 99 57.30 -8.36 54.40
C MET IA 99 56.08 -9.18 53.96
N SER JA 2 -15.74 -40.56 58.24
CA SER JA 2 -15.88 -41.78 57.45
C SER JA 2 -17.35 -42.17 57.31
N VAL JA 3 -18.24 -41.32 57.82
CA VAL JA 3 -19.68 -41.58 57.80
C VAL JA 3 -20.32 -40.65 56.80
N SER JA 4 -20.83 -41.20 55.70
CA SER JA 4 -21.60 -40.46 54.72
C SER JA 4 -22.98 -41.09 54.60
N THR JA 5 -24.01 -40.28 54.82
CA THR JA 5 -25.37 -40.78 55.01
C THR JA 5 -26.26 -40.27 53.87
N GLN JA 6 -26.95 -41.19 53.22
CA GLN JA 6 -27.89 -40.92 52.14
C GLN JA 6 -29.31 -41.20 52.59
N PRO JA 7 -30.31 -40.55 51.99
CA PRO JA 7 -31.69 -40.92 52.27
C PRO JA 7 -31.94 -42.34 51.82
N PRO JA 8 -32.87 -43.04 52.47
CA PRO JA 8 -33.07 -44.46 52.11
C PRO JA 8 -33.67 -44.64 50.73
N SER JA 9 -34.69 -43.85 50.39
CA SER JA 9 -35.34 -43.91 49.09
C SER JA 9 -35.86 -42.53 48.75
N VAL JA 10 -35.96 -42.24 47.45
CA VAL JA 10 -36.53 -41.01 46.93
C VAL JA 10 -37.54 -41.34 45.84
N SER JA 11 -38.76 -40.84 45.99
CA SER JA 11 -39.83 -41.03 45.01
C SER JA 11 -40.07 -39.73 44.26
N VAL JA 12 -40.20 -39.84 42.93
CA VAL JA 12 -40.33 -38.68 42.06
C VAL JA 12 -41.27 -39.00 40.90
N ALA JA 13 -42.05 -38.00 40.49
CA ALA JA 13 -42.93 -38.11 39.34
C ALA JA 13 -42.12 -38.04 38.04
N PRO JA 14 -42.56 -38.73 36.98
CA PRO JA 14 -41.85 -38.64 35.70
C PRO JA 14 -41.80 -37.20 35.18
N GLY JA 15 -40.65 -36.86 34.59
CA GLY JA 15 -40.41 -35.53 34.08
C GLY JA 15 -40.08 -34.48 35.13
N GLN JA 16 -40.23 -34.78 36.41
CA GLN JA 16 -39.89 -33.83 37.47
C GLN JA 16 -38.37 -33.83 37.71
N THR JA 17 -37.93 -33.17 38.79
CA THR JA 17 -36.51 -33.10 39.16
C THR JA 17 -36.29 -33.81 40.50
N ALA JA 18 -35.50 -34.88 40.47
CA ALA JA 18 -35.14 -35.66 41.65
C ALA JA 18 -33.89 -35.09 42.32
N ARG JA 19 -33.72 -35.40 43.60
CA ARG JA 19 -32.62 -34.85 44.40
C ARG JA 19 -32.20 -35.85 45.47
N ILE JA 20 -30.97 -36.35 45.36
CA ILE JA 20 -30.40 -37.33 46.27
C ILE JA 20 -29.26 -36.66 47.02
N THR JA 21 -29.27 -36.73 48.35
CA THR JA 21 -28.23 -36.11 49.15
C THR JA 21 -27.22 -37.13 49.67
N CYS JA 22 -26.01 -36.63 50.01
CA CYS JA 22 -24.92 -37.43 50.59
C CYS JA 22 -24.25 -36.57 51.65
N GLY JA 23 -24.85 -36.54 52.84
CA GLY JA 23 -24.35 -35.68 53.91
C GLY JA 23 -23.15 -36.29 54.61
N GLY JA 24 -22.22 -35.42 55.02
CA GLY JA 24 -21.02 -35.86 55.71
C GLY JA 24 -20.19 -34.71 56.25
N ASN JA 25 -19.50 -34.94 57.35
CA ASN JA 25 -18.68 -33.89 57.97
C ASN JA 25 -17.51 -33.53 57.07
N ASN JA 26 -17.48 -32.27 56.63
CA ASN JA 26 -16.45 -31.76 55.74
C ASN JA 26 -16.40 -32.57 54.44
N ILE JA 27 -17.58 -32.95 53.95
CA ILE JA 27 -17.64 -33.61 52.66
C ILE JA 27 -17.43 -32.62 51.53
N GLY JA 28 -17.62 -31.32 51.78
CA GLY JA 28 -17.35 -30.33 50.75
C GLY JA 28 -15.89 -30.26 50.35
N SER JA 29 -14.98 -30.68 51.22
CA SER JA 29 -13.55 -30.70 50.92
C SER JA 29 -13.09 -32.05 50.38
N LYS JA 30 -13.98 -33.03 50.30
CA LYS JA 30 -13.68 -34.30 49.68
C LYS JA 30 -14.22 -34.31 48.26
N SER JA 31 -13.69 -35.22 47.45
CA SER JA 31 -14.13 -35.39 46.07
C SER JA 31 -15.23 -36.44 46.05
N VAL JA 32 -16.46 -36.01 45.85
CA VAL JA 32 -17.61 -36.92 45.89
C VAL JA 32 -17.86 -37.45 44.49
N HIS JA 33 -18.19 -38.74 44.41
CA HIS JA 33 -18.57 -39.38 43.17
C HIS JA 33 -19.91 -40.07 43.38
N TRP JA 34 -20.54 -40.48 42.29
CA TRP JA 34 -21.85 -41.12 42.40
C TRP JA 34 -21.94 -42.33 41.48
N TYR JA 35 -22.51 -43.41 42.00
CA TYR JA 35 -22.73 -44.63 41.25
C TYR JA 35 -24.21 -44.99 41.30
N ARG JA 36 -24.74 -45.40 40.16
CA ARG JA 36 -26.12 -45.81 40.04
C ARG JA 36 -26.14 -47.31 39.77
N GLN JA 37 -26.82 -48.07 40.62
CA GLN JA 37 -26.86 -49.52 40.53
C GLN JA 37 -28.31 -49.95 40.37
N LYS JA 38 -28.64 -50.44 39.21
CA LYS JA 38 -29.93 -51.02 38.94
C LYS JA 38 -29.90 -52.51 39.30
N PRO JA 39 -31.05 -53.11 39.58
CA PRO JA 39 -31.05 -54.52 40.02
C PRO JA 39 -30.37 -55.42 39.01
N GLY JA 40 -29.47 -56.27 39.50
CA GLY JA 40 -28.80 -57.25 38.67
C GLY JA 40 -27.57 -56.76 37.92
N GLN JA 41 -27.24 -55.47 37.98
CA GLN JA 41 -26.09 -54.94 37.28
C GLN JA 41 -25.06 -54.37 38.25
N ALA JA 42 -23.90 -54.02 37.70
CA ALA JA 42 -22.83 -53.39 38.45
C ALA JA 42 -23.08 -51.90 38.58
N PRO JA 43 -22.45 -51.26 39.56
CA PRO JA 43 -22.56 -49.79 39.66
C PRO JA 43 -21.97 -49.08 38.45
N VAL JA 44 -22.50 -47.90 38.16
CA VAL JA 44 -22.10 -47.10 37.01
C VAL JA 44 -21.82 -45.68 37.48
N LEU JA 45 -20.66 -45.15 37.11
CA LEU JA 45 -20.29 -43.78 37.46
C LEU JA 45 -21.15 -42.78 36.69
N VAL JA 46 -21.77 -41.85 37.41
CA VAL JA 46 -22.66 -40.86 36.79
C VAL JA 46 -22.18 -39.45 37.11
N VAL JA 47 -21.46 -39.28 38.20
CA VAL JA 47 -20.88 -38.00 38.59
C VAL JA 47 -19.59 -38.26 39.34
N TYR JA 48 -18.51 -37.60 38.92
CA TYR JA 48 -17.22 -37.70 39.61
C TYR JA 48 -16.68 -36.31 39.87
N ASP JA 49 -15.86 -36.21 40.93
CA ASP JA 49 -15.31 -34.95 41.42
C ASP JA 49 -16.41 -33.89 41.52
N ASN JA 50 -17.36 -34.16 42.40
CA ASN JA 50 -18.42 -33.22 42.78
C ASN JA 50 -19.45 -32.99 41.67
N ASN JA 51 -19.03 -32.51 40.50
CA ASN JA 51 -19.98 -32.10 39.48
C ASN JA 51 -19.70 -32.64 38.08
N ALA JA 52 -18.54 -33.21 37.81
CA ALA JA 52 -18.19 -33.62 36.45
C ALA JA 52 -18.99 -34.85 36.05
N ARG JA 53 -19.41 -34.89 34.78
CA ARG JA 53 -20.18 -35.97 34.19
C ARG JA 53 -19.32 -36.83 33.26
N PRO JA 54 -19.50 -38.15 33.28
CA PRO JA 54 -18.79 -39.00 32.31
C PRO JA 54 -19.26 -38.80 30.88
N SER JA 55 -18.70 -39.61 29.97
CA SER JA 55 -18.98 -39.46 28.55
C SER JA 55 -20.45 -39.75 28.23
N GLY JA 56 -20.92 -40.95 28.58
CA GLY JA 56 -22.25 -41.38 28.20
C GLY JA 56 -23.39 -40.75 28.97
N ILE JA 57 -23.10 -40.08 30.08
CA ILE JA 57 -24.15 -39.61 30.99
C ILE JA 57 -24.83 -38.38 30.38
N PRO JA 58 -26.17 -38.34 30.33
CA PRO JA 58 -26.85 -37.16 29.82
C PRO JA 58 -26.76 -36.01 30.81
N GLU JA 59 -26.87 -34.80 30.28
CA GLU JA 59 -26.69 -33.58 31.08
C GLU JA 59 -27.81 -33.35 32.08
N ARG JA 60 -28.89 -34.13 32.02
CA ARG JA 60 -29.94 -34.02 33.02
C ARG JA 60 -29.42 -34.27 34.43
N ILE JA 61 -28.53 -35.25 34.59
CA ILE JA 61 -27.95 -35.59 35.89
C ILE JA 61 -26.80 -34.65 36.18
N SER JA 62 -26.87 -33.93 37.30
CA SER JA 62 -25.82 -33.00 37.67
C SER JA 62 -25.38 -33.24 39.10
N GLY JA 63 -24.13 -32.87 39.38
CA GLY JA 63 -23.56 -33.03 40.70
C GLY JA 63 -23.49 -31.72 41.46
N SER JA 64 -23.08 -31.82 42.72
CA SER JA 64 -22.98 -30.68 43.61
C SER JA 64 -22.25 -31.13 44.87
N ASN JA 65 -21.47 -30.22 45.46
CA ASN JA 65 -20.79 -30.52 46.72
C ASN JA 65 -20.23 -29.24 47.35
N PHE JA 66 -20.79 -28.83 48.48
CA PHE JA 66 -20.31 -27.63 49.16
C PHE JA 66 -20.61 -27.74 50.65
N ALA JA 67 -19.71 -27.17 51.45
CA ALA JA 67 -19.82 -27.18 52.91
C ALA JA 67 -19.90 -28.61 53.41
N ASN JA 68 -21.09 -29.05 53.80
CA ASN JA 68 -21.26 -30.36 54.42
C ASN JA 68 -22.38 -31.16 53.76
N THR JA 69 -22.68 -30.90 52.50
CA THR JA 69 -23.80 -31.56 51.84
C THR JA 69 -23.52 -31.65 50.35
N ALA JA 70 -23.28 -32.87 49.87
CA ALA JA 70 -23.26 -33.16 48.45
C ALA JA 70 -24.67 -33.47 47.97
N THR JA 71 -24.95 -33.11 46.71
CA THR JA 71 -26.29 -33.22 46.16
C THR JA 71 -26.21 -33.77 44.75
N LEU JA 72 -26.89 -34.89 44.51
CA LEU JA 72 -27.07 -35.42 43.17
C LEU JA 72 -28.43 -34.97 42.67
N THR JA 73 -28.47 -34.31 41.51
CA THR JA 73 -29.71 -33.77 40.98
C THR JA 73 -29.95 -34.38 39.61
N ILE JA 74 -31.11 -35.01 39.46
CA ILE JA 74 -31.52 -35.61 38.20
C ILE JA 74 -32.73 -34.84 37.73
N SER JA 75 -32.53 -33.99 36.73
CA SER JA 75 -33.63 -33.22 36.15
C SER JA 75 -34.31 -34.05 35.06
N ARG JA 76 -35.63 -33.86 34.93
CA ARG JA 76 -36.45 -34.57 33.97
C ARG JA 76 -36.23 -36.09 34.09
N VAL JA 77 -36.72 -36.61 35.22
CA VAL JA 77 -36.50 -38.01 35.57
C VAL JA 77 -37.24 -38.91 34.59
N GLU JA 78 -36.54 -39.90 34.05
CA GLU JA 78 -37.13 -40.94 33.24
C GLU JA 78 -37.34 -42.22 34.05
N ALA JA 79 -38.05 -43.17 33.46
CA ALA JA 79 -38.27 -44.45 34.13
C ALA JA 79 -36.96 -45.20 34.33
N GLY JA 80 -36.00 -45.04 33.42
CA GLY JA 80 -34.71 -45.69 33.54
C GLY JA 80 -33.83 -45.15 34.65
N ASP JA 81 -34.26 -44.12 35.38
CA ASP JA 81 -33.50 -43.58 36.50
C ASP JA 81 -33.80 -44.28 37.82
N GLU JA 82 -34.69 -45.28 37.83
CA GLU JA 82 -34.97 -46.05 39.03
C GLU JA 82 -33.80 -46.97 39.34
N ALA JA 83 -33.14 -46.73 40.48
CA ALA JA 83 -32.03 -47.55 40.92
C ALA JA 83 -31.62 -47.10 42.32
N ASP JA 84 -30.62 -47.77 42.86
CA ASP JA 84 -29.95 -47.34 44.08
C ASP JA 84 -28.77 -46.45 43.68
N TYR JA 85 -28.52 -45.42 44.49
CA TYR JA 85 -27.48 -44.45 44.19
C TYR JA 85 -26.53 -44.35 45.37
N TYR JA 86 -25.24 -44.59 45.11
CA TYR JA 86 -24.21 -44.56 46.14
C TYR JA 86 -23.24 -43.43 45.84
N CYS JA 87 -22.94 -42.62 46.85
CA CYS JA 87 -21.87 -41.64 46.74
C CYS JA 87 -20.57 -42.28 47.21
N HIS JA 88 -19.46 -41.65 46.83
CA HIS JA 88 -18.13 -42.20 47.01
C HIS JA 88 -17.19 -41.08 47.44
N VAL JA 89 -16.56 -41.23 48.60
CA VAL JA 89 -15.52 -40.33 49.05
C VAL JA 89 -14.31 -41.16 49.46
N TRP JA 90 -13.23 -40.48 49.78
CA TRP JA 90 -12.03 -41.10 50.35
C TRP JA 90 -11.72 -40.35 51.64
N ASP JA 91 -11.85 -41.03 52.77
CA ASP JA 91 -11.53 -40.37 54.04
C ASP JA 91 -10.02 -40.39 54.17
N SER JA 92 -9.40 -39.22 53.92
CA SER JA 92 -7.95 -39.13 53.99
C SER JA 92 -7.43 -39.55 55.35
N SER JA 93 -8.10 -39.14 56.41
CA SER JA 93 -7.68 -39.42 57.77
C SER JA 93 -8.20 -40.77 58.28
N SER JA 94 -8.54 -41.69 57.38
CA SER JA 94 -9.01 -43.02 57.76
C SER JA 94 -8.46 -44.15 56.89
N ASP JA 95 -7.92 -43.86 55.71
CA ASP JA 95 -7.52 -44.89 54.73
C ASP JA 95 -8.70 -45.81 54.38
N HIS JA 96 -9.88 -45.22 54.23
CA HIS JA 96 -11.09 -45.99 53.94
C HIS JA 96 -11.88 -45.23 52.88
N VAL JA 97 -12.22 -45.92 51.79
CA VAL JA 97 -13.16 -45.35 50.84
C VAL JA 97 -14.56 -45.57 51.40
N VAL JA 98 -15.37 -44.52 51.39
CA VAL JA 98 -16.61 -44.46 52.14
C VAL JA 98 -17.77 -44.32 51.18
N PHE JA 99 -18.56 -45.37 51.04
CA PHE JA 99 -19.79 -45.29 50.29
C PHE JA 99 -20.91 -44.81 51.21
N GLY JA 100 -21.88 -44.12 50.62
CA GLY JA 100 -23.08 -43.77 51.36
C GLY JA 100 -23.99 -44.97 51.54
N GLY JA 101 -25.04 -44.78 52.33
CA GLY JA 101 -25.95 -45.88 52.58
C GLY JA 101 -26.68 -46.38 51.34
N GLY JA 102 -26.79 -45.54 50.31
CA GLY JA 102 -27.54 -45.91 49.13
C GLY JA 102 -28.94 -45.36 49.17
N THR JA 103 -29.45 -44.92 48.03
CA THR JA 103 -30.80 -44.35 47.94
C THR JA 103 -31.52 -45.01 46.78
N LYS JA 104 -32.67 -45.63 47.07
CA LYS JA 104 -33.50 -46.23 46.02
C LYS JA 104 -34.39 -45.14 45.45
N LEU JA 105 -34.00 -44.60 44.30
CA LEU JA 105 -34.80 -43.60 43.61
C LEU JA 105 -35.93 -44.30 42.87
N THR JA 106 -37.16 -43.96 43.21
CA THR JA 106 -38.35 -44.54 42.59
C THR JA 106 -39.03 -43.47 41.74
N VAL JA 107 -39.22 -43.76 40.46
CA VAL JA 107 -40.01 -42.91 39.57
C VAL JA 107 -41.35 -43.62 39.41
N LEU JA 108 -42.36 -43.15 40.14
CA LEU JA 108 -43.58 -43.92 40.31
C LEU JA 108 -44.40 -43.92 39.03
N GLY JA 109 -44.91 -45.09 38.65
CA GLY JA 109 -45.88 -45.21 37.58
C GLY JA 109 -47.27 -45.45 38.13
N GLN JA 110 -47.35 -46.13 39.26
CA GLN JA 110 -48.57 -46.25 40.04
C GLN JA 110 -48.69 -45.09 41.00
N PRO JA 111 -49.84 -44.93 41.67
CA PRO JA 111 -49.88 -44.06 42.84
C PRO JA 111 -49.21 -44.69 44.05
N LYS JA 112 -49.24 -44.00 45.18
CA LYS JA 112 -48.55 -44.43 46.40
C LYS JA 112 -49.57 -45.06 47.34
N ALA JA 113 -49.33 -46.31 47.74
CA ALA JA 113 -50.26 -47.08 48.56
C ALA JA 113 -49.59 -47.56 49.84
N ALA JA 114 -50.25 -47.35 50.97
CA ALA JA 114 -49.77 -47.84 52.26
C ALA JA 114 -49.86 -49.36 52.30
N PRO JA 115 -49.07 -50.02 53.16
CA PRO JA 115 -49.01 -51.47 53.14
C PRO JA 115 -50.17 -52.15 53.89
N SER JA 116 -50.54 -53.33 53.40
CA SER JA 116 -51.49 -54.19 54.08
C SER JA 116 -50.74 -55.16 54.98
N VAL JA 117 -50.97 -55.08 56.28
CA VAL JA 117 -50.27 -55.89 57.27
C VAL JA 117 -51.22 -56.95 57.79
N THR JA 118 -50.83 -58.22 57.66
CA THR JA 118 -51.58 -59.35 58.19
C THR JA 118 -50.65 -60.17 59.08
N LEU JA 119 -50.99 -60.26 60.36
CA LEU JA 119 -50.14 -60.88 61.38
C LEU JA 119 -50.76 -62.20 61.83
N PHE JA 120 -49.92 -63.26 61.86
CA PHE JA 120 -50.31 -64.60 62.27
C PHE JA 120 -49.64 -64.99 63.58
N PRO JA 121 -50.38 -65.56 64.53
CA PRO JA 121 -49.78 -66.04 65.77
C PRO JA 121 -49.07 -67.37 65.53
N PRO JA 122 -48.21 -67.81 66.45
CA PRO JA 122 -47.57 -69.11 66.27
C PRO JA 122 -48.61 -70.22 66.32
N SER JA 123 -48.52 -71.14 65.38
CA SER JA 123 -49.53 -72.18 65.28
C SER JA 123 -49.48 -73.11 66.49
N SER JA 124 -50.63 -73.71 66.80
CA SER JA 124 -50.70 -74.67 67.90
C SER JA 124 -49.78 -75.85 67.64
N GLU JA 125 -49.66 -76.26 66.38
CA GLU JA 125 -48.78 -77.36 66.03
C GLU JA 125 -47.32 -77.02 66.31
N GLU JA 126 -46.91 -75.78 66.02
CA GLU JA 126 -45.52 -75.39 66.24
C GLU JA 126 -45.24 -75.23 67.73
N LEU JA 127 -46.22 -74.78 68.51
CA LEU JA 127 -46.01 -74.66 69.96
C LEU JA 127 -45.71 -76.01 70.58
N GLN JA 128 -46.41 -77.05 70.15
CA GLN JA 128 -46.15 -78.41 70.62
C GLN JA 128 -44.90 -79.00 69.99
N ALA JA 129 -44.24 -78.30 69.08
CA ALA JA 129 -42.91 -78.67 68.60
C ALA JA 129 -41.81 -77.92 69.34
N ASN JA 130 -42.15 -77.22 70.42
CA ASN JA 130 -41.21 -76.47 71.26
C ASN JA 130 -40.58 -75.28 70.52
N LYS JA 131 -41.30 -74.71 69.55
CA LYS JA 131 -40.86 -73.48 68.89
C LYS JA 131 -42.07 -72.56 68.70
N ALA JA 132 -41.77 -71.29 68.42
CA ALA JA 132 -42.80 -70.28 68.15
C ALA JA 132 -42.25 -69.32 67.10
N THR JA 133 -43.04 -69.08 66.04
CA THR JA 133 -42.61 -68.21 64.94
C THR JA 133 -43.78 -67.34 64.51
N LEU JA 134 -43.62 -66.02 64.67
CA LEU JA 134 -44.61 -65.03 64.28
C LEU JA 134 -44.41 -64.60 62.84
N VAL JA 135 -45.45 -64.71 62.03
CA VAL JA 135 -45.40 -64.36 60.62
C VAL JA 135 -46.14 -63.04 60.42
N CYS JA 136 -45.39 -61.99 60.10
CA CYS JA 136 -45.96 -60.69 59.76
C CYS JA 136 -45.88 -60.50 58.25
N LEU JA 137 -47.04 -60.35 57.60
CA LEU JA 137 -47.12 -60.30 56.15
C LEU JA 137 -47.44 -58.88 55.69
N ILE JA 138 -46.57 -58.34 54.83
CA ILE JA 138 -46.66 -56.97 54.34
C ILE JA 138 -46.80 -57.01 52.83
N SER JA 139 -47.87 -56.42 52.32
CA SER JA 139 -48.17 -56.49 50.89
C SER JA 139 -48.90 -55.22 50.46
N ASP JA 140 -48.81 -54.94 49.15
CA ASP JA 140 -49.56 -53.87 48.48
C ASP JA 140 -49.11 -52.47 48.93
N PHE JA 141 -47.79 -52.26 48.91
CA PHE JA 141 -47.23 -50.95 49.15
C PHE JA 141 -46.39 -50.51 47.95
N TYR JA 142 -46.19 -49.20 47.83
CA TYR JA 142 -45.43 -48.61 46.74
C TYR JA 142 -45.03 -47.18 47.12
N PRO JA 143 -43.75 -46.80 46.95
CA PRO JA 143 -42.61 -47.56 46.40
C PRO JA 143 -42.16 -48.70 47.29
N GLY JA 144 -41.26 -49.55 46.80
CA GLY JA 144 -40.82 -50.71 47.55
C GLY JA 144 -39.75 -50.46 48.59
N ALA JA 145 -40.15 -49.84 49.69
CA ALA JA 145 -39.23 -49.54 50.79
C ALA JA 145 -40.07 -49.55 52.07
N VAL JA 146 -39.86 -50.55 52.93
CA VAL JA 146 -40.58 -50.67 54.19
C VAL JA 146 -39.60 -51.03 55.29
N THR JA 147 -39.98 -50.69 56.52
CA THR JA 147 -39.21 -51.01 57.72
C THR JA 147 -40.12 -51.61 58.77
N VAL JA 148 -39.64 -52.66 59.43
CA VAL JA 148 -40.44 -53.46 60.36
C VAL JA 148 -39.85 -53.31 61.76
N ALA JA 149 -40.72 -53.00 62.72
CA ALA JA 149 -40.37 -52.95 64.14
C ALA JA 149 -41.31 -53.84 64.92
N TRP JA 150 -40.77 -54.57 65.90
CA TRP JA 150 -41.57 -55.50 66.70
C TRP JA 150 -41.72 -54.97 68.12
N LYS JA 151 -42.93 -55.06 68.66
CA LYS JA 151 -43.25 -54.59 70.01
C LYS JA 151 -43.80 -55.75 70.83
N ALA JA 152 -43.06 -56.16 71.85
CA ALA JA 152 -43.52 -57.13 72.84
C ALA JA 152 -43.86 -56.37 74.12
N ASP JA 153 -45.15 -56.05 74.29
CA ASP JA 153 -45.64 -55.26 75.42
C ASP JA 153 -44.96 -53.87 75.44
N SER JA 154 -45.17 -53.12 74.36
CA SER JA 154 -44.67 -51.76 74.18
C SER JA 154 -43.15 -51.65 74.29
N SER JA 155 -42.43 -52.77 74.09
CA SER JA 155 -40.98 -52.80 74.14
C SER JA 155 -40.41 -53.38 72.84
N PRO JA 156 -39.33 -52.81 72.32
CA PRO JA 156 -38.79 -53.29 71.04
C PRO JA 156 -38.21 -54.69 71.14
N VAL JA 157 -38.15 -55.35 69.99
CA VAL JA 157 -37.63 -56.71 69.88
C VAL JA 157 -36.47 -56.70 68.88
N LYS JA 158 -35.30 -57.16 69.32
CA LYS JA 158 -34.11 -57.17 68.47
C LYS JA 158 -33.94 -58.50 67.76
N ALA JA 159 -33.37 -59.48 68.47
CA ALA JA 159 -33.02 -60.75 67.85
C ALA JA 159 -34.27 -61.58 67.60
N GLY JA 160 -34.10 -62.66 66.85
CA GLY JA 160 -35.20 -63.48 66.42
C GLY JA 160 -36.00 -62.90 65.27
N VAL JA 161 -35.61 -61.74 64.75
CA VAL JA 161 -36.35 -61.07 63.69
C VAL JA 161 -35.60 -61.29 62.38
N GLU JA 162 -36.33 -61.75 61.36
CA GLU JA 162 -35.83 -61.85 60.01
C GLU JA 162 -36.82 -61.13 59.10
N THR JA 163 -36.31 -60.43 58.09
CA THR JA 163 -37.17 -59.68 57.19
C THR JA 163 -36.64 -59.77 55.77
N THR JA 164 -37.53 -60.02 54.83
CA THR JA 164 -37.12 -60.10 53.44
C THR JA 164 -36.93 -58.71 52.86
N THR JA 165 -36.25 -58.66 51.72
CA THR JA 165 -36.22 -57.45 50.93
C THR JA 165 -37.49 -57.40 50.06
N PRO JA 166 -38.15 -56.25 49.96
CA PRO JA 166 -39.35 -56.18 49.14
C PRO JA 166 -39.08 -56.61 47.71
N SER JA 167 -40.12 -57.16 47.07
CA SER JA 167 -40.02 -57.60 45.69
C SER JA 167 -41.36 -57.36 44.99
N LYS JA 168 -41.30 -57.23 43.67
CA LYS JA 168 -42.49 -56.88 42.91
C LYS JA 168 -43.51 -58.00 42.86
N GLN JA 169 -44.77 -57.65 43.07
CA GLN JA 169 -45.88 -58.58 42.97
C GLN JA 169 -46.30 -58.71 41.50
N SER JA 170 -47.47 -59.32 41.28
CA SER JA 170 -48.07 -59.35 39.95
C SER JA 170 -48.49 -57.95 39.51
N ASN JA 171 -49.18 -57.22 40.39
CA ASN JA 171 -49.63 -55.87 40.11
C ASN JA 171 -48.55 -54.81 40.30
N ASN JA 172 -47.29 -55.23 40.33
CA ASN JA 172 -46.13 -54.34 40.37
C ASN JA 172 -46.04 -53.48 41.65
N LYS JA 173 -46.94 -53.69 42.61
CA LYS JA 173 -46.65 -53.23 43.95
C LYS JA 173 -45.61 -54.16 44.59
N TYR JA 174 -45.08 -53.76 45.73
CA TYR JA 174 -44.02 -54.54 46.36
C TYR JA 174 -44.56 -55.24 47.61
N ALA JA 175 -43.84 -56.29 48.02
CA ALA JA 175 -44.25 -57.10 49.16
C ALA JA 175 -43.01 -57.74 49.78
N ALA JA 176 -43.10 -57.99 51.08
CA ALA JA 176 -42.02 -58.63 51.83
C ALA JA 176 -42.61 -59.24 53.09
N SER JA 177 -41.82 -60.07 53.75
CA SER JA 177 -42.25 -60.79 54.94
C SER JA 177 -41.24 -60.61 56.06
N SER JA 178 -41.75 -60.64 57.29
CA SER JA 178 -40.93 -60.51 58.50
C SER JA 178 -41.33 -61.56 59.51
N TYR JA 179 -40.36 -62.38 59.95
CA TYR JA 179 -40.61 -63.43 60.92
C TYR JA 179 -39.93 -63.09 62.25
N LEU JA 180 -40.60 -63.43 63.35
CA LEU JA 180 -40.05 -63.24 64.69
C LEU JA 180 -40.07 -64.59 65.42
N SER JA 181 -38.88 -65.21 65.57
CA SER JA 181 -38.76 -66.49 66.27
C SER JA 181 -38.72 -66.27 67.77
N LEU JA 182 -39.64 -66.93 68.49
CA LEU JA 182 -39.70 -66.88 69.94
C LEU JA 182 -39.68 -68.30 70.50
N THR JA 183 -39.40 -68.39 71.80
CA THR JA 183 -39.67 -69.63 72.51
C THR JA 183 -41.13 -69.64 72.96
N PRO JA 184 -41.74 -70.82 73.05
CA PRO JA 184 -43.16 -70.88 73.46
C PRO JA 184 -43.43 -70.26 74.81
N GLU JA 185 -42.42 -70.18 75.68
CA GLU JA 185 -42.59 -69.47 76.94
C GLU JA 185 -42.61 -67.96 76.73
N GLN JA 186 -41.69 -67.45 75.91
CA GLN JA 186 -41.66 -66.01 75.66
C GLN JA 186 -42.94 -65.56 74.95
N TRP JA 187 -43.51 -66.40 74.10
CA TRP JA 187 -44.82 -66.07 73.51
C TRP JA 187 -45.92 -66.07 74.57
N LYS JA 188 -45.78 -66.89 75.62
CA LYS JA 188 -46.76 -66.89 76.70
C LYS JA 188 -46.41 -65.90 77.81
N SER JA 189 -45.15 -65.50 77.92
CA SER JA 189 -44.75 -64.55 78.96
C SER JA 189 -45.49 -63.23 78.80
N HIS JA 190 -45.45 -62.67 77.61
CA HIS JA 190 -46.09 -61.39 77.32
C HIS JA 190 -47.52 -61.62 76.86
N ARG JA 191 -48.34 -60.58 77.00
CA ARG JA 191 -49.76 -60.70 76.71
C ARG JA 191 -50.11 -60.48 75.24
N SER JA 192 -49.32 -59.68 74.53
CA SER JA 192 -49.58 -59.38 73.13
C SER JA 192 -48.28 -59.00 72.43
N TYR JA 193 -48.24 -59.30 71.13
CA TYR JA 193 -47.14 -58.91 70.26
C TYR JA 193 -47.68 -58.02 69.14
N SER JA 194 -46.82 -57.12 68.65
CA SER JA 194 -47.21 -56.14 67.66
C SER JA 194 -46.14 -56.00 66.59
N CYS JA 195 -46.59 -55.94 65.34
CA CYS JA 195 -45.74 -55.75 64.17
C CYS JA 195 -45.94 -54.34 63.64
N GLN JA 196 -44.86 -53.55 63.62
CA GLN JA 196 -44.90 -52.16 63.16
C GLN JA 196 -44.20 -52.07 61.82
N VAL JA 197 -44.97 -51.75 60.78
CA VAL JA 197 -44.44 -51.57 59.42
C VAL JA 197 -44.55 -50.10 59.08
N THR JA 198 -43.43 -49.51 58.64
CA THR JA 198 -43.40 -48.10 58.26
C THR JA 198 -43.21 -47.98 56.75
N HIS JA 199 -44.01 -47.13 56.12
CA HIS JA 199 -43.98 -46.95 54.68
C HIS JA 199 -44.39 -45.52 54.37
N GLU JA 200 -43.45 -44.75 53.80
CA GLU JA 200 -43.67 -43.34 53.45
C GLU JA 200 -43.98 -42.53 54.71
N GLY JA 201 -43.13 -42.68 55.72
CA GLY JA 201 -43.24 -41.91 56.95
C GLY JA 201 -44.29 -42.44 57.89
N SER JA 202 -45.37 -43.00 57.34
CA SER JA 202 -46.48 -43.55 58.11
C SER JA 202 -46.24 -45.01 58.47
N THR JA 203 -46.76 -45.41 59.62
CA THR JA 203 -46.55 -46.74 60.19
C THR JA 203 -47.86 -47.49 60.33
N VAL JA 204 -47.85 -48.78 59.99
CA VAL JA 204 -49.01 -49.66 60.12
C VAL JA 204 -48.65 -50.77 61.11
N GLU JA 205 -49.60 -51.12 61.98
CA GLU JA 205 -49.35 -52.04 63.08
C GLU JA 205 -50.42 -53.12 63.14
N LYS JA 206 -50.17 -54.12 63.99
CA LYS JA 206 -51.11 -55.23 64.20
C LYS JA 206 -51.01 -55.81 65.61
N GLN KA 1 -13.07 -50.08 25.84
CA GLN KA 1 -13.49 -51.48 25.92
C GLN KA 1 -12.98 -52.15 27.17
N VAL KA 2 -12.87 -51.37 28.26
CA VAL KA 2 -12.44 -51.94 29.54
C VAL KA 2 -13.41 -53.01 29.96
N GLN KA 3 -12.90 -54.22 30.21
CA GLN KA 3 -13.74 -55.36 30.54
C GLN KA 3 -13.20 -56.03 31.80
N LEU KA 4 -14.10 -56.34 32.72
CA LEU KA 4 -13.75 -57.02 33.97
C LEU KA 4 -14.67 -58.22 34.18
N GLN KA 5 -14.07 -59.36 34.53
CA GLN KA 5 -14.77 -60.64 34.64
C GLN KA 5 -14.35 -61.33 35.93
N GLU KA 6 -15.24 -61.38 36.91
CA GLU KA 6 -14.98 -62.11 38.14
C GLU KA 6 -15.35 -63.58 37.98
N SER KA 7 -14.73 -64.42 38.81
CA SER KA 7 -14.94 -65.86 38.79
C SER KA 7 -14.40 -66.44 40.09
N GLY KA 8 -14.52 -67.76 40.22
CA GLY KA 8 -14.02 -68.46 41.38
C GLY KA 8 -14.96 -68.53 42.57
N GLY KA 9 -16.01 -67.71 42.59
CA GLY KA 9 -16.98 -67.73 43.65
C GLY KA 9 -17.91 -68.92 43.59
N GLY KA 10 -18.83 -68.97 44.56
CA GLY KA 10 -19.80 -70.04 44.64
C GLY KA 10 -20.34 -70.25 46.04
N VAL KA 11 -20.59 -71.51 46.40
CA VAL KA 11 -21.13 -71.88 47.71
C VAL KA 11 -20.06 -72.65 48.46
N VAL KA 12 -19.66 -72.16 49.63
CA VAL KA 12 -18.67 -72.78 50.48
C VAL KA 12 -19.24 -72.96 51.89
N GLN KA 13 -18.43 -73.59 52.76
CA GLN KA 13 -18.72 -73.78 54.17
C GLN KA 13 -17.80 -72.92 55.03
N PRO KA 14 -18.26 -72.47 56.20
CA PRO KA 14 -17.41 -71.62 57.05
C PRO KA 14 -16.09 -72.29 57.38
N GLY KA 15 -15.08 -71.46 57.65
CA GLY KA 15 -13.74 -71.93 57.94
C GLY KA 15 -12.85 -72.15 56.74
N GLY KA 16 -13.42 -72.56 55.61
CA GLY KA 16 -12.64 -72.80 54.42
C GLY KA 16 -12.01 -71.52 53.88
N SER KA 17 -11.15 -71.71 52.87
CA SER KA 17 -10.49 -70.62 52.20
C SER KA 17 -10.92 -70.57 50.74
N LEU KA 18 -10.95 -69.34 50.20
CA LEU KA 18 -11.48 -69.11 48.86
C LEU KA 18 -10.65 -68.06 48.15
N ARG KA 19 -10.51 -68.23 46.84
CA ARG KA 19 -9.72 -67.34 46.00
C ARG KA 19 -10.60 -66.81 44.87
N LEU KA 20 -10.83 -65.50 44.87
CA LEU KA 20 -11.56 -64.84 43.81
C LEU KA 20 -10.57 -64.30 42.79
N SER KA 21 -10.99 -64.25 41.53
CA SER KA 21 -10.13 -63.77 40.47
C SER KA 21 -10.92 -62.88 39.53
N CYS KA 22 -10.29 -61.80 39.07
CA CYS KA 22 -10.91 -60.83 38.19
C CYS KA 22 -10.03 -60.70 36.95
N ALA KA 23 -10.54 -61.13 35.80
CA ALA KA 23 -9.77 -61.07 34.56
C ALA KA 23 -10.06 -59.75 33.86
N ALA KA 24 -9.01 -59.03 33.49
CA ALA KA 24 -9.12 -57.68 32.95
C ALA KA 24 -8.65 -57.63 31.50
N SER KA 25 -9.29 -56.77 30.72
CA SER KA 25 -8.91 -56.53 29.33
C SER KA 25 -9.38 -55.15 28.91
N GLY KA 26 -8.63 -54.55 27.99
CA GLY KA 26 -8.96 -53.26 27.45
C GLY KA 26 -8.22 -52.07 28.04
N PHE KA 27 -7.05 -52.27 28.63
CA PHE KA 27 -6.20 -51.19 29.08
C PHE KA 27 -4.88 -51.78 29.56
N ASN KA 28 -3.83 -50.95 29.56
CA ASN KA 28 -2.56 -51.36 30.12
C ASN KA 28 -2.77 -51.62 31.60
N PHE KA 29 -3.14 -52.87 31.94
CA PHE KA 29 -3.46 -53.24 33.31
C PHE KA 29 -2.31 -52.94 34.26
N SER KA 30 -1.07 -52.99 33.76
CA SER KA 30 0.11 -52.76 34.59
C SER KA 30 0.24 -51.32 35.05
N ASN KA 31 -0.62 -50.40 34.60
CA ASN KA 31 -0.49 -48.98 34.89
C ASN KA 31 -1.55 -48.44 35.83
N TYR KA 32 -2.59 -49.21 36.13
CA TYR KA 32 -3.70 -48.75 36.94
C TYR KA 32 -3.82 -49.59 38.21
N GLY KA 33 -4.34 -48.96 39.25
CA GLY KA 33 -4.71 -49.70 40.44
C GLY KA 33 -6.02 -50.45 40.25
N MET KA 34 -6.20 -51.47 41.08
CA MET KA 34 -7.41 -52.29 41.05
C MET KA 34 -7.99 -52.39 42.45
N HIS KA 35 -9.31 -52.57 42.51
CA HIS KA 35 -10.02 -52.61 43.78
C HIS KA 35 -11.00 -53.77 43.81
N TRP KA 36 -11.29 -54.25 45.02
CA TRP KA 36 -12.39 -55.16 45.28
C TRP KA 36 -13.39 -54.47 46.19
N VAL KA 37 -14.66 -54.43 45.77
CA VAL KA 37 -15.73 -53.85 46.57
C VAL KA 37 -16.87 -54.85 46.56
N ARG KA 38 -17.28 -55.31 47.74
CA ARG KA 38 -18.32 -56.30 47.86
C ARG KA 38 -19.62 -55.67 48.32
N GLN KA 39 -20.71 -56.42 48.14
CA GLN KA 39 -22.05 -55.92 48.45
C GLN KA 39 -22.89 -57.09 48.95
N THR KA 40 -23.22 -57.06 50.24
CA THR KA 40 -24.16 -58.03 50.79
C THR KA 40 -25.53 -57.84 50.17
N PRO KA 41 -26.17 -58.90 49.67
CA PRO KA 41 -27.44 -58.73 48.95
C PRO KA 41 -28.48 -57.96 49.75
N GLY KA 42 -29.11 -56.98 49.09
CA GLY KA 42 -30.08 -56.11 49.71
C GLY KA 42 -29.52 -54.99 50.55
N LYS KA 43 -28.20 -54.78 50.52
CA LYS KA 43 -27.55 -53.75 51.32
C LYS KA 43 -26.67 -52.88 50.41
N GLY KA 44 -25.98 -51.93 51.03
CA GLY KA 44 -25.18 -50.98 50.30
C GLY KA 44 -23.86 -51.56 49.84
N LEU KA 45 -23.08 -50.72 49.17
CA LEU KA 45 -21.74 -51.10 48.77
C LEU KA 45 -20.79 -51.00 49.96
N GLU KA 46 -19.79 -51.88 49.96
CA GLU KA 46 -18.80 -51.94 51.03
C GLU KA 46 -17.45 -52.19 50.39
N TRP KA 47 -16.49 -51.30 50.67
CA TRP KA 47 -15.15 -51.46 50.13
C TRP KA 47 -14.40 -52.54 50.90
N VAL KA 48 -13.70 -53.40 50.15
CA VAL KA 48 -12.99 -54.53 50.72
C VAL KA 48 -11.49 -54.22 50.80
N ALA KA 49 -10.84 -54.18 49.64
CA ALA KA 49 -9.41 -53.96 49.57
C ALA KA 49 -9.06 -53.37 48.22
N SER KA 50 -7.82 -52.89 48.12
CA SER KA 50 -7.35 -52.31 46.87
C SER KA 50 -5.83 -52.42 46.82
N ILE KA 51 -5.30 -52.33 45.61
CA ILE KA 51 -3.88 -52.56 45.37
C ILE KA 51 -3.44 -51.60 44.28
N PRO KA 52 -2.30 -50.92 44.44
CA PRO KA 52 -1.86 -49.99 43.40
C PRO KA 52 -1.45 -50.72 42.14
N TYR KA 53 -0.94 -49.97 41.16
CA TYR KA 53 -0.69 -50.57 39.85
C TYR KA 53 0.35 -51.68 39.91
N ASP KA 54 1.27 -51.61 40.87
CA ASP KA 54 2.41 -52.51 40.91
C ASP KA 54 2.29 -53.65 41.92
N GLY KA 55 1.41 -53.52 42.92
CA GLY KA 55 1.40 -54.49 43.99
C GLY KA 55 2.31 -54.14 45.14
N SER KA 56 2.88 -52.93 45.14
CA SER KA 56 3.78 -52.49 46.21
C SER KA 56 3.12 -52.69 47.57
N HIS KA 57 2.03 -51.98 47.82
CA HIS KA 57 1.34 -52.04 49.08
C HIS KA 57 0.03 -52.80 48.94
N GLN KA 58 -0.76 -52.79 50.00
CA GLN KA 58 -1.99 -53.58 50.04
C GLN KA 58 -2.92 -52.92 51.05
N TRP KA 59 -3.98 -52.27 50.54
CA TRP KA 59 -4.93 -51.56 51.39
C TRP KA 59 -6.07 -52.49 51.80
N HIS KA 60 -6.38 -52.50 53.09
CA HIS KA 60 -7.40 -53.37 53.65
C HIS KA 60 -8.44 -52.51 54.34
N ALA KA 61 -9.72 -52.80 54.09
CA ALA KA 61 -10.75 -52.31 54.98
C ALA KA 61 -10.70 -53.09 56.29
N ASP KA 62 -11.18 -52.46 57.36
CA ASP KA 62 -11.02 -53.07 58.67
C ASP KA 62 -11.90 -54.30 58.84
N SER KA 63 -13.02 -54.34 58.13
CA SER KA 63 -13.93 -55.48 58.25
C SER KA 63 -13.35 -56.76 57.65
N VAL KA 64 -12.30 -56.68 56.83
CA VAL KA 64 -11.73 -57.89 56.21
C VAL KA 64 -10.23 -57.99 56.42
N LYS KA 65 -9.68 -57.17 57.33
CA LYS KA 65 -8.25 -57.16 57.56
C LYS KA 65 -7.79 -58.42 58.29
N GLY KA 66 -6.60 -58.90 57.94
CA GLY KA 66 -6.04 -60.09 58.54
C GLY KA 66 -6.52 -61.40 57.94
N ARG KA 67 -7.78 -61.42 57.52
CA ARG KA 67 -8.37 -62.61 56.92
C ARG KA 67 -8.24 -62.60 55.41
N PHE KA 68 -8.36 -61.42 54.79
CA PHE KA 68 -8.26 -61.27 53.34
C PHE KA 68 -6.86 -60.82 52.96
N THR KA 69 -6.44 -61.20 51.75
CA THR KA 69 -5.20 -60.71 51.18
C THR KA 69 -5.38 -60.54 49.67
N ILE KA 70 -5.11 -59.35 49.17
CA ILE KA 70 -5.31 -59.02 47.76
C ILE KA 70 -3.96 -58.95 47.06
N SER KA 71 -3.90 -59.54 45.86
CA SER KA 71 -2.69 -59.57 45.05
C SER KA 71 -3.09 -59.40 43.60
N ARG KA 72 -2.09 -59.20 42.74
CA ARG KA 72 -2.34 -59.05 41.32
C ARG KA 72 -1.21 -59.71 40.54
N ASP KA 73 -1.54 -60.17 39.34
CA ASP KA 73 -0.57 -60.73 38.40
C ASP KA 73 -0.64 -59.91 37.13
N ASN KA 74 0.35 -59.04 36.94
CA ASN KA 74 0.35 -58.15 35.79
C ASN KA 74 0.64 -58.88 34.50
N SER KA 75 1.39 -59.99 34.57
CA SER KA 75 1.69 -60.74 33.35
C SER KA 75 0.48 -61.51 32.83
N LYS KA 76 -0.52 -61.74 33.68
CA LYS KA 76 -1.75 -62.41 33.27
C LYS KA 76 -2.93 -61.46 33.19
N ASN KA 77 -2.76 -60.19 33.60
CA ASN KA 77 -3.83 -59.20 33.65
C ASN KA 77 -5.01 -59.72 34.47
N THR KA 78 -4.71 -60.17 35.68
CA THR KA 78 -5.68 -60.79 36.57
C THR KA 78 -5.50 -60.26 37.98
N LEU KA 79 -6.61 -59.86 38.60
CA LEU KA 79 -6.62 -59.41 39.98
C LEU KA 79 -7.20 -60.52 40.87
N TYR KA 80 -6.56 -60.76 42.01
CA TYR KA 80 -6.95 -61.83 42.91
C TYR KA 80 -7.34 -61.26 44.27
N LEU KA 81 -8.33 -61.91 44.90
CA LEU KA 81 -8.74 -61.62 46.27
C LEU KA 81 -8.82 -62.93 47.04
N GLN KA 82 -7.95 -63.10 48.03
CA GLN KA 82 -7.89 -64.30 48.84
C GLN KA 82 -8.68 -64.12 50.12
N ILE KA 83 -9.62 -65.03 50.37
CA ILE KA 83 -10.45 -65.03 51.57
C ILE KA 83 -10.06 -66.25 52.40
N ASN KA 84 -9.66 -66.01 53.65
CA ASN KA 84 -9.28 -67.06 54.58
C ASN KA 84 -10.22 -67.09 55.78
N SER KA 85 -10.50 -68.29 56.28
CA SER KA 85 -11.43 -68.52 57.38
C SER KA 85 -12.80 -67.90 57.08
N LEU KA 86 -13.44 -68.43 56.03
CA LEU KA 86 -14.74 -67.94 55.62
C LEU KA 86 -15.73 -67.97 56.79
N ARG KA 87 -16.58 -66.95 56.83
CA ARG KA 87 -17.60 -66.77 57.85
C ARG KA 87 -18.91 -66.47 57.16
N PRO KA 88 -20.03 -66.57 57.87
CA PRO KA 88 -21.32 -66.17 57.26
C PRO KA 88 -21.36 -64.71 56.84
N GLU KA 89 -20.54 -63.86 57.48
CA GLU KA 89 -20.49 -62.45 57.11
C GLU KA 89 -19.82 -62.21 55.76
N ASP KA 90 -18.95 -63.12 55.33
CA ASP KA 90 -18.33 -62.95 54.01
C ASP KA 90 -19.29 -63.26 52.88
N THR KA 91 -20.51 -63.65 53.21
CA THR KA 91 -21.55 -63.86 52.20
C THR KA 91 -21.91 -62.50 51.58
N ALA KA 92 -21.53 -62.30 50.32
CA ALA KA 92 -21.74 -61.04 49.62
C ALA KA 92 -21.31 -61.25 48.17
N MET KA 93 -21.74 -60.32 47.31
CA MET KA 93 -21.22 -60.26 45.94
C MET KA 93 -19.98 -59.41 45.91
N TYR KA 94 -18.97 -59.85 45.15
CA TYR KA 94 -17.65 -59.23 45.14
C TYR KA 94 -17.39 -58.59 43.78
N TYR KA 95 -17.45 -57.26 43.72
CA TYR KA 95 -17.10 -56.55 42.50
C TYR KA 95 -15.63 -56.19 42.49
N CYS KA 96 -15.06 -56.20 41.29
CA CYS KA 96 -13.70 -55.74 41.05
C CYS KA 96 -13.77 -54.55 40.10
N SER KA 97 -13.03 -53.48 40.43
CA SER KA 97 -13.10 -52.25 39.66
C SER KA 97 -11.71 -51.66 39.48
N LYS KA 98 -11.56 -50.90 38.39
CA LYS KA 98 -10.28 -50.39 37.90
C LYS KA 98 -10.25 -48.89 38.14
N ALA KA 99 -9.38 -48.45 39.06
CA ALA KA 99 -9.17 -47.03 39.32
C ALA KA 99 -9.00 -46.26 38.02
N ARG KA 100 -9.77 -45.18 37.89
CA ARG KA 100 -9.74 -44.38 36.67
C ARG KA 100 -8.34 -43.83 36.39
N ILE KA 101 -7.75 -43.17 37.38
CA ILE KA 101 -6.51 -42.45 37.20
C ILE KA 101 -5.35 -43.43 37.36
N SER KA 102 -4.22 -43.10 36.73
CA SER KA 102 -3.08 -44.00 36.71
C SER KA 102 -2.19 -43.80 37.93
N TYR KA 103 -1.36 -44.81 38.18
CA TYR KA 103 -0.23 -44.74 39.09
C TYR KA 103 -0.60 -44.24 40.49
N LEU KA 104 -1.85 -44.46 40.90
CA LEU KA 104 -2.30 -44.00 42.20
C LEU KA 104 -1.60 -44.69 43.37
N SER KA 105 -0.89 -43.90 44.19
CA SER KA 105 -0.20 -44.43 45.35
C SER KA 105 -1.16 -44.75 46.49
N ALA KA 106 -2.44 -44.44 46.31
CA ALA KA 106 -3.48 -44.69 47.30
C ALA KA 106 -4.83 -44.74 46.58
N PRO KA 107 -5.79 -45.52 47.08
CA PRO KA 107 -7.05 -45.66 46.32
C PRO KA 107 -8.01 -44.52 46.65
N ALA KA 108 -7.72 -43.32 46.12
CA ALA KA 108 -8.46 -42.14 46.52
C ALA KA 108 -9.49 -41.69 45.50
N TRP KA 109 -9.27 -41.91 44.21
CA TRP KA 109 -10.15 -41.34 43.21
C TRP KA 109 -11.17 -42.38 42.75
N TRP KA 110 -12.15 -41.92 41.98
CA TRP KA 110 -13.32 -42.72 41.65
C TRP KA 110 -12.96 -43.99 40.90
N PHE KA 111 -13.83 -44.99 41.02
CA PHE KA 111 -13.65 -46.30 40.42
C PHE KA 111 -14.55 -46.37 39.20
N ASP KA 112 -13.94 -46.44 38.01
CA ASP KA 112 -14.66 -46.62 36.76
C ASP KA 112 -13.81 -47.53 35.86
N PRO KA 113 -14.37 -48.61 35.30
CA PRO KA 113 -15.70 -49.22 35.43
C PRO KA 113 -15.74 -50.37 36.44
N TRP KA 114 -16.93 -50.85 36.80
CA TRP KA 114 -17.08 -51.95 37.75
C TRP KA 114 -17.42 -53.23 37.00
N GLY KA 115 -16.77 -54.33 37.38
CA GLY KA 115 -17.14 -55.62 36.86
C GLY KA 115 -18.47 -56.10 37.40
N GLN KA 116 -19.05 -57.10 36.72
CA GLN KA 116 -20.35 -57.61 37.16
C GLN KA 116 -20.28 -58.33 38.49
N GLY KA 117 -19.14 -58.94 38.80
CA GLY KA 117 -18.91 -59.51 40.11
C GLY KA 117 -19.19 -61.01 40.17
N THR KA 118 -18.78 -61.60 41.29
CA THR KA 118 -19.06 -62.99 41.60
C THR KA 118 -19.72 -63.06 42.97
N LEU KA 119 -20.51 -64.13 43.20
CA LEU KA 119 -21.29 -64.28 44.41
C LEU KA 119 -20.68 -65.35 45.31
N VAL KA 120 -20.40 -64.97 46.55
CA VAL KA 120 -19.87 -65.88 47.57
C VAL KA 120 -20.92 -66.02 48.66
N THR KA 121 -21.40 -67.23 48.88
CA THR KA 121 -22.38 -67.55 49.91
C THR KA 121 -21.89 -68.75 50.71
N VAL KA 122 -21.80 -68.59 52.02
CA VAL KA 122 -21.35 -69.65 52.92
C VAL KA 122 -22.48 -70.03 53.87
N SER KA 123 -22.57 -71.32 54.19
CA SER KA 123 -23.58 -71.83 55.11
C SER KA 123 -23.19 -73.24 55.55
N SER KA 124 -23.82 -73.69 56.64
CA SER KA 124 -23.72 -75.08 57.11
C SER KA 124 -24.69 -75.97 56.34
N ALA KA 125 -24.44 -76.08 55.03
CA ALA KA 125 -25.41 -76.63 54.10
C ALA KA 125 -25.58 -78.14 54.24
N SER KA 126 -26.84 -78.57 54.18
CA SER KA 126 -27.25 -79.95 53.95
C SER KA 126 -28.74 -79.94 53.67
N THR KA 127 -29.19 -80.82 52.76
CA THR KA 127 -30.58 -80.79 52.33
C THR KA 127 -31.51 -81.14 53.49
N LYS KA 128 -32.63 -80.43 53.57
CA LYS KA 128 -33.56 -80.58 54.68
C LYS KA 128 -34.99 -80.45 54.21
N GLY KA 129 -35.85 -81.28 54.78
CA GLY KA 129 -37.27 -81.20 54.54
C GLY KA 129 -37.88 -80.02 55.25
N PRO KA 130 -38.94 -79.45 54.65
CA PRO KA 130 -39.60 -78.29 55.25
C PRO KA 130 -40.74 -78.68 56.19
N SER KA 131 -40.78 -78.01 57.34
CA SER KA 131 -41.87 -78.18 58.29
C SER KA 131 -43.03 -77.26 57.91
N VAL KA 132 -44.23 -77.82 57.82
CA VAL KA 132 -45.41 -77.10 57.34
C VAL KA 132 -46.40 -77.00 58.49
N PHE KA 133 -46.73 -75.77 58.89
CA PHE KA 133 -47.68 -75.48 59.95
C PHE KA 133 -48.86 -74.67 59.42
N PRO KA 134 -50.08 -74.94 59.88
CA PRO KA 134 -51.24 -74.19 59.37
C PRO KA 134 -51.34 -72.83 60.04
N LEU KA 135 -51.43 -71.78 59.22
CA LEU KA 135 -51.67 -70.41 59.69
C LEU KA 135 -53.17 -70.17 59.64
N ALA KA 136 -53.85 -70.51 60.73
CA ALA KA 136 -55.31 -70.52 60.77
C ALA KA 136 -55.88 -69.11 60.61
N PRO KA 137 -57.08 -68.99 60.03
CA PRO KA 137 -57.70 -67.68 59.83
C PRO KA 137 -58.29 -67.09 61.11
N SER KA 138 -58.46 -65.77 61.09
CA SER KA 138 -59.08 -65.06 62.19
C SER KA 138 -60.58 -65.37 62.24
N SER KA 139 -61.18 -65.12 63.41
CA SER KA 139 -62.58 -65.40 63.64
C SER KA 139 -63.49 -64.22 63.32
N LYS KA 140 -63.02 -63.26 62.52
CA LYS KA 140 -63.73 -62.01 62.26
C LYS KA 140 -64.38 -62.04 60.89
N SER KA 141 -65.52 -61.36 60.78
CA SER KA 141 -66.22 -61.18 59.50
C SER KA 141 -65.41 -60.31 58.54
N ALA KA 147 -61.02 -62.13 56.17
CA ALA KA 147 -60.13 -63.05 56.87
C ALA KA 147 -59.23 -63.80 55.88
N ALA KA 148 -57.99 -64.06 56.31
CA ALA KA 148 -56.96 -64.71 55.50
C ALA KA 148 -56.38 -65.90 56.24
N LEU KA 149 -55.77 -66.81 55.48
CA LEU KA 149 -55.17 -68.03 56.02
C LEU KA 149 -54.06 -68.48 55.10
N GLY KA 150 -53.18 -69.35 55.61
CA GLY KA 150 -52.08 -69.82 54.80
C GLY KA 150 -51.25 -70.88 55.49
N CYS KA 151 -50.03 -71.05 54.98
CA CYS KA 151 -49.09 -72.07 55.43
C CYS KA 151 -47.74 -71.43 55.77
N LEU KA 152 -47.08 -71.97 56.79
CA LEU KA 152 -45.74 -71.57 57.18
C LEU KA 152 -44.78 -72.72 56.90
N VAL KA 153 -43.83 -72.49 55.99
CA VAL KA 153 -42.91 -73.55 55.55
C VAL KA 153 -41.54 -73.27 56.14
N LYS KA 154 -41.26 -73.89 57.29
CA LYS KA 154 -40.10 -73.53 58.10
C LYS KA 154 -38.90 -74.42 57.78
N ASP KA 155 -37.71 -73.79 57.75
CA ASP KA 155 -36.41 -74.46 57.93
C ASP KA 155 -36.17 -75.57 56.91
N TYR KA 156 -36.16 -75.19 55.64
CA TYR KA 156 -35.77 -76.07 54.56
C TYR KA 156 -34.48 -75.57 53.91
N PHE KA 157 -33.93 -76.42 53.04
CA PHE KA 157 -32.68 -76.11 52.35
C PHE KA 157 -32.44 -77.21 51.32
N PRO KA 158 -32.03 -76.85 50.10
CA PRO KA 158 -31.90 -75.48 49.58
C PRO KA 158 -33.19 -74.95 48.97
N GLU KA 159 -33.08 -73.87 48.22
CA GLU KA 159 -34.22 -73.33 47.50
C GLU KA 159 -34.51 -74.18 46.27
N PRO KA 160 -35.76 -74.17 45.79
CA PRO KA 160 -36.91 -73.48 46.38
C PRO KA 160 -38.04 -74.41 46.77
N VAL KA 161 -39.04 -73.89 47.47
CA VAL KA 161 -40.30 -74.61 47.65
C VAL KA 161 -41.34 -73.95 46.75
N THR KA 162 -42.32 -74.74 46.34
CA THR KA 162 -43.43 -74.27 45.54
C THR KA 162 -44.72 -74.63 46.24
N VAL KA 163 -45.64 -73.68 46.36
CA VAL KA 163 -46.88 -73.85 47.11
C VAL KA 163 -48.04 -73.72 46.14
N SER KA 164 -48.96 -74.68 46.19
CA SER KA 164 -50.20 -74.61 45.44
C SER KA 164 -51.35 -74.94 46.38
N TRP KA 165 -52.56 -74.55 46.01
CA TRP KA 165 -53.72 -74.71 46.86
C TRP KA 165 -54.78 -75.56 46.18
N ASN KA 166 -55.25 -76.59 46.90
CA ASN KA 166 -56.19 -77.58 46.37
C ASN KA 166 -55.64 -78.26 45.13
N SER KA 167 -54.34 -78.58 45.16
CA SER KA 167 -53.62 -79.21 44.05
C SER KA 167 -53.67 -78.33 42.80
N GLY KA 168 -53.60 -77.02 43.00
CA GLY KA 168 -53.61 -76.05 41.92
C GLY KA 168 -54.98 -75.55 41.48
N ALA KA 169 -56.06 -76.05 42.11
CA ALA KA 169 -57.41 -75.63 41.75
C ALA KA 169 -57.78 -74.26 42.31
N LEU KA 170 -56.92 -73.67 43.13
CA LEU KA 170 -57.13 -72.33 43.67
C LEU KA 170 -55.95 -71.47 43.25
N THR KA 171 -56.25 -70.34 42.60
CA THR KA 171 -55.23 -69.41 42.12
C THR KA 171 -55.59 -67.99 42.54
N SER KA 172 -56.89 -67.74 42.67
CA SER KA 172 -57.39 -66.45 43.11
C SER KA 172 -57.12 -66.22 44.60
N GLY KA 173 -56.58 -65.05 44.94
CA GLY KA 173 -56.24 -64.71 46.30
C GLY KA 173 -54.91 -65.25 46.81
N VAL KA 174 -54.15 -65.97 45.98
CA VAL KA 174 -52.90 -66.61 46.37
C VAL KA 174 -51.74 -65.63 46.24
N HIS KA 175 -50.87 -65.61 47.25
CA HIS KA 175 -49.70 -64.75 47.24
C HIS KA 175 -48.61 -65.43 48.05
N THR KA 176 -47.51 -65.77 47.37
CA THR KA 176 -46.36 -66.37 48.01
C THR KA 176 -45.30 -65.30 48.24
N PHE KA 177 -44.71 -65.32 49.42
CA PHE KA 177 -43.75 -64.33 49.85
C PHE KA 177 -42.33 -64.85 49.71
N PRO KA 178 -41.33 -63.97 49.70
CA PRO KA 178 -39.95 -64.45 49.60
C PRO KA 178 -39.53 -65.21 50.85
N ALA KA 179 -38.52 -66.06 50.67
CA ALA KA 179 -37.98 -66.84 51.78
C ALA KA 179 -36.89 -66.05 52.49
N VAL KA 180 -36.93 -66.09 53.82
CA VAL KA 180 -35.86 -65.52 54.64
C VAL KA 180 -34.76 -66.56 54.79
N LEU KA 181 -33.52 -66.08 54.90
CA LEU KA 181 -32.41 -66.94 55.30
C LEU KA 181 -32.21 -66.72 56.79
N GLN KA 182 -32.83 -67.59 57.60
CA GLN KA 182 -32.71 -67.49 59.05
C GLN KA 182 -31.26 -67.66 59.49
N SER KA 183 -30.99 -67.24 60.73
CA SER KA 183 -29.61 -67.24 61.23
C SER KA 183 -28.98 -68.64 61.23
N SER KA 184 -29.77 -69.70 61.12
CA SER KA 184 -29.24 -71.05 61.06
C SER KA 184 -28.66 -71.40 59.70
N GLY KA 185 -28.96 -70.60 58.67
CA GLY KA 185 -28.61 -70.96 57.31
C GLY KA 185 -29.71 -71.67 56.55
N LEU KA 186 -30.85 -71.91 57.21
CA LEU KA 186 -31.99 -72.57 56.59
C LEU KA 186 -33.03 -71.52 56.20
N TYR KA 187 -33.64 -71.74 55.04
CA TYR KA 187 -34.63 -70.83 54.50
C TYR KA 187 -36.00 -71.10 55.13
N SER KA 188 -36.88 -70.10 55.05
CA SER KA 188 -38.20 -70.21 55.64
C SER KA 188 -39.16 -69.36 54.83
N LEU KA 189 -40.27 -69.97 54.38
CA LEU KA 189 -41.20 -69.33 53.46
C LEU KA 189 -42.63 -69.50 53.97
N SER KA 190 -43.45 -68.46 53.81
CA SER KA 190 -44.88 -68.57 54.05
C SER KA 190 -45.64 -68.21 52.78
N SER KA 191 -46.92 -68.63 52.73
CA SER KA 191 -47.74 -68.46 51.53
C SER KA 191 -49.20 -68.53 51.93
N VAL KA 192 -49.96 -67.47 51.64
CA VAL KA 192 -51.33 -67.34 52.12
C VAL KA 192 -52.28 -67.23 50.95
N VAL KA 193 -53.57 -67.29 51.26
CA VAL KA 193 -54.65 -67.14 50.28
C VAL KA 193 -55.84 -66.53 51.02
N THR KA 194 -56.32 -65.40 50.52
CA THR KA 194 -57.48 -64.75 51.11
C THR KA 194 -58.76 -65.24 50.43
N VAL KA 195 -59.80 -65.38 51.24
CA VAL KA 195 -61.08 -65.84 50.73
C VAL KA 195 -62.19 -65.07 51.43
N PRO KA 196 -63.44 -65.34 51.03
CA PRO KA 196 -64.56 -64.64 51.64
C PRO KA 196 -64.73 -65.12 53.07
N SER KA 197 -64.96 -64.19 53.99
CA SER KA 197 -65.07 -64.53 55.39
C SER KA 197 -66.12 -65.62 55.46
N SER KA 198 -67.14 -65.46 54.63
CA SER KA 198 -68.15 -66.49 54.45
C SER KA 198 -67.53 -67.65 53.71
N SER KA 199 -68.11 -68.84 53.91
CA SER KA 199 -67.79 -69.99 53.08
C SER KA 199 -66.52 -70.72 53.49
N LEU KA 200 -65.94 -70.30 54.60
CA LEU KA 200 -64.77 -70.98 55.08
C LEU KA 200 -65.18 -72.41 55.35
N GLY KA 201 -66.36 -72.58 55.95
CA GLY KA 201 -66.84 -73.89 56.33
C GLY KA 201 -67.06 -74.81 55.14
N THR KA 202 -67.62 -74.26 54.08
CA THR KA 202 -67.93 -75.05 52.89
C THR KA 202 -66.72 -75.62 52.18
N GLN KA 203 -65.65 -74.84 52.10
CA GLN KA 203 -64.55 -75.18 51.21
C GLN KA 203 -63.43 -75.80 52.00
N THR KA 204 -62.75 -76.75 51.38
CA THR KA 204 -61.49 -77.27 51.90
C THR KA 204 -60.26 -76.48 51.47
N TYR KA 205 -59.27 -76.41 52.36
CA TYR KA 205 -58.09 -75.57 52.12
C TYR KA 205 -56.81 -76.35 52.40
N ILE KA 206 -56.15 -76.79 51.34
CA ILE KA 206 -54.95 -77.60 51.43
C ILE KA 206 -53.87 -76.91 50.61
N CYS KA 207 -52.84 -76.42 51.28
CA CYS KA 207 -51.66 -75.93 50.57
C CYS KA 207 -50.75 -77.11 50.30
N ASN KA 208 -50.17 -77.13 49.11
CA ASN KA 208 -49.33 -78.25 48.68
C ASN KA 208 -47.92 -77.70 48.53
N VAL KA 209 -47.15 -77.85 49.60
CA VAL KA 209 -45.74 -77.46 49.58
C VAL KA 209 -44.95 -78.57 48.90
N ASN KA 210 -44.00 -78.19 48.06
CA ASN KA 210 -43.17 -79.15 47.34
C ASN KA 210 -41.74 -78.67 47.43
N HIS KA 211 -40.89 -79.48 48.05
CA HIS KA 211 -39.47 -79.18 48.19
C HIS KA 211 -38.74 -80.29 47.43
N LYS KA 212 -38.57 -80.07 46.13
CA LYS KA 212 -37.88 -81.05 45.30
C LYS KA 212 -36.45 -81.35 45.75
N PRO KA 213 -35.66 -80.37 46.25
CA PRO KA 213 -34.29 -80.70 46.68
C PRO KA 213 -34.18 -81.82 47.71
N SER KA 214 -35.15 -81.92 48.62
CA SER KA 214 -35.19 -83.01 49.59
C SER KA 214 -36.17 -84.11 49.21
N ASN KA 215 -36.80 -84.01 48.03
CA ASN KA 215 -37.82 -84.97 47.59
C ASN KA 215 -38.92 -85.10 48.64
N THR KA 216 -39.37 -83.95 49.13
CA THR KA 216 -40.46 -83.86 50.10
C THR KA 216 -41.69 -83.24 49.44
N LYS KA 217 -42.85 -83.81 49.72
CA LYS KA 217 -44.13 -83.20 49.37
C LYS KA 217 -45.02 -83.26 50.60
N VAL KA 218 -45.58 -82.12 50.98
CA VAL KA 218 -46.42 -82.02 52.17
C VAL KA 218 -47.73 -81.39 51.75
N ASP KA 219 -48.84 -82.00 52.16
CA ASP KA 219 -50.18 -81.46 51.93
C ASP KA 219 -50.80 -81.21 53.29
N LYS KA 220 -50.97 -79.94 53.64
CA LYS KA 220 -51.43 -79.55 54.96
C LYS KA 220 -52.73 -78.77 54.84
N ARG KA 221 -53.76 -79.20 55.56
CA ARG KA 221 -55.04 -78.53 55.56
C ARG KA 221 -55.08 -77.47 56.66
N VAL KA 222 -55.59 -76.29 56.31
CA VAL KA 222 -55.72 -75.18 57.25
C VAL KA 222 -57.19 -75.05 57.61
N GLU KA 223 -57.46 -74.82 58.89
CA GLU KA 223 -58.83 -74.74 59.40
C GLU KA 223 -58.83 -73.85 60.64
N PRO KA 224 -59.94 -73.19 60.93
CA PRO KA 224 -59.95 -72.20 62.02
C PRO KA 224 -59.80 -72.84 63.39
N LYS KA 225 -59.53 -71.97 64.37
CA LYS KA 225 -59.42 -72.35 65.78
C LYS KA 225 -58.46 -73.52 66.00
N GLY LA 1 -8.26 -43.99 13.14
CA GLY LA 1 -7.36 -44.04 14.28
C GLY LA 1 -7.91 -43.37 15.52
N SER LA 2 -7.06 -42.61 16.19
CA SER LA 2 -7.35 -42.01 17.49
C SER LA 2 -7.98 -40.63 17.31
N HIS LA 3 -8.13 -39.90 18.42
CA HIS LA 3 -8.60 -38.51 18.41
C HIS LA 3 -7.73 -37.70 19.37
N SER LA 4 -8.17 -36.49 19.68
CA SER LA 4 -7.39 -35.57 20.52
C SER LA 4 -8.21 -34.34 20.84
N MET LA 5 -7.77 -33.62 21.88
CA MET LA 5 -8.27 -32.28 22.19
C MET LA 5 -7.10 -31.44 22.67
N ARG LA 6 -7.05 -30.17 22.23
CA ARG LA 6 -5.97 -29.28 22.61
C ARG LA 6 -6.53 -27.90 22.96
N TYR LA 7 -6.06 -27.34 24.07
CA TYR LA 7 -6.28 -25.94 24.42
C TYR LA 7 -4.96 -25.20 24.29
N PHE LA 8 -4.99 -24.04 23.66
CA PHE LA 8 -3.77 -23.26 23.40
C PHE LA 8 -3.93 -21.90 24.06
N PHE LA 9 -3.10 -21.64 25.08
CA PHE LA 9 -3.15 -20.41 25.85
C PHE LA 9 -1.95 -19.52 25.53
N THR LA 10 -2.18 -18.22 25.50
CA THR LA 10 -1.12 -17.26 25.23
C THR LA 10 -1.39 -15.96 25.97
N SER LA 11 -0.47 -15.57 26.86
CA SER LA 11 -0.59 -14.36 27.66
C SER LA 11 0.63 -13.51 27.40
N VAL LA 12 0.44 -12.34 26.79
CA VAL LA 12 1.52 -11.42 26.46
C VAL LA 12 1.33 -10.14 27.26
N SER LA 13 2.40 -9.69 27.92
CA SER LA 13 2.33 -8.51 28.76
C SER LA 13 2.53 -7.27 27.90
N ARG LA 14 1.56 -6.36 27.94
CA ARG LA 14 1.67 -5.09 27.23
C ARG LA 14 2.30 -4.08 28.18
N PRO LA 15 3.59 -3.77 28.01
CA PRO LA 15 4.30 -2.99 29.03
C PRO LA 15 3.74 -1.59 29.15
N GLY LA 16 3.49 -1.17 30.39
CA GLY LA 16 2.80 0.09 30.65
C GLY LA 16 1.30 -0.12 30.64
N ARG LA 17 0.90 -1.37 30.52
CA ARG LA 17 -0.50 -1.75 30.60
C ARG LA 17 -0.68 -2.63 31.83
N GLY LA 18 -1.69 -2.33 32.64
CA GLY LA 18 -1.87 -3.01 33.91
C GLY LA 18 -2.12 -4.49 33.76
N GLU LA 19 -2.87 -4.91 32.74
CA GLU LA 19 -3.11 -6.34 32.55
C GLU LA 19 -2.67 -6.84 31.18
N PRO LA 20 -2.03 -8.02 31.11
CA PRO LA 20 -1.60 -8.50 29.77
C PRO LA 20 -2.72 -9.06 28.89
N ARG LA 21 -2.51 -9.10 27.58
CA ARG LA 21 -3.50 -9.59 26.64
C ARG LA 21 -3.44 -11.12 26.59
N PHE LA 22 -4.62 -11.73 26.38
CA PHE LA 22 -4.82 -13.17 26.56
C PHE LA 22 -5.70 -13.68 25.43
N ILE LA 23 -5.26 -14.77 24.77
CA ILE LA 23 -6.03 -15.42 23.71
C ILE LA 23 -6.01 -16.92 23.95
N ALA LA 24 -7.19 -17.52 24.02
CA ALA LA 24 -7.36 -18.94 24.25
C ALA LA 24 -8.11 -19.56 23.07
N VAL LA 25 -7.52 -20.60 22.48
CA VAL LA 25 -8.03 -21.23 21.27
C VAL LA 25 -8.08 -22.73 21.49
N GLY LA 26 -9.28 -23.30 21.42
CA GLY LA 26 -9.49 -24.72 21.64
C GLY LA 26 -9.81 -25.45 20.34
N TYR LA 27 -9.18 -26.59 20.16
CA TYR LA 27 -9.35 -27.41 18.97
C TYR LA 27 -9.72 -28.83 19.38
N VAL LA 28 -10.61 -29.45 18.61
CA VAL LA 28 -10.85 -30.89 18.69
C VAL LA 28 -10.36 -31.49 17.37
N ASP LA 29 -9.35 -32.34 17.45
CA ASP LA 29 -8.65 -32.82 16.25
C ASP LA 29 -8.12 -31.62 15.46
N ASP LA 30 -8.81 -31.27 14.37
CA ASP LA 30 -8.46 -30.10 13.58
C ASP LA 30 -9.70 -29.24 13.31
N THR LA 31 -10.57 -29.09 14.31
CA THR LA 31 -11.76 -28.26 14.20
C THR LA 31 -11.89 -27.42 15.46
N GLN LA 32 -11.61 -26.13 15.35
CA GLN LA 32 -11.71 -25.22 16.50
C GLN LA 32 -13.15 -25.12 16.98
N PHE LA 33 -13.34 -24.95 18.28
CA PHE LA 33 -14.69 -24.90 18.84
C PHE LA 33 -14.92 -23.82 19.88
N VAL LA 34 -13.89 -23.23 20.50
CA VAL LA 34 -14.09 -22.19 21.50
C VAL LA 34 -13.06 -21.07 21.30
N ARG LA 35 -13.40 -19.90 21.84
CA ARG LA 35 -12.59 -18.70 21.74
C ARG LA 35 -12.77 -17.89 23.01
N PHE LA 36 -11.67 -17.37 23.55
CA PHE LA 36 -11.73 -16.36 24.60
C PHE LA 36 -10.67 -15.31 24.29
N ASP LA 37 -11.10 -14.13 23.84
CA ASP LA 37 -10.21 -13.04 23.51
C ASP LA 37 -10.27 -11.99 24.60
N SER LA 38 -9.10 -11.60 25.11
CA SER LA 38 -9.04 -10.61 26.19
C SER LA 38 -9.57 -9.25 25.72
N ASP LA 39 -9.13 -8.79 24.55
CA ASP LA 39 -9.57 -7.49 24.03
C ASP LA 39 -10.99 -7.52 23.49
N ALA LA 40 -11.62 -8.69 23.39
CA ALA LA 40 -13.00 -8.75 22.96
C ALA LA 40 -13.91 -8.10 24.01
N ALA LA 41 -15.03 -7.53 23.54
CA ALA LA 41 -16.03 -6.93 24.41
C ALA LA 41 -16.83 -7.96 25.19
N SER LA 42 -16.68 -9.25 24.89
CA SER LA 42 -17.53 -10.27 25.48
C SER LA 42 -17.23 -10.49 26.96
N GLN LA 43 -15.96 -10.61 27.32
CA GLN LA 43 -15.55 -11.06 28.66
C GLN LA 43 -16.15 -12.43 28.99
N LYS LA 44 -16.28 -13.27 27.95
CA LYS LA 44 -17.01 -14.51 28.05
C LYS LA 44 -16.50 -15.45 26.98
N MET LA 45 -16.45 -16.74 27.30
CA MET LA 45 -16.00 -17.74 26.34
C MET LA 45 -17.07 -17.96 25.28
N GLU LA 46 -16.76 -17.58 24.04
CA GLU LA 46 -17.56 -17.58 22.83
C GLU LA 46 -17.44 -18.93 22.11
N PRO LA 47 -18.53 -19.43 21.54
CA PRO LA 47 -18.47 -20.65 20.74
C PRO LA 47 -17.85 -20.39 19.37
N ARG LA 48 -17.27 -21.44 18.80
CA ARG LA 48 -16.59 -21.31 17.53
C ARG LA 48 -16.87 -22.47 16.58
N ALA LA 49 -17.62 -23.49 17.02
CA ALA LA 49 -17.99 -24.59 16.15
C ALA LA 49 -19.52 -24.69 16.15
N PRO LA 50 -20.13 -25.47 15.24
CA PRO LA 50 -21.59 -25.59 15.24
C PRO LA 50 -22.16 -26.54 16.28
N TRP LA 51 -21.32 -27.28 16.99
CA TRP LA 51 -21.78 -28.31 17.92
C TRP LA 51 -21.49 -28.00 19.37
N ILE LA 52 -20.80 -26.90 19.66
CA ILE LA 52 -20.44 -26.60 21.04
C ILE LA 52 -21.44 -25.67 21.73
N GLU LA 53 -22.25 -24.91 20.97
CA GLU LA 53 -23.17 -23.99 21.63
C GLU LA 53 -24.44 -24.68 22.09
N GLN LA 54 -24.62 -25.97 21.81
CA GLN LA 54 -25.70 -26.71 22.44
C GLN LA 54 -25.37 -27.05 23.89
N GLU LA 55 -24.12 -26.91 24.29
CA GLU LA 55 -23.77 -26.95 25.72
C GLU LA 55 -24.30 -25.68 26.35
N GLY LA 56 -25.17 -25.84 27.35
CA GLY LA 56 -25.94 -24.73 27.88
C GLY LA 56 -25.10 -23.76 28.69
N PRO LA 57 -25.77 -22.97 29.55
CA PRO LA 57 -25.03 -21.97 30.34
C PRO LA 57 -24.07 -22.60 31.34
N GLU LA 58 -24.34 -23.83 31.78
CA GLU LA 58 -23.42 -24.51 32.69
C GLU LA 58 -22.04 -24.67 32.09
N TYR LA 59 -21.93 -24.62 30.75
CA TYR LA 59 -20.67 -24.80 30.05
C TYR LA 59 -19.96 -23.48 29.80
N TRP LA 60 -20.71 -22.49 29.31
CA TRP LA 60 -20.09 -21.20 29.04
C TRP LA 60 -19.74 -20.50 30.34
N ASP LA 61 -20.57 -20.64 31.36
CA ASP LA 61 -20.23 -20.10 32.67
C ASP LA 61 -19.03 -20.84 33.27
N GLN LA 62 -18.93 -22.15 33.02
CA GLN LA 62 -17.77 -22.90 33.48
C GLN LA 62 -16.51 -22.45 32.76
N GLU LA 63 -16.51 -22.54 31.42
CA GLU LA 63 -15.29 -22.31 30.66
C GLU LA 63 -14.77 -20.89 30.83
N THR LA 64 -15.66 -19.93 31.06
CA THR LA 64 -15.24 -18.55 31.30
C THR LA 64 -14.39 -18.42 32.56
N ARG LA 65 -14.93 -18.85 33.70
CA ARG LA 65 -14.20 -18.73 34.97
C ARG LA 65 -12.90 -19.52 34.95
N ASN LA 66 -12.87 -20.66 34.25
CA ASN LA 66 -11.69 -21.50 34.28
C ASN LA 66 -10.51 -20.88 33.53
N MET LA 67 -10.78 -20.01 32.56
CA MET LA 67 -9.70 -19.31 31.89
C MET LA 67 -9.72 -17.80 32.12
N LYS LA 68 -10.82 -17.24 32.64
CA LYS LA 68 -10.67 -15.98 33.35
C LYS LA 68 -9.63 -16.13 34.46
N ALA LA 69 -9.71 -17.23 35.22
CA ALA LA 69 -8.72 -17.51 36.24
C ALA LA 69 -7.39 -17.98 35.65
N HIS LA 70 -7.42 -18.67 34.50
CA HIS LA 70 -6.17 -19.03 33.84
C HIS LA 70 -5.44 -17.80 33.33
N SER LA 71 -6.18 -16.76 32.93
CA SER LA 71 -5.56 -15.50 32.55
C SER LA 71 -4.99 -14.76 33.75
N GLN LA 72 -5.74 -14.74 34.87
CA GLN LA 72 -5.25 -14.12 36.10
C GLN LA 72 -3.93 -14.75 36.56
N THR LA 73 -3.88 -16.09 36.61
CA THR LA 73 -2.65 -16.78 37.03
C THR LA 73 -1.46 -16.33 36.20
N ASP LA 74 -1.62 -16.25 34.87
CA ASP LA 74 -0.52 -15.87 34.00
C ASP LA 74 -0.10 -14.41 34.19
N ARG LA 75 -1.01 -13.59 34.73
CA ARG LA 75 -0.69 -12.22 35.10
C ARG LA 75 0.34 -12.14 36.23
N ALA LA 76 0.18 -13.00 37.24
CA ALA LA 76 1.18 -13.15 38.30
C ALA LA 76 2.36 -14.01 37.85
N ASN LA 77 2.18 -14.87 36.85
CA ASN LA 77 3.27 -15.72 36.38
C ASN LA 77 4.27 -14.94 35.52
N LEU LA 78 3.77 -13.99 34.73
CA LEU LA 78 4.66 -13.11 33.98
C LEU LA 78 5.44 -12.21 34.92
N GLY LA 79 4.81 -11.77 36.02
CA GLY LA 79 5.51 -10.98 37.01
C GLY LA 79 6.45 -11.80 37.88
N THR LA 80 6.12 -13.09 38.10
CA THR LA 80 7.02 -13.96 38.85
C THR LA 80 8.23 -14.34 38.01
N LEU LA 81 8.00 -14.74 36.75
CA LEU LA 81 9.11 -15.05 35.87
C LEU LA 81 9.95 -13.82 35.55
N ARG LA 82 9.36 -12.62 35.67
CA ARG LA 82 10.13 -11.40 35.52
C ARG LA 82 11.16 -11.27 36.64
N GLY LA 83 10.88 -11.87 37.80
CA GLY LA 83 11.81 -11.86 38.92
C GLY LA 83 12.80 -13.02 38.91
N TYR LA 84 12.42 -14.11 38.23
CA TYR LA 84 13.33 -15.25 38.12
C TYR LA 84 14.48 -14.95 37.18
N TYR LA 85 14.23 -14.16 36.13
CA TYR LA 85 15.20 -13.91 35.08
C TYR LA 85 15.84 -12.53 35.18
N ASN LA 86 15.59 -11.80 36.27
CA ASN LA 86 16.20 -10.49 36.52
C ASN LA 86 15.89 -9.50 35.39
N GLN LA 87 14.67 -9.57 34.87
CA GLN LA 87 14.27 -8.78 33.71
C GLN LA 87 13.44 -7.58 34.13
N SER LA 88 13.34 -6.60 33.22
CA SER LA 88 12.77 -5.30 33.48
C SER LA 88 11.35 -5.16 32.93
N GLU LA 89 10.63 -4.16 33.45
CA GLU LA 89 9.23 -3.91 33.12
C GLU LA 89 9.03 -3.20 31.79
N ASP LA 90 10.08 -2.69 31.15
CA ASP LA 90 9.92 -2.18 29.79
C ASP LA 90 9.79 -3.30 28.77
N GLY LA 91 10.27 -4.50 29.09
CA GLY LA 91 10.19 -5.61 28.16
C GLY LA 91 8.80 -6.19 28.06
N SER LA 92 8.49 -6.71 26.86
CA SER LA 92 7.21 -7.34 26.56
C SER LA 92 7.46 -8.83 26.31
N HIS LA 93 6.95 -9.68 27.21
CA HIS LA 93 7.21 -11.10 27.18
C HIS LA 93 5.92 -11.89 26.98
N THR LA 94 6.08 -13.16 26.59
CA THR LA 94 4.98 -14.04 26.24
C THR LA 94 5.05 -15.31 27.10
N ILE LA 95 3.88 -15.83 27.46
CA ILE LA 95 3.75 -17.13 28.13
C ILE LA 95 2.80 -17.99 27.30
N GLN LA 96 3.20 -19.23 27.04
CA GLN LA 96 2.42 -20.13 26.22
C GLN LA 96 2.24 -21.46 26.95
N ILE LA 97 0.99 -21.86 27.15
CA ILE LA 97 0.63 -23.11 27.80
C ILE LA 97 -0.19 -23.94 26.83
N MET LA 98 0.13 -25.23 26.73
CA MET LA 98 -0.66 -26.15 25.93
C MET LA 98 -0.87 -27.43 26.72
N TYR LA 99 -2.13 -27.72 27.08
CA TYR LA 99 -2.47 -28.99 27.70
C TYR LA 99 -3.66 -29.62 26.98
N GLY LA 100 -3.63 -30.94 26.89
CA GLY LA 100 -4.66 -31.69 26.19
C GLY LA 100 -4.48 -33.17 26.41
N CYS LA 101 -5.38 -33.95 25.80
CA CYS LA 101 -5.42 -35.39 26.00
C CYS LA 101 -5.83 -36.09 24.71
N ASP LA 102 -5.40 -37.34 24.58
CA ASP LA 102 -5.68 -38.15 23.41
C ASP LA 102 -6.55 -39.34 23.83
N VAL LA 103 -7.69 -39.51 23.18
CA VAL LA 103 -8.51 -40.70 23.36
C VAL LA 103 -8.17 -41.68 22.24
N GLY LA 104 -8.53 -42.94 22.44
CA GLY LA 104 -8.23 -43.96 21.47
C GLY LA 104 -9.40 -44.25 20.57
N PRO LA 105 -9.30 -45.33 19.77
CA PRO LA 105 -10.42 -45.69 18.90
C PRO LA 105 -11.66 -46.16 19.65
N ASP LA 106 -11.53 -46.56 20.91
CA ASP LA 106 -12.66 -47.08 21.69
C ASP LA 106 -12.96 -46.19 22.90
N GLY LA 107 -12.73 -44.88 22.78
CA GLY LA 107 -12.98 -43.98 23.89
C GLY LA 107 -11.99 -44.07 25.02
N ARG LA 108 -10.87 -44.78 24.81
CA ARG LA 108 -9.91 -45.08 25.87
C ARG LA 108 -9.14 -43.82 26.25
N PHE LA 109 -8.10 -44.01 27.07
CA PHE LA 109 -7.12 -42.97 27.34
C PHE LA 109 -5.77 -43.47 26.83
N LEU LA 110 -5.10 -42.65 26.03
CA LEU LA 110 -3.85 -43.02 25.39
C LEU LA 110 -2.66 -42.19 25.83
N ARG LA 111 -2.83 -40.88 25.95
CA ARG LA 111 -1.68 -40.03 26.26
C ARG LA 111 -2.18 -38.64 26.67
N GLY LA 112 -1.53 -38.06 27.68
CA GLY LA 112 -1.81 -36.71 28.15
C GLY LA 112 -0.68 -35.73 27.88
N TYR LA 113 -0.97 -34.43 27.89
CA TYR LA 113 0.03 -33.42 27.55
C TYR LA 113 -0.13 -32.17 28.39
N ARG LA 114 1.00 -31.58 28.78
CA ARG LA 114 1.03 -30.21 29.31
C ARG LA 114 2.45 -29.67 29.16
N GLN LA 115 2.60 -28.58 28.42
CA GLN LA 115 3.88 -27.97 28.15
C GLN LA 115 3.79 -26.45 28.31
N ASP LA 116 4.83 -25.86 28.89
CA ASP LA 116 4.91 -24.43 29.12
C ASP LA 116 6.19 -23.85 28.52
N ALA LA 117 6.07 -22.67 27.92
CA ALA LA 117 7.20 -22.01 27.27
C ALA LA 117 7.19 -20.51 27.56
N TYR LA 118 8.33 -19.99 28.01
CA TYR LA 118 8.50 -18.59 28.31
C TYR LA 118 9.32 -17.98 27.18
N ASP LA 119 8.68 -17.14 26.37
CA ASP LA 119 9.30 -16.52 25.19
C ASP LA 119 9.74 -17.59 24.18
N GLY LA 120 8.82 -18.49 23.84
CA GLY LA 120 9.05 -19.48 22.81
C GLY LA 120 10.04 -20.57 23.15
N LYS LA 121 10.86 -20.36 24.19
CA LYS LA 121 11.80 -21.36 24.66
C LYS LA 121 11.15 -22.24 25.72
N ASP LA 122 11.42 -23.55 25.63
CA ASP LA 122 10.88 -24.52 26.57
C ASP LA 122 11.17 -24.12 28.02
N TYR LA 123 10.16 -24.30 28.87
CA TYR LA 123 10.27 -23.96 30.28
C TYR LA 123 10.14 -25.23 31.12
N ILE LA 124 8.91 -25.61 31.46
CA ILE LA 124 8.61 -26.85 32.17
C ILE LA 124 7.64 -27.67 31.34
N ALA LA 125 7.78 -29.00 31.44
CA ALA LA 125 7.03 -29.91 30.58
C ALA LA 125 6.43 -31.07 31.37
N LEU LA 126 5.47 -31.78 30.82
CA LEU LA 126 5.05 -32.99 31.52
C LEU LA 126 5.44 -34.25 30.82
N ASN LA 127 6.09 -35.13 31.57
CA ASN LA 127 6.60 -36.36 31.04
C ASN LA 127 5.43 -37.25 30.75
N GLU LA 128 5.63 -38.30 29.97
CA GLU LA 128 4.54 -39.19 29.67
C GLU LA 128 4.02 -39.75 30.98
N ASP LA 129 4.91 -40.09 31.89
CA ASP LA 129 4.47 -40.75 33.10
C ASP LA 129 3.28 -39.97 33.67
N LEU LA 130 3.35 -38.65 33.57
CA LEU LA 130 2.32 -37.78 34.14
C LEU LA 130 2.57 -37.74 35.63
N ARG LA 131 3.73 -38.28 36.00
CA ARG LA 131 4.15 -38.37 37.40
C ARG LA 131 5.48 -37.66 37.59
N SER LA 132 6.05 -37.20 36.48
CA SER LA 132 7.34 -36.51 36.50
C SER LA 132 7.27 -35.22 35.68
N TRP LA 133 7.97 -34.19 36.15
CA TRP LA 133 8.17 -32.96 35.43
C TRP LA 133 9.60 -32.89 34.91
N THR LA 134 9.80 -32.21 33.78
CA THR LA 134 11.13 -31.95 33.24
C THR LA 134 11.28 -30.45 33.07
N ALA LA 135 12.32 -29.89 33.67
CA ALA LA 135 12.58 -28.46 33.67
C ALA LA 135 13.66 -28.18 32.63
N ALA LA 136 13.31 -27.44 31.59
CA ALA LA 136 14.26 -27.19 30.51
C ALA LA 136 15.47 -26.41 31.00
N ASP LA 137 15.22 -25.28 31.66
CA ASP LA 137 16.28 -24.43 32.17
C ASP LA 137 16.31 -24.48 33.70
N MET LA 138 16.98 -23.50 34.31
CA MET LA 138 17.08 -23.42 35.76
C MET LA 138 15.79 -22.89 36.39
N ALA LA 139 15.26 -21.80 35.84
CA ALA LA 139 14.05 -21.20 36.41
C ALA LA 139 12.87 -22.17 36.40
N ALA LA 140 12.89 -23.18 35.54
CA ALA LA 140 11.84 -24.19 35.56
C ALA LA 140 12.07 -25.25 36.65
N GLN LA 141 13.23 -25.24 37.30
CA GLN LA 141 13.47 -26.13 38.42
C GLN LA 141 12.98 -25.54 39.74
N ILE LA 142 12.99 -24.21 39.87
CA ILE LA 142 12.33 -23.65 41.03
C ILE LA 142 10.82 -23.74 40.87
N THR LA 143 10.34 -23.95 39.64
CA THR LA 143 8.94 -24.29 39.41
C THR LA 143 8.69 -25.79 39.41
N LYS LA 144 9.69 -26.60 39.04
CA LYS LA 144 9.52 -28.05 39.12
C LYS LA 144 9.41 -28.52 40.56
N ARG LA 145 10.38 -28.15 41.40
CA ARG LA 145 10.33 -28.59 42.79
C ARG LA 145 9.24 -27.87 43.56
N LYS LA 146 8.73 -26.75 43.05
CA LYS LA 146 7.60 -26.10 43.70
C LYS LA 146 6.29 -26.80 43.41
N TRP LA 147 6.19 -27.50 42.27
CA TRP LA 147 4.96 -28.18 41.86
C TRP LA 147 4.84 -29.58 42.45
N GLU LA 148 5.96 -30.28 42.61
CA GLU LA 148 5.95 -31.56 43.30
C GLU LA 148 5.58 -31.40 44.77
N ALA LA 149 5.65 -30.18 45.31
CA ALA LA 149 5.26 -29.96 46.70
C ALA LA 149 3.75 -30.02 46.89
N VAL LA 150 2.97 -29.60 45.89
CA VAL LA 150 1.52 -29.66 45.97
C VAL LA 150 0.96 -30.82 45.16
N HIS LA 151 1.82 -31.75 44.73
CA HIS LA 151 1.41 -32.91 43.93
C HIS LA 151 0.68 -32.48 42.66
N ALA LA 152 1.21 -31.45 42.01
CA ALA LA 152 0.63 -30.98 40.76
C ALA LA 152 0.77 -32.01 39.64
N ALA LA 153 1.71 -32.95 39.77
CA ALA LA 153 1.79 -34.05 38.81
C ALA LA 153 0.48 -34.83 38.77
N GLU LA 154 -0.16 -35.02 39.93
CA GLU LA 154 -1.42 -35.75 40.00
C GLU LA 154 -2.59 -34.91 39.54
N GLN LA 155 -2.78 -33.74 40.14
CA GLN LA 155 -3.98 -32.94 39.85
C GLN LA 155 -4.04 -32.50 38.40
N ARG LA 156 -2.91 -32.55 37.67
CA ARG LA 156 -2.99 -32.46 36.22
C ARG LA 156 -3.36 -33.81 35.63
N ARG LA 157 -2.83 -34.89 36.21
CA ARG LA 157 -3.18 -36.23 35.76
C ARG LA 157 -4.67 -36.52 35.93
N VAL LA 158 -5.32 -35.91 36.94
CA VAL LA 158 -6.73 -36.18 37.15
C VAL LA 158 -7.59 -35.41 36.14
N TYR LA 159 -7.18 -34.21 35.77
CA TYR LA 159 -7.89 -33.47 34.73
C TYR LA 159 -7.73 -34.15 33.38
N LEU LA 160 -6.54 -34.70 33.10
CA LEU LA 160 -6.28 -35.32 31.81
C LEU LA 160 -7.11 -36.57 31.58
N GLU LA 161 -7.22 -37.43 32.60
CA GLU LA 161 -7.98 -38.66 32.46
C GLU LA 161 -9.43 -38.52 32.89
N GLY LA 162 -9.83 -37.38 33.45
CA GLY LA 162 -11.18 -37.19 33.94
C GLY LA 162 -11.99 -36.34 33.00
N ARG LA 163 -11.96 -35.01 33.17
CA ARG LA 163 -12.80 -34.12 32.39
C ARG LA 163 -12.30 -33.93 30.97
N CYS LA 164 -11.01 -34.14 30.73
CA CYS LA 164 -10.47 -33.97 29.39
C CYS LA 164 -10.92 -35.11 28.49
N VAL LA 165 -10.81 -36.36 28.96
CA VAL LA 165 -11.24 -37.49 28.14
C VAL LA 165 -12.75 -37.52 28.02
N ASP LA 166 -13.46 -37.16 29.09
CA ASP LA 166 -14.92 -37.10 29.01
C ASP LA 166 -15.41 -35.82 28.36
N GLY LA 167 -14.60 -34.76 28.32
CA GLY LA 167 -14.92 -33.64 27.46
C GLY LA 167 -14.73 -34.00 26.00
N LEU LA 168 -13.56 -34.56 25.67
CA LEU LA 168 -13.30 -34.99 24.30
C LEU LA 168 -14.27 -36.07 23.86
N ARG LA 169 -14.60 -37.01 24.75
CA ARG LA 169 -15.61 -38.02 24.43
C ARG LA 169 -16.97 -37.39 24.18
N ARG LA 170 -17.34 -36.40 24.99
CA ARG LA 170 -18.65 -35.77 24.86
C ARG LA 170 -18.74 -34.94 23.59
N TYR LA 171 -17.63 -34.35 23.15
CA TYR LA 171 -17.64 -33.56 21.92
C TYR LA 171 -17.66 -34.44 20.67
N LEU LA 172 -16.92 -35.56 20.69
CA LEU LA 172 -16.90 -36.45 19.53
C LEU LA 172 -18.28 -37.04 19.23
N GLU LA 173 -19.17 -37.10 20.21
CA GLU LA 173 -20.54 -37.54 19.97
C GLU LA 173 -21.50 -36.37 19.81
N ASN LA 174 -21.20 -35.21 20.39
CA ASN LA 174 -22.08 -34.04 20.21
C ASN LA 174 -21.99 -33.52 18.79
N GLY LA 175 -20.78 -33.41 18.25
CA GLY LA 175 -20.58 -33.08 16.86
C GLY LA 175 -19.98 -34.26 16.14
N LYS LA 176 -20.66 -35.41 16.22
CA LYS LA 176 -20.18 -36.63 15.60
C LYS LA 176 -20.09 -36.49 14.09
N GLU LA 177 -20.95 -35.64 13.52
CA GLU LA 177 -20.90 -35.33 12.09
C GLU LA 177 -19.61 -34.59 11.75
N THR LA 178 -19.24 -33.60 12.56
CA THR LA 178 -18.14 -32.71 12.23
C THR LA 178 -16.78 -33.39 12.39
N LEU LA 179 -16.64 -34.30 13.34
CA LEU LA 179 -15.33 -34.72 13.83
C LEU LA 179 -14.82 -36.07 13.29
N GLN LA 180 -15.63 -36.80 12.52
CA GLN LA 180 -15.17 -38.05 11.90
C GLN LA 180 -15.18 -37.97 10.37
N ARG LA 181 -15.21 -36.75 9.81
CA ARG LA 181 -15.22 -36.56 8.37
C ARG LA 181 -13.87 -36.96 7.75
N THR LA 182 -13.78 -36.79 6.44
CA THR LA 182 -12.55 -36.96 5.68
C THR LA 182 -12.56 -36.01 4.46
N VAL MA 1 -13.18 -29.19 27.67
CA VAL MA 1 -13.34 -28.75 29.05
C VAL MA 1 -12.03 -28.20 29.61
N THR MA 2 -12.04 -26.93 30.00
CA THR MA 2 -10.85 -26.29 30.55
C THR MA 2 -10.66 -26.71 32.02
N GLU MA 3 -9.43 -26.55 32.50
CA GLU MA 3 -9.06 -27.05 33.81
C GLU MA 3 -9.70 -26.25 34.92
N HIS MA 4 -10.08 -26.94 36.00
CA HIS MA 4 -10.77 -26.29 37.11
C HIS MA 4 -9.94 -25.15 37.68
N ASP MA 5 -8.71 -25.46 38.08
CA ASP MA 5 -7.79 -24.47 38.62
C ASP MA 5 -6.45 -24.62 37.92
N THR MA 6 -5.53 -23.69 38.18
CA THR MA 6 -4.23 -23.68 37.51
C THR MA 6 -3.13 -23.44 38.53
N LEU MA 7 -1.88 -23.69 38.11
CA LEU MA 7 -0.71 -23.57 38.96
C LEU MA 7 0.15 -22.39 38.53
N LEU MA 8 0.69 -21.68 39.53
CA LEU MA 8 1.59 -20.56 39.34
C LEU MA 8 3.04 -21.00 39.51
N TYR MA 9 3.94 -20.28 38.85
CA TYR MA 9 5.36 -20.63 38.83
C TYR MA 9 6.06 -20.11 40.08
N ILE NA 1 14.36 -14.52 21.95
CA ILE NA 1 14.65 -14.87 20.56
C ILE NA 1 13.40 -14.74 19.71
N GLN NA 2 13.59 -14.45 18.42
CA GLN NA 2 12.51 -14.11 17.51
C GLN NA 2 12.55 -14.98 16.25
N ARG NA 3 11.38 -15.18 15.66
CA ARG NA 3 11.24 -15.85 14.38
C ARG NA 3 10.44 -14.95 13.45
N THR NA 4 10.81 -14.94 12.16
CA THR NA 4 10.19 -14.01 11.23
C THR NA 4 9.05 -14.66 10.47
N PRO NA 5 7.94 -13.95 10.21
CA PRO NA 5 6.73 -14.63 9.72
C PRO NA 5 6.85 -15.06 8.26
N LYS NA 6 6.38 -16.27 8.00
CA LYS NA 6 6.11 -16.71 6.63
C LYS NA 6 4.73 -16.26 6.23
N ILE NA 7 4.58 -15.85 4.96
CA ILE NA 7 3.33 -15.31 4.45
C ILE NA 7 2.93 -16.14 3.25
N GLN NA 8 1.71 -16.67 3.28
CA GLN NA 8 1.12 -17.36 2.14
C GLN NA 8 -0.20 -16.68 1.84
N VAL NA 9 -0.41 -16.30 0.58
CA VAL NA 9 -1.64 -15.66 0.17
C VAL NA 9 -2.31 -16.54 -0.88
N TYR NA 10 -3.57 -16.88 -0.63
CA TYR NA 10 -4.33 -17.81 -1.46
C TYR NA 10 -5.80 -17.50 -1.27
N SER NA 11 -6.61 -18.01 -2.19
CA SER NA 11 -8.05 -17.90 -2.12
C SER NA 11 -8.62 -19.16 -1.49
N ARG NA 12 -9.79 -19.01 -0.85
CA ARG NA 12 -10.40 -20.16 -0.17
C ARG NA 12 -10.75 -21.25 -1.17
N HIS NA 13 -11.42 -20.91 -2.26
CA HIS NA 13 -11.69 -21.81 -3.36
C HIS NA 13 -10.94 -21.36 -4.59
N PRO NA 14 -10.67 -22.27 -5.55
CA PRO NA 14 -10.07 -21.83 -6.82
C PRO NA 14 -10.86 -20.68 -7.43
N ALA NA 15 -10.17 -19.58 -7.68
CA ALA NA 15 -10.84 -18.32 -8.05
C ALA NA 15 -11.39 -18.38 -9.47
N GLU NA 16 -12.59 -17.83 -9.63
CA GLU NA 16 -13.21 -17.66 -10.94
C GLU NA 16 -13.86 -16.29 -10.97
N ASN NA 17 -13.64 -15.55 -12.06
CA ASN NA 17 -14.02 -14.15 -12.13
C ASN NA 17 -15.53 -13.99 -12.03
N GLY NA 18 -15.96 -13.11 -11.14
CA GLY NA 18 -17.37 -12.80 -10.96
C GLY NA 18 -18.07 -13.61 -9.89
N LYS NA 19 -17.40 -14.62 -9.32
CA LYS NA 19 -17.96 -15.45 -8.27
C LYS NA 19 -17.31 -15.15 -6.93
N SER NA 20 -18.14 -15.03 -5.89
CA SER NA 20 -17.66 -14.70 -4.55
C SER NA 20 -16.72 -15.78 -4.03
N ASN NA 21 -15.50 -15.39 -3.75
CA ASN NA 21 -14.48 -16.22 -3.15
C ASN NA 21 -14.04 -15.56 -1.84
N PHE NA 22 -12.95 -16.05 -1.26
CA PHE NA 22 -12.46 -15.47 -0.01
C PHE NA 22 -10.93 -15.42 -0.04
N LEU NA 23 -10.38 -14.28 0.33
CA LEU NA 23 -8.96 -14.00 0.25
C LEU NA 23 -8.30 -14.29 1.59
N ASN NA 24 -7.35 -15.22 1.61
CA ASN NA 24 -6.68 -15.65 2.83
C ASN NA 24 -5.24 -15.17 2.85
N CYS NA 25 -4.83 -14.63 4.01
CA CYS NA 25 -3.42 -14.40 4.30
C CYS NA 25 -3.06 -15.16 5.57
N TYR NA 26 -2.15 -16.10 5.46
CA TYR NA 26 -1.82 -17.03 6.55
C TYR NA 26 -0.38 -16.78 6.97
N VAL NA 27 -0.19 -16.11 8.09
CA VAL NA 27 1.11 -15.86 8.67
C VAL NA 27 1.39 -16.92 9.74
N SER NA 28 2.59 -17.51 9.69
CA SER NA 28 2.92 -18.61 10.58
C SER NA 28 4.41 -18.57 10.91
N GLY NA 29 4.78 -19.32 11.93
CA GLY NA 29 6.20 -19.46 12.26
C GLY NA 29 6.89 -18.22 12.78
N PHE NA 30 6.15 -17.29 13.39
CA PHE NA 30 6.71 -16.04 13.87
C PHE NA 30 6.68 -15.96 15.39
N HIS NA 31 7.51 -15.06 15.93
CA HIS NA 31 7.61 -14.83 17.37
C HIS NA 31 8.29 -13.49 17.58
N PRO NA 32 7.80 -12.64 18.50
CA PRO NA 32 6.63 -12.81 19.38
C PRO NA 32 5.28 -12.70 18.66
N SER NA 33 4.20 -12.56 19.42
CA SER NA 33 2.86 -12.74 18.87
C SER NA 33 2.37 -11.53 18.09
N ASP NA 34 2.85 -10.32 18.43
CA ASP NA 34 2.38 -9.10 17.78
C ASP NA 34 2.67 -9.05 16.28
N ILE NA 35 1.63 -9.06 15.48
CA ILE NA 35 1.76 -9.00 14.03
C ILE NA 35 0.62 -8.14 13.49
N GLU NA 36 0.90 -7.39 12.43
CA GLU NA 36 -0.11 -6.60 11.73
C GLU NA 36 -0.25 -7.17 10.32
N VAL NA 37 -1.48 -7.45 9.92
CA VAL NA 37 -1.75 -8.03 8.61
C VAL NA 37 -2.92 -7.29 8.00
N ASP NA 38 -2.76 -6.86 6.75
CA ASP NA 38 -3.84 -6.23 6.00
C ASP NA 38 -3.98 -6.89 4.64
N LEU NA 39 -5.18 -6.82 4.11
CA LEU NA 39 -5.47 -7.22 2.73
C LEU NA 39 -5.68 -5.95 1.89
N LEU NA 40 -5.24 -6.03 0.64
CA LEU NA 40 -5.16 -4.86 -0.23
C LEU NA 40 -5.93 -5.12 -1.52
N LYS NA 41 -6.97 -4.32 -1.76
CA LYS NA 41 -7.64 -4.31 -3.06
C LYS NA 41 -7.02 -3.15 -3.82
N ASN NA 42 -5.99 -3.47 -4.61
CA ASN NA 42 -5.25 -2.50 -5.39
C ASN NA 42 -4.63 -1.41 -4.51
N GLY NA 43 -3.83 -1.87 -3.55
CA GLY NA 43 -3.05 -1.00 -2.68
C GLY NA 43 -3.80 -0.28 -1.58
N GLU NA 44 -5.12 -0.39 -1.51
CA GLU NA 44 -5.87 0.21 -0.42
C GLU NA 44 -6.25 -0.86 0.61
N ARG NA 45 -6.37 -0.43 1.86
CA ARG NA 45 -6.56 -1.37 2.96
C ARG NA 45 -8.02 -1.81 2.98
N ILE NA 46 -8.26 -3.11 2.80
CA ILE NA 46 -9.61 -3.64 2.80
C ILE NA 46 -10.10 -3.71 4.24
N GLU NA 47 -11.28 -3.14 4.49
CA GLU NA 47 -11.71 -2.94 5.87
C GLU NA 47 -12.45 -4.16 6.44
N LYS NA 48 -13.36 -4.78 5.68
CA LYS NA 48 -14.18 -5.87 6.20
C LYS NA 48 -13.36 -7.16 6.29
N VAL NA 49 -12.38 -7.15 7.18
CA VAL NA 49 -11.45 -8.27 7.36
C VAL NA 49 -11.50 -8.72 8.81
N GLU NA 50 -11.70 -10.02 9.01
CA GLU NA 50 -11.51 -10.66 10.30
C GLU NA 50 -10.29 -11.57 10.24
N HIS NA 51 -9.92 -12.11 11.41
CA HIS NA 51 -8.75 -12.94 11.55
C HIS NA 51 -9.08 -14.15 12.40
N SER NA 52 -8.18 -15.13 12.37
CA SER NA 52 -8.37 -16.27 13.25
C SER NA 52 -7.88 -15.91 14.64
N ASP NA 53 -8.04 -16.84 15.57
CA ASP NA 53 -7.59 -16.64 16.94
C ASP NA 53 -6.22 -17.28 17.14
N LEU NA 54 -5.41 -16.65 17.98
CA LEU NA 54 -3.98 -16.95 18.09
C LEU NA 54 -3.74 -18.35 18.64
N SER NA 55 -3.30 -19.26 17.77
CA SER NA 55 -2.83 -20.60 18.14
C SER NA 55 -1.35 -20.72 17.79
N PHE NA 56 -0.73 -21.81 18.25
CA PHE NA 56 0.69 -22.05 17.99
C PHE NA 56 0.94 -23.52 17.70
N SER NA 57 2.12 -23.77 17.12
CA SER NA 57 2.54 -25.07 16.62
C SER NA 57 3.47 -25.79 17.59
N LYS NA 58 4.21 -26.78 17.08
CA LYS NA 58 5.10 -27.57 17.91
C LYS NA 58 6.24 -26.74 18.49
N ASP NA 59 6.82 -25.85 17.69
CA ASP NA 59 7.94 -25.00 18.11
C ASP NA 59 7.50 -23.72 18.81
N TRP NA 60 6.26 -23.65 19.29
CA TRP NA 60 5.69 -22.48 19.98
C TRP NA 60 5.55 -21.27 19.08
N SER NA 61 5.74 -21.42 17.77
CA SER NA 61 5.60 -20.32 16.83
C SER NA 61 4.14 -20.09 16.48
N PHE NA 62 3.69 -18.83 16.57
CA PHE NA 62 2.29 -18.50 16.39
C PHE NA 62 1.89 -18.59 14.92
N TYR NA 63 0.58 -18.56 14.67
CA TYR NA 63 0.05 -18.50 13.32
C TYR NA 63 -1.37 -17.92 13.34
N LEU NA 64 -1.65 -17.08 12.35
CA LEU NA 64 -2.95 -16.42 12.20
C LEU NA 64 -3.37 -16.50 10.73
N LEU NA 65 -4.68 -16.40 10.50
CA LEU NA 65 -5.21 -16.32 9.15
C LEU NA 65 -6.17 -15.14 9.09
N TYR NA 66 -5.84 -14.15 8.26
CA TYR NA 66 -6.72 -13.01 7.98
C TYR NA 66 -7.37 -13.25 6.63
N TYR NA 67 -8.69 -13.07 6.59
CA TYR NA 67 -9.50 -13.42 5.43
C TYR NA 67 -10.51 -12.31 5.15
N THR NA 68 -10.91 -12.21 3.88
CA THR NA 68 -11.92 -11.24 3.48
C THR NA 68 -12.70 -11.78 2.30
N GLU NA 69 -14.00 -11.47 2.27
CA GLU NA 69 -14.81 -11.72 1.10
C GLU NA 69 -14.35 -10.81 -0.03
N PHE NA 70 -14.17 -11.38 -1.22
CA PHE NA 70 -13.79 -10.57 -2.36
C PHE NA 70 -14.23 -11.25 -3.64
N THR NA 71 -14.57 -10.45 -4.64
CA THR NA 71 -14.93 -10.98 -5.95
C THR NA 71 -13.84 -10.62 -6.94
N PRO NA 72 -12.92 -11.55 -7.25
CA PRO NA 72 -11.80 -11.20 -8.13
C PRO NA 72 -12.24 -11.04 -9.58
N THR NA 73 -11.69 -10.02 -10.23
CA THR NA 73 -11.77 -9.83 -11.67
C THR NA 73 -10.36 -10.06 -12.26
N GLU NA 74 -10.17 -9.63 -13.51
CA GLU NA 74 -8.85 -9.73 -14.14
C GLU NA 74 -7.99 -8.50 -13.91
N LYS NA 75 -8.61 -7.34 -13.70
CA LYS NA 75 -7.89 -6.09 -13.46
C LYS NA 75 -7.60 -5.85 -11.98
N ASP NA 76 -8.53 -6.20 -11.09
CA ASP NA 76 -8.29 -6.16 -9.65
C ASP NA 76 -7.17 -7.13 -9.25
N GLU NA 77 -6.12 -6.59 -8.63
CA GLU NA 77 -5.06 -7.41 -8.08
C GLU NA 77 -5.00 -7.18 -6.57
N TYR NA 78 -5.09 -8.28 -5.81
CA TYR NA 78 -5.15 -8.25 -4.35
C TYR NA 78 -3.81 -8.68 -3.75
N ALA NA 79 -3.59 -8.25 -2.52
CA ALA NA 79 -2.31 -8.48 -1.87
C ALA NA 79 -2.48 -8.47 -0.35
N CYS NA 80 -1.44 -8.94 0.33
CA CYS NA 80 -1.41 -9.01 1.79
C CYS NA 80 -0.11 -8.38 2.30
N ARG NA 81 -0.24 -7.42 3.20
CA ARG NA 81 0.89 -6.75 3.82
C ARG NA 81 1.01 -7.19 5.27
N VAL NA 82 2.23 -7.58 5.68
CA VAL NA 82 2.49 -8.17 6.98
C VAL NA 82 3.70 -7.47 7.56
N ASN NA 83 3.48 -6.70 8.62
CA ASN NA 83 4.56 -6.05 9.36
C ASN NA 83 4.82 -6.82 10.65
N HIS NA 84 6.08 -6.85 11.06
CA HIS NA 84 6.50 -7.60 12.23
C HIS NA 84 7.63 -6.87 12.92
N VAL NA 85 7.97 -7.32 14.13
CA VAL NA 85 9.13 -6.76 14.81
C VAL NA 85 10.42 -7.18 14.09
N THR NA 86 10.44 -8.37 13.51
CA THR NA 86 11.57 -8.83 12.71
C THR NA 86 11.59 -8.23 11.31
N LEU NA 87 10.56 -7.47 10.94
CA LEU NA 87 10.48 -6.87 9.61
C LEU NA 87 10.66 -5.36 9.74
N SER NA 88 11.75 -4.87 9.16
CA SER NA 88 12.05 -3.43 9.18
C SER NA 88 11.03 -2.64 8.37
N GLN NA 89 10.73 -3.10 7.15
CA GLN NA 89 9.67 -2.55 6.33
C GLN NA 89 8.61 -3.61 6.07
N PRO NA 90 7.34 -3.22 6.02
CA PRO NA 90 6.27 -4.21 5.85
C PRO NA 90 6.47 -5.08 4.61
N LYS NA 91 6.44 -6.39 4.81
CA LYS NA 91 6.39 -7.32 3.69
C LYS NA 91 5.05 -7.19 2.98
N ILE NA 92 5.06 -7.34 1.67
CA ILE NA 92 3.83 -7.39 0.90
C ILE NA 92 3.88 -8.63 0.01
N VAL NA 93 2.86 -9.46 0.11
CA VAL NA 93 2.73 -10.66 -0.72
C VAL NA 93 1.43 -10.52 -1.46
N LYS NA 94 1.50 -10.38 -2.78
CA LYS NA 94 0.29 -10.21 -3.56
C LYS NA 94 -0.35 -11.56 -3.89
N TRP NA 95 -1.67 -11.56 -3.93
CA TRP NA 95 -2.44 -12.78 -4.16
C TRP NA 95 -2.26 -13.22 -5.60
N ASP NA 96 -1.70 -14.42 -5.79
CA ASP NA 96 -1.54 -14.98 -7.13
C ASP NA 96 -2.70 -15.89 -7.47
N ARG NA 97 -3.10 -15.86 -8.74
CA ARG NA 97 -4.17 -16.72 -9.23
C ARG NA 97 -3.77 -18.19 -9.27
N ASP NA 98 -2.48 -18.48 -9.30
CA ASP NA 98 -2.01 -19.86 -9.40
C ASP NA 98 -0.89 -20.14 -8.40
N MET NA 99 -1.05 -19.64 -7.17
CA MET NA 99 -0.14 -19.95 -6.07
C MET NA 99 -0.88 -20.01 -4.74
N SER OA 2 -8.05 -35.48 71.09
CA SER OA 2 -9.35 -35.19 71.68
C SER OA 2 -9.23 -35.12 73.20
N VAL OA 3 -8.00 -35.19 73.71
CA VAL OA 3 -7.75 -35.20 75.15
C VAL OA 3 -7.12 -33.87 75.54
N SER OA 4 -7.89 -33.04 76.25
CA SER OA 4 -7.38 -31.82 76.87
C SER OA 4 -7.69 -31.90 78.35
N THR OA 5 -6.65 -31.82 79.18
CA THR OA 5 -6.75 -32.17 80.59
C THR OA 5 -6.43 -30.96 81.47
N GLN OA 6 -7.30 -30.70 82.46
CA GLN OA 6 -7.13 -29.67 83.47
C GLN OA 6 -6.87 -30.28 84.84
N PRO OA 7 -6.16 -29.59 85.72
CA PRO OA 7 -6.03 -30.08 87.09
C PRO OA 7 -7.38 -30.08 87.78
N PRO OA 8 -7.56 -30.93 88.79
CA PRO OA 8 -8.90 -31.02 89.42
C PRO OA 8 -9.26 -29.77 90.21
N SER OA 9 -8.33 -29.24 91.00
CA SER OA 9 -8.59 -28.05 91.80
C SER OA 9 -7.30 -27.25 91.92
N VAL OA 10 -7.46 -25.94 92.08
CA VAL OA 10 -6.34 -25.02 92.31
C VAL OA 10 -6.68 -24.16 93.52
N SER OA 11 -5.82 -24.18 94.52
CA SER OA 11 -5.95 -23.35 95.70
C SER OA 11 -4.90 -22.26 95.64
N VAL OA 12 -5.32 -21.02 95.89
CA VAL OA 12 -4.45 -19.87 95.78
C VAL OA 12 -4.81 -18.89 96.89
N ALA OA 13 -3.80 -18.26 97.47
CA ALA OA 13 -4.06 -17.25 98.48
C ALA OA 13 -4.60 -15.99 97.79
N PRO OA 14 -5.47 -15.23 98.48
CA PRO OA 14 -6.01 -14.01 97.86
C PRO OA 14 -4.89 -13.04 97.50
N GLY OA 15 -5.08 -12.34 96.38
CA GLY OA 15 -4.08 -11.41 95.91
C GLY OA 15 -2.88 -12.03 95.22
N GLN OA 16 -2.73 -13.35 95.27
CA GLN OA 16 -1.63 -14.03 94.60
C GLN OA 16 -1.91 -14.08 93.10
N THR OA 17 -1.13 -14.87 92.38
CA THR OA 17 -1.38 -15.13 90.96
C THR OA 17 -1.70 -16.62 90.85
N ALA OA 18 -2.93 -16.92 90.44
CA ALA OA 18 -3.37 -18.30 90.25
C ALA OA 18 -3.04 -18.77 88.84
N ARG OA 19 -2.94 -20.08 88.67
CA ARG OA 19 -2.51 -20.64 87.39
C ARG OA 19 -3.20 -21.98 87.15
N ILE OA 20 -4.09 -22.01 86.15
CA ILE OA 20 -4.81 -23.21 85.77
C ILE OA 20 -4.35 -23.60 84.38
N THR OA 21 -3.95 -24.86 84.22
CA THR OA 21 -3.41 -25.37 82.96
C THR OA 21 -4.46 -26.17 82.19
N CYS OA 22 -4.25 -26.27 80.87
CA CYS OA 22 -5.11 -27.03 79.97
C CYS OA 22 -4.19 -27.77 79.00
N GLY OA 23 -3.62 -28.88 79.46
CA GLY OA 23 -2.63 -29.60 78.67
C GLY OA 23 -3.25 -30.47 77.59
N GLY OA 24 -2.55 -30.57 76.47
CA GLY OA 24 -3.02 -31.37 75.36
C GLY OA 24 -1.98 -31.49 74.26
N ASN OA 25 -2.00 -32.61 73.53
CA ASN OA 25 -1.02 -32.86 72.48
C ASN OA 25 -1.21 -31.85 71.35
N ASN OA 26 -0.21 -30.98 71.17
CA ASN OA 26 -0.28 -29.91 70.17
C ASN OA 26 -1.52 -29.06 70.38
N ILE OA 27 -1.83 -28.79 71.66
CA ILE OA 27 -2.92 -27.89 71.97
C ILE OA 27 -2.54 -26.45 71.63
N GLY OA 28 -1.23 -26.16 71.53
CA GLY OA 28 -0.79 -24.85 71.12
C GLY OA 28 -1.20 -24.46 69.71
N SER OA 29 -1.47 -25.43 68.86
CA SER OA 29 -1.90 -25.19 67.48
C SER OA 29 -3.42 -25.17 67.34
N LYS OA 30 -4.15 -25.38 68.41
CA LYS OA 30 -5.59 -25.26 68.43
C LYS OA 30 -6.00 -23.91 69.01
N SER OA 31 -7.25 -23.53 68.75
CA SER OA 31 -7.78 -22.27 69.28
C SER OA 31 -8.42 -22.56 70.64
N VAL OA 32 -7.74 -22.15 71.70
CA VAL OA 32 -8.13 -22.44 73.07
C VAL OA 32 -8.98 -21.31 73.62
N HIS OA 33 -10.01 -21.66 74.36
CA HIS OA 33 -10.85 -20.72 75.07
C HIS OA 33 -10.92 -21.13 76.53
N TRP OA 34 -11.41 -20.23 77.36
CA TRP OA 34 -11.55 -20.50 78.79
C TRP OA 34 -12.90 -19.95 79.24
N TYR OA 35 -13.60 -20.75 80.05
CA TYR OA 35 -14.87 -20.34 80.63
C TYR OA 35 -14.80 -20.48 82.13
N ARG OA 36 -15.38 -19.52 82.85
CA ARG OA 36 -15.46 -19.59 84.30
C ARG OA 36 -16.93 -19.78 84.68
N GLN OA 37 -17.21 -20.85 85.43
CA GLN OA 37 -18.56 -21.22 85.84
C GLN OA 37 -18.60 -21.28 87.36
N LYS OA 38 -19.32 -20.35 87.97
CA LYS OA 38 -19.57 -20.38 89.40
C LYS OA 38 -20.80 -21.23 89.69
N PRO OA 39 -20.90 -21.78 90.90
CA PRO OA 39 -22.03 -22.68 91.19
C PRO OA 39 -23.37 -22.00 90.95
N GLY OA 40 -24.25 -22.71 90.26
CA GLY OA 40 -25.59 -22.22 89.99
C GLY OA 40 -25.74 -21.34 88.78
N GLN OA 41 -24.65 -20.98 88.11
CA GLN OA 41 -24.75 -20.12 86.92
C GLN OA 41 -24.25 -20.88 85.69
N ALA OA 42 -24.44 -20.27 84.54
CA ALA OA 42 -23.93 -20.84 83.29
C ALA OA 42 -22.46 -20.49 83.14
N PRO OA 43 -21.73 -21.22 82.31
CA PRO OA 43 -20.35 -20.82 82.01
C PRO OA 43 -20.31 -19.48 81.29
N VAL OA 44 -19.25 -18.71 81.53
CA VAL OA 44 -19.06 -17.38 80.98
C VAL OA 44 -17.69 -17.28 80.34
N LEU OA 45 -17.63 -16.78 79.10
CA LEU OA 45 -16.38 -16.63 78.39
C LEU OA 45 -15.49 -15.58 79.06
N VAL OA 46 -14.25 -15.96 79.37
CA VAL OA 46 -13.33 -15.07 80.09
C VAL OA 46 -12.06 -14.85 79.30
N VAL OA 47 -11.71 -15.81 78.44
CA VAL OA 47 -10.55 -15.70 77.54
C VAL OA 47 -10.85 -16.49 76.28
N TYR OA 48 -10.67 -15.87 75.12
CA TYR OA 48 -10.89 -16.55 73.86
C TYR OA 48 -9.67 -16.40 72.95
N ASP OA 49 -9.48 -17.41 72.09
CA ASP OA 49 -8.34 -17.53 71.19
C ASP OA 49 -7.03 -17.25 71.93
N ASN OA 50 -6.71 -18.17 72.84
CA ASN OA 50 -5.49 -18.24 73.65
C ASN OA 50 -5.41 -17.19 74.74
N ASN OA 51 -5.44 -15.89 74.39
CA ASN OA 51 -5.14 -14.84 75.35
C ASN OA 51 -6.11 -13.66 75.38
N ALA OA 52 -6.95 -13.50 74.36
CA ALA OA 52 -7.78 -12.30 74.26
C ALA OA 52 -8.88 -12.30 75.31
N ARG OA 53 -9.16 -11.12 75.87
CA ARG OA 53 -10.19 -10.88 76.87
C ARG OA 53 -11.40 -10.16 76.27
N PRO OA 54 -12.61 -10.54 76.68
CA PRO OA 54 -13.81 -9.77 76.28
C PRO OA 54 -13.85 -8.38 76.87
N SER OA 55 -14.96 -7.68 76.62
CA SER OA 55 -15.10 -6.31 77.07
C SER OA 55 -15.13 -6.22 78.58
N GLY OA 56 -16.07 -6.93 79.22
CA GLY OA 56 -16.27 -6.78 80.65
C GLY OA 56 -15.21 -7.43 81.52
N ILE OA 57 -14.37 -8.28 80.94
CA ILE OA 57 -13.43 -9.07 81.74
C ILE OA 57 -12.26 -8.18 82.16
N PRO OA 58 -11.88 -8.18 83.45
CA PRO OA 58 -10.72 -7.38 83.87
C PRO OA 58 -9.41 -7.99 83.42
N GLU OA 59 -8.39 -7.14 83.28
CA GLU OA 59 -7.11 -7.59 82.73
C GLU OA 59 -6.32 -8.48 83.67
N ARG OA 60 -6.73 -8.63 84.95
CA ARG OA 60 -6.02 -9.53 85.85
C ARG OA 60 -5.99 -10.95 85.29
N ILE OA 61 -7.10 -11.38 84.71
CA ILE OA 61 -7.22 -12.69 84.08
C ILE OA 61 -6.65 -12.58 82.67
N SER OA 62 -5.62 -13.35 82.37
CA SER OA 62 -5.03 -13.38 81.04
C SER OA 62 -4.91 -14.83 80.60
N GLY OA 63 -4.91 -15.02 79.29
CA GLY OA 63 -4.83 -16.34 78.74
C GLY OA 63 -3.44 -16.63 78.20
N SER OA 64 -3.26 -17.88 77.78
CA SER OA 64 -1.98 -18.35 77.29
C SER OA 64 -2.19 -19.71 76.62
N ASN OA 65 -1.40 -19.95 75.58
CA ASN OA 65 -1.45 -21.21 74.85
C ASN OA 65 -0.22 -21.37 73.96
N PHE OA 66 0.65 -22.32 74.31
CA PHE OA 66 1.87 -22.52 73.55
C PHE OA 66 2.31 -23.97 73.72
N ALA OA 67 2.90 -24.53 72.66
CA ALA OA 67 3.40 -25.89 72.66
C ALA OA 67 2.30 -26.90 73.00
N ASN OA 68 2.32 -27.42 74.23
CA ASN OA 68 1.43 -28.50 74.65
C ASN OA 68 0.69 -28.16 75.93
N THR OA 69 0.50 -26.87 76.22
CA THR OA 69 -0.14 -26.47 77.48
C THR OA 69 -0.79 -25.11 77.31
N ALA OA 70 -2.12 -25.07 77.36
CA ALA OA 70 -2.83 -23.81 77.50
C ALA OA 70 -2.92 -23.46 78.98
N THR OA 71 -2.86 -22.16 79.28
CA THR OA 71 -2.78 -21.69 80.65
C THR OA 71 -3.67 -20.47 80.83
N LEU OA 72 -4.57 -20.54 81.80
CA LEU OA 72 -5.33 -19.38 82.24
C LEU OA 72 -4.69 -18.86 83.52
N THR OA 73 -4.38 -17.58 83.55
CA THR OA 73 -3.67 -16.96 84.67
C THR OA 73 -4.50 -15.82 85.24
N ILE OA 74 -4.73 -15.85 86.55
CA ILE OA 74 -5.45 -14.81 87.26
C ILE OA 74 -4.48 -14.14 88.23
N SER OA 75 -4.05 -12.92 87.91
CA SER OA 75 -3.18 -12.17 88.79
C SER OA 75 -4.01 -11.38 89.79
N ARG OA 76 -3.46 -11.22 91.00
CA ARG OA 76 -4.13 -10.54 92.12
C ARG OA 76 -5.53 -11.13 92.33
N VAL OA 77 -5.51 -12.36 92.86
CA VAL OA 77 -6.73 -13.16 92.98
C VAL OA 77 -7.71 -12.49 93.93
N GLU OA 78 -8.95 -12.34 93.47
CA GLU OA 78 -10.06 -11.83 94.25
C GLU OA 78 -10.95 -12.97 94.75
N ALA OA 79 -11.86 -12.62 95.67
CA ALA OA 79 -12.83 -13.59 96.16
C ALA OA 79 -13.78 -14.02 95.05
N GLY OA 80 -14.10 -13.11 94.13
CA GLY OA 80 -14.98 -13.40 93.01
C GLY OA 80 -14.40 -14.30 91.95
N ASP OA 81 -13.15 -14.75 92.10
CA ASP OA 81 -12.53 -15.69 91.18
C ASP OA 81 -12.78 -17.17 91.55
N GLU OA 82 -13.49 -17.44 92.64
CA GLU OA 82 -13.84 -18.81 93.01
C GLU OA 82 -14.89 -19.37 92.06
N ALA OA 83 -14.53 -20.41 91.30
CA ALA OA 83 -15.45 -21.07 90.38
C ALA OA 83 -14.77 -22.30 89.80
N ASP OA 84 -15.53 -23.01 88.94
CA ASP OA 84 -14.99 -24.07 88.10
C ASP OA 84 -14.56 -23.46 86.77
N TYR OA 85 -13.45 -23.96 86.23
CA TYR OA 85 -12.89 -23.42 84.99
C TYR OA 85 -12.73 -24.55 83.98
N TYR OA 86 -13.40 -24.42 82.85
CA TYR OA 86 -13.34 -25.41 81.77
C TYR OA 86 -12.73 -24.74 80.55
N CYS OA 87 -11.71 -25.37 79.97
CA CYS OA 87 -11.14 -24.91 78.71
C CYS OA 87 -11.86 -25.56 77.53
N HIS OA 88 -11.69 -24.95 76.37
CA HIS OA 88 -12.45 -25.29 75.17
C HIS OA 88 -11.49 -25.30 74.00
N VAL OA 89 -11.38 -26.44 73.31
CA VAL OA 89 -10.64 -26.54 72.08
C VAL OA 89 -11.52 -27.20 71.03
N TRP OA 90 -11.03 -27.23 69.79
CA TRP OA 90 -11.69 -27.97 68.73
C TRP OA 90 -10.66 -28.90 68.12
N ASP OA 91 -10.88 -30.21 68.26
CA ASP OA 91 -9.97 -31.19 67.67
C ASP OA 91 -10.32 -31.29 66.19
N SER OA 92 -9.49 -30.66 65.35
CA SER OA 92 -9.75 -30.63 63.92
C SER OA 92 -9.92 -32.02 63.35
N SER OA 93 -9.05 -32.95 63.77
CA SER OA 93 -9.08 -34.32 63.26
C SER OA 93 -9.98 -35.24 64.08
N SER OA 94 -11.00 -34.69 64.76
CA SER OA 94 -11.92 -35.52 65.54
C SER OA 94 -13.39 -35.16 65.37
N ASP OA 95 -13.72 -33.99 64.82
CA ASP OA 95 -15.11 -33.50 64.76
C ASP OA 95 -15.75 -33.46 66.14
N HIS OA 96 -14.97 -33.05 67.15
CA HIS OA 96 -15.43 -33.00 68.53
C HIS OA 96 -14.88 -31.76 69.21
N VAL OA 97 -15.76 -30.96 69.79
CA VAL OA 97 -15.31 -29.89 70.68
C VAL OA 97 -15.03 -30.50 72.04
N VAL OA 98 -13.89 -30.16 72.61
CA VAL OA 98 -13.34 -30.87 73.76
C VAL OA 98 -13.22 -29.89 74.92
N PHE OA 99 -14.04 -30.07 75.93
CA PHE OA 99 -13.87 -29.30 77.15
C PHE OA 99 -12.83 -29.97 78.04
N GLY OA 100 -12.16 -29.15 78.84
CA GLY OA 100 -11.26 -29.71 79.83
C GLY OA 100 -12.02 -30.30 80.99
N GLY OA 101 -11.28 -31.02 81.84
CA GLY OA 101 -11.92 -31.66 82.98
C GLY OA 101 -12.51 -30.69 83.98
N GLY OA 102 -12.01 -29.46 84.01
CA GLY OA 102 -12.48 -28.48 84.97
C GLY OA 102 -11.61 -28.39 86.20
N THR OA 103 -11.44 -27.18 86.69
CA THR OA 103 -10.67 -26.91 87.90
C THR OA 103 -11.48 -26.01 88.80
N LYS OA 104 -11.75 -26.46 90.02
CA LYS OA 104 -12.46 -25.62 90.98
C LYS OA 104 -11.41 -24.74 91.65
N LEU OA 105 -11.31 -23.50 91.20
CA LEU OA 105 -10.36 -22.56 91.75
C LEU OA 105 -10.91 -22.02 93.07
N THR OA 106 -10.15 -22.23 94.14
CA THR OA 106 -10.51 -21.80 95.48
C THR OA 106 -9.56 -20.67 95.89
N VAL OA 107 -10.13 -19.53 96.26
CA VAL OA 107 -9.38 -18.44 96.84
C VAL OA 107 -9.64 -18.54 98.33
N LEU OA 108 -8.80 -19.31 99.00
CA LEU OA 108 -8.95 -19.67 100.41
C LEU OA 108 -9.04 -18.60 101.50
N GLY OA 109 -10.17 -18.62 102.23
CA GLY OA 109 -10.31 -17.75 103.37
C GLY OA 109 -9.96 -18.46 104.66
N GLN OA 110 -10.22 -19.75 104.74
CA GLN OA 110 -9.78 -20.53 105.88
C GLN OA 110 -8.36 -21.01 105.66
N PRO OA 111 -7.69 -21.50 106.71
CA PRO OA 111 -6.50 -22.31 106.51
C PRO OA 111 -6.89 -23.69 106.02
N LYS OA 112 -5.92 -24.59 105.85
CA LYS OA 112 -6.21 -25.91 105.32
C LYS OA 112 -6.34 -26.87 106.50
N ALA OA 113 -7.47 -27.57 106.55
CA ALA OA 113 -7.76 -28.53 107.61
C ALA OA 113 -7.98 -29.87 106.93
N ALA OA 114 -7.31 -30.89 107.41
CA ALA OA 114 -7.53 -32.22 106.85
C ALA OA 114 -8.92 -32.71 107.22
N PRO OA 115 -9.51 -33.60 106.42
CA PRO OA 115 -10.88 -33.99 106.68
C PRO OA 115 -10.96 -35.01 107.80
N SER OA 116 -12.09 -34.97 108.51
CA SER OA 116 -12.39 -35.97 109.52
C SER OA 116 -13.17 -37.11 108.86
N VAL OA 117 -12.56 -38.30 108.84
CA VAL OA 117 -13.15 -39.46 108.18
C VAL OA 117 -13.64 -40.42 109.25
N THR OA 118 -14.93 -40.75 109.20
CA THR OA 118 -15.55 -41.70 110.09
C THR OA 118 -16.24 -42.75 109.23
N LEU OA 119 -15.83 -44.01 109.39
CA LEU OA 119 -16.33 -45.11 108.57
C LEU OA 119 -17.28 -45.94 109.41
N PHE OA 120 -18.48 -46.18 108.87
CA PHE OA 120 -19.52 -46.94 109.55
C PHE OA 120 -19.74 -48.27 108.85
N PRO OA 121 -19.78 -49.38 109.60
CA PRO OA 121 -20.08 -50.68 109.00
C PRO OA 121 -21.56 -50.79 108.69
N PRO OA 122 -21.96 -51.78 107.90
CA PRO OA 122 -23.40 -51.98 107.69
C PRO OA 122 -24.02 -52.36 109.02
N SER OA 123 -25.16 -51.72 109.33
CA SER OA 123 -25.81 -51.97 110.60
C SER OA 123 -26.34 -53.39 110.66
N SER OA 124 -26.50 -53.91 111.89
CA SER OA 124 -27.06 -55.25 112.04
C SER OA 124 -28.46 -55.31 111.44
N GLU OA 125 -29.21 -54.21 111.52
CA GLU OA 125 -30.51 -54.17 110.86
C GLU OA 125 -30.38 -54.27 109.36
N GLU OA 126 -29.39 -53.58 108.78
CA GLU OA 126 -29.24 -53.63 107.33
C GLU OA 126 -28.67 -54.97 106.88
N LEU OA 127 -27.81 -55.58 107.69
CA LEU OA 127 -27.29 -56.90 107.34
C LEU OA 127 -28.41 -57.92 107.26
N GLN OA 128 -29.35 -57.87 108.22
CA GLN OA 128 -30.52 -58.74 108.23
C GLN OA 128 -31.56 -58.34 107.17
N ALA OA 129 -31.35 -57.25 106.45
CA ALA OA 129 -32.15 -56.92 105.28
C ALA OA 129 -31.52 -57.43 103.99
N ASN OA 130 -30.52 -58.30 104.10
CA ASN OA 130 -29.82 -58.88 102.95
C ASN OA 130 -29.04 -57.83 102.16
N LYS OA 131 -28.60 -56.77 102.84
CA LYS OA 131 -27.75 -55.77 102.22
C LYS OA 131 -26.65 -55.38 103.20
N ALA OA 132 -25.61 -54.77 102.65
CA ALA OA 132 -24.48 -54.27 103.43
C ALA OA 132 -24.01 -52.99 102.76
N THR OA 133 -23.90 -51.92 103.54
CA THR OA 133 -23.52 -50.62 102.99
C THR OA 133 -22.53 -49.97 103.94
N LEU OA 134 -21.33 -49.71 103.44
CA LEU OA 134 -20.30 -49.03 104.18
C LEU OA 134 -20.45 -47.52 103.97
N VAL OA 135 -20.59 -46.78 105.06
CA VAL OA 135 -20.79 -45.33 105.01
C VAL OA 135 -19.48 -44.67 105.43
N CYS OA 136 -18.83 -44.01 104.48
CA CYS OA 136 -17.61 -43.25 104.74
C CYS OA 136 -17.96 -41.77 104.78
N LEU OA 137 -17.73 -41.16 105.94
CA LEU OA 137 -18.11 -39.77 106.19
C LEU OA 137 -16.88 -38.88 106.18
N ILE OA 138 -16.92 -37.84 105.35
CA ILE OA 138 -15.80 -36.91 105.19
C ILE OA 138 -16.30 -35.52 105.55
N SER OA 139 -15.65 -34.88 106.53
CA SER OA 139 -16.11 -33.59 107.00
C SER OA 139 -14.92 -32.77 107.49
N ASP OA 140 -15.11 -31.44 107.46
CA ASP OA 140 -14.17 -30.45 108.03
C ASP OA 140 -12.86 -30.38 107.26
N PHE OA 141 -12.96 -30.32 105.92
CA PHE OA 141 -11.78 -30.12 105.10
C PHE OA 141 -11.93 -28.85 104.27
N TYR OA 142 -10.78 -28.32 103.84
CA TYR OA 142 -10.76 -27.10 103.05
C TYR OA 142 -9.44 -26.99 102.28
N PRO OA 143 -9.48 -26.73 100.96
CA PRO OA 143 -10.67 -26.48 100.11
C PRO OA 143 -11.52 -27.72 99.88
N GLY OA 144 -12.71 -27.55 99.30
CA GLY OA 144 -13.63 -28.65 99.10
C GLY OA 144 -13.36 -29.51 97.89
N ALA OA 145 -12.32 -30.33 97.97
CA ALA OA 145 -11.95 -31.22 96.87
C ALA OA 145 -11.30 -32.45 97.47
N VAL OA 146 -11.98 -33.59 97.37
CA VAL OA 146 -11.49 -34.85 97.90
C VAL OA 146 -11.74 -35.96 96.87
N THR OA 147 -10.97 -37.04 97.02
CA THR OA 147 -11.12 -38.25 96.23
C THR OA 147 -11.15 -39.43 97.19
N VAL OA 148 -12.06 -40.37 96.94
CA VAL OA 148 -12.34 -41.45 97.86
C VAL OA 148 -11.91 -42.76 97.20
N ALA OA 149 -11.15 -43.57 97.94
CA ALA OA 149 -10.75 -44.90 97.51
C ALA OA 149 -11.16 -45.91 98.57
N TRP OA 150 -11.64 -47.06 98.11
CA TRP OA 150 -12.07 -48.13 98.99
C TRP OA 150 -11.10 -49.30 98.88
N LYS OA 151 -10.71 -49.86 100.02
CA LYS OA 151 -9.77 -50.96 100.09
C LYS OA 151 -10.39 -52.15 100.81
N ALA OA 152 -10.56 -53.26 100.09
CA ALA OA 152 -11.02 -54.51 100.66
C ALA OA 152 -9.80 -55.42 100.83
N ASP OA 153 -9.26 -55.46 102.05
CA ASP OA 153 -8.06 -56.25 102.37
C ASP OA 153 -6.87 -55.80 101.52
N SER OA 154 -6.53 -54.51 101.67
CA SER OA 154 -5.41 -53.89 100.95
C SER OA 154 -5.59 -53.96 99.44
N SER OA 155 -6.81 -54.18 98.97
CA SER OA 155 -7.10 -54.26 97.55
C SER OA 155 -8.21 -53.27 97.19
N PRO OA 156 -8.08 -52.57 96.07
CA PRO OA 156 -9.07 -51.54 95.73
C PRO OA 156 -10.44 -52.11 95.42
N VAL OA 157 -11.45 -51.26 95.61
CA VAL OA 157 -12.83 -51.59 95.32
C VAL OA 157 -13.33 -50.57 94.32
N LYS OA 158 -13.79 -51.05 93.16
CA LYS OA 158 -14.22 -50.14 92.11
C LYS OA 158 -15.72 -49.92 92.17
N ALA OA 159 -16.51 -50.86 91.62
CA ALA OA 159 -17.95 -50.67 91.56
C ALA OA 159 -18.56 -50.82 92.96
N GLY OA 160 -19.86 -50.50 93.06
CA GLY OA 160 -20.52 -50.49 94.33
C GLY OA 160 -20.25 -49.27 95.18
N VAL OA 161 -19.50 -48.30 94.66
CA VAL OA 161 -19.11 -47.10 95.39
C VAL OA 161 -19.96 -45.92 94.92
N GLU OA 162 -20.47 -45.15 95.88
CA GLU OA 162 -21.15 -43.88 95.64
C GLU OA 162 -20.43 -42.79 96.43
N THR OA 163 -20.36 -41.59 95.86
CA THR OA 163 -19.70 -40.48 96.53
C THR OA 163 -20.44 -39.18 96.25
N THR OA 164 -20.63 -38.39 97.29
CA THR OA 164 -21.33 -37.11 97.19
C THR OA 164 -20.41 -36.05 96.61
N THR OA 165 -21.02 -34.97 96.13
CA THR OA 165 -20.24 -33.78 95.84
C THR OA 165 -20.08 -32.96 97.12
N PRO OA 166 -18.88 -32.49 97.44
CA PRO OA 166 -18.70 -31.69 98.65
C PRO OA 166 -19.58 -30.45 98.64
N SER OA 167 -19.95 -29.99 99.84
CA SER OA 167 -20.74 -28.78 99.99
C SER OA 167 -20.34 -28.08 101.28
N LYS OA 168 -20.65 -26.79 101.35
CA LYS OA 168 -20.26 -25.99 102.52
C LYS OA 168 -21.03 -26.42 103.75
N GLN OA 169 -20.30 -26.52 104.87
CA GLN OA 169 -20.90 -26.81 106.17
C GLN OA 169 -21.49 -25.53 106.76
N SER OA 170 -21.84 -25.57 108.05
CA SER OA 170 -22.24 -24.36 108.73
C SER OA 170 -21.07 -23.38 108.83
N ASN OA 171 -19.90 -23.87 109.25
CA ASN OA 171 -18.71 -23.04 109.36
C ASN OA 171 -17.98 -22.89 108.02
N ASN OA 172 -18.68 -23.11 106.90
CA ASN OA 172 -18.19 -22.90 105.54
C ASN OA 172 -17.01 -23.77 105.16
N LYS OA 173 -16.60 -24.71 106.01
CA LYS OA 173 -15.78 -25.81 105.53
C LYS OA 173 -16.62 -26.75 104.69
N TYR OA 174 -15.98 -27.68 104.01
CA TYR OA 174 -16.72 -28.60 103.15
C TYR OA 174 -16.77 -29.99 103.76
N ALA OA 175 -17.74 -30.77 103.29
CA ALA OA 175 -17.96 -32.12 103.77
C ALA OA 175 -18.64 -32.95 102.68
N ALA OA 176 -18.39 -34.25 102.71
CA ALA OA 176 -18.98 -35.16 101.74
C ALA OA 176 -18.98 -36.57 102.31
N SER OA 177 -19.74 -37.45 101.68
CA SER OA 177 -19.90 -38.82 102.14
C SER OA 177 -19.69 -39.77 100.98
N SER OA 178 -19.21 -40.98 101.31
CA SER OA 178 -18.95 -42.02 100.33
C SER OA 178 -19.51 -43.34 100.82
N TYR OA 179 -20.34 -43.98 99.98
CA TYR OA 179 -21.00 -45.24 100.29
C TYR OA 179 -20.42 -46.36 99.45
N LEU OA 180 -20.25 -47.53 100.06
CA LEU OA 180 -19.84 -48.73 99.34
C LEU OA 180 -20.88 -49.81 99.61
N SER OA 181 -21.72 -50.09 98.61
CA SER OA 181 -22.73 -51.12 98.73
C SER OA 181 -22.12 -52.49 98.45
N LEU OA 182 -22.28 -53.40 99.42
CA LEU OA 182 -21.79 -54.77 99.32
C LEU OA 182 -22.94 -55.74 99.55
N THR OA 183 -22.72 -56.96 99.15
CA THR OA 183 -23.61 -57.99 99.67
C THR OA 183 -23.10 -58.46 101.03
N PRO OA 184 -23.98 -58.92 101.92
CA PRO OA 184 -23.52 -59.37 103.25
C PRO OA 184 -22.46 -60.46 103.18
N GLU OA 185 -22.42 -61.21 102.08
CA GLU OA 185 -21.38 -62.22 101.91
C GLU OA 185 -20.02 -61.59 101.61
N GLN OA 186 -19.98 -60.63 100.68
CA GLN OA 186 -18.72 -59.95 100.38
C GLN OA 186 -18.21 -59.17 101.59
N TRP OA 187 -19.13 -58.64 102.41
CA TRP OA 187 -18.72 -57.99 103.65
C TRP OA 187 -18.08 -58.97 104.62
N LYS OA 188 -18.50 -60.24 104.56
CA LYS OA 188 -17.93 -61.29 105.39
C LYS OA 188 -16.79 -62.03 104.71
N SER OA 189 -16.72 -61.98 103.38
CA SER OA 189 -15.68 -62.69 102.64
C SER OA 189 -14.29 -62.19 103.03
N HIS OA 190 -14.09 -60.88 103.00
CA HIS OA 190 -12.80 -60.27 103.28
C HIS OA 190 -12.69 -59.96 104.77
N ARG OA 191 -11.46 -59.83 105.24
CA ARG OA 191 -11.21 -59.67 106.67
C ARG OA 191 -11.32 -58.22 107.12
N SER OA 192 -11.07 -57.27 106.24
CA SER OA 192 -11.13 -55.85 106.61
C SER OA 192 -11.45 -55.01 105.38
N TYR OA 193 -12.13 -53.89 105.61
CA TYR OA 193 -12.40 -52.89 104.60
C TYR OA 193 -11.83 -51.54 105.03
N SER OA 194 -11.43 -50.74 104.04
CA SER OA 194 -10.80 -49.45 104.30
C SER OA 194 -11.29 -48.38 103.34
N CYS OA 195 -11.55 -47.19 103.88
CA CYS OA 195 -11.94 -46.02 103.10
C CYS OA 195 -10.79 -45.03 103.08
N GLN OA 196 -10.31 -44.68 101.88
CA GLN OA 196 -9.19 -43.78 101.68
C GLN OA 196 -9.70 -42.46 101.10
N VAL OA 197 -9.54 -41.38 101.86
CA VAL OA 197 -9.90 -40.03 101.42
C VAL OA 197 -8.62 -39.23 101.23
N THR OA 198 -8.48 -38.61 100.06
CA THR OA 198 -7.32 -37.79 99.74
C THR OA 198 -7.74 -36.33 99.64
N HIS OA 199 -6.95 -35.45 100.24
CA HIS OA 199 -7.27 -34.02 100.27
C HIS OA 199 -5.96 -33.26 100.31
N GLU OA 200 -5.65 -32.57 99.20
CA GLU OA 200 -4.42 -31.77 99.07
C GLU OA 200 -3.17 -32.64 99.26
N GLY OA 201 -3.11 -33.72 98.50
CA GLY OA 201 -1.94 -34.59 98.50
C GLY OA 201 -1.86 -35.59 99.64
N SER OA 202 -2.35 -35.22 100.81
CA SER OA 202 -2.34 -36.12 101.95
C SER OA 202 -3.63 -36.94 101.97
N THR OA 203 -3.53 -38.17 102.46
CA THR OA 203 -4.64 -39.12 102.45
C THR OA 203 -5.03 -39.51 103.86
N VAL OA 204 -6.34 -39.59 104.11
CA VAL OA 204 -6.90 -40.01 105.38
C VAL OA 204 -7.68 -41.28 105.15
N GLU OA 205 -7.49 -42.26 106.04
CA GLU OA 205 -7.95 -43.62 105.80
C GLU OA 205 -8.44 -44.24 107.10
N LYS OA 206 -9.48 -45.07 107.00
CA LYS OA 206 -10.03 -45.80 108.14
C LYS OA 206 -10.32 -47.26 107.79
N GLN PA 1 -27.36 -8.00 76.12
CA GLN PA 1 -28.76 -8.01 75.71
C GLN PA 1 -29.13 -9.34 75.04
N VAL PA 2 -28.11 -10.10 74.64
CA VAL PA 2 -28.34 -11.42 74.06
C VAL PA 2 -28.85 -12.35 75.15
N GLN PA 3 -30.00 -12.97 74.91
CA GLN PA 3 -30.62 -13.84 75.90
C GLN PA 3 -31.01 -15.17 75.24
N LEU PA 4 -30.71 -16.26 75.94
CA LEU PA 4 -31.07 -17.60 75.52
C LEU PA 4 -31.82 -18.27 76.66
N GLN PA 5 -32.91 -18.95 76.33
CA GLN PA 5 -33.80 -19.52 77.33
C GLN PA 5 -34.09 -20.97 76.96
N GLU PA 6 -33.56 -21.90 77.75
CA GLU PA 6 -33.81 -23.31 77.55
C GLU PA 6 -35.12 -23.72 78.21
N SER PA 7 -35.70 -24.81 77.70
CA SER PA 7 -36.99 -25.29 78.19
C SER PA 7 -37.19 -26.73 77.70
N GLY PA 8 -38.34 -27.30 78.05
CA GLY PA 8 -38.71 -28.63 77.63
C GLY PA 8 -38.20 -29.74 78.52
N GLY PA 9 -37.24 -29.45 79.40
CA GLY PA 9 -36.71 -30.42 80.32
C GLY PA 9 -37.66 -30.74 81.46
N GLY PA 10 -37.19 -31.62 82.32
CA GLY PA 10 -37.96 -32.05 83.47
C GLY PA 10 -37.51 -33.44 83.89
N VAL PA 11 -38.48 -34.24 84.32
CA VAL PA 11 -38.25 -35.62 84.75
C VAL PA 11 -38.93 -36.54 83.75
N VAL PA 12 -38.17 -37.44 83.15
CA VAL PA 12 -38.68 -38.39 82.18
C VAL PA 12 -38.37 -39.81 82.66
N GLN PA 13 -38.89 -40.78 81.94
CA GLN PA 13 -38.65 -42.17 82.21
C GLN PA 13 -37.81 -42.79 81.09
N PRO PA 14 -36.96 -43.79 81.39
CA PRO PA 14 -36.12 -44.36 80.35
C PRO PA 14 -36.92 -44.87 79.17
N GLY PA 15 -36.30 -44.85 77.99
CA GLY PA 15 -36.94 -45.23 76.76
C GLY PA 15 -37.71 -44.12 76.08
N GLY PA 16 -38.31 -43.21 76.85
CA GLY PA 16 -39.10 -42.16 76.28
C GLY PA 16 -38.29 -41.20 75.42
N SER PA 17 -39.01 -40.29 74.77
CA SER PA 17 -38.45 -39.24 73.94
C SER PA 17 -38.76 -37.88 74.54
N LEU PA 18 -37.85 -36.93 74.32
CA LEU PA 18 -37.96 -35.61 74.93
C LEU PA 18 -37.49 -34.57 73.94
N ARG PA 19 -38.12 -33.39 73.99
CA ARG PA 19 -37.81 -32.30 73.06
C ARG PA 19 -37.44 -31.06 73.87
N LEU PA 20 -36.19 -30.61 73.72
CA LEU PA 20 -35.72 -29.38 74.36
C LEU PA 20 -35.81 -28.22 73.38
N SER PA 21 -36.04 -27.01 73.92
CA SER PA 21 -36.18 -25.81 73.12
C SER PA 21 -35.41 -24.66 73.76
N CYS PA 22 -34.80 -23.84 72.90
CA CYS PA 22 -33.97 -22.71 73.31
C CYS PA 22 -34.50 -21.44 72.64
N ALA PA 23 -35.01 -20.51 73.44
CA ALA PA 23 -35.57 -19.27 72.93
C ALA PA 23 -34.47 -18.21 72.86
N ALA PA 24 -34.34 -17.58 71.69
CA ALA PA 24 -33.26 -16.63 71.44
C ALA PA 24 -33.81 -15.23 71.21
N SER PA 25 -33.08 -14.24 71.72
CA SER PA 25 -33.41 -12.83 71.52
C SER PA 25 -32.15 -12.00 71.70
N GLY PA 26 -32.08 -10.90 70.97
CA GLY PA 26 -30.97 -9.97 71.07
C GLY PA 26 -29.89 -10.14 70.02
N PHE PA 27 -30.19 -10.75 68.88
CA PHE PA 27 -29.28 -10.89 67.77
C PHE PA 27 -30.03 -11.51 66.60
N ASN PA 28 -29.52 -11.27 65.39
CA ASN PA 28 -30.07 -11.94 64.22
C ASN PA 28 -29.78 -13.42 64.30
N PHE PA 29 -30.70 -14.17 64.89
CA PHE PA 29 -30.53 -15.61 65.07
C PHE PA 29 -30.30 -16.30 63.73
N SER PA 30 -30.83 -15.75 62.64
CA SER PA 30 -30.71 -16.36 61.32
C SER PA 30 -29.29 -16.29 60.76
N ASN PA 31 -28.35 -15.62 61.43
CA ASN PA 31 -27.00 -15.42 60.92
C ASN PA 31 -25.93 -16.14 61.71
N TYR PA 32 -26.25 -16.73 62.85
CA TYR PA 32 -25.25 -17.30 63.76
C TYR PA 32 -25.45 -18.80 63.92
N GLY PA 33 -24.34 -19.50 64.23
CA GLY PA 33 -24.44 -20.88 64.61
C GLY PA 33 -24.90 -21.06 66.04
N MET PA 34 -25.48 -22.24 66.31
CA MET PA 34 -25.95 -22.59 67.65
C MET PA 34 -25.44 -23.98 68.03
N HIS PA 35 -25.25 -24.18 69.33
CA HIS PA 35 -24.70 -25.42 69.87
C HIS PA 35 -25.46 -25.81 71.13
N TRP PA 36 -25.46 -27.10 71.42
CA TRP PA 36 -25.95 -27.66 72.68
C TRP PA 36 -24.79 -28.30 73.43
N VAL PA 37 -24.61 -27.91 74.70
CA VAL PA 37 -23.56 -28.45 75.55
C VAL PA 37 -24.20 -28.82 76.90
N ARG PA 38 -24.07 -30.09 77.29
CA ARG PA 38 -24.67 -30.58 78.52
C ARG PA 38 -23.61 -30.78 79.60
N GLN PA 39 -24.08 -30.95 80.83
CA GLN PA 39 -23.20 -31.07 81.99
C GLN PA 39 -23.82 -32.07 82.95
N THR PA 40 -23.21 -33.25 83.06
CA THR PA 40 -23.63 -34.25 84.03
C THR PA 40 -23.43 -33.72 85.45
N PRO PA 41 -24.44 -33.79 86.32
CA PRO PA 41 -24.32 -33.21 87.66
C PRO PA 41 -23.10 -33.74 88.40
N GLY PA 42 -22.33 -32.82 88.97
CA GLY PA 42 -21.09 -33.17 89.65
C GLY PA 42 -19.94 -33.48 88.73
N LYS PA 43 -20.10 -33.24 87.42
CA LYS PA 43 -19.09 -33.55 86.41
C LYS PA 43 -18.84 -32.32 85.54
N GLY PA 44 -17.97 -32.49 84.56
CA GLY PA 44 -17.58 -31.42 83.68
C GLY PA 44 -18.59 -31.11 82.59
N LEU PA 45 -18.23 -30.13 81.76
CA LEU PA 45 -19.02 -29.76 80.61
C LEU PA 45 -18.80 -30.77 79.49
N GLU PA 46 -19.84 -31.00 78.69
CA GLU PA 46 -19.76 -31.97 77.60
C GLU PA 46 -20.50 -31.46 76.37
N TRP PA 47 -19.81 -31.43 75.23
CA TRP PA 47 -20.48 -31.00 74.00
C TRP PA 47 -21.41 -32.09 73.52
N VAL PA 48 -22.62 -31.71 73.11
CA VAL PA 48 -23.64 -32.67 72.69
C VAL PA 48 -23.78 -32.69 71.18
N ALA PA 49 -24.35 -31.64 70.61
CA ALA PA 49 -24.56 -31.56 69.18
C ALA PA 49 -24.61 -30.08 68.79
N SER PA 50 -24.52 -29.83 67.49
CA SER PA 50 -24.53 -28.44 67.02
C SER PA 50 -25.00 -28.40 65.58
N ILE PA 51 -25.43 -27.21 65.18
CA ILE PA 51 -26.05 -27.00 63.87
C ILE PA 51 -25.63 -25.63 63.37
N PRO PA 52 -25.25 -25.49 62.09
CA PRO PA 52 -24.81 -24.19 61.57
C PRO PA 52 -25.93 -23.15 61.51
N TYR PA 53 -25.62 -22.01 60.90
CA TYR PA 53 -26.57 -20.88 60.89
C TYR PA 53 -27.85 -21.22 60.12
N ASP PA 54 -27.77 -22.07 59.10
CA ASP PA 54 -28.92 -22.34 58.26
C ASP PA 54 -29.58 -23.68 58.53
N GLY PA 55 -28.89 -24.60 59.20
CA GLY PA 55 -29.37 -25.95 59.36
C GLY PA 55 -28.92 -26.94 58.30
N SER PA 56 -27.98 -26.56 57.43
CA SER PA 56 -27.51 -27.45 56.37
C SER PA 56 -27.12 -28.83 56.90
N HIS PA 57 -26.11 -28.86 57.76
CA HIS PA 57 -25.61 -30.11 58.32
C HIS PA 57 -26.00 -30.25 59.79
N GLN PA 58 -25.44 -31.27 60.42
CA GLN PA 58 -25.81 -31.64 61.78
C GLN PA 58 -24.61 -32.35 62.40
N TRP PA 59 -23.96 -31.69 63.34
CA TRP PA 59 -22.81 -32.26 64.05
C TRP PA 59 -23.26 -33.02 65.28
N HIS PA 60 -22.74 -34.23 65.43
CA HIS PA 60 -23.12 -35.13 66.52
C HIS PA 60 -21.86 -35.49 67.30
N ALA PA 61 -21.93 -35.38 68.61
CA ALA PA 61 -20.92 -36.04 69.42
C ALA PA 61 -21.18 -37.54 69.38
N ASP PA 62 -20.12 -38.31 69.59
CA ASP PA 62 -20.26 -39.75 69.40
C ASP PA 62 -21.07 -40.39 70.52
N SER PA 63 -21.03 -39.81 71.72
CA SER PA 63 -21.76 -40.38 72.85
C SER PA 63 -23.28 -40.29 72.68
N VAL PA 64 -23.76 -39.45 71.77
CA VAL PA 64 -25.19 -39.29 71.58
C VAL PA 64 -25.55 -39.48 70.11
N LYS PA 65 -24.63 -40.01 69.32
CA LYS PA 65 -24.87 -40.15 67.89
C LYS PA 65 -25.91 -41.23 67.61
N GLY PA 66 -26.77 -40.97 66.63
CA GLY PA 66 -27.84 -41.88 66.29
C GLY PA 66 -29.08 -41.69 67.14
N ARG PA 67 -28.89 -41.33 68.42
CA ARG PA 67 -30.01 -41.17 69.33
C ARG PA 67 -30.54 -39.74 69.36
N PHE PA 68 -29.66 -38.75 69.27
CA PHE PA 68 -30.05 -37.35 69.31
C PHE PA 68 -30.17 -36.78 67.91
N THR PA 69 -31.04 -35.78 67.77
CA THR PA 69 -31.16 -35.00 66.55
C THR PA 69 -31.45 -33.54 66.92
N ILE PA 70 -30.63 -32.64 66.39
CA ILE PA 70 -30.72 -31.22 66.69
C ILE PA 70 -31.29 -30.48 65.47
N SER PA 71 -32.20 -29.54 65.72
CA SER PA 71 -32.83 -28.76 64.67
C SER PA 71 -33.01 -27.33 65.14
N ARG PA 72 -33.35 -26.45 64.19
CA ARG PA 72 -33.58 -25.05 64.50
C ARG PA 72 -34.68 -24.50 63.62
N ASP PA 73 -35.37 -23.47 64.13
CA ASP PA 73 -36.35 -22.71 63.35
C ASP PA 73 -35.95 -21.25 63.37
N ASN PA 74 -35.41 -20.77 62.25
CA ASN PA 74 -34.92 -19.39 62.16
C ASN PA 74 -36.07 -18.39 62.18
N SER PA 75 -37.25 -18.79 61.71
CA SER PA 75 -38.40 -17.89 61.72
C SER PA 75 -38.98 -17.72 63.12
N LYS PA 76 -38.69 -18.63 64.04
CA LYS PA 76 -39.20 -18.54 65.40
C LYS PA 76 -38.16 -18.15 66.44
N ASN PA 77 -36.88 -18.05 66.06
CA ASN PA 77 -35.78 -17.81 67.00
C ASN PA 77 -35.78 -18.86 68.12
N THR PA 78 -35.82 -20.12 67.71
CA THR PA 78 -35.87 -21.23 68.67
C THR PA 78 -34.96 -22.35 68.20
N LEU PA 79 -34.11 -22.82 69.10
CA LEU PA 79 -33.23 -23.95 68.87
C LEU PA 79 -33.76 -25.19 69.56
N TYR PA 80 -33.74 -26.32 68.87
CA TYR PA 80 -34.31 -27.56 69.38
C TYR PA 80 -33.28 -28.67 69.46
N LEU PA 81 -33.43 -29.52 70.47
CA LEU PA 81 -32.64 -30.74 70.64
C LEU PA 81 -33.58 -31.90 70.90
N GLN PA 82 -33.62 -32.86 69.98
CA GLN PA 82 -34.46 -34.04 70.12
C GLN PA 82 -33.64 -35.18 70.74
N ILE PA 83 -34.13 -35.73 71.84
CA ILE PA 83 -33.52 -36.85 72.52
C ILE PA 83 -34.45 -38.05 72.39
N ASN PA 84 -33.95 -39.13 71.80
CA ASN PA 84 -34.70 -40.37 71.64
C ASN PA 84 -34.02 -41.48 72.43
N SER PA 85 -34.83 -42.38 72.98
CA SER PA 85 -34.36 -43.46 73.84
C SER PA 85 -33.50 -42.92 74.98
N LEU PA 86 -34.15 -42.10 75.81
CA LEU PA 86 -33.50 -41.52 76.97
C LEU PA 86 -32.91 -42.61 77.87
N ARG PA 87 -31.78 -42.31 78.47
CA ARG PA 87 -31.10 -43.21 79.37
C ARG PA 87 -30.76 -42.43 80.63
N PRO PA 88 -30.46 -43.11 81.74
CA PRO PA 88 -29.98 -42.39 82.93
C PRO PA 88 -28.70 -41.61 82.68
N GLU PA 89 -27.92 -41.99 81.66
CA GLU PA 89 -26.70 -41.27 81.33
C GLU PA 89 -26.98 -39.89 80.77
N ASP PA 90 -28.14 -39.68 80.15
CA ASP PA 90 -28.52 -38.37 79.62
C ASP PA 90 -28.95 -37.40 80.71
N THR PA 91 -28.94 -37.85 81.97
CA THR PA 91 -29.23 -36.99 83.11
C THR PA 91 -28.12 -35.95 83.22
N ALA PA 92 -28.45 -34.71 82.89
CA ALA PA 92 -27.49 -33.60 82.84
C ALA PA 92 -28.27 -32.32 82.58
N MET PA 93 -27.61 -31.19 82.82
CA MET PA 93 -28.18 -29.90 82.44
C MET PA 93 -27.81 -29.59 81.00
N TYR PA 94 -28.77 -29.06 80.26
CA TYR PA 94 -28.62 -28.85 78.81
C TYR PA 94 -28.62 -27.35 78.52
N TYR PA 95 -27.44 -26.82 78.23
CA TYR PA 95 -27.25 -25.43 77.85
C TYR PA 95 -27.27 -25.26 76.34
N CYS PA 96 -27.77 -24.11 75.87
CA CYS PA 96 -27.65 -23.72 74.47
C CYS PA 96 -26.82 -22.45 74.40
N SER PA 97 -25.91 -22.40 73.43
CA SER PA 97 -25.00 -21.27 73.30
C SER PA 97 -24.92 -20.87 71.83
N LYS PA 98 -24.61 -19.59 71.62
CA LYS PA 98 -24.70 -18.92 70.33
C LYS PA 98 -23.29 -18.71 69.79
N ALA PA 99 -22.96 -19.40 68.70
CA ALA PA 99 -21.67 -19.18 68.06
C ALA PA 99 -21.41 -17.68 67.87
N ARG PA 100 -20.27 -17.22 68.37
CA ARG PA 100 -19.92 -15.80 68.30
C ARG PA 100 -19.77 -15.26 66.88
N ILE PA 101 -19.15 -16.04 65.99
CA ILE PA 101 -18.92 -15.63 64.62
C ILE PA 101 -20.05 -16.17 63.75
N SER PA 102 -20.32 -15.48 62.66
CA SER PA 102 -21.40 -15.82 61.77
C SER PA 102 -20.93 -16.81 60.70
N TYR PA 103 -21.91 -17.43 60.03
CA TYR PA 103 -21.70 -18.24 58.82
C TYR PA 103 -20.73 -19.39 59.01
N LEU PA 104 -20.45 -19.85 60.23
CA LEU PA 104 -19.58 -21.00 60.36
C LEU PA 104 -20.27 -22.24 59.76
N SER PA 105 -19.61 -22.87 58.81
CA SER PA 105 -20.16 -24.07 58.23
C SER PA 105 -19.89 -25.29 59.10
N ALA PA 106 -19.16 -25.12 60.20
CA ALA PA 106 -18.78 -26.18 61.13
C ALA PA 106 -18.56 -25.53 62.48
N PRO PA 107 -18.84 -26.24 63.58
CA PRO PA 107 -18.82 -25.60 64.91
C PRO PA 107 -17.43 -25.52 65.55
N ALA PA 108 -16.60 -24.59 65.06
CA ALA PA 108 -15.19 -24.57 65.46
C ALA PA 108 -14.84 -23.47 66.46
N TRP PA 109 -15.49 -22.32 66.40
CA TRP PA 109 -15.04 -21.16 67.15
C TRP PA 109 -15.81 -21.05 68.47
N TRP PA 110 -15.34 -20.16 69.35
CA TRP PA 110 -15.83 -20.12 70.73
C TRP PA 110 -17.32 -19.79 70.82
N PHE PA 111 -17.95 -20.27 71.91
CA PHE PA 111 -19.39 -20.13 72.14
C PHE PA 111 -19.67 -19.11 73.25
N ASP PA 112 -20.29 -17.98 72.90
CA ASP PA 112 -20.89 -17.14 73.93
C ASP PA 112 -22.17 -16.52 73.37
N PRO PA 113 -23.17 -16.23 74.22
CA PRO PA 113 -23.29 -16.48 75.66
C PRO PA 113 -24.00 -17.79 75.94
N TRP PA 114 -23.93 -18.29 77.18
CA TRP PA 114 -24.59 -19.53 77.56
C TRP PA 114 -25.86 -19.22 78.32
N GLY PA 115 -26.95 -19.87 77.93
CA GLY PA 115 -28.18 -19.76 78.68
C GLY PA 115 -28.09 -20.51 80.00
N GLN PA 116 -29.01 -20.20 80.91
CA GLN PA 116 -28.99 -20.87 82.20
C GLN PA 116 -29.26 -22.36 82.09
N GLY PA 117 -29.93 -22.78 81.03
CA GLY PA 117 -30.06 -24.19 80.71
C GLY PA 117 -31.35 -24.79 81.21
N THR PA 118 -31.58 -26.02 80.77
CA THR PA 118 -32.70 -26.82 81.22
C THR PA 118 -32.12 -28.12 81.76
N LEU PA 119 -32.82 -28.73 82.71
CA LEU PA 119 -32.34 -29.91 83.40
C LEU PA 119 -33.16 -31.11 82.95
N VAL PA 120 -32.48 -32.12 82.40
CA VAL PA 120 -33.11 -33.36 81.97
C VAL PA 120 -32.59 -34.47 82.88
N THR PA 121 -33.49 -35.10 83.61
CA THR PA 121 -33.16 -36.21 84.50
C THR PA 121 -34.13 -37.33 84.19
N VAL PA 122 -33.60 -38.52 83.91
CA VAL PA 122 -34.43 -39.66 83.58
C VAL PA 122 -34.27 -40.69 84.69
N SER PA 123 -35.37 -41.37 85.01
CA SER PA 123 -35.43 -42.34 86.08
C SER PA 123 -36.69 -43.17 85.93
N SER PA 124 -36.73 -44.30 86.63
CA SER PA 124 -37.93 -45.11 86.73
C SER PA 124 -38.81 -44.45 87.78
N ALA PA 125 -39.77 -43.65 87.32
CA ALA PA 125 -40.48 -42.75 88.22
C ALA PA 125 -41.41 -43.56 89.12
N SER PA 126 -41.18 -43.45 90.42
CA SER PA 126 -42.14 -43.87 91.43
C SER PA 126 -41.71 -43.36 92.79
N THR PA 127 -42.68 -42.85 93.55
CA THR PA 127 -42.39 -42.31 94.87
C THR PA 127 -42.03 -43.46 95.81
N LYS PA 128 -41.08 -43.23 96.70
CA LYS PA 128 -40.61 -44.33 97.52
C LYS PA 128 -40.32 -43.86 98.93
N GLY PA 129 -40.66 -44.71 99.90
CA GLY PA 129 -40.34 -44.48 101.29
C GLY PA 129 -38.88 -44.72 101.58
N PRO PA 130 -38.34 -44.00 102.55
CA PRO PA 130 -36.92 -44.16 102.88
C PRO PA 130 -36.66 -45.25 103.92
N SER PA 131 -35.68 -46.10 103.66
CA SER PA 131 -35.28 -47.13 104.60
C SER PA 131 -34.26 -46.55 105.58
N VAL PA 132 -34.53 -46.68 106.88
CA VAL PA 132 -33.71 -46.07 107.91
C VAL PA 132 -33.05 -47.15 108.75
N PHE PA 133 -31.72 -47.18 108.77
CA PHE PA 133 -30.92 -48.10 109.56
C PHE PA 133 -30.06 -47.31 110.54
N PRO PA 134 -29.88 -47.79 111.77
CA PRO PA 134 -29.10 -47.02 112.75
C PRO PA 134 -27.60 -47.16 112.50
N LEU PA 135 -26.92 -46.02 112.36
CA LEU PA 135 -25.47 -45.97 112.22
C LEU PA 135 -24.89 -45.77 113.62
N ALA PA 136 -24.67 -46.90 114.31
CA ALA PA 136 -24.28 -46.92 115.70
C ALA PA 136 -22.88 -46.34 115.91
N PRO PA 137 -22.59 -45.82 117.10
CA PRO PA 137 -21.27 -45.23 117.35
C PRO PA 137 -20.19 -46.29 117.49
N SER PA 138 -18.95 -45.84 117.31
CA SER PA 138 -17.79 -46.73 117.39
C SER PA 138 -17.58 -47.20 118.83
N SER PA 139 -17.48 -48.52 119.00
CA SER PA 139 -17.32 -49.09 120.34
C SER PA 139 -15.94 -48.78 120.92
N LYS PA 140 -14.90 -48.90 120.11
CA LYS PA 140 -13.54 -48.73 120.58
C LYS PA 140 -13.10 -47.26 120.52
N SER PA 143 -14.01 -44.67 127.03
CA SER PA 143 -14.59 -43.34 127.18
C SER PA 143 -13.50 -42.29 127.38
N GLY PA 144 -13.79 -41.06 126.99
CA GLY PA 144 -12.85 -39.97 127.14
C GLY PA 144 -12.85 -38.98 125.99
N GLY PA 145 -12.97 -39.50 124.77
CA GLY PA 145 -12.87 -38.65 123.58
C GLY PA 145 -14.22 -38.32 122.94
N THR PA 146 -14.35 -38.66 121.66
CA THR PA 146 -15.55 -38.35 120.90
C THR PA 146 -15.96 -39.58 120.08
N ALA PA 147 -17.25 -39.89 120.13
CA ALA PA 147 -17.88 -40.91 119.29
C ALA PA 147 -18.97 -40.27 118.47
N ALA PA 148 -19.17 -40.79 117.26
CA ALA PA 148 -20.16 -40.24 116.34
C ALA PA 148 -21.15 -41.32 115.93
N LEU PA 149 -22.36 -40.88 115.58
CA LEU PA 149 -23.43 -41.78 115.21
C LEU PA 149 -24.46 -41.00 114.41
N GLY PA 150 -25.32 -41.74 113.71
CA GLY PA 150 -26.31 -41.12 112.88
C GLY PA 150 -27.27 -42.12 112.28
N CYS PA 151 -27.89 -41.71 111.18
CA CYS PA 151 -28.91 -42.48 110.50
C CYS PA 151 -28.54 -42.63 109.03
N LEU PA 152 -28.88 -43.78 108.46
CA LEU PA 152 -28.69 -44.05 107.03
C LEU PA 152 -30.06 -44.15 106.38
N VAL PA 153 -30.34 -43.24 105.44
CA VAL PA 153 -31.65 -43.12 104.82
C VAL PA 153 -31.60 -43.62 103.38
N LYS PA 154 -31.92 -44.89 103.18
CA LYS PA 154 -31.68 -45.58 101.92
C LYS PA 154 -32.89 -45.55 101.00
N ASP PA 155 -32.63 -45.40 99.70
CA ASP PA 155 -33.54 -45.80 98.63
C ASP PA 155 -34.90 -45.10 98.73
N TYR PA 156 -34.87 -43.77 98.64
CA TYR PA 156 -36.07 -42.96 98.48
C TYR PA 156 -36.08 -42.26 97.13
N PHE PA 157 -37.24 -41.67 96.82
CA PHE PA 157 -37.51 -41.00 95.55
C PHE PA 157 -38.85 -40.28 95.67
N PRO PA 158 -38.92 -39.01 95.24
CA PRO PA 158 -37.81 -38.17 94.78
C PRO PA 158 -37.15 -37.48 95.96
N GLU PA 159 -36.36 -36.43 95.72
CA GLU PA 159 -35.84 -35.61 96.80
C GLU PA 159 -36.98 -34.76 97.38
N PRO PA 160 -36.85 -34.31 98.63
CA PRO PA 160 -35.79 -34.58 99.62
C PRO PA 160 -36.30 -35.21 100.92
N VAL PA 161 -35.39 -35.63 101.79
CA VAL PA 161 -35.71 -35.97 103.17
C VAL PA 161 -35.17 -34.87 104.08
N THR PA 162 -35.84 -34.69 105.23
CA THR PA 162 -35.38 -33.77 106.26
C THR PA 162 -35.31 -34.52 107.58
N VAL PA 163 -34.17 -34.43 108.27
CA VAL PA 163 -33.91 -35.19 109.48
C VAL PA 163 -33.67 -34.25 110.65
N SER PA 164 -34.28 -34.56 111.80
CA SER PA 164 -34.01 -33.84 113.03
C SER PA 164 -33.75 -34.86 114.14
N TRP PA 165 -33.07 -34.41 115.20
CA TRP PA 165 -32.70 -35.27 116.31
C TRP PA 165 -33.35 -34.77 117.60
N ASN PA 166 -34.00 -35.69 118.31
CA ASN PA 166 -34.80 -35.34 119.49
C ASN PA 166 -35.82 -34.26 119.12
N SER PA 167 -36.41 -34.43 117.93
CA SER PA 167 -37.38 -33.50 117.36
C SER PA 167 -36.79 -32.10 117.20
N GLY PA 168 -35.50 -32.04 116.88
CA GLY PA 168 -34.82 -30.77 116.71
C GLY PA 168 -34.20 -30.18 117.95
N ALA PA 169 -34.31 -30.86 119.10
CA ALA PA 169 -33.77 -30.35 120.35
C ALA PA 169 -32.26 -30.45 120.44
N LEU PA 170 -31.61 -31.10 119.48
CA LEU PA 170 -30.16 -31.18 119.41
C LEU PA 170 -29.72 -30.67 118.04
N THR PA 171 -28.79 -29.70 118.04
CA THR PA 171 -28.28 -29.11 116.81
C THR PA 171 -26.75 -29.09 116.80
N SER PA 172 -26.15 -29.04 117.99
CA SER PA 172 -24.70 -29.02 118.09
C SER PA 172 -24.11 -30.35 117.67
N GLY PA 173 -23.12 -30.31 116.78
CA GLY PA 173 -22.54 -31.51 116.23
C GLY PA 173 -23.32 -32.13 115.10
N VAL PA 174 -24.45 -31.55 114.71
CA VAL PA 174 -25.33 -32.13 113.70
C VAL PA 174 -24.85 -31.72 112.32
N HIS PA 175 -24.80 -32.69 111.40
CA HIS PA 175 -24.40 -32.43 110.02
C HIS PA 175 -25.08 -33.42 109.09
N THR PA 176 -25.91 -32.90 108.19
CA THR PA 176 -26.56 -33.69 107.16
C THR PA 176 -25.79 -33.54 105.85
N PHE PA 177 -25.59 -34.66 105.17
CA PHE PA 177 -24.80 -34.74 103.96
C PHE PA 177 -25.70 -34.77 102.73
N PRO PA 178 -25.17 -34.47 101.56
CA PRO PA 178 -25.98 -34.55 100.34
C PRO PA 178 -26.37 -35.99 100.03
N ALA PA 179 -27.43 -36.14 99.25
CA ALA PA 179 -27.92 -37.44 98.84
C ALA PA 179 -27.21 -37.91 97.58
N VAL PA 180 -26.84 -39.18 97.55
CA VAL PA 180 -26.27 -39.78 96.35
C VAL PA 180 -27.41 -40.23 95.45
N LEU PA 181 -27.19 -40.19 94.14
CA LEU PA 181 -28.13 -40.80 93.20
C LEU PA 181 -27.57 -42.17 92.84
N GLN PA 182 -28.03 -43.19 93.56
CA GLN PA 182 -27.60 -44.55 93.29
C GLN PA 182 -28.04 -44.98 91.90
N SER PA 183 -27.40 -46.04 91.39
CA SER PA 183 -27.68 -46.51 90.04
C SER PA 183 -29.12 -46.98 89.86
N SER PA 184 -29.85 -47.21 90.95
CA SER PA 184 -31.24 -47.64 90.89
C SER PA 184 -32.20 -46.52 90.54
N GLY PA 185 -31.76 -45.27 90.63
CA GLY PA 185 -32.64 -44.13 90.51
C GLY PA 185 -33.18 -43.67 91.84
N LEU PA 186 -32.84 -44.37 92.92
CA LEU PA 186 -33.27 -44.05 94.27
C LEU PA 186 -32.13 -43.34 95.01
N TYR PA 187 -32.50 -42.33 95.78
CA TYR PA 187 -31.54 -41.53 96.51
C TYR PA 187 -31.16 -42.21 97.82
N SER PA 188 -30.02 -41.80 98.36
CA SER PA 188 -29.52 -42.39 99.59
C SER PA 188 -28.72 -41.34 100.34
N LEU PA 189 -29.09 -41.10 101.59
CA LEU PA 189 -28.51 -40.04 102.39
C LEU PA 189 -28.18 -40.58 103.77
N SER PA 190 -27.06 -40.14 104.33
CA SER PA 190 -26.76 -40.40 105.72
C SER PA 190 -26.59 -39.07 106.44
N SER PA 191 -26.70 -39.10 107.77
CA SER PA 191 -26.66 -37.86 108.54
C SER PA 191 -26.33 -38.20 110.00
N VAL PA 192 -25.25 -37.62 110.52
CA VAL PA 192 -24.73 -38.01 111.83
C VAL PA 192 -24.70 -36.81 112.76
N VAL PA 193 -24.37 -37.08 114.02
CA VAL PA 193 -24.21 -36.07 115.06
C VAL PA 193 -23.22 -36.60 116.10
N THR PA 194 -22.19 -35.81 116.39
CA THR PA 194 -21.21 -36.16 117.41
C THR PA 194 -21.60 -35.64 118.79
N VAL PA 195 -21.26 -36.41 119.82
CA VAL PA 195 -21.47 -36.06 121.22
C VAL PA 195 -20.34 -36.68 122.04
N PRO PA 196 -20.22 -36.29 123.30
CA PRO PA 196 -19.21 -36.88 124.19
C PRO PA 196 -19.49 -38.37 124.39
N SER PA 197 -18.40 -39.12 124.37
CA SER PA 197 -18.37 -40.57 124.44
C SER PA 197 -18.93 -41.11 125.73
N SER PA 198 -18.56 -40.48 126.83
CA SER PA 198 -19.15 -40.84 128.09
C SER PA 198 -20.55 -40.30 127.98
N SER PA 199 -21.46 -40.86 128.75
CA SER PA 199 -22.85 -40.40 128.78
C SER PA 199 -23.65 -40.97 127.64
N LEU PA 200 -23.04 -41.90 126.90
CA LEU PA 200 -23.72 -42.52 125.79
C LEU PA 200 -24.93 -43.25 126.33
N GLY PA 201 -24.74 -43.93 127.46
CA GLY PA 201 -25.80 -44.69 128.09
C GLY PA 201 -26.96 -43.86 128.58
N THR PA 202 -26.65 -42.71 129.16
CA THR PA 202 -27.65 -41.85 129.78
C THR PA 202 -28.69 -41.28 128.84
N GLN PA 203 -28.27 -40.86 127.65
CA GLN PA 203 -29.11 -40.03 126.80
C GLN PA 203 -29.67 -40.72 125.56
N THR PA 204 -30.94 -40.45 125.29
CA THR PA 204 -31.61 -41.07 124.15
C THR PA 204 -31.48 -40.38 122.80
N TYR PA 205 -31.17 -41.15 121.76
CA TYR PA 205 -30.94 -40.58 120.42
C TYR PA 205 -31.90 -41.08 119.35
N ILE PA 206 -32.78 -40.20 118.87
CA ILE PA 206 -33.78 -40.53 117.86
C ILE PA 206 -33.71 -39.50 116.74
N CYS PA 207 -33.35 -39.95 115.53
CA CYS PA 207 -33.44 -39.12 114.34
C CYS PA 207 -34.83 -39.20 113.75
N ASN PA 208 -35.36 -38.08 113.28
CA ASN PA 208 -36.72 -37.99 112.79
C ASN PA 208 -36.69 -37.66 111.30
N VAL PA 209 -36.75 -38.70 110.48
CA VAL PA 209 -36.80 -38.53 109.03
C VAL PA 209 -38.22 -38.22 108.61
N ASN PA 210 -38.37 -37.30 107.67
CA ASN PA 210 -39.67 -36.98 107.09
C ASN PA 210 -39.50 -36.86 105.58
N HIS PA 211 -40.21 -37.70 104.84
CA HIS PA 211 -40.15 -37.67 103.38
C HIS PA 211 -41.56 -37.29 102.93
N LYS PA 212 -41.81 -35.99 102.83
CA LYS PA 212 -43.14 -35.51 102.43
C LYS PA 212 -43.61 -36.02 101.06
N PRO PA 213 -42.76 -36.23 100.05
CA PRO PA 213 -43.26 -36.75 98.77
C PRO PA 213 -43.98 -38.08 98.87
N SER PA 214 -43.55 -38.96 99.77
CA SER PA 214 -44.23 -40.23 100.04
C SER PA 214 -45.08 -40.19 101.31
N ASN PA 215 -45.16 -39.02 101.95
CA ASN PA 215 -45.90 -38.85 103.20
C ASN PA 215 -45.44 -39.86 104.26
N THR PA 216 -44.12 -40.00 104.39
CA THR PA 216 -43.51 -40.90 105.34
C THR PA 216 -42.84 -40.12 106.46
N LYS PA 217 -42.99 -40.62 107.68
CA LYS PA 217 -42.28 -40.12 108.85
C LYS PA 217 -41.69 -41.31 109.58
N VAL PA 218 -40.40 -41.25 109.88
CA VAL PA 218 -39.70 -42.35 110.54
C VAL PA 218 -38.97 -41.80 111.75
N ASP PA 219 -39.12 -42.47 112.89
CA ASP PA 219 -38.38 -42.14 114.11
C ASP PA 219 -37.56 -43.36 114.47
N LYS PA 220 -36.24 -43.29 114.32
CA LYS PA 220 -35.34 -44.40 114.56
C LYS PA 220 -34.36 -44.03 115.65
N ARG PA 221 -34.29 -44.83 116.70
CA ARG PA 221 -33.38 -44.57 117.80
C ARG PA 221 -32.05 -45.26 117.53
N VAL PA 222 -30.95 -44.53 117.73
CA VAL PA 222 -29.60 -45.04 117.54
C VAL PA 222 -28.98 -45.23 118.91
N GLU PA 223 -28.31 -46.35 119.10
CA GLU PA 223 -27.77 -46.74 120.39
C GLU PA 223 -26.58 -47.67 120.16
N PRO PA 224 -25.64 -47.72 121.10
CA PRO PA 224 -24.40 -48.47 120.86
C PRO PA 224 -24.63 -49.97 120.78
N LYS PA 225 -23.61 -50.66 120.29
CA LYS PA 225 -23.62 -52.12 120.16
C LYS PA 225 -24.85 -52.63 119.40
N GLY QA 1 -28.41 5.69 69.26
CA GLY QA 1 -28.18 4.98 68.01
C GLY QA 1 -26.94 4.09 68.03
N SER QA 2 -26.19 4.10 66.93
CA SER QA 2 -25.06 3.18 66.75
C SER QA 2 -23.75 3.81 67.23
N HIS QA 3 -22.66 3.07 67.04
CA HIS QA 3 -21.29 3.52 67.27
C HIS QA 3 -20.42 2.95 66.15
N SER QA 4 -19.10 2.99 66.34
CA SER QA 4 -18.16 2.50 65.34
C SER QA 4 -16.74 2.56 65.90
N MET QA 5 -15.85 1.80 65.27
CA MET QA 5 -14.40 1.90 65.44
C MET QA 5 -13.76 1.68 64.08
N ARG QA 6 -12.76 2.50 63.75
CA ARG QA 6 -12.09 2.40 62.45
C ARG QA 6 -10.59 2.53 62.62
N TYR QA 7 -9.85 1.67 61.93
CA TYR QA 7 -8.40 1.76 61.80
C TYR QA 7 -8.05 2.17 60.37
N PHE QA 8 -7.15 3.15 60.22
CA PHE QA 8 -6.77 3.71 58.93
C PHE QA 8 -5.26 3.55 58.71
N PHE QA 9 -4.89 2.74 57.74
CA PHE QA 9 -3.50 2.48 57.38
C PHE QA 9 -3.16 3.10 56.03
N THR QA 10 -1.92 3.57 55.89
CA THR QA 10 -1.44 4.19 54.67
C THR QA 10 0.02 3.87 54.48
N SER QA 11 0.36 3.20 53.38
CA SER QA 11 1.72 2.78 53.08
C SER QA 11 2.10 3.31 51.70
N VAL QA 12 3.11 4.18 51.64
CA VAL QA 12 3.62 4.75 50.40
C VAL QA 12 5.06 4.30 50.22
N SER QA 13 5.38 3.77 49.04
CA SER QA 13 6.72 3.28 48.76
C SER QA 13 7.60 4.45 48.31
N ARG QA 14 8.68 4.71 49.06
CA ARG QA 14 9.64 5.74 48.71
C ARG QA 14 10.75 5.15 47.85
N PRO QA 15 10.64 5.37 46.55
CA PRO QA 15 11.52 4.75 45.58
C PRO QA 15 12.95 5.18 45.80
N GLY QA 16 13.88 4.25 45.62
CA GLY QA 16 15.27 4.53 45.89
C GLY QA 16 15.50 4.56 47.39
N ARG QA 17 14.53 4.04 48.12
CA ARG QA 17 14.57 3.99 49.58
C ARG QA 17 14.43 2.54 50.04
N GLY QA 18 15.13 2.20 51.10
CA GLY QA 18 15.17 0.83 51.58
C GLY QA 18 13.75 0.37 51.88
N GLU QA 19 13.09 1.02 52.83
CA GLU QA 19 11.75 0.61 53.19
C GLU QA 19 10.80 1.78 53.21
N PRO QA 20 9.54 1.53 52.82
CA PRO QA 20 8.51 2.58 52.81
C PRO QA 20 8.12 3.21 54.15
N ARG QA 21 7.37 4.31 54.07
CA ARG QA 21 6.80 5.03 55.21
C ARG QA 21 5.38 4.57 55.49
N PHE QA 22 5.02 4.61 56.78
CA PHE QA 22 3.81 3.99 57.30
C PHE QA 22 3.17 4.93 58.31
N ILE QA 23 1.86 5.14 58.18
CA ILE QA 23 1.11 5.96 59.13
C ILE QA 23 -0.17 5.22 59.50
N ALA QA 24 -0.37 5.01 60.80
CA ALA QA 24 -1.53 4.29 61.32
C ALA QA 24 -2.29 5.20 62.28
N VAL QA 25 -3.59 5.36 62.02
CA VAL QA 25 -4.44 6.27 62.78
C VAL QA 25 -5.71 5.53 63.17
N GLY QA 26 -5.96 5.41 64.46
CA GLY QA 26 -7.12 4.69 64.99
C GLY QA 26 -8.14 5.64 65.57
N TYR QA 27 -9.41 5.38 65.28
CA TYR QA 27 -10.51 6.23 65.73
C TYR QA 27 -11.55 5.43 66.50
N VAL QA 28 -12.11 6.05 67.53
CA VAL QA 28 -13.33 5.61 68.19
C VAL QA 28 -14.40 6.64 67.90
N ASP QA 29 -15.48 6.21 67.26
CA ASP QA 29 -16.47 7.11 66.66
C ASP QA 29 -15.74 7.98 65.64
N ASP QA 30 -15.55 9.25 65.98
CA ASP QA 30 -14.73 10.21 65.26
C ASP QA 30 -13.86 10.97 66.25
N THR QA 31 -13.27 10.24 67.19
CA THR QA 31 -12.39 10.79 68.21
C THR QA 31 -11.14 9.94 68.23
N GLN QA 32 -10.05 10.45 67.67
CA GLN QA 32 -8.81 9.69 67.56
C GLN QA 32 -8.24 9.36 68.94
N PHE QA 33 -7.63 8.17 69.03
CA PHE QA 33 -7.04 7.71 70.29
C PHE QA 33 -5.67 7.05 70.14
N VAL QA 34 -5.26 6.59 68.96
CA VAL QA 34 -3.94 5.99 68.79
C VAL QA 34 -3.34 6.42 67.45
N ARG QA 35 -2.01 6.37 67.40
CA ARG QA 35 -1.25 6.74 66.21
C ARG QA 35 0.01 5.92 66.19
N PHE QA 36 0.37 5.42 65.01
CA PHE QA 36 1.68 4.80 64.79
C PHE QA 36 2.23 5.33 63.48
N ASP QA 37 3.27 6.16 63.57
CA ASP QA 37 3.95 6.72 62.42
C ASP QA 37 5.28 6.01 62.24
N SER QA 38 5.55 5.56 61.01
CA SER QA 38 6.84 4.94 60.74
C SER QA 38 7.96 5.94 60.97
N ASP QA 39 7.78 7.17 60.50
CA ASP QA 39 8.79 8.21 60.66
C ASP QA 39 8.86 8.72 62.09
N ALA QA 40 7.94 8.30 62.96
CA ALA QA 40 8.03 8.69 64.36
C ALA QA 40 9.26 8.07 64.99
N ALA QA 41 9.83 8.77 65.97
CA ALA QA 41 10.95 8.23 66.71
C ALA QA 41 10.55 7.10 67.64
N SER QA 42 9.24 6.87 67.82
CA SER QA 42 8.76 5.90 68.81
C SER QA 42 9.00 4.47 68.36
N GLN QA 43 8.67 4.14 67.11
CA GLN QA 43 8.62 2.75 66.65
C GLN QA 43 7.72 1.91 67.55
N LYS QA 44 6.67 2.56 68.06
CA LYS QA 44 5.77 2.03 69.06
C LYS QA 44 4.46 2.79 68.93
N MET QA 45 3.36 2.10 69.18
CA MET QA 45 2.04 2.74 69.09
C MET QA 45 1.85 3.67 70.27
N GLU QA 46 1.78 4.97 69.99
CA GLU QA 46 1.62 6.12 70.87
C GLU QA 46 0.15 6.42 71.08
N PRO QA 47 -0.24 6.82 72.29
CA PRO QA 47 -1.63 7.23 72.54
C PRO QA 47 -1.92 8.60 71.95
N ARG QA 48 -3.21 8.83 71.70
CA ARG QA 48 -3.67 10.05 71.06
C ARG QA 48 -4.91 10.64 71.74
N ALA QA 49 -5.50 9.95 72.72
CA ALA QA 49 -6.62 10.40 73.51
C ALA QA 49 -6.25 10.29 74.98
N PRO QA 50 -7.05 10.87 75.88
CA PRO QA 50 -6.73 10.76 77.31
C PRO QA 50 -7.19 9.46 77.97
N TRP QA 51 -7.93 8.60 77.27
CA TRP QA 51 -8.52 7.42 77.89
C TRP QA 51 -7.95 6.09 77.39
N ILE QA 52 -7.06 6.11 76.40
CA ILE QA 52 -6.54 4.86 75.87
C ILE QA 52 -5.22 4.44 76.53
N GLU QA 53 -4.48 5.37 77.11
CA GLU QA 53 -3.18 5.02 77.71
C GLU QA 53 -3.30 4.42 79.10
N GLN QA 54 -4.51 4.25 79.63
CA GLN QA 54 -4.67 3.45 80.83
C GLN QA 54 -4.55 1.95 80.57
N GLU QA 55 -4.57 1.53 79.30
CA GLU QA 55 -4.18 0.19 78.93
C GLU QA 55 -2.67 0.01 79.08
N GLY QA 56 -2.26 -0.96 79.90
CA GLY QA 56 -0.87 -1.08 80.31
C GLY QA 56 0.07 -1.52 79.21
N PRO QA 57 1.24 -2.04 79.60
CA PRO QA 57 2.24 -2.42 78.59
C PRO QA 57 1.84 -3.62 77.73
N GLU QA 58 1.02 -4.53 78.25
CA GLU QA 58 0.57 -5.66 77.44
C GLU QA 58 -0.23 -5.22 76.22
N TYR QA 59 -0.76 -4.00 76.22
CA TYR QA 59 -1.57 -3.46 75.13
C TYR QA 59 -0.72 -2.71 74.12
N TRP QA 60 0.17 -1.84 74.59
CA TRP QA 60 1.00 -1.07 73.67
C TRP QA 60 2.04 -1.95 72.98
N ASP QA 61 2.63 -2.90 73.71
CA ASP QA 61 3.54 -3.83 73.05
C ASP QA 61 2.79 -4.73 72.08
N GLN QA 62 1.55 -5.08 72.40
CA GLN QA 62 0.72 -5.86 71.48
C GLN QA 62 0.41 -5.06 70.22
N GLU QA 63 -0.19 -3.87 70.39
CA GLU QA 63 -0.61 -3.09 69.24
C GLU QA 63 0.57 -2.69 68.37
N THR QA 64 1.76 -2.57 68.97
CA THR QA 64 2.96 -2.28 68.19
C THR QA 64 3.25 -3.39 67.18
N ARG QA 65 3.40 -4.62 67.68
CA ARG QA 65 3.72 -5.75 66.80
C ARG QA 65 2.63 -5.98 65.76
N ASN QA 66 1.36 -5.75 66.13
CA ASN QA 66 0.26 -6.02 65.22
C ASN QA 66 0.24 -5.08 64.02
N MET QA 67 0.82 -3.89 64.15
CA MET QA 67 0.94 -2.99 63.02
C MET QA 67 2.39 -2.74 62.61
N LYS QA 68 3.37 -3.09 63.44
CA LYS QA 68 4.70 -3.37 62.90
C LYS QA 68 4.61 -4.45 61.84
N ALA QA 69 3.90 -5.54 62.15
CA ALA QA 69 3.69 -6.63 61.19
C ALA QA 69 2.72 -6.24 60.09
N HIS QA 70 1.75 -5.37 60.39
CA HIS QA 70 0.91 -4.85 59.32
C HIS QA 70 1.74 -4.02 58.34
N SER QA 71 2.78 -3.35 58.84
CA SER QA 71 3.72 -2.66 57.97
C SER QA 71 4.59 -3.67 57.22
N GLN QA 72 4.99 -4.74 57.90
CA GLN QA 72 5.75 -5.81 57.26
C GLN QA 72 5.02 -6.32 56.03
N THR QA 73 3.75 -6.70 56.22
CA THR QA 73 2.95 -7.25 55.13
C THR QA 73 2.85 -6.26 53.98
N ASP QA 74 2.54 -5.00 54.28
CA ASP QA 74 2.33 -4.02 53.21
C ASP QA 74 3.63 -3.68 52.49
N ARG QA 75 4.78 -3.83 53.15
CA ARG QA 75 6.05 -3.66 52.46
C ARG QA 75 6.29 -4.77 51.45
N ALA QA 76 6.03 -6.02 51.85
CA ALA QA 76 6.11 -7.13 50.91
C ALA QA 76 4.97 -7.08 49.91
N ASN QA 77 3.87 -6.41 50.25
CA ASN QA 77 2.73 -6.30 49.34
C ASN QA 77 3.00 -5.30 48.23
N LEU QA 78 3.73 -4.22 48.51
CA LEU QA 78 4.06 -3.28 47.45
C LEU QA 78 4.93 -3.93 46.40
N GLY QA 79 5.82 -4.83 46.81
CA GLY QA 79 6.61 -5.58 45.84
C GLY QA 79 5.78 -6.61 45.09
N THR QA 80 4.74 -7.13 45.73
CA THR QA 80 3.85 -8.07 45.07
C THR QA 80 3.00 -7.36 44.02
N LEU QA 81 2.39 -6.24 44.40
CA LEU QA 81 1.58 -5.46 43.48
C LEU QA 81 2.40 -4.82 42.38
N ARG QA 82 3.68 -4.52 42.66
CA ARG QA 82 4.55 -4.00 41.61
C ARG QA 82 4.79 -5.04 40.53
N GLY QA 83 4.70 -6.32 40.87
CA GLY QA 83 4.85 -7.39 39.90
C GLY QA 83 3.53 -7.69 39.23
N TYR QA 84 2.43 -7.34 39.90
CA TYR QA 84 1.11 -7.56 39.34
C TYR QA 84 0.81 -6.57 38.22
N TYR QA 85 1.30 -5.34 38.32
CA TYR QA 85 0.93 -4.28 37.40
C TYR QA 85 2.00 -3.90 36.37
N ASN QA 86 3.08 -4.69 36.24
CA ASN QA 86 4.12 -4.39 35.25
C ASN QA 86 4.73 -3.01 35.49
N GLN QA 87 4.84 -2.63 36.76
CA GLN QA 87 5.32 -1.31 37.15
C GLN QA 87 6.75 -1.38 37.67
N SER QA 88 7.42 -0.23 37.67
CA SER QA 88 8.84 -0.14 37.94
C SER QA 88 9.11 0.37 39.35
N GLU QA 89 10.34 0.14 39.83
CA GLU QA 89 10.73 0.53 41.18
C GLU QA 89 11.06 2.00 41.30
N ASP QA 90 11.13 2.73 40.18
CA ASP QA 90 11.22 4.19 40.27
C ASP QA 90 9.91 4.80 40.72
N GLY QA 91 8.79 4.11 40.49
CA GLY QA 91 7.49 4.62 40.87
C GLY QA 91 7.24 4.52 42.36
N SER QA 92 6.49 5.48 42.86
CA SER QA 92 6.10 5.55 44.27
C SER QA 92 4.60 5.32 44.36
N HIS QA 93 4.21 4.18 44.95
CA HIS QA 93 2.82 3.78 45.00
C HIS QA 93 2.33 3.71 46.43
N THR QA 94 1.01 3.72 46.59
CA THR QA 94 0.36 3.82 47.89
C THR QA 94 -0.59 2.66 48.12
N ILE QA 95 -0.65 2.21 49.37
CA ILE QA 95 -1.61 1.20 49.83
C ILE QA 95 -2.35 1.77 51.02
N GLN QA 96 -3.68 1.66 51.01
CA GLN QA 96 -4.50 2.20 52.08
C GLN QA 96 -5.47 1.13 52.57
N ILE QA 97 -5.44 0.86 53.88
CA ILE QA 97 -6.27 -0.15 54.51
C ILE QA 97 -7.16 0.51 55.57
N MET QA 98 -8.44 0.12 55.59
CA MET QA 98 -9.34 0.52 56.67
C MET QA 98 -10.18 -0.69 57.07
N TYR QA 99 -10.04 -1.13 58.32
CA TYR QA 99 -10.90 -2.19 58.86
C TYR QA 99 -11.47 -1.77 60.20
N GLY QA 100 -12.70 -2.20 60.45
CA GLY QA 100 -13.40 -1.84 61.68
C GLY QA 100 -14.71 -2.59 61.81
N CYS QA 101 -15.41 -2.27 62.90
CA CYS QA 101 -16.64 -2.95 63.28
C CYS QA 101 -17.62 -1.96 63.88
N ASP QA 102 -18.90 -2.26 63.77
CA ASP QA 102 -19.99 -1.41 64.26
C ASP QA 102 -20.73 -2.13 65.37
N VAL QA 103 -20.79 -1.51 66.55
CA VAL QA 103 -21.61 -1.99 67.64
C VAL QA 103 -22.92 -1.21 67.62
N GLY QA 104 -23.93 -1.76 68.29
CA GLY QA 104 -25.22 -1.14 68.34
C GLY QA 104 -25.45 -0.34 69.61
N PRO QA 105 -26.70 0.08 69.83
CA PRO QA 105 -27.03 0.79 71.07
C PRO QA 105 -26.90 -0.09 72.30
N ASP QA 106 -26.93 -1.41 72.14
CA ASP QA 106 -26.89 -2.37 73.24
C ASP QA 106 -25.65 -3.25 73.19
N GLY QA 107 -24.52 -2.73 72.70
CA GLY QA 107 -23.29 -3.49 72.62
C GLY QA 107 -23.25 -4.54 71.54
N ARG QA 108 -24.20 -4.50 70.60
CA ARG QA 108 -24.41 -5.55 69.60
C ARG QA 108 -23.29 -5.57 68.57
N PHE QA 109 -23.50 -6.36 67.52
CA PHE QA 109 -22.69 -6.32 66.30
C PHE QA 109 -23.60 -5.92 65.15
N LEU QA 110 -23.20 -4.91 64.39
CA LEU QA 110 -24.03 -4.37 63.32
C LEU QA 110 -23.44 -4.55 61.93
N ARG QA 111 -22.14 -4.31 61.76
CA ARG QA 111 -21.52 -4.37 60.45
C ARG QA 111 -20.01 -4.38 60.62
N GLY QA 112 -19.33 -5.16 59.78
CA GLY QA 112 -17.89 -5.17 59.75
C GLY QA 112 -17.38 -4.56 58.46
N TYR QA 113 -16.12 -4.12 58.46
CA TYR QA 113 -15.57 -3.44 57.29
C TYR QA 113 -14.12 -3.82 57.10
N ARG QA 114 -13.72 -4.00 55.84
CA ARG QA 114 -12.31 -4.01 55.48
C ARG QA 114 -12.21 -3.77 53.98
N GLN QA 115 -11.50 -2.71 53.60
CA GLN QA 115 -11.30 -2.34 52.20
C GLN QA 115 -9.84 -2.02 51.96
N ASP QA 116 -9.35 -2.43 50.78
CA ASP QA 116 -7.96 -2.23 50.37
C ASP QA 116 -7.93 -1.46 49.05
N ALA QA 117 -7.01 -0.51 48.97
CA ALA QA 117 -6.89 0.32 47.76
C ALA QA 117 -5.43 0.54 47.43
N TYR QA 118 -5.06 0.23 46.19
CA TYR QA 118 -3.72 0.41 45.67
C TYR QA 118 -3.71 1.61 44.74
N ASP QA 119 -3.03 2.68 45.16
CA ASP QA 119 -2.98 3.95 44.41
C ASP QA 119 -4.37 4.57 44.28
N GLY QA 120 -5.07 4.67 45.40
CA GLY QA 120 -6.37 5.33 45.44
C GLY QA 120 -7.50 4.60 44.74
N LYS QA 121 -7.17 3.62 43.91
CA LYS QA 121 -8.18 2.81 43.23
C LYS QA 121 -8.57 1.63 44.11
N ASP QA 122 -9.86 1.32 44.14
CA ASP QA 122 -10.32 0.15 44.87
C ASP QA 122 -9.55 -1.08 44.41
N TYR QA 123 -9.15 -1.91 45.37
CA TYR QA 123 -8.41 -3.11 45.09
C TYR QA 123 -9.29 -4.29 45.49
N ILE QA 124 -9.22 -4.75 46.73
CA ILE QA 124 -10.10 -5.82 47.21
C ILE QA 124 -10.85 -5.25 48.41
N ALA QA 125 -12.07 -5.74 48.62
CA ALA QA 125 -12.91 -5.23 49.69
C ALA QA 125 -13.71 -6.36 50.29
N LEU QA 126 -14.07 -6.21 51.57
CA LEU QA 126 -14.88 -7.19 52.27
C LEU QA 126 -16.34 -6.74 52.29
N ASN QA 127 -17.23 -7.62 51.86
CA ASN QA 127 -18.64 -7.29 51.65
C ASN QA 127 -19.35 -7.15 53.01
N GLU QA 128 -20.68 -7.15 52.97
CA GLU QA 128 -21.50 -7.23 54.17
C GLU QA 128 -21.30 -8.60 54.78
N ASP QA 129 -21.75 -9.64 54.07
CA ASP QA 129 -21.48 -11.02 54.48
C ASP QA 129 -19.99 -11.25 54.51
N LEU QA 130 -19.42 -11.35 55.70
CA LEU QA 130 -17.97 -11.46 55.84
C LEU QA 130 -17.47 -12.84 55.39
N ARG QA 131 -17.86 -13.27 54.19
CA ARG QA 131 -17.52 -14.60 53.71
C ARG QA 131 -16.98 -14.50 52.29
N SER QA 132 -17.42 -13.49 51.54
CA SER QA 132 -17.02 -13.31 50.15
C SER QA 132 -16.15 -12.07 49.99
N TRP QA 133 -15.21 -12.15 49.04
CA TRP QA 133 -14.37 -11.01 48.66
C TRP QA 133 -14.82 -10.44 47.32
N THR QA 134 -14.59 -9.14 47.15
CA THR QA 134 -14.89 -8.44 45.91
C THR QA 134 -13.63 -7.78 45.38
N ALA QA 135 -13.26 -8.13 44.15
CA ALA QA 135 -12.04 -7.67 43.51
C ALA QA 135 -12.39 -6.62 42.47
N ALA QA 136 -11.88 -5.39 42.67
CA ALA QA 136 -12.21 -4.30 41.76
C ALA QA 136 -11.67 -4.56 40.36
N ASP QA 137 -10.37 -4.84 40.26
CA ASP QA 137 -9.76 -5.12 38.96
C ASP QA 137 -9.34 -6.60 38.89
N MET QA 138 -8.46 -6.92 37.94
CA MET QA 138 -7.97 -8.28 37.80
C MET QA 138 -6.92 -8.62 38.86
N ALA QA 139 -5.98 -7.70 39.11
CA ALA QA 139 -4.92 -7.97 40.07
C ALA QA 139 -5.46 -8.24 41.46
N ALA QA 140 -6.66 -7.78 41.77
CA ALA QA 140 -7.29 -8.14 43.03
C ALA QA 140 -7.95 -9.51 42.98
N GLN QA 141 -8.03 -10.13 41.81
CA GLN QA 141 -8.57 -11.48 41.68
C GLN QA 141 -7.52 -12.56 41.88
N ILE QA 142 -6.25 -12.31 41.52
CA ILE QA 142 -5.20 -13.25 41.89
C ILE QA 142 -4.88 -13.15 43.36
N THR QA 143 -5.29 -12.07 44.02
CA THR QA 143 -5.26 -12.00 45.47
C THR QA 143 -6.54 -12.56 46.08
N LYS QA 144 -7.65 -12.51 45.33
CA LYS QA 144 -8.90 -13.10 45.81
C LYS QA 144 -8.79 -14.62 45.90
N ARG QA 145 -8.39 -15.27 44.82
CA ARG QA 145 -8.31 -16.74 44.86
C ARG QA 145 -7.14 -17.22 45.72
N LYS QA 146 -6.17 -16.35 46.00
CA LYS QA 146 -5.10 -16.71 46.93
C LYS QA 146 -5.60 -16.67 48.36
N TRP QA 147 -6.60 -15.83 48.63
CA TRP QA 147 -7.16 -15.67 49.96
C TRP QA 147 -8.31 -16.65 50.24
N GLU QA 148 -9.11 -16.97 49.23
CA GLU QA 148 -10.14 -17.98 49.41
C GLU QA 148 -9.55 -19.35 49.67
N ALA QA 149 -8.29 -19.59 49.29
CA ALA QA 149 -7.68 -20.88 49.55
C ALA QA 149 -7.32 -21.05 51.02
N VAL QA 150 -6.97 -19.97 51.71
CA VAL QA 150 -6.57 -20.06 53.12
C VAL QA 150 -7.68 -19.61 54.07
N HIS QA 151 -8.91 -19.46 53.57
CA HIS QA 151 -10.05 -19.03 54.39
C HIS QA 151 -9.81 -17.69 55.07
N ALA QA 152 -9.25 -16.73 54.32
CA ALA QA 152 -9.08 -15.38 54.85
C ALA QA 152 -10.41 -14.70 55.08
N ALA QA 153 -11.47 -15.18 54.41
CA ALA QA 153 -12.81 -14.69 54.71
C ALA QA 153 -13.19 -14.92 56.16
N GLU QA 154 -12.75 -16.05 56.73
CA GLU QA 154 -13.06 -16.37 58.12
C GLU QA 154 -12.18 -15.57 59.09
N GLN QA 155 -10.87 -15.66 58.92
CA GLN QA 155 -9.94 -15.05 59.88
C GLN QA 155 -10.03 -13.53 59.92
N ARG QA 156 -10.61 -12.89 58.90
CA ARG QA 156 -10.97 -11.49 59.03
C ARG QA 156 -12.30 -11.34 59.77
N ARG QA 157 -13.24 -12.24 59.47
CA ARG QA 157 -14.52 -12.25 60.17
C ARG QA 157 -14.34 -12.52 61.66
N VAL QA 158 -13.31 -13.29 62.04
CA VAL QA 158 -13.15 -13.63 63.45
C VAL QA 158 -12.58 -12.44 64.24
N TYR QA 159 -11.71 -11.64 63.62
CA TYR QA 159 -11.23 -10.43 64.29
C TYR QA 159 -12.37 -9.43 64.45
N LEU QA 160 -13.25 -9.34 63.46
CA LEU QA 160 -14.32 -8.34 63.48
C LEU QA 160 -15.31 -8.62 64.62
N GLU QA 161 -15.72 -9.88 64.76
CA GLU QA 161 -16.69 -10.27 65.77
C GLU QA 161 -16.05 -10.72 67.07
N GLY QA 162 -14.72 -10.86 67.12
CA GLY QA 162 -14.01 -11.35 68.28
C GLY QA 162 -13.36 -10.19 69.00
N ARG QA 163 -12.14 -9.82 68.59
CA ARG QA 163 -11.37 -8.80 69.30
C ARG QA 163 -11.83 -7.38 68.99
N CYS QA 164 -12.45 -7.15 67.82
CA CYS QA 164 -12.87 -5.80 67.44
C CYS QA 164 -14.09 -5.34 68.24
N VAL QA 165 -15.09 -6.20 68.36
CA VAL QA 165 -16.28 -5.84 69.12
C VAL QA 165 -15.96 -5.73 70.60
N ASP QA 166 -15.04 -6.56 71.11
CA ASP QA 166 -14.63 -6.47 72.50
C ASP QA 166 -13.61 -5.36 72.75
N GLY QA 167 -12.88 -4.92 71.72
CA GLY QA 167 -12.08 -3.72 71.86
C GLY QA 167 -12.93 -2.45 71.90
N LEU QA 168 -13.82 -2.30 70.92
CA LEU QA 168 -14.67 -1.11 70.86
C LEU QA 168 -15.56 -0.99 72.08
N ARG QA 169 -16.08 -2.12 72.57
CA ARG QA 169 -16.91 -2.11 73.78
C ARG QA 169 -16.13 -1.62 74.99
N ARG QA 170 -14.89 -2.07 75.15
CA ARG QA 170 -14.10 -1.68 76.31
C ARG QA 170 -13.67 -0.22 76.23
N TYR QA 171 -13.45 0.31 75.03
CA TYR QA 171 -13.03 1.70 74.91
C TYR QA 171 -14.18 2.65 75.15
N LEU QA 172 -15.38 2.31 74.66
CA LEU QA 172 -16.55 3.16 74.90
C LEU QA 172 -16.90 3.23 76.37
N GLU QA 173 -16.44 2.27 77.17
CA GLU QA 173 -16.63 2.30 78.61
C GLU QA 173 -15.46 2.92 79.35
N ASN QA 174 -14.26 2.89 78.76
CA ASN QA 174 -13.11 3.54 79.38
C ASN QA 174 -13.23 5.06 79.33
N GLY QA 175 -13.66 5.60 78.21
CA GLY QA 175 -13.90 7.03 78.06
C GLY QA 175 -15.37 7.37 77.90
N LYS QA 176 -16.18 7.02 78.89
CA LYS QA 176 -17.62 7.23 78.79
C LYS QA 176 -17.97 8.72 78.67
N GLU QA 177 -17.22 9.58 79.36
CA GLU QA 177 -17.43 11.03 79.20
C GLU QA 177 -16.97 11.51 77.83
N THR QA 178 -15.76 11.09 77.42
CA THR QA 178 -15.16 11.64 76.21
C THR QA 178 -15.88 11.18 74.95
N LEU QA 179 -16.43 9.96 74.96
CA LEU QA 179 -16.90 9.31 73.75
C LEU QA 179 -18.42 9.36 73.63
N GLN QA 180 -19.12 9.91 74.62
CA GLN QA 180 -20.56 10.13 74.52
C GLN QA 180 -20.94 11.59 74.64
N ARG QA 181 -19.98 12.52 74.45
CA ARG QA 181 -20.30 13.93 74.47
C ARG QA 181 -21.08 14.31 73.20
N THR QA 182 -21.44 15.59 73.10
CA THR QA 182 -22.07 16.13 71.90
C THR QA 182 -21.70 17.60 71.70
N VAL RA 1 -8.01 -2.28 69.06
CA VAL RA 1 -7.27 -3.52 68.89
C VAL RA 1 -6.98 -3.79 67.42
N THR RA 2 -5.70 -3.77 67.05
CA THR RA 2 -5.31 -4.06 65.68
C THR RA 2 -5.32 -5.57 65.45
N GLU RA 3 -5.38 -5.96 64.19
CA GLU RA 3 -5.60 -7.36 63.82
C GLU RA 3 -4.42 -8.24 64.20
N HIS RA 4 -4.71 -9.47 64.62
CA HIS RA 4 -3.67 -10.37 65.11
C HIS RA 4 -2.61 -10.62 64.05
N ASP RA 5 -3.03 -11.05 62.86
CA ASP RA 5 -2.12 -11.31 61.76
C ASP RA 5 -2.63 -10.60 60.52
N THR RA 6 -1.83 -10.63 59.45
CA THR RA 6 -2.26 -10.01 58.21
C THR RA 6 -1.91 -10.96 57.07
N LEU RA 7 -2.54 -10.75 55.93
CA LEU RA 7 -2.33 -11.59 54.76
C LEU RA 7 -1.66 -10.75 53.66
N LEU RA 8 -0.78 -11.40 52.90
CA LEU RA 8 -0.10 -10.75 51.79
C LEU RA 8 -0.82 -11.07 50.48
N TYR RA 9 -0.71 -10.15 49.54
CA TYR RA 9 -1.44 -10.24 48.30
C TYR RA 9 -0.80 -11.26 47.37
N SER SA 2 -80.11 -35.59 23.41
CA SER SA 2 -79.16 -34.58 22.96
C SER SA 2 -78.16 -34.24 24.07
N VAL SA 3 -78.24 -34.96 25.18
CA VAL SA 3 -77.40 -34.73 26.36
C VAL SA 3 -76.42 -35.88 26.51
N SER SA 4 -75.14 -35.59 26.28
CA SER SA 4 -74.04 -36.52 26.58
C SER SA 4 -73.08 -35.80 27.53
N THR SA 5 -72.81 -36.42 28.68
CA THR SA 5 -72.18 -35.76 29.82
C THR SA 5 -70.82 -36.36 30.15
N GLN SA 6 -69.82 -35.49 30.32
CA GLN SA 6 -68.45 -35.78 30.71
C GLN SA 6 -68.15 -35.25 32.12
N PRO SA 7 -67.23 -35.88 32.85
CA PRO SA 7 -66.76 -35.28 34.09
C PRO SA 7 -66.05 -33.97 33.81
N PRO SA 8 -66.04 -33.06 34.79
CA PRO SA 8 -65.44 -31.74 34.53
C PRO SA 8 -63.92 -31.78 34.41
N SER SA 9 -63.24 -32.47 35.31
CA SER SA 9 -61.79 -32.61 35.27
C SER SA 9 -61.41 -33.93 35.90
N VAL SA 10 -60.29 -34.50 35.44
CA VAL SA 10 -59.73 -35.72 35.99
C VAL SA 10 -58.25 -35.51 36.23
N SER SA 11 -57.80 -35.75 37.46
CA SER SA 11 -56.40 -35.65 37.83
C SER SA 11 -55.82 -37.05 38.03
N VAL SA 12 -54.63 -37.28 37.49
CA VAL SA 12 -53.99 -38.59 37.50
C VAL SA 12 -52.49 -38.43 37.69
N ALA SA 13 -51.89 -39.40 38.39
CA ALA SA 13 -50.45 -39.39 38.56
C ALA SA 13 -49.78 -39.79 37.24
N PRO SA 14 -48.62 -39.21 36.93
CA PRO SA 14 -47.95 -39.54 35.67
C PRO SA 14 -47.60 -41.02 35.58
N GLY SA 15 -47.72 -41.56 34.37
CA GLY SA 15 -47.48 -42.98 34.12
C GLY SA 15 -48.60 -43.91 34.53
N GLN SA 16 -49.62 -43.42 35.24
CA GLN SA 16 -50.77 -44.25 35.61
C GLN SA 16 -51.69 -44.42 34.40
N THR SA 17 -52.90 -44.93 34.63
CA THR SA 17 -53.90 -45.10 33.59
C THR SA 17 -55.05 -44.15 33.90
N ALA SA 18 -55.26 -43.16 33.02
CA ALA SA 18 -56.34 -42.21 33.15
C ALA SA 18 -57.59 -42.73 32.46
N ARG SA 19 -58.75 -42.21 32.89
CA ARG SA 19 -60.02 -42.72 32.39
C ARG SA 19 -61.04 -41.60 32.41
N ILE SA 20 -61.51 -41.22 31.22
CA ILE SA 20 -62.52 -40.18 31.05
C ILE SA 20 -63.79 -40.85 30.53
N THR SA 21 -64.90 -40.60 31.20
CA THR SA 21 -66.18 -41.21 30.84
C THR SA 21 -67.04 -40.23 30.05
N CYS SA 22 -67.97 -40.79 29.26
CA CYS SA 22 -68.90 -39.99 28.44
C CYS SA 22 -70.27 -40.66 28.52
N GLY SA 23 -70.99 -40.37 29.59
CA GLY SA 23 -72.29 -41.00 29.81
C GLY SA 23 -73.39 -40.34 29.00
N GLY SA 24 -74.33 -41.17 28.57
CA GLY SA 24 -75.46 -40.69 27.78
C GLY SA 24 -76.52 -41.76 27.60
N ASN SA 25 -77.77 -41.35 27.46
CA ASN SA 25 -78.86 -42.30 27.32
C ASN SA 25 -78.68 -43.05 26.00
N ASN SA 26 -78.40 -44.35 26.10
CA ASN SA 26 -78.15 -45.20 24.94
C ASN SA 26 -77.00 -44.65 24.10
N ILE SA 27 -75.95 -44.16 24.77
CA ILE SA 27 -74.77 -43.74 24.03
C ILE SA 27 -74.02 -44.95 23.48
N GLY SA 28 -74.25 -46.13 24.05
CA GLY SA 28 -73.64 -47.35 23.56
C GLY SA 28 -74.06 -47.72 22.15
N SER SA 29 -75.23 -47.27 21.71
CA SER SA 29 -75.70 -47.53 20.36
C SER SA 29 -75.40 -46.39 19.39
N LYS SA 30 -74.81 -45.30 19.87
CA LYS SA 30 -74.31 -44.25 19.00
C LYS SA 30 -72.81 -44.42 18.81
N SER SA 31 -72.29 -43.79 17.77
CA SER SA 31 -70.87 -43.86 17.44
C SER SA 31 -70.15 -42.71 18.15
N VAL SA 32 -69.37 -43.04 19.17
CA VAL SA 32 -68.69 -42.06 20.00
C VAL SA 32 -67.32 -41.76 19.41
N HIS SA 33 -66.94 -40.49 19.44
CA HIS SA 33 -65.62 -40.05 19.02
C HIS SA 33 -65.01 -39.24 20.15
N TRP SA 34 -63.71 -39.00 20.06
CA TRP SA 34 -63.01 -38.27 21.11
C TRP SA 34 -62.02 -37.29 20.48
N TYR SA 35 -61.99 -36.07 21.02
CA TYR SA 35 -61.08 -35.03 20.58
C TYR SA 35 -60.32 -34.44 21.77
N ARG SA 36 -59.02 -34.17 21.57
CA ARG SA 36 -58.18 -33.55 22.60
C ARG SA 36 -57.75 -32.16 22.16
N GLN SA 37 -58.02 -31.15 23.01
CA GLN SA 37 -57.71 -29.76 22.70
C GLN SA 37 -56.81 -29.18 23.78
N LYS SA 38 -55.55 -28.87 23.42
CA LYS SA 38 -54.65 -28.13 24.30
C LYS SA 38 -54.80 -26.62 24.09
N PRO SA 39 -54.43 -25.81 25.08
CA PRO SA 39 -54.65 -24.36 24.97
C PRO SA 39 -53.99 -23.77 23.73
N GLY SA 40 -54.76 -22.93 23.03
CA GLY SA 40 -54.26 -22.21 21.88
C GLY SA 40 -54.28 -22.96 20.57
N GLN SA 41 -54.67 -24.23 20.57
CA GLN SA 41 -54.70 -25.03 19.35
C GLN SA 41 -56.12 -25.50 19.04
N ALA SA 42 -56.27 -26.10 17.86
CA ALA SA 42 -57.55 -26.65 17.41
C ALA SA 42 -57.78 -28.03 18.01
N PRO SA 43 -59.04 -28.49 18.04
CA PRO SA 43 -59.31 -29.87 18.45
C PRO SA 43 -58.67 -30.87 17.50
N VAL SA 44 -58.30 -32.03 18.05
CA VAL SA 44 -57.61 -33.07 17.30
C VAL SA 44 -58.29 -34.41 17.56
N LEU SA 45 -58.60 -35.14 16.48
CA LEU SA 45 -59.20 -36.45 16.62
C LEU SA 45 -58.19 -37.42 17.24
N VAL SA 46 -58.61 -38.11 18.31
CA VAL SA 46 -57.71 -39.02 19.02
C VAL SA 46 -58.32 -40.42 19.08
N VAL SA 47 -59.63 -40.51 19.03
CA VAL SA 47 -60.35 -41.78 19.00
C VAL SA 47 -61.64 -41.58 18.23
N TYR SA 48 -61.91 -42.43 17.24
CA TYR SA 48 -63.13 -42.35 16.47
C TYR SA 48 -63.85 -43.69 16.45
N ASP SA 49 -65.17 -43.62 16.30
CA ASP SA 49 -66.06 -44.79 16.36
C ASP SA 49 -65.74 -45.66 17.57
N ASN SA 50 -65.99 -45.06 18.74
CA ASN SA 50 -65.86 -45.69 20.05
C ASN SA 50 -64.41 -45.92 20.46
N ASN SA 51 -63.65 -46.70 19.68
CA ASN SA 51 -62.33 -47.14 20.11
C ASN SA 51 -61.20 -46.97 19.09
N ALA SA 52 -61.50 -46.73 17.81
CA ALA SA 52 -60.44 -46.70 16.80
C ALA SA 52 -59.64 -45.40 16.90
N ARG SA 53 -58.34 -45.51 16.68
CA ARG SA 53 -57.34 -44.44 16.68
C ARG SA 53 -56.92 -44.07 15.27
N PRO SA 54 -56.68 -42.78 15.04
CA PRO SA 54 -56.10 -42.36 13.75
C PRO SA 54 -54.67 -42.86 13.58
N SER SA 55 -54.02 -42.44 12.50
CA SER SA 55 -52.68 -42.93 12.21
C SER SA 55 -51.68 -42.48 13.27
N GLY SA 56 -51.57 -41.16 13.49
CA GLY SA 56 -50.53 -40.60 14.35
C GLY SA 56 -50.75 -40.80 15.85
N ILE SA 57 -51.94 -41.20 16.27
CA ILE SA 57 -52.26 -41.26 17.69
C ILE SA 57 -51.61 -42.51 18.30
N PRO SA 58 -50.93 -42.39 19.45
CA PRO SA 58 -50.31 -43.57 20.05
C PRO SA 58 -51.32 -44.53 20.63
N GLU SA 59 -50.94 -45.82 20.68
CA GLU SA 59 -51.82 -46.90 21.08
C GLU SA 59 -52.11 -46.90 22.58
N ARG SA 60 -51.42 -46.08 23.37
CA ARG SA 60 -51.73 -45.95 24.79
C ARG SA 60 -53.17 -45.52 24.99
N ILE SA 61 -53.64 -44.60 24.14
CA ILE SA 61 -55.00 -44.08 24.21
C ILE SA 61 -55.95 -45.07 23.55
N SER SA 62 -56.94 -45.53 24.32
CA SER SA 62 -57.93 -46.46 23.80
C SER SA 62 -59.32 -45.94 24.13
N GLY SA 63 -60.28 -46.33 23.29
CA GLY SA 63 -61.66 -45.93 23.45
C GLY SA 63 -62.52 -47.07 23.97
N SER SA 64 -63.76 -46.72 24.27
CA SER SA 64 -64.73 -47.67 24.81
C SER SA 64 -66.11 -47.02 24.75
N ASN SA 65 -67.12 -47.85 24.49
CA ASN SA 65 -68.51 -47.40 24.45
C ASN SA 65 -69.46 -48.58 24.48
N PHE SA 66 -70.20 -48.73 25.57
CA PHE SA 66 -71.11 -49.85 25.72
C PHE SA 66 -72.23 -49.45 26.65
N ALA SA 67 -73.43 -49.99 26.38
CA ALA SA 67 -74.60 -49.73 27.20
C ALA SA 67 -74.89 -48.23 27.26
N ASN SA 68 -74.51 -47.60 28.36
CA ASN SA 68 -74.89 -46.21 28.61
C ASN SA 68 -73.69 -45.36 29.02
N THR SA 69 -72.49 -45.76 28.62
CA THR SA 69 -71.30 -45.02 29.03
C THR SA 69 -70.18 -45.27 28.03
N ALA SA 70 -69.78 -44.23 27.30
CA ALA SA 70 -68.55 -44.27 26.53
C ALA SA 70 -67.38 -43.84 27.42
N THR SA 71 -66.22 -44.44 27.20
CA THR SA 71 -65.07 -44.22 28.07
C THR SA 71 -63.79 -44.10 27.25
N LEU SA 72 -63.06 -42.99 27.45
CA LEU SA 72 -61.73 -42.81 26.87
C LEU SA 72 -60.68 -43.14 27.93
N THR SA 73 -59.76 -44.03 27.57
CA THR SA 73 -58.73 -44.51 28.49
C THR SA 73 -57.36 -44.20 27.92
N ILE SA 74 -56.52 -43.55 28.72
CA ILE SA 74 -55.15 -43.23 28.36
C ILE SA 74 -54.25 -44.04 29.28
N SER SA 75 -53.61 -45.07 28.72
CA SER SA 75 -52.70 -45.89 29.49
C SER SA 75 -51.32 -45.25 29.50
N ARG SA 76 -50.62 -45.40 30.62
CA ARG SA 76 -49.29 -44.82 30.84
C ARG SA 76 -49.32 -43.31 30.54
N VAL SA 77 -49.99 -42.60 31.46
CA VAL SA 77 -50.27 -41.19 31.26
C VAL SA 77 -48.97 -40.39 31.25
N GLU SA 78 -48.83 -39.53 30.24
CA GLU SA 78 -47.71 -38.62 30.12
C GLU SA 78 -48.10 -37.23 30.61
N ALA SA 79 -47.07 -36.38 30.80
CA ALA SA 79 -47.31 -35.00 31.17
C ALA SA 79 -48.00 -34.23 30.04
N GLY SA 80 -47.66 -34.57 28.80
CA GLY SA 80 -48.21 -33.95 27.61
C GLY SA 80 -49.65 -34.27 27.30
N ASP SA 81 -50.31 -35.10 28.11
CA ASP SA 81 -51.72 -35.41 27.92
C ASP SA 81 -52.63 -34.40 28.58
N GLU SA 82 -52.09 -33.37 29.21
CA GLU SA 82 -52.91 -32.32 29.81
C GLU SA 82 -53.59 -31.51 28.73
N ALA SA 83 -54.92 -31.59 28.69
CA ALA SA 83 -55.74 -30.86 27.73
C ALA SA 83 -57.20 -31.08 28.12
N ASP SA 84 -58.09 -30.47 27.35
CA ASP SA 84 -59.51 -30.75 27.46
C ASP SA 84 -59.89 -31.86 26.48
N TYR SA 85 -60.82 -32.72 26.90
CA TYR SA 85 -61.24 -33.87 26.11
C TYR SA 85 -62.75 -33.82 25.93
N TYR SA 86 -63.18 -33.80 24.67
CA TYR SA 86 -64.59 -33.74 24.31
C TYR SA 86 -64.98 -35.01 23.57
N CYS SA 87 -66.08 -35.63 24.00
CA CYS SA 87 -66.65 -36.75 23.26
C CYS SA 87 -67.71 -36.24 22.28
N HIS SA 88 -68.04 -37.09 21.32
CA HIS SA 88 -68.83 -36.73 20.16
C HIS SA 88 -69.81 -37.84 19.86
N VAL SA 89 -71.10 -37.51 19.80
CA VAL SA 89 -72.11 -38.41 19.30
C VAL SA 89 -72.92 -37.69 18.23
N TRP SA 90 -73.78 -38.44 17.55
CA TRP SA 90 -74.74 -37.88 16.61
C TRP SA 90 -76.12 -38.36 17.05
N ASP SA 91 -76.96 -37.42 17.50
CA ASP SA 91 -78.30 -37.75 17.97
C ASP SA 91 -79.18 -37.96 16.75
N SER SA 92 -79.47 -39.22 16.44
CA SER SA 92 -80.28 -39.55 15.27
C SER SA 92 -81.63 -38.87 15.33
N SER SA 93 -82.30 -38.93 16.49
CA SER SA 93 -83.64 -38.39 16.67
C SER SA 93 -83.64 -36.93 17.12
N SER SA 94 -82.58 -36.18 16.85
CA SER SA 94 -82.53 -34.76 17.22
C SER SA 94 -81.97 -33.85 16.15
N ASP SA 95 -81.29 -34.37 15.12
CA ASP SA 95 -80.59 -33.56 14.13
C ASP SA 95 -79.58 -32.61 14.77
N HIS SA 96 -78.90 -33.10 15.81
CA HIS SA 96 -77.93 -32.33 16.55
C HIS SA 96 -76.74 -33.21 16.89
N VAL SA 97 -75.54 -32.75 16.53
CA VAL SA 97 -74.32 -33.38 17.00
C VAL SA 97 -74.03 -32.86 18.41
N VAL SA 98 -73.72 -33.78 19.31
CA VAL SA 98 -73.73 -33.51 20.74
C VAL SA 98 -72.31 -33.66 21.26
N PHE SA 99 -71.69 -32.54 21.60
CA PHE SA 99 -70.40 -32.51 22.27
C PHE SA 99 -70.58 -32.60 23.78
N GLY SA 100 -69.61 -33.22 24.44
CA GLY SA 100 -69.59 -33.21 25.89
C GLY SA 100 -69.11 -31.87 26.42
N GLY SA 101 -69.27 -31.70 27.73
CA GLY SA 101 -68.84 -30.46 28.36
C GLY SA 101 -67.34 -30.25 28.33
N GLY SA 102 -66.59 -31.31 28.12
CA GLY SA 102 -65.14 -31.23 28.17
C GLY SA 102 -64.63 -31.68 29.52
N THR SA 103 -63.49 -32.36 29.51
CA THR SA 103 -62.87 -32.86 30.73
C THR SA 103 -61.42 -32.40 30.74
N LYS SA 104 -61.04 -31.67 31.78
CA LYS SA 104 -59.65 -31.23 31.91
C LYS SA 104 -58.87 -32.36 32.55
N LEU SA 105 -58.15 -33.13 31.75
CA LEU SA 105 -57.31 -34.19 32.28
C LEU SA 105 -56.05 -33.54 32.83
N THR SA 106 -55.80 -33.71 34.12
CA THR SA 106 -54.64 -33.13 34.77
C THR SA 106 -53.66 -34.24 35.17
N VAL SA 107 -52.44 -34.15 34.66
CA VAL SA 107 -51.34 -35.00 35.06
C VAL SA 107 -50.44 -34.15 35.94
N LEU SA 108 -50.56 -34.35 37.26
CA LEU SA 108 -50.03 -33.39 38.21
C LEU SA 108 -48.51 -33.43 38.28
N GLY SA 109 -47.89 -32.25 38.26
CA GLY SA 109 -46.47 -32.12 38.52
C GLY SA 109 -46.24 -31.59 39.92
N GLN SA 110 -47.17 -30.76 40.39
CA GLN SA 110 -47.22 -30.36 41.79
C GLN SA 110 -48.05 -31.36 42.58
N PRO SA 111 -48.02 -31.27 43.90
CA PRO SA 111 -49.06 -31.92 44.72
C PRO SA 111 -50.35 -31.10 44.63
N LYS SA 112 -51.37 -31.56 45.35
CA LYS SA 112 -52.69 -30.93 45.32
C LYS SA 112 -52.85 -30.06 46.55
N ALA SA 113 -53.07 -28.76 46.33
CA ALA SA 113 -53.19 -27.76 47.39
C ALA SA 113 -54.52 -27.03 47.26
N ALA SA 114 -55.24 -26.89 48.36
CA ALA SA 114 -56.48 -26.14 48.34
C ALA SA 114 -56.21 -24.65 48.13
N PRO SA 115 -57.20 -23.92 47.59
CA PRO SA 115 -56.96 -22.51 47.25
C PRO SA 115 -57.09 -21.58 48.45
N SER SA 116 -56.39 -20.44 48.35
CA SER SA 116 -56.49 -19.37 49.33
C SER SA 116 -57.61 -18.42 48.93
N VAL SA 117 -58.61 -18.29 49.79
CA VAL SA 117 -59.79 -17.47 49.52
C VAL SA 117 -59.71 -16.19 50.33
N THR SA 118 -59.76 -15.06 49.63
CA THR SA 118 -59.80 -13.73 50.25
C THR SA 118 -60.99 -12.99 49.68
N LEU SA 119 -61.94 -12.63 50.54
CA LEU SA 119 -63.18 -11.99 50.13
C LEU SA 119 -63.12 -10.52 50.53
N PHE SA 120 -63.40 -9.64 49.57
CA PHE SA 120 -63.36 -8.22 49.85
C PHE SA 120 -64.76 -7.62 49.75
N PRO SA 121 -65.20 -6.83 50.72
CA PRO SA 121 -66.49 -6.14 50.60
C PRO SA 121 -66.37 -4.94 49.68
N PRO SA 122 -67.48 -4.38 49.22
CA PRO SA 122 -67.40 -3.19 48.37
C PRO SA 122 -66.79 -2.03 49.15
N SER SA 123 -65.85 -1.32 48.52
CA SER SA 123 -65.19 -0.23 49.21
C SER SA 123 -66.17 0.91 49.47
N SER SA 124 -65.90 1.68 50.53
CA SER SA 124 -66.75 2.82 50.83
C SER SA 124 -66.78 3.83 49.68
N GLU SA 125 -65.65 3.97 48.98
CA GLU SA 125 -65.60 4.87 47.83
C GLU SA 125 -66.54 4.42 46.72
N GLU SA 126 -66.61 3.11 46.47
CA GLU SA 126 -67.52 2.62 45.44
C GLU SA 126 -68.97 2.74 45.89
N LEU SA 127 -69.21 2.63 47.19
CA LEU SA 127 -70.57 2.80 47.70
C LEU SA 127 -71.11 4.19 47.37
N GLN SA 128 -70.27 5.23 47.53
CA GLN SA 128 -70.69 6.57 47.16
C GLN SA 128 -70.71 6.79 45.65
N ALA SA 129 -70.29 5.81 44.86
CA ALA SA 129 -70.51 5.85 43.43
C ALA SA 129 -71.77 5.08 43.03
N ASN SA 130 -72.59 4.69 44.01
CA ASN SA 130 -73.85 3.97 43.79
C ASN SA 130 -73.59 2.59 43.18
N LYS SA 131 -72.46 1.99 43.50
CA LYS SA 131 -72.18 0.63 43.07
C LYS SA 131 -71.61 -0.16 44.24
N ALA SA 132 -71.72 -1.47 44.14
CA ALA SA 132 -71.20 -2.39 45.13
C ALA SA 132 -70.73 -3.64 44.40
N THR SA 133 -69.49 -4.06 44.64
CA THR SA 133 -68.93 -5.21 43.95
C THR SA 133 -68.15 -6.05 44.95
N LEU SA 134 -68.59 -7.27 45.16
CA LEU SA 134 -67.91 -8.23 46.05
C LEU SA 134 -66.87 -8.98 45.24
N VAL SA 135 -65.62 -8.91 45.68
CA VAL SA 135 -64.50 -9.52 44.98
C VAL SA 135 -64.07 -10.76 45.76
N CYS SA 136 -64.30 -11.94 45.18
CA CYS SA 136 -63.85 -13.20 45.75
C CYS SA 136 -62.62 -13.68 44.99
N LEU SA 137 -61.51 -13.81 45.70
CA LEU SA 137 -60.21 -14.09 45.10
C LEU SA 137 -59.78 -15.52 45.39
N ILE SA 138 -59.46 -16.26 44.34
CA ILE SA 138 -59.07 -17.67 44.44
C ILE SA 138 -57.68 -17.80 43.84
N SER SA 139 -56.73 -18.31 44.62
CA SER SA 139 -55.35 -18.39 44.17
C SER SA 139 -54.67 -19.60 44.80
N ASP SA 140 -53.63 -20.09 44.11
CA ASP SA 140 -52.73 -21.12 44.63
C ASP SA 140 -53.43 -22.47 44.80
N PHE SA 141 -54.15 -22.90 43.77
CA PHE SA 141 -54.76 -24.22 43.80
C PHE SA 141 -54.25 -25.07 42.64
N TYR SA 142 -54.37 -26.39 42.81
CA TYR SA 142 -53.95 -27.36 41.81
C TYR SA 142 -54.64 -28.69 42.12
N PRO SA 143 -55.25 -29.35 41.11
CA PRO SA 143 -55.30 -28.98 39.69
C PRO SA 143 -56.14 -27.73 39.41
N GLY SA 144 -56.08 -27.19 38.19
CA GLY SA 144 -56.77 -25.95 37.89
C GLY SA 144 -58.23 -26.12 37.58
N ALA SA 145 -59.03 -26.39 38.62
CA ALA SA 145 -60.47 -26.59 38.45
C ALA SA 145 -61.16 -26.14 39.72
N VAL SA 146 -61.91 -25.03 39.63
CA VAL SA 146 -62.65 -24.48 40.77
C VAL SA 146 -64.04 -24.09 40.32
N THR SA 147 -64.95 -24.06 41.30
CA THR SA 147 -66.34 -23.64 41.10
C THR SA 147 -66.70 -22.68 42.23
N VAL SA 148 -67.40 -21.59 41.89
CA VAL SA 148 -67.70 -20.53 42.84
C VAL SA 148 -69.20 -20.48 43.06
N ALA SA 149 -69.61 -20.47 44.33
CA ALA SA 149 -71.01 -20.31 44.70
C ALA SA 149 -71.15 -19.16 45.69
N TRP SA 150 -72.19 -18.36 45.50
CA TRP SA 150 -72.45 -17.21 46.36
C TRP SA 150 -73.69 -17.48 47.21
N LYS SA 151 -73.59 -17.17 48.50
CA LYS SA 151 -74.68 -17.36 49.45
C LYS SA 151 -74.95 -16.04 50.15
N ALA SA 152 -76.15 -15.49 49.96
CA ALA SA 152 -76.58 -14.27 50.65
C ALA SA 152 -77.47 -14.67 51.81
N ASP SA 153 -76.88 -14.76 53.01
CA ASP SA 153 -77.57 -15.17 54.23
C ASP SA 153 -78.16 -16.57 54.06
N SER SA 154 -77.27 -17.53 53.83
CA SER SA 154 -77.61 -18.94 53.67
C SER SA 154 -78.56 -19.18 52.48
N SER SA 155 -78.62 -18.23 51.55
CA SER SA 155 -79.45 -18.33 50.37
C SER SA 155 -78.61 -18.12 49.12
N PRO SA 156 -78.80 -18.94 48.08
CA PRO SA 156 -77.97 -18.81 46.88
C PRO SA 156 -78.22 -17.51 46.12
N VAL SA 157 -77.21 -17.10 45.37
CA VAL SA 157 -77.24 -15.89 44.56
C VAL SA 157 -76.94 -16.27 43.11
N LYS SA 158 -77.85 -15.90 42.20
CA LYS SA 158 -77.68 -16.25 40.79
C LYS SA 158 -77.01 -15.14 39.99
N ALA SA 159 -77.79 -14.14 39.56
CA ALA SA 159 -77.29 -13.12 38.65
C ALA SA 159 -76.38 -12.15 39.40
N GLY SA 160 -75.71 -11.29 38.62
CA GLY SA 160 -74.73 -10.38 39.17
C GLY SA 160 -73.39 -11.01 39.46
N VAL SA 161 -73.20 -12.28 39.15
CA VAL SA 161 -71.97 -13.01 39.45
C VAL SA 161 -71.17 -13.17 38.17
N GLU SA 162 -69.89 -12.83 38.24
CA GLU SA 162 -68.93 -13.09 37.17
C GLU SA 162 -67.74 -13.82 37.77
N THR SA 163 -67.18 -14.75 37.00
CA THR SA 163 -66.04 -15.54 37.47
C THR SA 163 -65.08 -15.78 36.32
N THR SA 164 -63.78 -15.62 36.61
CA THR SA 164 -62.75 -15.84 35.60
C THR SA 164 -62.48 -17.32 35.39
N THR SA 165 -61.82 -17.63 34.26
CA THR SA 165 -61.25 -18.95 34.07
C THR SA 165 -59.89 -19.01 34.75
N PRO SA 166 -59.58 -20.08 35.49
CA PRO SA 166 -58.28 -20.18 36.14
C PRO SA 166 -57.16 -20.07 35.11
N SER SA 167 -56.02 -19.53 35.57
CA SER SA 167 -54.84 -19.38 34.73
C SER SA 167 -53.59 -19.61 35.56
N LYS SA 168 -52.50 -19.96 34.88
CA LYS SA 168 -51.26 -20.30 35.57
C LYS SA 168 -50.68 -19.07 36.23
N GLN SA 169 -50.24 -19.23 37.48
CA GLN SA 169 -49.59 -18.16 38.24
C GLN SA 169 -48.11 -18.09 37.88
N SER SA 170 -47.34 -17.35 38.68
CA SER SA 170 -45.89 -17.36 38.53
C SER SA 170 -45.35 -18.75 38.89
N ASN SA 171 -45.78 -19.31 40.02
CA ASN SA 171 -45.36 -20.63 40.46
C ASN SA 171 -46.16 -21.76 39.80
N ASN SA 172 -46.82 -21.49 38.68
CA ASN SA 172 -47.54 -22.46 37.85
C ASN SA 172 -48.71 -23.11 38.56
N LYS SA 173 -49.06 -22.66 39.76
CA LYS SA 173 -50.36 -22.95 40.32
C LYS SA 173 -51.41 -22.12 39.58
N TYR SA 174 -52.68 -22.40 39.83
CA TYR SA 174 -53.73 -21.69 39.12
C TYR SA 174 -54.41 -20.69 40.05
N ALA SA 175 -55.06 -19.70 39.43
CA ALA SA 175 -55.75 -18.64 40.17
C ALA SA 175 -56.87 -18.07 39.32
N ALA SA 176 -57.91 -17.58 40.00
CA ALA SA 176 -59.04 -16.96 39.35
C ALA SA 176 -59.77 -16.09 40.37
N SER SA 177 -60.65 -15.23 39.87
CA SER SA 177 -61.40 -14.30 40.71
C SER SA 177 -62.87 -14.37 40.32
N SER SA 178 -63.73 -14.14 41.32
CA SER SA 178 -65.18 -14.15 41.12
C SER SA 178 -65.77 -12.91 41.74
N TYR SA 179 -66.50 -12.13 40.94
CA TYR SA 179 -67.09 -10.87 41.37
C TYR SA 179 -68.60 -11.02 41.43
N LEU SA 180 -69.22 -10.38 42.43
CA LEU SA 180 -70.67 -10.33 42.56
C LEU SA 180 -71.07 -8.85 42.58
N SER SA 181 -71.63 -8.38 41.47
CA SER SA 181 -72.08 -7.00 41.39
C SER SA 181 -73.45 -6.89 42.06
N LEU SA 182 -73.54 -6.02 43.05
CA LEU SA 182 -74.78 -5.75 43.76
C LEU SA 182 -75.08 -4.26 43.73
N THR SA 183 -76.31 -3.93 44.08
CA THR SA 183 -76.61 -2.54 44.37
C THR SA 183 -76.24 -2.25 45.83
N PRO SA 184 -75.84 -1.01 46.13
CA PRO SA 184 -75.46 -0.67 47.51
C PRO SA 184 -76.55 -0.94 48.52
N GLU SA 185 -77.80 -1.00 48.07
CA GLU SA 185 -78.92 -1.31 48.95
C GLU SA 185 -78.93 -2.79 49.32
N GLN SA 186 -78.75 -3.68 48.34
CA GLN SA 186 -78.76 -5.12 48.59
C GLN SA 186 -77.61 -5.53 49.51
N TRP SA 187 -76.48 -4.83 49.44
CA TRP SA 187 -75.37 -5.10 50.35
C TRP SA 187 -75.74 -4.78 51.79
N LYS SA 188 -76.64 -3.83 52.01
CA LYS SA 188 -77.09 -3.50 53.35
C LYS SA 188 -78.33 -4.26 53.78
N SER SA 189 -79.11 -4.79 52.82
CA SER SA 189 -80.33 -5.51 53.15
C SER SA 189 -80.05 -6.75 53.99
N HIS SA 190 -79.15 -7.60 53.53
CA HIS SA 190 -78.84 -8.85 54.22
C HIS SA 190 -77.71 -8.66 55.22
N ARG SA 191 -77.67 -9.55 56.21
CA ARG SA 191 -76.69 -9.42 57.29
C ARG SA 191 -75.35 -10.06 56.96
N SER SA 192 -75.32 -11.04 56.06
CA SER SA 192 -74.04 -11.66 55.69
C SER SA 192 -74.11 -12.22 54.27
N TYR SA 193 -72.97 -12.14 53.59
CA TYR SA 193 -72.75 -12.73 52.27
C TYR SA 193 -71.59 -13.70 52.36
N SER SA 194 -71.61 -14.74 51.53
CA SER SA 194 -70.59 -15.77 51.59
C SER SA 194 -70.21 -16.24 50.20
N CYS SA 195 -68.90 -16.44 50.01
CA CYS SA 195 -68.34 -16.97 48.76
C CYS SA 195 -67.90 -18.41 48.99
N GLN SA 196 -68.48 -19.34 48.24
CA GLN SA 196 -68.19 -20.76 48.37
C GLN SA 196 -67.37 -21.19 47.15
N VAL SA 197 -66.12 -21.56 47.39
CA VAL SA 197 -65.24 -22.08 46.34
C VAL SA 197 -64.97 -23.55 46.65
N THR SA 198 -65.23 -24.40 45.66
CA THR SA 198 -64.99 -25.83 45.79
C THR SA 198 -63.89 -26.26 44.83
N HIS SA 199 -62.97 -27.09 45.31
CA HIS SA 199 -61.83 -27.54 44.51
C HIS SA 199 -61.48 -28.95 44.94
N GLU SA 200 -61.67 -29.90 44.03
CA GLU SA 200 -61.37 -31.31 44.27
C GLU SA 200 -62.21 -31.84 45.45
N GLY SA 201 -63.51 -31.63 45.36
CA GLY SA 201 -64.48 -32.17 46.31
C GLY SA 201 -64.65 -31.41 47.60
N SER SA 202 -63.59 -30.80 48.12
CA SER SA 202 -63.67 -30.07 49.37
C SER SA 202 -64.06 -28.61 49.09
N THR SA 203 -64.79 -28.02 50.03
CA THR SA 203 -65.30 -26.66 49.87
C THR SA 203 -64.74 -25.76 50.95
N VAL SA 204 -64.29 -24.57 50.56
CA VAL SA 204 -63.80 -23.54 51.46
C VAL SA 204 -64.64 -22.30 51.25
N GLU SA 205 -64.80 -21.49 52.30
CA GLU SA 205 -65.73 -20.37 52.30
C GLU SA 205 -65.09 -19.15 52.94
N LYS SA 206 -65.78 -18.02 52.82
CA LYS SA 206 -65.36 -16.76 53.46
C LYS SA 206 -66.53 -15.77 53.57
N VAL TA 2 -54.05 -32.15 4.43
CA VAL TA 2 -55.37 -31.55 4.52
C VAL TA 2 -55.28 -30.27 5.36
N GLN TA 3 -55.71 -29.15 4.81
CA GLN TA 3 -55.62 -27.86 5.51
C GLN TA 3 -56.94 -27.11 5.43
N LEU TA 4 -57.35 -26.53 6.55
CA LEU TA 4 -58.52 -25.67 6.64
C LEU TA 4 -58.09 -24.37 7.32
N GLN TA 5 -58.49 -23.23 6.75
CA GLN TA 5 -58.02 -21.92 7.22
C GLN TA 5 -59.21 -20.97 7.34
N GLU TA 6 -59.58 -20.64 8.58
CA GLU TA 6 -60.65 -19.70 8.83
C GLU TA 6 -60.13 -18.26 8.80
N SER TA 7 -61.05 -17.34 8.55
CA SER TA 7 -60.77 -15.91 8.46
C SER TA 7 -62.10 -15.16 8.53
N GLY TA 8 -62.03 -13.83 8.46
CA GLY TA 8 -63.20 -13.00 8.47
C GLY TA 8 -63.70 -12.58 9.84
N GLY TA 9 -63.24 -13.23 10.90
CA GLY TA 9 -63.62 -12.83 12.24
C GLY TA 9 -62.92 -11.55 12.66
N GLY TA 10 -63.23 -11.13 13.87
CA GLY TA 10 -62.65 -9.93 14.43
C GLY TA 10 -63.59 -9.35 15.49
N VAL TA 11 -63.65 -8.02 15.51
CA VAL TA 11 -64.51 -7.29 16.43
C VAL TA 11 -65.61 -6.64 15.63
N VAL TA 12 -66.86 -6.99 15.96
CA VAL TA 12 -68.04 -6.47 15.28
C VAL TA 12 -68.95 -5.84 16.33
N GLN TA 13 -70.00 -5.18 15.86
CA GLN TA 13 -70.98 -4.65 16.78
C GLN TA 13 -72.29 -5.39 16.65
N PRO TA 14 -73.06 -5.51 17.75
CA PRO TA 14 -74.33 -6.24 17.68
C PRO TA 14 -75.24 -5.67 16.61
N GLY TA 15 -76.13 -6.51 16.09
CA GLY TA 15 -77.02 -6.16 15.04
C GLY TA 15 -76.43 -6.30 13.65
N GLY TA 16 -75.13 -6.05 13.49
CA GLY TA 16 -74.49 -6.19 12.21
C GLY TA 16 -74.49 -7.62 11.71
N SER TA 17 -74.03 -7.79 10.48
CA SER TA 17 -73.88 -9.11 9.87
C SER TA 17 -72.41 -9.37 9.58
N LEU TA 18 -72.03 -10.64 9.63
CA LEU TA 18 -70.63 -11.04 9.51
C LEU TA 18 -70.54 -12.30 8.67
N ARG TA 19 -69.45 -12.39 7.91
CA ARG TA 19 -69.19 -13.49 6.99
C ARG TA 19 -67.87 -14.14 7.38
N LEU TA 20 -67.93 -15.40 7.80
CA LEU TA 20 -66.73 -16.19 8.06
C LEU TA 20 -66.44 -17.07 6.85
N SER TA 21 -65.16 -17.31 6.59
CA SER TA 21 -64.76 -18.12 5.45
C SER TA 21 -63.67 -19.09 5.86
N CYS TA 22 -63.76 -20.31 5.33
CA CYS TA 22 -62.81 -21.38 5.61
C CYS TA 22 -62.26 -21.87 4.27
N ALA TA 23 -60.96 -21.65 4.05
CA ALA TA 23 -60.31 -22.05 2.80
C ALA TA 23 -59.76 -23.46 2.96
N ALA TA 24 -60.08 -24.32 2.00
CA ALA TA 24 -59.75 -25.75 2.08
C ALA TA 24 -58.75 -26.13 0.99
N SER TA 25 -57.82 -27.02 1.35
CA SER TA 25 -56.85 -27.57 0.42
C SER TA 25 -56.35 -28.90 0.99
N GLY TA 26 -56.02 -29.84 0.12
CA GLY TA 26 -55.50 -31.11 0.53
C GLY TA 26 -56.52 -32.22 0.62
N PHE TA 27 -57.64 -32.12 -0.09
CA PHE TA 27 -58.66 -33.17 -0.16
C PHE TA 27 -59.68 -32.75 -1.22
N ASN TA 28 -60.38 -33.75 -1.76
CA ASN TA 28 -61.45 -33.49 -2.70
C ASN TA 28 -62.62 -32.79 -2.00
N PHE TA 29 -62.55 -31.46 -1.96
CA PHE TA 29 -63.56 -30.66 -1.27
C PHE TA 29 -64.95 -30.90 -1.84
N SER TA 30 -65.04 -31.22 -3.13
CA SER TA 30 -66.35 -31.42 -3.76
C SER TA 30 -67.03 -32.71 -3.33
N ASN TA 31 -66.34 -33.57 -2.56
CA ASN TA 31 -66.88 -34.89 -2.20
C ASN TA 31 -67.17 -35.06 -0.73
N TYR TA 32 -66.78 -34.11 0.11
CA TYR TA 32 -66.85 -34.26 1.57
C TYR TA 32 -67.83 -33.26 2.16
N GLY TA 33 -68.39 -33.59 3.32
CA GLY TA 33 -69.14 -32.62 4.09
C GLY TA 33 -68.20 -31.69 4.84
N MET TA 34 -68.70 -30.49 5.13
CA MET TA 34 -67.94 -29.47 5.85
C MET TA 34 -68.80 -28.95 7.00
N HIS TA 35 -68.12 -28.53 8.07
CA HIS TA 35 -68.81 -28.15 9.29
C HIS TA 35 -68.20 -26.89 9.91
N TRP TA 36 -69.03 -26.18 10.67
CA TRP TA 36 -68.60 -25.09 11.53
C TRP TA 36 -68.88 -25.47 12.98
N VAL TA 37 -67.88 -25.36 13.84
CA VAL TA 37 -68.03 -25.62 15.26
C VAL TA 37 -67.38 -24.48 16.04
N ARG TA 38 -68.15 -23.80 16.88
CA ARG TA 38 -67.67 -22.65 17.64
C ARG TA 38 -67.47 -23.02 19.11
N GLN TA 39 -66.75 -22.16 19.81
CA GLN TA 39 -66.40 -22.40 21.22
C GLN TA 39 -66.43 -21.07 21.97
N THR TA 40 -67.40 -20.92 22.86
CA THR TA 40 -67.45 -19.77 23.75
C THR TA 40 -66.22 -19.76 24.66
N PRO TA 41 -65.50 -18.64 24.77
CA PRO TA 41 -64.28 -18.61 25.56
C PRO TA 41 -64.52 -19.10 26.98
N GLY TA 42 -63.66 -20.02 27.43
CA GLY TA 42 -63.80 -20.64 28.74
C GLY TA 42 -64.86 -21.71 28.84
N LYS TA 43 -65.45 -22.13 27.73
CA LYS TA 43 -66.51 -23.13 27.70
C LYS TA 43 -66.16 -24.22 26.70
N GLY TA 44 -67.08 -25.19 26.56
CA GLY TA 44 -66.86 -26.34 25.72
C GLY TA 44 -67.04 -26.06 24.24
N LEU TA 45 -66.89 -27.12 23.44
CA LEU TA 45 -67.10 -27.05 22.01
C LEU TA 45 -68.59 -27.07 21.71
N GLU TA 46 -68.99 -26.33 20.66
CA GLU TA 46 -70.38 -26.21 20.28
C GLU TA 46 -70.55 -26.23 18.77
N TRP TA 47 -71.40 -27.13 18.27
CA TRP TA 47 -71.70 -27.23 16.85
C TRP TA 47 -72.63 -26.10 16.42
N VAL TA 48 -72.31 -25.47 15.29
CA VAL TA 48 -73.06 -24.33 14.78
C VAL TA 48 -73.95 -24.79 13.63
N ALA TA 49 -73.33 -25.09 12.49
CA ALA TA 49 -74.05 -25.51 11.31
C ALA TA 49 -73.13 -26.38 10.48
N SER TA 50 -73.71 -27.08 9.50
CA SER TA 50 -72.95 -27.98 8.66
C SER TA 50 -73.69 -28.17 7.34
N ILE TA 51 -72.96 -28.64 6.33
CA ILE TA 51 -73.48 -28.73 4.98
C ILE TA 51 -72.91 -29.99 4.33
N PRO TA 52 -73.74 -30.81 3.65
CA PRO TA 52 -73.21 -32.03 3.03
C PRO TA 52 -72.28 -31.72 1.85
N TYR TA 53 -71.84 -32.75 1.14
CA TYR TA 53 -70.83 -32.54 0.11
C TYR TA 53 -71.32 -31.64 -1.01
N ASP TA 54 -72.62 -31.63 -1.28
CA ASP TA 54 -73.17 -30.94 -2.44
C ASP TA 54 -73.84 -29.61 -2.13
N GLY TA 55 -74.27 -29.37 -0.88
CA GLY TA 55 -75.06 -28.20 -0.59
C GLY TA 55 -76.56 -28.37 -0.70
N SER TA 56 -77.05 -29.61 -0.83
CA SER TA 56 -78.48 -29.88 -0.93
C SER TA 56 -79.25 -29.23 0.22
N HIS TA 57 -78.96 -29.67 1.45
CA HIS TA 57 -79.63 -29.21 2.66
C HIS TA 57 -78.71 -28.31 3.48
N GLN TA 58 -79.17 -27.98 4.68
CA GLN TA 58 -78.45 -27.09 5.59
C GLN TA 58 -78.92 -27.42 7.00
N TRP TA 59 -78.04 -28.04 7.78
CA TRP TA 59 -78.37 -28.45 9.14
C TRP TA 59 -78.03 -27.31 10.10
N HIS TA 60 -78.97 -26.96 10.97
CA HIS TA 60 -78.82 -25.84 11.87
C HIS TA 60 -79.01 -26.32 13.30
N ALA TA 61 -78.11 -25.89 14.18
CA ALA TA 61 -78.37 -25.97 15.61
C ALA TA 61 -79.44 -24.94 15.96
N ASP TA 62 -80.15 -25.21 17.07
CA ASP TA 62 -81.28 -24.37 17.42
C ASP TA 62 -80.84 -23.00 17.91
N SER TA 63 -79.65 -22.90 18.49
CA SER TA 63 -79.19 -21.62 19.01
C SER TA 63 -78.83 -20.63 17.92
N VAL TA 64 -78.61 -21.07 16.67
CA VAL TA 64 -78.20 -20.15 15.61
C VAL TA 64 -79.11 -20.28 14.39
N LYS TA 65 -80.22 -20.99 14.54
CA LYS TA 65 -81.13 -21.17 13.42
C LYS TA 65 -81.88 -19.88 13.13
N GLY TA 66 -82.13 -19.62 11.85
CA GLY TA 66 -82.81 -18.41 11.43
C GLY TA 66 -81.88 -17.21 11.29
N ARG TA 67 -80.89 -17.13 12.17
CA ARG TA 67 -79.94 -16.03 12.12
C ARG TA 67 -78.71 -16.38 11.30
N PHE TA 68 -78.26 -17.63 11.37
CA PHE TA 68 -77.09 -18.11 10.65
C PHE TA 68 -77.51 -18.85 9.38
N THR TA 69 -76.64 -18.80 8.38
CA THR TA 69 -76.79 -19.61 7.17
C THR TA 69 -75.41 -20.05 6.70
N ILE TA 70 -75.25 -21.36 6.53
CA ILE TA 70 -73.99 -21.95 6.12
C ILE TA 70 -74.07 -22.34 4.66
N SER TA 71 -73.01 -22.06 3.91
CA SER TA 71 -72.97 -22.33 2.49
C SER TA 71 -71.57 -22.81 2.13
N ARG TA 72 -71.44 -23.29 0.90
CA ARG TA 72 -70.18 -23.74 0.37
C ARG TA 72 -70.08 -23.33 -1.09
N ASP TA 73 -68.85 -23.15 -1.54
CA ASP TA 73 -68.56 -22.84 -2.94
C ASP TA 73 -67.64 -23.95 -3.45
N ASN TA 74 -68.21 -24.87 -4.24
CA ASN TA 74 -67.44 -26.00 -4.71
C ASN TA 74 -66.36 -25.59 -5.70
N SER TA 75 -66.61 -24.52 -6.46
CA SER TA 75 -65.64 -24.02 -7.41
C SER TA 75 -64.48 -23.26 -6.77
N LYS TA 76 -64.66 -22.74 -5.55
CA LYS TA 76 -63.62 -21.97 -4.89
C LYS TA 76 -62.94 -22.68 -3.73
N ASN TA 77 -63.41 -23.87 -3.35
CA ASN TA 77 -62.88 -24.63 -2.22
C ASN TA 77 -62.85 -23.80 -0.94
N THR TA 78 -63.99 -23.19 -0.62
CA THR TA 78 -64.11 -22.33 0.55
C THR TA 78 -65.46 -22.59 1.21
N LEU TA 79 -65.44 -22.73 2.53
CA LEU TA 79 -66.67 -22.90 3.31
C LEU TA 79 -67.01 -21.58 3.99
N TYR TA 80 -68.29 -21.22 3.94
CA TYR TA 80 -68.76 -19.93 4.43
C TYR TA 80 -69.77 -20.12 5.56
N LEU TA 81 -69.76 -19.18 6.50
CA LEU TA 81 -70.74 -19.10 7.57
C LEU TA 81 -71.25 -17.67 7.64
N GLN TA 82 -72.53 -17.47 7.32
CA GLN TA 82 -73.13 -16.14 7.36
C GLN TA 82 -73.83 -15.93 8.69
N ILE TA 83 -73.50 -14.83 9.35
CA ILE TA 83 -74.07 -14.44 10.63
C ILE TA 83 -74.93 -13.22 10.41
N ASN TA 84 -76.22 -13.33 10.75
CA ASN TA 84 -77.16 -12.22 10.68
C ASN TA 84 -77.66 -11.89 12.08
N SER TA 85 -77.85 -10.60 12.35
CA SER TA 85 -78.23 -10.10 13.66
C SER TA 85 -77.27 -10.60 14.75
N LEU TA 86 -76.03 -10.13 14.63
CA LEU TA 86 -75.00 -10.47 15.61
C LEU TA 86 -75.46 -10.09 17.02
N ARG TA 87 -75.16 -10.95 17.98
CA ARG TA 87 -75.49 -10.77 19.38
C ARG TA 87 -74.26 -11.04 20.22
N PRO TA 88 -74.26 -10.61 21.49
CA PRO TA 88 -73.15 -10.98 22.39
C PRO TA 88 -72.99 -12.49 22.55
N GLU TA 89 -74.05 -13.26 22.32
CA GLU TA 89 -73.96 -14.72 22.43
C GLU TA 89 -73.09 -15.32 21.34
N ASP TA 90 -72.93 -14.64 20.21
CA ASP TA 90 -72.10 -15.11 19.11
C ASP TA 90 -70.61 -14.91 19.36
N THR TA 91 -70.23 -14.32 20.51
CA THR TA 91 -68.82 -14.16 20.86
C THR TA 91 -68.21 -15.53 21.16
N ALA TA 92 -67.36 -16.00 20.24
CA ALA TA 92 -66.74 -17.32 20.33
C ALA TA 92 -65.74 -17.45 19.20
N MET TA 93 -64.88 -18.47 19.32
CA MET TA 93 -64.00 -18.88 18.22
C MET TA 93 -64.73 -19.87 17.33
N TYR TA 94 -64.56 -19.72 16.02
CA TYR TA 94 -65.30 -20.51 15.04
C TYR TA 94 -64.33 -21.42 14.27
N TYR TA 95 -64.37 -22.71 14.59
CA TYR TA 95 -63.57 -23.71 13.90
C TYR TA 95 -64.34 -24.30 12.73
N CYS TA 96 -63.59 -24.67 11.69
CA CYS TA 96 -64.12 -25.35 10.51
C CYS TA 96 -63.48 -26.73 10.42
N SER TA 97 -64.30 -27.76 10.14
CA SER TA 97 -63.82 -29.13 10.17
C SER TA 97 -64.37 -29.93 8.99
N LYS TA 98 -63.60 -30.96 8.60
CA LYS TA 98 -63.79 -31.74 7.38
C LYS TA 98 -64.30 -33.13 7.75
N ALA TA 99 -65.57 -33.40 7.42
CA ALA TA 99 -66.14 -34.74 7.61
C ALA TA 99 -65.21 -35.82 7.06
N ARG TA 100 -64.91 -36.81 7.90
CA ARG TA 100 -63.96 -37.86 7.51
C ARG TA 100 -64.44 -38.61 6.27
N ILE TA 101 -65.68 -39.09 6.28
CA ILE TA 101 -66.16 -39.95 5.21
C ILE TA 101 -66.70 -39.06 4.09
N SER TA 102 -66.65 -39.58 2.86
CA SER TA 102 -67.10 -38.84 1.70
C SER TA 102 -68.60 -39.07 1.49
N TYR TA 103 -69.21 -38.19 0.69
CA TYR TA 103 -70.57 -38.36 0.20
C TYR TA 103 -71.60 -38.55 1.32
N LEU TA 104 -71.29 -38.07 2.52
CA LEU TA 104 -72.24 -38.20 3.63
C LEU TA 104 -73.44 -37.27 3.38
N SER TA 105 -74.63 -37.85 3.30
CA SER TA 105 -75.83 -37.06 3.05
C SER TA 105 -76.28 -36.27 4.27
N ALA TA 106 -75.63 -36.49 5.42
CA ALA TA 106 -75.97 -35.83 6.67
C ALA TA 106 -74.73 -35.84 7.55
N PRO TA 107 -74.55 -34.83 8.40
CA PRO TA 107 -73.29 -34.71 9.16
C PRO TA 107 -73.27 -35.56 10.43
N ALA TA 108 -73.10 -36.87 10.25
CA ALA TA 108 -73.20 -37.83 11.33
C ALA TA 108 -71.86 -38.32 11.84
N TRP TA 109 -70.84 -38.35 10.99
CA TRP TA 109 -69.57 -38.99 11.32
C TRP TA 109 -68.56 -37.96 11.85
N TRP TA 110 -67.47 -38.49 12.41
CA TRP TA 110 -66.49 -37.62 13.06
C TRP TA 110 -65.83 -36.72 12.02
N PHE TA 111 -65.46 -35.52 12.43
CA PHE TA 111 -64.83 -34.55 11.53
C PHE TA 111 -63.40 -34.27 11.96
N ASP TA 112 -62.43 -34.66 11.14
CA ASP TA 112 -61.06 -34.19 11.31
C ASP TA 112 -60.50 -33.91 9.93
N PRO TA 113 -59.54 -32.99 9.81
CA PRO TA 113 -58.94 -32.16 10.86
C PRO TA 113 -59.69 -30.84 11.06
N TRP TA 114 -59.42 -30.17 12.17
CA TRP TA 114 -60.08 -28.92 12.53
C TRP TA 114 -59.12 -27.77 12.26
N GLY TA 115 -59.63 -26.72 11.62
CA GLY TA 115 -58.81 -25.55 11.42
C GLY TA 115 -58.53 -24.81 12.71
N GLN TA 116 -57.53 -23.93 12.66
CA GLN TA 116 -57.18 -23.15 13.85
C GLN TA 116 -58.30 -22.20 14.24
N GLY TA 117 -59.10 -21.77 13.27
CA GLY TA 117 -60.32 -21.04 13.54
C GLY TA 117 -60.13 -19.54 13.47
N THR TA 118 -61.26 -18.84 13.51
CA THR TA 118 -61.30 -17.39 13.58
C THR TA 118 -62.16 -16.99 14.78
N LEU TA 119 -61.91 -15.80 15.30
CA LEU TA 119 -62.54 -15.31 16.52
C LEU TA 119 -63.57 -14.24 16.18
N VAL TA 120 -64.81 -14.44 16.62
CA VAL TA 120 -65.90 -13.49 16.44
C VAL TA 120 -66.28 -12.96 17.82
N THR TA 121 -66.11 -11.65 18.03
CA THR TA 121 -66.47 -11.01 19.29
C THR TA 121 -67.26 -9.75 18.99
N VAL TA 122 -68.43 -9.63 19.61
CA VAL TA 122 -69.30 -8.47 19.44
C VAL TA 122 -69.42 -7.75 20.78
N SER TA 123 -69.48 -6.43 20.73
CA SER TA 123 -69.64 -5.60 21.93
C SER TA 123 -70.02 -4.18 21.52
N SER TA 124 -70.52 -3.44 22.49
CA SER TA 124 -70.78 -2.00 22.36
C SER TA 124 -69.47 -1.23 22.62
N ALA TA 125 -68.50 -1.47 21.74
CA ALA TA 125 -67.13 -1.09 21.99
C ALA TA 125 -66.94 0.42 21.98
N SER TA 126 -66.21 0.92 22.98
CA SER TA 126 -65.60 2.24 23.00
C SER TA 126 -64.65 2.30 24.19
N THR TA 127 -63.53 2.99 24.02
CA THR TA 127 -62.52 3.01 25.07
C THR TA 127 -63.04 3.75 26.29
N LYS TA 128 -62.69 3.23 27.47
CA LYS TA 128 -63.21 3.73 28.73
C LYS TA 128 -62.11 3.73 29.78
N GLY TA 129 -62.07 4.78 30.60
CA GLY TA 129 -61.18 4.83 31.71
C GLY TA 129 -61.66 3.94 32.83
N PRO TA 130 -60.72 3.33 33.56
CA PRO TA 130 -61.09 2.44 34.67
C PRO TA 130 -61.20 3.16 36.01
N SER TA 131 -62.25 2.81 36.75
CA SER TA 131 -62.43 3.31 38.11
C SER TA 131 -61.68 2.40 39.07
N VAL TA 132 -60.85 2.99 39.93
CA VAL TA 132 -59.96 2.25 40.81
C VAL TA 132 -60.41 2.49 42.26
N PHE TA 133 -60.75 1.40 42.94
CA PHE TA 133 -61.20 1.46 44.32
C PHE TA 133 -60.25 0.69 45.21
N PRO TA 134 -59.95 1.20 46.42
CA PRO TA 134 -59.00 0.50 47.30
C PRO TA 134 -59.68 -0.66 48.01
N LEU TA 135 -59.06 -1.84 47.90
CA LEU TA 135 -59.50 -3.04 48.62
C LEU TA 135 -58.73 -3.09 49.94
N ALA TA 136 -59.31 -2.49 50.97
CA ALA TA 136 -58.64 -2.28 52.24
C ALA TA 136 -58.28 -3.61 52.91
N PRO TA 137 -57.26 -3.63 53.76
CA PRO TA 137 -56.86 -4.88 54.41
C PRO TA 137 -57.85 -5.30 55.49
N SER TA 138 -57.76 -6.57 55.86
CA SER TA 138 -58.65 -7.14 56.86
C SER TA 138 -58.39 -6.52 58.24
N SER TA 139 -59.45 -6.07 58.89
CA SER TA 139 -59.34 -5.43 60.19
C SER TA 139 -59.01 -6.43 61.30
N GLY TA 145 -50.34 -12.22 62.36
CA GLY TA 145 -50.68 -13.04 61.21
C GLY TA 145 -50.40 -12.37 59.88
N THR TA 146 -51.21 -12.68 58.87
CA THR TA 146 -51.05 -12.13 57.52
C THR TA 146 -52.22 -11.24 57.17
N ALA TA 147 -51.94 -10.16 56.44
CA ALA TA 147 -52.96 -9.26 55.93
C ALA TA 147 -52.82 -9.15 54.41
N ALA TA 148 -53.95 -9.01 53.74
CA ALA TA 148 -53.98 -8.92 52.28
C ALA TA 148 -54.72 -7.65 51.87
N LEU TA 149 -54.34 -7.11 50.72
CA LEU TA 149 -54.91 -5.88 50.21
C LEU TA 149 -54.66 -5.80 48.72
N GLY TA 150 -55.42 -4.94 48.05
CA GLY TA 150 -55.25 -4.78 46.62
C GLY TA 150 -56.12 -3.66 46.07
N CYS TA 151 -56.31 -3.71 44.75
CA CYS TA 151 -57.04 -2.71 44.01
C CYS TA 151 -58.10 -3.38 43.15
N LEU TA 152 -59.23 -2.69 42.99
CA LEU TA 152 -60.30 -3.14 42.11
C LEU TA 152 -60.38 -2.21 40.91
N VAL TA 153 -60.12 -2.76 39.72
CA VAL TA 153 -60.07 -1.96 38.50
C VAL TA 153 -61.32 -2.25 37.67
N LYS TA 154 -62.35 -1.44 37.87
CA LYS TA 154 -63.67 -1.74 37.35
C LYS TA 154 -63.90 -1.03 36.01
N ASP TA 155 -64.57 -1.74 35.10
CA ASP TA 155 -65.27 -1.14 33.96
C ASP TA 155 -64.33 -0.30 33.10
N TYR TA 156 -63.31 -0.97 32.57
CA TYR TA 156 -62.45 -0.38 31.55
C TYR TA 156 -62.66 -1.12 30.24
N PHE TA 157 -62.10 -0.54 29.18
CA PHE TA 157 -62.26 -1.08 27.84
C PHE TA 157 -61.36 -0.28 26.92
N PRO TA 158 -60.62 -0.95 26.03
CA PRO TA 158 -60.49 -2.41 25.92
C PRO TA 158 -59.41 -2.97 26.83
N GLU TA 159 -58.99 -4.20 26.59
CA GLU TA 159 -57.87 -4.76 27.32
C GLU TA 159 -56.56 -4.13 26.82
N PRO TA 160 -55.52 -4.11 27.68
CA PRO TA 160 -55.50 -4.54 29.08
C PRO TA 160 -55.12 -3.42 30.04
N VAL TA 161 -55.25 -3.69 31.34
CA VAL TA 161 -54.67 -2.82 32.36
C VAL TA 161 -53.44 -3.52 32.92
N THR TA 162 -52.50 -2.72 33.40
CA THR TA 162 -51.30 -3.23 34.05
C THR TA 162 -51.21 -2.59 35.42
N VAL TA 163 -50.98 -3.41 36.44
CA VAL TA 163 -50.99 -2.96 37.83
C VAL TA 163 -49.59 -3.12 38.39
N SER TA 164 -49.09 -2.06 39.02
CA SER TA 164 -47.82 -2.09 39.72
C SER TA 164 -48.01 -1.47 41.10
N TRP TA 165 -47.12 -1.82 42.02
CA TRP TA 165 -47.24 -1.37 43.40
C TRP TA 165 -45.97 -0.60 43.78
N ASN TA 166 -46.16 0.59 44.34
CA ASN TA 166 -45.06 1.50 44.70
C ASN TA 166 -44.17 1.82 43.50
N SER TA 167 -44.80 2.03 42.34
CA SER TA 167 -44.12 2.36 41.09
C SER TA 167 -43.15 1.26 40.66
N GLY TA 168 -43.51 0.00 40.94
CA GLY TA 168 -42.71 -1.15 40.59
C GLY TA 168 -41.70 -1.59 41.63
N ALA TA 169 -41.61 -0.90 42.76
CA ALA TA 169 -40.66 -1.26 43.81
C ALA TA 169 -41.13 -2.42 44.67
N LEU TA 170 -42.38 -2.86 44.50
CA LEU TA 170 -42.90 -4.04 45.22
C LEU TA 170 -43.43 -5.03 44.19
N THR TA 171 -42.93 -6.27 44.26
CA THR TA 171 -43.39 -7.33 43.37
C THR TA 171 -43.66 -8.60 44.18
N SER TA 172 -42.95 -8.75 45.31
CA SER TA 172 -43.15 -9.91 46.16
C SER TA 172 -44.51 -9.82 46.86
N GLY TA 173 -45.28 -10.91 46.78
CA GLY TA 173 -46.62 -10.98 47.31
C GLY TA 173 -47.68 -10.37 46.41
N VAL TA 174 -47.29 -9.80 45.28
CA VAL TA 174 -48.20 -9.14 44.36
C VAL TA 174 -48.83 -10.19 43.46
N HIS TA 175 -50.14 -10.08 43.24
CA HIS TA 175 -50.83 -11.09 42.45
C HIS TA 175 -51.94 -10.38 41.69
N THR TA 176 -51.81 -10.33 40.37
CA THR TA 176 -52.82 -9.74 39.50
C THR TA 176 -53.67 -10.86 38.90
N PHE TA 177 -54.96 -10.67 38.91
CA PHE TA 177 -55.89 -11.69 38.48
C PHE TA 177 -56.41 -11.39 37.08
N PRO TA 178 -56.96 -12.39 36.39
CA PRO TA 178 -57.54 -12.11 35.08
C PRO TA 178 -58.76 -11.23 35.20
N ALA TA 179 -59.07 -10.53 34.10
CA ALA TA 179 -60.22 -9.64 34.06
C ALA TA 179 -61.46 -10.40 33.63
N VAL TA 180 -62.59 -10.10 34.29
CA VAL TA 180 -63.88 -10.62 33.86
C VAL TA 180 -64.45 -9.69 32.80
N LEU TA 181 -65.18 -10.26 31.85
CA LEU TA 181 -65.99 -9.47 30.92
C LEU TA 181 -67.41 -9.48 31.46
N GLN TA 182 -67.75 -8.45 32.24
CA GLN TA 182 -69.10 -8.35 32.78
C GLN TA 182 -70.11 -8.22 31.63
N SER TA 183 -71.37 -8.49 31.95
CA SER TA 183 -72.42 -8.51 30.94
C SER TA 183 -72.60 -7.18 30.22
N SER TA 184 -72.05 -6.08 30.75
CA SER TA 184 -72.13 -4.78 30.09
C SER TA 184 -71.15 -4.66 28.93
N GLY TA 185 -70.16 -5.54 28.82
CA GLY TA 185 -69.12 -5.40 27.83
C GLY TA 185 -67.86 -4.72 28.34
N LEU TA 186 -67.83 -4.29 29.59
CA LEU TA 186 -66.67 -3.65 30.19
C LEU TA 186 -65.92 -4.65 31.05
N TYR TA 187 -64.59 -4.59 31.01
CA TYR TA 187 -63.75 -5.51 31.76
C TYR TA 187 -63.56 -5.04 33.20
N SER TA 188 -63.19 -5.98 34.06
CA SER TA 188 -63.03 -5.71 35.48
C SER TA 188 -61.95 -6.62 36.03
N LEU TA 189 -60.94 -6.01 36.65
CA LEU TA 189 -59.76 -6.71 37.11
C LEU TA 189 -59.43 -6.26 38.52
N SER TA 190 -58.96 -7.19 39.35
CA SER TA 190 -58.40 -6.86 40.65
C SER TA 190 -56.96 -7.35 40.70
N SER TA 191 -56.19 -6.78 41.63
CA SER TA 191 -54.76 -7.08 41.75
C SER TA 191 -54.34 -6.75 43.16
N VAL TA 192 -53.85 -7.76 43.88
CA VAL TA 192 -53.64 -7.65 45.32
C VAL TA 192 -52.18 -7.92 45.65
N VAL TA 193 -51.85 -7.67 46.92
CA VAL TA 193 -50.51 -7.93 47.44
C VAL TA 193 -50.64 -8.26 48.93
N THR TA 194 -50.17 -9.44 49.32
CA THR TA 194 -50.15 -9.82 50.72
C THR TA 194 -48.83 -9.41 51.36
N VAL TA 195 -48.90 -8.98 52.61
CA VAL TA 195 -47.74 -8.58 53.41
C VAL TA 195 -48.06 -8.91 54.86
N PRO TA 196 -47.10 -8.90 55.79
CA PRO TA 196 -47.44 -9.19 57.18
C PRO TA 196 -48.43 -8.18 57.72
N SER TA 197 -49.08 -8.54 58.83
CA SER TA 197 -50.04 -7.64 59.45
C SER TA 197 -49.35 -6.52 60.22
N SER TA 198 -48.13 -6.16 59.81
CA SER TA 198 -47.41 -5.00 60.32
C SER TA 198 -47.07 -3.95 59.28
N SER TA 199 -47.13 -4.29 57.99
CA SER TA 199 -46.83 -3.33 56.93
C SER TA 199 -47.82 -2.17 56.87
N LEU TA 200 -48.96 -2.27 57.56
CA LEU TA 200 -50.01 -1.25 57.45
C LEU TA 200 -49.72 0.01 58.26
N GLY TA 201 -49.00 -0.10 59.37
CA GLY TA 201 -48.68 1.09 60.13
C GLY TA 201 -47.33 1.71 59.85
N THR TA 202 -46.54 1.14 58.96
CA THR TA 202 -45.20 1.67 58.73
C THR TA 202 -44.94 1.96 57.25
N GLN TA 203 -45.66 1.28 56.35
CA GLN TA 203 -45.41 1.40 54.93
C GLN TA 203 -46.62 1.98 54.22
N THR TA 204 -46.36 2.74 53.16
CA THR TA 204 -47.40 3.18 52.25
C THR TA 204 -47.66 2.10 51.21
N TYR TA 205 -48.77 2.24 50.50
CA TYR TA 205 -49.23 1.19 49.59
C TYR TA 205 -50.08 1.83 48.50
N ILE TA 206 -49.46 2.03 47.33
CA ILE TA 206 -50.09 2.72 46.20
C ILE TA 206 -50.00 1.78 45.01
N CYS TA 207 -51.15 1.31 44.53
CA CYS TA 207 -51.19 0.58 43.28
C CYS TA 207 -51.31 1.58 42.14
N ASN TA 208 -50.54 1.34 41.08
CA ASN TA 208 -50.48 2.24 39.93
C ASN TA 208 -50.99 1.48 38.71
N VAL TA 209 -52.29 1.60 38.44
CA VAL TA 209 -52.90 0.98 37.27
C VAL TA 209 -52.62 1.85 36.06
N ASN TA 210 -52.32 1.22 34.94
CA ASN TA 210 -52.03 1.94 33.71
C ASN TA 210 -52.79 1.30 32.55
N HIS TA 211 -53.70 2.06 31.96
CA HIS TA 211 -54.53 1.65 30.85
C HIS TA 211 -54.20 2.58 29.68
N LYS TA 212 -53.20 2.18 28.89
CA LYS TA 212 -52.78 3.00 27.75
C LYS TA 212 -53.88 3.23 26.71
N PRO TA 213 -54.81 2.31 26.43
CA PRO TA 213 -55.85 2.60 25.42
C PRO TA 213 -56.65 3.85 25.70
N SER TA 214 -56.92 4.17 26.96
CA SER TA 214 -57.59 5.42 27.31
C SER TA 214 -56.62 6.50 27.77
N ASN TA 215 -55.32 6.22 27.72
CA ASN TA 215 -54.29 7.14 28.18
C ASN TA 215 -54.56 7.58 29.62
N THR TA 216 -54.95 6.62 30.46
CA THR TA 216 -55.24 6.88 31.86
C THR TA 216 -54.17 6.28 32.75
N LYS TA 217 -53.78 7.02 33.78
CA LYS TA 217 -52.89 6.52 34.83
C LYS TA 217 -53.53 6.87 36.15
N VAL TA 218 -53.65 5.88 37.04
CA VAL TA 218 -54.30 6.08 38.32
C VAL TA 218 -53.36 5.60 39.42
N ASP TA 219 -53.18 6.43 40.44
CA ASP TA 219 -52.41 6.06 41.63
C ASP TA 219 -53.35 6.15 42.81
N LYS TA 220 -53.68 5.01 43.39
CA LYS TA 220 -54.64 4.94 44.49
C LYS TA 220 -53.94 4.34 45.69
N ARG TA 221 -53.98 5.05 46.82
CA ARG TA 221 -53.35 4.57 48.04
C ARG TA 221 -54.35 3.72 48.81
N VAL TA 222 -53.90 2.57 49.29
CA VAL TA 222 -54.74 1.63 50.03
C VAL TA 222 -54.36 1.73 51.51
N GLU TA 223 -55.37 1.74 52.37
CA GLU TA 223 -55.20 1.95 53.79
C GLU TA 223 -56.34 1.29 54.54
N PRO TA 224 -56.13 0.87 55.78
CA PRO TA 224 -57.16 0.11 56.50
C PRO TA 224 -58.37 0.98 56.83
N LYS TA 225 -59.43 0.30 57.25
CA LYS TA 225 -60.67 0.93 57.70
C LYS TA 225 -61.22 1.95 56.70
N SER UA 2 -95.61 -39.16 24.12
CA SER UA 2 -95.31 -39.39 25.53
C SER UA 2 -96.57 -39.19 26.38
N VAL UA 3 -97.69 -38.95 25.72
CA VAL UA 3 -98.96 -38.65 26.38
C VAL UA 3 -99.89 -39.84 26.19
N SER UA 4 -100.22 -40.52 27.29
CA SER UA 4 -101.23 -41.58 27.29
C SER UA 4 -102.32 -41.16 28.25
N THR UA 5 -103.56 -41.11 27.77
CA THR UA 5 -104.67 -40.47 28.46
C THR UA 5 -105.74 -41.50 28.82
N GLN UA 6 -106.17 -41.50 30.08
CA GLN UA 6 -107.20 -42.34 30.63
C GLN UA 6 -108.44 -41.52 31.00
N PRO UA 7 -109.62 -42.12 30.98
CA PRO UA 7 -110.80 -41.44 31.52
C PRO UA 7 -110.65 -41.20 33.00
N PRO UA 8 -111.28 -40.15 33.53
CA PRO UA 8 -111.08 -39.83 34.94
C PRO UA 8 -111.68 -40.84 35.90
N SER UA 9 -112.90 -41.31 35.62
CA SER UA 9 -113.55 -42.31 36.46
C SER UA 9 -114.43 -43.20 35.59
N VAL UA 10 -114.62 -44.44 36.04
CA VAL UA 10 -115.49 -45.42 35.40
C VAL UA 10 -116.40 -46.02 36.45
N SER UA 11 -117.71 -45.95 36.21
CA SER UA 11 -118.69 -46.54 37.10
C SER UA 11 -119.28 -47.78 36.44
N VAL UA 12 -119.36 -48.88 37.19
CA VAL UA 12 -119.83 -50.15 36.67
C VAL UA 12 -120.63 -50.86 37.76
N ALA UA 13 -121.66 -51.58 37.36
CA ALA UA 13 -122.44 -52.36 38.30
C ALA UA 13 -121.66 -53.59 38.76
N PRO UA 14 -121.88 -54.05 39.98
CA PRO UA 14 -121.16 -55.24 40.47
C PRO UA 14 -121.44 -56.46 39.59
N GLY UA 15 -120.42 -57.30 39.42
CA GLY UA 15 -120.54 -58.48 38.59
C GLY UA 15 -120.50 -58.24 37.11
N GLN UA 16 -120.52 -56.97 36.67
CA GLN UA 16 -120.46 -56.65 35.25
C GLN UA 16 -119.04 -56.79 34.73
N THR UA 17 -118.82 -56.30 33.52
CA THR UA 17 -117.50 -56.28 32.91
C THR UA 17 -117.13 -54.81 32.77
N ALA UA 18 -116.12 -54.39 33.53
CA ALA UA 18 -115.64 -53.03 33.44
C ALA UA 18 -114.54 -52.94 32.39
N ARG UA 19 -114.34 -51.74 31.87
CA ARG UA 19 -113.38 -51.57 30.77
C ARG UA 19 -112.78 -50.16 30.88
N ILE UA 20 -111.48 -50.11 31.16
CA ILE UA 20 -110.72 -48.87 31.29
C ILE UA 20 -109.76 -48.79 30.11
N THR UA 21 -109.83 -47.68 29.39
CA THR UA 21 -109.00 -47.49 28.21
C THR UA 21 -107.81 -46.60 28.53
N CYS UA 22 -106.77 -46.72 27.70
CA CYS UA 22 -105.54 -45.95 27.84
C CYS UA 22 -105.14 -45.54 26.42
N GLY UA 23 -105.77 -44.48 25.92
CA GLY UA 23 -105.54 -44.07 24.54
C GLY UA 23 -104.24 -43.31 24.40
N GLY UA 24 -103.57 -43.53 23.27
CA GLY UA 24 -102.30 -42.89 23.00
C GLY UA 24 -101.84 -43.18 21.59
N ASN UA 25 -101.07 -42.26 21.00
CA ASN UA 25 -100.59 -42.45 19.64
C ASN UA 25 -99.62 -43.62 19.59
N ASN UA 26 -100.01 -44.68 18.87
CA ASN UA 26 -99.18 -45.88 18.73
C ASN UA 26 -98.84 -46.49 20.09
N ILE UA 27 -99.81 -46.54 20.99
CA ILE UA 27 -99.61 -47.24 22.25
C ILE UA 27 -99.57 -48.74 22.06
N GLY UA 28 -100.10 -49.25 20.95
CA GLY UA 28 -100.02 -50.67 20.64
C GLY UA 28 -98.60 -51.16 20.43
N SER UA 29 -97.68 -50.28 20.05
CA SER UA 29 -96.28 -50.65 19.87
C SER UA 29 -95.46 -50.45 21.12
N LYS UA 30 -96.07 -49.94 22.19
CA LYS UA 30 -95.43 -49.86 23.50
C LYS UA 30 -95.91 -51.01 24.37
N SER UA 31 -95.15 -51.30 25.42
CA SER UA 31 -95.47 -52.37 26.35
C SER UA 31 -96.34 -51.81 27.47
N VAL UA 32 -97.61 -52.18 27.47
CA VAL UA 32 -98.57 -51.64 28.42
C VAL UA 32 -98.63 -52.55 29.65
N HIS UA 33 -98.67 -51.93 30.82
CA HIS UA 33 -98.86 -52.62 32.09
C HIS UA 33 -100.00 -51.95 32.82
N TRP UA 34 -100.50 -52.60 33.86
CA TRP UA 34 -101.61 -52.04 34.61
C TRP UA 34 -101.39 -52.23 36.11
N TYR UA 35 -101.67 -51.18 36.87
CA TYR UA 35 -101.57 -51.19 38.31
C TYR UA 35 -102.90 -50.76 38.93
N ARG UA 36 -103.29 -51.45 39.99
CA ARG UA 36 -104.49 -51.13 40.76
C ARG UA 36 -104.06 -50.63 42.13
N GLN UA 37 -104.49 -49.43 42.49
CA GLN UA 37 -104.08 -48.80 43.74
C GLN UA 37 -105.34 -48.50 44.56
N LYS UA 38 -105.51 -49.24 45.63
CA LYS UA 38 -106.56 -49.01 46.61
C LYS UA 38 -106.08 -48.00 47.65
N PRO UA 39 -107.00 -47.32 48.32
CA PRO UA 39 -106.60 -46.25 49.25
C PRO UA 39 -105.66 -46.76 50.34
N GLY UA 40 -104.57 -46.03 50.56
CA GLY UA 40 -103.66 -46.32 51.65
C GLY UA 40 -102.61 -47.37 51.38
N GLN UA 41 -102.63 -48.01 50.20
CA GLN UA 41 -101.68 -49.07 49.89
C GLN UA 41 -100.81 -48.68 48.71
N ALA UA 42 -99.81 -49.53 48.43
CA ALA UA 42 -98.92 -49.34 47.29
C ALA UA 42 -99.60 -49.83 46.02
N PRO UA 43 -99.12 -49.39 44.85
CA PRO UA 43 -99.68 -49.93 43.61
C PRO UA 43 -99.42 -51.42 43.52
N VAL UA 44 -100.33 -52.13 42.83
CA VAL UA 44 -100.26 -53.58 42.71
C VAL UA 44 -100.36 -53.91 41.23
N LEU UA 45 -99.38 -54.65 40.73
CA LEU UA 45 -99.41 -55.05 39.33
C LEU UA 45 -100.51 -56.10 39.12
N VAL UA 46 -101.37 -55.84 38.15
CA VAL UA 46 -102.48 -56.75 37.84
C VAL UA 46 -102.42 -57.25 36.41
N VAL UA 47 -101.78 -56.53 35.51
CA VAL UA 47 -101.56 -56.94 34.12
C VAL UA 47 -100.24 -56.34 33.68
N TYR UA 48 -99.36 -57.16 33.14
CA TYR UA 48 -98.09 -56.69 32.62
C TYR UA 48 -97.94 -57.18 31.18
N ASP UA 49 -97.16 -56.43 30.40
CA ASP UA 49 -97.01 -56.67 28.97
C ASP UA 49 -98.37 -56.86 28.29
N ASN UA 50 -99.14 -55.78 28.31
CA ASN UA 50 -100.41 -55.66 27.61
C ASN UA 50 -101.49 -56.54 28.22
N ASN UA 51 -101.25 -57.86 28.29
CA ASN UA 51 -102.28 -58.80 28.70
C ASN UA 51 -101.83 -59.85 29.71
N ALA UA 52 -100.53 -60.04 29.94
CA ALA UA 52 -100.08 -61.10 30.83
C ALA UA 52 -100.33 -60.73 32.29
N ARG UA 53 -100.74 -61.73 33.08
CA ARG UA 53 -101.02 -61.55 34.49
C ARG UA 53 -99.96 -62.16 35.39
N PRO UA 54 -99.64 -61.52 36.52
CA PRO UA 54 -98.75 -62.15 37.51
C PRO UA 54 -99.36 -63.39 38.14
N SER UA 55 -98.66 -63.95 39.14
CA SER UA 55 -99.09 -65.20 39.75
C SER UA 55 -100.44 -65.06 40.46
N GLY UA 56 -100.54 -64.15 41.42
CA GLY UA 56 -101.70 -64.06 42.31
C GLY UA 56 -102.96 -63.47 41.69
N ILE UA 57 -102.87 -62.84 40.53
CA ILE UA 57 -104.00 -62.07 40.00
C ILE UA 57 -105.04 -63.03 39.43
N PRO UA 58 -106.33 -62.85 39.76
CA PRO UA 58 -107.37 -63.73 39.20
C PRO UA 58 -107.64 -63.44 37.73
N GLU UA 59 -108.14 -64.47 37.02
CA GLU UA 59 -108.36 -64.41 35.59
C GLU UA 59 -109.53 -63.51 35.17
N ARG UA 60 -110.36 -63.06 36.13
CA ARG UA 60 -111.44 -62.15 35.78
C ARG UA 60 -110.91 -60.88 35.12
N ILE UA 61 -109.78 -60.38 35.61
CA ILE UA 61 -109.13 -59.21 35.02
C ILE UA 61 -108.30 -59.70 33.84
N SER UA 62 -108.57 -59.13 32.66
CA SER UA 62 -107.82 -59.49 31.46
C SER UA 62 -107.32 -58.21 30.78
N GLY UA 63 -106.21 -58.35 30.06
CA GLY UA 63 -105.60 -57.24 29.37
C GLY UA 63 -105.82 -57.28 27.87
N SER UA 64 -105.43 -56.19 27.23
CA SER UA 64 -105.55 -56.00 25.79
C SER UA 64 -104.77 -54.74 25.42
N ASN UA 65 -104.20 -54.75 24.21
CA ASN UA 65 -103.47 -53.58 23.72
C ASN UA 65 -103.28 -53.72 22.22
N PHE UA 66 -103.92 -52.82 21.46
CA PHE UA 66 -103.82 -52.85 20.02
C PHE UA 66 -104.09 -51.45 19.47
N ALA UA 67 -103.40 -51.13 18.38
CA ALA UA 67 -103.56 -49.86 17.67
C ALA UA 67 -103.31 -48.63 18.54
N ASN UA 68 -104.38 -47.93 18.93
CA ASN UA 68 -104.27 -46.64 19.60
C ASN UA 68 -105.03 -46.59 20.91
N THR UA 69 -105.26 -47.74 21.52
CA THR UA 69 -106.01 -47.81 22.76
C THR UA 69 -105.60 -49.10 23.49
N ALA UA 70 -104.92 -48.94 24.61
CA ALA UA 70 -104.74 -50.08 25.50
C ALA UA 70 -105.98 -50.21 26.37
N THR UA 71 -106.33 -51.44 26.70
CA THR UA 71 -107.62 -51.68 27.35
C THR UA 71 -107.45 -52.68 28.48
N LEU UA 72 -107.85 -52.28 29.68
CA LEU UA 72 -107.95 -53.15 30.83
C LEU UA 72 -109.40 -53.59 30.98
N THR UA 73 -109.63 -54.89 31.05
CA THR UA 73 -110.98 -55.44 31.13
C THR UA 73 -111.10 -56.25 32.41
N ILE UA 74 -112.08 -55.90 33.24
CA ILE UA 74 -112.34 -56.62 34.48
C ILE UA 74 -113.73 -57.22 34.32
N SER UA 75 -113.78 -58.54 34.10
CA SER UA 75 -115.04 -59.25 34.00
C SER UA 75 -115.50 -59.67 35.39
N ARG UA 76 -116.83 -59.68 35.57
CA ARG UA 76 -117.46 -60.03 36.84
C ARG UA 76 -116.87 -59.19 37.97
N VAL UA 77 -117.19 -57.89 37.90
CA VAL UA 77 -116.64 -56.90 38.82
C VAL UA 77 -117.16 -57.14 40.23
N GLU UA 78 -116.25 -57.18 41.19
CA GLU UA 78 -116.60 -57.28 42.59
C GLU UA 78 -116.55 -55.90 43.22
N ALA UA 79 -117.08 -55.80 44.44
CA ALA UA 79 -117.02 -54.54 45.17
C ALA UA 79 -115.58 -54.14 45.48
N GLY UA 80 -114.72 -55.13 45.73
CA GLY UA 80 -113.33 -54.90 46.04
C GLY UA 80 -112.45 -54.43 44.90
N ASP UA 81 -113.00 -54.29 43.69
CA ASP UA 81 -112.25 -53.77 42.55
C ASP UA 81 -112.25 -52.24 42.48
N GLU UA 82 -112.89 -51.57 43.43
CA GLU UA 82 -112.88 -50.12 43.49
C GLU UA 82 -111.48 -49.63 43.84
N ALA UA 83 -110.87 -48.90 42.91
CA ALA UA 83 -109.54 -48.32 43.09
C ALA UA 83 -109.26 -47.41 41.90
N ASP UA 84 -108.10 -46.78 41.92
CA ASP UA 84 -107.60 -46.05 40.76
C ASP UA 84 -106.71 -46.98 39.93
N TYR UA 85 -106.79 -46.84 38.61
CA TYR UA 85 -106.10 -47.72 37.69
C TYR UA 85 -105.23 -46.89 36.77
N TYR UA 86 -103.93 -47.19 36.74
CA TYR UA 86 -102.95 -46.47 35.94
C TYR UA 86 -102.36 -47.42 34.91
N CYS UA 87 -102.30 -46.96 33.66
CA CYS UA 87 -101.57 -47.70 32.64
C CYS UA 87 -100.11 -47.25 32.61
N HIS UA 88 -99.27 -48.09 32.03
CA HIS UA 88 -97.83 -47.94 32.08
C HIS UA 88 -97.26 -48.29 30.72
N VAL UA 89 -96.57 -47.35 30.09
CA VAL UA 89 -95.82 -47.59 28.87
C VAL UA 89 -94.41 -47.04 29.06
N TRP UA 90 -93.56 -47.29 28.08
CA TRP UA 90 -92.23 -46.70 28.03
C TRP UA 90 -92.09 -45.99 26.68
N ASP UA 91 -91.96 -44.67 26.72
CA ASP UA 91 -91.81 -43.89 25.50
C ASP UA 91 -90.37 -43.98 25.01
N SER UA 92 -90.16 -44.75 23.94
CA SER UA 92 -88.82 -44.97 23.42
C SER UA 92 -88.14 -43.65 23.05
N SER UA 93 -88.84 -42.77 22.33
CA SER UA 93 -88.26 -41.52 21.85
C SER UA 93 -88.41 -40.38 22.84
N SER UA 94 -88.51 -40.68 24.14
CA SER UA 94 -88.63 -39.64 25.16
C SER UA 94 -87.75 -39.86 26.37
N ASP UA 95 -87.21 -41.06 26.58
CA ASP UA 95 -86.50 -41.41 27.82
C ASP UA 95 -87.40 -41.17 29.03
N HIS UA 96 -88.69 -41.48 28.87
CA HIS UA 96 -89.70 -41.23 29.88
C HIS UA 96 -90.67 -42.41 29.94
N VAL UA 97 -90.86 -42.96 31.12
CA VAL UA 97 -91.94 -43.91 31.34
C VAL UA 97 -93.22 -43.12 31.58
N VAL UA 98 -94.31 -43.54 30.94
CA VAL UA 98 -95.51 -42.74 30.84
C VAL UA 98 -96.64 -43.45 31.56
N PHE UA 99 -97.02 -42.90 32.72
CA PHE UA 99 -98.21 -43.35 33.42
C PHE UA 99 -99.42 -42.57 32.94
N GLY UA 100 -100.58 -43.22 32.98
CA GLY UA 100 -101.84 -42.54 32.72
C GLY UA 100 -102.30 -41.71 33.91
N GLY UA 101 -103.33 -40.89 33.65
CA GLY UA 101 -103.87 -40.02 34.68
C GLY UA 101 -104.51 -40.75 35.83
N GLY UA 102 -104.89 -42.01 35.62
CA GLY UA 102 -105.57 -42.76 36.65
C GLY UA 102 -107.07 -42.71 36.46
N THR UA 103 -107.74 -43.82 36.71
CA THR UA 103 -109.19 -43.90 36.57
C THR UA 103 -109.76 -44.50 37.84
N LYS UA 104 -110.67 -43.77 38.48
CA LYS UA 104 -111.33 -44.26 39.68
C LYS UA 104 -112.47 -45.15 39.24
N LEU UA 105 -112.25 -46.46 39.30
CA LEU UA 105 -113.29 -47.41 38.94
C LEU UA 105 -114.27 -47.50 40.10
N THR UA 106 -115.54 -47.19 39.84
CA THR UA 106 -116.57 -47.18 40.87
C THR UA 106 -117.51 -48.34 40.63
N VAL UA 107 -117.61 -49.22 41.63
CA VAL UA 107 -118.60 -50.29 41.64
C VAL UA 107 -119.67 -49.88 42.66
N LEU UA 108 -120.75 -49.32 42.16
CA LEU UA 108 -121.81 -48.76 42.98
C LEU UA 108 -122.57 -49.62 44.00
N GLY UA 109 -122.42 -49.26 45.28
CA GLY UA 109 -123.18 -49.92 46.33
C GLY UA 109 -124.41 -49.08 46.62
N GLN UA 110 -124.27 -47.79 46.38
CA GLN UA 110 -125.38 -46.86 46.39
C GLN UA 110 -126.02 -46.79 45.01
N PRO UA 111 -127.18 -46.15 44.88
CA PRO UA 111 -127.62 -45.64 43.58
C PRO UA 111 -126.84 -44.37 43.26
N LYS UA 112 -127.09 -43.80 42.08
CA LYS UA 112 -126.35 -42.63 41.62
C LYS UA 112 -127.19 -41.37 41.78
N ALA UA 113 -126.63 -40.38 42.50
CA ALA UA 113 -127.30 -39.13 42.84
C ALA UA 113 -126.50 -37.92 42.37
N ALA UA 114 -127.19 -36.95 41.76
CA ALA UA 114 -126.57 -35.69 41.36
C ALA UA 114 -126.21 -34.86 42.60
N PRO UA 115 -125.23 -33.95 42.47
CA PRO UA 115 -124.72 -33.23 43.64
C PRO UA 115 -125.60 -32.06 44.08
N SER UA 116 -125.54 -31.77 45.39
CA SER UA 116 -126.17 -30.59 45.97
C SER UA 116 -125.18 -29.43 45.99
N VAL UA 117 -125.50 -28.36 45.26
CA VAL UA 117 -124.62 -27.21 45.12
C VAL UA 117 -125.22 -26.03 45.90
N THR UA 118 -124.47 -25.49 46.84
CA THR UA 118 -124.85 -24.31 47.60
C THR UA 118 -123.71 -23.29 47.53
N LEU UA 119 -124.01 -22.10 47.00
CA LEU UA 119 -123.02 -21.07 46.77
C LEU UA 119 -123.20 -19.94 47.77
N PHE UA 120 -122.10 -19.54 48.41
CA PHE UA 120 -122.07 -18.48 49.40
C PHE UA 120 -121.29 -17.29 48.87
N PRO UA 121 -121.81 -16.07 48.97
CA PRO UA 121 -121.04 -14.88 48.59
C PRO UA 121 -120.04 -14.50 49.66
N PRO UA 122 -119.08 -13.63 49.37
CA PRO UA 122 -118.13 -13.21 50.41
C PRO UA 122 -118.85 -12.47 51.52
N SER UA 123 -118.54 -12.81 52.76
CA SER UA 123 -119.20 -12.22 53.91
C SER UA 123 -118.84 -10.73 54.03
N SER UA 124 -119.73 -9.99 54.69
CA SER UA 124 -119.47 -8.57 54.93
C SER UA 124 -118.20 -8.38 55.75
N GLU UA 125 -117.94 -9.30 56.68
CA GLU UA 125 -116.71 -9.23 57.48
C GLU UA 125 -115.46 -9.40 56.63
N GLU UA 126 -115.50 -10.34 55.67
CA GLU UA 126 -114.34 -10.58 54.82
C GLU UA 126 -114.12 -9.47 53.80
N LEU UA 127 -115.20 -8.89 53.27
CA LEU UA 127 -115.05 -7.80 52.30
C LEU UA 127 -114.36 -6.59 52.91
N GLN UA 128 -114.72 -6.22 54.13
CA GLN UA 128 -114.02 -5.12 54.81
C GLN UA 128 -112.64 -5.51 55.30
N ALA UA 129 -112.24 -6.77 55.12
CA ALA UA 129 -110.87 -7.21 55.34
C ALA UA 129 -110.04 -7.20 54.06
N ASN UA 130 -110.54 -6.56 53.00
CA ASN UA 130 -109.87 -6.44 51.70
C ASN UA 130 -109.73 -7.79 50.98
N LYS UA 131 -110.66 -8.71 51.24
CA LYS UA 131 -110.69 -9.98 50.51
C LYS UA 131 -112.11 -10.32 50.13
N ALA UA 132 -112.23 -11.23 49.18
CA ALA UA 132 -113.49 -11.76 48.71
C ALA UA 132 -113.29 -13.22 48.39
N THR UA 133 -114.13 -14.08 48.95
CA THR UA 133 -113.99 -15.54 48.78
C THR UA 133 -115.36 -16.15 48.55
N LEU UA 134 -115.55 -16.71 47.36
CA LEU UA 134 -116.78 -17.41 46.99
C LEU UA 134 -116.65 -18.88 47.35
N VAL UA 135 -117.59 -19.39 48.14
CA VAL UA 135 -117.58 -20.76 48.61
C VAL UA 135 -118.63 -21.54 47.82
N CYS UA 136 -118.18 -22.46 46.98
CA CYS UA 136 -119.07 -23.35 46.25
C CYS UA 136 -119.06 -24.71 46.94
N LEU UA 137 -120.23 -25.11 47.44
CA LEU UA 137 -120.37 -26.30 48.26
C LEU UA 137 -121.03 -27.42 47.46
N ILE UA 138 -120.35 -28.57 47.39
CA ILE UA 138 -120.81 -29.72 46.63
C ILE UA 138 -120.97 -30.88 47.60
N SER UA 139 -122.18 -31.46 47.67
CA SER UA 139 -122.42 -32.51 48.64
C SER UA 139 -123.43 -33.51 48.08
N ASP UA 140 -123.34 -34.74 48.60
CA ASP UA 140 -124.35 -35.80 48.39
C ASP UA 140 -124.41 -36.26 46.93
N PHE UA 141 -123.25 -36.52 46.33
CA PHE UA 141 -123.18 -37.08 44.99
C PHE UA 141 -122.45 -38.42 44.99
N TYR UA 142 -122.71 -39.20 43.93
CA TYR UA 142 -122.11 -40.52 43.73
C TYR UA 142 -122.25 -40.91 42.27
N PRO UA 143 -121.18 -41.40 41.61
CA PRO UA 143 -119.83 -41.69 42.13
C PRO UA 143 -119.02 -40.44 42.46
N GLY UA 144 -117.86 -40.61 43.09
CA GLY UA 144 -117.06 -39.48 43.49
C GLY UA 144 -116.23 -38.92 42.36
N ALA UA 145 -116.88 -38.24 41.42
CA ALA UA 145 -116.20 -37.63 40.29
C ALA UA 145 -117.01 -36.41 39.89
N VAL UA 146 -116.47 -35.22 40.18
CA VAL UA 146 -117.11 -33.96 39.84
C VAL UA 146 -116.06 -32.99 39.30
N THR UA 147 -116.52 -32.03 38.51
CA THR UA 147 -115.68 -30.97 37.97
C THR UA 147 -116.38 -29.63 38.17
N VAL UA 148 -115.60 -28.62 38.56
CA VAL UA 148 -116.12 -27.31 38.93
C VAL UA 148 -115.62 -26.29 37.93
N ALA UA 149 -116.54 -25.49 37.39
CA ALA UA 149 -116.20 -24.38 36.52
C ALA UA 149 -116.83 -23.11 37.09
N TRP UA 150 -116.07 -22.02 37.05
CA TRP UA 150 -116.51 -20.74 37.59
C TRP UA 150 -116.78 -19.79 36.43
N LYS UA 151 -117.90 -19.10 36.48
CA LYS UA 151 -118.29 -18.16 35.43
C LYS UA 151 -118.52 -16.79 36.06
N ALA UA 152 -117.69 -15.83 35.70
CA ALA UA 152 -117.84 -14.44 36.12
C ALA UA 152 -118.47 -13.68 34.96
N ASP UA 153 -119.79 -13.53 35.02
CA ASP UA 153 -120.58 -12.89 33.96
C ASP UA 153 -120.41 -13.65 32.64
N SER UA 154 -120.80 -14.93 32.67
CA SER UA 154 -120.77 -15.82 31.51
C SER UA 154 -119.38 -15.97 30.91
N SER UA 155 -118.34 -15.68 31.68
CA SER UA 155 -116.97 -15.82 31.22
C SER UA 155 -116.21 -16.73 32.17
N PRO UA 156 -115.35 -17.61 31.65
CA PRO UA 156 -114.65 -18.57 32.52
C PRO UA 156 -113.68 -17.88 33.47
N VAL UA 157 -113.41 -18.55 34.58
CA VAL UA 157 -112.51 -18.07 35.63
C VAL UA 157 -111.44 -19.13 35.85
N LYS UA 158 -110.16 -18.74 35.72
CA LYS UA 158 -109.07 -19.69 35.89
C LYS UA 158 -108.49 -19.69 37.29
N ALA UA 159 -107.57 -18.75 37.56
CA ALA UA 159 -106.82 -18.74 38.81
C ALA UA 159 -107.70 -18.28 39.97
N GLY UA 160 -107.15 -18.42 41.17
CA GLY UA 160 -107.89 -18.14 42.37
C GLY UA 160 -108.87 -19.23 42.77
N VAL UA 161 -108.90 -20.34 42.04
CA VAL UA 161 -109.83 -21.43 42.28
C VAL UA 161 -109.09 -22.59 42.94
N GLU UA 162 -109.63 -23.09 44.05
CA GLU UA 162 -109.17 -24.32 44.67
C GLU UA 162 -110.36 -25.24 44.87
N THR UA 163 -110.14 -26.54 44.69
CA THR UA 163 -111.21 -27.53 44.83
C THR UA 163 -110.64 -28.79 45.46
N THR UA 164 -111.37 -29.35 46.44
CA THR UA 164 -110.91 -30.56 47.12
C THR UA 164 -111.17 -31.78 46.26
N THR UA 165 -110.50 -32.87 46.62
CA THR UA 165 -110.89 -34.16 46.07
C THR UA 165 -112.05 -34.72 46.90
N PRO UA 166 -113.09 -35.24 46.27
CA PRO UA 166 -114.23 -35.77 47.03
C PRO UA 166 -113.81 -36.87 48.01
N SER UA 167 -114.58 -36.97 49.09
CA SER UA 167 -114.36 -37.98 50.12
C SER UA 167 -115.72 -38.44 50.64
N LYS UA 168 -115.73 -39.64 51.22
CA LYS UA 168 -116.98 -40.25 51.66
C LYS UA 168 -117.59 -39.51 52.84
N GLN UA 169 -118.91 -39.30 52.76
CA GLN UA 169 -119.68 -38.69 53.83
C GLN UA 169 -120.05 -39.76 54.87
N SER UA 170 -120.96 -39.41 55.77
CA SER UA 170 -121.52 -40.39 56.70
C SER UA 170 -122.32 -41.44 55.94
N ASN UA 171 -123.19 -41.00 55.03
CA ASN UA 171 -124.01 -41.89 54.23
C ASN UA 171 -123.28 -42.46 53.01
N ASN UA 172 -121.95 -42.43 53.00
CA ASN UA 172 -121.09 -43.01 51.98
C ASN UA 172 -121.22 -42.36 50.61
N LYS UA 173 -122.00 -41.28 50.48
CA LYS UA 173 -121.88 -40.42 49.32
C LYS UA 173 -120.59 -39.59 49.42
N TYR UA 174 -120.26 -38.91 48.34
CA TYR UA 174 -119.03 -38.12 48.31
C TYR UA 174 -119.39 -36.64 48.35
N ALA UA 175 -118.40 -35.83 48.77
CA ALA UA 175 -118.61 -34.39 48.92
C ALA UA 175 -117.28 -33.67 48.74
N ALA UA 176 -117.36 -32.44 48.25
CA ALA UA 176 -116.16 -31.62 48.04
C ALA UA 176 -116.58 -30.15 47.97
N SER UA 177 -115.58 -29.28 48.06
CA SER UA 177 -115.81 -27.84 48.06
C SER UA 177 -114.86 -27.17 47.08
N SER UA 178 -115.31 -26.05 46.51
CA SER UA 178 -114.51 -25.27 45.56
C SER UA 178 -114.59 -23.81 45.94
N TYR UA 179 -113.42 -23.19 46.14
CA TYR UA 179 -113.31 -21.79 46.57
C TYR UA 179 -112.76 -20.93 45.45
N LEU UA 180 -113.26 -19.71 45.33
CA LEU UA 180 -112.77 -18.73 44.36
C LEU UA 180 -112.39 -17.44 45.10
N SER UA 181 -111.08 -17.21 45.26
CA SER UA 181 -110.58 -16.00 45.92
C SER UA 181 -110.55 -14.82 44.95
N LEU UA 182 -111.21 -13.73 45.32
CA LEU UA 182 -111.25 -12.50 44.54
C LEU UA 182 -110.81 -11.33 45.41
N THR UA 183 -110.47 -10.23 44.74
CA THR UA 183 -110.35 -8.97 45.42
C THR UA 183 -111.74 -8.32 45.52
N PRO UA 184 -111.99 -7.53 46.56
CA PRO UA 184 -113.30 -6.88 46.69
C PRO UA 184 -113.67 -6.01 45.49
N GLU UA 185 -112.69 -5.55 44.71
CA GLU UA 185 -112.99 -4.81 43.49
C GLU UA 185 -113.53 -5.74 42.41
N GLN UA 186 -112.87 -6.89 42.22
CA GLN UA 186 -113.29 -7.87 41.23
C GLN UA 186 -114.67 -8.44 41.55
N TRP UA 187 -115.00 -8.57 42.85
CA TRP UA 187 -116.32 -9.07 43.22
C TRP UA 187 -117.43 -8.10 42.82
N LYS UA 188 -117.16 -6.79 42.86
CA LYS UA 188 -118.16 -5.81 42.45
C LYS UA 188 -118.05 -5.41 40.99
N SER UA 189 -116.90 -5.65 40.35
CA SER UA 189 -116.74 -5.27 38.95
C SER UA 189 -117.80 -5.96 38.09
N HIS UA 190 -117.96 -7.25 38.26
CA HIS UA 190 -118.94 -8.02 37.51
C HIS UA 190 -120.26 -8.05 38.27
N ARG UA 191 -121.35 -8.29 37.53
CA ARG UA 191 -122.70 -8.24 38.09
C ARG UA 191 -123.14 -9.56 38.70
N SER UA 192 -122.58 -10.68 38.25
CA SER UA 192 -122.96 -11.99 38.78
C SER UA 192 -121.80 -12.96 38.61
N TYR UA 193 -121.71 -13.90 39.55
CA TYR UA 193 -120.78 -15.01 39.50
C TYR UA 193 -121.57 -16.31 39.54
N SER UA 194 -121.02 -17.36 38.90
CA SER UA 194 -121.72 -18.63 38.82
C SER UA 194 -120.74 -19.77 38.98
N CYS UA 195 -121.15 -20.77 39.78
CA CYS UA 195 -120.38 -22.00 40.00
C CYS UA 195 -121.08 -23.15 39.28
N GLN UA 196 -120.37 -23.77 38.34
CA GLN UA 196 -120.91 -24.86 37.53
C GLN UA 196 -120.23 -26.15 37.97
N VAL UA 197 -121.02 -27.07 38.52
CA VAL UA 197 -120.53 -28.39 38.94
C VAL UA 197 -121.11 -29.43 37.99
N THR UA 198 -120.24 -30.26 37.42
CA THR UA 198 -120.62 -31.32 36.50
C THR UA 198 -120.39 -32.66 37.15
N HIS UA 199 -121.37 -33.56 37.00
CA HIS UA 199 -121.30 -34.86 37.67
C HIS UA 199 -121.97 -35.90 36.78
N GLU UA 200 -121.16 -36.81 36.23
CA GLU UA 200 -121.63 -37.91 35.39
C GLU UA 200 -122.42 -37.38 34.19
N GLY UA 201 -121.83 -36.43 33.47
CA GLY UA 201 -122.45 -35.88 32.29
C GLY UA 201 -123.45 -34.78 32.56
N SER UA 202 -124.14 -34.85 33.70
CA SER UA 202 -125.12 -33.83 34.05
C SER UA 202 -124.45 -32.69 34.83
N THR UA 203 -124.96 -31.47 34.62
CA THR UA 203 -124.42 -30.27 35.23
C THR UA 203 -125.47 -29.59 36.07
N VAL UA 204 -125.08 -29.16 37.28
CA VAL UA 204 -125.97 -28.45 38.19
C VAL UA 204 -125.39 -27.07 38.50
N VAL VA 2 -89.98 -60.77 48.38
CA VAL VA 2 -89.45 -59.46 48.04
C VAL VA 2 -90.13 -58.37 48.87
N GLN VA 3 -89.34 -57.59 49.61
CA GLN VA 3 -89.86 -56.54 50.48
C GLN VA 3 -89.08 -55.26 50.26
N LEU VA 4 -89.80 -54.14 50.14
CA LEU VA 4 -89.19 -52.83 49.99
C LEU VA 4 -89.80 -51.88 51.01
N GLN VA 5 -88.96 -51.09 51.67
CA GLN VA 5 -89.37 -50.17 52.72
C GLN VA 5 -88.69 -48.83 52.48
N GLU VA 6 -89.47 -47.83 52.07
CA GLU VA 6 -88.96 -46.49 51.87
C GLU VA 6 -88.96 -45.71 53.19
N SER VA 7 -88.09 -44.70 53.24
CA SER VA 7 -87.90 -43.89 54.43
C SER VA 7 -87.18 -42.61 54.04
N GLY VA 8 -86.87 -41.79 55.04
CA GLY VA 8 -86.17 -40.54 54.83
C GLY VA 8 -87.07 -39.36 54.52
N GLY VA 9 -88.33 -39.59 54.19
CA GLY VA 9 -89.28 -38.52 53.94
C GLY VA 9 -89.72 -37.85 55.23
N GLY VA 10 -90.57 -36.84 55.05
CA GLY VA 10 -91.07 -36.07 56.20
C GLY VA 10 -91.45 -34.65 55.83
N VAL VA 11 -91.18 -33.68 56.71
CA VAL VA 11 -91.50 -32.29 56.47
C VAL VA 11 -90.19 -31.53 56.28
N VAL VA 12 -90.05 -30.88 55.13
CA VAL VA 12 -88.87 -30.11 54.79
C VAL VA 12 -89.30 -28.70 54.43
N GLN VA 13 -88.31 -27.84 54.22
CA GLN VA 13 -88.59 -26.48 53.79
C GLN VA 13 -88.15 -26.28 52.35
N PRO VA 14 -88.82 -25.40 51.60
CA PRO VA 14 -88.41 -25.18 50.21
C PRO VA 14 -86.94 -24.76 50.15
N GLY VA 15 -86.29 -25.10 49.05
CA GLY VA 15 -84.88 -24.82 48.91
C GLY VA 15 -83.98 -25.88 49.52
N GLY VA 16 -84.41 -26.48 50.63
CA GLY VA 16 -83.62 -27.51 51.28
C GLY VA 16 -83.47 -28.77 50.45
N SER VA 17 -82.61 -29.65 50.95
CA SER VA 17 -82.37 -30.95 50.33
C SER VA 17 -82.75 -32.08 51.28
N LEU VA 18 -83.17 -33.21 50.70
CA LEU VA 18 -83.66 -34.34 51.45
C LEU VA 18 -83.20 -35.61 50.76
N ARG VA 19 -82.95 -36.65 51.57
CA ARG VA 19 -82.42 -37.92 51.08
C ARG VA 19 -83.37 -39.06 51.43
N LEU VA 20 -83.92 -39.70 50.40
CA LEU VA 20 -84.77 -40.87 50.56
C LEU VA 20 -83.98 -42.16 50.38
N SER VA 21 -84.39 -43.19 51.11
CA SER VA 21 -83.74 -44.49 51.06
C SER VA 21 -84.79 -45.58 51.04
N CYS VA 22 -84.53 -46.62 50.25
CA CYS VA 22 -85.44 -47.76 50.07
C CYS VA 22 -84.67 -49.02 50.41
N ALA VA 23 -85.08 -49.71 51.48
CA ALA VA 23 -84.40 -50.92 51.93
C ALA VA 23 -85.00 -52.13 51.23
N ALA VA 24 -84.14 -52.96 50.65
CA ALA VA 24 -84.55 -54.08 49.82
C ALA VA 24 -84.19 -55.40 50.47
N SER VA 25 -85.07 -56.39 50.30
CA SER VA 25 -84.83 -57.74 50.79
C SER VA 25 -85.70 -58.71 50.00
N GLY VA 26 -85.20 -59.93 49.82
CA GLY VA 26 -85.94 -60.96 49.15
C GLY VA 26 -85.65 -61.17 47.68
N PHE VA 27 -84.47 -60.77 47.22
CA PHE VA 27 -84.03 -61.00 45.83
C PHE VA 27 -82.58 -60.58 45.71
N ASN VA 28 -81.91 -61.14 44.70
CA ASN VA 28 -80.54 -60.72 44.39
C ASN VA 28 -80.59 -59.29 43.87
N PHE VA 29 -80.52 -58.34 44.82
CA PHE VA 29 -80.65 -56.92 44.51
C PHE VA 29 -79.58 -56.45 43.52
N SER VA 30 -78.41 -57.10 43.50
CA SER VA 30 -77.32 -56.68 42.63
C SER VA 30 -77.60 -56.97 41.15
N ASN VA 31 -78.72 -57.63 40.82
CA ASN VA 31 -78.99 -58.07 39.46
C ASN VA 31 -80.15 -57.35 38.80
N TYR VA 32 -80.89 -56.52 39.53
CA TYR VA 32 -82.13 -55.93 39.04
C TYR VA 32 -82.03 -54.43 38.94
N GLY VA 33 -82.84 -53.85 38.05
CA GLY VA 33 -83.01 -52.41 38.03
C GLY VA 33 -83.95 -51.95 39.12
N MET VA 34 -83.81 -50.68 39.52
CA MET VA 34 -84.63 -50.08 40.55
C MET VA 34 -85.17 -48.73 40.07
N HIS VA 35 -86.34 -48.34 40.59
CA HIS VA 35 -87.01 -47.13 40.13
C HIS VA 35 -87.56 -46.36 41.33
N TRP VA 36 -87.70 -45.05 41.13
CA TRP VA 36 -88.45 -44.18 42.02
C TRP VA 36 -89.62 -43.60 41.26
N VAL VA 37 -90.82 -43.76 41.82
CA VAL VA 37 -92.04 -43.19 41.25
C VAL VA 37 -92.82 -42.51 42.37
N ARG VA 38 -93.09 -41.22 42.20
CA ARG VA 38 -93.79 -40.43 43.20
C ARG VA 38 -95.22 -40.15 42.75
N GLN VA 39 -96.04 -39.71 43.69
CA GLN VA 39 -97.46 -39.46 43.44
C GLN VA 39 -97.89 -38.24 44.25
N THR VA 40 -98.19 -37.14 43.56
CA THR VA 40 -98.74 -35.96 44.22
C THR VA 40 -100.09 -36.29 44.83
N PRO VA 41 -100.33 -35.94 46.10
CA PRO VA 41 -101.56 -36.36 46.76
C PRO VA 41 -102.81 -35.99 45.97
N GLY VA 42 -103.68 -36.97 45.78
CA GLY VA 42 -104.91 -36.80 45.01
C GLY VA 42 -104.76 -36.77 43.51
N LYS VA 43 -103.57 -37.07 42.98
CA LYS VA 43 -103.30 -37.02 41.56
C LYS VA 43 -102.69 -38.34 41.10
N GLY VA 44 -102.33 -38.42 39.83
CA GLY VA 44 -101.83 -39.64 39.25
C GLY VA 44 -100.40 -39.95 39.62
N LEU VA 45 -99.93 -41.08 39.11
CA LEU VA 45 -98.54 -41.50 39.29
C LEU VA 45 -97.63 -40.77 38.30
N GLU VA 46 -96.39 -40.51 38.73
CA GLU VA 46 -95.40 -39.86 37.89
C GLU VA 46 -94.03 -40.47 38.14
N TRP VA 47 -93.37 -40.89 37.06
CA TRP VA 47 -92.03 -41.46 37.17
C TRP VA 47 -91.02 -40.37 37.47
N VAL VA 48 -90.12 -40.64 38.43
CA VAL VA 48 -89.14 -39.65 38.89
C VAL VA 48 -87.78 -39.93 38.28
N ALA VA 49 -87.12 -41.00 38.72
CA ALA VA 49 -85.80 -41.36 38.23
C ALA VA 49 -85.60 -42.86 38.39
N SER VA 50 -84.54 -43.37 37.77
CA SER VA 50 -84.24 -44.79 37.82
C SER VA 50 -82.75 -45.01 37.57
N ILE VA 51 -82.28 -46.18 37.98
CA ILE VA 51 -80.86 -46.50 37.92
C ILE VA 51 -80.73 -47.99 37.60
N PRO VA 52 -79.84 -48.38 36.67
CA PRO VA 52 -79.71 -49.81 36.33
C PRO VA 52 -79.09 -50.64 37.45
N TYR VA 53 -78.83 -51.92 37.14
CA TYR VA 53 -78.38 -52.86 38.16
C TYR VA 53 -77.01 -52.48 38.73
N ASP VA 54 -76.17 -51.79 37.96
CA ASP VA 54 -74.80 -51.52 38.40
C ASP VA 54 -74.58 -50.11 38.92
N GLY VA 55 -75.46 -49.17 38.57
CA GLY VA 55 -75.24 -47.77 38.87
C GLY VA 55 -74.44 -47.02 37.83
N SER VA 56 -74.17 -47.65 36.68
CA SER VA 56 -73.42 -47.01 35.60
C SER VA 56 -74.02 -45.67 35.21
N HIS VA 57 -75.25 -45.70 34.68
CA HIS VA 57 -75.92 -44.51 34.16
C HIS VA 57 -77.03 -44.10 35.13
N GLN VA 58 -77.79 -43.08 34.73
CA GLN VA 58 -78.79 -42.51 35.63
C GLN VA 58 -79.87 -41.81 34.80
N TRP VA 59 -81.07 -42.37 34.77
CA TRP VA 59 -82.17 -41.80 33.99
C TRP VA 59 -82.95 -40.78 34.81
N HIS VA 60 -83.24 -39.64 34.18
CA HIS VA 60 -83.89 -38.51 34.84
C HIS VA 60 -85.17 -38.17 34.08
N ALA VA 61 -86.26 -37.97 34.82
CA ALA VA 61 -87.41 -37.28 34.26
C ALA VA 61 -87.10 -35.79 34.15
N ASP VA 62 -87.80 -35.11 33.23
CA ASP VA 62 -87.46 -33.71 32.97
C ASP VA 62 -87.92 -32.79 34.09
N SER VA 63 -88.97 -33.17 34.82
CA SER VA 63 -89.49 -32.32 35.89
C SER VA 63 -88.58 -32.28 37.11
N VAL VA 64 -87.66 -33.22 37.26
CA VAL VA 64 -86.78 -33.28 38.43
C VAL VA 64 -85.33 -33.36 37.97
N LYS VA 65 -85.08 -33.09 36.69
CA LYS VA 65 -83.74 -33.19 36.15
C LYS VA 65 -82.87 -32.07 36.70
N GLY VA 66 -81.60 -32.39 36.96
CA GLY VA 66 -80.66 -31.43 37.49
C GLY VA 66 -80.77 -31.25 38.99
N ARG VA 67 -81.99 -31.38 39.51
CA ARG VA 67 -82.22 -31.23 40.94
C ARG VA 67 -82.15 -32.57 41.69
N PHE VA 68 -82.66 -33.62 41.06
CA PHE VA 68 -82.67 -34.94 41.67
C PHE VA 68 -81.50 -35.76 41.13
N THR VA 69 -81.00 -36.67 41.96
CA THR VA 69 -80.00 -37.64 41.55
C THR VA 69 -80.28 -38.95 42.26
N ILE VA 70 -80.40 -40.03 41.49
CA ILE VA 70 -80.72 -41.35 42.02
C ILE VA 70 -79.46 -42.20 42.01
N SER VA 71 -79.23 -42.94 43.10
CA SER VA 71 -78.06 -43.78 43.25
C SER VA 71 -78.46 -45.06 43.96
N ARG VA 72 -77.52 -46.01 43.99
CA ARG VA 72 -77.74 -47.29 44.66
C ARG VA 72 -76.46 -47.75 45.33
N ASP VA 73 -76.63 -48.52 46.40
CA ASP VA 73 -75.53 -49.19 47.09
C ASP VA 73 -75.83 -50.69 47.09
N ASN VA 74 -75.12 -51.44 46.25
CA ASN VA 74 -75.40 -52.87 46.12
C ASN VA 74 -74.99 -53.65 47.37
N SER VA 75 -74.00 -53.16 48.11
CA SER VA 75 -73.55 -53.85 49.32
C SER VA 75 -74.53 -53.69 50.48
N LYS VA 76 -75.39 -52.67 50.45
CA LYS VA 76 -76.35 -52.45 51.52
C LYS VA 76 -77.77 -52.85 51.13
N ASN VA 77 -77.99 -53.21 49.87
CA ASN VA 77 -79.32 -53.52 49.34
C ASN VA 77 -80.30 -52.38 49.62
N THR VA 78 -79.87 -51.17 49.27
CA THR VA 78 -80.64 -49.96 49.54
C THR VA 78 -80.58 -49.07 48.30
N LEU VA 79 -81.73 -48.56 47.88
CA LEU VA 79 -81.83 -47.63 46.76
C LEU VA 79 -82.02 -46.22 47.31
N TYR VA 80 -81.30 -45.26 46.72
CA TYR VA 80 -81.27 -43.90 47.24
C TYR VA 80 -81.81 -42.91 46.21
N LEU VA 81 -82.51 -41.89 46.70
CA LEU VA 81 -83.00 -40.77 45.89
C LEU VA 81 -82.62 -39.47 46.57
N GLN VA 82 -81.76 -38.69 45.92
CA GLN VA 82 -81.35 -37.40 46.45
C GLN VA 82 -82.21 -36.31 45.86
N ILE VA 83 -82.85 -35.52 46.73
CA ILE VA 83 -83.70 -34.40 46.32
C ILE VA 83 -83.01 -33.12 46.77
N ASN VA 84 -82.74 -32.23 45.82
CA ASN VA 84 -82.11 -30.94 46.10
C ASN VA 84 -83.03 -29.80 45.71
N SER VA 85 -82.99 -28.72 46.49
CA SER VA 85 -83.84 -27.53 46.29
C SER VA 85 -85.31 -27.93 46.22
N LEU VA 86 -85.80 -28.46 47.33
CA LEU VA 86 -87.19 -28.86 47.44
C LEU VA 86 -88.15 -27.71 47.15
N ARG VA 87 -89.24 -28.02 46.48
CA ARG VA 87 -90.29 -27.07 46.10
C ARG VA 87 -91.65 -27.68 46.43
N PRO VA 88 -92.70 -26.85 46.46
CA PRO VA 88 -94.04 -27.42 46.69
C PRO VA 88 -94.47 -28.46 45.65
N GLU VA 89 -93.93 -28.43 44.43
CA GLU VA 89 -94.30 -29.46 43.47
C GLU VA 89 -93.77 -30.82 43.87
N ASP VA 90 -92.68 -30.84 44.63
CA ASP VA 90 -92.12 -32.09 45.12
C ASP VA 90 -92.90 -32.67 46.30
N THR VA 91 -93.96 -31.98 46.74
CA THR VA 91 -94.83 -32.51 47.78
C THR VA 91 -95.57 -33.72 47.23
N ALA VA 92 -95.19 -34.91 47.67
CA ALA VA 92 -95.75 -36.15 47.15
C ALA VA 92 -95.20 -37.31 47.95
N MET VA 93 -95.85 -38.46 47.82
CA MET VA 93 -95.32 -39.71 48.35
C MET VA 93 -94.39 -40.35 47.36
N TYR VA 94 -93.30 -40.92 47.86
CA TYR VA 94 -92.25 -41.46 47.02
C TYR VA 94 -92.18 -42.96 47.19
N TYR VA 95 -92.66 -43.69 46.18
CA TYR VA 95 -92.57 -45.13 46.14
C TYR VA 95 -91.27 -45.53 45.43
N CYS VA 96 -90.71 -46.65 45.88
CA CYS VA 96 -89.58 -47.27 45.24
C CYS VA 96 -90.01 -48.64 44.73
N SER VA 97 -89.63 -48.96 43.51
CA SER VA 97 -90.10 -50.18 42.88
C SER VA 97 -88.94 -50.90 42.19
N LYS VA 98 -89.06 -52.21 42.09
CA LYS VA 98 -88.00 -53.12 41.67
C LYS VA 98 -88.33 -53.63 40.28
N ALA VA 99 -87.53 -53.24 39.30
CA ALA VA 99 -87.67 -53.77 37.94
C ALA VA 99 -87.79 -55.29 37.98
N ARG VA 100 -88.85 -55.80 37.34
CA ARG VA 100 -89.09 -57.24 37.34
C ARG VA 100 -87.92 -58.00 36.76
N ILE VA 101 -87.45 -57.57 35.60
CA ILE VA 101 -86.44 -58.28 34.83
C ILE VA 101 -85.06 -57.87 35.33
N SER VA 102 -84.10 -58.77 35.16
CA SER VA 102 -82.73 -58.55 35.61
C SER VA 102 -81.90 -57.85 34.54
N TYR VA 103 -80.77 -57.29 34.98
CA TYR VA 103 -79.69 -56.79 34.11
C TYR VA 103 -80.18 -55.79 33.05
N LEU VA 104 -81.31 -55.14 33.28
CA LEU VA 104 -81.81 -54.17 32.29
C LEU VA 104 -80.90 -52.94 32.19
N SER VA 105 -80.38 -52.68 30.99
CA SER VA 105 -79.51 -51.52 30.79
C SER VA 105 -80.30 -50.22 30.78
N ALA VA 106 -81.63 -50.31 30.76
CA ALA VA 106 -82.54 -49.17 30.78
C ALA VA 106 -83.88 -49.64 31.32
N PRO VA 107 -84.59 -48.80 32.05
CA PRO VA 107 -85.82 -49.23 32.76
C PRO VA 107 -87.08 -49.20 31.90
N ALA VA 108 -87.23 -50.22 31.05
CA ALA VA 108 -88.31 -50.21 30.07
C ALA VA 108 -89.50 -51.08 30.45
N TRP VA 109 -89.27 -52.16 31.20
CA TRP VA 109 -90.30 -53.16 31.43
C TRP VA 109 -91.00 -52.91 32.77
N TRP VA 110 -92.06 -53.66 33.01
CA TRP VA 110 -92.97 -53.37 34.12
C TRP VA 110 -92.23 -53.43 35.46
N PHE VA 111 -92.78 -52.68 36.43
CA PHE VA 111 -92.20 -52.55 37.77
C PHE VA 111 -93.08 -53.35 38.73
N ASP VA 112 -92.52 -54.44 39.27
CA ASP VA 112 -93.21 -55.17 40.33
C ASP VA 112 -92.15 -55.67 41.30
N PRO VA 113 -92.38 -55.58 42.62
CA PRO VA 113 -93.50 -54.97 43.37
C PRO VA 113 -93.20 -53.54 43.80
N TRP VA 114 -94.19 -52.80 44.31
CA TRP VA 114 -93.99 -51.42 44.77
C TRP VA 114 -93.97 -51.40 46.29
N GLY VA 115 -92.99 -50.68 46.85
CA GLY VA 115 -92.92 -50.49 48.28
C GLY VA 115 -94.01 -49.58 48.82
N GLN VA 116 -94.20 -49.63 50.14
CA GLN VA 116 -95.24 -48.81 50.76
C GLN VA 116 -94.92 -47.32 50.70
N GLY VA 117 -93.64 -46.96 50.67
CA GLY VA 117 -93.24 -45.60 50.36
C GLY VA 117 -93.04 -44.73 51.58
N THR VA 118 -92.47 -43.55 51.32
CA THR VA 118 -92.31 -42.48 52.29
C THR VA 118 -92.89 -41.21 51.70
N LEU VA 119 -93.30 -40.29 52.58
CA LEU VA 119 -93.96 -39.06 52.19
C LEU VA 119 -93.03 -37.87 52.36
N VAL VA 120 -92.83 -37.11 51.28
CA VAL VA 120 -92.04 -35.88 51.28
C VAL VA 120 -92.99 -34.73 51.01
N THR VA 121 -93.10 -33.81 51.98
CA THR VA 121 -93.95 -32.65 51.87
C THR VA 121 -93.17 -31.41 52.28
N VAL VA 122 -93.16 -30.40 51.41
CA VAL VA 122 -92.49 -29.13 51.67
C VAL VA 122 -93.55 -28.04 51.68
N SER VA 123 -93.36 -27.06 52.57
CA SER VA 123 -94.27 -25.93 52.68
C SER VA 123 -93.61 -24.84 53.52
N SER VA 124 -94.18 -23.63 53.45
CA SER VA 124 -93.79 -22.53 54.31
C SER VA 124 -94.50 -22.67 55.66
N ALA VA 125 -94.16 -23.77 56.36
CA ALA VA 125 -94.93 -24.21 57.52
C ALA VA 125 -94.72 -23.29 58.72
N SER VA 126 -95.82 -22.94 59.38
CA SER VA 126 -95.84 -22.36 60.72
C SER VA 126 -97.28 -22.37 61.21
N THR VA 127 -97.48 -22.66 62.49
CA THR VA 127 -98.83 -22.78 63.01
C THR VA 127 -99.54 -21.42 62.92
N LYS VA 128 -100.81 -21.45 62.54
CA LYS VA 128 -101.55 -20.24 62.27
C LYS VA 128 -102.99 -20.37 62.76
N GLY VA 129 -103.51 -19.29 63.32
CA GLY VA 129 -104.89 -19.25 63.72
C GLY VA 129 -105.82 -19.16 62.53
N PRO VA 130 -107.02 -19.73 62.65
CA PRO VA 130 -107.98 -19.69 61.56
C PRO VA 130 -108.87 -18.46 61.58
N SER VA 131 -109.05 -17.86 60.41
CA SER VA 131 -109.94 -16.71 60.28
C SER VA 131 -111.37 -17.20 60.05
N VAL VA 132 -112.31 -16.69 60.84
CA VAL VA 132 -113.68 -17.20 60.86
C VAL VA 132 -114.63 -16.13 60.35
N PHE VA 133 -115.32 -16.42 59.25
CA PHE VA 133 -116.33 -15.53 58.67
C PHE VA 133 -117.68 -16.22 58.61
N PRO VA 134 -118.77 -15.53 58.91
CA PRO VA 134 -120.10 -16.16 58.87
C PRO VA 134 -120.67 -16.24 57.45
N LEU VA 135 -121.08 -17.44 57.05
CA LEU VA 135 -121.75 -17.66 55.76
C LEU VA 135 -123.26 -17.59 55.98
N ALA VA 136 -123.80 -16.37 55.89
CA ALA VA 136 -125.20 -16.13 56.21
C ALA VA 136 -126.13 -16.78 55.18
N PRO VA 137 -127.35 -17.15 55.58
CA PRO VA 137 -128.30 -17.72 54.64
C PRO VA 137 -128.90 -16.66 53.72
N SER VA 138 -129.47 -17.13 52.61
CA SER VA 138 -130.08 -16.25 51.61
C SER VA 138 -131.33 -15.56 52.14
N GLY VA 145 -138.73 -22.56 51.32
CA GLY VA 145 -138.33 -23.95 51.31
C GLY VA 145 -137.32 -24.29 52.40
N THR VA 146 -136.07 -24.56 51.99
CA THR VA 146 -134.98 -24.84 52.90
C THR VA 146 -133.94 -23.73 52.81
N ALA VA 147 -133.38 -23.37 53.96
CA ALA VA 147 -132.30 -22.39 54.03
C ALA VA 147 -131.04 -23.04 54.59
N ALA VA 148 -129.89 -22.64 54.06
CA ALA VA 148 -128.62 -23.18 54.49
C ALA VA 148 -127.68 -22.06 54.88
N LEU VA 149 -126.79 -22.36 55.81
CA LEU VA 149 -125.82 -21.40 56.33
C LEU VA 149 -124.69 -22.17 56.98
N GLY VA 150 -123.59 -21.48 57.22
CA GLY VA 150 -122.44 -22.13 57.81
C GLY VA 150 -121.34 -21.17 58.16
N CYS VA 151 -120.13 -21.72 58.31
CA CYS VA 151 -118.95 -20.97 58.69
C CYS VA 151 -117.82 -21.22 57.71
N LEU VA 152 -117.02 -20.19 57.46
CA LEU VA 152 -115.85 -20.27 56.59
C LEU VA 152 -114.60 -20.12 57.45
N VAL VA 153 -113.76 -21.16 57.46
CA VAL VA 153 -112.58 -21.22 58.31
C VAL VA 153 -111.36 -21.01 57.42
N LYS VA 154 -110.88 -19.77 57.33
CA LYS VA 154 -109.84 -19.39 56.39
C LYS VA 154 -108.45 -19.42 57.02
N ASP VA 155 -107.48 -19.88 56.23
CA ASP VA 155 -106.06 -19.60 56.41
C ASP VA 155 -105.55 -20.04 57.79
N TYR VA 156 -105.66 -21.34 58.04
CA TYR VA 156 -105.02 -21.96 59.21
C TYR VA 156 -103.94 -22.93 58.76
N PHE VA 157 -103.17 -23.38 59.75
CA PHE VA 157 -102.07 -24.31 59.57
C PHE VA 157 -101.55 -24.68 60.96
N PRO VA 158 -101.21 -25.94 61.21
CA PRO VA 158 -101.38 -27.10 60.33
C PRO VA 158 -102.76 -27.72 60.54
N GLU VA 159 -102.97 -28.93 60.05
CA GLU VA 159 -104.22 -29.62 60.30
C GLU VA 159 -104.24 -30.17 61.73
N PRO VA 160 -105.43 -30.37 62.32
CA PRO VA 160 -106.76 -30.05 61.78
C PRO VA 160 -107.58 -29.06 62.60
N VAL VA 161 -108.70 -28.60 62.05
CA VAL VA 161 -109.72 -27.89 62.81
C VAL VA 161 -110.88 -28.84 63.03
N THR VA 162 -111.62 -28.61 64.12
CA THR VA 162 -112.82 -29.37 64.43
C THR VA 162 -113.97 -28.40 64.59
N VAL VA 163 -115.08 -28.67 63.91
CA VAL VA 163 -116.23 -27.77 63.88
C VAL VA 163 -117.44 -28.47 64.49
N SER VA 164 -118.10 -27.79 65.42
CA SER VA 164 -119.36 -28.22 65.98
C SER VA 164 -120.30 -27.03 66.00
N TRP VA 165 -121.60 -27.31 66.12
CA TRP VA 165 -122.61 -26.26 66.10
C TRP VA 165 -123.38 -26.30 67.42
N ASN VA 166 -123.45 -25.14 68.09
CA ASN VA 166 -124.02 -25.03 69.43
C ASN VA 166 -123.36 -25.97 70.43
N SER VA 167 -122.03 -26.09 70.33
CA SER VA 167 -121.22 -26.93 71.22
C SER VA 167 -121.63 -28.40 71.15
N GLY VA 168 -121.99 -28.86 69.95
CA GLY VA 168 -122.39 -30.24 69.75
C GLY VA 168 -123.86 -30.52 69.94
N ALA VA 169 -124.67 -29.51 70.27
CA ALA VA 169 -126.10 -29.70 70.47
C ALA VA 169 -126.86 -29.76 69.15
N LEU VA 170 -126.20 -29.52 68.02
CA LEU VA 170 -126.79 -29.65 66.70
C LEU VA 170 -125.95 -30.62 65.88
N THR VA 171 -126.59 -31.66 65.35
CA THR VA 171 -125.90 -32.64 64.53
C THR VA 171 -126.69 -32.89 63.26
N SER VA 172 -128.02 -32.75 63.34
CA SER VA 172 -128.87 -32.92 62.18
C SER VA 172 -128.67 -31.77 61.21
N GLY VA 173 -128.42 -32.10 59.95
CA GLY VA 173 -128.12 -31.10 58.94
C GLY VA 173 -126.69 -30.60 58.96
N VAL VA 174 -125.85 -31.10 59.86
CA VAL VA 174 -124.49 -30.61 60.00
C VAL VA 174 -123.58 -31.30 59.00
N HIS VA 175 -122.71 -30.54 58.34
CA HIS VA 175 -121.84 -31.12 57.33
C HIS VA 175 -120.55 -30.32 57.26
N THR VA 176 -119.43 -30.95 57.60
CA THR VA 176 -118.10 -30.35 57.51
C THR VA 176 -117.38 -30.86 56.27
N PHE VA 177 -116.75 -29.95 55.54
CA PHE VA 177 -116.13 -30.28 54.27
C PHE VA 177 -114.63 -30.45 54.40
N PRO VA 178 -113.99 -31.11 53.44
CA PRO VA 178 -112.52 -31.23 53.47
C PRO VA 178 -111.85 -29.88 53.25
N ALA VA 179 -110.62 -29.79 53.72
CA ALA VA 179 -109.83 -28.57 53.59
C ALA VA 179 -109.08 -28.55 52.28
N VAL VA 180 -109.07 -27.39 51.62
CA VAL VA 180 -108.25 -27.17 50.45
C VAL VA 180 -106.86 -26.76 50.91
N LEU VA 181 -105.85 -27.14 50.15
CA LEU VA 181 -104.50 -26.64 50.36
C LEU VA 181 -104.30 -25.50 49.37
N GLN VA 182 -104.56 -24.28 49.83
CA GLN VA 182 -104.38 -23.10 48.97
C GLN VA 182 -102.91 -22.97 48.59
N SER VA 183 -102.64 -22.26 47.50
CA SER VA 183 -101.27 -22.13 47.02
C SER VA 183 -100.35 -21.44 48.01
N SER VA 184 -100.90 -20.77 49.03
CA SER VA 184 -100.09 -20.12 50.06
C SER VA 184 -99.50 -21.10 51.05
N GLY VA 185 -99.97 -22.35 51.08
CA GLY VA 185 -99.56 -23.29 52.09
C GLY VA 185 -100.46 -23.35 53.31
N LEU VA 186 -101.51 -22.53 53.34
CA LEU VA 186 -102.46 -22.51 54.45
C LEU VA 186 -103.72 -23.27 54.07
N TYR VA 187 -104.29 -23.99 55.02
CA TYR VA 187 -105.51 -24.74 54.78
C TYR VA 187 -106.74 -23.83 54.89
N SER VA 188 -107.83 -24.27 54.28
CA SER VA 188 -109.05 -23.48 54.25
C SER VA 188 -110.24 -24.43 54.20
N LEU VA 189 -111.17 -24.27 55.15
CA LEU VA 189 -112.28 -25.19 55.33
C LEU VA 189 -113.57 -24.40 55.49
N SER VA 190 -114.66 -24.95 54.95
CA SER VA 190 -116.01 -24.44 55.23
C SER VA 190 -116.83 -25.56 55.85
N SER VA 191 -117.90 -25.18 56.55
CA SER VA 191 -118.70 -26.15 57.28
C SER VA 191 -120.09 -25.55 57.52
N VAL VA 192 -121.12 -26.21 57.00
CA VAL VA 192 -122.46 -25.64 56.97
C VAL VA 192 -123.45 -26.53 57.70
N VAL VA 193 -124.66 -26.02 57.84
CA VAL VA 193 -125.79 -26.72 58.45
C VAL VA 193 -127.07 -26.19 57.82
N THR VA 194 -127.89 -27.09 57.28
CA THR VA 194 -129.18 -26.71 56.72
C THR VA 194 -130.26 -26.78 57.78
N VAL VA 195 -131.23 -25.87 57.67
CA VAL VA 195 -132.38 -25.78 58.57
C VAL VA 195 -133.57 -25.27 57.75
N PRO VA 196 -134.75 -25.33 58.34
CA PRO VA 196 -135.94 -24.68 57.76
C PRO VA 196 -135.79 -23.17 57.88
N SER VA 197 -136.32 -22.42 56.91
CA SER VA 197 -136.19 -20.97 56.93
C SER VA 197 -136.87 -20.37 58.16
N SER VA 198 -138.04 -20.90 58.50
CA SER VA 198 -138.78 -20.44 59.67
C SER VA 198 -138.10 -20.84 60.98
N SER VA 199 -138.23 -19.99 61.98
CA SER VA 199 -137.71 -20.28 63.32
C SER VA 199 -136.21 -20.02 63.46
N LEU VA 200 -135.61 -19.41 62.44
CA LEU VA 200 -134.18 -19.11 62.47
C LEU VA 200 -133.85 -18.14 63.61
N GLY VA 201 -134.71 -17.15 63.79
CA GLY VA 201 -134.54 -16.16 64.83
C GLY VA 201 -134.58 -16.73 66.24
N THR VA 202 -135.48 -17.68 66.44
CA THR VA 202 -135.72 -18.26 67.76
C THR VA 202 -134.50 -18.97 68.34
N GLN VA 203 -133.77 -19.68 67.50
CA GLN VA 203 -132.64 -20.49 67.95
C GLN VA 203 -131.30 -19.85 67.58
N THR VA 204 -130.41 -19.75 68.58
CA THR VA 204 -129.10 -19.17 68.38
C THR VA 204 -128.27 -20.01 67.42
N TYR VA 205 -127.48 -19.33 66.58
CA TYR VA 205 -126.71 -20.00 65.55
C TYR VA 205 -125.23 -19.68 65.73
N ILE VA 206 -124.50 -20.58 66.41
CA ILE VA 206 -123.10 -20.37 66.75
C ILE VA 206 -122.29 -21.59 66.35
N CYS VA 207 -121.38 -21.44 65.40
CA CYS VA 207 -120.40 -22.47 65.09
C CYS VA 207 -119.14 -22.30 65.93
N ASN VA 208 -118.57 -23.41 66.39
CA ASN VA 208 -117.42 -23.41 67.28
C ASN VA 208 -116.22 -24.07 66.61
N VAL VA 209 -115.35 -23.27 65.99
CA VAL VA 209 -114.13 -23.78 65.39
C VAL VA 209 -113.06 -23.91 66.47
N ASN VA 210 -112.31 -25.00 66.43
CA ASN VA 210 -111.24 -25.25 67.40
C ASN VA 210 -110.01 -25.78 66.68
N HIS VA 211 -108.91 -25.05 66.79
CA HIS VA 211 -107.65 -25.38 66.13
C HIS VA 211 -106.60 -25.67 67.22
N LYS VA 212 -106.49 -26.93 67.60
CA LYS VA 212 -105.53 -27.32 68.64
C LYS VA 212 -104.07 -27.04 68.31
N PRO VA 213 -103.57 -27.16 67.07
CA PRO VA 213 -102.14 -26.89 66.84
C PRO VA 213 -101.66 -25.51 67.26
N SER VA 214 -102.49 -24.48 67.09
CA SER VA 214 -102.20 -23.15 67.59
C SER VA 214 -102.95 -22.81 68.87
N ASN VA 215 -103.71 -23.76 69.42
CA ASN VA 215 -104.53 -23.55 70.62
C ASN VA 215 -105.47 -22.35 70.47
N THR VA 216 -106.17 -22.30 69.34
CA THR VA 216 -107.13 -21.25 69.04
C THR VA 216 -108.55 -21.81 69.16
N LYS VA 217 -109.45 -21.02 69.74
CA LYS VA 217 -110.86 -21.34 69.80
C LYS VA 217 -111.66 -20.13 69.35
N VAL VA 218 -112.57 -20.31 68.39
CA VAL VA 218 -113.38 -19.22 67.87
C VAL VA 218 -114.85 -19.62 67.90
N ASP VA 219 -115.69 -18.75 68.43
CA ASP VA 219 -117.14 -18.94 68.43
C ASP VA 219 -117.77 -17.78 67.67
N LYS VA 220 -118.33 -18.07 66.51
CA LYS VA 220 -118.89 -17.05 65.63
C LYS VA 220 -120.38 -17.31 65.40
N ARG VA 221 -121.18 -16.28 65.63
CA ARG VA 221 -122.62 -16.35 65.44
C ARG VA 221 -122.98 -15.97 64.00
N VAL VA 222 -123.84 -16.76 63.37
CA VAL VA 222 -124.28 -16.53 61.99
C VAL VA 222 -125.72 -16.02 62.05
N GLU VA 223 -126.04 -15.04 61.21
CA GLU VA 223 -127.36 -14.41 61.19
C GLU VA 223 -127.63 -13.94 59.77
N PRO VA 224 -128.90 -13.90 59.36
CA PRO VA 224 -129.21 -13.57 57.97
C PRO VA 224 -128.94 -12.11 57.64
N LYS VA 225 -128.94 -11.83 56.33
CA LYS VA 225 -128.80 -10.48 55.80
C LYS VA 225 -127.59 -9.72 56.37
N SER WA 2 -89.39 -31.61 11.82
CA SER WA 2 -90.79 -31.30 11.61
C SER WA 2 -90.94 -30.06 10.72
N VAL WA 3 -89.83 -29.54 10.23
CA VAL WA 3 -89.79 -28.31 9.44
C VAL WA 3 -89.46 -28.67 7.99
N SER WA 4 -90.40 -28.45 7.09
CA SER WA 4 -90.16 -28.56 5.65
C SER WA 4 -90.42 -27.21 5.01
N THR WA 5 -89.43 -26.70 4.30
CA THR WA 5 -89.38 -25.30 3.88
C THR WA 5 -89.45 -25.20 2.35
N GLN WA 6 -90.35 -24.35 1.86
CA GLN WA 6 -90.52 -24.06 0.44
C GLN WA 6 -90.07 -22.64 0.11
N PRO WA 7 -89.65 -22.40 -1.14
CA PRO WA 7 -89.35 -21.02 -1.55
C PRO WA 7 -90.59 -20.16 -1.48
N PRO WA 8 -90.42 -18.84 -1.30
CA PRO WA 8 -91.60 -17.97 -1.11
C PRO WA 8 -92.39 -17.77 -2.39
N SER WA 9 -91.70 -17.52 -3.50
CA SER WA 9 -92.31 -17.31 -4.81
C SER WA 9 -91.34 -17.80 -5.87
N VAL WA 10 -91.88 -18.27 -6.99
CA VAL WA 10 -91.09 -18.70 -8.13
C VAL WA 10 -91.64 -18.05 -9.39
N SER WA 11 -90.78 -17.35 -10.11
CA SER WA 11 -91.14 -16.73 -11.38
C SER WA 11 -90.48 -17.52 -12.50
N VAL WA 12 -91.26 -17.85 -13.52
CA VAL WA 12 -90.81 -18.65 -14.65
C VAL WA 12 -91.52 -18.15 -15.90
N ALA WA 13 -90.80 -18.14 -17.02
CA ALA WA 13 -91.42 -17.78 -18.27
C ALA WA 13 -92.31 -18.92 -18.75
N PRO WA 14 -93.40 -18.62 -19.44
CA PRO WA 14 -94.25 -19.70 -19.98
C PRO WA 14 -93.43 -20.56 -20.92
N GLY WA 15 -93.75 -21.85 -20.98
CA GLY WA 15 -93.01 -22.76 -21.83
C GLY WA 15 -91.67 -23.21 -21.32
N GLN WA 16 -91.17 -22.62 -20.23
CA GLN WA 16 -89.91 -23.03 -19.62
C GLN WA 16 -90.14 -24.34 -18.85
N THR WA 17 -89.16 -24.72 -18.04
CA THR WA 17 -89.30 -25.87 -17.16
C THR WA 17 -89.26 -25.33 -15.73
N ALA WA 18 -90.37 -25.47 -15.01
CA ALA WA 18 -90.44 -24.99 -13.64
C ALA WA 18 -89.97 -26.05 -12.66
N ARG WA 19 -89.51 -25.58 -11.50
CA ARG WA 19 -88.92 -26.46 -10.49
C ARG WA 19 -89.13 -25.84 -9.12
N ILE WA 20 -89.93 -26.51 -8.29
CA ILE WA 20 -90.22 -26.07 -6.92
C ILE WA 20 -89.61 -27.08 -5.97
N THR WA 21 -88.84 -26.59 -5.00
CA THR WA 21 -88.14 -27.43 -4.04
C THR WA 21 -88.91 -27.48 -2.73
N CYS WA 22 -88.65 -28.54 -1.96
CA CYS WA 22 -89.25 -28.73 -0.63
C CYS WA 22 -88.16 -29.32 0.25
N GLY WA 23 -87.29 -28.45 0.78
CA GLY WA 23 -86.16 -28.91 1.55
C GLY WA 23 -86.57 -29.30 2.97
N GLY WA 24 -85.92 -30.34 3.47
CA GLY WA 24 -86.20 -30.85 4.80
C GLY WA 24 -85.19 -31.90 5.21
N ASN WA 25 -84.93 -32.03 6.52
CA ASN WA 25 -83.95 -32.99 7.01
C ASN WA 25 -84.43 -34.40 6.70
N ASN WA 26 -83.70 -35.09 5.82
CA ASN WA 26 -84.03 -36.45 5.41
C ASN WA 26 -85.45 -36.54 4.86
N ILE WA 27 -85.83 -35.55 4.06
CA ILE WA 27 -87.15 -35.60 3.44
C ILE WA 27 -87.20 -36.67 2.36
N GLY WA 28 -86.05 -37.11 1.86
CA GLY WA 28 -86.02 -38.21 0.90
C GLY WA 28 -86.53 -39.51 1.48
N SER WA 29 -86.47 -39.67 2.80
CA SER WA 29 -86.96 -40.85 3.51
C SER WA 29 -88.39 -40.69 4.01
N LYS WA 30 -89.00 -39.54 3.81
CA LYS WA 30 -90.41 -39.32 4.10
C LYS WA 30 -91.22 -39.48 2.81
N SER WA 31 -92.51 -39.69 2.97
CA SER WA 31 -93.41 -39.79 1.83
C SER WA 31 -93.91 -38.39 1.52
N VAL WA 32 -93.41 -37.80 0.44
CA VAL WA 32 -93.69 -36.42 0.07
C VAL WA 32 -94.90 -36.37 -0.86
N HIS WA 33 -95.74 -35.36 -0.66
CA HIS WA 33 -96.87 -35.09 -1.53
C HIS WA 33 -96.80 -33.63 -1.97
N TRP WA 34 -97.58 -33.29 -2.99
CA TRP WA 34 -97.60 -31.93 -3.50
C TRP WA 34 -99.05 -31.52 -3.80
N TYR WA 35 -99.43 -30.32 -3.38
CA TYR WA 35 -100.75 -29.78 -3.64
C TYR WA 35 -100.62 -28.41 -4.31
N ARG WA 36 -101.46 -28.18 -5.31
CA ARG WA 36 -101.53 -26.91 -6.03
C ARG WA 36 -102.86 -26.23 -5.75
N GLN WA 37 -102.81 -25.00 -5.25
CA GLN WA 37 -103.99 -24.23 -4.90
C GLN WA 37 -103.94 -22.90 -5.65
N LYS WA 38 -104.85 -22.73 -6.59
CA LYS WA 38 -105.06 -21.48 -7.31
C LYS WA 38 -105.98 -20.58 -6.49
N PRO WA 39 -105.93 -19.26 -6.71
CA PRO WA 39 -106.72 -18.35 -5.87
C PRO WA 39 -108.20 -18.70 -5.92
N GLY WA 40 -108.83 -18.74 -4.73
CA GLY WA 40 -110.25 -18.98 -4.62
C GLY WA 40 -110.67 -20.43 -4.64
N GLN WA 41 -109.75 -21.37 -4.84
CA GLN WA 41 -110.10 -22.79 -4.89
C GLN WA 41 -109.42 -23.55 -3.76
N ALA WA 42 -109.80 -24.82 -3.64
CA ALA WA 42 -109.22 -25.74 -2.67
C ALA WA 42 -107.91 -26.31 -3.20
N PRO WA 43 -107.06 -26.83 -2.30
CA PRO WA 43 -105.86 -27.52 -2.78
C PRO WA 43 -106.22 -28.74 -3.60
N VAL WA 44 -105.34 -29.07 -4.55
CA VAL WA 44 -105.54 -30.17 -5.48
C VAL WA 44 -104.29 -31.04 -5.48
N LEU WA 45 -104.46 -32.34 -5.27
CA LEU WA 45 -103.32 -33.25 -5.29
C LEU WA 45 -102.79 -33.38 -6.71
N VAL WA 46 -101.49 -33.14 -6.89
CA VAL WA 46 -100.88 -33.16 -8.21
C VAL WA 46 -99.74 -34.18 -8.25
N VAL WA 47 -99.14 -34.44 -7.10
CA VAL WA 47 -98.08 -35.44 -6.98
C VAL WA 47 -98.15 -36.04 -5.58
N TYR WA 48 -98.20 -37.37 -5.50
CA TYR WA 48 -98.22 -38.06 -4.23
C TYR WA 48 -97.13 -39.13 -4.19
N ASP WA 49 -96.67 -39.43 -2.98
CA ASP WA 49 -95.53 -40.32 -2.74
C ASP WA 49 -94.38 -39.95 -3.68
N ASN WA 50 -93.83 -38.77 -3.43
CA ASN WA 50 -92.64 -38.22 -4.09
C ASN WA 50 -92.90 -37.84 -5.54
N ASN WA 51 -93.35 -38.78 -6.39
CA ASN WA 51 -93.45 -38.51 -7.82
C ASN WA 51 -94.74 -38.94 -8.50
N ALA WA 52 -95.57 -39.78 -7.86
CA ALA WA 52 -96.72 -40.36 -8.54
C ALA WA 52 -97.83 -39.33 -8.71
N ARG WA 53 -98.52 -39.39 -9.87
CA ARG WA 53 -99.62 -38.49 -10.20
C ARG WA 53 -100.97 -39.20 -10.13
N PRO WA 54 -102.03 -38.50 -9.67
CA PRO WA 54 -103.39 -39.07 -9.75
C PRO WA 54 -103.86 -39.23 -11.19
N SER WA 55 -105.13 -39.61 -11.37
CA SER WA 55 -105.66 -39.88 -12.70
C SER WA 55 -105.66 -38.65 -13.59
N GLY WA 56 -106.31 -37.57 -13.15
CA GLY WA 56 -106.54 -36.41 -14.01
C GLY WA 56 -105.33 -35.54 -14.28
N ILE WA 57 -104.23 -35.73 -13.57
CA ILE WA 57 -103.10 -34.79 -13.62
C ILE WA 57 -102.33 -35.00 -14.92
N PRO WA 58 -102.01 -33.94 -15.66
CA PRO WA 58 -101.17 -34.07 -16.86
C PRO WA 58 -99.71 -34.33 -16.50
N GLU WA 59 -98.99 -34.95 -17.45
CA GLU WA 59 -97.62 -35.41 -17.23
C GLU WA 59 -96.59 -34.29 -17.12
N ARG WA 60 -96.91 -33.04 -17.47
CA ARG WA 60 -95.95 -31.95 -17.30
C ARG WA 60 -95.56 -31.79 -15.83
N ILE WA 61 -96.50 -31.96 -14.91
CA ILE WA 61 -96.22 -31.87 -13.48
C ILE WA 61 -95.61 -33.19 -13.06
N SER WA 62 -94.38 -33.14 -12.55
CA SER WA 62 -93.72 -34.34 -12.07
C SER WA 62 -93.16 -34.09 -10.69
N GLY WA 63 -93.06 -35.17 -9.91
CA GLY WA 63 -92.53 -35.12 -8.56
C GLY WA 63 -91.13 -35.69 -8.49
N SER WA 64 -90.52 -35.51 -7.33
CA SER WA 64 -89.17 -35.96 -7.06
C SER WA 64 -88.91 -35.80 -5.57
N ASN WA 65 -88.08 -36.68 -5.02
CA ASN WA 65 -87.72 -36.60 -3.61
C ASN WA 65 -86.49 -37.47 -3.37
N PHE WA 66 -85.37 -36.82 -3.05
CA PHE WA 66 -84.11 -37.52 -2.85
C PHE WA 66 -83.26 -36.74 -1.87
N ALA WA 67 -82.49 -37.49 -1.08
CA ALA WA 67 -81.58 -36.91 -0.10
C ALA WA 67 -82.33 -36.02 0.87
N ASN WA 68 -82.21 -34.70 0.68
CA ASN WA 68 -82.74 -33.75 1.65
C ASN WA 68 -83.61 -32.68 1.00
N THR WA 69 -84.17 -32.97 -0.17
CA THR WA 69 -85.00 -31.99 -0.88
C THR WA 69 -85.92 -32.74 -1.84
N ALA WA 70 -87.23 -32.67 -1.58
CA ALA WA 70 -88.21 -33.10 -2.56
C ALA WA 70 -88.48 -31.98 -3.54
N THR WA 71 -88.75 -32.35 -4.80
CA THR WA 71 -88.82 -31.36 -5.87
C THR WA 71 -90.00 -31.63 -6.79
N LEU WA 72 -90.82 -30.60 -7.01
CA LEU WA 72 -91.87 -30.63 -8.01
C LEU WA 72 -91.35 -29.94 -9.27
N THR WA 73 -91.42 -30.62 -10.41
CA THR WA 73 -90.88 -30.12 -11.67
C THR WA 73 -92.00 -30.04 -12.69
N ILE WA 74 -92.21 -28.86 -13.26
CA ILE WA 74 -93.24 -28.61 -14.28
C ILE WA 74 -92.56 -28.15 -15.57
N SER WA 75 -92.56 -29.03 -16.57
CA SER WA 75 -92.04 -28.72 -17.90
C SER WA 75 -93.12 -28.07 -18.76
N ARG WA 76 -92.69 -27.20 -19.67
CA ARG WA 76 -93.56 -26.44 -20.56
C ARG WA 76 -94.63 -25.68 -19.77
N VAL WA 77 -94.16 -24.64 -19.09
CA VAL WA 77 -95.00 -23.87 -18.18
C VAL WA 77 -96.09 -23.16 -18.99
N GLU WA 78 -97.34 -23.31 -18.56
CA GLU WA 78 -98.47 -22.59 -19.13
C GLU WA 78 -98.85 -21.41 -18.25
N ALA WA 79 -99.68 -20.52 -18.81
CA ALA WA 79 -100.17 -19.40 -18.02
C ALA WA 79 -101.12 -19.85 -16.92
N GLY WA 80 -101.95 -20.86 -17.21
CA GLY WA 80 -102.92 -21.39 -16.27
C GLY WA 80 -102.39 -22.24 -15.15
N ASP WA 81 -101.08 -22.50 -15.10
CA ASP WA 81 -100.47 -23.28 -14.04
C ASP WA 81 -100.07 -22.43 -12.83
N GLU WA 82 -100.37 -21.13 -12.87
CA GLU WA 82 -100.07 -20.22 -11.76
C GLU WA 82 -100.90 -20.55 -10.53
N ALA WA 83 -100.22 -20.83 -9.42
CA ALA WA 83 -100.89 -21.12 -8.15
C ALA WA 83 -99.83 -21.15 -7.05
N ASP WA 84 -100.30 -21.39 -5.83
CA ASP WA 84 -99.44 -21.67 -4.69
C ASP WA 84 -99.25 -23.19 -4.60
N TYR WA 85 -98.04 -23.60 -4.22
CA TYR WA 85 -97.69 -25.01 -4.21
C TYR WA 85 -97.21 -25.41 -2.82
N TYR WA 86 -97.87 -26.41 -2.23
CA TYR WA 86 -97.57 -26.88 -0.89
C TYR WA 86 -97.10 -28.33 -0.97
N CYS WA 87 -95.96 -28.63 -0.34
CA CYS WA 87 -95.54 -30.01 -0.18
C CYS WA 87 -96.06 -30.57 1.13
N HIS WA 88 -96.08 -31.90 1.23
CA HIS WA 88 -96.74 -32.60 2.33
C HIS WA 88 -95.87 -33.78 2.73
N VAL WA 89 -95.46 -33.81 3.99
CA VAL WA 89 -94.76 -34.94 4.57
C VAL WA 89 -95.44 -35.33 5.87
N TRP WA 90 -95.00 -36.45 6.44
CA TRP WA 90 -95.43 -36.88 7.77
C TRP WA 90 -94.21 -37.13 8.65
N ASP WA 91 -94.05 -36.29 9.66
CA ASP WA 91 -92.96 -36.46 10.63
C ASP WA 91 -93.42 -37.51 11.64
N SER WA 92 -92.89 -38.72 11.51
CA SER WA 92 -93.28 -39.81 12.40
C SER WA 92 -93.05 -39.43 13.87
N SER WA 93 -91.92 -38.80 14.17
CA SER WA 93 -91.56 -38.45 15.55
C SER WA 93 -92.11 -37.10 15.98
N SER WA 94 -93.22 -36.66 15.38
CA SER WA 94 -93.87 -35.42 15.77
C SER WA 94 -95.38 -35.53 15.88
N ASP WA 95 -96.00 -36.57 15.32
CA ASP WA 95 -97.46 -36.69 15.25
C ASP WA 95 -98.06 -35.44 14.60
N HIS WA 96 -97.35 -34.93 13.59
CA HIS WA 96 -97.72 -33.70 12.91
C HIS WA 96 -97.47 -33.87 11.42
N VAL WA 97 -98.50 -33.64 10.62
CA VAL WA 97 -98.31 -33.55 9.18
C VAL WA 97 -97.80 -32.15 8.87
N VAL WA 98 -96.77 -32.07 8.03
CA VAL WA 98 -95.98 -30.86 7.87
C VAL WA 98 -96.15 -30.36 6.45
N PHE WA 99 -96.91 -29.28 6.31
CA PHE WA 99 -97.05 -28.58 5.04
C PHE WA 99 -95.92 -27.57 4.90
N GLY WA 100 -95.54 -27.30 3.66
CA GLY WA 100 -94.60 -26.23 3.42
C GLY WA 100 -95.26 -24.87 3.56
N GLY WA 101 -94.41 -23.83 3.57
CA GLY WA 101 -94.91 -22.48 3.69
C GLY WA 101 -95.73 -22.05 2.49
N GLY WA 102 -95.58 -22.72 1.36
CA GLY WA 102 -96.26 -22.33 0.15
C GLY WA 102 -95.34 -21.54 -0.76
N THR WA 103 -95.46 -21.79 -2.06
CA THR WA 103 -94.65 -21.14 -3.07
C THR WA 103 -95.59 -20.57 -4.13
N LYS WA 104 -95.53 -19.26 -4.33
CA LYS WA 104 -96.36 -18.63 -5.36
C LYS WA 104 -95.60 -18.71 -6.67
N LEU WA 105 -95.94 -19.71 -7.50
CA LEU WA 105 -95.34 -19.84 -8.80
C LEU WA 105 -96.03 -18.87 -9.75
N THR WA 106 -95.26 -17.95 -10.32
CA THR WA 106 -95.77 -16.95 -11.24
C THR WA 106 -95.23 -17.26 -12.64
N VAL WA 107 -96.13 -17.42 -13.59
CA VAL WA 107 -95.76 -17.57 -15.00
C VAL WA 107 -96.06 -16.24 -15.67
N LEU WA 108 -95.04 -15.39 -15.72
CA LEU WA 108 -95.18 -14.02 -16.22
C LEU WA 108 -95.52 -13.75 -17.67
N GLY WA 109 -96.60 -13.00 -17.88
CA GLY WA 109 -96.99 -12.58 -19.21
C GLY WA 109 -96.52 -11.17 -19.50
N GLN WA 110 -96.44 -10.36 -18.45
CA GLN WA 110 -95.83 -9.05 -18.51
C GLN WA 110 -94.31 -9.17 -18.34
N PRO WA 111 -93.57 -8.10 -18.56
CA PRO WA 111 -92.21 -8.02 -18.03
C PRO WA 111 -92.26 -7.75 -16.52
N LYS WA 112 -91.09 -7.68 -15.91
CA LYS WA 112 -90.97 -7.52 -14.47
C LYS WA 112 -90.60 -6.09 -14.14
N ALA WA 113 -91.40 -5.45 -13.29
CA ALA WA 113 -91.24 -4.05 -12.93
C ALA WA 113 -91.07 -3.89 -11.43
N ALA WA 114 -90.07 -3.10 -11.03
CA ALA WA 114 -89.86 -2.80 -9.63
C ALA WA 114 -90.99 -1.93 -9.09
N PRO WA 115 -91.24 -1.95 -7.78
CA PRO WA 115 -92.41 -1.26 -7.23
C PRO WA 115 -92.20 0.25 -7.09
N SER WA 116 -93.31 0.98 -7.19
CA SER WA 116 -93.34 2.41 -6.93
C SER WA 116 -93.63 2.67 -5.46
N VAL WA 117 -92.69 3.31 -4.77
CA VAL WA 117 -92.80 3.59 -3.34
C VAL WA 117 -93.08 5.08 -3.16
N THR WA 118 -94.23 5.37 -2.54
CA THR WA 118 -94.64 6.72 -2.18
C THR WA 118 -94.98 6.69 -0.70
N LEU WA 119 -94.24 7.48 0.09
CA LEU WA 119 -94.35 7.46 1.55
C LEU WA 119 -95.08 8.70 2.04
N PHE WA 120 -96.09 8.48 2.87
CA PHE WA 120 -96.87 9.58 3.43
C PHE WA 120 -96.62 9.68 4.92
N PRO WA 121 -96.33 10.88 5.43
CA PRO WA 121 -96.19 11.07 6.87
C PRO WA 121 -97.56 11.16 7.53
N PRO WA 122 -97.63 11.07 8.86
CA PRO WA 122 -98.92 11.26 9.53
C PRO WA 122 -99.40 12.68 9.30
N SER WA 123 -100.69 12.81 8.96
CA SER WA 123 -101.22 14.13 8.62
C SER WA 123 -101.19 15.05 9.83
N SER WA 124 -101.12 16.36 9.54
CA SER WA 124 -101.13 17.35 10.60
C SER WA 124 -102.40 17.26 11.43
N GLU WA 125 -103.53 16.93 10.79
CA GLU WA 125 -104.77 16.73 11.52
C GLU WA 125 -104.68 15.52 12.45
N GLU WA 126 -104.02 14.45 12.00
CA GLU WA 126 -103.92 13.25 12.83
C GLU WA 126 -103.00 13.45 14.03
N LEU WA 127 -101.94 14.26 13.89
CA LEU WA 127 -101.08 14.53 15.02
C LEU WA 127 -101.85 15.19 16.16
N GLN WA 128 -102.73 16.15 15.83
CA GLN WA 128 -103.59 16.76 16.85
C GLN WA 128 -104.71 15.84 17.30
N ALA WA 129 -104.86 14.67 16.69
CA ALA WA 129 -105.74 13.62 17.18
C ALA WA 129 -104.99 12.60 18.03
N ASN WA 130 -103.74 12.91 18.40
CA ASN WA 130 -102.91 12.06 19.25
C ASN WA 130 -102.56 10.72 18.59
N LYS WA 131 -102.49 10.69 17.25
CA LYS WA 131 -102.06 9.49 16.54
C LYS WA 131 -101.09 9.87 15.43
N ALA WA 132 -100.33 8.86 14.99
CA ALA WA 132 -99.39 9.03 13.88
C ALA WA 132 -99.37 7.74 13.09
N THR WA 133 -99.58 7.83 11.78
CA THR WA 133 -99.63 6.66 10.90
C THR WA 133 -98.89 6.98 9.61
N LEU WA 134 -97.81 6.24 9.36
CA LEU WA 134 -97.04 6.36 8.13
C LEU WA 134 -97.64 5.42 7.10
N VAL WA 135 -98.02 5.97 5.95
CA VAL WA 135 -98.66 5.20 4.89
C VAL WA 135 -97.61 4.97 3.81
N CYS WA 136 -97.21 3.71 3.66
CA CYS WA 136 -96.28 3.30 2.61
C CYS WA 136 -97.08 2.66 1.48
N LEU WA 137 -97.02 3.28 0.30
CA LEU WA 137 -97.84 2.87 -0.82
C LEU WA 137 -96.96 2.15 -1.82
N ILE WA 138 -97.32 0.90 -2.14
CA ILE WA 138 -96.55 0.04 -3.03
C ILE WA 138 -97.47 -0.32 -4.19
N SER WA 139 -97.07 0.04 -5.40
CA SER WA 139 -97.94 -0.13 -6.54
C SER WA 139 -97.11 -0.41 -7.79
N ASP WA 140 -97.74 -1.06 -8.77
CA ASP WA 140 -97.19 -1.23 -10.12
C ASP WA 140 -95.94 -2.11 -10.12
N PHE WA 141 -96.02 -3.23 -9.42
CA PHE WA 141 -94.95 -4.21 -9.45
C PHE WA 141 -95.46 -5.54 -9.98
N TYR WA 142 -94.54 -6.36 -10.47
CA TYR WA 142 -94.83 -7.66 -11.05
C TYR WA 142 -93.57 -8.52 -11.11
N PRO WA 143 -93.63 -9.79 -10.66
CA PRO WA 143 -94.79 -10.54 -10.12
C PRO WA 143 -95.24 -10.06 -8.75
N GLY WA 144 -96.39 -10.53 -8.27
CA GLY WA 144 -96.93 -10.06 -7.01
C GLY WA 144 -96.32 -10.68 -5.77
N ALA WA 145 -95.08 -10.29 -5.47
CA ALA WA 145 -94.38 -10.78 -4.30
C ALA WA 145 -93.45 -9.68 -3.84
N VAL WA 146 -93.78 -9.07 -2.69
CA VAL WA 146 -92.98 -7.98 -2.13
C VAL WA 146 -92.88 -8.19 -0.62
N THR WA 147 -91.82 -7.60 -0.05
CA THR WA 147 -91.59 -7.62 1.38
C THR WA 147 -91.26 -6.24 1.88
N VAL WA 148 -91.80 -5.88 3.04
CA VAL WA 148 -91.69 -4.53 3.59
C VAL WA 148 -90.86 -4.59 4.86
N ALA WA 149 -89.87 -3.72 4.96
CA ALA WA 149 -89.07 -3.53 6.16
C ALA WA 149 -89.10 -2.06 6.51
N TRP WA 150 -89.24 -1.75 7.79
CA TRP WA 150 -89.33 -0.38 8.26
C TRP WA 150 -88.05 -0.03 9.00
N LYS WA 151 -87.47 1.13 8.70
CA LYS WA 151 -86.21 1.56 9.32
C LYS WA 151 -86.40 2.92 9.95
N ALA WA 152 -86.30 2.97 11.28
CA ALA WA 152 -86.35 4.22 12.04
C ALA WA 152 -84.95 4.59 12.47
N ASP WA 153 -84.33 5.52 11.73
CA ASP WA 153 -82.96 5.96 12.00
C ASP WA 153 -81.98 4.79 11.89
N SER WA 154 -81.96 4.19 10.69
CA SER WA 154 -81.06 3.09 10.35
C SER WA 154 -81.23 1.88 11.27
N SER WA 155 -82.36 1.78 11.97
CA SER WA 155 -82.66 0.66 12.87
C SER WA 155 -83.99 0.05 12.50
N PRO WA 156 -84.10 -1.28 12.52
CA PRO WA 156 -85.35 -1.93 12.13
C PRO WA 156 -86.51 -1.61 13.07
N VAL WA 157 -87.73 -1.76 12.55
CA VAL WA 157 -88.95 -1.50 13.29
C VAL WA 157 -89.76 -2.79 13.33
N LYS WA 158 -90.08 -3.24 14.54
CA LYS WA 158 -90.78 -4.51 14.73
C LYS WA 158 -92.30 -4.31 14.81
N ALA WA 159 -92.80 -3.98 16.00
CA ALA WA 159 -94.23 -3.85 16.19
C ALA WA 159 -94.74 -2.56 15.57
N GLY WA 160 -96.07 -2.43 15.53
CA GLY WA 160 -96.68 -1.28 14.89
C GLY WA 160 -96.75 -1.35 13.37
N VAL WA 161 -96.36 -2.47 12.78
CA VAL WA 161 -96.32 -2.62 11.32
C VAL WA 161 -97.51 -3.45 10.86
N GLU WA 162 -98.25 -2.92 9.89
CA GLU WA 162 -99.31 -3.63 9.19
C GLU WA 162 -99.09 -3.49 7.69
N THR WA 163 -99.35 -4.55 6.94
CA THR WA 163 -99.13 -4.53 5.49
C THR WA 163 -100.21 -5.37 4.80
N THR WA 164 -100.70 -4.86 3.66
CA THR WA 164 -101.71 -5.57 2.89
C THR WA 164 -101.11 -6.74 2.14
N THR WA 165 -101.98 -7.65 1.71
CA THR WA 165 -101.59 -8.65 0.73
C THR WA 165 -101.70 -8.06 -0.66
N PRO WA 166 -100.70 -8.26 -1.52
CA PRO WA 166 -100.79 -7.70 -2.88
C PRO WA 166 -102.03 -8.21 -3.61
N SER WA 167 -102.54 -7.37 -4.51
CA SER WA 167 -103.68 -7.71 -5.34
C SER WA 167 -103.52 -7.05 -6.70
N LYS WA 168 -104.21 -7.59 -7.70
CA LYS WA 168 -104.06 -7.11 -9.06
C LYS WA 168 -104.60 -5.69 -9.24
N GLN WA 169 -103.84 -4.86 -9.93
CA GLN WA 169 -104.25 -3.51 -10.27
C GLN WA 169 -105.12 -3.52 -11.52
N SER WA 170 -105.34 -2.33 -12.09
CA SER WA 170 -106.01 -2.24 -13.39
C SER WA 170 -105.15 -2.88 -14.47
N ASN WA 171 -103.86 -2.54 -14.51
CA ASN WA 171 -102.93 -3.09 -15.50
C ASN WA 171 -102.38 -4.45 -15.10
N ASN WA 172 -103.04 -5.16 -14.18
CA ASN WA 172 -102.72 -6.53 -13.78
C ASN WA 172 -101.34 -6.66 -13.14
N LYS WA 173 -100.65 -5.54 -12.91
CA LYS WA 173 -99.57 -5.54 -11.94
C LYS WA 173 -100.16 -5.59 -10.54
N TYR WA 174 -99.31 -5.79 -9.55
CA TYR WA 174 -99.80 -5.92 -8.18
C TYR WA 174 -99.47 -4.66 -7.39
N ALA WA 175 -100.21 -4.51 -6.29
CA ALA WA 175 -100.07 -3.35 -5.42
C ALA WA 175 -100.45 -3.76 -4.01
N ALA WA 176 -99.85 -3.10 -3.03
CA ALA WA 176 -100.12 -3.36 -1.64
C ALA WA 176 -99.73 -2.13 -0.83
N SER WA 177 -100.18 -2.09 0.42
CA SER WA 177 -99.94 -0.96 1.30
C SER WA 177 -99.42 -1.47 2.63
N SER WA 178 -98.56 -0.66 3.25
CA SER WA 178 -97.95 -0.97 4.54
C SER WA 178 -98.07 0.25 5.43
N TYR WA 179 -98.65 0.06 6.61
CA TYR WA 179 -98.85 1.15 7.56
C TYR WA 179 -97.94 0.95 8.76
N LEU WA 180 -97.39 2.04 9.27
CA LEU WA 180 -96.56 2.02 10.48
C LEU WA 180 -97.19 2.95 11.51
N SER WA 181 -97.84 2.36 12.51
CA SER WA 181 -98.49 3.14 13.57
C SER WA 181 -97.45 3.58 14.60
N LEU WA 182 -97.36 4.88 14.82
CA LEU WA 182 -96.44 5.45 15.81
C LEU WA 182 -97.22 6.36 16.76
N THR WA 183 -96.60 6.64 17.90
CA THR WA 183 -97.11 7.76 18.68
C THR WA 183 -96.48 9.06 18.16
N PRO WA 184 -97.18 10.19 18.27
CA PRO WA 184 -96.60 11.45 17.75
C PRO WA 184 -95.25 11.80 18.34
N GLU WA 185 -94.92 11.31 19.55
CA GLU WA 185 -93.57 11.53 20.07
C GLU WA 185 -92.56 10.63 19.37
N GLN WA 186 -92.91 9.35 19.14
CA GLN WA 186 -91.98 8.46 18.44
C GLN WA 186 -91.71 8.98 17.04
N TRP WA 187 -92.69 9.64 16.42
CA TRP WA 187 -92.46 10.28 15.13
C TRP WA 187 -91.46 11.42 15.28
N LYS WA 188 -91.45 12.09 16.44
CA LYS WA 188 -90.49 13.15 16.73
C LYS WA 188 -89.25 12.65 17.46
N SER WA 189 -89.33 11.49 18.13
CA SER WA 189 -88.17 10.98 18.87
C SER WA 189 -87.00 10.75 17.93
N HIS WA 190 -87.23 10.01 16.85
CA HIS WA 190 -86.20 9.72 15.86
C HIS WA 190 -86.24 10.81 14.80
N ARG WA 191 -85.11 11.00 14.12
CA ARG WA 191 -85.03 12.11 13.16
C ARG WA 191 -85.56 11.75 11.77
N SER WA 192 -85.54 10.47 11.38
CA SER WA 192 -86.04 10.11 10.07
C SER WA 192 -86.57 8.69 10.09
N TYR WA 193 -87.61 8.46 9.28
CA TYR WA 193 -88.19 7.15 9.05
C TYR WA 193 -88.13 6.81 7.57
N SER WA 194 -87.97 5.53 7.26
CA SER WA 194 -87.86 5.06 5.89
C SER WA 194 -88.58 3.73 5.74
N CYS WA 195 -89.29 3.59 4.62
CA CYS WA 195 -90.00 2.38 4.27
C CYS WA 195 -89.22 1.65 3.19
N GLN WA 196 -88.81 0.41 3.47
CA GLN WA 196 -88.01 -0.38 2.55
C GLN WA 196 -88.88 -1.48 1.95
N VAL WA 197 -89.12 -1.39 0.66
CA VAL WA 197 -89.83 -2.41 -0.08
C VAL WA 197 -88.84 -3.08 -1.02
N THR WA 198 -88.73 -4.40 -0.92
CA THR WA 198 -87.86 -5.19 -1.78
C THR WA 198 -88.71 -6.08 -2.68
N HIS WA 199 -88.36 -6.14 -3.96
CA HIS WA 199 -89.14 -6.89 -4.92
C HIS WA 199 -88.21 -7.46 -5.99
N GLU WA 200 -88.05 -8.78 -5.97
CA GLU WA 200 -87.26 -9.50 -6.96
C GLU WA 200 -85.81 -9.00 -6.98
N GLY WA 201 -85.18 -9.01 -5.82
CA GLY WA 201 -83.79 -8.63 -5.73
C GLY WA 201 -83.55 -7.14 -5.64
N SER WA 202 -84.43 -6.35 -6.25
CA SER WA 202 -84.31 -4.89 -6.21
C SER WA 202 -85.01 -4.32 -4.98
N THR WA 203 -84.43 -3.26 -4.42
CA THR WA 203 -84.96 -2.60 -3.25
C THR WA 203 -85.25 -1.14 -3.58
N VAL WA 204 -86.44 -0.68 -3.23
CA VAL WA 204 -86.83 0.72 -3.40
C VAL WA 204 -87.23 1.25 -2.04
N GLU WA 205 -86.77 2.45 -1.71
CA GLU WA 205 -86.98 3.05 -0.41
C GLU WA 205 -87.60 4.43 -0.58
N LYS WA 206 -87.96 5.04 0.55
CA LYS WA 206 -88.41 6.44 0.59
C LYS WA 206 -88.19 7.01 1.99
N GLN XA 1 -117.15 -38.41 -8.39
CA GLN XA 1 -118.25 -39.03 -7.65
C GLN XA 1 -118.07 -38.86 -6.13
N VAL XA 2 -116.91 -38.35 -5.72
CA VAL XA 2 -116.60 -38.11 -4.32
C VAL XA 2 -116.73 -36.62 -4.04
N GLN XA 3 -117.58 -36.26 -3.07
CA GLN XA 3 -117.86 -34.86 -2.74
C GLN XA 3 -117.78 -34.63 -1.24
N LEU XA 4 -117.18 -33.50 -0.85
CA LEU XA 4 -117.08 -33.06 0.53
C LEU XA 4 -117.65 -31.66 0.63
N GLN XA 5 -118.46 -31.43 1.67
CA GLN XA 5 -119.28 -30.22 1.80
C GLN XA 5 -119.06 -29.63 3.19
N GLU XA 6 -118.33 -28.51 3.27
CA GLU XA 6 -118.13 -27.81 4.52
C GLU XA 6 -119.26 -26.82 4.79
N SER XA 7 -119.41 -26.48 6.07
CA SER XA 7 -120.46 -25.58 6.54
C SER XA 7 -120.10 -25.12 7.96
N GLY XA 8 -120.98 -24.32 8.56
CA GLY XA 8 -120.85 -23.91 9.95
C GLY XA 8 -120.06 -22.64 10.22
N GLY XA 9 -119.31 -22.12 9.25
CA GLY XA 9 -118.55 -20.90 9.48
C GLY XA 9 -119.43 -19.67 9.55
N GLY XA 10 -118.77 -18.53 9.78
CA GLY XA 10 -119.43 -17.24 9.88
C GLY XA 10 -118.60 -16.28 10.71
N VAL XA 11 -119.31 -15.43 11.46
CA VAL XA 11 -118.71 -14.41 12.32
C VAL XA 11 -119.03 -14.76 13.77
N VAL XA 12 -117.99 -14.93 14.58
CA VAL XA 12 -118.14 -15.26 16.00
C VAL XA 12 -117.39 -14.23 16.84
N GLN XA 13 -117.55 -14.35 18.15
CA GLN XA 13 -116.81 -13.58 19.13
C GLN XA 13 -115.87 -14.48 19.90
N PRO XA 14 -114.74 -13.94 20.36
CA PRO XA 14 -113.81 -14.77 21.13
C PRO XA 14 -114.47 -15.36 22.37
N GLY XA 15 -113.91 -16.48 22.83
CA GLY XA 15 -114.43 -17.20 23.98
C GLY XA 15 -115.55 -18.17 23.66
N GLY XA 16 -116.39 -17.85 22.67
CA GLY XA 16 -117.48 -18.72 22.31
C GLY XA 16 -116.99 -20.05 21.76
N SER XA 17 -117.96 -20.92 21.52
CA SER XA 17 -117.71 -22.24 20.95
C SER XA 17 -118.37 -22.35 19.57
N LEU XA 18 -117.74 -23.12 18.71
CA LEU XA 18 -118.18 -23.25 17.33
C LEU XA 18 -118.01 -24.69 16.87
N ARG XA 19 -118.94 -25.15 16.05
CA ARG XA 19 -118.95 -26.52 15.53
C ARG XA 19 -118.98 -26.45 14.01
N LEU XA 20 -117.93 -26.95 13.38
CA LEU XA 20 -117.87 -27.06 11.93
C LEU XA 20 -118.27 -28.48 11.52
N SER XA 21 -118.88 -28.58 10.34
CA SER XA 21 -119.36 -29.87 9.85
C SER XA 21 -118.99 -30.04 8.39
N CYS XA 22 -118.64 -31.28 8.05
CA CYS XA 22 -118.17 -31.67 6.72
C CYS XA 22 -119.10 -32.77 6.21
N ALA XA 23 -119.89 -32.48 5.19
CA ALA XA 23 -120.83 -33.44 4.63
C ALA XA 23 -120.14 -34.24 3.54
N ALA XA 24 -120.22 -35.56 3.63
CA ALA XA 24 -119.51 -36.46 2.74
C ALA XA 24 -120.50 -37.27 1.91
N SER XA 25 -120.10 -37.54 0.66
CA SER XA 25 -120.86 -38.39 -0.24
C SER XA 25 -119.92 -38.94 -1.29
N GLY XA 26 -120.20 -40.18 -1.73
CA GLY XA 26 -119.41 -40.81 -2.78
C GLY XA 26 -118.32 -41.77 -2.36
N PHE XA 27 -118.41 -42.36 -1.16
CA PHE XA 27 -117.47 -43.39 -0.72
C PHE XA 27 -117.95 -43.99 0.58
N ASN XA 28 -117.52 -45.22 0.84
CA ASN XA 28 -117.81 -45.86 2.12
C ASN XA 28 -117.08 -45.06 3.20
N PHE XA 29 -117.74 -44.02 3.71
CA PHE XA 29 -117.14 -43.12 4.68
C PHE XA 29 -116.70 -43.86 5.93
N SER XA 30 -117.34 -44.99 6.26
CA SER XA 30 -117.02 -45.75 7.47
C SER XA 30 -115.66 -46.45 7.41
N ASN XA 31 -114.96 -46.39 6.27
CA ASN XA 31 -113.70 -47.12 6.09
C ASN XA 31 -112.49 -46.21 5.94
N TYR XA 32 -112.66 -44.90 5.82
CA TYR XA 32 -111.56 -43.98 5.54
C TYR XA 32 -111.37 -43.00 6.70
N GLY XA 33 -110.12 -42.53 6.84
CA GLY XA 33 -109.82 -41.46 7.76
C GLY XA 33 -110.22 -40.09 7.23
N MET XA 34 -110.37 -39.14 8.15
CA MET XA 34 -110.72 -37.78 7.79
C MET XA 34 -109.77 -36.80 8.49
N HIS XA 35 -109.55 -35.65 7.84
CA HIS XA 35 -108.61 -34.66 8.33
C HIS XA 35 -109.21 -33.26 8.22
N TRP XA 36 -108.74 -32.37 9.10
CA TRP XA 36 -109.03 -30.94 9.02
C TRP XA 36 -107.73 -30.17 8.79
N VAL XA 37 -107.72 -29.31 7.77
CA VAL XA 37 -106.57 -28.44 7.51
C VAL XA 37 -107.10 -27.03 7.28
N ARG XA 38 -106.65 -26.09 8.10
CA ARG XA 38 -107.09 -24.70 8.01
C ARG XA 38 -106.01 -23.84 7.38
N GLN XA 39 -106.41 -22.66 6.92
CA GLN XA 39 -105.50 -21.75 6.24
C GLN XA 39 -105.90 -20.31 6.55
N THR XA 40 -105.07 -19.61 7.33
CA THR XA 40 -105.28 -18.19 7.54
C THR XA 40 -105.11 -17.46 6.21
N PRO XA 41 -106.05 -16.59 5.84
CA PRO XA 41 -106.00 -15.94 4.52
C PRO XA 41 -104.67 -15.25 4.26
N GLY XA 42 -104.10 -15.52 3.07
CA GLY XA 42 -102.81 -15.00 2.68
C GLY XA 42 -101.60 -15.74 3.20
N LYS XA 43 -101.78 -16.91 3.83
CA LYS XA 43 -100.68 -17.69 4.41
C LYS XA 43 -100.76 -19.13 3.89
N GLY XA 44 -99.83 -19.97 4.37
CA GLY XA 44 -99.76 -21.35 3.93
C GLY XA 44 -100.80 -22.26 4.58
N LEU XA 45 -100.76 -23.53 4.18
CA LEU XA 45 -101.62 -24.56 4.76
C LEU XA 45 -101.06 -25.04 6.10
N GLU XA 46 -101.96 -25.38 7.02
CA GLU XA 46 -101.58 -25.88 8.34
C GLU XA 46 -102.55 -26.96 8.78
N TRP XA 47 -102.02 -28.12 9.17
CA TRP XA 47 -102.84 -29.23 9.64
C TRP XA 47 -103.41 -28.94 11.03
N VAL XA 48 -104.68 -29.26 11.20
CA VAL XA 48 -105.41 -28.98 12.45
C VAL XA 48 -105.51 -30.23 13.29
N ALA XA 49 -106.34 -31.17 12.85
CA ALA XA 49 -106.55 -32.43 13.57
C ALA XA 49 -106.98 -33.48 12.56
N SER XA 50 -106.97 -34.73 13.00
CA SER XA 50 -107.37 -35.83 12.13
C SER XA 50 -107.86 -36.98 12.99
N ILE XA 51 -108.61 -37.87 12.34
CA ILE XA 51 -109.30 -38.95 13.05
C ILE XA 51 -109.29 -40.18 12.15
N PRO XA 52 -108.99 -41.38 12.69
CA PRO XA 52 -108.99 -42.57 11.84
C PRO XA 52 -110.39 -42.94 11.38
N TYR XA 53 -110.54 -44.08 10.71
CA TYR XA 53 -111.83 -44.42 10.11
C TYR XA 53 -112.92 -44.62 11.17
N ASP XA 54 -112.55 -45.03 12.38
CA ASP XA 54 -113.56 -45.38 13.37
C ASP XA 54 -113.76 -44.31 14.44
N GLY XA 55 -112.79 -43.42 14.64
CA GLY XA 55 -112.85 -42.47 15.75
C GLY XA 55 -112.20 -42.96 17.03
N SER XA 56 -111.46 -44.08 16.98
CA SER XA 56 -110.80 -44.61 18.17
C SER XA 56 -109.96 -43.57 18.87
N HIS XA 57 -108.91 -43.08 18.20
CA HIS XA 57 -108.00 -42.11 18.77
C HIS XA 57 -108.25 -40.75 18.12
N GLN XA 58 -107.38 -39.79 18.39
CA GLN XA 58 -107.61 -38.44 17.94
C GLN XA 58 -106.28 -37.71 17.80
N TRP XA 59 -105.89 -37.43 16.56
CA TRP XA 59 -104.62 -36.76 16.28
C TRP XA 59 -104.78 -35.25 16.33
N HIS XA 60 -103.90 -34.60 17.07
CA HIS XA 60 -104.00 -33.16 17.33
C HIS XA 60 -102.72 -32.45 16.92
N ALA XA 61 -102.87 -31.35 16.19
CA ALA XA 61 -101.77 -30.39 16.11
C ALA XA 61 -101.72 -29.63 17.44
N ASP XA 62 -100.52 -29.18 17.81
CA ASP XA 62 -100.34 -28.58 19.12
C ASP XA 62 -100.93 -27.18 19.21
N SER XA 63 -101.03 -26.46 18.09
CA SER XA 63 -101.54 -25.10 18.10
C SER XA 63 -103.03 -25.03 18.45
N VAL XA 64 -103.75 -26.16 18.35
CA VAL XA 64 -105.18 -26.18 18.62
C VAL XA 64 -105.46 -27.29 19.63
N LYS XA 65 -104.39 -27.79 20.26
CA LYS XA 65 -104.53 -28.89 21.20
C LYS XA 65 -105.24 -28.42 22.47
N GLY XA 66 -106.09 -29.28 23.02
CA GLY XA 66 -106.86 -28.94 24.21
C GLY XA 66 -108.11 -28.14 23.94
N ARG XA 67 -108.07 -27.28 22.92
CA ARG XA 67 -109.19 -26.43 22.54
C ARG XA 67 -110.06 -27.08 21.48
N PHE XA 68 -109.47 -27.83 20.56
CA PHE XA 68 -110.21 -28.51 19.51
C PHE XA 68 -110.42 -29.97 19.88
N THR XA 69 -111.53 -30.52 19.37
CA THR XA 69 -111.81 -31.94 19.44
C THR XA 69 -112.48 -32.31 18.13
N ILE XA 70 -111.93 -33.30 17.43
CA ILE XA 70 -112.42 -33.72 16.13
C ILE XA 70 -113.18 -35.02 16.28
N SER XA 71 -114.35 -35.10 15.63
CA SER XA 71 -115.21 -36.26 15.74
C SER XA 71 -115.87 -36.52 14.38
N ARG XA 72 -116.53 -37.68 14.28
CA ARG XA 72 -117.22 -38.07 13.06
C ARG XA 72 -118.50 -38.81 13.40
N ASP XA 73 -119.46 -38.76 12.47
CA ASP XA 73 -120.70 -39.53 12.55
C ASP XA 73 -120.79 -40.40 11.31
N ASN XA 74 -120.55 -41.70 11.47
CA ASN XA 74 -120.56 -42.62 10.34
C ASN XA 74 -121.97 -42.85 9.78
N SER XA 75 -123.00 -42.70 10.61
CA SER XA 75 -124.36 -42.90 10.13
C SER XA 75 -124.84 -41.73 9.26
N LYS XA 76 -124.25 -40.55 9.40
CA LYS XA 76 -124.64 -39.39 8.61
C LYS XA 76 -123.65 -39.02 7.53
N ASN XA 77 -122.50 -39.68 7.46
CA ASN XA 77 -121.43 -39.31 6.52
C ASN XA 77 -121.03 -37.85 6.72
N THR XA 78 -120.75 -37.49 7.97
CA THR XA 78 -120.41 -36.10 8.32
C THR XA 78 -119.25 -36.09 9.31
N LEU XA 79 -118.27 -35.24 9.02
CA LEU XA 79 -117.10 -35.03 9.86
C LEU XA 79 -117.24 -33.71 10.62
N TYR XA 80 -116.89 -33.73 11.91
CA TYR XA 80 -117.07 -32.57 12.78
C TYR XA 80 -115.74 -32.08 13.32
N LEU XA 81 -115.65 -30.75 13.50
CA LEU XA 81 -114.52 -30.12 14.18
C LEU XA 81 -115.08 -29.15 15.21
N GLN XA 82 -114.84 -29.44 16.49
CA GLN XA 82 -115.32 -28.60 17.58
C GLN XA 82 -114.25 -27.60 17.97
N ILE XA 83 -114.61 -26.31 17.96
CA ILE XA 83 -113.74 -25.22 18.34
C ILE XA 83 -114.26 -24.65 19.65
N ASN XA 84 -113.42 -24.66 20.68
CA ASN XA 84 -113.77 -24.11 21.98
C ASN XA 84 -112.86 -22.93 22.31
N SER XA 85 -113.42 -21.91 22.95
CA SER XA 85 -112.70 -20.68 23.25
C SER XA 85 -112.07 -20.11 21.99
N LEU XA 86 -112.95 -19.69 21.08
CA LEU XA 86 -112.53 -19.09 19.83
C LEU XA 86 -111.58 -17.93 20.07
N ARG XA 87 -110.59 -17.79 19.22
CA ARG XA 87 -109.57 -16.75 19.32
C ARG XA 87 -109.39 -16.08 17.97
N PRO XA 88 -108.76 -14.90 17.94
CA PRO XA 88 -108.41 -14.30 16.64
C PRO XA 88 -107.49 -15.18 15.81
N GLU XA 89 -106.74 -16.09 16.45
CA GLU XA 89 -105.83 -16.98 15.71
C GLU XA 89 -106.62 -17.98 14.87
N ASP XA 90 -107.83 -18.32 15.29
CA ASP XA 90 -108.66 -19.28 14.58
C ASP XA 90 -109.28 -18.70 13.32
N THR XA 91 -109.04 -17.42 13.02
CA THR XA 91 -109.53 -16.83 11.79
C THR XA 91 -108.82 -17.49 10.62
N ALA XA 92 -109.54 -18.34 9.90
CA ALA XA 92 -108.98 -19.14 8.81
C ALA XA 92 -110.11 -19.87 8.11
N MET XA 93 -109.81 -20.34 6.91
CA MET XA 93 -110.71 -21.22 6.19
C MET XA 93 -110.42 -22.65 6.60
N TYR XA 94 -111.47 -23.45 6.78
CA TYR XA 94 -111.35 -24.80 7.31
C TYR XA 94 -111.74 -25.81 6.24
N TYR XA 95 -110.73 -26.47 5.67
CA TYR XA 95 -110.94 -27.52 4.69
C TYR XA 95 -111.00 -28.88 5.36
N CYS XA 96 -111.83 -29.76 4.79
CA CYS XA 96 -111.84 -31.16 5.16
C CYS XA 96 -111.47 -31.97 3.93
N SER XA 97 -110.55 -32.92 4.11
CA SER XA 97 -110.11 -33.77 3.02
C SER XA 97 -110.46 -35.21 3.36
N LYS XA 98 -110.28 -36.11 2.40
CA LYS XA 98 -110.62 -37.52 2.59
C LYS XA 98 -109.40 -38.39 2.43
N ALA XA 99 -109.19 -39.28 3.41
CA ALA XA 99 -108.13 -40.28 3.36
C ALA XA 99 -108.17 -41.07 2.06
N ARG XA 100 -107.03 -41.09 1.35
CA ARG XA 100 -106.99 -41.84 0.10
C ARG XA 100 -107.16 -43.33 0.35
N ILE XA 101 -106.29 -43.90 1.19
CA ILE XA 101 -106.25 -45.33 1.47
C ILE XA 101 -107.09 -45.66 2.70
N SER XA 102 -107.58 -46.90 2.77
CA SER XA 102 -108.50 -47.33 3.82
C SER XA 102 -107.76 -47.83 5.07
N TYR XA 103 -108.53 -47.93 6.16
CA TYR XA 103 -108.14 -48.55 7.43
C TYR XA 103 -106.85 -47.99 7.99
N LEU XA 104 -106.48 -46.81 7.55
CA LEU XA 104 -105.30 -46.12 8.03
C LEU XA 104 -105.48 -45.73 9.49
N SER XA 105 -104.56 -46.15 10.36
CA SER XA 105 -104.63 -45.80 11.78
C SER XA 105 -104.01 -44.45 12.15
N ALA XA 106 -103.25 -43.79 11.26
CA ALA XA 106 -102.64 -42.52 11.61
C ALA XA 106 -102.32 -41.73 10.36
N PRO XA 107 -102.48 -40.41 10.37
CA PRO XA 107 -102.46 -39.63 9.11
C PRO XA 107 -101.10 -39.32 8.48
N ALA XA 108 -100.52 -40.31 7.80
CA ALA XA 108 -99.17 -40.19 7.28
C ALA XA 108 -99.10 -39.85 5.79
N TRP XA 109 -100.08 -40.30 5.02
CA TRP XA 109 -100.10 -40.21 3.57
C TRP XA 109 -100.94 -39.04 3.09
N TRP XA 110 -100.92 -38.83 1.77
CA TRP XA 110 -101.54 -37.66 1.15
C TRP XA 110 -103.06 -37.62 1.36
N PHE XA 111 -103.61 -36.39 1.31
CA PHE XA 111 -105.03 -36.13 1.49
C PHE XA 111 -105.64 -35.80 0.14
N ASP XA 112 -106.52 -36.68 -0.36
CA ASP XA 112 -107.27 -36.44 -1.61
C ASP XA 112 -108.71 -36.95 -1.50
N PRO XA 113 -109.73 -36.12 -1.84
CA PRO XA 113 -109.76 -34.71 -2.26
C PRO XA 113 -110.07 -33.71 -1.14
N TRP XA 114 -109.84 -32.42 -1.37
CA TRP XA 114 -110.11 -31.36 -0.39
C TRP XA 114 -111.40 -30.62 -0.76
N GLY XA 115 -112.26 -30.42 0.23
CA GLY XA 115 -113.44 -29.60 0.04
C GLY XA 115 -113.10 -28.13 -0.11
N GLN XA 116 -114.09 -27.37 -0.59
CA GLN XA 116 -113.89 -25.94 -0.77
C GLN XA 116 -113.72 -25.20 0.55
N GLY XA 117 -114.28 -25.72 1.63
CA GLY XA 117 -114.03 -25.21 2.96
C GLY XA 117 -115.09 -24.23 3.42
N THR XA 118 -115.01 -23.88 4.71
CA THR XA 118 -115.85 -22.86 5.32
C THR XA 118 -114.93 -21.82 5.98
N LEU XA 119 -115.44 -20.61 6.13
CA LEU XA 119 -114.66 -19.49 6.66
C LEU XA 119 -115.11 -19.19 8.08
N VAL XA 120 -114.16 -19.23 9.02
CA VAL XA 120 -114.40 -18.91 10.42
C VAL XA 120 -113.61 -17.64 10.74
N THR XA 121 -114.32 -16.58 11.13
CA THR XA 121 -113.71 -15.29 11.48
C THR XA 121 -114.29 -14.83 12.81
N VAL XA 122 -113.41 -14.50 13.75
CA VAL XA 122 -113.80 -14.01 15.07
C VAL XA 122 -113.30 -12.57 15.19
N SER XA 123 -114.08 -11.73 15.87
CA SER XA 123 -113.69 -10.33 16.03
C SER XA 123 -114.55 -9.67 17.12
N SER XA 124 -114.04 -8.52 17.59
CA SER XA 124 -114.78 -7.61 18.47
C SER XA 124 -115.69 -6.69 17.62
N ALA XA 125 -116.65 -7.33 16.94
CA ALA XA 125 -117.37 -6.68 15.87
C ALA XA 125 -118.31 -5.60 16.37
N SER XA 126 -118.30 -4.46 15.67
CA SER XA 126 -119.34 -3.44 15.75
C SER XA 126 -119.12 -2.46 14.61
N THR XA 127 -120.21 -1.99 14.00
CA THR XA 127 -120.09 -1.11 12.85
C THR XA 127 -119.50 0.24 13.29
N LYS XA 128 -118.60 0.78 12.47
CA LYS XA 128 -117.88 1.99 12.84
C LYS XA 128 -117.67 2.89 11.65
N GLY XA 129 -117.84 4.19 11.88
CA GLY XA 129 -117.55 5.19 10.88
C GLY XA 129 -116.05 5.41 10.73
N PRO XA 130 -115.62 5.75 9.52
CA PRO XA 130 -114.19 5.96 9.28
C PRO XA 130 -113.73 7.40 9.50
N SER XA 131 -112.58 7.54 10.15
CA SER XA 131 -111.96 8.85 10.31
C SER XA 131 -111.11 9.16 9.08
N VAL XA 132 -111.33 10.33 8.48
CA VAL XA 132 -110.70 10.70 7.21
C VAL XA 132 -109.74 11.85 7.45
N PHE XA 133 -108.46 11.63 7.15
CA PHE XA 133 -107.37 12.60 7.28
C PHE XA 133 -106.76 12.87 5.91
N PRO XA 134 -106.39 14.12 5.63
CA PRO XA 134 -105.86 14.47 4.31
C PRO XA 134 -104.40 14.09 4.15
N LEU XA 135 -104.10 13.39 3.05
CA LEU XA 135 -102.73 13.02 2.67
C LEU XA 135 -102.18 14.13 1.78
N ALA XA 136 -101.55 15.12 2.40
CA ALA XA 136 -101.14 16.33 1.70
C ALA XA 136 -100.08 15.99 0.65
N PRO XA 137 -99.99 16.79 -0.42
CA PRO XA 137 -99.03 16.50 -1.48
C PRO XA 137 -97.59 16.84 -1.10
N SER XA 138 -96.67 16.20 -1.81
CA SER XA 138 -95.24 16.40 -1.64
C SER XA 138 -94.82 17.78 -2.18
N SER XA 139 -93.60 18.16 -1.84
CA SER XA 139 -93.06 19.47 -2.24
C SER XA 139 -92.53 19.42 -3.68
N GLY XA 144 -91.86 22.40 -10.96
CA GLY XA 144 -92.12 21.69 -12.20
C GLY XA 144 -91.93 20.19 -12.14
N GLY XA 145 -92.98 19.48 -11.76
CA GLY XA 145 -92.91 18.03 -11.67
C GLY XA 145 -94.27 17.40 -11.43
N THR XA 146 -94.27 16.22 -10.79
CA THR XA 146 -95.48 15.52 -10.41
C THR XA 146 -95.56 15.42 -8.90
N ALA XA 147 -96.78 15.43 -8.38
CA ALA XA 147 -97.07 15.39 -6.96
C ALA XA 147 -98.25 14.45 -6.72
N ALA XA 148 -98.26 13.82 -5.55
CA ALA XA 148 -99.30 12.87 -5.21
C ALA XA 148 -100.01 13.30 -3.92
N LEU XA 149 -101.29 12.95 -3.84
CA LEU XA 149 -102.12 13.29 -2.70
C LEU XA 149 -103.30 12.34 -2.66
N GLY XA 150 -103.94 12.27 -1.51
CA GLY XA 150 -105.08 11.38 -1.36
C GLY XA 150 -105.71 11.52 0.00
N CYS XA 151 -106.44 10.49 0.40
CA CYS XA 151 -107.16 10.47 1.65
C CYS XA 151 -106.79 9.21 2.42
N LEU XA 152 -106.77 9.34 3.74
CA LEU XA 152 -106.52 8.21 4.63
C LEU XA 152 -107.81 7.91 5.39
N VAL XA 153 -108.35 6.71 5.16
CA VAL XA 153 -109.63 6.30 5.73
C VAL XA 153 -109.39 5.25 6.81
N LYS XA 154 -109.29 5.71 8.06
CA LYS XA 154 -108.82 4.88 9.17
C LYS XA 154 -109.97 4.23 9.93
N ASP XA 155 -109.75 2.98 10.34
CA ASP XA 155 -110.45 2.35 11.45
C ASP XA 155 -111.97 2.33 11.26
N TYR XA 156 -112.41 1.64 10.20
CA TYR XA 156 -113.82 1.36 9.97
C TYR XA 156 -114.09 -0.15 10.07
N PHE XA 157 -115.38 -0.47 10.10
CA PHE XA 157 -115.91 -1.81 10.23
C PHE XA 157 -117.41 -1.71 10.02
N PRO XA 158 -118.01 -2.60 9.22
CA PRO XA 158 -117.35 -3.62 8.40
C PRO XA 158 -116.92 -3.05 7.06
N GLU XA 159 -116.60 -3.92 6.11
CA GLU XA 159 -116.32 -3.48 4.75
C GLU XA 159 -117.63 -3.12 4.04
N PRO XA 160 -117.57 -2.26 3.03
CA PRO XA 160 -116.42 -1.50 2.54
C PRO XA 160 -116.63 0.02 2.57
N VAL XA 161 -115.59 0.79 2.28
CA VAL XA 161 -115.73 2.20 2.00
C VAL XA 161 -115.60 2.38 0.49
N THR XA 162 -116.21 3.44 -0.03
CA THR XA 162 -116.12 3.78 -1.45
C THR XA 162 -115.62 5.21 -1.55
N VAL XA 163 -114.59 5.42 -2.37
CA VAL XA 163 -113.93 6.71 -2.48
C VAL XA 163 -114.10 7.25 -3.89
N SER XA 164 -114.50 8.51 -4.00
CA SER XA 164 -114.57 9.23 -5.26
C SER XA 164 -113.95 10.61 -5.08
N TRP XA 165 -113.59 11.23 -6.20
CA TRP XA 165 -112.97 12.55 -6.19
C TRP XA 165 -113.83 13.52 -7.00
N ASN XA 166 -114.15 14.67 -6.41
CA ASN XA 166 -115.04 15.67 -7.00
C ASN XA 166 -116.40 15.07 -7.36
N SER XA 167 -116.92 14.21 -6.47
CA SER XA 167 -118.21 13.55 -6.66
C SER XA 167 -118.26 12.71 -7.94
N GLY XA 168 -117.15 12.05 -8.25
CA GLY XA 168 -117.04 11.22 -9.43
C GLY XA 168 -116.54 11.93 -10.68
N ALA XA 169 -116.27 13.22 -10.60
CA ALA XA 169 -115.79 14.02 -11.73
C ALA XA 169 -114.29 13.82 -12.00
N LEU XA 170 -113.59 13.07 -11.17
CA LEU XA 170 -112.17 12.78 -11.37
C LEU XA 170 -111.94 11.28 -11.46
N THR XA 171 -111.28 10.84 -12.53
CA THR XA 171 -110.99 9.43 -12.75
C THR XA 171 -109.53 9.23 -13.10
N SER XA 172 -108.92 10.23 -13.74
CA SER XA 172 -107.51 10.17 -14.09
C SER XA 172 -106.62 10.33 -12.86
N GLY XA 173 -105.65 9.43 -12.71
CA GLY XA 173 -104.74 9.44 -11.57
C GLY XA 173 -105.26 8.77 -10.31
N VAL XA 174 -106.47 8.21 -10.33
CA VAL XA 174 -107.09 7.63 -9.14
C VAL XA 174 -106.60 6.20 -8.95
N HIS XA 175 -106.23 5.85 -7.72
CA HIS XA 175 -105.76 4.51 -7.40
C HIS XA 175 -106.12 4.21 -5.96
N THR XA 176 -107.01 3.23 -5.76
CA THR XA 176 -107.43 2.80 -4.43
C THR XA 176 -106.73 1.49 -4.05
N PHE XA 177 -106.24 1.43 -2.81
CA PHE XA 177 -105.52 0.29 -2.27
C PHE XA 177 -106.41 -0.54 -1.37
N PRO XA 178 -106.07 -1.81 -1.16
CA PRO XA 178 -106.83 -2.65 -0.22
C PRO XA 178 -106.62 -2.20 1.22
N ALA XA 179 -107.60 -2.56 2.05
CA ALA XA 179 -107.58 -2.24 3.46
C ALA XA 179 -106.85 -3.31 4.26
N VAL XA 180 -106.06 -2.87 5.25
CA VAL XA 180 -105.47 -3.79 6.20
C VAL XA 180 -106.49 -4.08 7.28
N LEU XA 181 -106.44 -5.28 7.84
CA LEU XA 181 -107.19 -5.60 9.05
C LEU XA 181 -106.21 -5.41 10.20
N GLN XA 182 -106.23 -4.20 10.78
CA GLN XA 182 -105.32 -3.87 11.87
C GLN XA 182 -105.58 -4.78 13.07
N SER XA 183 -104.60 -4.84 13.96
CA SER XA 183 -104.69 -5.72 15.11
C SER XA 183 -105.86 -5.36 16.02
N SER XA 184 -106.41 -4.15 15.88
CA SER XA 184 -107.57 -3.72 16.64
C SER XA 184 -108.88 -4.33 16.13
N GLY XA 185 -108.88 -4.90 14.93
CA GLY XA 185 -110.09 -5.39 14.30
C GLY XA 185 -110.77 -4.41 13.37
N LEU XA 186 -110.24 -3.20 13.24
CA LEU XA 186 -110.79 -2.19 12.35
C LEU XA 186 -109.98 -2.12 11.07
N TYR XA 187 -110.66 -1.95 9.95
CA TYR XA 187 -110.00 -1.87 8.65
C TYR XA 187 -109.45 -0.46 8.41
N SER XA 188 -108.49 -0.36 7.50
CA SER XA 188 -107.87 0.92 7.24
C SER XA 188 -107.40 0.95 5.79
N LEU XA 189 -107.83 1.97 5.06
CA LEU XA 189 -107.59 2.06 3.63
C LEU XA 189 -107.07 3.45 3.28
N SER XA 190 -106.15 3.51 2.32
CA SER XA 190 -105.75 4.77 1.74
C SER XA 190 -106.03 4.74 0.24
N SER XA 191 -106.11 5.93 -0.37
CA SER XA 191 -106.46 6.04 -1.78
C SER XA 191 -105.99 7.41 -2.28
N VAL XA 192 -105.16 7.43 -3.31
CA VAL XA 192 -104.47 8.66 -3.71
C VAL XA 192 -104.80 9.02 -5.16
N VAL XA 193 -104.39 10.23 -5.55
CA VAL XA 193 -104.56 10.75 -6.90
C VAL XA 193 -103.45 11.76 -7.23
N THR XA 194 -102.70 11.50 -8.29
CA THR XA 194 -101.63 12.38 -8.76
C THR XA 194 -102.08 13.36 -9.85
N VAL XA 195 -101.47 14.55 -9.84
CA VAL XA 195 -101.65 15.58 -10.88
C VAL XA 195 -100.38 16.41 -11.00
N PRO XA 196 -100.32 17.27 -12.02
CA PRO XA 196 -99.18 18.17 -12.19
C PRO XA 196 -99.08 19.14 -11.02
N SER XA 197 -97.84 19.47 -10.67
CA SER XA 197 -97.51 20.32 -9.55
C SER XA 197 -98.14 21.66 -9.76
N SER XA 198 -98.10 22.12 -11.00
CA SER XA 198 -98.70 23.39 -11.32
C SER XA 198 -100.21 23.26 -11.18
N SER XA 199 -100.88 24.39 -10.94
CA SER XA 199 -102.34 24.42 -10.85
C SER XA 199 -102.87 24.01 -9.49
N LEU XA 200 -102.00 23.90 -8.51
CA LEU XA 200 -102.44 23.48 -7.20
C LEU XA 200 -103.45 24.50 -6.69
N GLY XA 201 -103.14 25.78 -6.86
CA GLY XA 201 -104.05 26.79 -6.41
C GLY XA 201 -105.34 26.71 -7.21
N THR XA 202 -105.17 26.50 -8.50
CA THR XA 202 -106.27 26.52 -9.44
C THR XA 202 -107.34 25.44 -9.29
N GLN XA 203 -106.91 24.23 -8.96
CA GLN XA 203 -107.83 23.11 -8.81
C GLN XA 203 -108.15 22.81 -7.34
N THR XA 204 -109.27 22.15 -7.11
CA THR XA 204 -109.70 21.79 -5.76
C THR XA 204 -110.07 20.31 -5.71
N TYR XA 205 -109.31 19.54 -4.93
CA TYR XA 205 -109.56 18.11 -4.80
C TYR XA 205 -110.28 17.77 -3.50
N ILE XA 206 -111.45 17.15 -3.63
CA ILE XA 206 -112.26 16.76 -2.48
C ILE XA 206 -112.69 15.30 -2.59
N CYS XA 207 -111.98 14.42 -1.89
CA CYS XA 207 -112.29 12.99 -1.92
C CYS XA 207 -113.60 12.78 -1.16
N ASN XA 208 -114.45 11.91 -1.69
CA ASN XA 208 -115.78 11.67 -1.13
C ASN XA 208 -115.83 10.24 -0.61
N VAL XA 209 -115.56 10.08 0.68
CA VAL XA 209 -115.65 8.77 1.30
C VAL XA 209 -117.10 8.47 1.61
N ASN XA 210 -117.52 7.24 1.36
CA ASN XA 210 -118.89 6.80 1.63
C ASN XA 210 -118.85 5.42 2.27
N HIS XA 211 -119.34 5.34 3.50
CA HIS XA 211 -119.37 4.11 4.28
C HIS XA 211 -120.83 3.78 4.60
N LYS XA 212 -121.47 3.03 3.70
CA LYS XA 212 -122.87 2.66 3.91
C LYS XA 212 -123.15 1.87 5.18
N PRO XA 213 -122.30 0.95 5.64
CA PRO XA 213 -122.65 0.18 6.86
C PRO XA 213 -122.96 1.03 8.08
N SER XA 214 -122.28 2.15 8.28
CA SER XA 214 -122.61 3.08 9.35
C SER XA 214 -123.40 4.26 8.84
N ASN XA 215 -123.76 4.25 7.56
CA ASN XA 215 -124.48 5.34 6.90
C ASN XA 215 -123.73 6.67 7.10
N THR XA 216 -122.42 6.62 6.92
CA THR XA 216 -121.54 7.78 7.04
C THR XA 216 -121.00 8.17 5.68
N LYS XA 217 -120.95 9.47 5.43
CA LYS XA 217 -120.27 10.03 4.26
C LYS XA 217 -119.41 11.18 4.73
N VAL XA 218 -118.13 11.16 4.37
CA VAL XA 218 -117.20 12.21 4.76
C VAL XA 218 -116.50 12.69 3.50
N ASP XA 219 -116.48 14.01 3.30
CA ASP XA 219 -115.82 14.63 2.16
C ASP XA 219 -114.72 15.54 2.69
N LYS XA 220 -113.47 15.17 2.41
CA LYS XA 220 -112.30 15.82 2.95
C LYS XA 220 -111.49 16.46 1.84
N ARG XA 221 -111.19 17.74 1.98
CA ARG XA 221 -110.44 18.48 1.00
C ARG XA 221 -108.95 18.34 1.30
N VAL XA 222 -108.16 18.04 0.27
CA VAL XA 222 -106.73 17.85 0.40
C VAL XA 222 -106.03 19.08 -0.19
N GLU XA 223 -105.04 19.59 0.54
CA GLU XA 223 -104.31 20.79 0.17
C GLU XA 223 -102.93 20.72 0.79
N PRO XA 224 -101.94 21.38 0.20
CA PRO XA 224 -100.57 21.27 0.71
C PRO XA 224 -100.44 21.95 2.07
N LYS XA 225 -99.34 21.65 2.75
CA LYS XA 225 -98.97 22.28 4.02
C LYS XA 225 -100.10 22.19 5.07
#